data_5YW9
#
_entry.id   5YW9
#
_cell.length_a   1.000
_cell.length_b   1.000
_cell.length_c   1.000
_cell.angle_alpha   90.00
_cell.angle_beta   90.00
_cell.angle_gamma   90.00
#
_symmetry.space_group_name_H-M   'P 1'
#
loop_
_entity.id
_entity.type
_entity.pdbx_description
1 polymer 'ATP-sensitive inward rectifier potassium channel 11'
2 polymer 'ATP-binding cassette sub-family C member 8 isoform X2'
3 non-polymer 'PHOSPHOTHIOPHOSPHORIC ACID-ADENYLATE ESTER'
#
loop_
_entity_poly.entity_id
_entity_poly.type
_entity_poly.pdbx_seq_one_letter_code
_entity_poly.pdbx_strand_id
1 'polypeptide(L)'
;MLSRKGIIPEEYVLTRLAEDPAEPRYRTRERRARFVSKKGNCNVAHKNIREQGRFLQDVFTTLVDLKWPHTLLIFTMSFL
CSWLLFAMVWWLIAFAHGDLAPGEGTNVPCVTSIHSFSSAFLFSIEVQVTIGFGGRMVTEECPLAILILIVQNIVGLMIN
AIMLGCIFMKTAQAHRRAETLIFSKHAVITLRHGRLCFMLRVGDLRKSMIISATIHMQVVRKTTSPEGEVVPLHQVDIPM
ENGVGGNGIFLVAPLIIYHVIDSNSPLYDLAPSDLHHHQDLEIIVILEGVVETTGITTQARTSYLADEILWGQRFVPIVA
EEDGRYSVDYSKFGNTIKVPTPLCTARQLDEDRSLLDALTLASSRGPLRKRSVAVAKAKPKFSISPDSLS
;
A,C,E,G
2 'polypeptide(L)'
;MPLAFCGTENHSAAYRVDQGVLNNGCFVDALNVVPHVFLLFITFPILFIGWGSQSSKVHIHHSTWLHFPGHNLRWILTFI
LLFVLVCEIAEGILSDGVTESRHLHLYMPAGMAFMAAITSVVYYHNIETSNFPKLLIALLIYWTLAFITKTIKFVKFYDH
AIGFSQLRFCLTGLLVILYGMLLLVEVNVIRVRRYIFFKTPREVKPPEDLQDLGVRFLQPFVNLLSKGTYWWMNAFIKTA
HKKPIDLRAIGKLPIAMRALTNYQRLCVAFDAQARKDTQSPQGARAIWRALCHAFGRRLILSSTFRILADLLGFAGPLCI
FGIVDHLGKENHVFQPKTQFLGVYFVSSQEFLGNAYVLAVLLFLALLLQRTFLQASYYVAIETGINLRGAIQTKIYNKIM
HLSTSNLSMGEMTAGQICNLVAIDTNQLMWFFFLCPNLWAMPVQIIVGVILLYYILGVSALIGAAVIILLAPVQYFVATK
LSQAQRSTLEHSNERLKQTNEMLRGMKLLKLYAWESIFCSRVEVTRRKEMTSLRAFAVYTSISIFMNTAIPIAAVLITFV
GHVSFFKESDLSPSVAFASLSLFHILVTPLFLLSSVVRSTVKALVSVQKLSEFLSSAEIREEQCAPREPAPQGQAGKYQA
VPLKVVNRKRPAREEVRDLLGPLQRLAPSMDGDADNFCVQIIGGFFTWTPDGIPTLSNITIRIPRGQLTMIVGQVGCGKS
SLLLATLGEMQKVSGAVFWNSNLPDSEGEDPSSPERETAAGSDIRSRGPVAYASQKPWLLNATVEENITFESPFNKQRYK
MVIEACSLQPDIDILPHGDQTQIGERGINLSGGQRQRISVARALYQQTNVVFLDDPFSALDVHLSDHLMQAGILELLRDD
KRTVVLVTHKLQYLPHADWIIAMKDGTIQREGTLKDFQRSECQLFEHWKTLMNRQDQELEKETVMERKASEPSQGLPRAM
SSRDGLLLDEEEEEEEAAESEEDDNLSSVLHQRAKIPWRACTKYLSSAGILLLSLLVFSQLLKHMVLVAIDYWLAKWTDS
ALVLSPAARNCSLSQECDLDQSVYAMVFTLLCSLGIVLCLVTSVTVEWTGLKVAKRLHRSLLNRIILAPMRFFETTPLGS
ILNRFSSDCNTIDQHIPSTLECLSRSTLLCVSALTVISYVTPVFLVALLPLAVVCYFIQKYFRVASRDLQQLDDTTQLPL
LSHFAETVEGLTTIRAFRYEARFQQKLLEYTDSNNIASLFLTAANRWLEVRMEYIGACVVLIAAATSISNSLHRELSAGL
VGLGLTYALMVSNYLNWMVRNLADMEIQLGAVKRIHALLKTEAESYEGLLAPSLIPKNWPDQGKIQIQNLSVRYDSSLKP
VLKHVNALISPGQKIGICGRTGSGKSSFSLAFFRMVDMFEGRIIIDGIDIAKLPLHTLRSRLSIILQDPVLFSGTIRFNL
DPEKKCSDSTLWEALEIAQLKLVVKALPGGLDAIITEGGENFSQGQRQLFCLARAFVRKTSIFIMDEATASIDMATENIL
QKVVMTAFADRTVVTIAHRVHTILSADLVMVLKRGAILEFDKPETLLSQKDSVFASFVRADK
;
B,D,F,H
#
loop_
_chem_comp.id
_chem_comp.type
_chem_comp.name
_chem_comp.formula
AGS non-polymer 'PHOSPHOTHIOPHOSPHORIC ACID-ADENYLATE ESTER' 'C10 H16 N5 O12 P3 S'
#
# COMPACT_ATOMS: atom_id res chain seq x y z
N ARG A 32 -6.19 30.04 -22.73
CA ARG A 32 -6.45 28.75 -23.36
C ARG A 32 -6.87 27.71 -22.32
N ALA A 33 -7.19 26.51 -22.77
CA ALA A 33 -7.69 25.46 -21.89
C ALA A 33 -6.54 24.79 -21.14
N ARG A 34 -6.76 24.53 -19.86
CA ARG A 34 -5.77 23.86 -19.01
C ARG A 34 -6.15 22.40 -18.79
N PHE A 35 -5.13 21.58 -18.57
CA PHE A 35 -5.36 20.14 -18.44
C PHE A 35 -5.89 19.79 -17.06
N VAL A 36 -5.11 20.05 -16.01
CA VAL A 36 -5.57 19.92 -14.64
C VAL A 36 -5.24 21.21 -13.90
N SER A 37 -6.18 21.66 -13.09
CA SER A 37 -6.07 22.98 -12.49
C SER A 37 -5.00 23.00 -11.41
N LYS A 38 -4.61 24.21 -11.03
CA LYS A 38 -3.56 24.38 -10.03
C LYS A 38 -3.94 23.71 -8.71
N LYS A 39 -5.19 23.88 -8.28
CA LYS A 39 -5.62 23.31 -7.00
C LYS A 39 -5.49 21.79 -6.94
N GLY A 40 -5.24 21.14 -8.07
CA GLY A 40 -5.14 19.70 -8.11
C GLY A 40 -6.36 18.99 -8.65
N ASN A 41 -7.47 19.71 -8.82
CA ASN A 41 -8.67 19.12 -9.41
C ASN A 41 -8.50 18.97 -10.92
N CYS A 42 -9.24 18.01 -11.48
CA CYS A 42 -9.15 17.72 -12.90
C CYS A 42 -10.09 18.62 -13.70
N ASN A 43 -9.61 19.10 -14.84
CA ASN A 43 -10.36 20.05 -15.63
C ASN A 43 -11.25 19.38 -16.67
N VAL A 44 -10.75 18.34 -17.33
CA VAL A 44 -11.42 17.75 -18.48
C VAL A 44 -12.82 17.29 -18.10
N ALA A 45 -13.83 17.88 -18.72
CA ALA A 45 -15.21 17.51 -18.47
C ALA A 45 -15.60 16.35 -19.40
N HIS A 46 -16.18 15.31 -18.82
CA HIS A 46 -16.51 14.10 -19.57
C HIS A 46 -17.87 14.23 -20.22
N LYS A 47 -17.99 13.69 -21.42
CA LYS A 47 -19.21 13.76 -22.18
C LYS A 47 -19.55 12.38 -22.72
N ASN A 48 -20.85 12.09 -22.77
CA ASN A 48 -21.37 10.85 -23.37
C ASN A 48 -20.82 9.62 -22.65
N ILE A 49 -21.12 9.54 -21.35
CA ILE A 49 -20.80 8.36 -20.55
C ILE A 49 -21.95 7.36 -20.66
N ARG A 50 -21.67 6.18 -21.21
CA ARG A 50 -22.69 5.13 -21.30
C ARG A 50 -22.91 4.59 -19.88
N GLU A 51 -23.74 5.30 -19.13
CA GLU A 51 -24.02 4.88 -17.77
C GLU A 51 -24.73 3.54 -17.79
N GLN A 52 -24.09 2.51 -17.26
CA GLN A 52 -24.77 1.23 -17.07
C GLN A 52 -25.20 1.06 -15.62
N GLY A 53 -25.13 2.14 -14.83
CA GLY A 53 -25.61 2.14 -13.47
C GLY A 53 -24.55 1.92 -12.42
N ARG A 54 -23.30 1.63 -12.83
CA ARG A 54 -22.26 1.43 -11.83
C ARG A 54 -22.04 2.67 -10.97
N PHE A 55 -22.50 3.84 -11.43
CA PHE A 55 -22.37 5.08 -10.64
C PHE A 55 -23.13 4.99 -9.33
N LEU A 56 -24.28 4.34 -9.34
CA LEU A 56 -24.95 4.08 -8.08
C LEU A 56 -24.63 2.69 -7.52
N GLN A 57 -24.16 1.77 -8.36
CA GLN A 57 -23.88 0.41 -7.88
C GLN A 57 -22.77 0.38 -6.83
N ASP A 58 -22.06 1.48 -6.66
CA ASP A 58 -20.99 1.69 -5.70
C ASP A 58 -21.53 2.32 -4.44
N VAL A 59 -22.70 1.84 -4.04
CA VAL A 59 -23.66 2.53 -3.18
C VAL A 59 -23.00 3.33 -2.07
N PHE A 60 -22.13 2.69 -1.29
CA PHE A 60 -21.52 3.46 -0.21
C PHE A 60 -20.18 4.05 -0.60
N THR A 61 -19.46 3.46 -1.55
CA THR A 61 -18.27 4.14 -2.06
C THR A 61 -18.62 5.33 -2.94
N THR A 62 -19.91 5.54 -3.21
CA THR A 62 -20.34 6.78 -3.83
C THR A 62 -20.53 7.88 -2.78
N LEU A 63 -21.32 7.59 -1.74
CA LEU A 63 -21.66 8.63 -0.78
C LEU A 63 -20.54 8.92 0.19
N VAL A 64 -19.60 8.00 0.41
CA VAL A 64 -18.42 8.34 1.21
C VAL A 64 -17.52 9.32 0.50
N ASP A 65 -17.76 9.57 -0.78
CA ASP A 65 -17.05 10.62 -1.48
C ASP A 65 -17.63 12.00 -1.19
N LEU A 66 -18.90 12.08 -0.78
CA LEU A 66 -19.63 13.34 -0.76
C LEU A 66 -19.05 14.31 0.27
N LYS A 67 -19.61 15.51 0.28
CA LYS A 67 -19.24 16.47 1.31
C LYS A 67 -19.82 16.02 2.64
N TRP A 68 -19.60 16.85 3.65
CA TRP A 68 -20.14 16.57 4.97
C TRP A 68 -21.60 16.94 5.12
N PRO A 69 -22.06 18.08 4.62
CA PRO A 69 -23.50 18.38 4.76
C PRO A 69 -24.37 17.37 4.05
N HIS A 70 -24.02 16.96 2.83
CA HIS A 70 -24.84 15.98 2.13
C HIS A 70 -24.85 14.65 2.85
N THR A 71 -23.68 14.19 3.30
CA THR A 71 -23.63 12.91 3.96
C THR A 71 -24.40 12.95 5.28
N LEU A 72 -24.29 14.04 6.03
CA LEU A 72 -25.06 14.15 7.26
C LEU A 72 -26.56 14.20 6.96
N LEU A 73 -26.94 14.92 5.90
CA LEU A 73 -28.34 14.96 5.50
C LEU A 73 -28.86 13.56 5.18
N ILE A 74 -28.10 12.79 4.40
CA ILE A 74 -28.63 11.50 3.99
C ILE A 74 -28.61 10.52 5.15
N PHE A 75 -27.73 10.72 6.14
CA PHE A 75 -27.77 9.85 7.31
C PHE A 75 -28.95 10.16 8.20
N THR A 76 -29.21 11.45 8.45
CA THR A 76 -30.41 11.73 9.22
C THR A 76 -31.65 11.28 8.48
N MET A 77 -31.64 11.33 7.14
CA MET A 77 -32.82 10.90 6.38
C MET A 77 -32.99 9.39 6.42
N SER A 78 -31.88 8.63 6.40
CA SER A 78 -31.97 7.19 6.65
C SER A 78 -32.60 6.91 8.01
N PHE A 79 -32.08 7.54 9.06
CA PHE A 79 -32.58 7.24 10.39
C PHE A 79 -34.05 7.63 10.53
N LEU A 80 -34.41 8.85 10.11
CA LEU A 80 -35.81 9.27 10.24
C LEU A 80 -36.73 8.43 9.38
N CYS A 81 -36.29 8.05 8.18
CA CYS A 81 -37.10 7.18 7.35
C CYS A 81 -37.43 5.88 8.09
N SER A 82 -36.41 5.21 8.62
CA SER A 82 -36.69 3.94 9.28
C SER A 82 -37.58 4.13 10.50
N TRP A 83 -37.31 5.17 11.29
CA TRP A 83 -38.11 5.39 12.50
C TRP A 83 -39.56 5.63 12.16
N LEU A 84 -39.83 6.47 11.15
CA LEU A 84 -41.22 6.75 10.80
C LEU A 84 -41.91 5.53 10.23
N LEU A 85 -41.20 4.74 9.44
CA LEU A 85 -41.79 3.51 8.92
C LEU A 85 -42.29 2.63 10.06
N PHE A 86 -41.42 2.32 11.01
CA PHE A 86 -41.86 1.41 12.07
C PHE A 86 -42.84 2.06 13.03
N ALA A 87 -42.78 3.38 13.21
CA ALA A 87 -43.79 4.04 14.04
C ALA A 87 -45.17 3.90 13.41
N MET A 88 -45.25 4.02 12.08
CA MET A 88 -46.53 3.83 11.40
C MET A 88 -47.02 2.39 11.58
N VAL A 89 -46.15 1.42 11.38
CA VAL A 89 -46.63 0.04 11.48
C VAL A 89 -47.07 -0.28 12.90
N TRP A 90 -46.41 0.31 13.90
CA TRP A 90 -46.82 0.06 15.28
C TRP A 90 -48.13 0.75 15.60
N TRP A 91 -48.27 2.01 15.20
CA TRP A 91 -49.55 2.66 15.35
C TRP A 91 -50.65 1.78 14.79
N LEU A 92 -50.43 1.23 13.59
CA LEU A 92 -51.46 0.43 12.94
C LEU A 92 -51.72 -0.86 13.70
N ILE A 93 -50.68 -1.49 14.22
CA ILE A 93 -50.93 -2.78 14.87
C ILE A 93 -51.69 -2.57 16.17
N ALA A 94 -51.36 -1.51 16.94
CA ALA A 94 -52.11 -1.20 18.14
C ALA A 94 -53.53 -0.78 17.82
N PHE A 95 -53.75 -0.11 16.68
CA PHE A 95 -55.10 0.21 16.26
C PHE A 95 -55.87 -1.06 15.94
N ALA A 96 -55.23 -1.97 15.22
CA ALA A 96 -55.90 -3.17 14.72
C ALA A 96 -56.23 -4.14 15.83
N HIS A 97 -55.31 -4.34 16.79
CA HIS A 97 -55.66 -5.24 17.87
C HIS A 97 -56.87 -4.74 18.63
N GLY A 98 -57.18 -3.45 18.55
CA GLY A 98 -58.23 -2.87 19.34
C GLY A 98 -57.77 -2.37 20.68
N ASP A 99 -56.51 -2.66 21.06
CA ASP A 99 -55.94 -2.06 22.26
C ASP A 99 -55.89 -0.54 22.17
N LEU A 100 -56.01 0.02 20.96
CA LEU A 100 -55.99 1.46 20.83
C LEU A 100 -57.30 2.08 21.31
N ALA A 101 -58.40 1.34 21.18
CA ALA A 101 -59.70 1.77 21.68
C ALA A 101 -59.64 1.83 23.21
N PRO A 102 -59.73 3.03 23.78
CA PRO A 102 -59.57 3.16 25.23
C PRO A 102 -60.68 2.40 25.96
N GLY A 103 -60.27 1.38 26.70
CA GLY A 103 -61.21 0.56 27.43
C GLY A 103 -60.56 -0.01 28.67
N GLU A 104 -61.36 -0.14 29.73
CA GLU A 104 -60.89 -0.63 31.01
C GLU A 104 -61.36 -2.07 31.18
N GLY A 105 -60.41 -3.00 31.22
CA GLY A 105 -60.71 -4.39 31.45
C GLY A 105 -60.95 -5.17 30.17
N THR A 106 -61.13 -6.47 30.33
CA THR A 106 -61.39 -7.44 29.26
C THR A 106 -60.27 -7.46 28.21
N ASN A 107 -59.15 -6.79 28.47
CA ASN A 107 -58.02 -6.78 27.56
C ASN A 107 -56.78 -6.34 28.31
N VAL A 108 -55.64 -6.61 27.69
CA VAL A 108 -54.39 -5.97 28.07
C VAL A 108 -53.75 -5.54 26.76
N PRO A 109 -53.36 -4.28 26.62
CA PRO A 109 -52.78 -3.85 25.34
C PRO A 109 -51.52 -4.62 25.04
N CYS A 110 -51.29 -4.89 23.76
CA CYS A 110 -50.03 -5.51 23.36
C CYS A 110 -48.85 -4.65 23.80
N VAL A 111 -49.02 -3.34 23.75
CA VAL A 111 -48.06 -2.39 24.30
C VAL A 111 -48.79 -1.57 25.36
N THR A 112 -48.39 -1.76 26.61
CA THR A 112 -49.11 -1.09 27.70
C THR A 112 -48.97 0.42 27.54
N SER A 113 -50.04 1.14 27.92
CA SER A 113 -50.03 2.60 27.93
C SER A 113 -49.67 3.18 26.57
N ILE A 114 -50.49 2.85 25.57
CA ILE A 114 -50.40 3.48 24.26
C ILE A 114 -51.74 4.16 23.99
N HIS A 115 -51.68 5.42 23.57
CA HIS A 115 -52.91 6.19 23.38
C HIS A 115 -53.07 6.71 21.98
N SER A 116 -52.05 7.35 21.43
CA SER A 116 -52.22 8.04 20.16
C SER A 116 -51.00 7.79 19.30
N PHE A 117 -50.99 8.42 18.13
CA PHE A 117 -49.87 8.28 17.23
C PHE A 117 -48.59 8.82 17.86
N SER A 118 -48.68 9.93 18.59
CA SER A 118 -47.50 10.52 19.18
C SER A 118 -46.82 9.54 20.13
N SER A 119 -47.59 8.96 21.06
CA SER A 119 -46.96 8.01 21.97
C SER A 119 -46.45 6.79 21.22
N ALA A 120 -47.06 6.46 20.08
CA ALA A 120 -46.56 5.32 19.31
C ALA A 120 -45.21 5.63 18.69
N PHE A 121 -45.05 6.83 18.12
CA PHE A 121 -43.75 7.23 17.58
C PHE A 121 -42.72 7.33 18.70
N LEU A 122 -43.15 7.73 19.89
CA LEU A 122 -42.25 7.71 21.03
C LEU A 122 -41.83 6.29 21.37
N PHE A 123 -42.73 5.33 21.23
CA PHE A 123 -42.34 3.94 21.46
C PHE A 123 -41.38 3.46 20.39
N SER A 124 -41.60 3.87 19.15
CA SER A 124 -40.72 3.46 18.06
C SER A 124 -39.31 3.97 18.28
N ILE A 125 -39.17 5.25 18.61
CA ILE A 125 -37.84 5.75 18.88
C ILE A 125 -37.28 5.21 20.20
N GLU A 126 -38.15 4.75 21.09
CA GLU A 126 -37.67 4.20 22.36
C GLU A 126 -37.05 2.82 22.16
N VAL A 127 -37.64 2.01 21.30
CA VAL A 127 -37.08 0.67 21.09
C VAL A 127 -36.03 0.65 19.99
N GLN A 128 -36.19 1.48 18.96
CA GLN A 128 -35.26 1.42 17.84
C GLN A 128 -33.85 1.79 18.30
N VAL A 129 -33.66 3.02 18.76
CA VAL A 129 -32.32 3.54 18.97
C VAL A 129 -31.80 3.08 20.32
N THR A 130 -32.53 2.14 20.93
CA THR A 130 -32.06 1.40 22.11
C THR A 130 -31.81 2.31 23.31
N ILE A 131 -32.75 3.22 23.57
CA ILE A 131 -32.83 3.91 24.84
C ILE A 131 -33.66 3.12 25.84
N GLY A 132 -34.76 2.52 25.40
CA GLY A 132 -35.60 1.68 26.23
C GLY A 132 -36.18 2.32 27.47
N PHE A 133 -37.13 3.24 27.29
CA PHE A 133 -37.66 4.00 28.42
C PHE A 133 -38.50 3.13 29.33
N GLY A 134 -39.31 2.24 28.75
CA GLY A 134 -40.06 1.31 29.55
C GLY A 134 -41.33 1.83 30.20
N GLY A 135 -41.75 3.06 29.86
CA GLY A 135 -43.04 3.51 30.32
C GLY A 135 -44.17 2.78 29.64
N ARG A 136 -43.99 2.47 28.36
CA ARG A 136 -44.92 1.63 27.62
C ARG A 136 -44.26 0.28 27.42
N MET A 137 -44.92 -0.76 27.88
CA MET A 137 -44.38 -2.11 27.92
C MET A 137 -45.05 -2.93 26.83
N VAL A 138 -44.22 -3.57 26.00
CA VAL A 138 -44.71 -4.59 25.09
C VAL A 138 -44.88 -5.89 25.88
N THR A 139 -46.00 -6.57 25.69
CA THR A 139 -46.43 -7.65 26.56
C THR A 139 -46.38 -8.98 25.83
N GLU A 140 -46.50 -10.06 26.61
CA GLU A 140 -46.41 -11.43 26.11
C GLU A 140 -47.76 -11.99 25.68
N GLU A 141 -48.75 -11.13 25.45
CA GLU A 141 -50.05 -11.57 24.99
C GLU A 141 -50.13 -11.68 23.47
N CYS A 142 -49.38 -10.87 22.73
CA CYS A 142 -49.47 -10.81 21.28
C CYS A 142 -48.14 -11.17 20.64
N PRO A 143 -48.02 -12.33 19.99
CA PRO A 143 -46.74 -12.68 19.32
C PRO A 143 -46.47 -11.85 18.07
N LEU A 144 -47.48 -11.21 17.49
CA LEU A 144 -47.24 -10.36 16.33
C LEU A 144 -46.35 -9.18 16.71
N ALA A 145 -46.57 -8.59 17.89
CA ALA A 145 -45.69 -7.52 18.37
C ALA A 145 -44.29 -8.04 18.61
N ILE A 146 -44.16 -9.30 19.03
CA ILE A 146 -42.84 -9.88 19.19
C ILE A 146 -42.12 -9.93 17.85
N LEU A 147 -42.84 -10.33 16.79
CA LEU A 147 -42.23 -10.37 15.47
C LEU A 147 -41.80 -8.98 15.02
N ILE A 148 -42.68 -7.98 15.20
CA ILE A 148 -42.31 -6.65 14.73
C ILE A 148 -41.12 -6.13 15.50
N LEU A 149 -41.00 -6.47 16.79
CA LEU A 149 -39.81 -6.04 17.53
C LEU A 149 -38.57 -6.76 17.04
N ILE A 150 -38.67 -8.07 16.76
CA ILE A 150 -37.50 -8.85 16.42
C ILE A 150 -37.00 -8.56 15.02
N VAL A 151 -37.81 -7.91 14.20
CA VAL A 151 -37.29 -7.38 12.94
C VAL A 151 -36.87 -5.92 13.07
N GLN A 152 -37.59 -5.14 13.87
CA GLN A 152 -37.21 -3.76 14.09
C GLN A 152 -35.78 -3.68 14.59
N ASN A 153 -35.47 -4.47 15.61
CA ASN A 153 -34.16 -4.33 16.22
C ASN A 153 -33.04 -4.77 15.29
N ILE A 154 -33.21 -5.86 14.56
CA ILE A 154 -32.13 -6.29 13.68
C ILE A 154 -31.95 -5.29 12.54
N VAL A 155 -33.03 -4.75 11.97
CA VAL A 155 -32.79 -3.78 10.91
C VAL A 155 -32.15 -2.53 11.49
N GLY A 156 -32.54 -2.15 12.69
CA GLY A 156 -31.90 -1.02 13.33
C GLY A 156 -30.43 -1.25 13.51
N LEU A 157 -30.06 -2.46 13.93
CA LEU A 157 -28.66 -2.72 14.18
C LEU A 157 -27.87 -2.76 12.88
N MET A 158 -28.46 -3.29 11.82
CA MET A 158 -27.71 -3.34 10.57
C MET A 158 -27.48 -1.94 10.02
N ILE A 159 -28.51 -1.09 10.04
CA ILE A 159 -28.36 0.25 9.48
C ILE A 159 -27.46 1.12 10.35
N ASN A 160 -27.44 0.85 11.66
CA ASN A 160 -26.47 1.50 12.52
C ASN A 160 -25.05 1.05 12.19
N ALA A 161 -24.87 -0.24 11.90
CA ALA A 161 -23.53 -0.74 11.60
C ALA A 161 -22.99 -0.13 10.31
N ILE A 162 -23.81 -0.08 9.26
CA ILE A 162 -23.33 0.52 8.03
C ILE A 162 -23.12 2.04 8.22
N MET A 163 -24.02 2.73 8.92
CA MET A 163 -23.87 4.16 9.08
C MET A 163 -22.77 4.53 10.04
N LEU A 164 -22.16 3.56 10.70
CA LEU A 164 -20.91 3.86 11.37
C LEU A 164 -19.71 3.52 10.51
N GLY A 165 -19.70 2.35 9.87
CA GLY A 165 -18.58 1.98 9.04
C GLY A 165 -18.34 3.00 7.93
N CYS A 166 -19.40 3.46 7.27
CA CYS A 166 -19.16 4.38 6.18
C CYS A 166 -18.67 5.74 6.67
N ILE A 167 -19.19 6.27 7.80
CA ILE A 167 -18.63 7.54 8.28
C ILE A 167 -17.17 7.34 8.69
N PHE A 168 -16.80 6.17 9.22
CA PHE A 168 -15.39 6.02 9.54
C PHE A 168 -14.56 5.92 8.27
N MET A 169 -15.03 5.15 7.28
CA MET A 169 -14.34 5.08 6.01
C MET A 169 -14.20 6.46 5.39
N LYS A 170 -15.08 7.37 5.75
CA LYS A 170 -14.97 8.75 5.33
C LYS A 170 -13.85 9.47 6.09
N THR A 171 -13.83 9.37 7.41
CA THR A 171 -12.83 10.12 8.15
C THR A 171 -11.39 9.71 7.80
N ALA A 172 -11.22 8.71 6.93
CA ALA A 172 -9.94 8.49 6.26
C ALA A 172 -9.84 9.24 4.94
N GLN A 173 -10.62 10.31 4.78
CA GLN A 173 -10.35 11.25 3.71
C GLN A 173 -9.11 12.02 4.13
N ALA A 174 -8.00 11.77 3.43
CA ALA A 174 -6.77 12.51 3.68
C ALA A 174 -6.40 13.40 2.51
N HIS A 175 -7.29 13.58 1.53
CA HIS A 175 -7.04 14.58 0.50
C HIS A 175 -6.73 15.93 1.13
N ARG A 176 -7.32 16.27 2.28
CA ARG A 176 -6.92 17.50 2.95
C ARG A 176 -5.40 17.54 3.13
N ARG A 177 -4.79 16.42 3.55
CA ARG A 177 -3.34 16.31 3.49
C ARG A 177 -2.81 16.44 2.08
N ALA A 178 -3.60 16.14 1.07
CA ALA A 178 -3.14 16.56 -0.25
C ALA A 178 -3.27 18.06 -0.43
N GLU A 179 -4.06 18.73 0.41
CA GLU A 179 -4.15 20.18 0.31
C GLU A 179 -2.92 20.83 0.92
N THR A 180 -2.40 20.27 2.02
CA THR A 180 -1.34 21.01 2.71
C THR A 180 -0.05 21.06 1.89
N LEU A 181 0.18 20.13 0.96
CA LEU A 181 1.38 20.24 0.16
C LEU A 181 1.31 21.50 -0.72
N ILE A 182 2.49 22.02 -1.07
CA ILE A 182 2.57 23.21 -1.91
C ILE A 182 3.71 23.11 -2.90
N PHE A 183 3.49 23.66 -4.08
CA PHE A 183 4.50 23.80 -5.10
C PHE A 183 4.68 25.27 -5.42
N SER A 184 5.86 25.65 -5.90
CA SER A 184 6.06 27.04 -6.27
C SER A 184 5.21 27.37 -7.48
N LYS A 185 4.82 28.66 -7.59
CA LYS A 185 3.83 29.06 -8.58
C LYS A 185 4.33 28.88 -10.00
N HIS A 186 5.58 29.22 -10.25
CA HIS A 186 6.22 29.06 -11.56
C HIS A 186 7.56 28.36 -11.39
N ALA A 187 7.97 27.65 -12.44
CA ALA A 187 9.21 26.88 -12.46
C ALA A 187 10.22 27.51 -13.41
N VAL A 188 11.49 27.50 -13.01
CA VAL A 188 12.57 28.09 -13.80
C VAL A 188 13.51 26.97 -14.28
N ILE A 189 14.25 27.28 -15.33
CA ILE A 189 15.29 26.41 -15.85
C ILE A 189 16.64 27.11 -15.67
N THR A 190 17.71 26.32 -15.61
CA THR A 190 19.04 26.88 -15.39
C THR A 190 20.06 26.05 -16.15
N LEU A 191 21.34 26.35 -15.91
CA LEU A 191 22.46 25.60 -16.48
C LEU A 191 23.27 25.04 -15.31
N ARG A 192 23.18 23.73 -15.12
CA ARG A 192 23.93 23.05 -14.07
C ARG A 192 24.87 22.00 -14.65
N HIS A 193 26.14 22.06 -14.25
CA HIS A 193 27.13 21.10 -14.69
C HIS A 193 27.31 21.10 -16.18
N GLY A 194 27.16 22.27 -16.80
CA GLY A 194 27.39 22.41 -18.22
C GLY A 194 26.24 21.92 -19.08
N ARG A 195 25.13 21.56 -18.43
CA ARG A 195 23.96 21.08 -19.15
C ARG A 195 22.71 21.81 -18.68
N LEU A 196 21.76 22.02 -19.58
CA LEU A 196 20.53 22.72 -19.23
C LEU A 196 19.73 21.93 -18.19
N CYS A 197 19.16 22.63 -17.22
CA CYS A 197 18.39 21.99 -16.16
C CYS A 197 17.13 22.79 -15.81
N PHE A 198 16.12 22.08 -15.31
CA PHE A 198 14.88 22.71 -14.87
C PHE A 198 14.66 22.47 -13.38
N MET A 199 14.38 23.52 -12.63
CA MET A 199 14.20 23.42 -11.19
C MET A 199 12.81 23.84 -10.72
N LEU A 200 12.20 22.98 -9.91
CA LEU A 200 10.89 23.27 -9.31
C LEU A 200 10.94 22.94 -7.82
N ARG A 201 10.19 23.69 -7.02
CA ARG A 201 10.21 23.46 -5.57
C ARG A 201 9.00 22.67 -5.10
N VAL A 202 9.18 21.96 -4.00
CA VAL A 202 8.11 21.31 -3.27
C VAL A 202 8.35 21.52 -1.78
N GLY A 203 7.48 20.98 -0.95
CA GLY A 203 7.66 21.18 0.46
C GLY A 203 6.51 20.61 1.25
N ASP A 204 6.75 20.51 2.55
CA ASP A 204 5.77 20.00 3.50
C ASP A 204 5.27 21.16 4.35
N LEU A 205 4.06 21.00 4.88
CA LEU A 205 3.47 22.06 5.68
C LEU A 205 3.11 21.61 7.09
N ARG A 206 3.45 20.39 7.49
CA ARG A 206 3.18 19.98 8.86
C ARG A 206 4.35 19.17 9.37
N LYS A 207 4.26 18.81 10.66
CA LYS A 207 5.25 17.92 11.26
C LYS A 207 5.16 16.53 10.65
N SER A 208 3.94 16.08 10.35
CA SER A 208 3.71 14.71 9.91
C SER A 208 4.33 14.47 8.54
N MET A 209 5.13 13.42 8.44
CA MET A 209 5.80 13.06 7.20
C MET A 209 4.87 12.33 6.25
N ILE A 210 5.34 12.13 5.03
CA ILE A 210 4.63 11.38 4.01
C ILE A 210 5.57 10.28 3.54
N ILE A 211 5.11 9.02 3.65
CA ILE A 211 5.99 7.88 3.50
C ILE A 211 6.16 7.54 2.02
N SER A 212 7.41 7.47 1.57
CA SER A 212 7.80 6.88 0.27
C SER A 212 7.20 7.64 -0.90
N ALA A 213 7.13 8.97 -0.79
CA ALA A 213 6.60 9.79 -1.87
C ALA A 213 7.40 9.58 -3.16
N THR A 214 6.69 9.47 -4.27
CA THR A 214 7.34 9.26 -5.56
C THR A 214 6.83 10.31 -6.55
N ILE A 215 7.69 10.63 -7.52
CA ILE A 215 7.40 11.70 -8.48
C ILE A 215 7.21 11.08 -9.86
N HIS A 216 6.05 11.34 -10.45
CA HIS A 216 5.77 11.02 -11.84
C HIS A 216 5.59 12.34 -12.56
N MET A 217 6.55 12.68 -13.40
CA MET A 217 6.63 13.99 -14.03
C MET A 217 6.34 13.85 -15.51
N GLN A 218 5.26 14.49 -15.99
CA GLN A 218 4.75 14.22 -17.32
C GLN A 218 4.55 15.50 -18.10
N VAL A 219 4.66 15.39 -19.43
CA VAL A 219 4.54 16.50 -20.36
C VAL A 219 3.45 16.16 -21.38
N VAL A 220 2.60 17.13 -21.72
CA VAL A 220 1.56 16.87 -22.70
C VAL A 220 1.67 17.86 -23.86
N ARG A 221 1.30 17.40 -25.05
CA ARG A 221 1.44 18.20 -26.27
C ARG A 221 0.64 17.56 -27.40
N LYS A 222 -0.02 18.40 -28.19
CA LYS A 222 -0.67 17.92 -29.40
C LYS A 222 0.40 17.50 -30.40
N THR A 223 0.46 16.20 -30.71
CA THR A 223 1.56 15.65 -31.47
C THR A 223 1.07 15.02 -32.76
N THR A 224 1.87 15.14 -33.81
CA THR A 224 1.61 14.51 -35.11
C THR A 224 2.75 13.55 -35.41
N SER A 225 2.42 12.28 -35.58
CA SER A 225 3.42 11.27 -35.87
C SER A 225 3.91 11.39 -37.31
N PRO A 226 5.07 10.82 -37.63
CA PRO A 226 5.50 10.76 -39.04
C PRO A 226 4.57 9.95 -39.90
N GLU A 227 3.69 9.13 -39.32
CA GLU A 227 2.72 8.35 -40.05
C GLU A 227 1.44 9.13 -40.37
N GLY A 228 1.45 10.44 -40.16
CA GLY A 228 0.26 11.23 -40.38
C GLY A 228 -0.76 11.18 -39.26
N GLU A 229 -0.45 10.48 -38.17
CA GLU A 229 -1.37 10.39 -37.04
C GLU A 229 -1.19 11.61 -36.14
N VAL A 230 -2.29 12.29 -35.87
CA VAL A 230 -2.32 13.47 -34.99
C VAL A 230 -3.04 13.08 -33.72
N VAL A 231 -2.40 13.32 -32.57
CA VAL A 231 -3.04 13.10 -31.28
C VAL A 231 -3.37 14.46 -30.67
N PRO A 232 -4.55 14.60 -30.05
CA PRO A 232 -4.89 15.90 -29.44
C PRO A 232 -4.09 16.20 -28.19
N LEU A 233 -3.53 15.17 -27.55
CA LEU A 233 -2.83 15.32 -26.29
C LEU A 233 -1.99 14.06 -26.07
N HIS A 234 -0.73 14.23 -25.67
CA HIS A 234 0.23 13.13 -25.67
C HIS A 234 1.09 13.15 -24.41
N GLN A 235 0.72 12.36 -23.40
CA GLN A 235 1.47 12.28 -22.17
C GLN A 235 2.75 11.47 -22.38
N VAL A 236 3.88 12.01 -21.92
CA VAL A 236 5.16 11.32 -22.00
C VAL A 236 5.92 11.56 -20.70
N ASP A 237 6.57 10.52 -20.20
CA ASP A 237 7.31 10.65 -18.96
C ASP A 237 8.62 11.35 -19.20
N ILE A 238 8.91 12.34 -18.38
CA ILE A 238 10.23 12.95 -18.28
C ILE A 238 10.83 12.51 -16.95
N PRO A 239 12.05 11.98 -16.93
CA PRO A 239 12.55 11.34 -15.71
C PRO A 239 12.83 12.37 -14.62
N MET A 240 12.70 11.95 -13.38
CA MET A 240 13.26 12.71 -12.27
C MET A 240 14.64 12.13 -11.97
N GLU A 241 15.63 13.00 -11.89
CA GLU A 241 17.01 12.56 -11.86
C GLU A 241 17.53 12.62 -10.42
N ASN A 242 17.65 11.44 -9.82
CA ASN A 242 18.09 11.18 -8.45
C ASN A 242 19.39 10.40 -8.58
N GLY A 243 19.83 9.76 -7.50
CA GLY A 243 21.00 8.90 -7.54
C GLY A 243 20.77 7.72 -8.47
N VAL A 244 21.52 6.62 -8.34
CA VAL A 244 21.65 5.57 -9.37
C VAL A 244 20.37 5.28 -10.15
N GLY A 245 19.21 5.63 -9.60
CA GLY A 245 17.95 5.40 -10.27
C GLY A 245 16.82 5.92 -9.43
N GLY A 246 15.75 5.14 -9.30
CA GLY A 246 14.72 5.53 -8.36
C GLY A 246 13.74 6.56 -8.87
N ASN A 247 12.47 6.31 -8.57
CA ASN A 247 11.38 7.19 -8.97
C ASN A 247 10.93 8.12 -7.85
N GLY A 248 11.40 7.89 -6.62
CA GLY A 248 10.86 8.54 -5.45
C GLY A 248 11.90 9.35 -4.70
N ILE A 249 11.41 10.16 -3.76
CA ILE A 249 12.20 11.17 -3.07
C ILE A 249 11.87 11.15 -1.57
N PHE A 250 12.55 12.00 -0.82
CA PHE A 250 12.40 12.10 0.62
C PHE A 250 12.19 13.57 0.98
N LEU A 251 11.07 13.86 1.63
CA LEU A 251 10.61 15.22 1.86
C LEU A 251 10.75 15.57 3.34
N VAL A 252 11.71 16.42 3.66
CA VAL A 252 11.79 16.98 5.01
C VAL A 252 11.71 18.49 4.89
N ALA A 253 12.68 19.07 4.19
CA ALA A 253 12.74 20.48 3.86
C ALA A 253 12.38 20.67 2.39
N PRO A 254 12.06 21.91 1.97
CA PRO A 254 11.82 22.16 0.54
C PRO A 254 12.98 21.75 -0.35
N LEU A 255 12.75 20.73 -1.16
CA LEU A 255 13.77 20.15 -2.04
C LEU A 255 13.42 20.50 -3.48
N ILE A 256 14.30 21.26 -4.15
CA ILE A 256 14.16 21.50 -5.57
C ILE A 256 14.40 20.20 -6.33
N ILE A 257 13.43 19.80 -7.13
CA ILE A 257 13.55 18.61 -7.96
C ILE A 257 14.39 18.92 -9.18
N TYR A 258 15.29 18.01 -9.51
CA TYR A 258 16.41 18.28 -10.40
C TYR A 258 16.38 17.29 -11.54
N HIS A 259 15.97 17.75 -12.72
CA HIS A 259 16.04 16.94 -13.91
C HIS A 259 17.00 17.59 -14.89
N VAL A 260 17.67 16.77 -15.72
CA VAL A 260 18.52 17.30 -16.78
C VAL A 260 17.97 16.84 -18.12
N ILE A 261 17.53 17.80 -18.94
CA ILE A 261 17.05 17.47 -20.27
C ILE A 261 18.25 17.19 -21.17
N ASP A 262 18.20 16.06 -21.86
CA ASP A 262 19.24 15.67 -22.79
C ASP A 262 18.62 15.43 -24.16
N SER A 263 19.48 15.13 -25.14
CA SER A 263 19.01 14.93 -26.51
C SER A 263 17.95 13.84 -26.59
N ASN A 264 18.00 12.86 -25.68
CA ASN A 264 16.99 11.82 -25.66
C ASN A 264 15.66 12.28 -25.07
N SER A 265 15.68 13.33 -24.25
CA SER A 265 14.48 13.77 -23.58
C SER A 265 13.47 14.36 -24.57
N PRO A 266 12.17 14.26 -24.29
CA PRO A 266 11.16 14.75 -25.23
C PRO A 266 11.05 16.26 -25.27
N LEU A 267 11.39 16.93 -24.17
CA LEU A 267 11.30 18.38 -24.10
C LEU A 267 12.48 19.08 -24.76
N TYR A 268 13.47 18.31 -25.22
CA TYR A 268 14.76 18.83 -25.63
C TYR A 268 14.72 19.70 -26.89
N ASP A 269 13.61 19.72 -27.63
CA ASP A 269 13.60 20.35 -28.94
C ASP A 269 13.11 21.80 -28.95
N LEU A 270 12.48 22.27 -27.87
CA LEU A 270 11.81 23.57 -27.92
C LEU A 270 12.82 24.72 -27.92
N ALA A 271 12.29 25.94 -28.13
CA ALA A 271 13.04 27.19 -28.21
C ALA A 271 12.66 28.12 -27.05
N PRO A 272 13.62 28.92 -26.56
CA PRO A 272 13.33 29.75 -25.38
C PRO A 272 12.47 30.96 -25.66
N SER A 273 12.38 31.43 -26.91
CA SER A 273 11.54 32.58 -27.22
C SER A 273 10.13 32.20 -27.65
N ASP A 274 9.90 30.94 -27.99
CA ASP A 274 8.59 30.52 -28.45
C ASP A 274 7.73 29.95 -27.33
N LEU A 275 8.28 29.79 -26.13
CA LEU A 275 7.51 29.20 -25.04
C LEU A 275 6.60 30.21 -24.34
N HIS A 276 7.02 31.46 -24.26
CA HIS A 276 6.33 32.40 -23.37
C HIS A 276 4.89 32.67 -23.83
N HIS A 277 4.65 32.70 -25.14
CA HIS A 277 3.36 33.17 -25.62
C HIS A 277 2.58 32.13 -26.41
N HIS A 278 3.19 31.54 -27.44
CA HIS A 278 2.43 30.84 -28.47
C HIS A 278 2.22 29.37 -28.12
N GLN A 279 3.30 28.64 -27.88
CA GLN A 279 3.23 27.19 -27.74
C GLN A 279 2.30 26.81 -26.60
N ASP A 280 1.78 25.58 -26.69
CA ASP A 280 0.86 25.02 -25.69
C ASP A 280 1.51 23.76 -25.10
N LEU A 281 2.22 23.94 -23.99
CA LEU A 281 2.94 22.84 -23.33
C LEU A 281 2.61 22.86 -21.84
N GLU A 282 1.90 21.85 -21.38
CA GLU A 282 1.62 21.68 -19.96
C GLU A 282 2.57 20.62 -19.41
N ILE A 283 3.31 21.00 -18.37
CA ILE A 283 4.17 20.08 -17.64
C ILE A 283 3.54 19.86 -16.27
N ILE A 284 3.04 18.67 -16.02
CA ILE A 284 2.38 18.36 -14.76
C ILE A 284 3.31 17.49 -13.94
N VAL A 285 3.18 17.62 -12.63
CA VAL A 285 3.86 16.72 -11.71
C VAL A 285 2.83 16.08 -10.79
N ILE A 286 3.01 14.79 -10.55
CA ILE A 286 2.14 14.01 -9.68
C ILE A 286 3.04 13.43 -8.60
N LEU A 287 2.88 13.92 -7.38
CA LEU A 287 3.60 13.37 -6.25
C LEU A 287 2.66 12.50 -5.44
N GLU A 288 3.07 11.25 -5.22
CA GLU A 288 2.30 10.26 -4.50
C GLU A 288 3.00 9.96 -3.18
N GLY A 289 2.25 9.52 -2.20
CA GLY A 289 2.85 9.09 -0.96
C GLY A 289 1.79 8.73 0.03
N VAL A 290 2.10 7.89 1.00
CA VAL A 290 1.13 7.50 2.00
C VAL A 290 1.40 8.26 3.28
N VAL A 291 0.36 8.89 3.84
CA VAL A 291 0.52 9.63 5.09
C VAL A 291 0.71 8.65 6.24
N GLU A 292 1.36 9.13 7.30
CA GLU A 292 1.79 8.24 8.38
C GLU A 292 0.59 7.67 9.14
N THR A 293 -0.22 8.56 9.73
CA THR A 293 -1.16 8.16 10.78
C THR A 293 -2.36 7.38 10.23
N THR A 294 -2.91 7.81 9.10
CA THR A 294 -4.04 7.07 8.55
C THR A 294 -3.57 5.86 7.77
N GLY A 295 -2.46 5.97 7.05
CA GLY A 295 -1.96 4.91 6.21
C GLY A 295 -2.47 4.93 4.79
N ILE A 296 -3.40 5.84 4.46
CA ILE A 296 -3.91 5.93 3.10
C ILE A 296 -2.83 6.50 2.19
N THR A 297 -3.00 6.29 0.88
CA THR A 297 -2.07 6.80 -0.13
C THR A 297 -2.70 7.98 -0.82
N THR A 298 -2.15 9.16 -0.59
CA THR A 298 -2.63 10.39 -1.22
C THR A 298 -1.65 10.82 -2.29
N GLN A 299 -2.06 11.81 -3.09
CA GLN A 299 -1.18 12.36 -4.10
C GLN A 299 -1.57 13.80 -4.35
N ALA A 300 -0.76 14.49 -5.12
CA ALA A 300 -1.05 15.85 -5.51
C ALA A 300 -0.59 16.07 -6.94
N ARG A 301 -1.36 16.88 -7.67
CA ARG A 301 -1.18 17.07 -9.10
C ARG A 301 -1.14 18.56 -9.39
N THR A 302 -0.14 19.00 -10.15
CA THR A 302 -0.17 20.40 -10.57
C THR A 302 0.35 20.53 -11.98
N SER A 303 -0.09 21.60 -12.65
CA SER A 303 0.26 21.92 -14.04
C SER A 303 1.08 23.19 -14.11
N TYR A 304 1.99 23.24 -15.07
CA TYR A 304 2.70 24.46 -15.43
C TYR A 304 2.53 24.69 -16.91
N LEU A 305 1.99 25.85 -17.28
CA LEU A 305 1.71 26.17 -18.67
C LEU A 305 2.94 26.77 -19.33
N ALA A 306 2.83 26.98 -20.65
CA ALA A 306 3.92 27.61 -21.37
C ALA A 306 4.07 29.08 -20.99
N ASP A 307 2.99 29.71 -20.53
CA ASP A 307 3.08 31.10 -20.08
C ASP A 307 3.49 31.22 -18.62
N GLU A 308 3.42 30.13 -17.83
CA GLU A 308 3.80 30.18 -16.42
C GLU A 308 5.30 30.02 -16.25
N ILE A 309 5.92 29.15 -17.04
CA ILE A 309 7.35 28.87 -16.90
C ILE A 309 8.15 30.02 -17.49
N LEU A 310 9.35 30.24 -16.94
CA LEU A 310 10.25 31.28 -17.42
C LEU A 310 11.66 30.72 -17.52
N TRP A 311 12.58 31.55 -18.01
CA TRP A 311 13.89 31.11 -18.46
C TRP A 311 15.02 31.83 -17.72
N GLY A 312 16.09 31.09 -17.44
CA GLY A 312 17.33 31.67 -16.94
C GLY A 312 17.25 32.46 -15.64
N GLN A 313 17.00 31.77 -14.52
CA GLN A 313 16.90 32.39 -13.21
C GLN A 313 17.46 31.43 -12.16
N ARG A 314 17.39 31.83 -10.89
CA ARG A 314 17.76 30.92 -9.82
C ARG A 314 16.99 31.27 -8.56
N PHE A 315 16.53 30.23 -7.86
CA PHE A 315 15.83 30.45 -6.60
C PHE A 315 16.79 30.94 -5.52
N VAL A 316 16.22 31.54 -4.48
CA VAL A 316 17.01 32.04 -3.37
C VAL A 316 17.14 30.92 -2.34
N PRO A 317 18.32 30.71 -1.73
CA PRO A 317 18.45 29.65 -0.71
C PRO A 317 17.55 29.89 0.48
N ILE A 318 16.71 28.90 0.77
CA ILE A 318 15.77 28.99 1.88
C ILE A 318 16.46 28.61 3.19
N VAL A 319 17.00 27.38 3.25
CA VAL A 319 17.57 26.87 4.48
C VAL A 319 18.73 27.74 4.94
N ALA A 320 18.79 28.00 6.24
CA ALA A 320 19.86 28.80 6.80
C ALA A 320 20.25 28.24 8.16
N GLU A 321 21.55 28.26 8.43
CA GLU A 321 22.04 27.76 9.71
C GLU A 321 21.64 28.76 10.79
N GLU A 322 20.57 28.47 11.50
CA GLU A 322 20.20 29.25 12.66
C GLU A 322 20.78 28.61 13.92
N ASP A 323 20.42 29.22 15.06
CA ASP A 323 21.15 29.24 16.31
C ASP A 323 21.80 27.90 16.59
N GLY A 324 21.00 26.86 16.56
CA GLY A 324 21.54 25.51 16.66
C GLY A 324 20.83 24.57 15.70
N ARG A 325 20.06 25.11 14.76
CA ARG A 325 19.24 24.27 13.89
C ARG A 325 19.29 24.81 12.46
N TYR A 326 18.37 24.33 11.64
CA TYR A 326 18.19 24.84 10.29
C TYR A 326 16.85 25.55 10.25
N SER A 327 16.88 26.84 9.99
CA SER A 327 15.65 27.61 9.82
C SER A 327 15.31 27.65 8.35
N VAL A 328 14.03 27.41 8.04
CA VAL A 328 13.51 27.52 6.68
C VAL A 328 12.57 28.71 6.65
N ASP A 329 12.81 29.63 5.71
CA ASP A 329 11.98 30.82 5.54
C ASP A 329 11.14 30.66 4.28
N TYR A 330 9.83 30.59 4.45
CA TYR A 330 8.93 30.40 3.32
C TYR A 330 8.53 31.70 2.65
N SER A 331 9.05 32.84 3.12
CA SER A 331 8.82 34.10 2.42
C SER A 331 9.55 34.13 1.09
N LYS A 332 10.78 33.64 1.07
CA LYS A 332 11.56 33.55 -0.16
C LYS A 332 11.25 32.30 -0.96
N PHE A 333 10.23 31.53 -0.56
CA PHE A 333 9.90 30.30 -1.27
C PHE A 333 9.74 30.56 -2.76
N GLY A 334 8.89 31.51 -3.12
CA GLY A 334 8.69 31.87 -4.50
C GLY A 334 9.59 32.97 -5.01
N ASN A 335 10.63 33.36 -4.28
CA ASN A 335 11.50 34.42 -4.75
C ASN A 335 12.53 33.88 -5.74
N THR A 336 13.05 34.79 -6.57
CA THR A 336 13.86 34.44 -7.73
C THR A 336 14.84 35.55 -8.03
N ILE A 337 16.06 35.19 -8.40
CA ILE A 337 17.11 36.14 -8.73
C ILE A 337 17.58 35.90 -10.16
N LYS A 338 18.05 36.99 -10.78
CA LYS A 338 18.58 36.93 -12.13
C LYS A 338 19.95 36.27 -12.14
N VAL A 339 20.22 35.52 -13.21
CA VAL A 339 21.51 34.85 -13.36
C VAL A 339 21.99 35.01 -14.79
N PRO A 340 23.21 35.48 -15.02
CA PRO A 340 23.70 35.63 -16.40
C PRO A 340 24.04 34.30 -17.05
N THR A 341 23.01 33.62 -17.59
CA THR A 341 23.19 32.36 -18.30
C THR A 341 22.82 32.53 -19.78
N PRO A 342 23.51 31.83 -20.68
CA PRO A 342 23.20 31.98 -22.11
C PRO A 342 21.80 31.48 -22.44
N LEU A 343 21.13 32.22 -23.33
CA LEU A 343 19.75 31.93 -23.74
C LEU A 343 19.77 31.36 -25.16
N CYS A 344 19.41 30.08 -25.29
CA CYS A 344 19.38 29.41 -26.58
C CYS A 344 18.55 28.14 -26.46
N THR A 345 18.26 27.53 -27.60
CA THR A 345 17.44 26.33 -27.63
C THR A 345 18.27 25.11 -27.24
N ALA A 346 17.60 24.15 -26.57
CA ALA A 346 18.31 22.98 -26.08
C ALA A 346 18.92 22.16 -27.21
N ARG A 347 18.26 22.11 -28.37
CA ARG A 347 18.87 21.49 -29.53
C ARG A 347 20.09 22.28 -29.98
N GLN A 348 19.93 23.59 -30.14
CA GLN A 348 21.08 24.43 -30.50
C GLN A 348 22.12 24.46 -29.39
N LEU A 349 21.70 24.36 -28.13
CA LEU A 349 22.67 24.30 -27.05
C LEU A 349 23.45 22.99 -27.08
N ASP A 350 22.80 21.90 -27.47
CA ASP A 350 23.52 20.63 -27.61
C ASP A 350 24.48 20.69 -28.80
N GLU A 351 24.07 21.36 -29.88
CA GLU A 351 24.98 21.54 -31.01
C GLU A 351 26.17 22.41 -30.64
N ASP A 352 25.94 23.44 -29.82
CA ASP A 352 27.05 24.27 -29.33
C ASP A 352 27.94 23.50 -28.37
N ARG A 353 27.37 22.59 -27.57
CA ARG A 353 28.19 21.73 -26.72
C ARG A 353 29.04 20.79 -27.57
N SER A 354 28.48 20.30 -28.67
CA SER A 354 29.28 19.57 -29.65
C SER A 354 30.38 20.47 -30.23
N LEU A 355 30.11 21.77 -30.33
CA LEU A 355 31.12 22.74 -30.74
C LEU A 355 31.90 23.31 -29.55
N LEU A 356 31.43 23.10 -28.33
CA LEU A 356 32.12 23.61 -27.13
C LEU A 356 31.70 22.85 -25.88
N ASN B 24 -64.98 -0.69 9.88
CA ASN B 24 -63.64 -0.22 10.23
C ASN B 24 -63.08 0.69 9.15
N GLY B 25 -63.77 1.80 8.88
CA GLY B 25 -63.35 2.68 7.80
C GLY B 25 -61.98 3.29 8.04
N CYS B 26 -61.75 3.82 9.25
CA CYS B 26 -60.45 4.38 9.56
C CYS B 26 -59.35 3.33 9.45
N PHE B 27 -59.66 2.08 9.77
CA PHE B 27 -58.66 1.02 9.64
C PHE B 27 -58.22 0.86 8.19
N VAL B 28 -59.18 0.86 7.26
CA VAL B 28 -58.83 0.72 5.86
C VAL B 28 -58.13 1.97 5.34
N ASP B 29 -58.51 3.15 5.84
CA ASP B 29 -57.79 4.36 5.48
C ASP B 29 -56.31 4.26 5.86
N ALA B 30 -56.04 3.81 7.09
CA ALA B 30 -54.66 3.64 7.52
C ALA B 30 -53.94 2.60 6.67
N LEU B 31 -54.61 1.47 6.41
CA LEU B 31 -54.02 0.44 5.59
C LEU B 31 -53.65 0.96 4.21
N ASN B 32 -54.40 1.94 3.71
CA ASN B 32 -54.02 2.57 2.45
C ASN B 32 -52.85 3.52 2.63
N VAL B 33 -52.80 4.22 3.77
CA VAL B 33 -51.71 5.18 3.99
C VAL B 33 -50.37 4.48 4.04
N VAL B 34 -50.36 3.22 4.50
CA VAL B 34 -49.08 2.55 4.73
C VAL B 34 -48.20 2.44 3.49
N PRO B 35 -48.66 1.91 2.34
CA PRO B 35 -47.73 1.68 1.22
C PRO B 35 -47.14 2.94 0.62
N HIS B 36 -47.92 4.03 0.56
CA HIS B 36 -47.36 5.30 0.14
C HIS B 36 -46.18 5.68 1.02
N VAL B 37 -46.33 5.45 2.33
CA VAL B 37 -45.25 5.75 3.27
C VAL B 37 -44.03 4.89 2.96
N PHE B 38 -44.25 3.60 2.71
CA PHE B 38 -43.15 2.69 2.39
C PHE B 38 -42.35 3.20 1.19
N LEU B 39 -43.06 3.61 0.14
CA LEU B 39 -42.37 4.05 -1.07
C LEU B 39 -41.69 5.39 -0.87
N LEU B 40 -42.37 6.34 -0.22
CA LEU B 40 -41.75 7.63 0.08
C LEU B 40 -40.54 7.49 0.97
N PHE B 41 -40.45 6.40 1.73
CA PHE B 41 -39.29 6.23 2.58
C PHE B 41 -38.14 5.56 1.85
N ILE B 42 -38.43 4.61 0.96
CA ILE B 42 -37.33 4.04 0.18
C ILE B 42 -36.83 5.01 -0.89
N THR B 43 -37.65 5.95 -1.33
CA THR B 43 -37.20 6.82 -2.42
C THR B 43 -36.15 7.82 -1.96
N PHE B 44 -36.12 8.14 -0.67
CA PHE B 44 -35.34 9.30 -0.25
C PHE B 44 -33.83 9.05 -0.22
N PRO B 45 -33.36 7.89 0.21
CA PRO B 45 -31.91 7.61 0.07
C PRO B 45 -31.45 7.70 -1.36
N ILE B 46 -32.12 6.98 -2.26
CA ILE B 46 -31.68 6.97 -3.65
C ILE B 46 -31.82 8.35 -4.26
N LEU B 47 -32.92 9.03 -3.98
CA LEU B 47 -33.09 10.37 -4.52
C LEU B 47 -32.04 11.33 -3.98
N PHE B 48 -31.58 11.12 -2.75
CA PHE B 48 -30.60 12.03 -2.18
C PHE B 48 -29.18 11.73 -2.64
N ILE B 49 -28.89 10.46 -2.93
CA ILE B 49 -27.62 10.13 -3.58
C ILE B 49 -27.59 10.68 -5.00
N GLY B 50 -28.69 10.50 -5.74
CA GLY B 50 -28.74 11.01 -7.10
C GLY B 50 -28.76 12.52 -7.18
N TRP B 51 -29.30 13.19 -6.16
CA TRP B 51 -29.31 14.65 -6.16
C TRP B 51 -28.00 15.24 -5.62
N GLY B 52 -27.31 14.51 -4.75
CA GLY B 52 -26.05 14.98 -4.21
C GLY B 52 -24.90 14.93 -5.20
N SER B 63 -24.20 11.17 -20.58
CA SER B 63 -25.34 11.80 -21.23
C SER B 63 -26.01 10.87 -22.25
N THR B 64 -26.53 9.75 -21.75
CA THR B 64 -27.24 8.78 -22.58
C THR B 64 -28.63 8.53 -21.99
N TRP B 65 -29.66 8.72 -22.83
CA TRP B 65 -31.05 8.55 -22.42
C TRP B 65 -31.55 7.20 -22.92
N LEU B 66 -31.96 6.34 -21.98
CA LEU B 66 -32.52 5.04 -22.28
C LEU B 66 -34.03 5.09 -22.01
N HIS B 67 -34.83 4.75 -23.02
CA HIS B 67 -36.28 4.77 -22.89
C HIS B 67 -36.82 3.35 -22.85
N PHE B 68 -37.90 3.17 -22.11
CA PHE B 68 -38.51 1.87 -21.95
C PHE B 68 -39.91 1.86 -22.55
N PRO B 69 -40.38 0.72 -23.04
CA PRO B 69 -41.75 0.66 -23.56
C PRO B 69 -42.77 1.02 -22.49
N GLY B 70 -43.77 1.79 -22.90
CA GLY B 70 -44.78 2.27 -21.97
C GLY B 70 -44.43 3.56 -21.28
N HIS B 71 -43.30 4.18 -21.62
CA HIS B 71 -42.88 5.42 -20.99
C HIS B 71 -43.97 6.48 -21.13
N ASN B 72 -44.38 6.76 -22.36
CA ASN B 72 -45.42 7.77 -22.59
C ASN B 72 -46.74 7.36 -21.95
N LEU B 73 -47.08 6.08 -22.06
CA LEU B 73 -48.26 5.59 -21.35
C LEU B 73 -48.11 5.78 -19.85
N ARG B 74 -46.91 5.55 -19.32
CA ARG B 74 -46.70 5.73 -17.89
C ARG B 74 -46.95 7.18 -17.48
N TRP B 75 -46.42 8.12 -18.24
CA TRP B 75 -46.59 9.53 -17.88
C TRP B 75 -48.04 9.97 -18.04
N ILE B 76 -48.70 9.53 -19.10
CA ILE B 76 -50.12 9.84 -19.26
C ILE B 76 -50.91 9.33 -18.07
N LEU B 77 -50.70 8.06 -17.71
CA LEU B 77 -51.41 7.51 -16.57
C LEU B 77 -51.05 8.26 -15.29
N THR B 78 -49.82 8.73 -15.16
CA THR B 78 -49.44 9.45 -13.96
C THR B 78 -50.16 10.79 -13.87
N PHE B 79 -50.36 11.46 -15.00
CA PHE B 79 -51.14 12.69 -14.97
C PHE B 79 -52.60 12.41 -14.65
N ILE B 80 -53.13 11.29 -15.15
CA ILE B 80 -54.50 10.94 -14.79
C ILE B 80 -54.60 10.65 -13.29
N LEU B 81 -53.56 10.03 -12.72
CA LEU B 81 -53.52 9.83 -11.28
C LEU B 81 -53.51 11.14 -10.53
N LEU B 82 -52.70 12.09 -11.00
CA LEU B 82 -52.69 13.42 -10.42
C LEU B 82 -54.09 14.01 -10.36
N PHE B 83 -54.82 13.91 -11.48
CA PHE B 83 -56.18 14.45 -11.55
C PHE B 83 -57.10 13.76 -10.53
N VAL B 84 -57.11 12.42 -10.54
CA VAL B 84 -57.99 11.70 -9.64
C VAL B 84 -57.64 11.99 -8.18
N LEU B 85 -56.36 12.24 -7.89
CA LEU B 85 -55.96 12.55 -6.53
C LEU B 85 -56.47 13.93 -6.12
N VAL B 86 -56.45 14.88 -7.05
CA VAL B 86 -57.09 16.16 -6.78
C VAL B 86 -58.56 15.97 -6.43
N CYS B 87 -59.23 15.09 -7.16
CA CYS B 87 -60.65 14.83 -6.87
C CYS B 87 -60.83 14.22 -5.49
N GLU B 88 -59.93 13.31 -5.10
CA GLU B 88 -60.01 12.70 -3.78
C GLU B 88 -59.81 13.74 -2.68
N ILE B 89 -58.87 14.67 -2.88
CA ILE B 89 -58.70 15.75 -1.92
C ILE B 89 -59.96 16.59 -1.82
N ALA B 90 -60.63 16.82 -2.96
CA ALA B 90 -61.91 17.53 -2.92
C ALA B 90 -62.93 16.78 -2.07
N GLU B 91 -63.01 15.45 -2.24
CA GLU B 91 -63.92 14.67 -1.41
C GLU B 91 -63.58 14.80 0.06
N GLY B 92 -62.29 14.74 0.39
CA GLY B 92 -61.88 14.84 1.78
C GLY B 92 -62.20 16.20 2.39
N ILE B 93 -62.14 17.25 1.57
CA ILE B 93 -62.56 18.56 2.06
C ILE B 93 -64.06 18.58 2.29
N LEU B 94 -64.83 17.98 1.37
CA LEU B 94 -66.28 17.99 1.52
C LEU B 94 -66.72 17.23 2.77
N SER B 95 -66.04 16.13 3.07
CA SER B 95 -66.46 15.31 4.20
C SER B 95 -66.17 16.01 5.53
N ASP B 96 -64.93 16.45 5.73
CA ASP B 96 -64.51 17.04 6.99
C ASP B 96 -65.26 18.32 7.31
N HIS B 103 -61.53 15.11 10.99
CA HIS B 103 -61.20 13.76 10.55
C HIS B 103 -60.02 13.72 9.58
N LEU B 104 -58.80 13.85 10.11
CA LEU B 104 -57.60 13.85 9.27
C LEU B 104 -57.40 12.50 8.60
N HIS B 105 -57.46 11.42 9.37
CA HIS B 105 -57.20 10.07 8.91
C HIS B 105 -58.13 9.65 7.79
N LEU B 106 -59.19 10.39 7.50
CA LEU B 106 -60.12 10.03 6.46
C LEU B 106 -59.74 10.58 5.09
N TYR B 107 -58.99 11.69 5.03
CA TYR B 107 -58.52 12.19 3.75
C TYR B 107 -57.00 12.15 3.62
N MET B 108 -56.29 11.57 4.58
CA MET B 108 -54.85 11.43 4.36
C MET B 108 -54.44 10.55 3.18
N PRO B 109 -55.17 9.46 2.84
CA PRO B 109 -54.70 8.62 1.72
C PRO B 109 -54.44 9.37 0.42
N ALA B 110 -55.25 10.38 0.10
CA ALA B 110 -55.03 11.15 -1.12
C ALA B 110 -53.74 11.96 -1.03
N GLY B 111 -53.55 12.67 0.09
CA GLY B 111 -52.34 13.44 0.29
C GLY B 111 -51.09 12.59 0.28
N MET B 112 -51.21 11.30 0.62
CA MET B 112 -50.03 10.43 0.56
C MET B 112 -49.80 9.87 -0.85
N ALA B 113 -50.88 9.44 -1.52
CA ALA B 113 -50.71 8.97 -2.89
C ALA B 113 -50.19 10.09 -3.79
N PHE B 114 -50.47 11.35 -3.45
CA PHE B 114 -49.94 12.46 -4.23
C PHE B 114 -48.41 12.45 -4.23
N MET B 115 -47.82 12.46 -3.04
CA MET B 115 -46.38 12.40 -2.93
C MET B 115 -45.84 11.06 -3.45
N ALA B 116 -46.60 9.98 -3.31
CA ALA B 116 -46.13 8.70 -3.82
C ALA B 116 -46.04 8.70 -5.34
N ALA B 117 -47.03 9.30 -6.02
CA ALA B 117 -46.97 9.38 -7.48
C ALA B 117 -45.88 10.35 -7.93
N ILE B 118 -45.72 11.46 -7.23
CA ILE B 118 -44.62 12.35 -7.58
C ILE B 118 -43.28 11.66 -7.38
N THR B 119 -43.14 10.86 -6.33
CA THR B 119 -41.90 10.15 -6.12
C THR B 119 -41.73 9.00 -7.11
N SER B 120 -42.83 8.42 -7.59
CA SER B 120 -42.73 7.47 -8.67
C SER B 120 -42.22 8.15 -9.94
N VAL B 121 -42.67 9.37 -10.19
CA VAL B 121 -42.13 10.14 -11.30
C VAL B 121 -40.64 10.39 -11.09
N VAL B 122 -40.24 10.72 -9.87
CA VAL B 122 -38.81 10.97 -9.60
C VAL B 122 -38.01 9.71 -9.81
N TYR B 123 -38.54 8.57 -9.38
CA TYR B 123 -37.88 7.29 -9.64
C TYR B 123 -37.74 7.06 -11.13
N TYR B 124 -38.81 7.28 -11.89
CA TYR B 124 -38.72 6.98 -13.30
C TYR B 124 -37.79 7.92 -14.01
N HIS B 125 -37.67 9.16 -13.54
CA HIS B 125 -36.65 10.04 -14.10
C HIS B 125 -35.26 9.52 -13.79
N ASN B 126 -35.05 9.06 -12.55
CA ASN B 126 -33.75 8.51 -12.15
C ASN B 126 -33.41 7.23 -12.87
N ILE B 127 -34.42 6.50 -13.34
CA ILE B 127 -34.16 5.28 -14.11
C ILE B 127 -33.97 5.59 -15.58
N GLU B 128 -34.71 6.55 -16.14
CA GLU B 128 -34.45 6.96 -17.51
C GLU B 128 -33.04 7.50 -17.64
N THR B 129 -32.54 8.19 -16.61
CA THR B 129 -31.19 8.73 -16.72
C THR B 129 -30.13 7.64 -16.56
N SER B 130 -30.37 6.64 -15.73
CA SER B 130 -29.44 5.53 -15.57
C SER B 130 -30.25 4.27 -15.30
N ASN B 131 -30.04 3.25 -16.12
CA ASN B 131 -30.91 2.08 -16.07
C ASN B 131 -30.49 1.14 -14.95
N PHE B 132 -31.48 0.45 -14.38
CA PHE B 132 -31.28 -0.55 -13.36
C PHE B 132 -32.35 -1.61 -13.47
N PRO B 133 -32.08 -2.82 -13.03
CA PRO B 133 -33.15 -3.82 -12.93
C PRO B 133 -33.83 -3.79 -11.58
N LYS B 134 -33.21 -3.13 -10.60
CA LYS B 134 -33.72 -3.24 -9.25
C LYS B 134 -34.71 -2.13 -8.92
N LEU B 135 -34.43 -0.90 -9.34
CA LEU B 135 -35.35 0.18 -9.04
C LEU B 135 -36.74 -0.12 -9.58
N LEU B 136 -36.82 -0.76 -10.75
CA LEU B 136 -38.11 -1.14 -11.33
C LEU B 136 -38.87 -2.10 -10.43
N ILE B 137 -38.21 -3.14 -9.94
CA ILE B 137 -38.85 -4.02 -8.96
C ILE B 137 -39.29 -3.22 -7.75
N ALA B 138 -38.47 -2.25 -7.34
CA ALA B 138 -38.88 -1.38 -6.24
C ALA B 138 -40.18 -0.65 -6.55
N LEU B 139 -40.42 -0.31 -7.81
CA LEU B 139 -41.72 0.27 -8.10
C LEU B 139 -42.80 -0.80 -8.09
N LEU B 140 -42.47 -1.99 -8.61
CA LEU B 140 -43.51 -3.00 -8.81
C LEU B 140 -44.10 -3.45 -7.48
N ILE B 141 -43.25 -3.53 -6.44
CA ILE B 141 -43.74 -3.91 -5.12
C ILE B 141 -44.83 -2.94 -4.66
N TYR B 142 -44.54 -1.65 -4.76
CA TYR B 142 -45.49 -0.64 -4.33
C TYR B 142 -46.79 -0.71 -5.13
N TRP B 143 -46.69 -0.91 -6.44
CA TRP B 143 -47.90 -0.99 -7.23
C TRP B 143 -48.79 -2.15 -6.75
N THR B 144 -48.18 -3.33 -6.53
CA THR B 144 -48.98 -4.47 -6.09
C THR B 144 -49.67 -4.19 -4.75
N LEU B 145 -48.93 -3.60 -3.81
CA LEU B 145 -49.53 -3.38 -2.49
C LEU B 145 -50.65 -2.33 -2.56
N ALA B 146 -50.47 -1.28 -3.37
CA ALA B 146 -51.53 -0.29 -3.49
C ALA B 146 -52.77 -0.88 -4.14
N PHE B 147 -52.56 -1.78 -5.11
CA PHE B 147 -53.70 -2.46 -5.72
C PHE B 147 -54.46 -3.29 -4.70
N ILE B 148 -53.74 -3.99 -3.83
CA ILE B 148 -54.38 -4.79 -2.79
C ILE B 148 -55.24 -3.91 -1.89
N THR B 149 -54.67 -2.81 -1.40
CA THR B 149 -55.42 -1.94 -0.50
C THR B 149 -56.67 -1.38 -1.18
N LYS B 150 -56.55 -0.95 -2.44
CA LYS B 150 -57.70 -0.42 -3.14
C LYS B 150 -58.78 -1.49 -3.33
N THR B 151 -58.37 -2.74 -3.57
CA THR B 151 -59.33 -3.82 -3.70
C THR B 151 -60.11 -4.02 -2.40
N ILE B 152 -59.40 -3.99 -1.27
CA ILE B 152 -60.10 -4.14 0.01
C ILE B 152 -61.10 -3.00 0.20
N LYS B 153 -60.70 -1.77 -0.13
CA LYS B 153 -61.63 -0.66 -0.04
C LYS B 153 -62.87 -0.90 -0.88
N PHE B 154 -62.68 -1.36 -2.11
CA PHE B 154 -63.81 -1.58 -3.02
C PHE B 154 -64.76 -2.64 -2.48
N VAL B 155 -64.23 -3.73 -1.96
CA VAL B 155 -65.08 -4.79 -1.42
C VAL B 155 -65.91 -4.26 -0.26
N LYS B 156 -65.24 -3.62 0.71
CA LYS B 156 -65.96 -3.13 1.88
C LYS B 156 -66.98 -2.07 1.51
N PHE B 157 -66.74 -1.33 0.41
CA PHE B 157 -67.76 -0.39 -0.03
C PHE B 157 -68.93 -1.12 -0.69
N TYR B 158 -68.65 -2.14 -1.50
CA TYR B 158 -69.73 -2.88 -2.16
C TYR B 158 -70.66 -3.51 -1.15
N ASP B 159 -70.12 -4.01 -0.04
CA ASP B 159 -70.98 -4.61 0.98
C ASP B 159 -71.97 -3.60 1.55
N HIS B 160 -71.66 -2.31 1.49
CA HIS B 160 -72.57 -1.29 1.96
C HIS B 160 -73.34 -0.66 0.81
N LEU B 167 -70.26 9.16 -4.44
CA LEU B 167 -69.13 9.81 -5.10
C LEU B 167 -67.85 9.01 -4.90
N ARG B 168 -67.68 8.45 -3.70
CA ARG B 168 -66.47 7.70 -3.38
C ARG B 168 -66.26 6.55 -4.35
N PHE B 169 -67.36 5.91 -4.76
CA PHE B 169 -67.29 4.70 -5.57
C PHE B 169 -66.54 4.94 -6.88
N CYS B 170 -66.90 6.00 -7.58
CA CYS B 170 -66.31 6.27 -8.89
C CYS B 170 -64.82 6.59 -8.78
N LEU B 171 -64.44 7.43 -7.82
CA LEU B 171 -63.03 7.78 -7.66
C LEU B 171 -62.19 6.55 -7.31
N THR B 172 -62.67 5.74 -6.37
CA THR B 172 -61.92 4.54 -6.00
C THR B 172 -61.77 3.61 -7.20
N GLY B 173 -62.84 3.45 -7.99
CA GLY B 173 -62.73 2.59 -9.17
C GLY B 173 -61.73 3.11 -10.19
N LEU B 174 -61.75 4.42 -10.45
CA LEU B 174 -60.79 4.98 -11.40
C LEU B 174 -59.36 4.76 -10.92
N LEU B 175 -59.11 4.97 -9.63
CA LEU B 175 -57.77 4.70 -9.10
C LEU B 175 -57.38 3.25 -9.28
N VAL B 176 -58.32 2.33 -9.05
CA VAL B 176 -58.03 0.91 -9.22
C VAL B 176 -57.61 0.63 -10.65
N ILE B 177 -58.37 1.15 -11.61
CA ILE B 177 -58.06 0.89 -13.02
C ILE B 177 -56.69 1.45 -13.39
N LEU B 178 -56.39 2.67 -12.92
CA LEU B 178 -55.10 3.28 -13.27
C LEU B 178 -53.94 2.50 -12.67
N TYR B 179 -54.04 2.13 -11.40
CA TYR B 179 -52.96 1.35 -10.79
C TYR B 179 -52.78 0.01 -11.49
N GLY B 180 -53.89 -0.62 -11.89
CA GLY B 180 -53.77 -1.88 -12.62
C GLY B 180 -53.07 -1.71 -13.95
N MET B 181 -53.39 -0.66 -14.68
CA MET B 181 -52.74 -0.45 -15.97
C MET B 181 -51.25 -0.15 -15.78
N LEU B 182 -50.90 0.60 -14.73
CA LEU B 182 -49.47 0.84 -14.47
C LEU B 182 -48.75 -0.45 -14.08
N LEU B 183 -49.44 -1.33 -13.34
CA LEU B 183 -48.89 -2.65 -13.04
C LEU B 183 -48.61 -3.43 -14.31
N LEU B 184 -49.57 -3.42 -15.24
CA LEU B 184 -49.36 -4.12 -16.51
C LEU B 184 -48.19 -3.52 -17.28
N VAL B 185 -48.01 -2.21 -17.19
CA VAL B 185 -46.87 -1.57 -17.82
C VAL B 185 -45.57 -2.09 -17.22
N GLU B 186 -45.51 -2.19 -15.89
CA GLU B 186 -44.31 -2.72 -15.25
C GLU B 186 -44.06 -4.17 -15.64
N VAL B 187 -45.13 -4.96 -15.76
CA VAL B 187 -44.97 -6.35 -16.18
C VAL B 187 -44.44 -6.40 -17.61
N ASN B 188 -44.92 -5.49 -18.47
CA ASN B 188 -44.38 -5.41 -19.82
C ASN B 188 -42.89 -5.09 -19.78
N VAL B 189 -42.49 -4.17 -18.91
CA VAL B 189 -41.10 -3.76 -18.83
C VAL B 189 -40.20 -4.92 -18.40
N ILE B 190 -40.64 -5.70 -17.41
CA ILE B 190 -39.82 -6.85 -17.03
C ILE B 190 -39.85 -7.91 -18.13
N ARG B 191 -40.97 -8.04 -18.85
CA ARG B 191 -41.04 -8.97 -19.96
C ARG B 191 -40.10 -8.60 -21.07
N VAL B 192 -39.78 -7.32 -21.21
CA VAL B 192 -38.98 -6.85 -22.33
C VAL B 192 -37.51 -7.24 -22.16
N ARG B 193 -36.86 -6.69 -21.12
CA ARG B 193 -35.40 -6.76 -21.08
C ARG B 193 -34.84 -7.57 -19.92
N ARG B 194 -34.81 -7.06 -18.69
CA ARG B 194 -34.24 -7.92 -17.64
C ARG B 194 -34.65 -7.74 -16.18
N TYR B 195 -35.94 -7.83 -15.85
CA TYR B 195 -36.33 -7.70 -14.45
C TYR B 195 -35.77 -8.88 -13.64
N ILE B 196 -35.98 -10.09 -14.18
CA ILE B 196 -35.51 -11.34 -13.58
C ILE B 196 -35.21 -12.32 -14.71
N PHE B 197 -35.95 -12.13 -15.79
CA PHE B 197 -35.91 -12.95 -17.00
C PHE B 197 -34.51 -13.54 -17.17
N PHE B 198 -34.36 -14.47 -18.10
CA PHE B 198 -33.09 -15.18 -18.27
C PHE B 198 -31.88 -14.27 -18.46
N LYS B 199 -30.80 -14.68 -17.79
CA LYS B 199 -29.50 -14.01 -17.71
C LYS B 199 -29.31 -12.59 -18.27
N THR B 200 -29.02 -12.48 -19.56
CA THR B 200 -28.75 -11.17 -20.14
C THR B 200 -29.91 -10.45 -20.81
N PRO B 201 -30.06 -9.17 -20.46
CA PRO B 201 -31.11 -8.34 -21.04
C PRO B 201 -31.19 -8.35 -22.55
N ARG B 202 -30.04 -8.41 -23.23
CA ARG B 202 -30.02 -8.12 -24.65
C ARG B 202 -30.51 -6.68 -24.76
N GLU B 203 -30.00 -5.86 -23.85
CA GLU B 203 -30.41 -4.46 -23.71
C GLU B 203 -30.07 -3.66 -24.95
N VAL B 204 -30.86 -2.62 -25.20
CA VAL B 204 -30.90 -1.94 -26.47
C VAL B 204 -29.59 -1.30 -26.93
N LYS B 205 -28.84 -0.67 -26.04
CA LYS B 205 -27.66 0.04 -26.51
C LYS B 205 -28.05 1.47 -26.86
N PRO B 206 -28.14 2.34 -25.84
CA PRO B 206 -28.94 3.59 -25.93
C PRO B 206 -28.85 4.27 -27.28
N PRO B 207 -29.96 4.85 -27.73
CA PRO B 207 -30.09 5.29 -29.14
C PRO B 207 -29.03 6.32 -29.51
N GLU B 208 -28.25 6.01 -30.55
CA GLU B 208 -27.23 6.92 -31.03
C GLU B 208 -27.78 7.99 -31.96
N ASP B 209 -29.01 7.83 -32.45
CA ASP B 209 -29.58 8.82 -33.34
C ASP B 209 -29.60 10.20 -32.69
N LEU B 210 -30.15 10.29 -31.49
CA LEU B 210 -30.30 11.57 -30.80
C LEU B 210 -29.31 11.75 -29.66
N GLN B 211 -28.46 10.74 -29.39
CA GLN B 211 -27.53 10.83 -28.28
C GLN B 211 -26.06 10.74 -28.68
N ASP B 212 -25.74 10.18 -29.85
CA ASP B 212 -24.33 10.19 -30.23
C ASP B 212 -23.88 11.64 -30.51
N LEU B 213 -22.79 11.72 -31.29
CA LEU B 213 -21.83 12.81 -31.29
C LEU B 213 -22.44 14.20 -31.53
N GLY B 214 -22.00 15.21 -30.77
CA GLY B 214 -22.68 16.49 -30.54
C GLY B 214 -23.90 16.86 -31.36
N VAL B 215 -25.07 16.88 -30.69
CA VAL B 215 -26.34 17.39 -31.18
C VAL B 215 -26.97 18.23 -30.08
N ARG B 216 -27.66 19.30 -30.47
CA ARG B 216 -28.21 20.27 -29.52
C ARG B 216 -29.73 20.33 -29.50
N PHE B 217 -30.42 20.11 -30.52
CA PHE B 217 -31.88 20.06 -30.61
C PHE B 217 -32.34 18.63 -30.38
N LEU B 218 -32.56 18.29 -29.12
CA LEU B 218 -33.07 16.98 -28.71
C LEU B 218 -34.55 17.14 -28.35
N GLN B 219 -35.39 17.16 -29.36
CA GLN B 219 -36.82 17.12 -29.06
C GLN B 219 -37.34 15.70 -28.91
N PRO B 220 -37.05 14.77 -29.82
CA PRO B 220 -37.63 13.42 -29.71
C PRO B 220 -37.05 12.59 -28.57
N PHE B 221 -36.01 13.07 -27.87
CA PHE B 221 -35.30 12.23 -26.91
C PHE B 221 -35.33 12.79 -25.50
N VAL B 222 -36.50 13.20 -25.00
CA VAL B 222 -36.62 13.74 -23.65
C VAL B 222 -37.88 13.19 -22.99
N ASN B 223 -38.05 13.52 -21.71
CA ASN B 223 -39.18 13.04 -20.91
C ASN B 223 -40.48 13.63 -21.41
N LEU B 224 -41.51 12.79 -21.51
CA LEU B 224 -42.75 13.17 -22.18
C LEU B 224 -43.42 14.37 -21.48
N LEU B 225 -42.99 14.72 -20.28
CA LEU B 225 -43.42 15.98 -19.69
C LEU B 225 -42.71 17.16 -20.35
N SER B 226 -41.39 17.03 -20.55
CA SER B 226 -40.65 18.11 -21.19
C SER B 226 -40.99 18.20 -22.68
N LYS B 227 -41.34 17.08 -23.32
CA LYS B 227 -41.86 17.15 -24.68
C LYS B 227 -43.05 18.08 -24.77
N GLY B 228 -43.74 18.34 -23.66
CA GLY B 228 -44.85 19.27 -23.62
C GLY B 228 -44.45 20.65 -23.14
N THR B 229 -43.67 20.73 -22.06
CA THR B 229 -43.35 22.01 -21.44
C THR B 229 -41.98 22.57 -21.85
N TYR B 230 -41.28 21.89 -22.77
CA TYR B 230 -40.05 22.41 -23.36
C TYR B 230 -39.01 22.76 -22.30
N TRP B 231 -38.89 21.91 -21.29
CA TRP B 231 -37.97 22.20 -20.19
C TRP B 231 -36.51 22.11 -20.64
N TRP B 232 -36.23 21.32 -21.67
CA TRP B 232 -34.86 21.17 -22.15
C TRP B 232 -34.29 22.46 -22.72
N MET B 233 -35.14 23.46 -22.99
CA MET B 233 -34.68 24.74 -23.51
C MET B 233 -34.12 25.66 -22.44
N ASN B 234 -34.28 25.32 -21.15
CA ASN B 234 -33.75 26.18 -20.11
C ASN B 234 -32.23 26.31 -20.24
N ALA B 235 -31.55 25.19 -20.42
CA ALA B 235 -30.09 25.23 -20.54
C ALA B 235 -29.67 26.03 -21.76
N PHE B 236 -30.28 25.75 -22.92
CA PHE B 236 -29.92 26.47 -24.13
C PHE B 236 -30.10 27.97 -23.95
N ILE B 237 -31.26 28.39 -23.43
CA ILE B 237 -31.53 29.82 -23.36
C ILE B 237 -30.62 30.49 -22.32
N LYS B 238 -30.31 29.79 -21.22
CA LYS B 238 -29.41 30.39 -20.23
C LYS B 238 -28.01 30.54 -20.81
N THR B 239 -27.50 29.52 -21.50
CA THR B 239 -26.20 29.66 -22.14
C THR B 239 -26.23 30.74 -23.22
N ALA B 240 -27.35 30.86 -23.92
CA ALA B 240 -27.48 31.84 -24.99
C ALA B 240 -27.44 33.26 -24.45
N HIS B 241 -27.93 33.48 -23.23
CA HIS B 241 -27.88 34.82 -22.65
C HIS B 241 -26.45 35.36 -22.61
N LYS B 242 -25.48 34.50 -22.29
CA LYS B 242 -24.09 34.94 -22.12
C LYS B 242 -23.33 34.93 -23.45
N LYS B 243 -23.24 33.77 -24.09
CA LYS B 243 -22.41 33.60 -25.28
C LYS B 243 -23.26 33.70 -26.53
N PRO B 244 -22.82 34.46 -27.55
CA PRO B 244 -23.65 34.63 -28.76
C PRO B 244 -23.76 33.32 -29.54
N ILE B 245 -25.00 32.98 -29.90
CA ILE B 245 -25.27 31.74 -30.60
C ILE B 245 -24.72 31.79 -32.01
N ASP B 246 -24.31 30.64 -32.52
CA ASP B 246 -23.89 30.51 -33.91
C ASP B 246 -24.07 29.06 -34.33
N LEU B 247 -23.74 28.78 -35.58
CA LEU B 247 -23.90 27.42 -36.12
C LEU B 247 -22.95 26.44 -35.44
N ARG B 248 -21.82 26.92 -34.93
CA ARG B 248 -20.94 26.06 -34.12
C ARG B 248 -21.51 25.85 -32.73
N ALA B 249 -22.23 26.84 -32.19
CA ALA B 249 -22.91 26.70 -30.91
C ALA B 249 -24.27 26.05 -31.04
N ILE B 250 -24.76 25.85 -32.26
CA ILE B 250 -26.05 25.23 -32.51
C ILE B 250 -25.82 23.74 -32.75
N GLY B 251 -26.89 22.96 -32.63
CA GLY B 251 -26.82 21.53 -32.83
C GLY B 251 -26.84 21.13 -34.28
N LYS B 252 -27.13 19.85 -34.51
CA LYS B 252 -27.34 19.32 -35.84
C LYS B 252 -28.63 18.49 -35.81
N LEU B 253 -29.36 18.52 -36.92
CA LEU B 253 -30.71 17.95 -36.90
C LEU B 253 -30.65 16.44 -36.68
N PRO B 254 -31.60 15.88 -35.92
CA PRO B 254 -31.62 14.43 -35.70
C PRO B 254 -31.90 13.68 -37.00
N ILE B 255 -31.63 12.38 -36.95
CA ILE B 255 -31.92 11.50 -38.08
C ILE B 255 -33.42 11.45 -38.35
N ALA B 256 -34.25 11.84 -37.38
CA ALA B 256 -35.70 11.81 -37.56
C ALA B 256 -36.19 12.89 -38.52
N MET B 257 -35.37 13.90 -38.81
CA MET B 257 -35.80 15.01 -39.65
C MET B 257 -34.58 15.59 -40.35
N ARG B 258 -34.40 15.21 -41.61
CA ARG B 258 -33.32 15.73 -42.44
C ARG B 258 -33.91 15.99 -43.82
N ALA B 259 -33.02 16.34 -44.75
CA ALA B 259 -33.41 16.31 -46.16
C ALA B 259 -33.61 14.88 -46.63
N LEU B 260 -32.70 13.98 -46.23
CA LEU B 260 -32.75 12.61 -46.71
C LEU B 260 -33.96 11.86 -46.18
N THR B 261 -34.29 12.01 -44.89
CA THR B 261 -35.40 11.26 -44.31
C THR B 261 -36.73 11.66 -44.94
N ASN B 262 -37.02 12.96 -44.96
CA ASN B 262 -38.28 13.43 -45.53
C ASN B 262 -38.33 13.17 -47.03
N TYR B 263 -37.21 13.35 -47.73
CA TYR B 263 -37.17 13.01 -49.14
C TYR B 263 -37.45 11.54 -49.37
N GLN B 264 -36.93 10.68 -48.48
CA GLN B 264 -37.14 9.25 -48.62
C GLN B 264 -38.61 8.90 -48.45
N ARG B 265 -39.24 9.41 -47.39
CA ARG B 265 -40.65 9.12 -47.17
C ARG B 265 -41.51 9.65 -48.31
N LEU B 266 -41.23 10.88 -48.76
CA LEU B 266 -42.03 11.46 -49.83
C LEU B 266 -41.84 10.71 -51.14
N CYS B 267 -40.61 10.29 -51.46
CA CYS B 267 -40.41 9.57 -52.71
C CYS B 267 -40.99 8.17 -52.63
N VAL B 268 -41.01 7.55 -51.45
CA VAL B 268 -41.66 6.26 -51.29
C VAL B 268 -43.15 6.39 -51.54
N ALA B 269 -43.78 7.42 -50.97
CA ALA B 269 -45.21 7.62 -51.22
C ALA B 269 -45.49 7.94 -52.68
N PHE B 270 -44.67 8.82 -53.28
CA PHE B 270 -44.84 9.15 -54.69
C PHE B 270 -44.66 7.92 -55.57
N ASP B 271 -43.74 7.03 -55.20
CA ASP B 271 -43.51 5.80 -55.96
C ASP B 271 -44.71 4.87 -55.84
N ALA B 272 -45.20 4.65 -54.62
CA ALA B 272 -46.33 3.77 -54.42
C ALA B 272 -47.59 4.31 -55.08
N GLN B 273 -47.69 5.64 -55.26
CA GLN B 273 -48.84 6.22 -55.93
C GLN B 273 -48.70 6.25 -57.45
N ALA B 274 -47.48 6.43 -57.96
CA ALA B 274 -47.27 6.49 -59.40
C ALA B 274 -47.16 5.11 -60.04
N ARG B 275 -46.80 4.09 -59.27
CA ARG B 275 -46.81 2.73 -59.80
C ARG B 275 -48.22 2.24 -60.08
N LYS B 276 -49.24 2.90 -59.50
CA LYS B 276 -50.64 2.54 -59.72
C LYS B 276 -51.30 3.41 -60.78
N ASP B 277 -50.53 4.22 -61.50
CA ASP B 277 -51.08 5.04 -62.58
C ASP B 277 -51.56 4.19 -63.74
N GLY B 283 -49.41 14.31 -61.87
CA GLY B 283 -50.75 14.79 -61.58
C GLY B 283 -50.85 15.56 -60.29
N ALA B 284 -51.83 16.48 -60.21
CA ALA B 284 -51.98 17.30 -59.02
C ALA B 284 -52.56 16.51 -57.86
N ARG B 285 -53.71 15.85 -58.09
CA ARG B 285 -54.30 15.04 -57.04
C ARG B 285 -53.37 13.93 -56.60
N ALA B 286 -52.57 13.38 -57.51
CA ALA B 286 -51.63 12.32 -57.15
C ALA B 286 -50.57 12.82 -56.18
N ILE B 287 -49.93 13.94 -56.51
CA ILE B 287 -48.92 14.52 -55.62
C ILE B 287 -49.55 14.90 -54.29
N TRP B 288 -50.78 15.40 -54.33
CA TRP B 288 -51.46 15.76 -53.08
C TRP B 288 -51.63 14.55 -52.19
N ARG B 289 -52.29 13.50 -52.69
CA ARG B 289 -52.47 12.28 -51.90
C ARG B 289 -51.15 11.68 -51.48
N ALA B 290 -50.11 11.83 -52.30
CA ALA B 290 -48.79 11.33 -51.92
C ALA B 290 -48.27 12.05 -50.68
N LEU B 291 -48.32 13.39 -50.68
CA LEU B 291 -47.95 14.16 -49.49
C LEU B 291 -48.79 13.75 -48.29
N CYS B 292 -50.09 13.57 -48.51
CA CYS B 292 -50.99 13.23 -47.42
C CYS B 292 -50.59 11.91 -46.77
N HIS B 293 -50.47 10.85 -47.58
CA HIS B 293 -50.09 9.54 -47.06
C HIS B 293 -48.66 9.52 -46.54
N ALA B 294 -47.82 10.44 -47.00
CA ALA B 294 -46.43 10.46 -46.56
C ALA B 294 -46.28 11.12 -45.20
N PHE B 295 -47.07 12.15 -44.91
CA PHE B 295 -46.93 12.86 -43.64
C PHE B 295 -47.95 12.44 -42.61
N GLY B 296 -49.01 11.73 -42.99
CA GLY B 296 -49.73 10.83 -42.11
C GLY B 296 -49.99 11.23 -40.67
N ARG B 297 -49.44 10.42 -39.77
CA ARG B 297 -49.94 10.36 -38.39
C ARG B 297 -49.68 11.66 -37.63
N ARG B 298 -48.57 12.33 -37.91
CA ARG B 298 -48.20 13.52 -37.15
C ARG B 298 -49.26 14.61 -37.28
N LEU B 299 -49.75 14.83 -38.49
CA LEU B 299 -50.70 15.92 -38.73
C LEU B 299 -52.01 15.67 -38.00
N ILE B 300 -52.53 14.44 -38.08
CA ILE B 300 -53.79 14.13 -37.41
C ILE B 300 -53.62 14.14 -35.90
N LEU B 301 -52.45 13.73 -35.41
CA LEU B 301 -52.15 13.82 -33.99
C LEU B 301 -52.22 15.27 -33.51
N SER B 302 -51.58 16.17 -34.24
CA SER B 302 -51.66 17.58 -33.92
C SER B 302 -53.11 18.06 -33.95
N SER B 303 -53.87 17.64 -34.96
CA SER B 303 -55.24 18.09 -35.09
C SER B 303 -56.10 17.64 -33.91
N THR B 304 -55.88 16.42 -33.41
CA THR B 304 -56.71 15.94 -32.32
C THR B 304 -56.30 16.56 -30.99
N PHE B 305 -54.99 16.76 -30.77
CA PHE B 305 -54.55 17.62 -29.67
C PHE B 305 -55.32 18.94 -29.71
N ARG B 306 -55.40 19.53 -30.89
CA ARG B 306 -56.01 20.85 -31.06
C ARG B 306 -57.50 20.83 -30.71
N ILE B 307 -58.23 19.80 -31.18
CA ILE B 307 -59.66 19.78 -30.92
C ILE B 307 -59.94 19.54 -29.44
N LEU B 308 -59.14 18.69 -28.77
CA LEU B 308 -59.35 18.49 -27.34
C LEU B 308 -59.09 19.79 -26.57
N ALA B 309 -58.04 20.52 -26.95
CA ALA B 309 -57.78 21.81 -26.33
C ALA B 309 -58.94 22.77 -26.54
N ASP B 310 -59.50 22.78 -27.76
CA ASP B 310 -60.63 23.65 -28.04
C ASP B 310 -61.84 23.31 -27.16
N LEU B 311 -62.08 22.02 -26.96
CA LEU B 311 -63.17 21.60 -26.08
C LEU B 311 -62.97 22.13 -24.66
N LEU B 312 -61.79 21.92 -24.09
CA LEU B 312 -61.55 22.38 -22.72
C LEU B 312 -61.63 23.89 -22.62
N GLY B 313 -61.21 24.61 -23.67
CA GLY B 313 -61.32 26.06 -23.67
C GLY B 313 -62.76 26.53 -23.68
N PHE B 314 -63.60 25.87 -24.47
CA PHE B 314 -65.04 26.15 -24.37
C PHE B 314 -65.60 25.74 -23.02
N ALA B 315 -64.93 24.82 -22.31
CA ALA B 315 -65.43 24.37 -21.01
C ALA B 315 -65.15 25.34 -19.88
N GLY B 316 -64.02 26.04 -19.91
CA GLY B 316 -63.66 26.94 -18.82
C GLY B 316 -64.74 27.90 -18.32
N PRO B 317 -65.28 28.72 -19.22
CA PRO B 317 -66.30 29.70 -18.81
C PRO B 317 -67.52 29.09 -18.14
N LEU B 318 -67.86 27.83 -18.43
CA LEU B 318 -69.03 27.23 -17.78
C LEU B 318 -68.79 27.00 -16.30
N CYS B 319 -67.58 26.58 -15.92
CA CYS B 319 -67.27 26.44 -14.51
C CYS B 319 -67.15 27.81 -13.85
N ILE B 320 -66.69 28.81 -14.60
CA ILE B 320 -66.81 30.19 -14.10
C ILE B 320 -68.27 30.49 -13.74
N PHE B 321 -69.18 30.21 -14.67
CA PHE B 321 -70.61 30.43 -14.48
C PHE B 321 -71.12 29.71 -13.24
N GLY B 322 -70.72 28.44 -13.08
CA GLY B 322 -71.14 27.67 -11.92
C GLY B 322 -70.68 28.29 -10.61
N ILE B 323 -69.41 28.73 -10.56
CA ILE B 323 -68.92 29.41 -9.35
C ILE B 323 -69.75 30.64 -9.07
N VAL B 324 -69.98 31.47 -10.09
CA VAL B 324 -70.73 32.70 -9.88
C VAL B 324 -72.13 32.40 -9.36
N ASP B 325 -72.74 31.32 -9.84
CA ASP B 325 -74.06 30.94 -9.35
C ASP B 325 -74.00 30.52 -7.89
N HIS B 326 -73.02 29.68 -7.54
CA HIS B 326 -72.99 29.10 -6.20
C HIS B 326 -72.86 30.17 -5.12
N LEU B 327 -72.03 31.17 -5.35
CA LEU B 327 -71.79 32.18 -4.31
C LEU B 327 -73.00 33.11 -4.15
N GLY B 328 -73.71 33.40 -5.23
CA GLY B 328 -74.89 34.25 -5.14
C GLY B 328 -76.03 33.63 -4.36
N LYS B 329 -76.06 32.32 -4.27
CA LYS B 329 -77.16 31.62 -3.61
C LYS B 329 -76.65 30.82 -2.41
N ASN B 354 -68.92 24.08 -2.73
CA ASN B 354 -68.91 23.45 -4.04
C ASN B 354 -68.23 24.37 -5.04
N ALA B 355 -67.49 25.36 -4.53
CA ALA B 355 -66.86 26.35 -5.39
C ALA B 355 -65.33 26.28 -5.40
N TYR B 356 -64.70 25.94 -4.27
CA TYR B 356 -63.26 25.73 -4.28
C TYR B 356 -62.87 24.62 -5.25
N VAL B 357 -63.69 23.55 -5.29
CA VAL B 357 -63.47 22.46 -6.23
C VAL B 357 -63.51 22.98 -7.66
N LEU B 358 -64.49 23.82 -7.97
CA LEU B 358 -64.59 24.39 -9.31
C LEU B 358 -63.41 25.28 -9.62
N ALA B 359 -62.88 25.99 -8.61
CA ALA B 359 -61.73 26.85 -8.84
C ALA B 359 -60.49 26.03 -9.19
N VAL B 360 -60.20 24.99 -8.41
CA VAL B 360 -59.02 24.18 -8.72
C VAL B 360 -59.21 23.43 -10.03
N LEU B 361 -60.44 23.02 -10.34
CA LEU B 361 -60.71 22.39 -11.62
C LEU B 361 -60.46 23.37 -12.77
N LEU B 362 -60.84 24.63 -12.57
CA LEU B 362 -60.58 25.66 -13.57
C LEU B 362 -59.08 25.83 -13.79
N PHE B 363 -58.32 25.86 -12.69
CA PHE B 363 -56.85 25.94 -12.80
C PHE B 363 -56.31 24.78 -13.63
N LEU B 364 -56.69 23.55 -13.28
CA LEU B 364 -56.20 22.38 -13.98
C LEU B 364 -56.59 22.41 -15.45
N ALA B 365 -57.85 22.76 -15.74
CA ALA B 365 -58.34 22.75 -17.11
C ALA B 365 -57.63 23.81 -17.95
N LEU B 366 -57.39 24.99 -17.37
CA LEU B 366 -56.65 26.02 -18.08
C LEU B 366 -55.25 25.51 -18.46
N LEU B 367 -54.50 25.02 -17.46
CA LEU B 367 -53.14 24.60 -17.75
C LEU B 367 -53.11 23.47 -18.79
N LEU B 368 -54.02 22.50 -18.66
CA LEU B 368 -54.03 21.36 -19.59
C LEU B 368 -54.42 21.79 -21.00
N GLN B 369 -55.48 22.60 -21.12
CA GLN B 369 -55.92 23.09 -22.41
C GLN B 369 -54.79 23.83 -23.13
N ARG B 370 -54.14 24.75 -22.43
CA ARG B 370 -53.10 25.54 -23.08
C ARG B 370 -51.89 24.68 -23.43
N THR B 371 -51.54 23.73 -22.56
CA THR B 371 -50.43 22.83 -22.88
C THR B 371 -50.72 22.02 -24.15
N PHE B 372 -51.94 21.50 -24.27
CA PHE B 372 -52.31 20.73 -25.45
C PHE B 372 -52.31 21.60 -26.70
N LEU B 373 -52.81 22.84 -26.57
CA LEU B 373 -52.78 23.78 -27.68
C LEU B 373 -51.35 23.98 -28.18
N GLN B 374 -50.41 24.18 -27.24
CA GLN B 374 -49.03 24.46 -27.64
C GLN B 374 -48.36 23.24 -28.27
N ALA B 375 -48.58 22.06 -27.69
CA ALA B 375 -48.06 20.85 -28.30
C ALA B 375 -48.60 20.68 -29.71
N SER B 376 -49.88 21.02 -29.91
CA SER B 376 -50.48 20.96 -31.24
C SER B 376 -49.75 21.88 -32.21
N TYR B 377 -49.58 23.16 -31.82
CA TYR B 377 -48.85 24.10 -32.65
C TYR B 377 -47.49 23.52 -33.06
N TYR B 378 -46.73 23.02 -32.08
CA TYR B 378 -45.38 22.59 -32.38
C TYR B 378 -45.36 21.40 -33.33
N VAL B 379 -46.22 20.41 -33.09
CA VAL B 379 -46.22 19.24 -33.95
C VAL B 379 -46.58 19.63 -35.37
N ALA B 380 -47.55 20.53 -35.53
CA ALA B 380 -47.89 21.01 -36.87
C ALA B 380 -46.72 21.73 -37.53
N ILE B 381 -46.03 22.60 -36.78
CA ILE B 381 -44.91 23.34 -37.33
C ILE B 381 -43.81 22.39 -37.79
N GLU B 382 -43.57 21.35 -37.00
CA GLU B 382 -42.50 20.43 -37.35
C GLU B 382 -42.85 19.61 -38.59
N THR B 383 -44.11 19.17 -38.69
CA THR B 383 -44.55 18.50 -39.92
C THR B 383 -44.38 19.42 -41.12
N GLY B 384 -44.71 20.70 -40.96
CA GLY B 384 -44.54 21.64 -42.06
C GLY B 384 -43.08 21.82 -42.46
N ILE B 385 -42.18 21.90 -41.47
CA ILE B 385 -40.77 22.06 -41.79
C ILE B 385 -40.23 20.82 -42.51
N ASN B 386 -40.64 19.64 -42.05
CA ASN B 386 -40.32 18.42 -42.77
C ASN B 386 -40.77 18.52 -44.22
N LEU B 387 -42.03 18.93 -44.44
CA LEU B 387 -42.57 18.98 -45.79
C LEU B 387 -41.79 19.96 -46.66
N ARG B 388 -41.41 21.11 -46.09
CA ARG B 388 -40.65 22.09 -46.86
C ARG B 388 -39.31 21.51 -47.30
N GLY B 389 -38.56 20.94 -46.35
CA GLY B 389 -37.30 20.32 -46.71
C GLY B 389 -37.46 19.25 -47.78
N ALA B 390 -38.50 18.42 -47.64
CA ALA B 390 -38.72 17.32 -48.56
C ALA B 390 -38.99 17.82 -49.97
N ILE B 391 -40.00 18.68 -50.13
CA ILE B 391 -40.35 19.11 -51.47
C ILE B 391 -39.26 20.00 -52.07
N GLN B 392 -38.48 20.68 -51.22
CA GLN B 392 -37.37 21.48 -51.75
C GLN B 392 -36.29 20.59 -52.35
N THR B 393 -35.83 19.58 -51.60
CA THR B 393 -34.83 18.69 -52.17
C THR B 393 -35.40 17.89 -53.34
N LYS B 394 -36.72 17.65 -53.36
CA LYS B 394 -37.31 16.94 -54.48
C LYS B 394 -37.27 17.78 -55.75
N ILE B 395 -37.71 19.04 -55.66
CA ILE B 395 -37.68 19.89 -56.85
C ILE B 395 -36.24 20.25 -57.23
N TYR B 396 -35.29 20.11 -56.30
CA TYR B 396 -33.90 20.24 -56.72
C TYR B 396 -33.42 18.99 -57.45
N ASN B 397 -33.88 17.82 -57.02
CA ASN B 397 -33.57 16.58 -57.75
C ASN B 397 -34.14 16.64 -59.16
N LYS B 398 -35.32 17.24 -59.31
CA LYS B 398 -35.91 17.42 -60.64
C LYS B 398 -35.13 18.41 -61.47
N ILE B 399 -34.46 19.37 -60.84
CA ILE B 399 -33.69 20.38 -61.56
C ILE B 399 -32.52 19.76 -62.31
N MET B 400 -32.13 18.54 -61.94
CA MET B 400 -30.99 17.90 -62.58
C MET B 400 -31.35 17.25 -63.91
N HIS B 401 -32.59 16.74 -64.04
CA HIS B 401 -32.97 15.97 -65.21
C HIS B 401 -33.73 16.78 -66.26
N LEU B 402 -33.95 18.07 -66.02
CA LEU B 402 -34.73 18.86 -66.94
C LEU B 402 -33.92 19.20 -68.19
N SER B 403 -34.63 19.58 -69.25
CA SER B 403 -34.03 19.86 -70.54
C SER B 403 -33.72 21.34 -70.68
N THR B 404 -32.79 21.65 -71.58
CA THR B 404 -32.30 23.02 -71.73
C THR B 404 -33.29 23.94 -72.45
N SER B 405 -34.19 23.37 -73.26
CA SER B 405 -35.14 24.20 -74.00
C SER B 405 -36.16 24.88 -73.10
N ASN B 406 -36.40 24.35 -71.91
CA ASN B 406 -37.39 24.91 -71.00
C ASN B 406 -36.76 25.90 -70.03
N GLU B 411 -34.29 31.95 -68.62
CA GLU B 411 -34.44 33.30 -68.08
C GLU B 411 -35.74 33.43 -67.29
N MET B 412 -36.87 33.32 -68.00
CA MET B 412 -38.16 33.38 -67.34
C MET B 412 -38.41 32.12 -66.52
N THR B 413 -38.00 30.96 -67.04
CA THR B 413 -38.14 29.72 -66.28
C THR B 413 -37.27 29.71 -65.04
N ALA B 414 -36.10 30.37 -65.09
CA ALA B 414 -35.25 30.44 -63.90
C ALA B 414 -35.88 31.30 -62.82
N GLY B 415 -36.41 32.46 -63.19
CA GLY B 415 -37.13 33.28 -62.23
C GLY B 415 -38.35 32.58 -61.67
N GLN B 416 -39.08 31.85 -62.53
CA GLN B 416 -40.22 31.08 -62.06
C GLN B 416 -39.80 29.96 -61.12
N ILE B 417 -38.62 29.36 -61.36
CA ILE B 417 -38.12 28.31 -60.47
C ILE B 417 -37.78 28.90 -59.12
N CYS B 418 -37.07 30.02 -59.09
CA CYS B 418 -36.65 30.61 -57.82
C CYS B 418 -37.81 31.26 -57.07
N ASN B 419 -38.87 31.67 -57.78
CA ASN B 419 -40.10 32.01 -57.07
C ASN B 419 -40.82 30.76 -56.59
N LEU B 420 -40.68 29.66 -57.32
CA LEU B 420 -41.26 28.40 -56.88
C LEU B 420 -40.63 27.89 -55.60
N VAL B 421 -39.47 28.43 -55.22
CA VAL B 421 -38.83 28.08 -53.96
C VAL B 421 -38.98 29.17 -52.92
N ALA B 422 -39.11 30.43 -53.32
CA ALA B 422 -39.13 31.55 -52.38
C ALA B 422 -40.52 31.91 -51.89
N ILE B 423 -41.56 31.75 -52.73
CA ILE B 423 -42.92 32.09 -52.34
C ILE B 423 -43.84 30.88 -52.38
N ASP B 424 -43.72 30.02 -53.39
CA ASP B 424 -44.62 28.87 -53.50
C ASP B 424 -44.39 27.87 -52.37
N THR B 425 -43.13 27.55 -52.08
CA THR B 425 -42.82 26.60 -51.02
C THR B 425 -43.18 27.17 -49.65
N ASN B 426 -42.94 28.46 -49.44
CA ASN B 426 -43.35 29.08 -48.18
C ASN B 426 -44.87 29.07 -48.03
N GLN B 427 -45.60 29.29 -49.13
CA GLN B 427 -47.05 29.18 -49.08
C GLN B 427 -47.48 27.77 -48.69
N LEU B 428 -46.89 26.77 -49.35
CA LEU B 428 -47.20 25.38 -49.01
C LEU B 428 -46.96 25.11 -47.53
N MET B 429 -45.79 25.52 -47.02
CA MET B 429 -45.45 25.19 -45.64
C MET B 429 -46.32 25.94 -44.64
N TRP B 430 -46.66 27.20 -44.91
CA TRP B 430 -47.52 27.92 -43.99
C TRP B 430 -48.95 27.41 -44.04
N PHE B 431 -49.39 26.94 -45.21
CA PHE B 431 -50.67 26.25 -45.28
C PHE B 431 -50.64 24.96 -44.47
N PHE B 432 -49.51 24.27 -44.46
CA PHE B 432 -49.43 23.07 -43.63
C PHE B 432 -49.37 23.43 -42.15
N PHE B 433 -48.82 24.60 -41.81
CA PHE B 433 -48.99 25.13 -40.46
C PHE B 433 -50.47 25.24 -40.11
N LEU B 434 -51.24 25.90 -40.97
CA LEU B 434 -52.63 26.22 -40.67
C LEU B 434 -53.61 25.08 -40.96
N CYS B 435 -53.14 23.95 -41.48
CA CYS B 435 -54.04 22.81 -41.76
C CYS B 435 -54.88 22.39 -40.56
N PRO B 436 -54.31 22.09 -39.38
CA PRO B 436 -55.17 21.63 -38.26
C PRO B 436 -56.14 22.69 -37.77
N ASN B 437 -55.79 23.97 -37.91
CA ASN B 437 -56.72 25.02 -37.56
C ASN B 437 -57.99 24.97 -38.41
N LEU B 438 -57.85 24.57 -39.69
CA LEU B 438 -59.01 24.48 -40.57
C LEU B 438 -59.96 23.37 -40.13
N TRP B 439 -59.44 22.31 -39.51
CA TRP B 439 -60.30 21.27 -38.98
C TRP B 439 -60.88 21.65 -37.62
N ALA B 440 -60.13 22.39 -36.81
CA ALA B 440 -60.57 22.69 -35.45
C ALA B 440 -61.45 23.94 -35.35
N MET B 441 -61.49 24.78 -36.39
CA MET B 441 -62.33 25.98 -36.31
C MET B 441 -63.82 25.67 -36.30
N PRO B 442 -64.36 24.83 -37.20
CA PRO B 442 -65.82 24.62 -37.20
C PRO B 442 -66.35 24.06 -35.90
N VAL B 443 -65.68 23.08 -35.31
CA VAL B 443 -66.14 22.53 -34.04
C VAL B 443 -66.11 23.60 -32.97
N GLN B 444 -65.14 24.51 -33.03
CA GLN B 444 -65.05 25.58 -32.04
C GLN B 444 -66.25 26.52 -32.15
N ILE B 445 -66.58 26.98 -33.36
CA ILE B 445 -67.71 27.90 -33.49
C ILE B 445 -69.03 27.20 -33.17
N ILE B 446 -69.14 25.91 -33.51
CA ILE B 446 -70.37 25.17 -33.23
C ILE B 446 -70.58 25.01 -31.73
N VAL B 447 -69.56 24.55 -31.01
CA VAL B 447 -69.66 24.43 -29.55
C VAL B 447 -69.93 25.79 -28.92
N GLY B 448 -69.30 26.84 -29.44
CA GLY B 448 -69.54 28.17 -28.90
C GLY B 448 -70.99 28.59 -29.04
N VAL B 449 -71.57 28.43 -30.24
CA VAL B 449 -72.94 28.88 -30.44
C VAL B 449 -73.92 28.05 -29.62
N ILE B 450 -73.72 26.72 -29.57
CA ILE B 450 -74.66 25.89 -28.82
C ILE B 450 -74.55 26.17 -27.33
N LEU B 451 -73.34 26.46 -26.84
CA LEU B 451 -73.19 26.75 -25.42
C LEU B 451 -73.83 28.09 -25.07
N LEU B 452 -73.60 29.12 -25.88
CA LEU B 452 -74.17 30.42 -25.55
C LEU B 452 -75.68 30.41 -25.69
N TYR B 453 -76.23 29.56 -26.57
CA TYR B 453 -77.69 29.47 -26.67
C TYR B 453 -78.31 28.98 -25.37
N TYR B 454 -77.70 27.97 -24.73
CA TYR B 454 -78.28 27.41 -23.52
C TYR B 454 -78.06 28.28 -22.30
N ILE B 455 -77.28 29.35 -22.41
CA ILE B 455 -77.05 30.26 -21.31
C ILE B 455 -77.91 31.52 -21.42
N LEU B 456 -78.14 32.00 -22.64
CA LEU B 456 -78.91 33.22 -22.85
C LEU B 456 -80.22 32.99 -23.59
N GLY B 457 -80.50 31.78 -24.05
CA GLY B 457 -81.75 31.53 -24.73
C GLY B 457 -81.77 32.06 -26.16
N VAL B 458 -82.99 32.35 -26.64
CA VAL B 458 -83.19 32.77 -28.03
C VAL B 458 -82.36 34.01 -28.35
N SER B 459 -82.32 34.97 -27.42
CA SER B 459 -81.53 36.18 -27.63
C SER B 459 -80.08 35.85 -28.00
N ALA B 460 -79.52 34.83 -27.35
CA ALA B 460 -78.15 34.41 -27.65
C ALA B 460 -77.96 34.22 -29.15
N LEU B 461 -78.89 33.51 -29.79
CA LEU B 461 -78.82 33.28 -31.23
C LEU B 461 -78.55 34.58 -31.98
N ILE B 462 -79.32 35.62 -31.68
CA ILE B 462 -79.13 36.91 -32.36
C ILE B 462 -77.68 37.36 -32.21
N GLY B 463 -77.18 37.40 -30.98
CA GLY B 463 -75.79 37.75 -30.76
C GLY B 463 -74.85 36.82 -31.52
N ALA B 464 -75.13 35.52 -31.49
CA ALA B 464 -74.30 34.54 -32.18
C ALA B 464 -74.22 34.81 -33.67
N ALA B 465 -75.20 35.54 -34.23
CA ALA B 465 -75.11 35.91 -35.63
C ALA B 465 -74.08 37.02 -35.82
N VAL B 466 -74.17 38.08 -35.01
CA VAL B 466 -73.39 39.30 -35.26
C VAL B 466 -71.90 38.98 -35.32
N ILE B 467 -71.39 38.33 -34.27
CA ILE B 467 -69.97 37.96 -34.24
C ILE B 467 -69.61 37.14 -35.48
N ILE B 468 -70.43 36.15 -35.82
CA ILE B 468 -70.12 35.31 -36.98
C ILE B 468 -70.07 36.17 -38.24
N LEU B 469 -70.93 37.18 -38.32
CA LEU B 469 -70.97 38.04 -39.49
C LEU B 469 -69.67 38.81 -39.69
N LEU B 470 -68.84 38.92 -38.66
CA LEU B 470 -67.56 39.60 -38.83
C LEU B 470 -66.57 38.76 -39.62
N ALA B 471 -66.73 37.42 -39.60
CA ALA B 471 -65.73 36.57 -40.23
C ALA B 471 -65.71 36.71 -41.75
N PRO B 472 -66.83 36.63 -42.47
CA PRO B 472 -66.75 36.88 -43.92
C PRO B 472 -66.31 38.29 -44.26
N VAL B 473 -66.88 39.29 -43.58
CA VAL B 473 -66.51 40.69 -43.84
C VAL B 473 -65.01 40.87 -43.76
N GLN B 474 -64.41 40.38 -42.67
CA GLN B 474 -62.95 40.41 -42.54
C GLN B 474 -62.27 39.94 -43.82
N TYR B 475 -62.65 38.76 -44.30
CA TYR B 475 -62.06 38.24 -45.53
C TYR B 475 -62.12 39.28 -46.64
N PHE B 476 -63.31 39.82 -46.89
CA PHE B 476 -63.46 40.86 -47.91
C PHE B 476 -62.43 41.96 -47.69
N VAL B 477 -62.38 42.51 -46.48
CA VAL B 477 -61.41 43.55 -46.16
C VAL B 477 -60.01 43.12 -46.58
N ALA B 478 -59.61 41.91 -46.15
CA ALA B 478 -58.29 41.41 -46.48
C ALA B 478 -58.04 41.48 -47.97
N THR B 479 -58.99 41.00 -48.77
CA THR B 479 -58.81 41.00 -50.22
C THR B 479 -58.49 42.41 -50.72
N LYS B 480 -59.26 43.40 -50.26
CA LYS B 480 -59.02 44.78 -50.68
C LYS B 480 -57.57 45.15 -50.41
N LEU B 481 -57.11 44.89 -49.18
CA LEU B 481 -55.71 45.12 -48.83
C LEU B 481 -54.79 44.59 -49.92
N SER B 482 -54.92 43.30 -50.24
CA SER B 482 -54.08 42.67 -51.25
C SER B 482 -54.05 43.50 -52.51
N GLN B 483 -55.24 43.82 -53.05
CA GLN B 483 -55.31 44.63 -54.26
C GLN B 483 -54.47 45.89 -54.11
N ALA B 484 -54.75 46.67 -53.05
CA ALA B 484 -54.00 47.89 -52.80
C ALA B 484 -52.50 47.59 -52.81
N GLN B 485 -52.09 46.56 -52.06
CA GLN B 485 -50.68 46.19 -51.99
C GLN B 485 -50.08 46.12 -53.39
N ARG B 486 -50.71 45.33 -54.27
CA ARG B 486 -50.21 45.17 -55.63
C ARG B 486 -49.89 46.53 -56.24
N SER B 487 -50.91 47.40 -56.32
CA SER B 487 -50.72 48.71 -56.92
C SER B 487 -49.51 49.41 -56.31
N THR B 488 -49.49 49.50 -54.98
CA THR B 488 -48.40 50.20 -54.30
C THR B 488 -47.06 49.64 -54.74
N LEU B 489 -46.93 48.31 -54.72
CA LEU B 489 -45.67 47.68 -55.06
C LEU B 489 -45.16 48.19 -56.40
N GLU B 490 -46.06 48.24 -57.40
CA GLU B 490 -45.69 48.73 -58.71
C GLU B 490 -44.96 50.06 -58.61
N HIS B 491 -45.64 51.06 -58.03
CA HIS B 491 -45.04 52.39 -57.89
C HIS B 491 -43.68 52.28 -57.22
N SER B 492 -43.61 51.55 -56.11
CA SER B 492 -42.37 51.43 -55.37
C SER B 492 -41.24 51.01 -56.28
N ASN B 493 -41.48 49.95 -57.07
CA ASN B 493 -40.43 49.44 -57.95
C ASN B 493 -39.90 50.54 -58.84
N GLU B 494 -40.81 51.28 -59.48
CA GLU B 494 -40.37 52.34 -60.38
C GLU B 494 -39.48 53.34 -59.66
N ARG B 495 -39.86 53.73 -58.43
CA ARG B 495 -39.06 54.66 -57.67
C ARG B 495 -37.62 54.16 -57.56
N LEU B 496 -37.46 52.89 -57.20
CA LEU B 496 -36.13 52.32 -57.04
C LEU B 496 -35.30 52.53 -58.30
N LYS B 497 -35.90 52.31 -59.46
CA LYS B 497 -35.18 52.53 -60.72
C LYS B 497 -34.66 53.96 -60.78
N GLN B 498 -35.54 54.94 -60.57
CA GLN B 498 -35.14 56.33 -60.65
C GLN B 498 -34.12 56.71 -59.57
N THR B 499 -33.89 55.84 -58.60
CA THR B 499 -32.82 56.06 -57.63
C THR B 499 -31.50 55.46 -58.08
N ASN B 500 -31.55 54.26 -58.69
CA ASN B 500 -30.34 53.54 -59.02
C ASN B 500 -29.43 54.35 -59.94
N GLU B 501 -30.00 55.20 -60.77
CA GLU B 501 -29.21 56.07 -61.62
C GLU B 501 -28.46 57.11 -60.79
N MET B 502 -29.18 57.81 -59.91
CA MET B 502 -28.58 58.92 -59.16
C MET B 502 -27.43 58.43 -58.29
N LEU B 503 -27.58 57.28 -57.65
CA LEU B 503 -26.55 56.73 -56.81
C LEU B 503 -25.45 56.01 -57.59
N ARG B 504 -25.40 56.17 -58.91
CA ARG B 504 -24.28 55.68 -59.70
C ARG B 504 -23.57 56.78 -60.47
N GLY B 505 -24.30 57.71 -61.06
CA GLY B 505 -23.69 58.85 -61.71
C GLY B 505 -23.42 59.96 -60.72
N MET B 506 -22.92 59.59 -59.55
CA MET B 506 -22.74 60.54 -58.46
C MET B 506 -21.83 61.70 -58.86
N LYS B 507 -20.60 61.40 -59.30
CA LYS B 507 -19.70 62.45 -59.72
C LYS B 507 -20.24 63.20 -60.92
N LEU B 508 -20.78 62.47 -61.91
CA LEU B 508 -21.43 63.13 -63.03
C LEU B 508 -22.54 64.06 -62.56
N LEU B 509 -23.38 63.57 -61.65
CA LEU B 509 -24.51 64.36 -61.17
C LEU B 509 -24.04 65.65 -60.51
N LYS B 510 -23.12 65.53 -59.56
CA LYS B 510 -22.68 66.70 -58.80
C LYS B 510 -21.69 67.57 -59.56
N LEU B 511 -21.17 67.12 -60.70
CA LEU B 511 -20.20 67.93 -61.43
C LEU B 511 -20.85 69.15 -62.08
N TYR B 512 -22.17 69.14 -62.27
CA TYR B 512 -22.88 70.30 -62.78
C TYR B 512 -24.11 70.65 -61.95
N ALA B 513 -24.31 69.96 -60.82
CA ALA B 513 -25.39 70.26 -59.88
C ALA B 513 -26.77 70.19 -60.54
N TRP B 514 -26.98 69.16 -61.37
CA TRP B 514 -28.31 68.83 -61.85
C TRP B 514 -29.05 67.95 -60.87
N GLU B 515 -28.55 67.81 -59.63
CA GLU B 515 -29.10 66.85 -58.69
C GLU B 515 -30.49 67.25 -58.23
N SER B 516 -30.72 68.54 -57.95
CA SER B 516 -32.04 68.98 -57.54
C SER B 516 -33.08 68.71 -58.61
N ILE B 517 -32.68 68.79 -59.88
CA ILE B 517 -33.60 68.56 -60.99
C ILE B 517 -34.11 67.11 -60.96
N PHE B 518 -33.22 66.16 -60.64
CA PHE B 518 -33.65 64.77 -60.52
C PHE B 518 -34.38 64.50 -59.22
N CYS B 519 -34.02 65.22 -58.14
CA CYS B 519 -34.73 65.05 -56.87
C CYS B 519 -36.18 65.49 -56.99
N SER B 520 -36.45 66.50 -57.81
CA SER B 520 -37.83 66.88 -58.07
C SER B 520 -38.62 65.72 -58.66
N ARG B 521 -38.04 65.02 -59.64
CA ARG B 521 -38.69 63.87 -60.24
C ARG B 521 -38.88 62.74 -59.23
N VAL B 522 -37.86 62.50 -58.39
CA VAL B 522 -37.97 61.46 -57.37
C VAL B 522 -39.10 61.78 -56.41
N GLU B 523 -39.25 63.06 -56.03
CA GLU B 523 -40.35 63.44 -55.15
C GLU B 523 -41.69 63.32 -55.86
N VAL B 524 -41.74 63.62 -57.16
CA VAL B 524 -42.95 63.39 -57.94
C VAL B 524 -43.38 61.93 -57.82
N THR B 525 -42.48 60.96 -57.92
CA THR B 525 -42.91 59.56 -57.78
C THR B 525 -43.47 59.23 -56.37
N ARG B 526 -42.81 59.83 -55.38
CA ARG B 526 -43.13 59.61 -53.98
C ARG B 526 -44.56 59.99 -53.64
N ARG B 527 -45.07 61.08 -54.22
CA ARG B 527 -46.43 61.49 -53.94
C ARG B 527 -47.45 60.44 -54.39
N LYS B 528 -47.21 59.82 -55.55
CA LYS B 528 -48.09 58.77 -56.07
C LYS B 528 -48.05 57.58 -55.10
N GLU B 529 -46.84 57.27 -54.64
CA GLU B 529 -46.70 56.17 -53.69
C GLU B 529 -47.49 56.47 -52.40
N MET B 530 -47.42 57.72 -51.94
CA MET B 530 -48.13 58.15 -50.74
C MET B 530 -49.64 58.04 -50.93
N THR B 531 -50.09 58.39 -52.12
CA THR B 531 -51.51 58.32 -52.44
C THR B 531 -52.02 56.89 -52.32
N SER B 532 -51.24 55.91 -52.78
CA SER B 532 -51.75 54.52 -52.66
C SER B 532 -51.96 54.03 -51.20
N LEU B 533 -51.00 54.40 -50.37
CA LEU B 533 -50.79 54.11 -48.95
C LEU B 533 -51.96 54.61 -48.11
N ARG B 534 -52.59 55.71 -48.53
CA ARG B 534 -53.75 56.22 -47.81
C ARG B 534 -54.88 55.19 -47.79
N ALA B 535 -55.23 54.65 -48.97
CA ALA B 535 -56.29 53.65 -49.04
C ALA B 535 -55.91 52.39 -48.28
N PHE B 536 -54.66 51.95 -48.42
CA PHE B 536 -54.19 50.76 -47.70
C PHE B 536 -54.36 50.94 -46.20
N ALA B 537 -53.93 52.10 -45.68
CA ALA B 537 -54.04 52.33 -44.25
C ALA B 537 -55.48 52.55 -43.81
N VAL B 538 -56.33 53.05 -44.72
CA VAL B 538 -57.76 53.12 -44.41
C VAL B 538 -58.33 51.73 -44.21
N TYR B 539 -57.95 50.78 -45.07
CA TYR B 539 -58.42 49.41 -44.89
C TYR B 539 -57.86 48.79 -43.61
N THR B 540 -56.59 49.07 -43.31
CA THR B 540 -56.01 48.60 -42.05
C THR B 540 -56.78 49.15 -40.85
N SER B 541 -57.15 50.43 -40.92
CA SER B 541 -57.92 51.07 -39.86
C SER B 541 -59.29 50.41 -39.72
N ILE B 542 -59.94 50.10 -40.84
CA ILE B 542 -61.24 49.44 -40.79
C ILE B 542 -61.11 48.07 -40.13
N SER B 543 -60.04 47.34 -40.45
CA SER B 543 -59.81 46.04 -39.83
C SER B 543 -59.64 46.17 -38.32
N ILE B 544 -58.74 47.04 -37.88
CA ILE B 544 -58.50 47.22 -36.45
C ILE B 544 -59.77 47.69 -35.76
N PHE B 545 -60.57 48.52 -36.45
CA PHE B 545 -61.80 49.03 -35.86
C PHE B 545 -62.81 47.92 -35.64
N MET B 546 -63.06 47.11 -36.67
CA MET B 546 -63.99 45.98 -36.50
C MET B 546 -63.51 45.03 -35.41
N ASN B 547 -62.19 44.84 -35.31
CA ASN B 547 -61.62 43.90 -34.35
C ASN B 547 -62.16 44.11 -32.94
N THR B 548 -62.19 45.35 -32.48
CA THR B 548 -62.70 45.65 -31.15
C THR B 548 -64.12 46.22 -31.15
N ALA B 549 -64.70 46.48 -32.34
CA ALA B 549 -66.07 46.94 -32.39
C ALA B 549 -67.06 45.80 -32.27
N ILE B 550 -66.78 44.67 -32.92
CA ILE B 550 -67.72 43.54 -32.87
C ILE B 550 -67.86 42.98 -31.46
N PRO B 551 -66.80 42.87 -30.64
CA PRO B 551 -67.02 42.46 -29.24
C PRO B 551 -67.97 43.39 -28.49
N ILE B 552 -67.87 44.70 -28.70
CA ILE B 552 -68.77 45.61 -28.02
C ILE B 552 -70.18 45.48 -28.58
N ALA B 553 -70.31 45.39 -29.91
CA ALA B 553 -71.63 45.35 -30.54
C ALA B 553 -72.38 44.08 -30.17
N ALA B 554 -71.68 42.96 -30.05
CA ALA B 554 -72.32 41.72 -29.64
C ALA B 554 -73.01 41.88 -28.29
N VAL B 555 -72.27 42.36 -27.29
CA VAL B 555 -72.84 42.51 -25.95
C VAL B 555 -73.95 43.55 -25.97
N LEU B 556 -73.75 44.66 -26.70
CA LEU B 556 -74.78 45.69 -26.80
C LEU B 556 -76.10 45.11 -27.31
N ILE B 557 -76.12 44.66 -28.57
CA ILE B 557 -77.34 44.17 -29.20
C ILE B 557 -77.82 42.85 -28.59
N THR B 558 -77.02 42.20 -27.76
CA THR B 558 -77.50 40.99 -27.10
C THR B 558 -78.17 41.29 -25.77
N PHE B 559 -77.48 42.03 -24.89
CA PHE B 559 -78.06 42.33 -23.58
C PHE B 559 -79.24 43.28 -23.70
N VAL B 560 -79.13 44.31 -24.55
CA VAL B 560 -80.29 45.19 -24.72
C VAL B 560 -81.44 44.43 -25.36
N GLY B 561 -81.12 43.52 -26.29
CA GLY B 561 -82.12 42.71 -26.96
C GLY B 561 -82.59 41.48 -26.20
N HIS B 562 -82.05 41.22 -25.01
CA HIS B 562 -82.46 40.08 -24.21
C HIS B 562 -83.44 40.48 -23.11
N VAL B 563 -83.03 41.40 -22.23
CA VAL B 563 -83.84 41.76 -21.08
C VAL B 563 -84.95 42.72 -21.49
N SER B 564 -84.58 43.89 -22.02
CA SER B 564 -85.55 44.94 -22.33
C SER B 564 -86.28 44.69 -23.65
N PHE B 565 -86.10 43.54 -24.28
CA PHE B 565 -86.81 43.23 -25.51
C PHE B 565 -87.72 42.02 -25.42
N PHE B 566 -87.20 40.87 -24.98
CA PHE B 566 -87.87 39.60 -25.25
C PHE B 566 -88.71 39.10 -24.08
N LEU B 571 -81.35 38.67 -15.32
CA LEU B 571 -80.05 38.25 -15.84
C LEU B 571 -79.06 38.22 -14.68
N SER B 572 -78.85 37.03 -14.12
CA SER B 572 -77.88 36.87 -13.05
C SER B 572 -76.49 37.23 -13.55
N PRO B 573 -75.60 37.68 -12.67
CA PRO B 573 -74.23 38.04 -13.11
C PRO B 573 -73.54 36.91 -13.86
N SER B 574 -73.83 35.66 -13.48
CA SER B 574 -73.20 34.51 -14.12
C SER B 574 -73.49 34.49 -15.61
N VAL B 575 -74.76 34.71 -16.00
CA VAL B 575 -75.12 34.65 -17.41
C VAL B 575 -74.34 35.68 -18.21
N ALA B 576 -74.36 36.94 -17.77
CA ALA B 576 -73.70 38.02 -18.50
C ALA B 576 -72.20 37.78 -18.59
N PHE B 577 -71.57 37.39 -17.48
CA PHE B 577 -70.12 37.24 -17.52
C PHE B 577 -69.69 36.00 -18.29
N ALA B 578 -70.47 34.93 -18.25
CA ALA B 578 -70.17 33.77 -19.09
C ALA B 578 -70.31 34.14 -20.56
N SER B 579 -71.33 34.94 -20.91
CA SER B 579 -71.46 35.40 -22.29
C SER B 579 -70.27 36.25 -22.70
N LEU B 580 -69.78 37.10 -21.80
CA LEU B 580 -68.59 37.91 -22.09
C LEU B 580 -67.39 37.02 -22.38
N SER B 581 -67.12 36.07 -21.49
CA SER B 581 -66.00 35.15 -21.68
C SER B 581 -66.12 34.42 -23.02
N LEU B 582 -67.30 33.85 -23.30
CA LEU B 582 -67.48 33.14 -24.55
C LEU B 582 -67.31 34.06 -25.76
N PHE B 583 -67.74 35.32 -25.64
CA PHE B 583 -67.55 36.27 -26.73
C PHE B 583 -66.08 36.45 -27.05
N HIS B 584 -65.23 36.57 -26.02
CA HIS B 584 -63.81 36.72 -26.32
C HIS B 584 -63.22 35.41 -26.86
N ILE B 585 -63.60 34.28 -26.25
CA ILE B 585 -63.08 32.98 -26.66
C ILE B 585 -63.52 32.62 -28.06
N LEU B 586 -64.57 33.26 -28.57
CA LEU B 586 -65.01 33.06 -29.94
C LEU B 586 -64.47 34.12 -30.91
N VAL B 587 -64.19 35.33 -30.41
CA VAL B 587 -63.60 36.36 -31.25
C VAL B 587 -62.18 35.98 -31.63
N THR B 588 -61.42 35.39 -30.70
CA THR B 588 -60.04 35.02 -31.01
C THR B 588 -59.93 34.08 -32.21
N PRO B 589 -60.70 32.99 -32.31
CA PRO B 589 -60.53 32.11 -33.48
C PRO B 589 -61.10 32.69 -34.77
N LEU B 590 -62.08 33.61 -34.70
CA LEU B 590 -62.78 34.04 -35.90
C LEU B 590 -61.85 34.69 -36.92
N PHE B 591 -60.92 35.54 -36.44
CA PHE B 591 -59.99 36.19 -37.36
C PHE B 591 -59.17 35.19 -38.15
N LEU B 592 -58.83 34.06 -37.54
CA LEU B 592 -57.91 33.13 -38.17
C LEU B 592 -58.54 32.39 -39.35
N LEU B 593 -59.87 32.27 -39.37
CA LEU B 593 -60.52 31.56 -40.47
C LEU B 593 -60.31 32.25 -41.80
N SER B 594 -60.33 33.59 -41.80
CA SER B 594 -60.13 34.34 -43.04
C SER B 594 -58.74 34.08 -43.63
N SER B 595 -57.71 34.29 -42.80
CA SER B 595 -56.34 34.00 -43.23
C SER B 595 -56.18 32.54 -43.62
N VAL B 596 -56.89 31.63 -42.94
CA VAL B 596 -56.81 30.21 -43.29
C VAL B 596 -57.37 29.97 -44.68
N VAL B 597 -58.52 30.58 -45.00
CA VAL B 597 -59.10 30.40 -46.33
C VAL B 597 -58.16 30.96 -47.40
N ARG B 598 -57.62 32.16 -47.16
CA ARG B 598 -56.71 32.74 -48.15
C ARG B 598 -55.49 31.83 -48.32
N SER B 599 -54.91 31.38 -47.22
CA SER B 599 -53.74 30.53 -47.28
C SER B 599 -54.04 29.23 -48.01
N THR B 600 -55.22 28.67 -47.81
CA THR B 600 -55.57 27.39 -48.43
C THR B 600 -55.72 27.53 -49.94
N VAL B 601 -56.42 28.56 -50.39
CA VAL B 601 -56.57 28.73 -51.84
C VAL B 601 -55.22 29.04 -52.49
N LYS B 602 -54.40 29.87 -51.83
CA LYS B 602 -53.09 30.17 -52.38
C LYS B 602 -52.21 28.92 -52.43
N ALA B 603 -52.31 28.06 -51.41
CA ALA B 603 -51.53 26.83 -51.42
C ALA B 603 -51.99 25.87 -52.50
N LEU B 604 -53.30 25.80 -52.73
CA LEU B 604 -53.82 24.98 -53.82
C LEU B 604 -53.24 25.44 -55.15
N VAL B 605 -53.25 26.75 -55.40
CA VAL B 605 -52.68 27.27 -56.63
C VAL B 605 -51.18 26.96 -56.72
N SER B 606 -50.46 27.10 -55.60
CA SER B 606 -49.03 26.86 -55.62
C SER B 606 -48.69 25.39 -55.85
N VAL B 607 -49.52 24.48 -55.34
CA VAL B 607 -49.26 23.06 -55.59
C VAL B 607 -49.62 22.70 -57.02
N GLN B 608 -50.66 23.31 -57.61
CA GLN B 608 -50.88 23.13 -59.04
C GLN B 608 -49.65 23.59 -59.83
N LYS B 609 -49.08 24.72 -59.45
CA LYS B 609 -47.87 25.21 -60.11
C LYS B 609 -46.71 24.24 -59.94
N LEU B 610 -46.51 23.75 -58.72
CA LEU B 610 -45.43 22.79 -58.46
C LEU B 610 -45.59 21.52 -59.27
N SER B 611 -46.84 21.07 -59.44
CA SER B 611 -47.09 19.88 -60.24
C SER B 611 -46.82 20.14 -61.72
N GLU B 612 -47.24 21.31 -62.22
CA GLU B 612 -46.95 21.65 -63.61
C GLU B 612 -45.46 21.71 -63.86
N PHE B 613 -44.69 22.23 -62.90
CA PHE B 613 -43.24 22.29 -63.07
C PHE B 613 -42.60 20.92 -62.93
N LEU B 614 -42.82 20.26 -61.80
CA LEU B 614 -42.18 18.98 -61.49
C LEU B 614 -42.44 17.92 -62.53
N SER B 615 -43.42 18.11 -63.41
CA SER B 615 -43.78 17.10 -64.39
C SER B 615 -43.62 17.62 -65.82
N SER B 616 -42.51 18.26 -66.12
CA SER B 616 -42.26 18.75 -67.48
C SER B 616 -41.17 17.93 -68.16
N CYS B 678 -11.86 6.90 -77.72
CA CYS B 678 -12.34 7.93 -78.64
C CYS B 678 -13.83 8.20 -78.42
N VAL B 679 -14.31 9.30 -78.97
CA VAL B 679 -15.72 9.66 -78.92
C VAL B 679 -16.32 9.36 -80.28
N GLN B 680 -17.18 8.34 -80.34
CA GLN B 680 -17.75 7.85 -81.59
C GLN B 680 -19.19 8.30 -81.71
N ILE B 681 -19.55 8.81 -82.89
CA ILE B 681 -20.93 9.18 -83.21
C ILE B 681 -21.26 8.64 -84.59
N ILE B 682 -22.38 7.93 -84.71
CA ILE B 682 -22.85 7.40 -85.98
C ILE B 682 -24.35 7.66 -86.09
N GLY B 683 -24.76 8.36 -87.15
CA GLY B 683 -26.15 8.64 -87.42
C GLY B 683 -26.78 9.67 -86.50
N GLY B 684 -26.25 10.88 -86.47
CA GLY B 684 -26.76 11.90 -85.57
C GLY B 684 -28.16 12.35 -85.98
N PHE B 685 -29.08 12.38 -85.02
CA PHE B 685 -30.46 12.77 -85.30
C PHE B 685 -31.14 13.17 -84.00
N PHE B 686 -31.39 14.47 -83.82
CA PHE B 686 -32.15 14.96 -82.68
C PHE B 686 -32.56 16.41 -82.94
N THR B 687 -33.45 16.91 -82.07
CA THR B 687 -33.93 18.28 -82.14
C THR B 687 -34.33 18.73 -80.75
N TRP B 688 -34.69 20.01 -80.64
CA TRP B 688 -35.04 20.63 -79.36
C TRP B 688 -36.53 20.58 -79.07
N THR B 689 -37.15 19.41 -79.20
CA THR B 689 -38.57 19.22 -78.91
C THR B 689 -38.89 17.74 -78.85
N PRO B 690 -39.94 17.34 -78.11
CA PRO B 690 -40.43 15.96 -78.22
C PRO B 690 -40.95 15.62 -79.60
N ASP B 691 -41.31 16.62 -80.40
CA ASP B 691 -41.76 16.41 -81.76
C ASP B 691 -41.53 17.70 -82.55
N GLY B 692 -40.96 17.57 -83.74
CA GLY B 692 -40.69 18.72 -84.57
C GLY B 692 -39.63 18.42 -85.60
N ILE B 693 -39.40 19.39 -86.48
CA ILE B 693 -38.40 19.23 -87.53
C ILE B 693 -37.02 19.15 -86.88
N PRO B 694 -36.15 18.25 -87.34
CA PRO B 694 -34.85 18.06 -86.67
C PRO B 694 -33.77 19.00 -87.17
N THR B 695 -32.91 19.41 -86.24
CA THR B 695 -31.73 20.20 -86.56
C THR B 695 -30.46 19.37 -86.61
N LEU B 696 -30.44 18.21 -85.95
CA LEU B 696 -29.33 17.28 -86.00
C LEU B 696 -29.67 16.21 -87.05
N SER B 697 -28.81 16.09 -88.07
CA SER B 697 -29.12 15.19 -89.19
C SER B 697 -27.83 14.58 -89.72
N ASN B 698 -27.72 13.26 -89.57
CA ASN B 698 -26.69 12.45 -90.23
C ASN B 698 -25.28 12.95 -89.88
N ILE B 699 -24.94 12.82 -88.60
CA ILE B 699 -23.62 13.21 -88.09
C ILE B 699 -22.89 11.95 -87.66
N THR B 700 -21.68 11.77 -88.17
CA THR B 700 -20.81 10.65 -87.81
C THR B 700 -19.41 11.20 -87.64
N ILE B 701 -18.87 11.10 -86.43
CA ILE B 701 -17.61 11.76 -86.10
C ILE B 701 -16.86 10.91 -85.08
N ARG B 702 -15.54 10.79 -85.29
CA ARG B 702 -14.66 10.09 -84.37
C ARG B 702 -13.67 11.09 -83.76
N ILE B 703 -13.60 11.10 -82.43
CA ILE B 703 -12.72 12.00 -81.70
C ILE B 703 -11.71 11.15 -80.93
N PRO B 704 -10.57 10.81 -81.53
CA PRO B 704 -9.58 9.98 -80.84
C PRO B 704 -8.90 10.75 -79.72
N ARG B 705 -8.18 9.99 -78.89
CA ARG B 705 -7.47 10.54 -77.75
C ARG B 705 -6.26 11.36 -78.19
N GLY B 706 -5.96 12.40 -77.42
CA GLY B 706 -4.79 13.23 -77.65
C GLY B 706 -4.77 13.88 -79.01
N GLN B 707 -5.71 14.79 -79.24
CA GLN B 707 -5.90 15.35 -80.58
C GLN B 707 -6.71 16.63 -80.47
N LEU B 708 -6.19 17.71 -81.05
CA LEU B 708 -6.91 18.97 -81.11
C LEU B 708 -7.92 18.93 -82.26
N THR B 709 -9.18 19.19 -81.95
CA THR B 709 -10.26 19.11 -82.94
C THR B 709 -11.01 20.44 -82.97
N MET B 710 -10.81 21.21 -84.02
CA MET B 710 -11.57 22.43 -84.21
C MET B 710 -12.87 22.13 -84.94
N ILE B 711 -13.87 22.95 -84.67
CA ILE B 711 -15.13 22.92 -85.40
C ILE B 711 -15.36 24.33 -85.95
N VAL B 712 -15.50 24.43 -87.28
CA VAL B 712 -15.63 25.71 -87.94
C VAL B 712 -16.86 25.67 -88.85
N GLY B 713 -17.40 26.85 -89.12
CA GLY B 713 -18.58 26.96 -89.95
C GLY B 713 -19.17 28.35 -89.84
N GLN B 714 -20.41 28.47 -90.34
CA GLN B 714 -21.13 29.73 -90.31
C GLN B 714 -21.91 29.85 -89.00
N VAL B 715 -22.65 30.94 -88.86
CA VAL B 715 -23.45 31.19 -87.66
C VAL B 715 -24.76 30.39 -87.81
N GLY B 716 -24.95 29.41 -86.94
CA GLY B 716 -26.14 28.58 -86.98
C GLY B 716 -25.96 27.28 -87.74
N CYS B 717 -24.88 26.57 -87.45
CA CYS B 717 -24.57 25.30 -88.12
C CYS B 717 -24.47 24.14 -87.15
N GLY B 718 -25.04 24.27 -85.96
CA GLY B 718 -25.01 23.18 -84.99
C GLY B 718 -23.65 22.88 -84.44
N LYS B 719 -22.86 23.91 -84.12
CA LYS B 719 -21.57 23.69 -83.48
C LYS B 719 -21.74 23.39 -82.01
N SER B 720 -22.31 24.33 -81.25
CA SER B 720 -22.55 24.10 -79.83
C SER B 720 -23.63 23.04 -79.62
N SER B 721 -24.56 22.91 -80.59
CA SER B 721 -25.54 21.84 -80.52
C SER B 721 -24.85 20.48 -80.60
N LEU B 722 -23.92 20.32 -81.54
CA LEU B 722 -23.11 19.11 -81.60
C LEU B 722 -22.28 18.94 -80.35
N LEU B 723 -21.82 20.06 -79.77
CA LEU B 723 -21.06 19.98 -78.52
C LEU B 723 -21.91 19.36 -77.41
N LEU B 724 -23.13 19.87 -77.24
CA LEU B 724 -24.00 19.36 -76.18
C LEU B 724 -24.50 17.95 -76.48
N ALA B 725 -24.58 17.59 -77.76
CA ALA B 725 -25.01 16.24 -78.12
C ALA B 725 -23.89 15.23 -77.85
N THR B 726 -22.64 15.61 -78.14
CA THR B 726 -21.50 14.77 -77.76
C THR B 726 -21.44 14.59 -76.25
N LEU B 727 -21.98 15.54 -75.49
CA LEU B 727 -21.98 15.50 -74.04
C LEU B 727 -22.96 14.48 -73.50
N GLY B 728 -23.93 14.05 -74.31
CA GLY B 728 -25.07 13.33 -73.82
C GLY B 728 -26.19 14.21 -73.31
N GLU B 729 -26.03 15.53 -73.39
CA GLU B 729 -27.04 16.45 -72.88
C GLU B 729 -28.35 16.31 -73.64
N MET B 730 -28.28 16.00 -74.92
CA MET B 730 -29.47 15.85 -75.78
C MET B 730 -29.51 14.42 -76.31
N GLN B 731 -30.39 13.60 -75.73
CA GLN B 731 -30.54 12.19 -76.13
C GLN B 731 -31.10 12.14 -77.54
N LYS B 732 -30.27 11.73 -78.50
CA LYS B 732 -30.65 11.75 -79.90
C LYS B 732 -31.77 10.74 -80.19
N VAL B 733 -32.55 11.04 -81.23
CA VAL B 733 -33.71 10.21 -81.57
C VAL B 733 -33.24 8.86 -82.11
N SER B 734 -32.50 8.87 -83.22
CA SER B 734 -32.05 7.66 -83.89
C SER B 734 -30.58 7.82 -84.21
N GLY B 735 -29.71 7.27 -83.35
CA GLY B 735 -28.28 7.34 -83.57
C GLY B 735 -27.54 6.74 -82.40
N ALA B 736 -26.25 6.51 -82.61
CA ALA B 736 -25.39 5.90 -81.61
C ALA B 736 -24.25 6.84 -81.25
N VAL B 737 -23.96 6.92 -79.95
CA VAL B 737 -22.90 7.79 -79.45
C VAL B 737 -22.24 7.13 -78.24
N PHE B 738 -20.93 6.94 -78.31
CA PHE B 738 -20.16 6.33 -77.24
C PHE B 738 -18.93 7.17 -76.95
N TRP B 739 -18.40 7.01 -75.73
CA TRP B 739 -17.12 7.60 -75.38
C TRP B 739 -16.49 6.86 -74.19
N GLY B 768 -19.32 9.78 -68.79
CA GLY B 768 -18.10 10.10 -68.08
C GLY B 768 -18.03 11.57 -67.66
N PRO B 769 -17.14 11.87 -66.69
CA PRO B 769 -17.00 13.25 -66.20
C PRO B 769 -16.11 14.06 -67.14
N VAL B 770 -16.73 15.02 -67.84
CA VAL B 770 -16.07 15.77 -68.90
C VAL B 770 -16.10 17.25 -68.55
N ALA B 771 -14.95 17.91 -68.63
CA ALA B 771 -14.87 19.33 -68.35
C ALA B 771 -15.44 20.12 -69.52
N TYR B 772 -16.16 21.20 -69.21
CA TYR B 772 -16.88 21.92 -70.24
C TYR B 772 -17.08 23.36 -69.81
N ALA B 773 -16.67 24.30 -70.65
CA ALA B 773 -16.97 25.70 -70.49
C ALA B 773 -17.94 26.11 -71.58
N SER B 774 -19.10 26.63 -71.19
CA SER B 774 -20.16 26.96 -72.13
C SER B 774 -19.86 28.27 -72.85
N GLN B 775 -20.71 28.58 -73.83
CA GLN B 775 -20.54 29.82 -74.58
C GLN B 775 -20.81 31.03 -73.69
N LYS B 776 -21.93 31.01 -72.97
CA LYS B 776 -22.24 32.07 -72.02
C LYS B 776 -21.58 31.74 -70.69
N PRO B 777 -20.68 32.58 -70.18
CA PRO B 777 -19.95 32.20 -68.96
C PRO B 777 -20.84 32.33 -67.73
N TRP B 778 -20.62 31.43 -66.77
CA TRP B 778 -21.36 31.43 -65.52
C TRP B 778 -20.39 31.33 -64.36
N LEU B 779 -20.81 31.89 -63.22
CA LEU B 779 -20.00 31.93 -62.01
C LEU B 779 -20.85 31.49 -60.83
N LEU B 780 -20.19 31.33 -59.68
CA LEU B 780 -20.86 31.00 -58.43
C LEU B 780 -20.89 32.23 -57.52
N ASN B 781 -21.49 32.05 -56.35
CA ASN B 781 -21.52 33.08 -55.33
C ASN B 781 -20.40 32.80 -54.33
N ALA B 782 -19.17 32.95 -54.81
CA ALA B 782 -17.99 32.57 -54.04
C ALA B 782 -16.80 33.36 -54.56
N THR B 783 -15.59 32.92 -54.20
CA THR B 783 -14.37 33.62 -54.54
C THR B 783 -13.81 33.14 -55.88
N VAL B 784 -12.73 33.78 -56.33
CA VAL B 784 -12.11 33.42 -57.60
C VAL B 784 -11.41 32.07 -57.48
N GLU B 785 -10.60 31.90 -56.43
CA GLU B 785 -9.93 30.63 -56.19
C GLU B 785 -10.95 29.50 -56.12
N GLU B 786 -12.11 29.76 -55.53
CA GLU B 786 -13.14 28.74 -55.40
C GLU B 786 -13.72 28.36 -56.75
N ASN B 787 -14.10 29.36 -57.55
CA ASN B 787 -14.66 29.08 -58.87
C ASN B 787 -13.65 28.35 -59.75
N ILE B 788 -12.36 28.65 -59.60
CA ILE B 788 -11.38 27.99 -60.45
C ILE B 788 -11.05 26.59 -59.92
N THR B 789 -11.13 26.38 -58.61
CA THR B 789 -10.90 25.05 -58.06
C THR B 789 -12.12 24.15 -58.25
N PHE B 790 -13.31 24.68 -57.96
CA PHE B 790 -14.58 24.00 -58.19
C PHE B 790 -14.62 22.65 -57.47
N GLU B 791 -14.60 22.75 -56.14
CA GLU B 791 -14.68 21.58 -55.25
C GLU B 791 -13.57 20.57 -55.55
N SER B 792 -12.35 21.09 -55.76
CA SER B 792 -11.18 20.27 -55.97
C SER B 792 -10.11 20.61 -54.94
N PRO B 793 -9.36 19.62 -54.46
CA PRO B 793 -8.28 19.93 -53.52
C PRO B 793 -7.27 20.87 -54.14
N PHE B 794 -6.89 21.90 -53.38
CA PHE B 794 -6.04 22.95 -53.92
C PHE B 794 -4.64 22.43 -54.21
N ASN B 795 -4.00 23.06 -55.18
CA ASN B 795 -2.62 22.77 -55.54
C ASN B 795 -1.84 24.06 -55.61
N LYS B 796 -0.54 23.96 -55.33
CA LYS B 796 0.35 25.12 -55.46
C LYS B 796 0.79 25.30 -56.91
N GLN B 797 1.55 24.34 -57.43
CA GLN B 797 2.10 24.47 -58.77
C GLN B 797 1.01 24.40 -59.82
N ARG B 798 0.06 23.47 -59.66
CA ARG B 798 -0.99 23.32 -60.66
C ARG B 798 -1.84 24.58 -60.76
N TYR B 799 -2.33 25.08 -59.62
CA TYR B 799 -3.17 26.26 -59.63
C TYR B 799 -2.42 27.50 -60.09
N LYS B 800 -1.17 27.66 -59.66
CA LYS B 800 -0.40 28.80 -60.12
C LYS B 800 -0.15 28.73 -61.62
N MET B 801 0.09 27.52 -62.14
CA MET B 801 0.26 27.32 -63.58
C MET B 801 -1.00 27.73 -64.33
N VAL B 802 -2.16 27.30 -63.84
CA VAL B 802 -3.40 27.64 -64.52
C VAL B 802 -3.66 29.14 -64.46
N ILE B 803 -3.33 29.77 -63.32
CA ILE B 803 -3.54 31.20 -63.17
C ILE B 803 -2.66 31.97 -64.16
N GLU B 804 -1.38 31.60 -64.23
CA GLU B 804 -0.46 32.33 -65.11
C GLU B 804 -0.74 32.04 -66.58
N ALA B 805 -1.16 30.82 -66.91
CA ALA B 805 -1.39 30.45 -68.30
C ALA B 805 -2.67 31.03 -68.87
N CYS B 806 -3.54 31.59 -68.03
CA CYS B 806 -4.79 32.19 -68.48
C CYS B 806 -4.70 33.71 -68.58
N SER B 807 -3.51 34.28 -68.40
CA SER B 807 -3.32 35.73 -68.43
C SER B 807 -4.26 36.42 -67.45
N LEU B 808 -4.40 35.85 -66.26
CA LEU B 808 -5.40 36.28 -65.31
C LEU B 808 -4.85 36.84 -64.02
N GLN B 809 -3.59 36.55 -63.67
CA GLN B 809 -3.06 37.02 -62.39
C GLN B 809 -3.00 38.54 -62.27
N PRO B 810 -2.53 39.30 -63.27
CA PRO B 810 -2.50 40.77 -63.09
C PRO B 810 -3.88 41.37 -62.86
N ASP B 811 -4.86 41.04 -63.71
CA ASP B 811 -6.20 41.57 -63.51
C ASP B 811 -6.83 41.06 -62.22
N ILE B 812 -6.44 39.85 -61.78
CA ILE B 812 -6.90 39.36 -60.48
C ILE B 812 -6.36 40.24 -59.36
N ASP B 813 -5.11 40.68 -59.48
CA ASP B 813 -4.53 41.59 -58.52
C ASP B 813 -5.04 43.02 -58.66
N ILE B 814 -5.69 43.36 -59.78
CA ILE B 814 -6.26 44.69 -59.95
C ILE B 814 -7.49 44.89 -59.06
N LEU B 815 -8.19 43.79 -58.74
CA LEU B 815 -9.43 43.85 -57.97
C LEU B 815 -9.19 44.49 -56.60
N PRO B 816 -10.25 45.02 -55.97
CA PRO B 816 -10.08 45.62 -54.63
C PRO B 816 -9.52 44.65 -53.61
N HIS B 817 -9.89 43.38 -53.67
CA HIS B 817 -9.27 42.33 -52.88
C HIS B 817 -8.36 41.52 -53.80
N GLY B 818 -7.07 41.47 -53.44
CA GLY B 818 -6.10 40.81 -54.31
C GLY B 818 -6.50 39.39 -54.68
N ASP B 819 -6.96 38.62 -53.70
CA ASP B 819 -7.51 37.31 -53.97
C ASP B 819 -8.63 37.04 -52.97
N GLN B 820 -9.31 35.91 -53.17
CA GLN B 820 -10.47 35.56 -52.36
C GLN B 820 -11.53 36.65 -52.39
N THR B 821 -11.58 37.40 -53.49
CA THR B 821 -12.58 38.45 -53.65
C THR B 821 -13.93 37.81 -53.90
N GLN B 822 -14.96 38.31 -53.21
CA GLN B 822 -16.31 37.75 -53.32
C GLN B 822 -16.89 38.15 -54.67
N ILE B 823 -16.80 37.25 -55.64
CA ILE B 823 -17.38 37.52 -56.96
C ILE B 823 -18.86 37.74 -56.82
N GLY B 824 -19.34 38.88 -57.31
CA GLY B 824 -20.73 39.25 -57.18
C GLY B 824 -21.68 38.30 -57.88
N GLU B 825 -22.97 38.54 -57.74
CA GLU B 825 -23.99 37.72 -58.40
C GLU B 825 -23.86 37.89 -59.92
N ARG B 826 -23.49 36.80 -60.59
CA ARG B 826 -23.30 36.71 -62.04
C ARG B 826 -22.05 37.44 -62.52
N GLY B 827 -21.36 38.13 -61.63
CA GLY B 827 -20.17 38.87 -61.99
C GLY B 827 -20.43 40.30 -62.42
N ILE B 828 -21.13 41.07 -61.58
CA ILE B 828 -21.40 42.46 -61.91
C ILE B 828 -20.14 43.32 -61.75
N ASN B 829 -19.34 43.03 -60.72
CA ASN B 829 -18.08 43.73 -60.52
C ASN B 829 -16.92 43.11 -61.32
N LEU B 830 -17.24 42.36 -62.37
CA LEU B 830 -16.26 41.84 -63.32
C LEU B 830 -16.75 42.11 -64.73
N SER B 831 -15.81 42.04 -65.68
CA SER B 831 -16.12 42.22 -67.09
C SER B 831 -16.32 40.87 -67.77
N GLY B 832 -16.77 40.93 -69.02
CA GLY B 832 -17.01 39.71 -69.77
C GLY B 832 -15.75 38.90 -70.01
N GLY B 833 -14.67 39.58 -70.38
CA GLY B 833 -13.42 38.87 -70.62
C GLY B 833 -12.88 38.18 -69.38
N GLN B 834 -13.03 38.82 -68.22
CA GLN B 834 -12.60 38.20 -66.97
C GLN B 834 -13.43 36.96 -66.67
N ARG B 835 -14.76 37.04 -66.85
CA ARG B 835 -15.61 35.88 -66.65
C ARG B 835 -15.22 34.74 -67.59
N GLN B 836 -14.93 35.07 -68.85
CA GLN B 836 -14.52 34.05 -69.80
C GLN B 836 -13.20 33.41 -69.40
N ARG B 837 -12.23 34.22 -68.99
CA ARG B 837 -10.94 33.67 -68.58
C ARG B 837 -11.09 32.81 -67.33
N ILE B 838 -11.96 33.20 -66.41
CA ILE B 838 -12.20 32.39 -65.22
C ILE B 838 -12.85 31.07 -65.60
N SER B 839 -13.78 31.10 -66.55
CA SER B 839 -14.42 29.86 -67.00
C SER B 839 -13.40 28.93 -67.68
N VAL B 840 -12.54 29.50 -68.52
CA VAL B 840 -11.53 28.69 -69.20
C VAL B 840 -10.54 28.12 -68.19
N ALA B 841 -10.21 28.91 -67.17
CA ALA B 841 -9.32 28.41 -66.11
C ALA B 841 -9.99 27.28 -65.34
N ARG B 842 -11.29 27.40 -65.06
CA ARG B 842 -12.01 26.31 -64.42
C ARG B 842 -11.98 25.06 -65.27
N ALA B 843 -12.18 25.21 -66.58
CA ALA B 843 -12.18 24.06 -67.47
C ALA B 843 -10.80 23.42 -67.54
N LEU B 844 -9.75 24.23 -67.57
CA LEU B 844 -8.39 23.72 -67.71
C LEU B 844 -7.85 23.14 -66.41
N TYR B 845 -8.31 23.65 -65.27
CA TYR B 845 -7.74 23.25 -63.99
C TYR B 845 -8.22 21.88 -63.55
N GLN B 846 -9.38 21.44 -64.03
CA GLN B 846 -9.94 20.16 -63.60
C GLN B 846 -9.21 18.99 -64.25
N GLN B 847 -9.01 17.94 -63.46
CA GLN B 847 -8.30 16.74 -63.91
C GLN B 847 -9.31 15.79 -64.56
N THR B 848 -9.24 15.64 -65.88
CA THR B 848 -10.16 14.78 -66.61
C THR B 848 -9.57 14.49 -67.99
N ASN B 849 -10.29 13.68 -68.77
CA ASN B 849 -9.82 13.32 -70.09
C ASN B 849 -10.23 14.37 -71.13
N VAL B 850 -11.51 14.72 -71.16
CA VAL B 850 -12.10 15.49 -72.24
C VAL B 850 -12.42 16.89 -71.75
N VAL B 851 -12.14 17.88 -72.58
CA VAL B 851 -12.46 19.28 -72.30
C VAL B 851 -13.13 19.88 -73.52
N PHE B 852 -14.24 20.57 -73.30
CA PHE B 852 -14.91 21.36 -74.33
C PHE B 852 -14.87 22.83 -73.94
N LEU B 853 -14.63 23.68 -74.93
CA LEU B 853 -14.59 25.13 -74.72
C LEU B 853 -15.42 25.79 -75.83
N ASP B 854 -16.58 26.33 -75.48
CA ASP B 854 -17.52 26.87 -76.46
C ASP B 854 -17.11 28.30 -76.78
N ASP B 855 -16.21 28.46 -77.76
CA ASP B 855 -15.67 29.73 -78.21
C ASP B 855 -15.12 30.56 -77.04
N PRO B 856 -13.99 30.16 -76.46
CA PRO B 856 -13.39 30.93 -75.38
C PRO B 856 -12.58 32.14 -75.83
N PHE B 857 -12.65 32.53 -77.10
CA PHE B 857 -11.88 33.65 -77.63
C PHE B 857 -12.77 34.73 -78.22
N SER B 858 -13.98 34.88 -77.68
CA SER B 858 -14.92 35.87 -78.22
C SER B 858 -14.76 37.23 -77.55
N ALA B 859 -14.44 37.25 -76.25
CA ALA B 859 -14.24 38.49 -75.52
C ALA B 859 -12.80 38.66 -75.08
N LEU B 860 -11.86 38.24 -75.94
CA LEU B 860 -10.44 38.39 -75.68
C LEU B 860 -9.78 39.10 -76.85
N ASP B 861 -8.64 39.75 -76.57
CA ASP B 861 -7.90 40.46 -77.60
C ASP B 861 -7.12 39.46 -78.44
N VAL B 862 -6.25 39.97 -79.33
CA VAL B 862 -5.40 39.08 -80.11
C VAL B 862 -4.25 38.56 -79.24
N HIS B 863 -3.65 39.44 -78.42
CA HIS B 863 -2.50 39.03 -77.62
C HIS B 863 -2.88 38.00 -76.57
N LEU B 864 -3.96 38.25 -75.83
CA LEU B 864 -4.38 37.31 -74.80
C LEU B 864 -4.82 35.98 -75.41
N SER B 865 -5.51 36.02 -76.55
CA SER B 865 -5.92 34.78 -77.20
C SER B 865 -4.72 33.98 -77.68
N ASP B 866 -3.73 34.66 -78.25
CA ASP B 866 -2.52 33.97 -78.68
C ASP B 866 -1.80 33.33 -77.50
N HIS B 867 -1.61 34.11 -76.42
CA HIS B 867 -0.93 33.58 -75.25
C HIS B 867 -1.71 32.43 -74.63
N LEU B 868 -3.04 32.48 -74.68
CA LEU B 868 -3.85 31.41 -74.11
C LEU B 868 -3.75 30.14 -74.95
N MET B 869 -3.90 30.27 -76.26
CA MET B 869 -3.78 29.10 -77.13
C MET B 869 -2.38 28.53 -77.13
N GLN B 870 -1.37 29.35 -76.83
CA GLN B 870 0.00 28.85 -76.80
C GLN B 870 0.33 28.19 -75.47
N ALA B 871 0.12 28.89 -74.36
CA ALA B 871 0.55 28.38 -73.06
C ALA B 871 -0.45 27.40 -72.47
N GLY B 872 -1.74 27.75 -72.50
CA GLY B 872 -2.73 26.90 -71.85
C GLY B 872 -3.23 25.77 -72.71
N ILE B 873 -3.23 25.94 -74.03
CA ILE B 873 -3.84 24.95 -74.92
C ILE B 873 -2.77 24.05 -75.54
N LEU B 874 -1.85 24.65 -76.28
CA LEU B 874 -0.83 23.86 -76.97
C LEU B 874 0.31 23.41 -76.05
N GLU B 875 0.45 24.03 -74.89
CA GLU B 875 1.52 23.66 -73.97
C GLU B 875 1.06 22.98 -72.70
N LEU B 876 -0.14 23.29 -72.21
CA LEU B 876 -0.65 22.71 -70.97
C LEU B 876 -1.65 21.60 -71.22
N LEU B 877 -2.65 21.84 -72.08
CA LEU B 877 -3.58 20.79 -72.46
C LEU B 877 -2.87 19.70 -73.25
N ARG B 878 -2.10 20.09 -74.27
CA ARG B 878 -1.31 19.15 -75.06
C ARG B 878 -0.23 18.47 -74.22
N ASP B 879 0.06 18.98 -73.03
CA ASP B 879 1.06 18.36 -72.16
C ASP B 879 0.58 17.00 -71.66
N ASP B 880 -0.53 16.98 -70.94
CA ASP B 880 -1.05 15.77 -70.32
C ASP B 880 -1.78 14.86 -71.30
N LYS B 881 -1.77 15.19 -72.59
CA LYS B 881 -2.43 14.39 -73.62
C LYS B 881 -3.92 14.23 -73.31
N ARG B 882 -4.60 15.36 -73.21
CA ARG B 882 -6.05 15.39 -73.08
C ARG B 882 -6.71 15.38 -74.46
N THR B 883 -8.01 15.12 -74.48
CA THR B 883 -8.79 15.17 -75.72
C THR B 883 -9.48 16.54 -75.75
N VAL B 884 -8.78 17.52 -76.30
CA VAL B 884 -9.29 18.88 -76.38
C VAL B 884 -10.16 19.02 -77.62
N VAL B 885 -11.39 19.46 -77.42
CA VAL B 885 -12.30 19.77 -78.52
C VAL B 885 -12.70 21.23 -78.34
N LEU B 886 -12.13 22.10 -79.15
CA LEU B 886 -12.39 23.52 -79.07
C LEU B 886 -13.08 23.98 -80.35
N VAL B 887 -14.11 24.80 -80.21
CA VAL B 887 -14.88 25.32 -81.33
C VAL B 887 -14.71 26.84 -81.36
N THR B 888 -14.25 27.35 -82.48
CA THR B 888 -14.03 28.78 -82.66
C THR B 888 -13.85 29.04 -84.16
N HIS B 889 -13.42 30.26 -84.49
CA HIS B 889 -13.20 30.62 -85.90
C HIS B 889 -12.07 31.65 -85.94
N LYS B 890 -10.86 31.18 -86.19
CA LYS B 890 -9.68 32.04 -86.31
C LYS B 890 -8.76 31.45 -87.37
N LEU B 891 -7.59 32.06 -87.53
CA LEU B 891 -6.58 31.62 -88.49
C LEU B 891 -5.47 30.82 -87.84
N GLN B 892 -4.95 31.29 -86.71
CA GLN B 892 -3.81 30.66 -86.06
C GLN B 892 -4.10 29.24 -85.58
N TYR B 893 -5.37 28.90 -85.37
CA TYR B 893 -5.73 27.63 -84.77
C TYR B 893 -5.97 26.53 -85.82
N LEU B 894 -6.21 26.90 -87.06
CA LEU B 894 -6.46 25.91 -88.10
C LEU B 894 -5.28 24.96 -88.31
N PRO B 895 -4.04 25.42 -88.48
CA PRO B 895 -2.92 24.49 -88.66
C PRO B 895 -2.44 23.84 -87.37
N HIS B 896 -3.02 24.19 -86.22
CA HIS B 896 -2.59 23.63 -84.94
C HIS B 896 -3.41 22.42 -84.51
N ALA B 897 -4.52 22.14 -85.18
CA ALA B 897 -5.38 21.02 -84.82
C ALA B 897 -5.10 19.82 -85.73
N ASP B 898 -5.80 18.72 -85.44
CA ASP B 898 -5.67 17.49 -86.22
C ASP B 898 -6.87 17.22 -87.12
N TRP B 899 -8.08 17.36 -86.59
CA TRP B 899 -9.30 17.10 -87.35
C TRP B 899 -10.07 18.39 -87.53
N ILE B 900 -10.46 18.67 -88.76
CA ILE B 900 -11.27 19.83 -89.11
C ILE B 900 -12.70 19.34 -89.35
N ILE B 901 -13.67 20.05 -88.79
CA ILE B 901 -15.07 19.68 -88.89
C ILE B 901 -15.82 20.90 -89.42
N ALA B 902 -16.38 20.78 -90.63
CA ALA B 902 -17.13 21.84 -91.27
C ALA B 902 -18.62 21.53 -91.20
N MET B 903 -19.40 22.48 -90.69
CA MET B 903 -20.83 22.31 -90.50
C MET B 903 -21.58 23.32 -91.37
N LYS B 904 -22.70 22.87 -91.95
CA LYS B 904 -23.55 23.74 -92.75
C LYS B 904 -24.98 23.27 -92.63
N ASP B 905 -25.85 24.13 -92.12
CA ASP B 905 -27.28 23.83 -91.96
C ASP B 905 -27.49 22.57 -91.13
N GLY B 906 -26.70 22.42 -90.07
CA GLY B 906 -26.82 21.25 -89.21
C GLY B 906 -26.34 19.96 -89.82
N THR B 907 -25.47 20.03 -90.83
CA THR B 907 -24.93 18.84 -91.49
C THR B 907 -23.43 19.01 -91.67
N ILE B 908 -22.72 17.89 -91.54
CA ILE B 908 -21.26 17.88 -91.73
C ILE B 908 -20.99 17.90 -93.23
N GLN B 909 -20.51 19.04 -93.73
CA GLN B 909 -20.25 19.17 -95.16
C GLN B 909 -19.11 18.26 -95.59
N ARG B 910 -17.93 18.46 -95.00
CA ARG B 910 -16.78 17.60 -95.20
C ARG B 910 -16.20 17.23 -93.85
N GLU B 911 -15.29 16.25 -93.86
CA GLU B 911 -14.70 15.76 -92.63
C GLU B 911 -13.34 15.17 -92.93
N GLY B 912 -12.47 15.23 -91.94
CA GLY B 912 -11.15 14.64 -92.02
C GLY B 912 -10.13 15.52 -91.32
N THR B 913 -8.88 15.37 -91.75
CA THR B 913 -7.77 16.16 -91.25
C THR B 913 -7.56 17.40 -92.12
N LEU B 914 -6.43 18.08 -91.91
CA LEU B 914 -6.12 19.27 -92.71
C LEU B 914 -5.83 18.89 -94.17
N LYS B 915 -5.00 17.88 -94.38
CA LYS B 915 -4.62 17.48 -95.72
C LYS B 915 -5.80 16.85 -96.46
N ASP B 916 -6.58 16.02 -95.77
CA ASP B 916 -7.77 15.44 -96.38
C ASP B 916 -8.83 16.49 -96.67
N PHE B 917 -8.78 17.64 -95.99
CA PHE B 917 -9.70 18.73 -96.28
C PHE B 917 -9.21 19.59 -97.44
N GLN B 918 -7.90 19.76 -97.57
CA GLN B 918 -7.37 20.56 -98.67
C GLN B 918 -7.24 19.76 -99.96
N ARG B 919 -7.29 18.43 -99.89
CA ARG B 919 -7.28 17.59 -101.08
C ARG B 919 -8.68 17.21 -101.54
N SER B 920 -9.72 17.76 -100.93
CA SER B 920 -11.10 17.48 -101.29
C SER B 920 -11.79 18.76 -101.76
N GLU B 921 -13.03 18.60 -102.21
CA GLU B 921 -13.81 19.73 -102.72
C GLU B 921 -14.20 20.68 -101.59
N ILE B 996 -32.80 48.54 -28.98
CA ILE B 996 -32.95 49.84 -29.62
C ILE B 996 -33.45 50.84 -28.58
N PRO B 997 -32.80 52.00 -28.51
CA PRO B 997 -33.16 52.97 -27.47
C PRO B 997 -34.48 53.68 -27.76
N TRP B 998 -34.91 54.49 -26.81
CA TRP B 998 -36.10 55.31 -27.01
C TRP B 998 -35.87 56.48 -27.95
N ARG B 999 -34.64 56.70 -28.41
CA ARG B 999 -34.35 57.86 -29.24
C ARG B 999 -34.91 57.69 -30.66
N ALA B 1000 -34.81 56.49 -31.22
CA ALA B 1000 -35.35 56.26 -32.55
C ALA B 1000 -36.86 56.47 -32.57
N CYS B 1001 -37.57 55.87 -31.61
CA CYS B 1001 -39.01 56.09 -31.51
C CYS B 1001 -39.35 57.55 -31.18
N THR B 1002 -38.51 58.20 -30.37
CA THR B 1002 -38.73 59.61 -30.04
C THR B 1002 -38.68 60.46 -31.30
N LYS B 1003 -37.67 60.26 -32.14
CA LYS B 1003 -37.59 61.00 -33.40
C LYS B 1003 -38.74 60.63 -34.32
N TYR B 1004 -39.11 59.34 -34.36
CA TYR B 1004 -40.21 58.91 -35.21
C TYR B 1004 -41.50 59.61 -34.84
N LEU B 1005 -41.79 59.73 -33.54
CA LEU B 1005 -43.04 60.34 -33.11
C LEU B 1005 -42.97 61.86 -33.11
N SER B 1006 -41.77 62.43 -32.95
CA SER B 1006 -41.61 63.88 -33.04
C SER B 1006 -41.66 64.37 -34.47
N SER B 1007 -41.39 63.51 -35.45
CA SER B 1007 -41.67 63.87 -36.84
C SER B 1007 -43.17 64.05 -37.08
N ALA B 1008 -44.01 63.37 -36.28
CA ALA B 1008 -45.45 63.58 -36.38
C ALA B 1008 -45.84 64.95 -35.81
N GLY B 1009 -45.21 65.35 -34.71
CA GLY B 1009 -45.50 66.61 -34.08
C GLY B 1009 -46.33 66.44 -32.81
N ILE B 1010 -46.41 67.53 -32.05
CA ILE B 1010 -47.21 67.54 -30.83
C ILE B 1010 -48.70 67.50 -31.13
N LEU B 1011 -49.10 67.77 -32.38
CA LEU B 1011 -50.51 67.86 -32.71
C LEU B 1011 -51.21 66.51 -32.56
N LEU B 1012 -50.57 65.43 -33.00
CA LEU B 1012 -51.21 64.13 -33.05
C LEU B 1012 -50.73 63.16 -31.97
N LEU B 1013 -49.59 63.43 -31.34
CA LEU B 1013 -49.08 62.55 -30.30
C LEU B 1013 -50.08 62.39 -29.16
N SER B 1014 -50.48 63.52 -28.55
CA SER B 1014 -51.45 63.46 -27.46
C SER B 1014 -52.82 63.00 -27.95
N LEU B 1015 -53.21 63.45 -29.15
CA LEU B 1015 -54.49 63.04 -29.72
C LEU B 1015 -54.56 61.52 -29.84
N LEU B 1016 -53.43 60.86 -30.05
CA LEU B 1016 -53.41 59.40 -30.08
C LEU B 1016 -53.39 58.82 -28.67
N VAL B 1017 -52.48 59.30 -27.82
CA VAL B 1017 -52.23 58.64 -26.54
C VAL B 1017 -53.45 58.78 -25.63
N PHE B 1018 -53.98 60.00 -25.48
CA PHE B 1018 -55.13 60.18 -24.60
C PHE B 1018 -56.36 59.48 -25.12
N SER B 1019 -56.54 59.43 -26.44
CA SER B 1019 -57.68 58.71 -27.01
C SER B 1019 -57.57 57.21 -26.72
N GLN B 1020 -56.36 56.65 -26.80
CA GLN B 1020 -56.19 55.24 -26.45
C GLN B 1020 -56.50 55.00 -24.97
N LEU B 1021 -55.95 55.85 -24.10
CA LEU B 1021 -56.24 55.72 -22.67
C LEU B 1021 -57.74 55.78 -22.41
N LEU B 1022 -58.44 56.69 -23.07
CA LEU B 1022 -59.87 56.84 -22.83
C LEU B 1022 -60.66 55.66 -23.38
N LYS B 1023 -60.24 55.11 -24.53
CA LYS B 1023 -60.92 53.92 -25.05
C LYS B 1023 -60.78 52.75 -24.10
N HIS B 1024 -59.58 52.54 -23.56
CA HIS B 1024 -59.41 51.43 -22.62
C HIS B 1024 -60.16 51.68 -21.32
N MET B 1025 -60.21 52.94 -20.86
CA MET B 1025 -60.99 53.25 -19.67
C MET B 1025 -62.47 52.97 -19.90
N VAL B 1026 -62.99 53.27 -21.09
CA VAL B 1026 -64.39 52.96 -21.39
C VAL B 1026 -64.59 51.45 -21.44
N LEU B 1027 -63.64 50.73 -22.04
CA LEU B 1027 -63.77 49.28 -22.17
C LEU B 1027 -63.75 48.58 -20.81
N VAL B 1028 -63.08 49.17 -19.81
CA VAL B 1028 -63.16 48.57 -18.47
C VAL B 1028 -64.39 49.06 -17.74
N ALA B 1029 -64.76 50.34 -17.90
CA ALA B 1029 -65.88 50.91 -17.15
C ALA B 1029 -67.20 50.28 -17.55
N ILE B 1030 -67.35 49.85 -18.81
CA ILE B 1030 -68.59 49.19 -19.21
C ILE B 1030 -68.81 47.93 -18.39
N ASP B 1031 -67.76 47.12 -18.22
CA ASP B 1031 -67.87 45.92 -17.40
C ASP B 1031 -68.00 46.25 -15.92
N TYR B 1032 -67.32 47.31 -15.47
CA TYR B 1032 -67.47 47.73 -14.08
C TYR B 1032 -68.92 48.08 -13.76
N TRP B 1033 -69.60 48.76 -14.68
CA TRP B 1033 -71.01 49.09 -14.48
C TRP B 1033 -71.90 47.87 -14.66
N LEU B 1034 -71.52 46.95 -15.55
CA LEU B 1034 -72.27 45.71 -15.68
C LEU B 1034 -72.24 44.90 -14.38
N ALA B 1035 -71.12 44.97 -13.66
CA ALA B 1035 -71.02 44.28 -12.37
C ALA B 1035 -72.12 44.74 -11.42
N LYS B 1036 -72.37 46.05 -11.35
CA LYS B 1036 -73.47 46.54 -10.52
C LYS B 1036 -74.83 46.27 -11.18
N TRP B 1037 -74.87 46.20 -12.51
CA TRP B 1037 -76.09 45.84 -13.21
C TRP B 1037 -76.59 44.48 -12.74
N THR B 1038 -75.68 43.54 -12.52
CA THR B 1038 -76.06 42.14 -12.32
C THR B 1038 -77.04 41.98 -11.16
N ASP B 1039 -76.61 42.31 -9.95
CA ASP B 1039 -77.42 42.03 -8.77
C ASP B 1039 -78.70 42.85 -8.77
N SER B 1040 -79.82 42.19 -8.51
CA SER B 1040 -81.12 42.85 -8.49
C SER B 1040 -82.14 42.05 -7.67
N ASP B 1060 -84.15 49.10 -10.52
CA ASP B 1060 -83.97 50.02 -11.64
C ASP B 1060 -83.21 49.34 -12.78
N GLN B 1061 -83.77 48.23 -13.27
CA GLN B 1061 -83.09 47.47 -14.32
C GLN B 1061 -83.08 48.22 -15.65
N SER B 1062 -84.14 48.98 -15.93
CA SER B 1062 -84.23 49.69 -17.20
C SER B 1062 -83.18 50.79 -17.30
N VAL B 1063 -83.03 51.60 -16.24
CA VAL B 1063 -82.01 52.63 -16.20
C VAL B 1063 -80.62 52.00 -16.32
N TYR B 1064 -80.42 50.87 -15.67
CA TYR B 1064 -79.17 50.13 -15.77
C TYR B 1064 -78.85 49.77 -17.22
N ALA B 1065 -79.82 49.20 -17.93
CA ALA B 1065 -79.61 48.81 -19.32
C ALA B 1065 -79.35 50.02 -20.20
N MET B 1066 -80.03 51.14 -19.91
CA MET B 1066 -79.80 52.36 -20.70
C MET B 1066 -78.37 52.87 -20.51
N VAL B 1067 -77.87 52.84 -19.28
CA VAL B 1067 -76.49 53.24 -19.03
C VAL B 1067 -75.54 52.31 -19.76
N PHE B 1068 -75.84 51.02 -19.75
CA PHE B 1068 -75.03 50.06 -20.50
C PHE B 1068 -74.99 50.41 -21.99
N THR B 1069 -76.12 50.81 -22.56
CA THR B 1069 -76.17 51.20 -23.96
C THR B 1069 -75.30 52.43 -24.23
N LEU B 1070 -75.38 53.42 -23.33
CA LEU B 1070 -74.56 54.62 -23.48
C LEU B 1070 -73.08 54.27 -23.50
N LEU B 1071 -72.65 53.42 -22.57
CA LEU B 1071 -71.23 53.03 -22.55
C LEU B 1071 -70.85 52.31 -23.84
N CYS B 1072 -71.72 51.39 -24.31
CA CYS B 1072 -71.44 50.65 -25.54
C CYS B 1072 -71.26 51.59 -26.74
N SER B 1073 -72.06 52.66 -26.80
CA SER B 1073 -71.90 53.61 -27.91
C SER B 1073 -70.59 54.39 -27.79
N LEU B 1074 -70.28 54.87 -26.58
CA LEU B 1074 -69.03 55.60 -26.38
C LEU B 1074 -67.83 54.77 -26.82
N GLY B 1075 -67.85 53.48 -26.50
CA GLY B 1075 -66.72 52.62 -26.85
C GLY B 1075 -66.43 52.60 -28.34
N ILE B 1076 -67.46 52.37 -29.16
CA ILE B 1076 -67.26 52.22 -30.59
C ILE B 1076 -66.85 53.54 -31.22
N VAL B 1077 -67.47 54.65 -30.78
CA VAL B 1077 -67.09 55.96 -31.33
C VAL B 1077 -65.62 56.24 -31.06
N LEU B 1078 -65.18 56.00 -29.82
CA LEU B 1078 -63.80 56.28 -29.46
C LEU B 1078 -62.84 55.37 -30.23
N CYS B 1079 -63.23 54.12 -30.46
CA CYS B 1079 -62.37 53.20 -31.21
C CYS B 1079 -62.16 53.68 -32.64
N LEU B 1080 -63.25 54.10 -33.30
CA LEU B 1080 -63.10 54.64 -34.65
C LEU B 1080 -62.18 55.85 -34.66
N VAL B 1081 -62.34 56.75 -33.67
CA VAL B 1081 -61.49 57.94 -33.62
C VAL B 1081 -60.02 57.54 -33.51
N THR B 1082 -59.71 56.60 -32.60
CA THR B 1082 -58.32 56.18 -32.41
C THR B 1082 -57.73 55.59 -33.68
N SER B 1083 -58.50 54.75 -34.36
CA SER B 1083 -57.99 54.11 -35.57
C SER B 1083 -57.67 55.15 -36.65
N VAL B 1084 -58.59 56.09 -36.87
CA VAL B 1084 -58.34 57.15 -37.86
C VAL B 1084 -57.11 57.96 -37.48
N THR B 1085 -56.93 58.21 -36.18
CA THR B 1085 -55.76 58.96 -35.72
C THR B 1085 -54.47 58.24 -36.09
N VAL B 1086 -54.39 56.95 -35.77
CA VAL B 1086 -53.18 56.18 -36.09
C VAL B 1086 -52.89 56.22 -37.59
N GLU B 1087 -53.93 56.03 -38.40
CA GLU B 1087 -53.76 56.06 -39.86
C GLU B 1087 -53.15 57.40 -40.32
N TRP B 1088 -53.83 58.50 -39.97
CA TRP B 1088 -53.39 59.81 -40.44
C TRP B 1088 -51.97 60.12 -39.98
N THR B 1089 -51.66 59.80 -38.73
CA THR B 1089 -50.33 60.07 -38.19
C THR B 1089 -49.26 59.28 -38.92
N GLY B 1090 -49.50 57.97 -39.13
CA GLY B 1090 -48.53 57.17 -39.84
C GLY B 1090 -48.24 57.69 -41.24
N LEU B 1091 -49.30 58.08 -41.96
CA LEU B 1091 -49.10 58.57 -43.32
C LEU B 1091 -48.31 59.86 -43.33
N LYS B 1092 -48.64 60.80 -42.43
CA LYS B 1092 -47.88 62.05 -42.37
C LYS B 1092 -46.42 61.81 -42.04
N VAL B 1093 -46.14 60.88 -41.11
CA VAL B 1093 -44.77 60.60 -40.73
C VAL B 1093 -44.00 60.02 -41.90
N ALA B 1094 -44.60 59.08 -42.63
CA ALA B 1094 -43.95 58.52 -43.80
C ALA B 1094 -43.60 59.60 -44.81
N LYS B 1095 -44.57 60.48 -45.11
CA LYS B 1095 -44.33 61.58 -46.02
C LYS B 1095 -43.12 62.40 -45.61
N ARG B 1096 -43.14 62.93 -44.39
CA ARG B 1096 -42.09 63.83 -43.95
C ARG B 1096 -40.74 63.13 -43.91
N LEU B 1097 -40.71 61.87 -43.48
CA LEU B 1097 -39.45 61.14 -43.40
C LEU B 1097 -38.85 60.94 -44.79
N HIS B 1098 -39.68 60.55 -45.76
CA HIS B 1098 -39.18 60.36 -47.12
C HIS B 1098 -38.64 61.67 -47.69
N ARG B 1099 -39.39 62.76 -47.52
CA ARG B 1099 -38.94 64.03 -48.08
C ARG B 1099 -37.63 64.48 -47.45
N SER B 1100 -37.51 64.36 -46.12
CA SER B 1100 -36.28 64.75 -45.45
C SER B 1100 -35.11 63.89 -45.88
N LEU B 1101 -35.33 62.58 -46.04
CA LEU B 1101 -34.26 61.70 -46.49
C LEU B 1101 -33.77 62.10 -47.87
N LEU B 1102 -34.70 62.36 -48.80
CA LEU B 1102 -34.32 62.78 -50.14
C LEU B 1102 -33.51 64.08 -50.10
N ASN B 1103 -34.01 65.07 -49.36
CA ASN B 1103 -33.32 66.36 -49.30
C ASN B 1103 -31.93 66.23 -48.70
N ARG B 1104 -31.77 65.43 -47.65
CA ARG B 1104 -30.46 65.29 -47.02
C ARG B 1104 -29.51 64.49 -47.91
N ILE B 1105 -30.02 63.57 -48.71
CA ILE B 1105 -29.14 62.85 -49.63
C ILE B 1105 -28.74 63.74 -50.80
N ILE B 1106 -29.56 64.72 -51.16
CA ILE B 1106 -29.24 65.56 -52.31
C ILE B 1106 -27.99 66.40 -52.05
N LEU B 1107 -27.84 66.97 -50.86
CA LEU B 1107 -26.80 67.94 -50.57
C LEU B 1107 -25.49 67.30 -50.10
N ALA B 1108 -25.22 66.05 -50.49
CA ALA B 1108 -24.01 65.40 -50.02
C ALA B 1108 -22.84 65.66 -50.98
N PRO B 1109 -21.61 65.63 -50.48
CA PRO B 1109 -20.45 65.81 -51.37
C PRO B 1109 -20.25 64.59 -52.26
N MET B 1110 -19.50 64.80 -53.34
CA MET B 1110 -19.28 63.75 -54.32
C MET B 1110 -18.46 62.60 -53.73
N ARG B 1111 -17.42 62.93 -52.96
CA ARG B 1111 -16.57 61.88 -52.39
C ARG B 1111 -17.34 60.99 -51.44
N PHE B 1112 -18.38 61.52 -50.78
CA PHE B 1112 -19.25 60.67 -49.97
C PHE B 1112 -19.97 59.64 -50.83
N PHE B 1113 -20.54 60.08 -51.96
CA PHE B 1113 -21.24 59.15 -52.84
C PHE B 1113 -20.28 58.11 -53.41
N GLU B 1114 -19.06 58.52 -53.72
CA GLU B 1114 -18.08 57.56 -54.26
C GLU B 1114 -17.60 56.58 -53.19
N THR B 1115 -17.57 57.01 -51.93
CA THR B 1115 -17.05 56.15 -50.86
C THR B 1115 -18.05 55.06 -50.50
N THR B 1116 -19.32 55.42 -50.33
CA THR B 1116 -20.33 54.47 -49.88
C THR B 1116 -20.80 53.62 -51.05
N PRO B 1117 -20.89 52.29 -50.89
CA PRO B 1117 -21.43 51.46 -51.96
C PRO B 1117 -22.86 51.85 -52.30
N LEU B 1118 -23.28 51.46 -53.51
CA LEU B 1118 -24.62 51.82 -53.96
C LEU B 1118 -25.70 51.00 -53.25
N GLY B 1119 -25.38 49.76 -52.85
CA GLY B 1119 -26.37 48.90 -52.25
C GLY B 1119 -26.99 49.49 -51.00
N SER B 1120 -26.17 50.05 -50.11
CA SER B 1120 -26.68 50.57 -48.86
C SER B 1120 -27.52 51.83 -49.09
N ILE B 1121 -27.03 52.76 -49.90
CA ILE B 1121 -27.78 53.99 -50.18
C ILE B 1121 -29.10 53.67 -50.86
N LEU B 1122 -29.09 52.80 -51.86
CA LEU B 1122 -30.33 52.44 -52.55
C LEU B 1122 -31.28 51.60 -51.72
N ASN B 1123 -30.69 50.70 -50.94
CA ASN B 1123 -31.45 49.76 -50.15
C ASN B 1123 -32.33 50.42 -49.11
N ARG B 1124 -31.88 51.49 -48.47
CA ARG B 1124 -32.72 52.11 -47.46
C ARG B 1124 -34.04 52.56 -48.08
N PHE B 1125 -33.95 53.27 -49.21
CA PHE B 1125 -35.16 53.72 -49.89
C PHE B 1125 -36.00 52.58 -50.40
N SER B 1126 -35.34 51.54 -50.92
CA SER B 1126 -36.05 50.39 -51.44
C SER B 1126 -36.85 49.63 -50.40
N SER B 1127 -36.30 49.46 -49.20
CA SER B 1127 -36.99 48.67 -48.20
C SER B 1127 -37.41 49.47 -46.98
N ASP B 1128 -36.44 49.98 -46.24
CA ASP B 1128 -36.76 50.77 -45.07
C ASP B 1128 -38.04 51.58 -45.27
N CYS B 1129 -38.16 52.28 -46.40
CA CYS B 1129 -39.34 53.09 -46.62
C CYS B 1129 -40.58 52.22 -46.77
N ASN B 1130 -40.42 51.19 -47.59
CA ASN B 1130 -41.49 50.27 -47.87
C ASN B 1130 -41.89 49.51 -46.62
N THR B 1131 -40.88 49.05 -45.89
CA THR B 1131 -41.14 48.27 -44.70
C THR B 1131 -41.90 49.10 -43.70
N ILE B 1132 -41.47 50.33 -43.50
CA ILE B 1132 -42.13 51.17 -42.53
C ILE B 1132 -43.56 51.43 -42.92
N ASP B 1133 -43.77 51.79 -44.19
CA ASP B 1133 -45.14 52.10 -44.59
C ASP B 1133 -46.06 50.89 -44.47
N GLN B 1134 -45.57 49.73 -44.85
CA GLN B 1134 -46.38 48.53 -44.75
C GLN B 1134 -46.67 48.03 -43.35
N HIS B 1135 -45.67 48.07 -42.47
CA HIS B 1135 -45.86 47.45 -41.15
C HIS B 1135 -45.76 48.27 -39.87
N ILE B 1136 -45.17 49.46 -39.92
CA ILE B 1136 -45.03 50.18 -38.64
C ILE B 1136 -46.37 50.61 -38.07
N PRO B 1137 -47.32 51.18 -38.84
CA PRO B 1137 -48.56 51.65 -38.20
C PRO B 1137 -49.38 50.52 -37.57
N SER B 1138 -49.59 49.42 -38.30
CA SER B 1138 -50.39 48.32 -37.77
C SER B 1138 -49.76 47.72 -36.53
N THR B 1139 -48.45 47.45 -36.59
CA THR B 1139 -47.76 46.85 -35.45
C THR B 1139 -47.75 47.80 -34.25
N LEU B 1140 -47.57 49.11 -34.49
CA LEU B 1140 -47.62 50.06 -33.40
C LEU B 1140 -49.00 50.08 -32.74
N GLU B 1141 -50.06 50.10 -33.56
CA GLU B 1141 -51.42 50.05 -33.03
C GLU B 1141 -51.63 48.79 -32.20
N CYS B 1142 -51.17 47.64 -32.71
CA CYS B 1142 -51.37 46.39 -31.99
C CYS B 1142 -50.60 46.39 -30.66
N LEU B 1143 -49.36 46.87 -30.66
CA LEU B 1143 -48.57 46.95 -29.43
C LEU B 1143 -49.27 47.83 -28.41
N SER B 1144 -49.75 49.01 -28.83
CA SER B 1144 -50.42 49.91 -27.90
C SER B 1144 -51.68 49.27 -27.32
N ARG B 1145 -52.52 48.68 -28.19
CA ARG B 1145 -53.72 48.03 -27.69
C ARG B 1145 -53.39 46.91 -26.71
N SER B 1146 -52.37 46.11 -27.02
CA SER B 1146 -52.02 45.00 -26.16
C SER B 1146 -51.54 45.48 -24.80
N THR B 1147 -50.61 46.45 -24.78
CA THR B 1147 -50.07 46.89 -23.51
C THR B 1147 -51.14 47.56 -22.65
N LEU B 1148 -52.03 48.35 -23.27
CA LEU B 1148 -53.05 49.01 -22.48
C LEU B 1148 -54.11 48.03 -21.99
N LEU B 1149 -54.45 47.01 -22.81
CA LEU B 1149 -55.37 45.99 -22.35
C LEU B 1149 -54.79 45.20 -21.18
N CYS B 1150 -53.49 44.92 -21.23
CA CYS B 1150 -52.86 44.18 -20.13
C CYS B 1150 -52.86 45.01 -18.85
N VAL B 1151 -52.48 46.30 -18.95
CA VAL B 1151 -52.50 47.16 -17.77
C VAL B 1151 -53.90 47.27 -17.20
N SER B 1152 -54.90 47.41 -18.08
CA SER B 1152 -56.28 47.51 -17.64
C SER B 1152 -56.72 46.24 -16.93
N ALA B 1153 -56.35 45.07 -17.46
CA ALA B 1153 -56.74 43.82 -16.82
C ALA B 1153 -56.10 43.66 -15.45
N LEU B 1154 -54.81 44.05 -15.34
CA LEU B 1154 -54.16 44.00 -14.04
C LEU B 1154 -54.86 44.92 -13.04
N THR B 1155 -55.20 46.13 -13.47
CA THR B 1155 -55.90 47.06 -12.59
C THR B 1155 -57.27 46.52 -12.18
N VAL B 1156 -57.95 45.84 -13.09
CA VAL B 1156 -59.26 45.27 -12.77
C VAL B 1156 -59.12 44.19 -11.70
N ILE B 1157 -58.23 43.22 -11.93
CA ILE B 1157 -58.08 42.14 -10.97
C ILE B 1157 -57.48 42.64 -9.65
N SER B 1158 -56.87 43.82 -9.66
CA SER B 1158 -56.42 44.42 -8.41
C SER B 1158 -57.59 45.07 -7.66
N TYR B 1159 -58.40 45.86 -8.36
CA TYR B 1159 -59.52 46.54 -7.73
C TYR B 1159 -60.54 45.54 -7.20
N VAL B 1160 -60.77 44.48 -7.97
CA VAL B 1160 -61.75 43.46 -7.58
C VAL B 1160 -61.31 42.81 -6.29
N THR B 1161 -60.01 42.52 -6.20
CA THR B 1161 -59.47 41.94 -5.00
C THR B 1161 -58.39 42.88 -4.48
N PRO B 1162 -58.62 43.41 -3.27
CA PRO B 1162 -57.67 44.31 -2.64
C PRO B 1162 -56.37 43.58 -2.34
N VAL B 1163 -56.52 42.32 -1.92
CA VAL B 1163 -55.40 41.48 -1.51
C VAL B 1163 -54.78 40.77 -2.72
N PHE B 1164 -55.60 40.39 -3.70
CA PHE B 1164 -55.08 39.75 -4.91
C PHE B 1164 -54.01 40.59 -5.57
N LEU B 1165 -54.17 41.92 -5.55
CA LEU B 1165 -53.15 42.82 -6.06
C LEU B 1165 -51.79 42.48 -5.48
N VAL B 1166 -51.70 42.41 -4.15
CA VAL B 1166 -50.41 42.19 -3.50
C VAL B 1166 -49.84 40.83 -3.84
N ALA B 1167 -50.67 39.90 -4.31
CA ALA B 1167 -50.16 38.60 -4.71
C ALA B 1167 -49.67 38.58 -6.16
N LEU B 1168 -50.11 39.53 -6.99
CA LEU B 1168 -49.80 39.49 -8.41
C LEU B 1168 -48.48 40.19 -8.76
N LEU B 1169 -48.00 41.09 -7.91
CA LEU B 1169 -46.76 41.80 -8.19
C LEU B 1169 -45.54 40.87 -8.13
N PRO B 1170 -45.48 39.88 -7.21
CA PRO B 1170 -44.40 38.87 -7.31
C PRO B 1170 -44.33 38.20 -8.67
N LEU B 1171 -45.44 37.58 -9.09
CA LEU B 1171 -45.44 36.83 -10.35
C LEU B 1171 -45.01 37.69 -11.53
N ALA B 1172 -45.53 38.93 -11.59
CA ALA B 1172 -45.16 39.83 -12.69
C ALA B 1172 -43.66 40.06 -12.72
N VAL B 1173 -43.03 40.21 -11.55
CA VAL B 1173 -41.58 40.38 -11.50
C VAL B 1173 -40.89 39.16 -12.10
N VAL B 1174 -41.45 37.97 -11.87
CA VAL B 1174 -40.97 36.76 -12.53
C VAL B 1174 -40.88 36.98 -14.04
N CYS B 1175 -41.95 37.53 -14.63
CA CYS B 1175 -41.96 37.78 -16.06
C CYS B 1175 -40.78 38.62 -16.52
N TYR B 1176 -40.34 39.56 -15.68
CA TYR B 1176 -39.18 40.37 -16.04
C TYR B 1176 -37.99 39.47 -16.36
N PHE B 1177 -37.70 38.51 -15.47
CA PHE B 1177 -36.60 37.59 -15.74
C PHE B 1177 -36.86 36.76 -17.00
N ILE B 1178 -38.13 36.45 -17.28
CA ILE B 1178 -38.45 35.71 -18.48
C ILE B 1178 -38.29 36.58 -19.72
N GLN B 1179 -38.32 37.90 -19.55
CA GLN B 1179 -38.21 38.79 -20.71
C GLN B 1179 -36.79 38.82 -21.24
N LYS B 1180 -35.83 39.24 -20.41
CA LYS B 1180 -34.44 39.38 -20.83
C LYS B 1180 -33.96 38.14 -21.56
N TYR B 1181 -33.90 37.00 -20.84
CA TYR B 1181 -33.38 35.76 -21.41
C TYR B 1181 -34.03 35.43 -22.74
N PHE B 1182 -35.27 35.86 -22.95
CA PHE B 1182 -35.90 35.60 -24.24
C PHE B 1182 -35.29 36.45 -25.34
N ARG B 1183 -35.33 37.77 -25.17
CA ARG B 1183 -34.98 38.67 -26.28
C ARG B 1183 -33.56 38.42 -26.76
N VAL B 1184 -32.61 38.39 -25.83
CA VAL B 1184 -31.19 38.21 -26.17
C VAL B 1184 -30.94 36.92 -26.93
N ALA B 1185 -31.90 36.01 -26.98
CA ALA B 1185 -31.84 34.85 -27.86
C ALA B 1185 -32.78 34.96 -29.05
N SER B 1186 -34.01 35.46 -28.82
CA SER B 1186 -35.00 35.50 -29.88
C SER B 1186 -34.53 36.38 -31.03
N ARG B 1187 -33.92 37.52 -30.71
CA ARG B 1187 -33.26 38.31 -31.74
C ARG B 1187 -32.21 37.47 -32.47
N ASP B 1188 -31.30 36.86 -31.70
CA ASP B 1188 -30.16 36.17 -32.29
C ASP B 1188 -30.61 35.11 -33.30
N LEU B 1189 -31.34 34.09 -32.82
CA LEU B 1189 -31.87 33.07 -33.72
C LEU B 1189 -32.50 33.70 -34.95
N GLN B 1190 -33.28 34.77 -34.75
CA GLN B 1190 -33.96 35.44 -35.87
C GLN B 1190 -32.98 35.72 -37.00
N GLN B 1191 -31.93 36.49 -36.70
CA GLN B 1191 -30.98 36.86 -37.73
C GLN B 1191 -30.33 35.62 -38.36
N LEU B 1192 -30.03 34.61 -37.54
CA LEU B 1192 -29.45 33.38 -38.08
C LEU B 1192 -30.35 32.82 -39.18
N ASP B 1193 -31.67 32.78 -38.94
CA ASP B 1193 -32.61 32.33 -39.97
C ASP B 1193 -32.36 33.07 -41.28
N ASP B 1194 -32.35 34.41 -41.21
CA ASP B 1194 -32.14 35.21 -42.41
C ASP B 1194 -30.88 34.74 -43.13
N THR B 1195 -29.79 34.53 -42.39
CA THR B 1195 -28.56 34.14 -43.06
C THR B 1195 -28.71 32.79 -43.75
N THR B 1196 -29.34 31.81 -43.10
CA THR B 1196 -29.44 30.51 -43.77
C THR B 1196 -30.41 30.54 -44.93
N GLN B 1197 -31.19 31.62 -45.07
CA GLN B 1197 -32.05 31.74 -46.23
C GLN B 1197 -31.34 32.35 -47.42
N LEU B 1198 -30.23 33.07 -47.20
CA LEU B 1198 -29.67 33.84 -48.30
C LEU B 1198 -28.82 32.99 -49.25
N PRO B 1199 -27.79 32.25 -48.78
CA PRO B 1199 -27.03 31.42 -49.72
C PRO B 1199 -27.81 30.26 -50.29
N LEU B 1200 -28.87 29.80 -49.64
CA LEU B 1200 -29.65 28.70 -50.19
C LEU B 1200 -30.25 29.09 -51.54
N LEU B 1201 -31.15 30.09 -51.54
CA LEU B 1201 -31.78 30.55 -52.77
C LEU B 1201 -30.76 30.87 -53.84
N SER B 1202 -29.75 31.67 -53.50
CA SER B 1202 -28.70 32.00 -54.46
C SER B 1202 -28.13 30.74 -55.08
N HIS B 1203 -27.82 29.74 -54.25
CA HIS B 1203 -27.29 28.49 -54.76
C HIS B 1203 -28.18 27.92 -55.86
N PHE B 1204 -29.48 27.84 -55.59
CA PHE B 1204 -30.44 27.40 -56.59
C PHE B 1204 -30.18 28.07 -57.93
N ALA B 1205 -30.12 29.41 -57.92
CA ALA B 1205 -29.96 30.14 -59.17
C ALA B 1205 -28.67 29.74 -59.89
N GLU B 1206 -27.58 29.57 -59.13
CA GLU B 1206 -26.31 29.19 -59.75
C GLU B 1206 -26.43 27.86 -60.49
N THR B 1207 -27.24 26.93 -59.96
CA THR B 1207 -27.40 25.65 -60.64
C THR B 1207 -28.18 25.81 -61.93
N VAL B 1208 -29.11 26.76 -61.98
CA VAL B 1208 -30.01 26.85 -63.14
C VAL B 1208 -29.25 27.37 -64.36
N GLU B 1209 -28.47 28.44 -64.18
CA GLU B 1209 -27.78 29.04 -65.32
C GLU B 1209 -26.71 28.10 -65.88
N GLY B 1210 -25.72 27.76 -65.07
CA GLY B 1210 -24.67 26.86 -65.50
C GLY B 1210 -25.05 25.40 -65.44
N LEU B 1211 -26.28 25.08 -65.88
CA LEU B 1211 -26.77 23.73 -65.77
C LEU B 1211 -26.01 22.78 -66.68
N THR B 1212 -25.71 23.22 -67.91
CA THR B 1212 -25.00 22.36 -68.85
C THR B 1212 -23.60 22.02 -68.33
N THR B 1213 -22.89 23.01 -67.77
CA THR B 1213 -21.56 22.74 -67.24
C THR B 1213 -21.61 21.73 -66.11
N ILE B 1214 -22.63 21.83 -65.25
CA ILE B 1214 -22.71 20.95 -64.09
C ILE B 1214 -23.12 19.54 -64.49
N ARG B 1215 -24.04 19.42 -65.46
CA ARG B 1215 -24.35 18.08 -65.96
C ARG B 1215 -23.22 17.49 -66.78
N ALA B 1216 -22.35 18.34 -67.34
CA ALA B 1216 -21.21 17.85 -68.10
C ALA B 1216 -20.11 17.33 -67.19
N PHE B 1217 -19.73 18.12 -66.18
CA PHE B 1217 -18.71 17.69 -65.23
C PHE B 1217 -19.14 16.47 -64.42
N ARG B 1218 -20.40 16.07 -64.50
CA ARG B 1218 -20.96 14.99 -63.68
C ARG B 1218 -20.82 15.29 -62.19
N TYR B 1219 -20.82 16.57 -61.83
CA TYR B 1219 -20.68 17.01 -60.44
C TYR B 1219 -22.02 17.07 -59.71
N GLU B 1220 -23.03 16.33 -60.18
CA GLU B 1220 -24.36 16.44 -59.61
C GLU B 1220 -24.39 15.96 -58.16
N ALA B 1221 -23.61 14.93 -57.84
CA ALA B 1221 -23.63 14.36 -56.49
C ALA B 1221 -23.15 15.36 -55.45
N ARG B 1222 -22.00 15.99 -55.70
CA ARG B 1222 -21.46 16.94 -54.74
C ARG B 1222 -22.38 18.14 -54.56
N PHE B 1223 -23.03 18.59 -55.63
CA PHE B 1223 -23.93 19.72 -55.50
C PHE B 1223 -25.18 19.34 -54.72
N GLN B 1224 -25.70 18.13 -54.95
CA GLN B 1224 -26.83 17.67 -54.16
C GLN B 1224 -26.46 17.57 -52.69
N GLN B 1225 -25.23 17.12 -52.41
CA GLN B 1225 -24.73 17.11 -51.03
C GLN B 1225 -24.73 18.52 -50.44
N LYS B 1226 -24.25 19.49 -51.21
CA LYS B 1226 -24.22 20.88 -50.74
C LYS B 1226 -25.62 21.39 -50.45
N LEU B 1227 -26.60 21.02 -51.29
CA LEU B 1227 -27.95 21.52 -51.08
C LEU B 1227 -28.62 20.86 -49.88
N LEU B 1228 -28.34 19.57 -49.65
CA LEU B 1228 -28.82 18.95 -48.42
C LEU B 1228 -28.21 19.62 -47.20
N GLU B 1229 -26.92 19.96 -47.27
CA GLU B 1229 -26.28 20.69 -46.19
C GLU B 1229 -26.97 22.03 -45.94
N TYR B 1230 -27.24 22.78 -47.01
CA TYR B 1230 -27.84 24.10 -46.86
C TYR B 1230 -29.27 24.01 -46.31
N THR B 1231 -30.06 23.06 -46.79
CA THR B 1231 -31.42 22.95 -46.30
C THR B 1231 -31.45 22.47 -44.85
N ASP B 1232 -30.46 21.66 -44.44
CA ASP B 1232 -30.36 21.31 -43.03
C ASP B 1232 -30.01 22.52 -42.18
N SER B 1233 -29.08 23.35 -42.66
CA SER B 1233 -28.70 24.55 -41.92
C SER B 1233 -29.86 25.54 -41.84
N ASN B 1234 -30.73 25.55 -42.84
CA ASN B 1234 -31.94 26.37 -42.77
C ASN B 1234 -32.94 25.81 -41.77
N ASN B 1235 -33.15 24.49 -41.81
CA ASN B 1235 -34.18 23.89 -40.97
C ASN B 1235 -33.81 23.94 -39.49
N ILE B 1236 -32.53 23.76 -39.16
CA ILE B 1236 -32.14 23.80 -37.75
C ILE B 1236 -32.46 25.18 -37.17
N ALA B 1237 -32.23 26.24 -37.94
CA ALA B 1237 -32.51 27.59 -37.45
C ALA B 1237 -34.02 27.83 -37.35
N SER B 1238 -34.75 27.56 -38.43
CA SER B 1238 -36.19 27.76 -38.41
C SER B 1238 -36.90 26.84 -37.42
N LEU B 1239 -36.20 25.84 -36.88
CA LEU B 1239 -36.74 24.93 -35.90
C LEU B 1239 -36.45 25.38 -34.47
N PHE B 1240 -35.20 25.80 -34.22
CA PHE B 1240 -34.89 26.36 -32.91
C PHE B 1240 -35.70 27.61 -32.64
N LEU B 1241 -36.02 28.39 -33.70
CA LEU B 1241 -36.81 29.60 -33.50
C LEU B 1241 -38.22 29.26 -33.00
N THR B 1242 -38.86 28.26 -33.63
CA THR B 1242 -40.19 27.88 -33.19
C THR B 1242 -40.14 27.19 -31.83
N ALA B 1243 -39.07 26.47 -31.52
CA ALA B 1243 -38.92 25.88 -30.20
C ALA B 1243 -38.85 26.97 -29.12
N ALA B 1244 -38.08 28.03 -29.38
CA ALA B 1244 -37.97 29.11 -28.40
C ALA B 1244 -39.27 29.87 -28.24
N ASN B 1245 -39.98 30.10 -29.34
CA ASN B 1245 -41.29 30.73 -29.25
C ASN B 1245 -42.25 29.89 -28.41
N ARG B 1246 -42.25 28.56 -28.62
CA ARG B 1246 -43.06 27.67 -27.80
C ARG B 1246 -42.66 27.75 -26.33
N TRP B 1247 -41.36 27.83 -26.06
CA TRP B 1247 -40.90 27.93 -24.67
C TRP B 1247 -41.49 29.16 -23.99
N LEU B 1248 -41.25 30.33 -24.58
CA LEU B 1248 -41.79 31.56 -23.99
C LEU B 1248 -43.30 31.50 -23.85
N GLU B 1249 -43.99 30.99 -24.88
CA GLU B 1249 -45.43 30.87 -24.82
C GLU B 1249 -45.88 30.06 -23.62
N VAL B 1250 -45.35 28.84 -23.48
CA VAL B 1250 -45.83 27.92 -22.45
C VAL B 1250 -45.56 28.49 -21.07
N ARG B 1251 -44.38 29.10 -20.86
CA ARG B 1251 -44.07 29.57 -19.52
C ARG B 1251 -44.92 30.79 -19.16
N MET B 1252 -45.06 31.75 -20.08
CA MET B 1252 -45.94 32.88 -19.83
C MET B 1252 -47.37 32.41 -19.58
N GLU B 1253 -47.80 31.35 -20.27
CA GLU B 1253 -49.15 30.85 -20.07
C GLU B 1253 -49.31 30.18 -18.70
N TYR B 1254 -48.31 29.42 -18.27
CA TYR B 1254 -48.35 28.83 -16.94
C TYR B 1254 -48.49 29.91 -15.87
N ILE B 1255 -47.78 31.03 -16.04
CA ILE B 1255 -47.93 32.12 -15.07
C ILE B 1255 -49.30 32.78 -15.19
N GLY B 1256 -49.80 32.93 -16.41
CA GLY B 1256 -51.14 33.48 -16.61
C GLY B 1256 -52.24 32.61 -16.04
N ALA B 1257 -51.97 31.33 -15.84
CA ALA B 1257 -52.91 30.44 -15.17
C ALA B 1257 -52.73 30.48 -13.65
N CYS B 1258 -51.49 30.60 -13.18
CA CYS B 1258 -51.26 30.81 -11.76
C CYS B 1258 -52.00 32.04 -11.26
N VAL B 1259 -52.01 33.12 -12.05
CA VAL B 1259 -52.62 34.35 -11.58
C VAL B 1259 -54.14 34.20 -11.47
N VAL B 1260 -54.77 33.49 -12.41
CA VAL B 1260 -56.21 33.31 -12.30
C VAL B 1260 -56.56 32.34 -11.18
N LEU B 1261 -55.72 31.32 -10.95
CA LEU B 1261 -55.92 30.45 -9.79
C LEU B 1261 -55.92 31.26 -8.51
N ILE B 1262 -54.88 32.07 -8.29
CA ILE B 1262 -54.78 32.85 -7.06
C ILE B 1262 -55.93 33.86 -6.97
N ALA B 1263 -56.30 34.47 -8.10
CA ALA B 1263 -57.37 35.45 -8.09
C ALA B 1263 -58.70 34.80 -7.68
N ALA B 1264 -59.02 33.65 -8.25
CA ALA B 1264 -60.27 32.97 -7.90
C ALA B 1264 -60.24 32.49 -6.45
N ALA B 1265 -59.09 31.99 -5.99
CA ALA B 1265 -59.00 31.51 -4.62
C ALA B 1265 -59.18 32.64 -3.61
N THR B 1266 -58.69 33.83 -3.93
CA THR B 1266 -58.93 34.98 -3.06
C THR B 1266 -60.35 35.50 -3.19
N SER B 1267 -60.94 35.43 -4.39
CA SER B 1267 -62.27 35.98 -4.61
C SER B 1267 -63.34 35.15 -3.91
N ILE B 1268 -63.19 33.83 -3.94
CA ILE B 1268 -64.23 32.98 -3.35
C ILE B 1268 -64.36 33.22 -1.85
N SER B 1269 -63.25 33.54 -1.19
CA SER B 1269 -63.27 33.72 0.26
C SER B 1269 -63.50 35.18 0.64
N ASN B 1270 -62.66 36.07 0.13
CA ASN B 1270 -62.70 37.48 0.56
C ASN B 1270 -64.00 38.14 0.14
N SER B 1271 -64.43 37.92 -1.10
CA SER B 1271 -65.59 38.62 -1.64
C SER B 1271 -66.92 37.94 -1.30
N LEU B 1272 -66.89 36.77 -0.67
CA LEU B 1272 -68.10 36.07 -0.27
C LEU B 1272 -68.25 35.96 1.24
N HIS B 1273 -67.23 35.43 1.92
CA HIS B 1273 -67.32 35.22 3.36
C HIS B 1273 -67.43 36.56 4.10
N ARG B 1274 -66.39 37.38 3.97
CA ARG B 1274 -66.34 38.66 4.70
C ARG B 1274 -66.73 39.88 3.89
N GLU B 1275 -66.26 39.92 2.65
CA GLU B 1275 -66.56 41.04 1.76
C GLU B 1275 -68.05 41.10 1.46
N LEU B 1276 -68.65 39.93 1.28
CA LEU B 1276 -70.07 39.73 0.96
C LEU B 1276 -70.52 40.46 -0.30
N SER B 1277 -69.63 40.47 -1.30
CA SER B 1277 -69.88 41.09 -2.57
C SER B 1277 -69.70 40.04 -3.65
N ALA B 1278 -70.71 39.92 -4.50
CA ALA B 1278 -70.68 38.96 -5.60
C ALA B 1278 -70.34 39.59 -6.94
N GLY B 1279 -70.62 40.89 -7.13
CA GLY B 1279 -70.29 41.53 -8.37
C GLY B 1279 -68.80 41.63 -8.63
N LEU B 1280 -67.98 41.41 -7.61
CA LEU B 1280 -66.53 41.51 -7.75
C LEU B 1280 -65.97 40.30 -8.48
N VAL B 1281 -66.23 39.10 -7.96
CA VAL B 1281 -65.58 37.88 -8.45
C VAL B 1281 -65.79 37.71 -9.95
N GLY B 1282 -66.91 38.18 -10.48
CA GLY B 1282 -67.17 38.08 -11.90
C GLY B 1282 -66.12 38.76 -12.75
N LEU B 1283 -65.90 40.04 -12.50
CA LEU B 1283 -64.90 40.79 -13.25
C LEU B 1283 -63.51 40.17 -13.11
N GLY B 1284 -63.13 39.84 -11.88
CA GLY B 1284 -61.80 39.29 -11.65
C GLY B 1284 -61.59 37.98 -12.40
N LEU B 1285 -62.53 37.05 -12.28
CA LEU B 1285 -62.41 35.79 -12.98
C LEU B 1285 -62.40 35.98 -14.49
N THR B 1286 -63.31 36.82 -15.01
CA THR B 1286 -63.39 36.99 -16.45
C THR B 1286 -62.13 37.63 -17.03
N TYR B 1287 -61.49 38.53 -16.28
CA TYR B 1287 -60.27 39.16 -16.81
C TYR B 1287 -59.04 38.28 -16.59
N ALA B 1288 -59.01 37.50 -15.50
CA ALA B 1288 -57.87 36.62 -15.26
C ALA B 1288 -57.91 35.37 -16.11
N LEU B 1289 -59.09 34.97 -16.61
CA LEU B 1289 -59.15 33.87 -17.55
C LEU B 1289 -58.50 34.20 -18.89
N MET B 1290 -58.32 35.49 -19.19
CA MET B 1290 -57.84 35.91 -20.50
C MET B 1290 -56.60 36.79 -20.47
N VAL B 1291 -56.14 37.23 -19.29
CA VAL B 1291 -54.96 38.11 -19.21
C VAL B 1291 -53.76 37.52 -19.94
N SER B 1292 -53.66 36.19 -20.02
CA SER B 1292 -52.47 35.57 -20.57
C SER B 1292 -52.33 35.84 -22.06
N ASN B 1293 -53.44 35.80 -22.80
CA ASN B 1293 -53.38 36.04 -24.24
C ASN B 1293 -52.99 37.48 -24.55
N TYR B 1294 -53.49 38.43 -23.75
CA TYR B 1294 -53.07 39.81 -23.89
C TYR B 1294 -51.59 39.97 -23.58
N LEU B 1295 -51.10 39.26 -22.55
CA LEU B 1295 -49.67 39.27 -22.25
C LEU B 1295 -48.85 38.79 -23.44
N ASN B 1296 -49.29 37.70 -24.08
CA ASN B 1296 -48.52 37.15 -25.19
C ASN B 1296 -48.53 38.08 -26.40
N TRP B 1297 -49.70 38.62 -26.73
CA TRP B 1297 -49.76 39.67 -27.75
C TRP B 1297 -48.76 40.77 -27.46
N MET B 1298 -48.75 41.25 -26.21
CA MET B 1298 -47.84 42.31 -25.80
C MET B 1298 -46.39 41.94 -26.12
N VAL B 1299 -45.94 40.79 -25.63
CA VAL B 1299 -44.51 40.49 -25.73
C VAL B 1299 -44.10 40.27 -27.20
N ARG B 1300 -44.93 39.57 -27.96
CA ARG B 1300 -44.56 39.31 -29.36
C ARG B 1300 -44.54 40.59 -30.18
N ASN B 1301 -45.58 41.42 -30.03
CA ASN B 1301 -45.59 42.70 -30.74
C ASN B 1301 -44.44 43.59 -30.30
N LEU B 1302 -44.02 43.48 -29.04
CA LEU B 1302 -42.87 44.26 -28.58
C LEU B 1302 -41.59 43.84 -29.32
N ALA B 1303 -41.38 42.53 -29.46
CA ALA B 1303 -40.21 42.05 -30.20
C ALA B 1303 -40.23 42.56 -31.64
N ASP B 1304 -41.40 42.46 -32.30
CA ASP B 1304 -41.50 42.92 -33.68
C ASP B 1304 -41.25 44.43 -33.78
N MET B 1305 -41.84 45.21 -32.87
CA MET B 1305 -41.64 46.65 -32.90
C MET B 1305 -40.17 47.00 -32.70
N GLU B 1306 -39.47 46.23 -31.86
CA GLU B 1306 -38.06 46.51 -31.64
C GLU B 1306 -37.23 46.25 -32.90
N ILE B 1307 -37.49 45.13 -33.59
CA ILE B 1307 -36.71 44.88 -34.82
C ILE B 1307 -37.03 45.92 -35.89
N GLN B 1308 -38.29 46.37 -35.96
CA GLN B 1308 -38.65 47.37 -36.96
C GLN B 1308 -38.05 48.74 -36.62
N LEU B 1309 -37.98 49.09 -35.33
CA LEU B 1309 -37.35 50.34 -34.94
C LEU B 1309 -35.85 50.31 -35.19
N GLY B 1310 -35.22 49.14 -34.97
CA GLY B 1310 -33.82 48.99 -35.35
C GLY B 1310 -33.60 49.13 -36.84
N ALA B 1311 -34.58 48.69 -37.64
CA ALA B 1311 -34.52 48.94 -39.08
C ALA B 1311 -34.65 50.43 -39.38
N VAL B 1312 -35.50 51.14 -38.64
CA VAL B 1312 -35.71 52.56 -38.88
C VAL B 1312 -34.47 53.37 -38.55
N LYS B 1313 -33.74 52.99 -37.50
CA LYS B 1313 -32.61 53.79 -37.03
C LYS B 1313 -31.59 54.07 -38.13
N ARG B 1314 -31.44 53.17 -39.11
CA ARG B 1314 -30.48 53.42 -40.18
C ARG B 1314 -30.91 54.56 -41.08
N ILE B 1315 -32.21 54.84 -41.17
CA ILE B 1315 -32.66 56.00 -41.91
C ILE B 1315 -32.12 57.29 -41.29
N HIS B 1316 -32.20 57.39 -39.96
CA HIS B 1316 -31.62 58.55 -39.28
C HIS B 1316 -30.11 58.55 -39.40
N ALA B 1317 -29.49 57.37 -39.39
CA ALA B 1317 -28.05 57.29 -39.63
C ALA B 1317 -27.68 57.89 -40.98
N LEU B 1318 -28.53 57.68 -41.99
CA LEU B 1318 -28.36 58.31 -43.29
C LEU B 1318 -28.75 59.79 -43.28
N LEU B 1319 -29.61 60.20 -42.34
CA LEU B 1319 -30.10 61.58 -42.34
C LEU B 1319 -29.00 62.59 -41.99
N LYS B 1320 -27.99 62.17 -41.21
CA LYS B 1320 -26.97 63.08 -40.71
C LYS B 1320 -25.73 63.14 -41.60
N THR B 1321 -25.90 62.95 -42.91
CA THR B 1321 -24.77 63.02 -43.82
C THR B 1321 -24.55 64.44 -44.33
N PRO B 1332 -22.75 87.71 -51.30
CA PRO B 1332 -23.01 87.74 -52.74
C PRO B 1332 -22.55 89.03 -53.42
N SER B 1333 -21.24 89.19 -53.57
CA SER B 1333 -20.65 90.32 -54.29
C SER B 1333 -20.25 89.95 -55.72
N LEU B 1334 -19.77 88.73 -55.92
CA LEU B 1334 -19.43 88.24 -57.25
C LEU B 1334 -20.59 87.54 -57.92
N ILE B 1335 -21.63 87.17 -57.16
CA ILE B 1335 -22.84 86.61 -57.75
C ILE B 1335 -23.55 87.61 -58.66
N PRO B 1336 -23.82 88.85 -58.25
CA PRO B 1336 -24.57 89.76 -59.13
C PRO B 1336 -23.85 90.11 -60.41
N LYS B 1337 -22.53 89.99 -60.45
CA LYS B 1337 -21.77 90.17 -61.67
C LYS B 1337 -21.74 88.85 -62.43
N ASN B 1338 -22.28 88.85 -63.65
CA ASN B 1338 -22.40 87.64 -64.44
C ASN B 1338 -21.04 86.97 -64.56
N TRP B 1339 -21.05 85.64 -64.61
CA TRP B 1339 -19.80 84.90 -64.66
C TRP B 1339 -19.06 85.22 -65.95
N PRO B 1340 -17.78 85.57 -65.88
CA PRO B 1340 -17.07 86.04 -67.07
C PRO B 1340 -16.76 84.92 -68.05
N ASP B 1341 -16.75 85.28 -69.33
CA ASP B 1341 -16.34 84.34 -70.38
C ASP B 1341 -14.83 84.17 -70.44
N GLN B 1342 -14.07 85.10 -69.86
CA GLN B 1342 -12.61 85.00 -69.81
C GLN B 1342 -12.23 83.80 -68.96
N GLY B 1343 -11.73 82.75 -69.59
CA GLY B 1343 -11.41 81.52 -68.90
C GLY B 1343 -10.04 81.50 -68.26
N LYS B 1344 -9.43 82.68 -68.10
CA LYS B 1344 -8.13 82.76 -67.45
C LYS B 1344 -8.25 82.36 -65.98
N ILE B 1345 -7.51 81.33 -65.59
CA ILE B 1345 -7.55 80.82 -64.23
C ILE B 1345 -6.11 80.65 -63.74
N GLN B 1346 -5.97 80.45 -62.44
CA GLN B 1346 -4.65 80.22 -61.85
C GLN B 1346 -4.82 79.50 -60.53
N ILE B 1347 -4.18 78.34 -60.41
CA ILE B 1347 -4.20 77.55 -59.18
C ILE B 1347 -2.79 77.56 -58.61
N GLN B 1348 -2.62 78.27 -57.50
CA GLN B 1348 -1.31 78.55 -56.93
C GLN B 1348 -1.06 77.68 -55.71
N ASN B 1349 -0.03 76.85 -55.78
CA ASN B 1349 0.39 75.97 -54.69
C ASN B 1349 -0.78 75.14 -54.17
N LEU B 1350 -1.32 74.31 -55.07
CA LEU B 1350 -2.50 73.51 -54.76
C LEU B 1350 -2.10 72.13 -54.28
N SER B 1351 -2.85 71.63 -53.31
CA SER B 1351 -2.75 70.25 -52.85
C SER B 1351 -4.16 69.73 -52.58
N VAL B 1352 -4.28 68.41 -52.49
CA VAL B 1352 -5.59 67.80 -52.28
C VAL B 1352 -5.40 66.45 -51.60
N ARG B 1353 -6.32 66.14 -50.69
CA ARG B 1353 -6.36 64.85 -50.02
C ARG B 1353 -7.78 64.32 -50.09
N TYR B 1354 -7.92 63.00 -50.08
CA TYR B 1354 -9.26 62.39 -50.17
C TYR B 1354 -9.95 62.37 -48.82
N ASP B 1355 -9.37 61.65 -47.85
CA ASP B 1355 -9.91 61.55 -46.51
C ASP B 1355 -9.15 62.49 -45.58
N SER B 1356 -9.80 62.81 -44.45
CA SER B 1356 -9.20 63.70 -43.47
C SER B 1356 -7.92 63.07 -42.91
N SER B 1357 -6.80 63.76 -43.12
CA SER B 1357 -5.48 63.34 -42.63
C SER B 1357 -5.10 61.96 -43.18
N LEU B 1358 -4.98 61.91 -44.51
CA LEU B 1358 -4.44 60.73 -45.19
C LEU B 1358 -3.32 61.14 -46.14
N LYS B 1359 -2.87 60.22 -46.97
CA LYS B 1359 -1.79 60.53 -47.91
C LYS B 1359 -2.25 61.57 -48.92
N PRO B 1360 -1.46 62.60 -49.17
CA PRO B 1360 -1.88 63.64 -50.11
C PRO B 1360 -1.86 63.13 -51.55
N VAL B 1361 -2.76 63.67 -52.36
CA VAL B 1361 -2.89 63.28 -53.76
C VAL B 1361 -2.01 64.16 -54.65
N LEU B 1362 -2.04 65.46 -54.44
CA LEU B 1362 -1.21 66.41 -55.16
C LEU B 1362 -0.21 67.05 -54.20
N LYS B 1363 0.81 67.68 -54.77
CA LYS B 1363 1.89 68.26 -53.99
C LYS B 1363 2.46 69.45 -54.75
N HIS B 1364 2.18 70.65 -54.25
CA HIS B 1364 2.70 71.90 -54.83
C HIS B 1364 2.30 72.03 -56.29
N VAL B 1365 1.00 72.14 -56.52
CA VAL B 1365 0.45 72.29 -57.86
C VAL B 1365 0.29 73.78 -58.15
N ASN B 1366 1.06 74.28 -59.11
CA ASN B 1366 1.00 75.67 -59.53
C ASN B 1366 0.82 75.71 -61.04
N ALA B 1367 -0.21 76.42 -61.50
CA ALA B 1367 -0.50 76.48 -62.93
C ALA B 1367 -1.35 77.70 -63.22
N LEU B 1368 -1.35 78.11 -64.48
CA LEU B 1368 -2.19 79.21 -64.93
C LEU B 1368 -2.64 78.92 -66.36
N ILE B 1369 -3.82 79.41 -66.70
CA ILE B 1369 -4.46 79.13 -67.99
C ILE B 1369 -4.96 80.44 -68.57
N SER B 1370 -4.58 80.72 -69.82
CA SER B 1370 -4.91 81.95 -70.52
C SER B 1370 -6.34 81.90 -71.06
N PRO B 1371 -6.95 83.06 -71.34
CA PRO B 1371 -8.32 83.07 -71.84
C PRO B 1371 -8.44 82.48 -73.23
N GLY B 1372 -9.52 81.72 -73.43
CA GLY B 1372 -9.81 81.16 -74.75
C GLY B 1372 -8.75 80.23 -75.29
N GLN B 1373 -8.04 79.53 -74.43
CA GLN B 1373 -6.95 78.64 -74.84
C GLN B 1373 -7.26 77.22 -74.38
N LYS B 1374 -7.19 76.28 -75.32
CA LYS B 1374 -7.47 74.89 -75.00
C LYS B 1374 -6.32 74.30 -74.19
N ILE B 1375 -6.66 73.58 -73.12
CA ILE B 1375 -5.69 73.06 -72.17
C ILE B 1375 -5.85 71.54 -72.09
N GLY B 1376 -4.73 70.82 -72.17
CA GLY B 1376 -4.72 69.39 -72.01
C GLY B 1376 -3.95 69.01 -70.76
N ILE B 1377 -4.28 67.85 -70.20
CA ILE B 1377 -3.59 67.32 -69.04
C ILE B 1377 -3.36 65.84 -69.24
N CYS B 1378 -2.17 65.37 -68.91
CA CYS B 1378 -1.78 63.98 -69.12
C CYS B 1378 -1.38 63.35 -67.79
N GLY B 1379 -0.90 62.11 -67.87
CA GLY B 1379 -0.54 61.34 -66.69
C GLY B 1379 -1.07 59.92 -66.77
N ARG B 1380 -0.46 59.00 -66.03
CA ARG B 1380 -0.89 57.61 -66.07
C ARG B 1380 -2.10 57.42 -65.15
N THR B 1381 -2.46 56.17 -64.91
CA THR B 1381 -3.58 55.88 -64.01
C THR B 1381 -3.20 56.21 -62.57
N GLY B 1382 -4.13 56.82 -61.85
CA GLY B 1382 -3.84 57.27 -60.50
C GLY B 1382 -2.89 58.43 -60.40
N SER B 1383 -2.56 59.08 -61.52
CA SER B 1383 -1.65 60.22 -61.48
C SER B 1383 -2.30 61.42 -60.79
N GLY B 1384 -3.61 61.57 -60.92
CA GLY B 1384 -4.32 62.62 -60.23
C GLY B 1384 -5.11 63.55 -61.13
N LYS B 1385 -5.42 63.11 -62.35
CA LYS B 1385 -6.16 63.96 -63.26
C LYS B 1385 -7.65 63.97 -62.93
N SER B 1386 -8.23 62.81 -62.63
CA SER B 1386 -9.60 62.77 -62.14
C SER B 1386 -9.72 63.53 -60.82
N SER B 1387 -8.72 63.39 -59.95
CA SER B 1387 -8.71 64.15 -58.71
C SER B 1387 -8.61 65.65 -59.00
N PHE B 1388 -7.83 66.03 -60.01
CA PHE B 1388 -7.71 67.44 -60.35
C PHE B 1388 -9.04 67.99 -60.86
N SER B 1389 -9.76 67.21 -61.68
CA SER B 1389 -11.07 67.65 -62.14
C SER B 1389 -12.05 67.78 -60.98
N LEU B 1390 -12.09 66.79 -60.10
CA LEU B 1390 -12.99 66.83 -58.96
C LEU B 1390 -12.65 68.00 -58.03
N ALA B 1391 -11.37 68.34 -57.89
CA ALA B 1391 -10.98 69.49 -57.09
C ALA B 1391 -11.33 70.80 -57.80
N PHE B 1392 -11.25 70.81 -59.13
CA PHE B 1392 -11.71 71.97 -59.88
C PHE B 1392 -13.20 72.18 -59.68
N PHE B 1393 -13.95 71.11 -59.44
CA PHE B 1393 -15.32 71.20 -58.96
C PHE B 1393 -15.42 71.02 -57.45
N ARG B 1394 -14.30 71.21 -56.74
CA ARG B 1394 -14.20 71.07 -55.28
C ARG B 1394 -15.03 69.89 -54.75
N MET B 1395 -14.88 68.75 -55.41
CA MET B 1395 -15.55 67.54 -54.96
C MET B 1395 -14.79 66.81 -53.87
N VAL B 1396 -13.51 67.10 -53.69
CA VAL B 1396 -12.69 66.52 -52.63
C VAL B 1396 -12.66 67.51 -51.48
N ASP B 1397 -12.90 67.01 -50.27
CA ASP B 1397 -13.12 67.86 -49.10
C ASP B 1397 -11.87 68.02 -48.23
N MET B 1398 -10.69 67.72 -48.76
CA MET B 1398 -9.44 67.89 -48.01
C MET B 1398 -8.35 68.48 -48.91
N PHE B 1399 -8.71 69.49 -49.69
CA PHE B 1399 -7.74 70.19 -50.52
C PHE B 1399 -7.14 71.38 -49.78
N GLU B 1400 -5.90 71.71 -50.13
CA GLU B 1400 -5.19 72.83 -49.52
C GLU B 1400 -4.70 73.77 -50.60
N GLY B 1401 -4.29 74.97 -50.20
CA GLY B 1401 -3.95 76.02 -51.15
C GLY B 1401 -5.21 76.82 -51.51
N ARG B 1402 -5.12 77.71 -52.50
CA ARG B 1402 -6.28 78.49 -52.94
C ARG B 1402 -6.45 78.18 -54.43
N ILE B 1403 -7.66 77.86 -54.90
CA ILE B 1403 -7.87 77.58 -56.33
C ILE B 1403 -8.82 78.64 -56.90
N ILE B 1404 -8.50 79.27 -58.03
CA ILE B 1404 -9.39 80.34 -58.54
C ILE B 1404 -9.80 80.36 -60.02
N ILE B 1405 -10.94 81.01 -60.26
CA ILE B 1405 -11.47 81.25 -61.59
C ILE B 1405 -11.85 82.73 -61.67
N ASP B 1406 -11.03 83.50 -62.38
CA ASP B 1406 -11.23 84.94 -62.53
C ASP B 1406 -11.23 85.63 -61.16
N GLY B 1407 -10.20 85.37 -60.38
CA GLY B 1407 -10.08 85.94 -59.05
C GLY B 1407 -11.14 85.49 -58.08
N ILE B 1408 -11.84 84.40 -58.37
CA ILE B 1408 -12.96 83.93 -57.56
C ILE B 1408 -12.70 82.48 -57.17
N ASP B 1409 -13.06 82.12 -55.95
CA ASP B 1409 -12.80 80.80 -55.42
C ASP B 1409 -14.04 80.35 -54.64
N ILE B 1410 -13.87 79.31 -53.83
CA ILE B 1410 -14.99 78.63 -53.20
C ILE B 1410 -15.19 79.07 -51.75
N ALA B 1411 -14.76 80.29 -51.41
CA ALA B 1411 -14.82 80.74 -50.02
C ALA B 1411 -16.15 81.39 -49.65
N LYS B 1412 -16.92 81.89 -50.63
CA LYS B 1412 -18.15 82.61 -50.32
C LYS B 1412 -19.33 82.20 -51.21
N LEU B 1413 -19.22 81.11 -51.97
CA LEU B 1413 -20.28 80.70 -52.88
C LEU B 1413 -20.90 79.39 -52.46
N PRO B 1414 -22.22 79.27 -52.49
CA PRO B 1414 -22.88 77.98 -52.25
C PRO B 1414 -22.74 77.07 -53.47
N LEU B 1415 -23.13 75.81 -53.26
CA LEU B 1415 -22.94 74.78 -54.28
C LEU B 1415 -23.72 75.10 -55.55
N HIS B 1416 -24.90 75.70 -55.41
CA HIS B 1416 -25.76 75.95 -56.57
C HIS B 1416 -25.08 76.88 -57.56
N THR B 1417 -24.47 77.96 -57.08
CA THR B 1417 -23.70 78.84 -57.96
C THR B 1417 -22.45 78.15 -58.47
N LEU B 1418 -21.85 77.27 -57.67
CA LEU B 1418 -20.65 76.56 -58.09
C LEU B 1418 -20.92 75.55 -59.19
N ARG B 1419 -22.18 75.15 -59.39
CA ARG B 1419 -22.52 74.22 -60.45
C ARG B 1419 -23.17 74.88 -61.65
N SER B 1420 -23.55 76.16 -61.54
CA SER B 1420 -24.02 76.93 -62.67
C SER B 1420 -22.91 77.76 -63.31
N ARG B 1421 -21.65 77.36 -63.12
CA ARG B 1421 -20.52 78.11 -63.61
C ARG B 1421 -19.56 77.31 -64.49
N LEU B 1422 -19.54 75.97 -64.38
CA LEU B 1422 -18.65 75.14 -65.19
C LEU B 1422 -19.43 73.97 -65.77
N SER B 1423 -18.92 73.45 -66.88
CA SER B 1423 -19.46 72.27 -67.54
C SER B 1423 -18.46 71.12 -67.44
N ILE B 1424 -18.98 69.91 -67.60
CA ILE B 1424 -18.16 68.71 -67.41
C ILE B 1424 -18.85 67.55 -68.12
N ILE B 1425 -18.04 66.74 -68.80
CA ILE B 1425 -18.49 65.49 -69.42
C ILE B 1425 -17.64 64.37 -68.84
N LEU B 1426 -18.28 63.43 -68.17
CA LEU B 1426 -17.57 62.38 -67.46
C LEU B 1426 -17.24 61.20 -68.38
N GLN B 1427 -16.30 60.38 -67.93
CA GLN B 1427 -15.96 59.15 -68.64
C GLN B 1427 -17.08 58.12 -68.57
N ASP B 1428 -17.97 58.24 -67.60
CA ASP B 1428 -19.08 57.29 -67.41
C ASP B 1428 -20.38 57.97 -67.83
N PRO B 1429 -20.82 57.80 -69.07
CA PRO B 1429 -22.06 58.45 -69.51
C PRO B 1429 -23.28 57.61 -69.18
N VAL B 1430 -24.41 58.31 -69.01
CA VAL B 1430 -25.67 57.66 -68.73
C VAL B 1430 -26.79 58.49 -69.36
N LEU B 1431 -27.89 57.81 -69.68
CA LEU B 1431 -29.10 58.44 -70.22
C LEU B 1431 -30.26 57.97 -69.35
N PHE B 1432 -30.59 58.77 -68.34
CA PHE B 1432 -31.69 58.44 -67.46
C PHE B 1432 -33.02 58.47 -68.20
N SER B 1433 -33.99 57.74 -67.64
CA SER B 1433 -35.26 57.54 -68.33
C SER B 1433 -36.01 58.85 -68.51
N GLY B 1434 -36.95 58.84 -69.45
CA GLY B 1434 -37.73 60.01 -69.78
C GLY B 1434 -37.74 60.29 -71.27
N THR B 1435 -37.90 61.55 -71.64
CA THR B 1435 -37.90 61.97 -73.03
C THR B 1435 -36.54 62.58 -73.36
N ILE B 1436 -36.43 63.09 -74.59
CA ILE B 1436 -35.21 63.78 -74.98
C ILE B 1436 -35.13 65.15 -74.31
N ARG B 1437 -36.27 65.78 -74.06
CA ARG B 1437 -36.27 67.05 -73.34
C ARG B 1437 -35.81 66.86 -71.90
N PHE B 1438 -36.06 65.68 -71.32
CA PHE B 1438 -35.66 65.40 -69.96
C PHE B 1438 -34.18 65.04 -69.83
N ASN B 1439 -33.55 64.63 -70.93
CA ASN B 1439 -32.11 64.34 -70.94
C ASN B 1439 -31.29 65.54 -71.36
N LEU B 1440 -31.76 66.31 -72.35
CA LEU B 1440 -31.04 67.50 -72.78
C LEU B 1440 -31.08 68.59 -71.73
N ASP B 1441 -32.29 68.98 -71.32
CA ASP B 1441 -32.50 70.03 -70.32
C ASP B 1441 -33.49 69.52 -69.29
N PRO B 1442 -33.01 68.82 -68.26
CA PRO B 1442 -33.93 68.32 -67.22
C PRO B 1442 -34.61 69.43 -66.45
N GLU B 1443 -33.93 70.57 -66.33
CA GLU B 1443 -34.48 71.76 -65.70
C GLU B 1443 -35.67 72.23 -66.56
N LYS B 1444 -35.51 72.08 -67.89
CA LYS B 1444 -36.46 72.42 -68.96
C LYS B 1444 -36.63 73.90 -69.28
N LYS B 1445 -35.69 74.72 -68.79
CA LYS B 1445 -35.73 76.16 -69.05
C LYS B 1445 -35.56 76.47 -70.53
N CYS B 1446 -34.67 75.73 -71.19
CA CYS B 1446 -34.38 75.95 -72.61
C CYS B 1446 -35.55 75.66 -73.56
N SER B 1447 -35.70 76.54 -74.56
CA SER B 1447 -36.75 76.42 -75.57
C SER B 1447 -36.45 75.38 -76.66
N ASP B 1448 -37.51 74.90 -77.30
CA ASP B 1448 -37.40 73.91 -78.40
C ASP B 1448 -36.39 74.17 -79.55
N SER B 1449 -36.34 75.37 -80.11
CA SER B 1449 -35.34 75.68 -81.12
C SER B 1449 -33.93 75.59 -80.55
N THR B 1450 -33.76 75.92 -79.27
CA THR B 1450 -32.45 75.78 -78.64
C THR B 1450 -32.01 74.33 -78.60
N LEU B 1451 -32.91 73.43 -78.19
CA LEU B 1451 -32.57 72.01 -78.16
C LEU B 1451 -32.36 71.46 -79.57
N TRP B 1452 -33.15 71.93 -80.54
CA TRP B 1452 -32.95 71.48 -81.92
C TRP B 1452 -31.60 71.92 -82.46
N GLU B 1453 -31.19 73.16 -82.15
CA GLU B 1453 -29.88 73.63 -82.59
C GLU B 1453 -28.77 72.88 -81.89
N ALA B 1454 -28.94 72.58 -80.60
CA ALA B 1454 -27.93 71.81 -79.88
C ALA B 1454 -27.79 70.40 -80.43
N LEU B 1455 -28.90 69.82 -80.90
CA LEU B 1455 -28.84 68.49 -81.51
C LEU B 1455 -28.22 68.56 -82.91
N GLU B 1456 -28.52 69.63 -83.66
CA GLU B 1456 -27.96 69.77 -85.00
C GLU B 1456 -26.45 70.01 -84.94
N ILE B 1457 -25.99 70.81 -83.98
CA ILE B 1457 -24.56 71.05 -83.83
C ILE B 1457 -23.87 69.78 -83.34
N ALA B 1458 -24.52 69.04 -82.45
CA ALA B 1458 -23.96 67.80 -81.90
C ALA B 1458 -24.12 66.61 -82.84
N GLN B 1459 -24.49 66.84 -84.10
CA GLN B 1459 -24.61 65.77 -85.09
C GLN B 1459 -25.59 64.69 -84.61
N LEU B 1460 -26.74 65.13 -84.13
CA LEU B 1460 -27.73 64.22 -83.58
C LEU B 1460 -29.16 64.53 -84.02
N LYS B 1461 -29.37 65.56 -84.85
CA LYS B 1461 -30.72 65.96 -85.21
C LYS B 1461 -31.40 64.96 -86.12
N LEU B 1462 -30.64 64.29 -87.00
CA LEU B 1462 -31.24 63.38 -87.97
C LEU B 1462 -31.82 62.15 -87.28
N VAL B 1463 -31.08 61.55 -86.36
CA VAL B 1463 -31.59 60.38 -85.65
C VAL B 1463 -32.68 60.78 -84.64
N VAL B 1464 -32.70 62.04 -84.20
CA VAL B 1464 -33.76 62.49 -83.30
C VAL B 1464 -35.06 62.67 -84.07
N LYS B 1465 -34.99 63.19 -85.30
CA LYS B 1465 -36.18 63.34 -86.12
C LYS B 1465 -36.77 62.01 -86.54
N ALA B 1466 -36.01 60.91 -86.42
CA ALA B 1466 -36.46 59.58 -86.81
C ALA B 1466 -37.07 58.81 -85.65
N LEU B 1467 -37.65 59.51 -84.67
CA LEU B 1467 -38.26 58.88 -83.50
C LEU B 1467 -39.69 59.39 -83.35
N PRO B 1468 -40.56 58.62 -82.70
CA PRO B 1468 -41.97 59.04 -82.60
C PRO B 1468 -42.12 60.34 -81.83
N GLY B 1469 -42.80 61.30 -82.45
CA GLY B 1469 -43.08 62.56 -81.81
C GLY B 1469 -41.97 63.56 -81.95
N GLY B 1470 -40.72 63.13 -81.77
CA GLY B 1470 -39.60 64.04 -81.81
C GLY B 1470 -39.41 64.74 -80.48
N LEU B 1471 -38.18 64.71 -79.95
CA LEU B 1471 -37.82 65.24 -78.65
C LEU B 1471 -38.63 64.65 -77.51
N ASP B 1472 -39.34 63.54 -77.75
CA ASP B 1472 -40.21 62.96 -76.73
C ASP B 1472 -40.11 61.44 -76.68
N ALA B 1473 -39.06 60.86 -77.25
CA ALA B 1473 -38.89 59.41 -77.21
C ALA B 1473 -38.71 58.94 -75.78
N ILE B 1474 -39.47 57.92 -75.39
CA ILE B 1474 -39.41 57.38 -74.04
C ILE B 1474 -38.15 56.54 -73.89
N ILE B 1475 -37.15 57.11 -73.20
CA ILE B 1475 -35.87 56.43 -73.01
C ILE B 1475 -35.91 55.65 -71.70
N THR B 1476 -35.05 54.63 -71.60
CA THR B 1476 -34.88 53.86 -70.38
C THR B 1476 -33.47 54.06 -69.84
N GLU B 1477 -33.31 53.79 -68.55
CA GLU B 1477 -32.01 53.95 -67.89
C GLU B 1477 -30.96 53.05 -68.53
N GLY B 1478 -29.95 53.65 -69.16
CA GLY B 1478 -29.01 52.88 -69.94
C GLY B 1478 -29.70 52.27 -71.15
N GLY B 1479 -29.89 50.95 -71.12
CA GLY B 1479 -30.65 50.31 -72.16
C GLY B 1479 -29.89 50.19 -73.48
N GLU B 1480 -30.66 49.97 -74.54
CA GLU B 1480 -30.13 49.79 -75.89
C GLU B 1480 -30.90 50.63 -76.88
N ASN B 1481 -31.27 51.85 -76.49
CA ASN B 1481 -32.03 52.75 -77.36
C ASN B 1481 -31.14 53.66 -78.19
N PHE B 1482 -29.87 53.82 -77.81
CA PHE B 1482 -28.94 54.67 -78.55
C PHE B 1482 -27.55 54.07 -78.48
N SER B 1483 -26.70 54.51 -79.41
CA SER B 1483 -25.33 54.02 -79.47
C SER B 1483 -24.44 54.79 -78.51
N GLN B 1484 -23.27 54.22 -78.21
CA GLN B 1484 -22.32 54.87 -77.31
C GLN B 1484 -21.92 56.24 -77.82
N GLY B 1485 -21.64 56.35 -79.12
CA GLY B 1485 -21.37 57.64 -79.71
C GLY B 1485 -22.54 58.59 -79.57
N GLN B 1486 -23.76 58.07 -79.69
CA GLN B 1486 -24.94 58.92 -79.51
C GLN B 1486 -25.12 59.32 -78.05
N ARG B 1487 -24.72 58.45 -77.10
CA ARG B 1487 -24.74 58.84 -75.70
C ARG B 1487 -23.75 59.96 -75.43
N GLN B 1488 -22.56 59.87 -76.02
CA GLN B 1488 -21.60 60.97 -75.89
C GLN B 1488 -22.10 62.23 -76.60
N LEU B 1489 -22.86 62.07 -77.68
CA LEU B 1489 -23.45 63.22 -78.34
C LEU B 1489 -24.51 63.88 -77.46
N PHE B 1490 -25.27 63.07 -76.72
CA PHE B 1490 -26.21 63.63 -75.75
C PHE B 1490 -25.47 64.33 -74.62
N CYS B 1491 -24.33 63.79 -74.18
CA CYS B 1491 -23.52 64.46 -73.18
C CYS B 1491 -23.01 65.80 -73.69
N LEU B 1492 -22.56 65.84 -74.95
CA LEU B 1492 -22.13 67.09 -75.54
C LEU B 1492 -23.29 68.05 -75.75
N ALA B 1493 -24.50 67.54 -75.94
CA ALA B 1493 -25.67 68.42 -76.01
C ALA B 1493 -25.99 69.02 -74.65
N ARG B 1494 -25.86 68.21 -73.58
CA ARG B 1494 -25.92 68.76 -72.23
C ARG B 1494 -24.90 69.87 -72.05
N ALA B 1495 -23.67 69.64 -72.52
CA ALA B 1495 -22.62 70.64 -72.42
C ALA B 1495 -22.97 71.89 -73.22
N PHE B 1496 -23.61 71.71 -74.37
CA PHE B 1496 -24.03 72.85 -75.19
C PHE B 1496 -25.08 73.67 -74.47
N VAL B 1497 -26.09 73.01 -73.91
CA VAL B 1497 -27.19 73.74 -73.28
C VAL B 1497 -26.82 74.28 -71.90
N ARG B 1498 -25.75 73.76 -71.30
CA ARG B 1498 -25.34 74.24 -69.98
C ARG B 1498 -24.93 75.71 -70.02
N LYS B 1499 -24.22 76.09 -71.08
CA LYS B 1499 -23.73 77.46 -71.30
C LYS B 1499 -22.83 78.01 -70.18
N THR B 1500 -22.04 77.12 -69.58
CA THR B 1500 -21.11 77.48 -68.51
C THR B 1500 -20.02 78.42 -68.98
N SER B 1501 -19.58 78.18 -70.23
CA SER B 1501 -18.51 78.85 -71.00
C SER B 1501 -17.10 78.34 -70.66
N ILE B 1502 -17.05 77.37 -69.75
CA ILE B 1502 -15.82 76.71 -69.34
C ILE B 1502 -16.17 75.22 -69.51
N PHE B 1503 -15.31 74.46 -70.17
CA PHE B 1503 -15.66 73.05 -70.36
C PHE B 1503 -14.58 72.16 -69.78
N ILE B 1504 -15.01 71.06 -69.17
CA ILE B 1504 -14.10 70.02 -68.69
C ILE B 1504 -14.47 68.72 -69.40
N MET B 1505 -13.48 68.10 -70.04
CA MET B 1505 -13.69 66.89 -70.82
C MET B 1505 -12.90 65.76 -70.16
N ASP B 1506 -13.58 65.01 -69.30
CA ASP B 1506 -12.94 63.95 -68.51
C ASP B 1506 -13.09 62.64 -69.27
N GLU B 1507 -12.13 62.37 -70.16
CA GLU B 1507 -12.04 61.12 -70.91
C GLU B 1507 -13.32 60.85 -71.73
N ALA B 1508 -13.55 61.72 -72.70
CA ALA B 1508 -14.61 61.52 -73.69
C ALA B 1508 -14.19 60.56 -74.78
N THR B 1509 -13.11 59.81 -74.55
CA THR B 1509 -12.52 58.91 -75.52
C THR B 1509 -12.67 57.44 -75.18
N ALA B 1510 -12.63 57.08 -73.89
CA ALA B 1510 -12.62 55.68 -73.50
C ALA B 1510 -13.89 54.96 -73.96
N SER B 1511 -13.71 53.72 -74.43
CA SER B 1511 -14.81 52.85 -74.85
C SER B 1511 -15.61 53.45 -76.00
N ILE B 1512 -14.91 54.07 -76.95
CA ILE B 1512 -15.52 54.62 -78.15
C ILE B 1512 -14.65 54.25 -79.34
N ASP B 1513 -15.27 53.81 -80.43
CA ASP B 1513 -14.54 53.45 -81.63
C ASP B 1513 -13.72 54.65 -82.15
N MET B 1514 -12.53 54.35 -82.65
CA MET B 1514 -11.65 55.42 -83.12
C MET B 1514 -12.26 56.15 -84.31
N ALA B 1515 -12.90 55.40 -85.22
CA ALA B 1515 -13.53 56.03 -86.39
C ALA B 1515 -14.62 57.01 -85.98
N THR B 1516 -15.26 56.78 -84.84
CA THR B 1516 -16.25 57.72 -84.32
C THR B 1516 -15.65 58.73 -83.36
N GLU B 1517 -14.64 58.33 -82.57
CA GLU B 1517 -14.03 59.26 -81.63
C GLU B 1517 -13.28 60.37 -82.34
N ASN B 1518 -12.65 60.07 -83.48
CA ASN B 1518 -11.93 61.10 -84.21
C ASN B 1518 -12.87 62.17 -84.75
N ILE B 1519 -13.98 61.75 -85.37
CA ILE B 1519 -14.94 62.74 -85.85
C ILE B 1519 -15.64 63.43 -84.69
N LEU B 1520 -15.77 62.76 -83.55
CA LEU B 1520 -16.33 63.39 -82.36
C LEU B 1520 -15.42 64.53 -81.88
N GLN B 1521 -14.11 64.26 -81.81
CA GLN B 1521 -13.17 65.30 -81.41
C GLN B 1521 -13.12 66.42 -82.46
N LYS B 1522 -13.25 66.07 -83.73
CA LYS B 1522 -13.26 67.10 -84.78
C LYS B 1522 -14.47 68.01 -84.63
N VAL B 1523 -15.64 67.44 -84.33
CA VAL B 1523 -16.83 68.25 -84.13
C VAL B 1523 -16.71 69.09 -82.86
N VAL B 1524 -16.13 68.52 -81.80
CA VAL B 1524 -15.98 69.27 -80.55
C VAL B 1524 -14.93 70.36 -80.68
N MET B 1525 -14.01 70.23 -81.65
CA MET B 1525 -13.05 71.30 -81.90
C MET B 1525 -13.65 72.39 -82.79
N THR B 1526 -14.32 71.99 -83.87
CA THR B 1526 -14.96 72.97 -84.75
C THR B 1526 -16.09 73.71 -84.05
N ALA B 1527 -16.68 73.12 -83.02
CA ALA B 1527 -17.74 73.79 -82.27
C ALA B 1527 -17.20 74.62 -81.12
N PHE B 1528 -16.10 74.19 -80.51
CA PHE B 1528 -15.49 74.91 -79.38
C PHE B 1528 -14.26 75.67 -79.90
N ALA B 1529 -14.51 76.86 -80.45
CA ALA B 1529 -13.44 77.81 -80.74
C ALA B 1529 -13.17 78.75 -79.58
N ASP B 1530 -14.14 78.92 -78.68
CA ASP B 1530 -13.98 79.73 -77.48
C ASP B 1530 -14.38 78.87 -76.30
N ARG B 1531 -14.51 79.49 -75.12
CA ARG B 1531 -15.04 78.86 -73.92
C ARG B 1531 -14.15 77.70 -73.48
N THR B 1532 -13.00 78.10 -72.91
CA THR B 1532 -11.81 77.29 -72.69
C THR B 1532 -12.15 75.89 -72.23
N VAL B 1533 -11.57 74.89 -72.88
CA VAL B 1533 -11.83 73.50 -72.53
C VAL B 1533 -10.55 72.90 -71.97
N VAL B 1534 -10.68 72.23 -70.83
CA VAL B 1534 -9.60 71.46 -70.22
C VAL B 1534 -9.96 69.99 -70.31
N THR B 1535 -9.09 69.22 -70.97
CA THR B 1535 -9.36 67.83 -71.26
C THR B 1535 -8.38 66.92 -70.55
N ILE B 1536 -8.78 65.66 -70.42
CA ILE B 1536 -7.94 64.62 -69.82
C ILE B 1536 -8.25 63.30 -70.48
N ALA B 1537 -7.21 62.62 -70.95
CA ALA B 1537 -7.35 61.33 -71.63
C ALA B 1537 -5.98 60.68 -71.71
N HIS B 1538 -5.94 59.47 -72.29
CA HIS B 1538 -4.69 58.74 -72.52
C HIS B 1538 -4.42 58.55 -74.01
N ARG B 1539 -5.09 59.32 -74.87
CA ARG B 1539 -4.86 59.28 -76.30
C ARG B 1539 -3.68 60.19 -76.67
N VAL B 1540 -3.01 59.84 -77.77
CA VAL B 1540 -1.85 60.60 -78.21
C VAL B 1540 -2.28 61.90 -78.89
N HIS B 1541 -3.16 61.80 -79.89
CA HIS B 1541 -3.52 62.97 -80.70
C HIS B 1541 -4.31 63.99 -79.88
N THR B 1542 -5.11 63.54 -78.92
CA THR B 1542 -5.88 64.47 -78.09
C THR B 1542 -4.94 65.35 -77.27
N ILE B 1543 -3.94 64.74 -76.65
CA ILE B 1543 -2.95 65.53 -75.90
C ILE B 1543 -2.10 66.36 -76.85
N LEU B 1544 -1.87 65.87 -78.07
CA LEU B 1544 -1.06 66.60 -79.04
C LEU B 1544 -1.75 67.88 -79.52
N SER B 1545 -3.07 67.86 -79.63
CA SER B 1545 -3.80 69.01 -80.15
C SER B 1545 -3.96 70.13 -79.12
N ALA B 1546 -3.68 69.88 -77.85
CA ALA B 1546 -3.86 70.89 -76.81
C ALA B 1546 -2.62 71.77 -76.71
N ASP B 1547 -2.83 73.01 -76.24
CA ASP B 1547 -1.74 73.98 -76.17
C ASP B 1547 -0.91 73.81 -74.89
N LEU B 1548 -1.53 74.06 -73.73
CA LEU B 1548 -0.84 73.99 -72.45
C LEU B 1548 -1.10 72.62 -71.83
N VAL B 1549 -0.03 71.89 -71.51
CA VAL B 1549 -0.15 70.55 -70.97
C VAL B 1549 0.80 70.40 -69.79
N MET B 1550 0.37 69.66 -68.77
CA MET B 1550 1.15 69.46 -67.56
C MET B 1550 1.27 67.97 -67.30
N VAL B 1551 2.50 67.46 -67.35
CA VAL B 1551 2.76 66.05 -67.09
C VAL B 1551 2.63 65.80 -65.58
N LEU B 1552 1.72 64.91 -65.21
CA LEU B 1552 1.53 64.55 -63.81
C LEU B 1552 2.64 63.59 -63.39
N LYS B 1553 3.48 64.03 -62.48
CA LYS B 1553 4.57 63.20 -61.98
C LYS B 1553 4.02 62.24 -60.93
N ARG B 1554 4.91 61.60 -60.16
CA ARG B 1554 4.48 60.60 -59.19
C ARG B 1554 3.55 61.21 -58.14
N GLY B 1555 3.88 62.39 -57.63
CA GLY B 1555 2.99 63.07 -56.70
C GLY B 1555 2.65 64.50 -57.07
N ALA B 1556 3.44 65.10 -57.96
CA ALA B 1556 3.29 66.49 -58.35
C ALA B 1556 3.06 66.59 -59.86
N ILE B 1557 3.06 67.82 -60.37
CA ILE B 1557 2.90 68.07 -61.80
C ILE B 1557 4.04 68.95 -62.28
N LEU B 1558 4.27 68.90 -63.59
CA LEU B 1558 5.24 69.77 -64.25
C LEU B 1558 4.57 70.32 -65.50
N GLU B 1559 4.32 71.64 -65.51
CA GLU B 1559 3.53 72.25 -66.56
C GLU B 1559 4.41 72.77 -67.69
N PHE B 1560 3.83 72.84 -68.89
CA PHE B 1560 4.51 73.33 -70.08
C PHE B 1560 3.51 74.09 -70.93
N ASP B 1561 3.93 75.27 -71.39
CA ASP B 1561 3.03 76.19 -72.09
C ASP B 1561 2.91 75.85 -73.57
N LYS B 1562 4.03 75.92 -74.31
CA LYS B 1562 3.96 75.73 -75.75
C LYS B 1562 4.00 74.24 -76.08
N PRO B 1563 3.05 73.73 -76.87
CA PRO B 1563 3.00 72.28 -77.08
C PRO B 1563 4.11 71.76 -77.98
N GLU B 1564 4.44 72.47 -79.06
CA GLU B 1564 5.49 72.01 -79.97
C GLU B 1564 6.88 72.14 -79.37
N THR B 1565 7.03 72.89 -78.27
CA THR B 1565 8.34 73.08 -77.65
C THR B 1565 8.67 71.99 -76.65
N LEU B 1566 7.71 71.55 -75.83
CA LEU B 1566 7.97 70.54 -74.82
C LEU B 1566 7.98 69.12 -75.38
N LEU B 1567 7.50 68.90 -76.60
CA LEU B 1567 7.50 67.58 -77.21
C LEU B 1567 8.78 67.28 -77.96
N SER B 1568 9.74 68.21 -77.98
CA SER B 1568 11.08 67.96 -78.52
C SER B 1568 12.19 68.49 -77.62
N GLN B 1569 11.87 69.23 -76.55
CA GLN B 1569 12.89 69.72 -75.65
C GLN B 1569 13.45 68.61 -74.77
N LYS B 1570 12.58 67.76 -74.23
CA LYS B 1570 12.99 66.57 -73.50
C LYS B 1570 13.57 65.51 -74.42
N ASP B 1571 13.70 65.82 -75.71
CA ASP B 1571 14.23 64.91 -76.73
C ASP B 1571 13.34 63.67 -76.89
N SER B 1572 12.02 63.86 -76.75
CA SER B 1572 11.03 62.80 -76.91
C SER B 1572 11.35 61.61 -75.98
N VAL B 1573 11.35 61.90 -74.67
CA VAL B 1573 11.60 60.91 -73.65
C VAL B 1573 10.47 60.81 -72.65
N PHE B 1574 9.93 61.94 -72.19
CA PHE B 1574 8.94 61.95 -71.13
C PHE B 1574 7.60 62.54 -71.52
N ALA B 1575 7.48 63.18 -72.69
CA ALA B 1575 6.24 63.82 -73.10
C ALA B 1575 5.72 63.40 -74.47
N SER B 1576 6.57 62.90 -75.36
CA SER B 1576 6.14 62.47 -76.69
C SER B 1576 5.91 60.97 -76.76
N PHE B 1577 6.93 60.17 -76.41
CA PHE B 1577 6.76 58.73 -76.38
C PHE B 1577 5.78 58.30 -75.30
N VAL B 1578 5.67 59.08 -74.22
CA VAL B 1578 4.68 58.80 -73.19
C VAL B 1578 3.28 59.09 -73.69
N ARG B 1579 3.11 60.18 -74.44
CA ARG B 1579 1.82 60.53 -75.02
C ARG B 1579 1.44 59.56 -76.13
N ARG C 32 -13.25 -21.43 -28.67
CA ARG C 32 -12.24 -22.09 -27.86
C ARG C 32 -12.25 -21.54 -26.43
N ALA C 33 -11.41 -22.11 -25.58
CA ALA C 33 -11.39 -21.75 -24.16
C ALA C 33 -10.64 -20.44 -23.94
N ARG C 34 -11.19 -19.59 -23.09
CA ARG C 34 -10.57 -18.31 -22.74
C ARG C 34 -9.90 -18.38 -21.37
N PHE C 35 -8.86 -17.56 -21.21
CA PHE C 35 -8.07 -17.61 -19.98
C PHE C 35 -8.78 -16.89 -18.84
N VAL C 36 -9.01 -15.58 -18.99
CA VAL C 36 -9.82 -14.82 -18.06
C VAL C 36 -10.86 -14.03 -18.86
N SER C 37 -12.08 -14.00 -18.35
CA SER C 37 -13.19 -13.48 -19.11
C SER C 37 -13.10 -11.96 -19.21
N LYS C 38 -13.89 -11.42 -20.15
CA LYS C 38 -13.87 -9.98 -20.38
C LYS C 38 -14.25 -9.20 -19.13
N LYS C 39 -15.27 -9.67 -18.41
CA LYS C 39 -15.73 -8.96 -17.22
C LYS C 39 -14.65 -8.83 -16.14
N GLY C 40 -13.54 -9.55 -16.29
CA GLY C 40 -12.48 -9.51 -15.29
C GLY C 40 -12.44 -10.71 -14.37
N ASN C 41 -13.48 -11.54 -14.39
CA ASN C 41 -13.48 -12.76 -13.59
C ASN C 41 -12.58 -13.82 -14.22
N CYS C 42 -12.08 -14.72 -13.37
CA CYS C 42 -11.17 -15.76 -13.82
C CYS C 42 -11.94 -16.98 -14.33
N ASN C 43 -11.46 -17.54 -15.43
CA ASN C 43 -12.16 -18.63 -16.08
C ASN C 43 -11.73 -20.00 -15.57
N VAL C 44 -10.43 -20.19 -15.35
CA VAL C 44 -9.87 -21.50 -15.07
C VAL C 44 -10.52 -22.10 -13.83
N ALA C 45 -11.21 -23.23 -14.01
CA ALA C 45 -11.85 -23.92 -12.91
C ALA C 45 -10.86 -24.87 -12.26
N HIS C 46 -10.74 -24.80 -10.94
CA HIS C 46 -9.76 -25.59 -10.21
C HIS C 46 -10.32 -26.96 -9.87
N LYS C 47 -9.46 -27.96 -9.92
CA LYS C 47 -9.84 -29.33 -9.67
C LYS C 47 -8.84 -29.95 -8.71
N ASN C 48 -9.36 -30.83 -7.84
CA ASN C 48 -8.53 -31.62 -6.92
C ASN C 48 -7.72 -30.72 -5.99
N ILE C 49 -8.45 -29.91 -5.21
CA ILE C 49 -7.84 -29.09 -4.17
C ILE C 49 -7.76 -29.91 -2.89
N ARG C 50 -6.54 -30.16 -2.40
CA ARG C 50 -6.36 -30.87 -1.13
C ARG C 50 -6.78 -29.92 -0.01
N GLU C 51 -8.09 -29.86 0.23
CA GLU C 51 -8.61 -28.99 1.27
C GLU C 51 -8.09 -29.47 2.62
N GLN C 52 -7.27 -28.66 3.27
CA GLN C 52 -6.88 -28.94 4.64
C GLN C 52 -7.68 -28.10 5.62
N GLY C 53 -8.74 -27.44 5.14
CA GLY C 53 -9.66 -26.70 5.98
C GLY C 53 -9.39 -25.22 6.04
N ARG C 54 -8.30 -24.73 5.42
CA ARG C 54 -8.04 -23.30 5.45
C ARG C 54 -9.16 -22.50 4.81
N PHE C 55 -10.00 -23.14 3.98
CA PHE C 55 -11.14 -22.45 3.35
C PHE C 55 -12.12 -21.92 4.38
N LEU C 56 -12.33 -22.67 5.46
CA LEU C 56 -13.12 -22.12 6.54
C LEU C 56 -12.26 -21.50 7.64
N GLN C 57 -10.97 -21.84 7.71
CA GLN C 57 -10.11 -21.29 8.76
C GLN C 57 -9.95 -19.78 8.66
N ASP C 58 -10.38 -19.19 7.56
CA ASP C 58 -10.36 -17.77 7.26
C ASP C 58 -11.69 -17.14 7.62
N VAL C 59 -12.22 -17.58 8.77
CA VAL C 59 -13.62 -17.53 9.13
C VAL C 59 -14.32 -16.25 8.68
N PHE C 60 -13.76 -15.10 9.03
CA PHE C 60 -14.43 -13.87 8.61
C PHE C 60 -13.90 -13.33 7.31
N THR C 61 -12.65 -13.60 6.95
CA THR C 61 -12.19 -13.23 5.62
C THR C 61 -12.79 -14.13 4.54
N THR C 62 -13.53 -15.16 4.95
CA THR C 62 -14.33 -15.92 3.99
C THR C 62 -15.67 -15.22 3.73
N LEU C 63 -16.41 -14.92 4.81
CA LEU C 63 -17.75 -14.40 4.64
C LEU C 63 -17.78 -12.94 4.27
N VAL C 64 -16.72 -12.17 4.55
CA VAL C 64 -16.66 -10.80 4.03
C VAL C 64 -16.48 -10.78 2.53
N ASP C 65 -16.18 -11.92 1.91
CA ASP C 65 -16.17 -12.00 0.47
C ASP C 65 -17.57 -12.15 -0.12
N LEU C 66 -18.54 -12.64 0.66
CA LEU C 66 -19.81 -13.09 0.13
C LEU C 66 -20.62 -11.93 -0.45
N LYS C 67 -21.76 -12.27 -1.03
CA LYS C 67 -22.68 -11.24 -1.47
C LYS C 67 -23.33 -10.58 -0.27
N TRP C 68 -24.24 -9.67 -0.55
CA TRP C 68 -24.98 -8.99 0.50
C TRP C 68 -26.12 -9.81 1.06
N PRO C 69 -26.92 -10.49 0.25
CA PRO C 69 -28.00 -11.29 0.84
C PRO C 69 -27.48 -12.41 1.73
N HIS C 70 -26.43 -13.12 1.32
CA HIS C 70 -25.91 -14.19 2.16
C HIS C 70 -25.34 -13.63 3.46
N THR C 71 -24.58 -12.54 3.38
CA THR C 71 -23.99 -12.00 4.58
C THR C 71 -25.07 -11.47 5.53
N LEU C 72 -26.10 -10.83 4.99
CA LEU C 72 -27.19 -10.37 5.84
C LEU C 72 -27.93 -11.56 6.46
N LEU C 73 -28.14 -12.62 5.67
CA LEU C 73 -28.77 -13.82 6.20
C LEU C 73 -27.97 -14.39 7.36
N ILE C 74 -26.65 -14.51 7.19
CA ILE C 74 -25.88 -15.17 8.24
C ILE C 74 -25.74 -14.26 9.45
N PHE C 75 -25.85 -12.94 9.27
CA PHE C 75 -25.83 -12.06 10.44
C PHE C 75 -27.13 -12.13 11.21
N THR C 76 -28.26 -12.10 10.51
CA THR C 76 -29.49 -12.27 11.26
C THR C 76 -29.55 -13.64 11.93
N MET C 77 -28.95 -14.66 11.30
CA MET C 77 -28.96 -15.99 11.91
C MET C 77 -28.06 -16.07 13.12
N SER C 78 -26.91 -15.39 13.09
CA SER C 78 -26.10 -15.24 14.30
C SER C 78 -26.90 -14.61 15.43
N PHE C 79 -27.52 -13.47 15.15
CA PHE C 79 -28.22 -12.76 16.20
C PHE C 79 -29.38 -13.59 16.75
N LEU C 80 -30.22 -14.14 15.86
CA LEU C 80 -31.36 -14.93 16.33
C LEU C 80 -30.91 -16.18 17.06
N CYS C 81 -29.84 -16.82 16.59
CA CYS C 81 -29.32 -17.97 17.30
C CYS C 81 -28.97 -17.62 18.74
N SER C 82 -28.18 -16.56 18.93
CA SER C 82 -27.79 -16.23 20.30
C SER C 82 -28.99 -15.86 21.15
N TRP C 83 -29.92 -15.08 20.59
CA TRP C 83 -31.09 -14.65 21.36
C TRP C 83 -31.91 -15.84 21.81
N LEU C 84 -32.16 -16.79 20.89
CA LEU C 84 -32.98 -17.95 21.26
C LEU C 84 -32.27 -18.83 22.27
N LEU C 85 -30.96 -18.99 22.13
CA LEU C 85 -30.21 -19.77 23.12
C LEU C 85 -30.44 -19.20 24.53
N PHE C 86 -30.18 -17.91 24.71
CA PHE C 86 -30.31 -17.38 26.06
C PHE C 86 -31.76 -17.27 26.51
N ALA C 87 -32.70 -17.09 25.59
CA ALA C 87 -34.10 -17.09 26.00
C ALA C 87 -34.50 -18.46 26.54
N MET C 88 -34.00 -19.53 25.92
CA MET C 88 -34.28 -20.87 26.44
C MET C 88 -33.67 -21.05 27.83
N VAL C 89 -32.41 -20.65 28.00
CA VAL C 89 -31.80 -20.88 29.30
C VAL C 89 -32.50 -20.06 30.38
N TRP C 90 -32.99 -18.87 30.04
CA TRP C 90 -33.70 -18.07 31.04
C TRP C 90 -35.06 -18.66 31.36
N TRP C 91 -35.81 -19.05 30.33
CA TRP C 91 -37.04 -19.76 30.58
C TRP C 91 -36.80 -20.89 31.56
N LEU C 92 -35.74 -21.67 31.33
CA LEU C 92 -35.48 -22.83 32.18
C LEU C 92 -35.11 -22.42 33.59
N ILE C 93 -34.34 -21.35 33.74
CA ILE C 93 -33.91 -21.01 35.09
C ILE C 93 -35.10 -20.49 35.90
N ALA C 94 -35.98 -19.69 35.28
CA ALA C 94 -37.18 -19.24 35.97
C ALA C 94 -38.12 -20.39 36.26
N PHE C 95 -38.16 -21.40 35.39
CA PHE C 95 -38.95 -22.59 35.68
C PHE C 95 -38.37 -23.33 36.87
N ALA C 96 -37.06 -23.48 36.89
CA ALA C 96 -36.39 -24.29 37.91
C ALA C 96 -36.44 -23.65 39.28
N HIS C 97 -36.23 -22.32 39.36
CA HIS C 97 -36.32 -21.71 40.67
C HIS C 97 -37.70 -21.90 41.27
N GLY C 98 -38.71 -22.16 40.45
CA GLY C 98 -40.07 -22.22 40.91
C GLY C 98 -40.78 -20.89 40.88
N ASP C 99 -40.05 -19.80 40.60
CA ASP C 99 -40.69 -18.51 40.38
C ASP C 99 -41.65 -18.54 39.20
N LEU C 100 -41.53 -19.55 38.33
CA LEU C 100 -42.44 -19.64 37.20
C LEU C 100 -43.83 -20.11 37.65
N ALA C 101 -43.89 -20.91 38.70
CA ALA C 101 -45.15 -21.35 39.29
C ALA C 101 -45.87 -20.14 39.87
N PRO C 102 -47.00 -19.75 39.28
CA PRO C 102 -47.68 -18.53 39.73
C PRO C 102 -48.14 -18.67 41.18
N GLY C 103 -47.55 -17.84 42.04
CA GLY C 103 -47.87 -17.88 43.46
C GLY C 103 -47.70 -16.51 44.07
N GLU C 104 -48.55 -16.20 45.04
CA GLU C 104 -48.56 -14.92 45.71
C GLU C 104 -47.92 -15.09 47.08
N GLY C 105 -46.78 -14.45 47.29
CA GLY C 105 -46.11 -14.47 48.57
C GLY C 105 -45.12 -15.61 48.71
N THR C 106 -44.41 -15.60 49.83
CA THR C 106 -43.40 -16.59 50.21
C THR C 106 -42.26 -16.68 49.19
N ASN C 107 -42.21 -15.77 48.22
CA ASN C 107 -41.14 -15.76 47.23
C ASN C 107 -41.09 -14.39 46.59
N VAL C 108 -39.98 -14.14 45.92
CA VAL C 108 -39.87 -13.05 44.96
C VAL C 108 -39.19 -13.64 43.74
N PRO C 109 -39.76 -13.51 42.55
CA PRO C 109 -39.13 -14.12 41.38
C PRO C 109 -37.75 -13.55 41.16
N CYS C 110 -36.83 -14.39 40.68
CA CYS C 110 -35.52 -13.89 40.31
C CYS C 110 -35.64 -12.80 39.25
N VAL C 111 -36.61 -12.95 38.35
CA VAL C 111 -36.96 -11.92 37.39
C VAL C 111 -38.43 -11.56 37.63
N THR C 112 -38.66 -10.34 38.10
CA THR C 112 -40.03 -9.96 38.45
C THR C 112 -40.90 -9.99 37.21
N SER C 113 -42.17 -10.38 37.40
CA SER C 113 -43.16 -10.36 36.33
C SER C 113 -42.71 -11.19 35.13
N ILE C 114 -42.49 -12.48 35.36
CA ILE C 114 -42.26 -13.43 34.28
C ILE C 114 -43.34 -14.49 34.37
N HIS C 115 -43.97 -14.77 33.23
CA HIS C 115 -45.10 -15.70 33.23
C HIS C 115 -44.88 -16.89 32.32
N SER C 116 -44.48 -16.66 31.08
CA SER C 116 -44.45 -17.74 30.11
C SER C 116 -43.19 -17.63 29.29
N PHE C 117 -43.07 -18.52 28.31
CA PHE C 117 -41.92 -18.51 27.43
C PHE C 117 -41.85 -17.20 26.65
N SER C 118 -43.00 -16.71 26.20
CA SER C 118 -43.00 -15.49 25.40
C SER C 118 -42.40 -14.33 26.17
N SER C 119 -42.87 -14.10 27.41
CA SER C 119 -42.30 -13.00 28.17
C SER C 119 -40.83 -13.25 28.47
N ALA C 120 -40.42 -14.52 28.54
CA ALA C 120 -39.01 -14.79 28.78
C ALA C 120 -38.16 -14.41 27.58
N PHE C 121 -38.62 -14.75 26.37
CA PHE C 121 -37.91 -14.34 25.16
C PHE C 121 -37.91 -12.81 25.03
N LEU C 122 -38.99 -12.18 25.48
CA LEU C 122 -38.99 -10.72 25.52
C LEU C 122 -37.95 -10.19 26.49
N PHE C 123 -37.74 -10.88 27.61
CA PHE C 123 -36.69 -10.45 28.52
C PHE C 123 -35.32 -10.67 27.91
N SER C 124 -35.14 -11.76 27.19
CA SER C 124 -33.85 -12.04 26.56
C SER C 124 -33.51 -10.96 25.54
N ILE C 125 -34.45 -10.62 24.67
CA ILE C 125 -34.16 -9.57 23.72
C ILE C 125 -34.10 -8.20 24.40
N GLU C 126 -34.70 -8.06 25.58
CA GLU C 126 -34.63 -6.78 26.28
C GLU C 126 -33.26 -6.54 26.88
N VAL C 127 -32.64 -7.58 27.41
CA VAL C 127 -31.32 -7.38 28.01
C VAL C 127 -30.20 -7.56 27.01
N GLN C 128 -30.37 -8.46 26.03
CA GLN C 128 -29.27 -8.72 25.11
C GLN C 128 -28.94 -7.48 24.29
N VAL C 129 -29.89 -7.00 23.50
CA VAL C 129 -29.57 -5.99 22.51
C VAL C 129 -29.60 -4.61 23.16
N THR C 130 -29.66 -4.60 24.49
CA THR C 130 -29.44 -3.40 25.30
C THR C 130 -30.48 -2.31 25.02
N ILE C 131 -31.75 -2.71 24.96
CA ILE C 131 -32.87 -1.78 25.04
C ILE C 131 -33.27 -1.54 26.49
N GLY C 132 -33.28 -2.59 27.31
CA GLY C 132 -33.56 -2.48 28.73
C GLY C 132 -34.91 -1.89 29.10
N PHE C 133 -35.99 -2.64 28.84
CA PHE C 133 -37.34 -2.10 29.04
C PHE C 133 -37.65 -1.94 30.52
N GLY C 134 -37.23 -2.90 31.34
CA GLY C 134 -37.40 -2.77 32.77
C GLY C 134 -38.77 -3.07 33.32
N GLY C 135 -39.68 -3.60 32.50
CA GLY C 135 -40.94 -4.07 33.04
C GLY C 135 -40.76 -5.31 33.88
N ARG C 136 -39.85 -6.18 33.45
CA ARG C 136 -39.46 -7.34 34.23
C ARG C 136 -38.07 -7.09 34.79
N MET C 137 -37.96 -7.15 36.10
CA MET C 137 -36.76 -6.78 36.83
C MET C 137 -36.07 -8.04 37.31
N VAL C 138 -34.78 -8.16 36.99
CA VAL C 138 -33.94 -9.17 37.60
C VAL C 138 -33.53 -8.66 38.98
N THR C 139 -33.61 -9.53 39.98
CA THR C 139 -33.53 -9.13 41.38
C THR C 139 -32.25 -9.66 42.01
N GLU C 140 -31.94 -9.15 43.21
CA GLU C 140 -30.74 -9.47 43.95
C GLU C 140 -30.92 -10.66 44.88
N GLU C 141 -31.96 -11.47 44.66
CA GLU C 141 -32.18 -12.66 45.47
C GLU C 141 -31.44 -13.88 44.94
N CYS C 142 -31.22 -13.97 43.63
CA CYS C 142 -30.63 -15.14 43.00
C CYS C 142 -29.34 -14.79 42.29
N PRO C 143 -28.17 -15.21 42.80
CA PRO C 143 -26.90 -14.92 42.10
C PRO C 143 -26.72 -15.71 40.81
N LEU C 144 -27.46 -16.80 40.62
CA LEU C 144 -27.36 -17.53 39.37
C LEU C 144 -27.83 -16.68 38.19
N ALA C 145 -28.91 -15.91 38.39
CA ALA C 145 -29.36 -14.99 37.35
C ALA C 145 -28.33 -13.90 37.10
N ILE C 146 -27.60 -13.49 38.15
CA ILE C 146 -26.53 -12.53 37.95
C ILE C 146 -25.46 -13.10 37.04
N LEU C 147 -25.10 -14.38 37.24
CA LEU C 147 -24.11 -15.00 36.38
C LEU C 147 -24.60 -15.08 34.94
N ILE C 148 -25.86 -15.50 34.75
CA ILE C 148 -26.34 -15.63 33.37
C ILE C 148 -26.37 -14.27 32.70
N LEU C 149 -26.68 -13.20 33.45
CA LEU C 149 -26.64 -11.88 32.83
C LEU C 149 -25.22 -11.46 32.50
N ILE C 150 -24.27 -11.74 33.39
CA ILE C 150 -22.91 -11.26 33.21
C ILE C 150 -22.17 -12.02 32.12
N VAL C 151 -22.69 -13.18 31.72
CA VAL C 151 -22.16 -13.80 30.51
C VAL C 151 -22.97 -13.43 29.27
N GLN C 152 -24.28 -13.28 29.42
CA GLN C 152 -25.11 -12.86 28.31
C GLN C 152 -24.59 -11.57 27.72
N ASN C 153 -24.35 -10.58 28.58
CA ASN C 153 -23.99 -9.28 28.05
C ASN C 153 -22.62 -9.28 27.39
N ILE C 154 -21.64 -9.95 27.96
CA ILE C 154 -20.33 -9.94 27.33
C ILE C 154 -20.37 -10.71 26.01
N VAL C 155 -21.08 -11.83 25.93
CA VAL C 155 -21.11 -12.50 24.63
C VAL C 155 -21.86 -11.64 23.63
N GLY C 156 -22.91 -10.96 24.08
CA GLY C 156 -23.61 -10.07 23.19
C GLY C 156 -22.70 -8.99 22.67
N LEU C 157 -21.87 -8.43 23.54
CA LEU C 157 -21.01 -7.34 23.11
C LEU C 157 -19.93 -7.84 22.17
N MET C 158 -19.41 -9.03 22.40
CA MET C 158 -18.37 -9.52 21.51
C MET C 158 -18.93 -9.80 20.12
N ILE C 159 -20.10 -10.43 20.05
CA ILE C 159 -20.66 -10.77 18.74
C ILE C 159 -21.15 -9.53 18.01
N ASN C 160 -21.56 -8.51 18.76
CA ASN C 160 -21.86 -7.22 18.15
C ASN C 160 -20.60 -6.58 17.60
N ALA C 161 -19.49 -6.68 18.33
CA ALA C 161 -18.25 -6.06 17.86
C ALA C 161 -17.76 -6.71 16.57
N ILE C 162 -17.76 -8.04 16.51
CA ILE C 162 -17.32 -8.68 15.28
C ILE C 162 -18.32 -8.40 14.14
N MET C 163 -19.62 -8.43 14.41
CA MET C 163 -20.59 -8.22 13.35
C MET C 163 -20.66 -6.77 12.91
N LEU C 164 -19.97 -5.88 13.60
CA LEU C 164 -19.78 -4.56 13.01
C LEU C 164 -18.46 -4.46 12.26
N GLY C 165 -17.37 -4.95 12.85
CA GLY C 165 -16.09 -4.88 12.16
C GLY C 165 -16.13 -5.58 10.82
N CYS C 166 -16.74 -6.76 10.75
CA CYS C 166 -16.71 -7.45 9.46
C CYS C 166 -17.59 -6.76 8.43
N ILE C 167 -18.77 -6.22 8.80
CA ILE C 167 -19.53 -5.49 7.78
C ILE C 167 -18.77 -4.25 7.35
N PHE C 168 -18.01 -3.60 8.24
CA PHE C 168 -17.26 -2.45 7.75
C PHE C 168 -16.13 -2.90 6.84
N MET C 169 -15.41 -3.96 7.22
CA MET C 169 -14.38 -4.51 6.36
C MET C 169 -14.95 -4.89 5.01
N LYS C 170 -16.23 -5.18 4.96
CA LYS C 170 -16.91 -5.43 3.70
C LYS C 170 -17.12 -4.13 2.92
N THR C 171 -17.66 -3.10 3.55
CA THR C 171 -17.94 -1.89 2.79
C THR C 171 -16.69 -1.24 2.20
N ALA C 172 -15.51 -1.81 2.46
CA ALA C 172 -14.32 -1.50 1.67
C ALA C 172 -14.16 -2.46 0.49
N GLN C 173 -15.25 -3.09 0.05
CA GLN C 173 -15.24 -3.73 -1.25
C GLN C 173 -15.25 -2.61 -2.28
N ALA C 174 -14.12 -2.45 -2.98
CA ALA C 174 -14.04 -1.47 -4.05
C ALA C 174 -13.89 -2.13 -5.41
N HIS C 175 -14.06 -3.46 -5.51
CA HIS C 175 -14.12 -4.09 -6.81
C HIS C 175 -15.15 -3.41 -7.70
N ARG C 176 -16.25 -2.90 -7.14
CA ARG C 176 -17.17 -2.13 -7.96
C ARG C 176 -16.42 -1.02 -8.71
N ARG C 177 -15.52 -0.31 -8.02
CA ARG C 177 -14.60 0.57 -8.72
C ARG C 177 -13.72 -0.17 -9.71
N ALA C 178 -13.49 -1.46 -9.51
CA ALA C 178 -12.90 -2.18 -10.63
C ALA C 178 -13.91 -2.40 -11.75
N GLU C 179 -15.21 -2.26 -11.46
CA GLU C 179 -16.19 -2.39 -12.52
C GLU C 179 -16.22 -1.14 -13.38
N THR C 180 -16.06 0.04 -12.76
CA THR C 180 -16.28 1.25 -13.55
C THR C 180 -15.21 1.44 -14.62
N LEU C 181 -14.01 0.87 -14.46
CA LEU C 181 -13.03 1.01 -15.52
C LEU C 181 -13.51 0.30 -16.78
N ILE C 182 -13.04 0.78 -17.93
CA ILE C 182 -13.40 0.18 -19.21
C ILE C 182 -12.22 0.15 -20.17
N PHE C 183 -12.18 -0.90 -20.97
CA PHE C 183 -11.22 -1.05 -22.04
C PHE C 183 -11.96 -1.18 -23.36
N SER C 184 -11.33 -0.79 -24.46
CA SER C 184 -11.99 -0.95 -25.74
C SER C 184 -12.13 -2.43 -26.06
N LYS C 185 -13.17 -2.75 -26.86
CA LYS C 185 -13.54 -4.15 -27.06
C LYS C 185 -12.47 -4.93 -27.80
N HIS C 186 -11.87 -4.31 -28.82
CA HIS C 186 -10.79 -4.92 -29.60
C HIS C 186 -9.63 -3.94 -29.71
N ALA C 187 -8.43 -4.48 -29.86
CA ALA C 187 -7.20 -3.71 -29.95
C ALA C 187 -6.61 -3.80 -31.35
N VAL C 188 -6.07 -2.68 -31.84
CA VAL C 188 -5.49 -2.59 -33.17
C VAL C 188 -3.98 -2.37 -33.05
N ILE C 189 -3.27 -2.71 -34.12
CA ILE C 189 -1.85 -2.44 -34.25
C ILE C 189 -1.64 -1.45 -35.39
N THR C 190 -0.53 -0.72 -35.34
CA THR C 190 -0.26 0.30 -36.36
C THR C 190 1.24 0.36 -36.61
N LEU C 191 1.65 1.36 -37.39
CA LEU C 191 3.05 1.64 -37.67
C LEU C 191 3.35 3.05 -37.18
N ARG C 192 4.10 3.14 -36.08
CA ARG C 192 4.49 4.43 -35.52
C ARG C 192 6.00 4.58 -35.50
N HIS C 193 6.50 5.69 -36.03
CA HIS C 193 7.91 5.99 -36.03
C HIS C 193 8.71 4.96 -36.78
N GLY C 194 8.12 4.39 -37.82
CA GLY C 194 8.83 3.43 -38.66
C GLY C 194 8.91 2.04 -38.08
N ARG C 195 8.22 1.83 -36.95
CA ARG C 195 8.22 0.53 -36.29
C ARG C 195 6.79 0.10 -35.97
N LEU C 196 6.54 -1.20 -36.02
CA LEU C 196 5.20 -1.71 -35.74
C LEU C 196 4.80 -1.42 -34.29
N CYS C 197 3.55 -1.04 -34.09
CA CYS C 197 3.05 -0.72 -32.76
C CYS C 197 1.63 -1.25 -32.54
N PHE C 198 1.31 -1.51 -31.27
CA PHE C 198 -0.03 -1.96 -30.90
C PHE C 198 -0.69 -0.95 -29.96
N MET C 199 -1.91 -0.55 -30.26
CA MET C 199 -2.61 0.45 -29.47
C MET C 199 -3.91 -0.07 -28.84
N LEU C 200 -4.05 0.15 -27.54
CA LEU C 200 -5.26 -0.22 -26.82
C LEU C 200 -5.71 0.97 -25.95
N ARG C 201 -7.02 1.11 -25.76
CA ARG C 201 -7.53 2.23 -24.98
C ARG C 201 -7.90 1.82 -23.56
N VAL C 202 -7.83 2.78 -22.66
CA VAL C 202 -8.34 2.66 -21.30
C VAL C 202 -9.04 3.97 -20.95
N GLY C 203 -9.56 4.05 -19.73
CA GLY C 203 -10.25 5.26 -19.36
C GLY C 203 -10.89 5.12 -18.00
N ASP C 204 -11.29 6.28 -17.48
CA ASP C 204 -11.94 6.39 -16.19
C ASP C 204 -13.41 6.73 -16.41
N LEU C 205 -14.24 6.35 -15.44
CA LEU C 205 -15.66 6.61 -15.55
C LEU C 205 -16.22 7.46 -14.43
N ARG C 206 -15.39 7.98 -13.54
CA ARG C 206 -15.90 8.86 -12.50
C ARG C 206 -14.93 10.01 -12.29
N LYS C 207 -15.34 10.94 -11.43
CA LYS C 207 -14.46 12.03 -11.03
C LYS C 207 -13.28 11.51 -10.22
N SER C 208 -13.52 10.50 -9.39
CA SER C 208 -12.51 10.01 -8.45
C SER C 208 -11.36 9.35 -9.19
N MET C 209 -10.15 9.78 -8.88
CA MET C 209 -8.95 9.26 -9.51
C MET C 209 -8.54 7.93 -8.89
N ILE C 210 -7.56 7.29 -9.52
CA ILE C 210 -6.98 6.04 -9.04
C ILE C 210 -5.48 6.28 -8.93
N ILE C 211 -4.93 6.07 -7.72
CA ILE C 211 -3.59 6.52 -7.40
C ILE C 211 -2.58 5.48 -7.89
N SER C 212 -1.61 5.93 -8.68
CA SER C 212 -0.38 5.19 -9.01
C SER C 212 -0.69 3.90 -9.76
N ALA C 213 -1.68 3.94 -10.66
CA ALA C 213 -2.03 2.77 -11.45
C ALA C 213 -0.84 2.29 -12.27
N THR C 214 -0.64 0.98 -12.30
CA THR C 214 0.47 0.40 -13.05
C THR C 214 -0.06 -0.68 -13.98
N ILE C 215 0.65 -0.88 -15.08
CA ILE C 215 0.22 -1.81 -16.13
C ILE C 215 1.18 -2.99 -16.17
N HIS C 216 0.62 -4.19 -16.02
CA HIS C 216 1.33 -5.44 -16.24
C HIS C 216 0.66 -6.10 -17.42
N MET C 217 1.37 -6.14 -18.54
CA MET C 217 0.82 -6.57 -19.82
C MET C 217 1.45 -7.90 -20.21
N GLN C 218 0.62 -8.96 -20.31
CA GLN C 218 1.14 -10.31 -20.42
C GLN C 218 0.52 -11.04 -21.60
N VAL C 219 1.29 -11.99 -22.15
CA VAL C 219 0.89 -12.78 -23.31
C VAL C 219 0.99 -14.26 -22.93
N VAL C 220 0.01 -15.06 -23.35
CA VAL C 220 0.05 -16.48 -23.04
C VAL C 220 -0.01 -17.30 -24.32
N ARG C 221 0.65 -18.46 -24.31
CA ARG C 221 0.75 -19.31 -25.49
C ARG C 221 1.26 -20.69 -25.10
N LYS C 222 0.69 -21.73 -25.71
CA LYS C 222 1.21 -23.08 -25.54
C LYS C 222 2.57 -23.16 -26.22
N THR C 223 3.63 -23.36 -25.44
CA THR C 223 4.98 -23.24 -25.93
C THR C 223 5.74 -24.55 -25.77
N THR C 224 6.60 -24.85 -26.74
CA THR C 224 7.49 -26.00 -26.70
C THR C 224 8.93 -25.52 -26.72
N SER C 225 9.68 -25.87 -25.69
CA SER C 225 11.07 -25.45 -25.60
C SER C 225 11.93 -26.25 -26.57
N PRO C 226 13.13 -25.75 -26.89
CA PRO C 226 14.07 -26.56 -27.68
C PRO C 226 14.50 -27.83 -26.97
N GLU C 227 14.29 -27.94 -25.66
CA GLU C 227 14.61 -29.13 -24.89
C GLU C 227 13.51 -30.18 -24.94
N GLY C 228 12.52 -30.01 -25.82
CA GLY C 228 11.41 -30.94 -25.87
C GLY C 228 10.35 -30.72 -24.81
N GLU C 229 10.49 -29.69 -23.99
CA GLU C 229 9.50 -29.41 -22.96
C GLU C 229 8.36 -28.60 -23.55
N VAL C 230 7.14 -29.09 -23.36
CA VAL C 230 5.92 -28.42 -23.83
C VAL C 230 5.17 -27.91 -22.62
N VAL C 231 4.84 -26.61 -22.63
CA VAL C 231 4.02 -26.03 -21.58
C VAL C 231 2.63 -25.77 -22.14
N PRO C 232 1.57 -26.04 -21.36
CA PRO C 232 0.22 -25.79 -21.87
C PRO C 232 -0.12 -24.31 -21.97
N LEU C 233 0.59 -23.47 -21.23
CA LEU C 233 0.30 -22.04 -21.16
C LEU C 233 1.52 -21.35 -20.58
N HIS C 234 1.94 -20.23 -21.18
CA HIS C 234 3.22 -19.62 -20.88
C HIS C 234 3.11 -18.11 -20.80
N GLN C 235 2.96 -17.57 -19.59
CA GLN C 235 2.87 -16.12 -19.39
C GLN C 235 4.24 -15.48 -19.55
N VAL C 236 4.30 -14.41 -20.34
CA VAL C 236 5.53 -13.65 -20.54
C VAL C 236 5.19 -12.17 -20.55
N ASP C 237 6.03 -11.37 -19.91
CA ASP C 237 5.78 -9.94 -19.84
C ASP C 237 6.16 -9.29 -21.15
N ILE C 238 5.26 -8.47 -21.68
CA ILE C 238 5.55 -7.56 -22.77
C ILE C 238 5.57 -6.14 -22.18
N PRO C 239 6.61 -5.35 -22.43
CA PRO C 239 6.76 -4.10 -21.69
C PRO C 239 5.71 -3.08 -22.12
N MET C 240 5.34 -2.20 -21.20
CA MET C 240 4.62 -0.99 -21.57
C MET C 240 5.66 0.11 -21.74
N GLU C 241 5.59 0.81 -22.86
CA GLU C 241 6.66 1.72 -23.25
C GLU C 241 6.24 3.15 -22.94
N ASN C 242 6.83 3.69 -21.87
CA ASN C 242 6.61 5.02 -21.32
C ASN C 242 7.94 5.76 -21.48
N GLY C 243 8.12 6.87 -20.78
CA GLY C 243 9.38 7.58 -20.77
C GLY C 243 10.48 6.71 -20.19
N VAL C 244 11.59 7.29 -19.72
CA VAL C 244 12.86 6.59 -19.46
C VAL C 244 12.70 5.17 -18.92
N GLY C 245 11.55 4.85 -18.33
CA GLY C 245 11.31 3.54 -17.79
C GLY C 245 9.92 3.45 -17.22
N GLY C 246 9.78 2.88 -16.03
CA GLY C 246 8.49 2.94 -15.38
C GLY C 246 7.48 1.93 -15.84
N ASN C 247 6.79 1.36 -14.86
CA ASN C 247 5.76 0.35 -15.11
C ASN C 247 4.35 0.93 -15.07
N GLY C 248 4.20 2.18 -14.62
CA GLY C 248 2.90 2.73 -14.30
C GLY C 248 2.59 3.97 -15.12
N ILE C 249 1.32 4.39 -15.05
CA ILE C 249 0.76 5.42 -15.90
C ILE C 249 -0.11 6.36 -15.07
N PHE C 250 -0.65 7.37 -15.73
CA PHE C 250 -1.48 8.39 -15.10
C PHE C 250 -2.76 8.54 -15.91
N LEU C 251 -3.89 8.33 -15.26
CA LEU C 251 -5.20 8.21 -15.92
C LEU C 251 -6.04 9.44 -15.60
N VAL C 252 -6.23 10.30 -16.59
CA VAL C 252 -7.19 11.39 -16.46
C VAL C 252 -8.20 11.25 -17.58
N ALA C 253 -7.72 11.33 -18.81
CA ALA C 253 -8.49 11.11 -20.03
C ALA C 253 -8.13 9.75 -20.62
N PRO C 254 -8.96 9.22 -21.54
CA PRO C 254 -8.60 7.97 -22.22
C PRO C 254 -7.25 8.02 -22.91
N LEU C 255 -6.31 7.25 -22.39
CA LEU C 255 -4.93 7.22 -22.88
C LEU C 255 -4.68 5.89 -23.58
N ILE C 256 -4.39 5.94 -24.88
CA ILE C 256 -3.97 4.75 -25.60
C ILE C 256 -2.59 4.33 -25.10
N ILE C 257 -2.50 3.08 -24.65
CA ILE C 257 -1.23 2.52 -24.19
C ILE C 257 -0.40 2.12 -25.39
N TYR C 258 0.88 2.43 -25.34
CA TYR C 258 1.75 2.46 -26.50
C TYR C 258 2.95 1.56 -26.26
N HIS C 259 2.95 0.39 -26.89
CA HIS C 259 4.10 -0.49 -26.85
C HIS C 259 4.66 -0.62 -28.25
N VAL C 260 5.98 -0.84 -28.36
CA VAL C 260 6.60 -1.11 -29.66
C VAL C 260 7.22 -2.50 -29.60
N ILE C 261 6.71 -3.41 -30.43
CA ILE C 261 7.28 -4.74 -30.52
C ILE C 261 8.57 -4.67 -31.33
N ASP C 262 9.63 -5.23 -30.77
CA ASP C 262 10.93 -5.28 -31.43
C ASP C 262 11.37 -6.73 -31.53
N SER C 263 12.53 -6.94 -32.18
CA SER C 263 13.03 -8.30 -32.38
C SER C 263 13.21 -9.04 -31.06
N ASN C 264 13.48 -8.30 -29.97
CA ASN C 264 13.61 -8.94 -28.67
C ASN C 264 12.27 -9.33 -28.06
N SER C 265 11.18 -8.68 -28.48
CA SER C 265 9.88 -8.93 -27.89
C SER C 265 9.38 -10.33 -28.22
N PRO C 266 8.58 -10.95 -27.35
CA PRO C 266 8.11 -12.32 -27.59
C PRO C 266 7.05 -12.41 -28.66
N LEU C 267 6.26 -11.35 -28.85
CA LEU C 267 5.20 -11.35 -29.84
C LEU C 267 5.70 -11.10 -31.26
N TYR C 268 7.00 -10.82 -31.41
CA TYR C 268 7.57 -10.32 -32.64
C TYR C 268 7.54 -11.31 -33.80
N ASP C 269 7.25 -12.60 -33.56
CA ASP C 269 7.43 -13.62 -34.58
C ASP C 269 6.17 -13.93 -35.40
N LEU C 270 4.99 -13.50 -34.95
CA LEU C 270 3.75 -13.97 -35.57
C LEU C 270 3.54 -13.32 -36.94
N ALA C 271 2.52 -13.82 -37.65
CA ALA C 271 2.13 -13.40 -39.00
C ALA C 271 0.75 -12.75 -38.98
N PRO C 272 0.51 -11.76 -39.86
CA PRO C 272 -0.76 -11.04 -39.81
C PRO C 272 -1.95 -11.80 -40.37
N SER C 273 -1.73 -12.82 -41.20
CA SER C 273 -2.84 -13.59 -41.74
C SER C 273 -3.18 -14.82 -40.92
N ASP C 274 -2.30 -15.24 -40.01
CA ASP C 274 -2.54 -16.42 -39.22
C ASP C 274 -3.16 -16.11 -37.87
N LEU C 275 -3.31 -14.84 -37.52
CA LEU C 275 -3.85 -14.48 -36.21
C LEU C 275 -5.37 -14.52 -36.18
N HIS C 276 -6.03 -14.19 -37.28
CA HIS C 276 -7.47 -13.95 -37.22
C HIS C 276 -8.25 -15.22 -36.87
N HIS C 277 -7.80 -16.38 -37.34
CA HIS C 277 -8.62 -17.58 -37.22
C HIS C 277 -7.99 -18.68 -36.38
N HIS C 278 -6.77 -19.08 -36.71
CA HIS C 278 -6.23 -20.36 -36.25
C HIS C 278 -5.52 -20.23 -34.91
N GLN C 279 -4.52 -19.36 -34.83
CA GLN C 279 -3.65 -19.29 -33.67
C GLN C 279 -4.45 -19.01 -32.41
N ASP C 280 -3.87 -19.41 -31.27
CA ASP C 280 -4.47 -19.23 -29.95
C ASP C 280 -3.53 -18.36 -29.11
N LEU C 281 -3.76 -17.05 -29.13
CA LEU C 281 -2.92 -16.08 -28.42
C LEU C 281 -3.82 -15.14 -27.61
N GLU C 282 -3.75 -15.24 -26.30
CA GLU C 282 -4.46 -14.33 -25.41
C GLU C 282 -3.46 -13.30 -24.89
N ILE C 283 -3.79 -12.03 -25.11
CA ILE C 283 -3.02 -10.92 -24.56
C ILE C 283 -3.86 -10.26 -23.49
N ILE C 284 -3.45 -10.39 -22.24
CA ILE C 284 -4.21 -9.84 -21.12
C ILE C 284 -3.48 -8.62 -20.61
N VAL C 285 -4.25 -7.70 -20.07
CA VAL C 285 -3.69 -6.55 -19.37
C VAL C 285 -4.26 -6.50 -17.96
N ILE C 286 -3.40 -6.20 -17.00
CA ILE C 286 -3.77 -6.08 -15.60
C ILE C 286 -3.37 -4.68 -15.18
N LEU C 287 -4.37 -3.84 -14.93
CA LEU C 287 -4.11 -2.51 -14.41
C LEU C 287 -4.43 -2.49 -12.92
N GLU C 288 -3.45 -2.06 -12.13
CA GLU C 288 -3.56 -2.00 -10.69
C GLU C 288 -3.57 -0.53 -10.26
N GLY C 289 -4.16 -0.26 -9.12
CA GLY C 289 -4.11 1.08 -8.59
C GLY C 289 -4.93 1.17 -7.34
N VAL C 290 -4.63 2.12 -6.47
CA VAL C 290 -5.38 2.26 -5.23
C VAL C 290 -6.35 3.42 -5.38
N VAL C 291 -7.63 3.20 -5.05
CA VAL C 291 -8.62 4.26 -5.14
C VAL C 291 -8.39 5.26 -4.02
N GLU C 292 -8.84 6.50 -4.25
CA GLU C 292 -8.49 7.60 -3.36
C GLU C 292 -9.14 7.42 -1.98
N THR C 293 -10.48 7.36 -1.96
CA THR C 293 -11.24 7.57 -0.72
C THR C 293 -11.13 6.38 0.24
N THR C 294 -11.20 5.16 -0.27
CA THR C 294 -11.09 4.02 0.62
C THR C 294 -9.63 3.71 0.93
N GLY C 295 -8.75 3.87 -0.05
CA GLY C 295 -7.35 3.54 0.11
C GLY C 295 -6.98 2.12 -0.26
N ILE C 296 -7.97 1.27 -0.58
CA ILE C 296 -7.69 -0.10 -0.96
C ILE C 296 -7.04 -0.12 -2.35
N THR C 297 -6.38 -1.23 -2.67
CA THR C 297 -5.73 -1.41 -3.97
C THR C 297 -6.56 -2.35 -4.81
N THR C 298 -7.16 -1.83 -5.86
CA THR C 298 -7.97 -2.60 -6.78
C THR C 298 -7.20 -2.81 -8.07
N GLN C 299 -7.73 -3.69 -8.93
CA GLN C 299 -7.14 -3.90 -10.23
C GLN C 299 -8.22 -4.34 -11.19
N ALA C 300 -7.87 -4.42 -12.47
CA ALA C 300 -8.78 -4.91 -13.48
C ALA C 300 -8.00 -5.71 -14.50
N ARG C 301 -8.64 -6.76 -15.00
CA ARG C 301 -8.00 -7.75 -15.86
C ARG C 301 -8.85 -7.95 -17.10
N THR C 302 -8.23 -7.90 -18.28
CA THR C 302 -8.99 -8.24 -19.47
C THR C 302 -8.13 -8.99 -20.46
N SER C 303 -8.79 -9.79 -21.30
CA SER C 303 -8.16 -10.63 -22.31
C SER C 303 -8.53 -10.16 -23.71
N TYR C 304 -7.59 -10.33 -24.64
CA TYR C 304 -7.86 -10.14 -26.06
C TYR C 304 -7.41 -11.40 -26.78
N LEU C 305 -8.33 -12.02 -27.51
CA LEU C 305 -8.06 -13.27 -28.19
C LEU C 305 -7.46 -13.00 -29.57
N ALA C 306 -7.05 -14.08 -30.24
CA ALA C 306 -6.52 -13.95 -31.58
C ALA C 306 -7.61 -13.56 -32.58
N ASP C 307 -8.86 -13.89 -32.28
CA ASP C 307 -9.96 -13.49 -33.14
C ASP C 307 -10.51 -12.10 -32.82
N GLU C 308 -10.17 -11.54 -31.64
CA GLU C 308 -10.64 -10.21 -31.26
C GLU C 308 -9.77 -9.12 -31.86
N ILE C 309 -8.46 -9.33 -31.88
CA ILE C 309 -7.53 -8.32 -32.36
C ILE C 309 -7.58 -8.26 -33.88
N LEU C 310 -7.30 -7.07 -34.43
CA LEU C 310 -7.27 -6.87 -35.87
C LEU C 310 -6.05 -6.04 -36.24
N TRP C 311 -5.86 -5.84 -37.55
CA TRP C 311 -4.61 -5.34 -38.10
C TRP C 311 -4.80 -4.06 -38.90
N GLY C 312 -3.83 -3.16 -38.79
CA GLY C 312 -3.76 -1.98 -39.65
C GLY C 312 -4.95 -1.03 -39.62
N GLN C 313 -5.14 -0.33 -38.50
CA GLN C 313 -6.24 0.62 -38.34
C GLN C 313 -5.76 1.78 -37.48
N ARG C 314 -6.66 2.71 -37.18
CA ARG C 314 -6.33 3.78 -36.24
C ARG C 314 -7.59 4.26 -35.55
N PHE C 315 -7.48 4.51 -34.24
CA PHE C 315 -8.61 5.02 -33.49
C PHE C 315 -8.90 6.47 -33.89
N VAL C 316 -10.13 6.91 -33.58
CA VAL C 316 -10.53 8.27 -33.88
C VAL C 316 -10.18 9.14 -32.68
N PRO C 317 -9.66 10.35 -32.88
CA PRO C 317 -9.34 11.23 -31.73
C PRO C 317 -10.58 11.58 -30.92
N ILE C 318 -10.52 11.27 -29.62
CA ILE C 318 -11.62 11.52 -28.71
C ILE C 318 -11.59 12.97 -28.23
N VAL C 319 -10.48 13.36 -27.58
CA VAL C 319 -10.38 14.68 -26.98
C VAL C 319 -10.52 15.76 -28.02
N ALA C 320 -11.27 16.80 -27.68
CA ALA C 320 -11.48 17.92 -28.59
C ALA C 320 -11.51 19.22 -27.79
N GLU C 321 -10.92 20.25 -28.36
CA GLU C 321 -10.91 21.55 -27.70
C GLU C 321 -12.31 22.13 -27.76
N GLU C 322 -13.05 21.99 -26.68
CA GLU C 322 -14.33 22.65 -26.56
C GLU C 322 -14.16 23.99 -25.84
N ASP C 323 -15.31 24.64 -25.61
CA ASP C 323 -15.50 26.07 -25.46
C ASP C 323 -14.35 26.71 -24.70
N GLY C 324 -14.08 26.16 -23.53
CA GLY C 324 -12.91 26.58 -22.78
C GLY C 324 -12.22 25.40 -22.13
N ARG C 325 -12.59 24.18 -22.53
CA ARG C 325 -12.08 22.98 -21.86
C ARG C 325 -11.74 21.92 -22.91
N TYR C 326 -11.55 20.70 -22.43
CA TYR C 326 -11.37 19.54 -23.29
C TYR C 326 -12.59 18.65 -23.13
N SER C 327 -13.33 18.48 -24.21
CA SER C 327 -14.47 17.57 -24.21
C SER C 327 -14.00 16.21 -24.69
N VAL C 328 -14.41 15.17 -23.98
CA VAL C 328 -14.15 13.78 -24.39
C VAL C 328 -15.48 13.15 -24.78
N ASP C 329 -15.52 12.58 -25.98
CA ASP C 329 -16.72 11.93 -26.50
C ASP C 329 -16.50 10.42 -26.49
N TYR C 330 -17.27 9.72 -25.68
CA TYR C 330 -17.13 8.27 -25.56
C TYR C 330 -17.92 7.50 -26.60
N SER C 331 -18.62 8.20 -27.50
CA SER C 331 -19.28 7.51 -28.60
C SER C 331 -18.26 6.95 -29.59
N LYS C 332 -17.22 7.72 -29.88
CA LYS C 332 -16.14 7.27 -30.75
C LYS C 332 -15.10 6.45 -30.02
N PHE C 333 -15.35 6.11 -28.75
CA PHE C 333 -14.37 5.35 -27.98
C PHE C 333 -13.93 4.11 -28.73
N GLY C 334 -14.89 3.29 -29.14
CA GLY C 334 -14.60 2.09 -29.90
C GLY C 334 -14.60 2.27 -31.40
N ASN C 335 -14.62 3.50 -31.91
CA ASN C 335 -14.62 3.69 -33.35
C ASN C 335 -13.21 3.59 -33.92
N THR C 336 -13.15 3.28 -35.22
CA THR C 336 -11.91 2.90 -35.88
C THR C 336 -11.97 3.30 -37.35
N ILE C 337 -10.85 3.79 -37.87
CA ILE C 337 -10.75 4.20 -39.26
C ILE C 337 -9.66 3.40 -39.96
N LYS C 338 -9.84 3.23 -41.26
CA LYS C 338 -8.87 2.52 -42.08
C LYS C 338 -7.64 3.39 -42.33
N VAL C 339 -6.48 2.74 -42.37
CA VAL C 339 -5.23 3.44 -42.62
C VAL C 339 -4.39 2.64 -43.61
N PRO C 340 -3.91 3.25 -44.69
CA PRO C 340 -3.09 2.50 -45.66
C PRO C 340 -1.69 2.21 -45.14
N THR C 341 -1.56 1.14 -44.33
CA THR C 341 -0.27 0.71 -43.81
C THR C 341 0.10 -0.67 -44.38
N PRO C 342 1.39 -0.93 -44.62
CA PRO C 342 1.78 -2.23 -45.18
C PRO C 342 1.48 -3.37 -44.23
N LEU C 343 1.02 -4.49 -44.81
CA LEU C 343 0.62 -5.68 -44.05
C LEU C 343 1.68 -6.76 -44.26
N CYS C 344 2.40 -7.09 -43.18
CA CYS C 344 3.45 -8.10 -43.24
C CYS C 344 3.79 -8.54 -41.82
N THR C 345 4.57 -9.61 -41.72
CA THR C 345 4.93 -10.16 -40.41
C THR C 345 6.04 -9.33 -39.78
N ALA C 346 6.01 -9.24 -38.44
CA ALA C 346 6.98 -8.40 -37.74
C ALA C 346 8.40 -8.89 -37.94
N ARG C 347 8.61 -10.20 -38.06
CA ARG C 347 9.91 -10.71 -38.43
C ARG C 347 10.28 -10.28 -39.85
N GLN C 348 9.38 -10.50 -40.80
CA GLN C 348 9.62 -10.05 -42.17
C GLN C 348 9.67 -8.53 -42.25
N LEU C 349 8.92 -7.83 -41.41
CA LEU C 349 9.00 -6.37 -41.41
C LEU C 349 10.35 -5.90 -40.87
N ASP C 350 10.90 -6.62 -39.90
CA ASP C 350 12.23 -6.26 -39.40
C ASP C 350 13.29 -6.57 -40.45
N GLU C 351 13.11 -7.66 -41.20
CA GLU C 351 14.03 -7.95 -42.30
C GLU C 351 13.94 -6.91 -43.40
N ASP C 352 12.73 -6.42 -43.68
CA ASP C 352 12.57 -5.34 -44.66
C ASP C 352 13.14 -4.03 -44.15
N ARG C 353 13.07 -3.78 -42.83
CA ARG C 353 13.71 -2.60 -42.26
C ARG C 353 15.23 -2.72 -42.38
N SER C 354 15.76 -3.93 -42.21
CA SER C 354 17.17 -4.17 -42.52
C SER C 354 17.45 -3.91 -44.00
N LEU C 355 16.46 -4.16 -44.86
CA LEU C 355 16.57 -3.83 -46.27
C LEU C 355 16.07 -2.42 -46.58
N LEU C 356 15.37 -1.77 -45.66
CA LEU C 356 14.86 -0.41 -45.87
C LEU C 356 14.55 0.28 -44.56
N ASN D 24 -40.95 -33.80 38.74
CA ASN D 24 -40.68 -32.68 37.85
C ASN D 24 -40.47 -33.16 36.42
N GLY D 25 -41.49 -33.81 35.84
CA GLY D 25 -41.34 -34.37 34.51
C GLY D 25 -41.09 -33.31 33.45
N CYS D 26 -41.89 -32.23 33.47
CA CYS D 26 -41.67 -31.16 32.51
C CYS D 26 -40.29 -30.55 32.66
N PHE D 27 -39.76 -30.49 33.88
CA PHE D 27 -38.41 -29.96 34.08
C PHE D 27 -37.38 -30.80 33.34
N VAL D 28 -37.49 -32.13 33.43
CA VAL D 28 -36.54 -32.98 32.75
C VAL D 28 -36.75 -32.94 31.24
N ASP D 29 -38.00 -32.79 30.79
CA ASP D 29 -38.25 -32.61 29.36
C ASP D 29 -37.52 -31.38 28.83
N ALA D 30 -37.64 -30.26 29.55
CA ALA D 30 -36.94 -29.05 29.14
C ALA D 30 -35.43 -29.24 29.17
N LEU D 31 -34.92 -29.87 30.23
CA LEU D 31 -33.50 -30.12 30.33
C LEU D 31 -33.00 -30.95 29.15
N ASN D 32 -33.85 -31.82 28.61
CA ASN D 32 -33.48 -32.54 27.40
C ASN D 32 -33.55 -31.66 26.17
N VAL D 33 -34.53 -30.75 26.12
CA VAL D 33 -34.67 -29.89 24.94
C VAL D 33 -33.45 -28.99 24.79
N VAL D 34 -32.81 -28.63 25.89
CA VAL D 34 -31.73 -27.64 25.82
C VAL D 34 -30.58 -28.03 24.90
N PRO D 35 -29.95 -29.21 25.04
CA PRO D 35 -28.74 -29.48 24.24
C PRO D 35 -28.98 -29.57 22.74
N HIS D 36 -30.13 -30.11 22.33
CA HIS D 36 -30.49 -30.08 20.92
C HIS D 36 -30.48 -28.65 20.40
N VAL D 37 -31.02 -27.73 21.21
CA VAL D 37 -31.06 -26.32 20.84
C VAL D 37 -29.64 -25.77 20.70
N PHE D 38 -28.77 -26.12 21.65
CA PHE D 38 -27.38 -25.66 21.61
C PHE D 38 -26.71 -26.07 20.29
N LEU D 39 -26.89 -27.34 19.91
CA LEU D 39 -26.24 -27.83 18.70
C LEU D 39 -26.86 -27.24 17.45
N LEU D 40 -28.19 -27.17 17.38
CA LEU D 40 -28.86 -26.54 16.25
C LEU D 40 -28.49 -25.08 16.10
N PHE D 41 -28.06 -24.45 17.18
CA PHE D 41 -27.68 -23.05 17.07
C PHE D 41 -26.23 -22.88 16.65
N ILE D 42 -25.34 -23.75 17.11
CA ILE D 42 -23.96 -23.65 16.62
C ILE D 42 -23.84 -24.16 15.18
N THR D 43 -24.74 -25.02 14.72
CA THR D 43 -24.57 -25.57 13.38
C THR D 43 -24.86 -24.55 12.30
N PHE D 44 -25.66 -23.53 12.60
CA PHE D 44 -26.20 -22.71 11.53
C PHE D 44 -25.20 -21.73 10.93
N PRO D 45 -24.35 -21.09 11.73
CA PRO D 45 -23.27 -20.29 11.12
C PRO D 45 -22.39 -21.09 10.19
N ILE D 46 -21.86 -22.21 10.68
CA ILE D 46 -20.96 -23.00 9.86
C ILE D 46 -21.69 -23.56 8.65
N LEU D 47 -22.91 -24.04 8.85
CA LEU D 47 -23.66 -24.57 7.71
C LEU D 47 -23.97 -23.48 6.70
N PHE D 48 -24.14 -22.24 7.14
CA PHE D 48 -24.47 -21.18 6.21
C PHE D 48 -23.25 -20.63 5.49
N ILE D 49 -22.09 -20.67 6.15
CA ILE D 49 -20.84 -20.36 5.44
C ILE D 49 -20.53 -21.43 4.41
N GLY D 50 -20.69 -22.70 4.79
CA GLY D 50 -20.43 -23.78 3.86
C GLY D 50 -21.42 -23.85 2.72
N TRP D 51 -22.66 -23.41 2.96
CA TRP D 51 -23.65 -23.42 1.89
C TRP D 51 -23.57 -22.17 1.01
N GLY D 52 -23.09 -21.06 1.56
CA GLY D 52 -22.94 -19.84 0.79
C GLY D 52 -21.80 -19.87 -0.21
N SER D 63 -11.66 -31.27 -4.46
CA SER D 63 -12.42 -32.50 -4.62
C SER D 63 -11.70 -33.71 -4.03
N THR D 64 -11.47 -33.67 -2.72
CA THR D 64 -10.82 -34.76 -1.99
C THR D 64 -11.72 -35.19 -0.83
N TRP D 65 -12.04 -36.49 -0.79
CA TRP D 65 -12.90 -37.06 0.24
C TRP D 65 -12.03 -37.76 1.27
N LEU D 66 -12.12 -37.31 2.52
CA LEU D 66 -11.41 -37.90 3.65
C LEU D 66 -12.43 -38.64 4.51
N HIS D 67 -12.18 -39.94 4.74
CA HIS D 67 -13.07 -40.76 5.54
C HIS D 67 -12.43 -41.07 6.89
N PHE D 68 -13.27 -41.19 7.90
CA PHE D 68 -12.81 -41.46 9.25
C PHE D 68 -13.31 -42.81 9.72
N PRO D 69 -12.58 -43.49 10.60
CA PRO D 69 -13.07 -44.77 11.13
C PRO D 69 -14.39 -44.59 11.86
N GLY D 70 -15.29 -45.55 11.64
CA GLY D 70 -16.62 -45.47 12.21
C GLY D 70 -17.62 -44.71 11.39
N HIS D 71 -17.24 -44.25 10.20
CA HIS D 71 -18.15 -43.50 9.34
C HIS D 71 -19.41 -44.30 9.07
N ASN D 72 -19.26 -45.51 8.55
CA ASN D 72 -20.43 -46.35 8.25
C ASN D 72 -21.20 -46.71 9.51
N LEU D 73 -20.47 -47.00 10.59
CA LEU D 73 -21.13 -47.21 11.87
C LEU D 73 -21.88 -45.96 12.30
N ARG D 74 -21.30 -44.78 12.07
CA ARG D 74 -21.97 -43.55 12.45
C ARG D 74 -23.29 -43.39 11.69
N TRP D 75 -23.27 -43.64 10.39
CA TRP D 75 -24.49 -43.47 9.61
C TRP D 75 -25.53 -44.52 9.96
N ILE D 76 -25.11 -45.76 10.18
CA ILE D 76 -26.05 -46.78 10.63
C ILE D 76 -26.71 -46.37 11.93
N LEU D 77 -25.90 -45.96 12.90
CA LEU D 77 -26.46 -45.53 14.17
C LEU D 77 -27.36 -44.32 13.99
N THR D 78 -27.04 -43.43 13.06
CA THR D 78 -27.88 -42.26 12.85
C THR D 78 -29.24 -42.66 12.28
N PHE D 79 -29.28 -43.65 11.40
CA PHE D 79 -30.57 -44.13 10.92
C PHE D 79 -31.35 -44.81 12.03
N ILE D 80 -30.66 -45.53 12.91
CA ILE D 80 -31.37 -46.13 14.04
C ILE D 80 -31.92 -45.04 14.95
N LEU D 81 -31.19 -43.94 15.11
CA LEU D 81 -31.70 -42.80 15.86
C LEU D 81 -32.93 -42.22 15.22
N LEU D 82 -32.90 -42.05 13.90
CA LEU D 82 -34.07 -41.60 13.16
C LEU D 82 -35.29 -42.46 13.49
N PHE D 83 -35.12 -43.78 13.46
CA PHE D 83 -36.21 -44.70 13.74
C PHE D 83 -36.74 -44.50 15.17
N VAL D 84 -35.84 -44.51 16.16
CA VAL D 84 -36.27 -44.38 17.54
C VAL D 84 -36.95 -43.03 17.77
N LEU D 85 -36.52 -41.99 17.04
CA LEU D 85 -37.15 -40.69 17.20
C LEU D 85 -38.57 -40.70 16.63
N VAL D 86 -38.77 -41.41 15.52
CA VAL D 86 -40.12 -41.60 15.02
C VAL D 86 -40.99 -42.27 16.08
N CYS D 87 -40.43 -43.26 16.77
CA CYS D 87 -41.19 -43.94 17.82
C CYS D 87 -41.53 -42.99 18.96
N GLU D 88 -40.58 -42.12 19.33
CA GLU D 88 -40.83 -41.15 20.39
C GLU D 88 -41.94 -40.18 20.00
N ILE D 89 -41.95 -39.75 18.74
CA ILE D 89 -43.03 -38.88 18.27
C ILE D 89 -44.36 -39.61 18.36
N ALA D 90 -44.37 -40.91 18.05
CA ALA D 90 -45.58 -41.70 18.21
C ALA D 90 -46.05 -41.69 19.66
N GLU D 91 -45.12 -41.88 20.61
CA GLU D 91 -45.49 -41.82 22.01
C GLU D 91 -46.07 -40.47 22.38
N GLY D 92 -45.45 -39.39 21.89
CA GLY D 92 -45.94 -38.06 22.20
C GLY D 92 -47.33 -37.80 21.64
N ILE D 93 -47.63 -38.38 20.49
CA ILE D 93 -48.99 -38.27 19.95
C ILE D 93 -49.96 -39.06 20.82
N LEU D 94 -49.56 -40.25 21.26
CA LEU D 94 -50.45 -41.07 22.08
C LEU D 94 -50.77 -40.38 23.41
N SER D 95 -49.78 -39.72 24.00
CA SER D 95 -49.99 -39.11 25.31
C SER D 95 -50.92 -37.90 25.21
N ASP D 96 -50.61 -36.96 24.33
CA ASP D 96 -51.36 -35.72 24.22
C ASP D 96 -52.81 -35.95 23.81
N HIS D 103 -50.24 -30.74 25.82
CA HIS D 103 -48.93 -30.87 26.44
C HIS D 103 -47.78 -30.86 25.43
N LEU D 104 -47.42 -29.68 24.93
CA LEU D 104 -46.35 -29.56 23.94
C LEU D 104 -45.01 -29.95 24.53
N HIS D 105 -44.67 -29.39 25.69
CA HIS D 105 -43.39 -29.59 26.35
C HIS D 105 -43.10 -31.06 26.66
N LEU D 106 -44.08 -31.94 26.54
CA LEU D 106 -43.88 -33.34 26.85
C LEU D 106 -43.39 -34.15 25.65
N TYR D 107 -43.69 -33.72 24.42
CA TYR D 107 -43.17 -34.41 23.25
C TYR D 107 -42.22 -33.54 22.43
N MET D 108 -41.87 -32.35 22.90
CA MET D 108 -40.86 -31.59 22.15
C MET D 108 -39.48 -32.25 22.08
N PRO D 109 -38.99 -32.97 23.11
CA PRO D 109 -37.63 -33.54 23.00
C PRO D 109 -37.38 -34.37 21.75
N ALA D 110 -38.38 -35.13 21.29
CA ALA D 110 -38.20 -35.93 20.08
C ALA D 110 -38.06 -35.04 18.85
N GLY D 111 -38.96 -34.06 18.71
CA GLY D 111 -38.89 -33.13 17.60
C GLY D 111 -37.60 -32.34 17.57
N MET D 112 -36.96 -32.16 18.72
CA MET D 112 -35.67 -31.45 18.72
C MET D 112 -34.51 -32.39 18.41
N ALA D 113 -34.50 -33.59 18.99
CA ALA D 113 -33.45 -34.55 18.65
C ALA D 113 -33.49 -34.90 17.18
N PHE D 114 -34.67 -34.82 16.55
CA PHE D 114 -34.76 -35.09 15.12
C PHE D 114 -33.89 -34.11 14.32
N MET D 115 -34.11 -32.82 14.53
CA MET D 115 -33.30 -31.81 13.86
C MET D 115 -31.85 -31.86 14.34
N ALA D 116 -31.61 -32.25 15.59
CA ALA D 116 -30.24 -32.34 16.06
C ALA D 116 -29.48 -33.46 15.35
N ALA D 117 -30.12 -34.61 15.14
CA ALA D 117 -29.46 -35.69 14.42
C ALA D 117 -29.29 -35.35 12.94
N ILE D 118 -30.28 -34.70 12.34
CA ILE D 118 -30.11 -34.27 10.96
C ILE D 118 -28.97 -33.27 10.85
N THR D 119 -28.84 -32.37 11.83
CA THR D 119 -27.75 -31.41 11.79
C THR D 119 -26.41 -32.07 12.12
N SER D 120 -26.42 -33.14 12.91
CA SER D 120 -25.21 -33.91 13.09
C SER D 120 -24.78 -34.56 11.77
N VAL D 121 -25.76 -35.04 11.00
CA VAL D 121 -25.45 -35.54 9.67
C VAL D 121 -24.88 -34.44 8.80
N VAL D 122 -25.45 -33.24 8.88
CA VAL D 122 -24.93 -32.13 8.06
C VAL D 122 -23.52 -31.78 8.48
N TYR D 123 -23.25 -31.79 9.78
CA TYR D 123 -21.89 -31.56 10.26
C TYR D 123 -20.95 -32.62 9.72
N TYR D 124 -21.36 -33.89 9.78
CA TYR D 124 -20.44 -34.92 9.35
C TYR D 124 -20.22 -34.88 7.86
N HIS D 125 -21.22 -34.44 7.09
CA HIS D 125 -20.97 -34.22 5.67
C HIS D 125 -19.98 -33.08 5.46
N ASN D 126 -20.13 -32.01 6.23
CA ASN D 126 -19.21 -30.87 6.13
C ASN D 126 -17.80 -31.21 6.58
N ILE D 127 -17.66 -32.21 7.43
CA ILE D 127 -16.33 -32.64 7.86
C ILE D 127 -15.74 -33.66 6.90
N GLU D 128 -16.55 -34.55 6.34
CA GLU D 128 -16.04 -35.44 5.31
C GLU D 128 -15.55 -34.64 4.11
N THR D 129 -16.21 -33.54 3.80
CA THR D 129 -15.77 -32.76 2.65
C THR D 129 -14.51 -31.96 2.96
N SER D 130 -14.35 -31.47 4.18
CA SER D 130 -13.14 -30.76 4.58
C SER D 130 -12.87 -31.07 6.05
N ASN D 131 -11.68 -31.57 6.33
CA ASN D 131 -11.40 -32.08 7.66
C ASN D 131 -11.05 -30.96 8.63
N PHE D 132 -11.41 -31.16 9.89
CA PHE D 132 -11.09 -30.23 10.96
C PHE D 132 -10.93 -31.00 12.26
N PRO D 133 -10.16 -30.49 13.19
CA PRO D 133 -10.13 -31.10 14.53
C PRO D 133 -11.16 -30.49 15.45
N LYS D 134 -11.72 -29.34 15.06
CA LYS D 134 -12.57 -28.62 16.00
C LYS D 134 -14.04 -28.99 15.84
N LEU D 135 -14.52 -29.15 14.61
CA LEU D 135 -15.91 -29.50 14.43
C LEU D 135 -16.24 -30.81 15.14
N LEU D 136 -15.30 -31.76 15.14
CA LEU D 136 -15.51 -33.03 15.84
C LEU D 136 -15.71 -32.82 17.34
N ILE D 137 -14.86 -32.02 17.97
CA ILE D 137 -15.08 -31.68 19.38
C ILE D 137 -16.44 -31.01 19.54
N ALA D 138 -16.83 -30.18 18.58
CA ALA D 138 -18.16 -29.59 18.63
C ALA D 138 -19.25 -30.66 18.64
N LEU D 139 -19.03 -31.78 17.97
CA LEU D 139 -20.02 -32.84 18.09
C LEU D 139 -19.90 -33.51 19.45
N LEU D 140 -18.67 -33.70 19.93
CA LEU D 140 -18.48 -34.52 21.13
C LEU D 140 -19.13 -33.87 22.34
N ILE D 141 -19.08 -32.53 22.40
CA ILE D 141 -19.72 -31.83 23.51
C ILE D 141 -21.21 -32.17 23.57
N TYR D 142 -21.87 -32.06 22.43
CA TYR D 142 -23.30 -32.33 22.37
C TYR D 142 -23.62 -33.78 22.76
N TRP D 143 -22.81 -34.72 22.28
CA TRP D 143 -23.07 -36.11 22.63
C TRP D 143 -23.01 -36.31 24.15
N THR D 144 -21.97 -35.75 24.79
CA THR D 144 -21.86 -35.92 26.24
C THR D 144 -23.05 -35.32 26.97
N LEU D 145 -23.49 -34.13 26.57
CA LEU D 145 -24.59 -33.49 27.28
C LEU D 145 -25.90 -34.26 27.07
N ALA D 146 -26.14 -34.77 25.86
CA ALA D 146 -27.35 -35.53 25.63
C ALA D 146 -27.34 -36.82 26.43
N PHE D 147 -26.17 -37.45 26.56
CA PHE D 147 -26.06 -38.64 27.40
C PHE D 147 -26.41 -38.34 28.84
N ILE D 148 -25.93 -37.21 29.36
CA ILE D 148 -26.24 -36.83 30.73
C ILE D 148 -27.74 -36.67 30.92
N THR D 149 -28.40 -35.93 30.02
CA THR D 149 -29.83 -35.71 30.17
C THR D 149 -30.60 -37.03 30.12
N LYS D 150 -30.23 -37.92 29.19
CA LYS D 150 -30.92 -39.20 29.10
C LYS D 150 -30.72 -40.03 30.36
N THR D 151 -29.53 -39.96 30.97
CA THR D 151 -29.28 -40.68 32.21
C THR D 151 -30.18 -40.17 33.32
N ILE D 152 -30.34 -38.84 33.42
CA ILE D 152 -31.23 -38.30 34.45
C ILE D 152 -32.66 -38.79 34.22
N LYS D 153 -33.10 -38.79 32.96
CA LYS D 153 -34.43 -39.32 32.67
C LYS D 153 -34.58 -40.75 33.14
N PHE D 154 -33.58 -41.58 32.84
CA PHE D 154 -33.65 -43.00 33.20
C PHE D 154 -33.72 -43.19 34.70
N VAL D 155 -32.92 -42.45 35.45
CA VAL D 155 -32.94 -42.58 36.91
C VAL D 155 -34.31 -42.21 37.45
N LYS D 156 -34.82 -41.05 37.05
CA LYS D 156 -36.11 -40.60 37.58
C LYS D 156 -37.23 -41.53 37.17
N PHE D 157 -37.08 -42.23 36.03
CA PHE D 157 -38.09 -43.22 35.68
C PHE D 157 -37.96 -44.47 36.54
N TYR D 158 -36.73 -44.92 36.80
CA TYR D 158 -36.52 -46.11 37.61
C TYR D 158 -37.09 -45.93 39.01
N ASP D 159 -36.97 -44.72 39.57
CA ASP D 159 -37.52 -44.50 40.90
C ASP D 159 -39.04 -44.69 40.92
N HIS D 160 -39.70 -44.53 39.79
CA HIS D 160 -41.14 -44.75 39.72
C HIS D 160 -41.46 -46.13 39.16
N LEU D 167 -43.92 -48.19 28.07
CA LEU D 167 -43.41 -47.98 26.71
C LEU D 167 -42.24 -47.01 26.72
N ARG D 168 -42.33 -45.99 27.56
CA ARG D 168 -41.28 -44.97 27.61
C ARG D 168 -39.93 -45.59 27.93
N PHE D 169 -39.93 -46.60 28.80
CA PHE D 169 -38.69 -47.18 29.30
C PHE D 169 -37.81 -47.71 28.17
N CYS D 170 -38.41 -48.48 27.27
CA CYS D 170 -37.64 -49.11 26.20
C CYS D 170 -37.07 -48.08 25.23
N LEU D 171 -37.87 -47.09 24.83
CA LEU D 171 -37.39 -46.07 23.90
C LEU D 171 -36.24 -45.27 24.52
N THR D 172 -36.41 -44.85 25.78
CA THR D 172 -35.34 -44.09 26.42
C THR D 172 -34.06 -44.92 26.51
N GLY D 173 -34.18 -46.21 26.84
CA GLY D 173 -32.99 -47.05 26.90
C GLY D 173 -32.30 -47.20 25.56
N LEU D 174 -33.08 -47.41 24.49
CA LEU D 174 -32.47 -47.52 23.17
C LEU D 174 -31.73 -46.25 22.79
N LEU D 175 -32.34 -45.09 23.07
CA LEU D 175 -31.65 -43.83 22.79
C LEU D 175 -30.35 -43.72 23.58
N VAL D 176 -30.38 -44.14 24.85
CA VAL D 176 -29.17 -44.09 25.67
C VAL D 176 -28.07 -44.92 25.03
N ILE D 177 -28.40 -46.15 24.62
CA ILE D 177 -27.40 -47.03 24.05
C ILE D 177 -26.82 -46.44 22.76
N LEU D 178 -27.70 -45.90 21.91
CA LEU D 178 -27.22 -45.35 20.64
C LEU D 178 -26.32 -44.14 20.86
N TYR D 179 -26.71 -43.23 21.74
CA TYR D 179 -25.86 -42.07 22.01
C TYR D 179 -24.52 -42.50 22.60
N GLY D 180 -24.53 -43.51 23.47
CA GLY D 180 -23.27 -44.00 24.02
C GLY D 180 -22.36 -44.57 22.95
N MET D 181 -22.92 -45.35 22.03
CA MET D 181 -22.09 -45.92 20.97
C MET D 181 -21.54 -44.83 20.06
N LEU D 182 -22.33 -43.79 19.77
CA LEU D 182 -21.82 -42.68 18.97
C LEU D 182 -20.71 -41.93 19.71
N LEU D 183 -20.85 -41.79 21.03
CA LEU D 183 -19.79 -41.21 21.85
C LEU D 183 -18.50 -42.02 21.73
N LEU D 184 -18.62 -43.34 21.82
CA LEU D 184 -17.44 -44.19 21.67
C LEU D 184 -16.82 -44.03 20.29
N VAL D 185 -17.65 -43.85 19.27
CA VAL D 185 -17.14 -43.61 17.93
C VAL D 185 -16.33 -42.32 17.89
N GLU D 186 -16.85 -41.26 18.51
CA GLU D 186 -16.11 -40.00 18.56
C GLU D 186 -14.80 -40.15 19.31
N VAL D 187 -14.82 -40.91 20.41
CA VAL D 187 -13.59 -41.14 21.16
C VAL D 187 -12.59 -41.90 20.30
N ASN D 188 -13.07 -42.87 19.51
CA ASN D 188 -12.19 -43.56 18.59
C ASN D 188 -11.58 -42.58 17.59
N VAL D 189 -12.38 -41.65 17.08
CA VAL D 189 -11.91 -40.71 16.08
C VAL D 189 -10.82 -39.80 16.65
N ILE D 190 -11.00 -39.32 17.89
CA ILE D 190 -9.93 -38.51 18.47
C ILE D 190 -8.72 -39.38 18.78
N ARG D 191 -8.93 -40.64 19.15
CA ARG D 191 -7.82 -41.55 19.40
C ARG D 191 -7.01 -41.80 18.14
N VAL D 192 -7.64 -41.70 16.98
CA VAL D 192 -6.98 -42.05 15.73
C VAL D 192 -5.97 -40.99 15.32
N ARG D 193 -6.45 -39.77 15.03
CA ARG D 193 -5.60 -38.81 14.33
C ARG D 193 -5.27 -37.56 15.14
N ARG D 194 -6.17 -36.59 15.28
CA ARG D 194 -5.76 -35.43 16.07
C ARG D 194 -6.80 -34.56 16.79
N TYR D 195 -7.62 -35.13 17.67
CA TYR D 195 -8.59 -34.29 18.39
C TYR D 195 -7.85 -33.32 19.31
N ILE D 196 -6.89 -33.87 20.08
CA ILE D 196 -6.06 -33.11 21.00
C ILE D 196 -4.70 -33.78 21.08
N PHE D 197 -4.74 -35.09 20.85
CA PHE D 197 -3.59 -36.00 20.91
C PHE D 197 -2.32 -35.23 20.54
N PHE D 198 -1.17 -35.86 20.75
CA PHE D 198 0.11 -35.18 20.53
C PHE D 198 0.27 -34.55 19.14
N LYS D 199 0.84 -33.35 19.18
CA LYS D 199 1.09 -32.46 18.04
C LYS D 199 0.50 -32.77 16.66
N THR D 200 1.19 -33.58 15.87
CA THR D 200 0.73 -33.85 14.51
C THR D 200 -0.11 -35.10 14.30
N PRO D 201 -1.23 -34.93 13.59
CA PRO D 201 -2.12 -36.04 13.27
C PRO D 201 -1.44 -37.26 12.67
N ARG D 202 -0.43 -37.06 11.82
CA ARG D 202 0.04 -38.14 10.98
C ARG D 202 -1.16 -38.53 10.13
N GLU D 203 -1.85 -37.51 9.65
CA GLU D 203 -3.10 -37.66 8.90
C GLU D 203 -2.87 -38.40 7.60
N VAL D 204 -3.91 -39.09 7.14
CA VAL D 204 -3.80 -40.10 6.11
C VAL D 204 -3.28 -39.61 4.75
N LYS D 205 -3.70 -38.44 4.29
CA LYS D 205 -3.29 -38.05 2.94
C LYS D 205 -4.31 -38.57 1.94
N PRO D 206 -5.44 -37.85 1.80
CA PRO D 206 -6.69 -38.42 1.26
C PRO D 206 -6.48 -39.41 0.13
N PRO D 207 -7.28 -40.47 0.09
CA PRO D 207 -7.00 -41.63 -0.78
C PRO D 207 -6.92 -41.24 -2.25
N GLU D 208 -5.78 -41.54 -2.88
CA GLU D 208 -5.60 -41.26 -4.29
C GLU D 208 -6.20 -42.33 -5.19
N ASP D 209 -6.56 -43.49 -4.64
CA ASP D 209 -7.14 -44.54 -5.46
C ASP D 209 -8.39 -44.05 -6.18
N LEU D 210 -9.33 -43.48 -5.44
CA LEU D 210 -10.60 -43.03 -6.00
C LEU D 210 -10.70 -41.52 -6.16
N GLN D 211 -9.66 -40.78 -5.75
CA GLN D 211 -9.71 -39.33 -5.82
C GLN D 211 -8.63 -38.70 -6.69
N ASP D 212 -7.53 -39.40 -6.95
CA ASP D 212 -6.55 -38.80 -7.86
C ASP D 212 -7.14 -38.72 -9.28
N LEU D 213 -6.22 -38.63 -10.25
CA LEU D 213 -6.42 -38.02 -11.55
C LEU D 213 -7.59 -38.59 -12.35
N GLY D 214 -8.39 -37.72 -12.99
CA GLY D 214 -9.75 -37.97 -13.49
C GLY D 214 -10.31 -39.39 -13.47
N VAL D 215 -11.29 -39.61 -12.59
CA VAL D 215 -12.13 -40.80 -12.51
C VAL D 215 -13.57 -40.35 -12.32
N ARG D 216 -14.51 -41.09 -12.92
CA ARG D 216 -15.92 -40.71 -12.92
C ARG D 216 -16.84 -41.67 -12.17
N PHE D 217 -16.60 -42.90 -12.09
CA PHE D 217 -17.35 -43.90 -11.33
C PHE D 217 -16.74 -44.01 -9.94
N LEU D 218 -17.23 -43.18 -9.03
CA LEU D 218 -16.82 -43.19 -7.62
C LEU D 218 -17.93 -43.85 -6.82
N GLN D 219 -17.95 -45.17 -6.82
CA GLN D 219 -18.87 -45.85 -5.92
C GLN D 219 -18.28 -46.06 -4.53
N PRO D 220 -17.05 -46.58 -4.40
CA PRO D 220 -16.52 -46.87 -3.06
C PRO D 220 -16.16 -45.62 -2.25
N PHE D 221 -16.23 -44.42 -2.85
CA PHE D 221 -15.70 -43.23 -2.19
C PHE D 221 -16.76 -42.16 -1.97
N VAL D 222 -17.93 -42.52 -1.44
CA VAL D 222 -19.00 -41.56 -1.20
C VAL D 222 -19.65 -41.85 0.15
N ASN D 223 -20.57 -40.97 0.55
CA ASN D 223 -21.25 -41.07 1.84
C ASN D 223 -22.16 -42.29 1.88
N LEU D 224 -22.12 -43.03 2.98
CA LEU D 224 -22.78 -44.33 3.06
C LEU D 224 -24.29 -44.22 2.83
N LEU D 225 -24.85 -43.02 2.87
CA LEU D 225 -26.22 -42.84 2.42
C LEU D 225 -26.31 -42.89 0.91
N SER D 226 -25.38 -42.20 0.22
CA SER D 226 -25.40 -42.22 -1.24
C SER D 226 -24.95 -43.58 -1.77
N LYS D 227 -24.09 -44.31 -1.04
CA LYS D 227 -23.79 -45.69 -1.41
C LYS D 227 -25.06 -46.53 -1.51
N GLY D 228 -26.15 -46.10 -0.86
CA GLY D 228 -27.42 -46.77 -0.95
C GLY D 228 -28.36 -46.15 -1.96
N THR D 229 -28.47 -44.82 -1.96
CA THR D 229 -29.45 -44.14 -2.80
C THR D 229 -28.86 -43.59 -4.10
N TYR D 230 -27.58 -43.84 -4.37
CA TYR D 230 -26.96 -43.51 -5.65
C TYR D 230 -27.10 -42.03 -5.99
N TRP D 231 -26.94 -41.18 -4.99
CA TRP D 231 -27.12 -39.74 -5.21
C TRP D 231 -26.03 -39.16 -6.10
N TRP D 232 -24.85 -39.76 -6.11
CA TRP D 232 -23.75 -39.27 -6.93
C TRP D 232 -24.03 -39.35 -8.42
N MET D 233 -25.06 -40.09 -8.82
CA MET D 233 -25.42 -40.20 -10.23
C MET D 233 -26.24 -39.02 -10.74
N ASN D 234 -26.70 -38.13 -9.85
CA ASN D 234 -27.47 -36.99 -10.30
C ASN D 234 -26.64 -36.12 -11.24
N ALA D 235 -25.40 -35.83 -10.86
CA ALA D 235 -24.55 -34.99 -11.70
C ALA D 235 -24.29 -35.66 -13.04
N PHE D 236 -23.90 -36.94 -13.01
CA PHE D 236 -23.61 -37.65 -14.25
C PHE D 236 -24.82 -37.62 -15.18
N ILE D 237 -26.00 -37.96 -14.66
CA ILE D 237 -27.16 -38.08 -15.54
C ILE D 237 -27.59 -36.70 -16.06
N LYS D 238 -27.45 -35.65 -15.23
CA LYS D 238 -27.81 -34.32 -15.71
C LYS D 238 -26.85 -33.86 -16.81
N THR D 239 -25.54 -34.07 -16.62
CA THR D 239 -24.61 -33.73 -17.68
C THR D 239 -24.85 -34.58 -18.93
N ALA D 240 -25.24 -35.84 -18.73
CA ALA D 240 -25.48 -36.74 -19.84
C ALA D 240 -26.67 -36.31 -20.68
N HIS D 241 -27.67 -35.68 -20.05
CA HIS D 241 -28.82 -35.19 -20.82
C HIS D 241 -28.39 -34.26 -21.94
N LYS D 242 -27.41 -33.39 -21.68
CA LYS D 242 -27.01 -32.38 -22.66
C LYS D 242 -25.95 -32.91 -23.62
N LYS D 243 -24.81 -33.35 -23.09
CA LYS D 243 -23.66 -33.74 -23.91
C LYS D 243 -23.63 -35.25 -24.09
N PRO D 244 -23.42 -35.74 -25.31
CA PRO D 244 -23.44 -37.20 -25.53
C PRO D 244 -22.25 -37.88 -24.84
N ILE D 245 -22.55 -38.95 -24.11
CA ILE D 245 -21.53 -39.66 -23.36
C ILE D 245 -20.60 -40.40 -24.29
N ASP D 246 -19.34 -40.53 -23.88
CA ASP D 246 -18.37 -41.34 -24.61
C ASP D 246 -17.29 -41.77 -23.63
N LEU D 247 -16.33 -42.53 -24.14
CA LEU D 247 -15.24 -43.04 -23.29
C LEU D 247 -14.36 -41.91 -22.78
N ARG D 248 -14.29 -40.80 -23.50
CA ARG D 248 -13.59 -39.62 -22.98
C ARG D 248 -14.41 -38.92 -21.91
N ALA D 249 -15.74 -38.96 -22.03
CA ALA D 249 -16.63 -38.40 -21.02
C ALA D 249 -16.90 -39.37 -19.89
N ILE D 250 -16.47 -40.62 -20.02
CA ILE D 250 -16.66 -41.63 -18.99
C ILE D 250 -15.41 -41.67 -18.13
N GLY D 251 -15.54 -42.27 -16.94
CA GLY D 251 -14.44 -42.37 -16.01
C GLY D 251 -13.50 -43.51 -16.34
N LYS D 252 -12.69 -43.87 -15.35
CA LYS D 252 -11.83 -45.03 -15.42
C LYS D 252 -12.00 -45.83 -14.13
N LEU D 253 -11.92 -47.15 -14.24
CA LEU D 253 -12.31 -47.99 -13.11
C LEU D 253 -11.35 -47.79 -11.94
N PRO D 254 -11.87 -47.80 -10.70
CA PRO D 254 -11.00 -47.65 -9.53
C PRO D 254 -10.04 -48.83 -9.40
N ILE D 255 -9.03 -48.62 -8.56
CA ILE D 255 -8.07 -49.68 -8.26
C ILE D 255 -8.76 -50.84 -7.55
N ALA D 256 -9.94 -50.62 -6.98
CA ALA D 256 -10.66 -51.68 -6.29
C ALA D 256 -11.22 -52.73 -7.24
N MET D 257 -11.31 -52.43 -8.53
CA MET D 257 -11.91 -53.36 -9.48
C MET D 257 -11.29 -53.12 -10.85
N ARG D 258 -10.33 -53.97 -11.21
CA ARG D 258 -9.69 -53.93 -12.52
C ARG D 258 -9.56 -55.36 -13.00
N ALA D 259 -8.86 -55.52 -14.12
CA ALA D 259 -8.40 -56.85 -14.50
C ALA D 259 -7.32 -57.34 -13.55
N LEU D 260 -6.38 -56.46 -13.20
CA LEU D 260 -5.25 -56.86 -12.37
C LEU D 260 -5.68 -57.22 -10.96
N THR D 261 -6.57 -56.44 -10.34
CA THR D 261 -6.96 -56.70 -8.96
C THR D 261 -7.69 -58.04 -8.83
N ASN D 262 -8.73 -58.23 -9.64
CA ASN D 262 -9.49 -59.48 -9.58
C ASN D 262 -8.64 -60.66 -10.01
N TYR D 263 -7.80 -60.48 -11.03
CA TYR D 263 -6.89 -61.55 -11.41
C TYR D 263 -5.94 -61.90 -10.28
N GLN D 264 -5.48 -60.89 -9.54
CA GLN D 264 -4.57 -61.13 -8.44
C GLN D 264 -5.24 -61.93 -7.34
N ARG D 265 -6.43 -61.52 -6.92
CA ARG D 265 -7.14 -62.24 -5.88
C ARG D 265 -7.46 -63.67 -6.32
N LEU D 266 -7.92 -63.84 -7.56
CA LEU D 266 -8.27 -65.17 -8.04
C LEU D 266 -7.04 -66.06 -8.14
N CYS D 267 -5.91 -65.53 -8.62
CA CYS D 267 -4.72 -66.36 -8.73
C CYS D 267 -4.14 -66.68 -7.37
N VAL D 268 -4.28 -65.77 -6.39
CA VAL D 268 -3.85 -66.07 -5.04
C VAL D 268 -4.66 -67.22 -4.46
N ALA D 269 -5.98 -67.18 -4.64
CA ALA D 269 -6.81 -68.28 -4.15
C ALA D 269 -6.51 -69.58 -4.87
N PHE D 270 -6.36 -69.52 -6.20
CA PHE D 270 -6.01 -70.71 -6.97
C PHE D 270 -4.67 -71.28 -6.54
N ASP D 271 -3.72 -70.41 -6.21
CA ASP D 271 -2.40 -70.85 -5.75
C ASP D 271 -2.50 -71.52 -4.40
N ALA D 272 -3.20 -70.89 -3.45
CA ALA D 272 -3.34 -71.46 -2.12
C ALA D 272 -4.11 -72.77 -2.14
N GLN D 273 -4.98 -72.97 -3.15
CA GLN D 273 -5.71 -74.23 -3.26
C GLN D 273 -4.95 -75.30 -4.01
N ALA D 274 -4.14 -74.92 -5.01
CA ALA D 274 -3.38 -75.90 -5.79
C ALA D 274 -2.09 -76.32 -5.11
N ARG D 275 -1.55 -75.50 -4.21
CA ARG D 275 -0.39 -75.91 -3.44
C ARG D 275 -0.73 -77.03 -2.46
N LYS D 276 -2.02 -77.24 -2.16
CA LYS D 276 -2.46 -78.29 -1.26
C LYS D 276 -2.93 -79.53 -2.01
N ASP D 277 -2.71 -79.60 -3.32
CA ASP D 277 -3.08 -80.77 -4.11
C ASP D 277 -2.22 -81.98 -3.74
N GLY D 283 -8.75 -79.16 -11.48
CA GLY D 283 -9.97 -79.79 -11.01
C GLY D 283 -11.15 -78.86 -10.96
N ALA D 284 -12.36 -79.42 -11.09
CA ALA D 284 -13.57 -78.59 -11.11
C ALA D 284 -13.90 -78.08 -9.71
N ARG D 285 -13.99 -78.98 -8.74
CA ARG D 285 -14.27 -78.57 -7.37
C ARG D 285 -13.20 -77.62 -6.85
N ALA D 286 -11.95 -77.82 -7.26
CA ALA D 286 -10.86 -76.94 -6.81
C ALA D 286 -11.06 -75.51 -7.31
N ILE D 287 -11.30 -75.36 -8.62
CA ILE D 287 -11.53 -74.03 -9.18
C ILE D 287 -12.77 -73.40 -8.56
N TRP D 288 -13.80 -74.22 -8.30
CA TRP D 288 -15.01 -73.69 -7.67
C TRP D 288 -14.70 -73.10 -6.30
N ARG D 289 -14.13 -73.92 -5.41
CA ARG D 289 -13.77 -73.43 -4.07
C ARG D 289 -12.80 -72.25 -4.14
N ALA D 290 -11.94 -72.23 -5.14
CA ALA D 290 -11.03 -71.10 -5.31
C ALA D 290 -11.81 -69.81 -5.57
N LEU D 291 -12.74 -69.84 -6.53
CA LEU D 291 -13.61 -68.69 -6.78
C LEU D 291 -14.37 -68.30 -5.52
N CYS D 292 -14.88 -69.29 -4.80
CA CYS D 292 -15.67 -69.03 -3.60
C CYS D 292 -14.85 -68.27 -2.56
N HIS D 293 -13.69 -68.82 -2.20
CA HIS D 293 -12.83 -68.18 -1.21
C HIS D 293 -12.24 -66.87 -1.72
N ALA D 294 -12.18 -66.69 -3.03
CA ALA D 294 -11.61 -65.47 -3.58
C ALA D 294 -12.61 -64.32 -3.55
N PHE D 295 -13.89 -64.60 -3.78
CA PHE D 295 -14.89 -63.53 -3.82
C PHE D 295 -15.67 -63.38 -2.53
N GLY D 296 -15.60 -64.35 -1.62
CA GLY D 296 -15.81 -64.14 -0.20
C GLY D 296 -16.90 -63.19 0.26
N ARG D 297 -16.46 -62.14 0.96
CA ARG D 297 -17.35 -61.40 1.86
C ARG D 297 -18.44 -60.66 1.10
N ARG D 298 -18.14 -60.16 -0.09
CA ARG D 298 -19.10 -59.33 -0.83
C ARG D 298 -20.37 -60.11 -1.13
N LEU D 299 -20.23 -61.36 -1.57
CA LEU D 299 -21.39 -62.14 -1.97
C LEU D 299 -22.30 -62.42 -0.78
N ILE D 300 -21.73 -62.82 0.36
CA ILE D 300 -22.55 -63.11 1.53
C ILE D 300 -23.16 -61.83 2.09
N LEU D 301 -22.45 -60.71 1.98
CA LEU D 301 -23.01 -59.42 2.39
C LEU D 301 -24.26 -59.09 1.56
N SER D 302 -24.16 -59.25 0.25
CA SER D 302 -25.31 -59.05 -0.61
C SER D 302 -26.45 -59.99 -0.21
N SER D 303 -26.12 -61.26 0.05
CA SER D 303 -27.15 -62.23 0.39
C SER D 303 -27.88 -61.87 1.68
N THR D 304 -27.15 -61.35 2.67
CA THR D 304 -27.82 -61.04 3.93
C THR D 304 -28.63 -59.75 3.84
N PHE D 305 -28.12 -58.74 3.10
CA PHE D 305 -28.97 -57.62 2.71
C PHE D 305 -30.28 -58.14 2.14
N ARG D 306 -30.18 -59.10 1.23
CA ARG D 306 -31.33 -59.61 0.51
C ARG D 306 -32.33 -60.30 1.45
N ILE D 307 -31.83 -61.12 2.38
CA ILE D 307 -32.74 -61.84 3.26
C ILE D 307 -33.43 -60.87 4.22
N LEU D 308 -32.71 -59.85 4.71
CA LEU D 308 -33.37 -58.89 5.59
C LEU D 308 -34.46 -58.12 4.84
N ALA D 309 -34.18 -57.75 3.59
CA ALA D 309 -35.20 -57.10 2.77
C ALA D 309 -36.41 -58.01 2.58
N ASP D 310 -36.17 -59.30 2.34
CA ASP D 310 -37.27 -60.24 2.17
C ASP D 310 -38.13 -60.32 3.43
N LEU D 311 -37.49 -60.32 4.60
CA LEU D 311 -38.23 -60.34 5.85
C LEU D 311 -39.14 -59.12 5.97
N LEU D 312 -38.59 -57.93 5.76
CA LEU D 312 -39.41 -56.73 5.89
C LEU D 312 -40.54 -56.69 4.86
N GLY D 313 -40.29 -57.24 3.66
CA GLY D 313 -41.33 -57.30 2.65
C GLY D 313 -42.47 -58.23 3.05
N PHE D 314 -42.13 -59.38 3.64
CA PHE D 314 -43.17 -60.21 4.23
C PHE D 314 -43.85 -59.53 5.40
N ALA D 315 -43.18 -58.56 6.04
CA ALA D 315 -43.76 -57.89 7.20
C ALA D 315 -44.79 -56.83 6.82
N GLY D 316 -44.61 -56.13 5.71
CA GLY D 316 -45.53 -55.06 5.33
C GLY D 316 -47.03 -55.36 5.40
N PRO D 317 -47.47 -56.40 4.69
CA PRO D 317 -48.90 -56.73 4.69
C PRO D 317 -49.49 -56.99 6.06
N LEU D 318 -48.69 -57.43 7.04
CA LEU D 318 -49.25 -57.68 8.37
C LEU D 318 -49.65 -56.38 9.06
N CYS D 319 -48.85 -55.32 8.89
CA CYS D 319 -49.25 -54.04 9.45
C CYS D 319 -50.42 -53.45 8.67
N ILE D 320 -50.49 -53.74 7.37
CA ILE D 320 -51.73 -53.43 6.64
C ILE D 320 -52.92 -54.08 7.33
N PHE D 321 -52.81 -55.38 7.61
CA PHE D 321 -53.86 -56.14 8.28
C PHE D 321 -54.24 -55.51 9.61
N GLY D 322 -53.23 -55.13 10.40
CA GLY D 322 -53.49 -54.51 11.69
C GLY D 322 -54.26 -53.20 11.56
N ILE D 323 -53.86 -52.36 10.59
CA ILE D 323 -54.61 -51.11 10.36
C ILE D 323 -56.05 -51.42 10.02
N VAL D 324 -56.26 -52.36 9.08
CA VAL D 324 -57.62 -52.67 8.67
C VAL D 324 -58.46 -53.16 9.84
N ASP D 325 -57.84 -53.93 10.74
CA ASP D 325 -58.56 -54.39 11.93
C ASP D 325 -58.93 -53.22 12.83
N HIS D 326 -57.96 -52.33 13.09
CA HIS D 326 -58.18 -51.28 14.08
C HIS D 326 -59.34 -50.36 13.70
N LEU D 327 -59.44 -50.01 12.43
CA LEU D 327 -60.48 -49.06 12.01
C LEU D 327 -61.86 -49.70 12.03
N GLY D 328 -61.96 -50.99 11.72
CA GLY D 328 -63.24 -51.67 11.75
C GLY D 328 -63.83 -51.80 13.13
N LYS D 329 -63.00 -51.75 14.16
CA LYS D 329 -63.46 -51.94 15.53
C LYS D 329 -63.20 -50.69 16.37
N ASN D 354 -54.09 -46.01 17.15
CA ASN D 354 -53.05 -47.02 17.04
C ASN D 354 -52.81 -47.35 15.57
N ALA D 355 -53.31 -46.49 14.68
CA ALA D 355 -53.22 -46.75 13.25
C ALA D 355 -52.30 -45.79 12.50
N TYR D 356 -52.24 -44.51 12.91
CA TYR D 356 -51.28 -43.60 12.31
C TYR D 356 -49.85 -44.11 12.50
N VAL D 357 -49.57 -44.66 13.69
CA VAL D 357 -48.27 -45.23 13.97
C VAL D 357 -47.97 -46.37 12.99
N LEU D 358 -48.95 -47.23 12.76
CA LEU D 358 -48.77 -48.33 11.81
C LEU D 358 -48.57 -47.81 10.40
N ALA D 359 -49.21 -46.69 10.04
CA ALA D 359 -49.04 -46.14 8.71
C ALA D 359 -47.62 -45.62 8.51
N VAL D 360 -47.11 -44.83 9.46
CA VAL D 360 -45.75 -44.32 9.31
C VAL D 360 -44.74 -45.45 9.39
N LEU D 361 -45.01 -46.48 10.20
CA LEU D 361 -44.14 -47.64 10.24
C LEU D 361 -44.13 -48.36 8.90
N LEU D 362 -45.29 -48.45 8.26
CA LEU D 362 -45.37 -49.05 6.93
C LEU D 362 -44.53 -48.26 5.93
N PHE D 363 -44.64 -46.93 5.98
CA PHE D 363 -43.81 -46.08 5.11
C PHE D 363 -42.33 -46.38 5.32
N LEU D 364 -41.88 -46.34 6.57
CA LEU D 364 -40.47 -46.58 6.88
C LEU D 364 -40.02 -47.96 6.42
N ALA D 365 -40.84 -48.99 6.70
CA ALA D 365 -40.46 -50.35 6.37
C ALA D 365 -40.40 -50.54 4.86
N LEU D 366 -41.33 -49.94 4.11
CA LEU D 366 -41.27 -50.02 2.66
C LEU D 366 -39.97 -49.42 2.14
N LEU D 367 -39.67 -48.18 2.55
CA LEU D 367 -38.48 -47.53 2.02
C LEU D 367 -37.22 -48.31 2.38
N LEU D 368 -37.13 -48.80 3.62
CA LEU D 368 -35.93 -49.51 4.06
C LEU D 368 -35.78 -50.85 3.34
N GLN D 369 -36.87 -51.61 3.24
CA GLN D 369 -36.84 -52.89 2.56
C GLN D 369 -36.38 -52.73 1.11
N ARG D 370 -36.96 -51.77 0.40
CA ARG D 370 -36.60 -51.61 -1.01
C ARG D 370 -35.18 -51.11 -1.16
N THR D 371 -34.73 -50.22 -0.26
CA THR D 371 -33.35 -49.76 -0.32
C THR D 371 -32.37 -50.92 -0.13
N PHE D 372 -32.65 -51.79 0.85
CA PHE D 372 -31.78 -52.94 1.09
C PHE D 372 -31.80 -53.90 -0.09
N LEU D 373 -32.97 -54.12 -0.68
CA LEU D 373 -33.08 -54.95 -1.88
C LEU D 373 -32.17 -54.43 -2.99
N GLN D 374 -32.21 -53.11 -3.21
CA GLN D 374 -31.44 -52.53 -4.31
C GLN D 374 -29.94 -52.59 -4.04
N ALA D 375 -29.53 -52.28 -2.81
CA ALA D 375 -28.12 -52.42 -2.46
C ALA D 375 -27.66 -53.86 -2.66
N SER D 376 -28.52 -54.83 -2.33
CA SER D 376 -28.19 -56.23 -2.55
C SER D 376 -27.95 -56.52 -4.02
N TYR D 377 -28.91 -56.10 -4.87
CA TYR D 377 -28.74 -56.28 -6.31
C TYR D 377 -27.39 -55.73 -6.77
N TYR D 378 -27.08 -54.49 -6.38
CA TYR D 378 -25.88 -53.85 -6.90
C TYR D 378 -24.62 -54.57 -6.45
N VAL D 379 -24.55 -54.94 -5.16
CA VAL D 379 -23.35 -55.60 -4.68
C VAL D 379 -23.15 -56.93 -5.39
N ALA D 380 -24.24 -57.67 -5.62
CA ALA D 380 -24.13 -58.92 -6.37
C ALA D 380 -23.65 -58.68 -7.80
N ILE D 381 -24.20 -57.66 -8.47
CA ILE D 381 -23.81 -57.38 -9.84
C ILE D 381 -22.33 -57.03 -9.91
N GLU D 382 -21.85 -56.27 -8.94
CA GLU D 382 -20.45 -55.86 -8.97
C GLU D 382 -19.52 -57.03 -8.72
N THR D 383 -19.89 -57.92 -7.78
CA THR D 383 -19.11 -59.14 -7.60
C THR D 383 -19.07 -59.96 -8.88
N GLY D 384 -20.21 -60.04 -9.58
CA GLY D 384 -20.23 -60.78 -10.83
C GLY D 384 -19.34 -60.16 -11.90
N ILE D 385 -19.35 -58.82 -12.00
CA ILE D 385 -18.50 -58.17 -13.00
C ILE D 385 -17.02 -58.39 -12.68
N ASN D 386 -16.67 -58.29 -11.40
CA ASN D 386 -15.32 -58.64 -10.98
C ASN D 386 -14.97 -60.05 -11.44
N LEU D 387 -15.85 -61.02 -11.18
CA LEU D 387 -15.57 -62.41 -11.53
C LEU D 387 -15.39 -62.57 -13.03
N ARG D 388 -16.22 -61.89 -13.83
CA ARG D 388 -16.09 -62.00 -15.27
C ARG D 388 -14.73 -61.49 -15.74
N GLY D 389 -14.36 -60.28 -15.30
CA GLY D 389 -13.06 -59.75 -15.66
C GLY D 389 -11.93 -60.68 -15.25
N ALA D 390 -12.02 -61.23 -14.04
CA ALA D 390 -10.96 -62.08 -13.51
C ALA D 390 -10.80 -63.34 -14.35
N ILE D 391 -11.88 -64.11 -14.52
CA ILE D 391 -11.74 -65.37 -15.24
C ILE D 391 -11.45 -65.13 -16.72
N GLN D 392 -11.87 -63.98 -17.26
CA GLN D 392 -11.53 -63.68 -18.65
C GLN D 392 -10.04 -63.45 -18.82
N THR D 393 -9.44 -62.58 -17.99
CA THR D 393 -8.00 -62.39 -18.12
C THR D 393 -7.24 -63.65 -17.74
N LYS D 394 -7.81 -64.51 -16.88
CA LYS D 394 -7.14 -65.75 -16.54
C LYS D 394 -7.09 -66.70 -17.72
N ILE D 395 -8.23 -66.92 -18.38
CA ILE D 395 -8.24 -67.80 -19.54
C ILE D 395 -7.49 -67.18 -20.71
N TYR D 396 -7.30 -65.87 -20.71
CA TYR D 396 -6.40 -65.30 -21.71
C TYR D 396 -4.94 -65.56 -21.37
N ASN D 397 -4.60 -65.52 -20.07
CA ASN D 397 -3.25 -65.88 -19.64
C ASN D 397 -2.95 -67.33 -19.99
N LYS D 398 -3.95 -68.20 -19.89
CA LYS D 398 -3.79 -69.60 -20.28
C LYS D 398 -3.63 -69.75 -21.78
N ILE D 399 -4.20 -68.83 -22.56
CA ILE D 399 -4.11 -68.89 -24.02
C ILE D 399 -2.68 -68.72 -24.50
N MET D 400 -1.80 -68.20 -23.65
CA MET D 400 -0.42 -67.96 -24.05
C MET D 400 0.44 -69.22 -23.96
N HIS D 401 0.14 -70.10 -23.00
CA HIS D 401 0.99 -71.25 -22.74
C HIS D 401 0.51 -72.54 -23.39
N LEU D 402 -0.61 -72.49 -24.12
CA LEU D 402 -1.15 -73.71 -24.69
C LEU D 402 -0.34 -74.15 -25.90
N SER D 403 -0.51 -75.42 -26.27
CA SER D 403 0.25 -76.03 -27.35
C SER D 403 -0.52 -75.93 -28.66
N THR D 404 0.22 -76.04 -29.76
CA THR D 404 -0.36 -75.84 -31.08
C THR D 404 -1.20 -77.03 -31.56
N SER D 405 -0.95 -78.23 -31.02
CA SER D 405 -1.71 -79.40 -31.46
C SER D 405 -3.17 -79.35 -31.03
N ASN D 406 -3.50 -78.59 -30.00
CA ASN D 406 -4.86 -78.52 -29.50
C ASN D 406 -5.63 -77.37 -30.14
N GLU D 411 -9.00 -74.71 -35.27
CA GLU D 411 -10.25 -74.38 -35.94
C GLU D 411 -11.44 -74.60 -35.01
N MET D 412 -11.68 -75.87 -34.65
CA MET D 412 -12.76 -76.18 -33.73
C MET D 412 -12.43 -75.71 -32.33
N THR D 413 -11.17 -75.85 -31.91
CA THR D 413 -10.76 -75.36 -30.60
C THR D 413 -10.84 -73.85 -30.51
N ALA D 414 -10.61 -73.14 -31.62
CA ALA D 414 -10.72 -71.68 -31.61
C ALA D 414 -12.17 -71.25 -31.44
N GLY D 415 -13.09 -71.87 -32.18
CA GLY D 415 -14.50 -71.59 -31.99
C GLY D 415 -14.98 -71.94 -30.59
N GLN D 416 -14.49 -73.07 -30.05
CA GLN D 416 -14.84 -73.43 -28.68
C GLN D 416 -14.28 -72.44 -27.67
N ILE D 417 -13.09 -71.88 -27.95
CA ILE D 417 -12.51 -70.87 -27.06
C ILE D 417 -13.35 -69.61 -27.08
N CYS D 418 -13.72 -69.14 -28.27
CA CYS D 418 -14.48 -67.90 -28.36
C CYS D 418 -15.93 -68.05 -27.92
N ASN D 419 -16.48 -69.27 -27.97
CA ASN D 419 -17.74 -69.51 -27.27
C ASN D 419 -17.52 -69.60 -25.77
N LEU D 420 -16.35 -70.07 -25.34
CA LEU D 420 -16.03 -70.11 -23.93
C LEU D 420 -15.92 -68.71 -23.33
N VAL D 421 -15.82 -67.69 -24.16
CA VAL D 421 -15.80 -66.31 -23.70
C VAL D 421 -17.11 -65.60 -23.97
N ALA D 422 -17.86 -65.99 -25.00
CA ALA D 422 -19.06 -65.28 -25.41
C ALA D 422 -20.33 -65.79 -24.73
N ILE D 423 -20.41 -67.10 -24.44
CA ILE D 423 -21.60 -67.66 -23.80
C ILE D 423 -21.28 -68.29 -22.45
N ASP D 424 -20.16 -68.98 -22.32
CA ASP D 424 -19.84 -69.64 -21.05
C ASP D 424 -19.56 -68.63 -19.95
N THR D 425 -18.76 -67.60 -20.25
CA THR D 425 -18.44 -66.58 -19.26
C THR D 425 -19.67 -65.76 -18.89
N ASN D 426 -20.50 -65.45 -19.87
CA ASN D 426 -21.75 -64.73 -19.56
C ASN D 426 -22.67 -65.59 -18.70
N GLN D 427 -22.71 -66.90 -18.95
CA GLN D 427 -23.48 -67.78 -18.09
C GLN D 427 -22.95 -67.76 -16.67
N LEU D 428 -21.63 -67.89 -16.52
CA LEU D 428 -21.02 -67.83 -15.20
C LEU D 428 -21.40 -66.54 -14.49
N MET D 429 -21.26 -65.40 -15.18
CA MET D 429 -21.48 -64.11 -14.52
C MET D 429 -22.95 -63.90 -14.18
N TRP D 430 -23.87 -64.32 -15.05
CA TRP D 430 -25.28 -64.16 -14.72
C TRP D 430 -25.72 -65.12 -13.62
N PHE D 431 -25.10 -66.30 -13.55
CA PHE D 431 -25.32 -67.17 -12.41
C PHE D 431 -24.82 -66.53 -11.13
N PHE D 432 -23.70 -65.80 -11.21
CA PHE D 432 -23.24 -65.10 -10.01
C PHE D 432 -24.14 -63.93 -9.66
N PHE D 433 -24.78 -63.32 -10.66
CA PHE D 433 -25.87 -62.38 -10.38
C PHE D 433 -26.95 -63.06 -9.53
N LEU D 434 -27.43 -64.21 -9.99
CA LEU D 434 -28.57 -64.87 -9.37
C LEU D 434 -28.22 -65.71 -8.14
N CYS D 435 -26.94 -65.82 -7.78
CA CYS D 435 -26.55 -66.60 -6.60
C CYS D 435 -27.29 -66.21 -5.33
N PRO D 436 -27.32 -64.94 -4.89
CA PRO D 436 -28.02 -64.63 -3.63
C PRO D 436 -29.51 -64.87 -3.68
N ASN D 437 -30.12 -64.75 -4.87
CA ASN D 437 -31.53 -65.07 -5.00
C ASN D 437 -31.81 -66.54 -4.67
N LEU D 438 -30.87 -67.43 -5.00
CA LEU D 438 -31.05 -68.85 -4.71
C LEU D 438 -31.04 -69.12 -3.21
N TRP D 439 -30.32 -68.31 -2.44
CA TRP D 439 -30.34 -68.45 -0.99
C TRP D 439 -31.57 -67.78 -0.38
N ALA D 440 -32.02 -66.68 -0.96
CA ALA D 440 -33.11 -65.91 -0.37
C ALA D 440 -34.50 -66.39 -0.78
N MET D 441 -34.62 -67.21 -1.82
CA MET D 441 -35.94 -67.68 -2.24
C MET D 441 -36.58 -68.63 -1.22
N PRO D 442 -35.89 -69.67 -0.72
CA PRO D 442 -36.57 -70.60 0.20
C PRO D 442 -37.11 -69.94 1.46
N VAL D 443 -36.33 -69.06 2.08
CA VAL D 443 -36.82 -68.37 3.28
C VAL D 443 -38.03 -67.52 2.94
N GLN D 444 -38.06 -66.95 1.73
CA GLN D 444 -39.21 -66.14 1.33
C GLN D 444 -40.47 -66.98 1.23
N ILE D 445 -40.40 -68.12 0.53
CA ILE D 445 -41.61 -68.94 0.39
C ILE D 445 -42.03 -69.54 1.73
N ILE D 446 -41.06 -69.87 2.59
CA ILE D 446 -41.38 -70.44 3.90
C ILE D 446 -42.10 -69.42 4.77
N VAL D 447 -41.54 -68.21 4.89
CA VAL D 447 -42.20 -67.15 5.66
C VAL D 447 -43.57 -66.84 5.08
N GLY D 448 -43.68 -66.83 3.75
CA GLY D 448 -44.98 -66.57 3.13
C GLY D 448 -46.02 -67.60 3.52
N VAL D 449 -45.68 -68.89 3.43
CA VAL D 449 -46.67 -69.92 3.72
C VAL D 449 -47.03 -69.92 5.20
N ILE D 450 -46.05 -69.76 6.09
CA ILE D 450 -46.37 -69.78 7.52
C ILE D 450 -47.19 -68.56 7.90
N LEU D 451 -46.93 -67.41 7.26
CA LEU D 451 -47.71 -66.22 7.59
C LEU D 451 -49.14 -66.35 7.10
N LEU D 452 -49.33 -66.83 5.87
CA LEU D 452 -50.69 -66.94 5.35
C LEU D 452 -51.47 -68.01 6.09
N TYR D 453 -50.80 -69.05 6.62
CA TYR D 453 -51.52 -70.05 7.40
C TYR D 453 -52.14 -69.44 8.65
N TYR D 454 -51.41 -68.57 9.35
CA TYR D 454 -51.92 -68.00 10.59
C TYR D 454 -52.96 -66.92 10.36
N ILE D 455 -53.19 -66.51 9.12
CA ILE D 455 -54.20 -65.51 8.81
C ILE D 455 -55.48 -66.14 8.28
N LEU D 456 -55.37 -67.22 7.52
CA LEU D 456 -56.54 -67.88 6.94
C LEU D 456 -56.78 -69.28 7.47
N GLY D 457 -55.90 -69.82 8.31
CA GLY D 457 -56.12 -71.14 8.86
C GLY D 457 -55.83 -72.25 7.85
N VAL D 458 -56.49 -73.40 8.07
CA VAL D 458 -56.24 -74.60 7.27
C VAL D 458 -56.45 -74.31 5.78
N SER D 459 -57.52 -73.58 5.46
CA SER D 459 -57.79 -73.23 4.07
C SER D 459 -56.58 -72.59 3.40
N ALA D 460 -55.87 -71.74 4.12
CA ALA D 460 -54.67 -71.09 3.59
C ALA D 460 -53.73 -72.13 2.98
N LEU D 461 -53.48 -73.21 3.71
CA LEU D 461 -52.61 -74.28 3.22
C LEU D 461 -52.98 -74.68 1.80
N ILE D 462 -54.27 -74.94 1.57
CA ILE D 462 -54.71 -75.34 0.23
C ILE D 462 -54.27 -74.31 -0.80
N GLY D 463 -54.60 -73.04 -0.56
CA GLY D 463 -54.14 -71.98 -1.45
C GLY D 463 -52.62 -71.97 -1.58
N ALA D 464 -51.92 -72.13 -0.46
CA ALA D 464 -50.46 -72.12 -0.48
C ALA D 464 -49.90 -73.22 -1.36
N ALA D 465 -50.69 -74.28 -1.62
CA ALA D 465 -50.24 -75.30 -2.56
C ALA D 465 -50.31 -74.79 -3.99
N VAL D 466 -51.47 -74.22 -4.37
CA VAL D 466 -51.73 -73.91 -5.78
C VAL D 466 -50.64 -73.02 -6.35
N ILE D 467 -50.40 -71.88 -5.68
CA ILE D 467 -49.36 -70.96 -6.14
C ILE D 467 -48.02 -71.68 -6.27
N ILE D 468 -47.66 -72.46 -5.26
CA ILE D 468 -46.37 -73.16 -5.31
C ILE D 468 -46.33 -74.10 -6.52
N LEU D 469 -47.47 -74.71 -6.84
CA LEU D 469 -47.53 -75.64 -7.96
C LEU D 469 -47.22 -74.96 -9.29
N LEU D 470 -47.31 -73.63 -9.35
CA LEU D 470 -46.96 -72.95 -10.60
C LEU D 470 -45.46 -72.93 -10.84
N ALA D 471 -44.66 -73.02 -9.76
CA ALA D 471 -43.22 -72.86 -9.93
C ALA D 471 -42.59 -74.02 -10.70
N PRO D 472 -42.84 -75.30 -10.37
CA PRO D 472 -42.28 -76.36 -11.22
C PRO D 472 -42.83 -76.34 -12.64
N VAL D 473 -44.15 -76.18 -12.78
CA VAL D 473 -44.77 -76.14 -14.11
C VAL D 473 -44.08 -75.13 -14.99
N GLN D 474 -43.91 -73.90 -14.48
CA GLN D 474 -43.17 -72.87 -15.20
C GLN D 474 -41.87 -73.42 -15.77
N TYR D 475 -41.05 -74.04 -14.92
CA TYR D 475 -39.80 -74.61 -15.37
C TYR D 475 -40.01 -75.51 -16.58
N PHE D 476 -40.94 -76.46 -16.47
CA PHE D 476 -41.26 -77.33 -17.60
C PHE D 476 -41.52 -76.51 -18.85
N VAL D 477 -42.43 -75.54 -18.75
CA VAL D 477 -42.74 -74.68 -19.89
C VAL D 477 -41.45 -74.11 -20.48
N ALA D 478 -40.61 -73.52 -19.61
CA ALA D 478 -39.36 -72.94 -20.08
C ALA D 478 -38.57 -73.93 -20.91
N THR D 479 -38.41 -75.15 -20.40
CA THR D 479 -37.63 -76.16 -21.13
C THR D 479 -38.17 -76.34 -22.55
N LYS D 480 -39.50 -76.47 -22.67
CA LYS D 480 -40.10 -76.64 -23.99
C LYS D 480 -39.66 -75.50 -24.90
N LEU D 481 -39.80 -74.26 -24.43
CA LEU D 481 -39.32 -73.10 -25.17
C LEU D 481 -37.93 -73.36 -25.74
N SER D 482 -36.98 -73.69 -24.85
CA SER D 482 -35.61 -73.92 -25.28
C SER D 482 -35.56 -74.88 -26.45
N GLN D 483 -36.20 -76.05 -26.29
CA GLN D 483 -36.23 -77.03 -27.37
C GLN D 483 -36.68 -76.37 -28.67
N ALA D 484 -37.86 -75.75 -28.64
CA ALA D 484 -38.37 -75.06 -29.82
C ALA D 484 -37.32 -74.13 -30.38
N GLN D 485 -36.75 -73.28 -29.52
CA GLN D 485 -35.72 -72.34 -29.96
C GLN D 485 -34.68 -73.02 -30.82
N ARG D 486 -34.09 -74.11 -30.30
CA ARG D 486 -33.06 -74.84 -31.03
C ARG D 486 -33.52 -75.10 -32.46
N SER D 487 -34.65 -75.81 -32.59
CA SER D 487 -35.16 -76.15 -33.92
C SER D 487 -35.23 -74.91 -34.80
N THR D 488 -35.90 -73.87 -34.31
CA THR D 488 -36.07 -72.65 -35.09
C THR D 488 -34.72 -72.14 -35.57
N LEU D 489 -33.76 -72.04 -34.65
CA LEU D 489 -32.46 -71.50 -35.00
C LEU D 489 -31.89 -72.21 -36.22
N GLU D 490 -31.96 -73.55 -36.21
CA GLU D 490 -31.47 -74.32 -37.34
C GLU D 490 -32.02 -73.78 -38.65
N HIS D 491 -33.35 -73.77 -38.78
CA HIS D 491 -33.97 -73.28 -40.01
C HIS D 491 -33.45 -71.89 -40.35
N SER D 492 -33.43 -71.00 -39.36
CA SER D 492 -33.00 -69.62 -39.61
C SER D 492 -31.64 -69.61 -40.28
N ASN D 493 -30.69 -70.38 -39.72
CA ASN D 493 -29.34 -70.38 -40.27
C ASN D 493 -29.37 -70.73 -41.75
N GLU D 494 -30.08 -71.81 -42.10
CA GLU D 494 -30.14 -72.22 -43.49
C GLU D 494 -30.64 -71.09 -44.38
N ARG D 495 -31.70 -70.40 -43.93
CA ARG D 495 -32.23 -69.29 -44.71
C ARG D 495 -31.13 -68.29 -45.04
N LEU D 496 -30.35 -67.91 -44.03
CA LEU D 496 -29.29 -66.94 -44.25
C LEU D 496 -28.37 -67.38 -45.38
N LYS D 497 -28.01 -68.66 -45.41
CA LYS D 497 -27.17 -69.17 -46.49
C LYS D 497 -27.81 -68.88 -47.84
N GLN D 498 -29.07 -69.28 -48.01
CA GLN D 498 -29.76 -69.09 -49.27
C GLN D 498 -29.94 -67.61 -49.62
N THR D 499 -29.67 -66.71 -48.68
CA THR D 499 -29.67 -65.28 -48.98
C THR D 499 -28.30 -64.79 -49.42
N ASN D 500 -27.24 -65.30 -48.78
CA ASN D 500 -25.90 -64.77 -49.02
C ASN D 500 -25.50 -64.90 -50.49
N GLU D 501 -26.02 -65.91 -51.18
CA GLU D 501 -25.77 -66.05 -52.60
C GLU D 501 -26.43 -64.94 -53.39
N MET D 502 -27.73 -64.72 -53.15
CA MET D 502 -28.49 -63.77 -53.96
C MET D 502 -27.92 -62.35 -53.83
N LEU D 503 -27.52 -61.96 -52.62
CA LEU D 503 -26.96 -60.65 -52.39
C LEU D 503 -25.48 -60.55 -52.77
N ARG D 504 -24.95 -61.54 -53.49
CA ARG D 504 -23.61 -61.44 -54.06
C ARG D 504 -23.59 -61.57 -55.57
N GLY D 505 -24.37 -62.50 -56.13
CA GLY D 505 -24.48 -62.61 -57.56
C GLY D 505 -25.55 -61.68 -58.10
N MET D 506 -25.56 -60.45 -57.58
CA MET D 506 -26.61 -59.49 -57.90
C MET D 506 -26.69 -59.22 -59.40
N LYS D 507 -25.59 -58.79 -60.01
CA LYS D 507 -25.60 -58.52 -61.43
C LYS D 507 -25.86 -59.80 -62.22
N LEU D 508 -25.20 -60.90 -61.83
CA LEU D 508 -25.49 -62.18 -62.46
C LEU D 508 -26.97 -62.52 -62.36
N LEU D 509 -27.54 -62.36 -61.17
CA LEU D 509 -28.94 -62.72 -60.95
C LEU D 509 -29.86 -61.90 -61.86
N LYS D 510 -29.70 -60.58 -61.84
CA LYS D 510 -30.60 -59.72 -62.60
C LYS D 510 -30.28 -59.66 -64.08
N LEU D 511 -29.15 -60.22 -64.52
CA LEU D 511 -28.80 -60.16 -65.93
C LEU D 511 -29.69 -61.07 -66.78
N TYR D 512 -30.34 -62.06 -66.16
CA TYR D 512 -31.30 -62.91 -66.86
C TYR D 512 -32.62 -63.05 -66.12
N ALA D 513 -32.79 -62.31 -65.02
CA ALA D 513 -34.05 -62.27 -64.26
C ALA D 513 -34.47 -63.66 -63.77
N TRP D 514 -33.50 -64.43 -63.28
CA TRP D 514 -33.81 -65.65 -62.54
C TRP D 514 -34.09 -65.37 -61.08
N GLU D 515 -34.29 -64.09 -60.71
CA GLU D 515 -34.39 -63.72 -59.31
C GLU D 515 -35.66 -64.25 -58.67
N SER D 516 -36.80 -64.18 -59.38
CA SER D 516 -38.04 -64.70 -58.83
C SER D 516 -37.94 -66.21 -58.56
N ILE D 517 -37.18 -66.92 -59.38
CA ILE D 517 -37.02 -68.36 -59.20
C ILE D 517 -36.34 -68.66 -57.87
N PHE D 518 -35.35 -67.85 -57.49
CA PHE D 518 -34.70 -68.03 -56.19
C PHE D 518 -35.54 -67.49 -55.05
N CYS D 519 -36.33 -66.43 -55.30
CA CYS D 519 -37.20 -65.91 -54.26
C CYS D 519 -38.27 -66.92 -53.87
N SER D 520 -38.73 -67.73 -54.83
CA SER D 520 -39.65 -68.81 -54.50
C SER D 520 -39.03 -69.77 -53.49
N ARG D 521 -37.76 -70.15 -53.70
CA ARG D 521 -37.07 -71.03 -52.78
C ARG D 521 -36.89 -70.37 -51.41
N VAL D 522 -36.54 -69.08 -51.40
CA VAL D 522 -36.37 -68.36 -50.15
C VAL D 522 -37.68 -68.34 -49.37
N GLU D 523 -38.81 -68.14 -50.07
CA GLU D 523 -40.10 -68.16 -49.39
C GLU D 523 -40.45 -69.57 -48.91
N VAL D 524 -40.07 -70.60 -49.67
CA VAL D 524 -40.23 -71.97 -49.20
C VAL D 524 -39.54 -72.16 -47.86
N THR D 525 -38.33 -71.66 -47.66
CA THR D 525 -37.69 -71.82 -46.34
C THR D 525 -38.44 -71.10 -45.20
N ARG D 526 -38.94 -69.92 -45.56
CA ARG D 526 -39.63 -69.04 -44.62
C ARG D 526 -40.85 -69.69 -44.00
N ARG D 527 -41.61 -70.45 -44.78
CA ARG D 527 -42.79 -71.11 -44.26
C ARG D 527 -42.44 -72.11 -43.15
N LYS D 528 -41.34 -72.86 -43.32
CA LYS D 528 -40.88 -73.81 -42.31
C LYS D 528 -40.51 -73.04 -41.04
N GLU D 529 -39.83 -71.91 -41.25
CA GLU D 529 -39.45 -71.09 -40.10
C GLU D 529 -40.70 -70.61 -39.35
N MET D 530 -41.73 -70.20 -40.10
CA MET D 530 -42.98 -69.73 -39.53
C MET D 530 -43.67 -70.83 -38.74
N THR D 531 -43.61 -72.04 -39.27
CA THR D 531 -44.22 -73.20 -38.63
C THR D 531 -43.59 -73.43 -37.26
N SER D 532 -42.27 -73.29 -37.14
CA SER D 532 -41.67 -73.52 -35.81
C SER D 532 -42.14 -72.53 -34.70
N LEU D 533 -42.23 -71.28 -35.12
CA LEU D 533 -42.58 -70.06 -34.40
C LEU D 533 -43.98 -70.15 -33.79
N ARG D 534 -44.89 -70.87 -34.45
CA ARG D 534 -46.23 -71.06 -33.90
C ARG D 534 -46.17 -71.77 -32.55
N ALA D 535 -45.45 -72.90 -32.49
CA ALA D 535 -45.35 -73.62 -31.23
C ALA D 535 -44.63 -72.80 -30.17
N PHE D 536 -43.55 -72.11 -30.56
CA PHE D 536 -42.82 -71.26 -29.62
C PHE D 536 -43.74 -70.21 -29.01
N ALA D 537 -44.52 -69.53 -29.86
CA ALA D 537 -45.41 -68.50 -29.36
C ALA D 537 -46.58 -69.08 -28.58
N VAL D 538 -46.98 -70.32 -28.89
CA VAL D 538 -47.98 -70.99 -28.06
C VAL D 538 -47.45 -71.21 -26.65
N TYR D 539 -46.19 -71.63 -26.53
CA TYR D 539 -45.62 -71.79 -25.20
C TYR D 539 -45.47 -70.44 -24.48
N THR D 540 -45.09 -69.40 -25.22
CA THR D 540 -45.03 -68.07 -24.63
C THR D 540 -46.40 -67.63 -24.12
N SER D 541 -47.44 -67.92 -24.90
CA SER D 541 -48.80 -67.60 -24.50
C SER D 541 -49.20 -68.36 -23.24
N ILE D 542 -48.84 -69.64 -23.16
CA ILE D 542 -49.15 -70.43 -21.98
C ILE D 542 -48.46 -69.84 -20.75
N SER D 543 -47.20 -69.40 -20.91
CA SER D 543 -46.48 -68.78 -19.81
C SER D 543 -47.18 -67.51 -19.34
N ILE D 544 -47.46 -66.59 -20.26
CA ILE D 544 -48.12 -65.34 -19.90
C ILE D 544 -49.48 -65.61 -19.28
N PHE D 545 -50.17 -66.65 -19.77
CA PHE D 545 -51.49 -66.99 -19.25
C PHE D 545 -51.42 -67.46 -17.81
N MET D 546 -50.53 -68.41 -17.52
CA MET D 546 -50.36 -68.88 -16.14
C MET D 546 -49.96 -67.74 -15.23
N ASN D 547 -49.13 -66.82 -15.73
CA ASN D 547 -48.61 -65.71 -14.91
C ASN D 547 -49.72 -64.97 -14.18
N THR D 548 -50.80 -64.63 -14.88
CA THR D 548 -51.92 -63.93 -14.25
C THR D 548 -53.10 -64.84 -13.93
N ALA D 549 -53.05 -66.11 -14.33
CA ALA D 549 -54.12 -67.03 -13.98
C ALA D 549 -53.96 -67.58 -12.57
N ILE D 550 -52.73 -67.90 -12.17
CA ILE D 550 -52.51 -68.46 -10.82
C ILE D 550 -52.87 -67.46 -9.73
N PRO D 551 -52.58 -66.16 -9.84
CA PRO D 551 -53.09 -65.22 -8.83
C PRO D 551 -54.61 -65.24 -8.68
N ILE D 552 -55.34 -65.34 -9.79
CA ILE D 552 -56.79 -65.39 -9.70
C ILE D 552 -57.24 -66.73 -9.11
N ALA D 553 -56.63 -67.82 -9.55
CA ALA D 553 -57.05 -69.16 -9.10
C ALA D 553 -56.79 -69.35 -7.62
N ALA D 554 -55.68 -68.81 -7.11
CA ALA D 554 -55.40 -68.91 -5.68
C ALA D 554 -56.53 -68.31 -4.86
N VAL D 555 -56.91 -67.06 -5.16
CA VAL D 555 -57.96 -66.39 -4.40
C VAL D 555 -59.28 -67.12 -4.59
N LEU D 556 -59.58 -67.55 -5.82
CA LEU D 556 -60.82 -68.28 -6.09
C LEU D 556 -60.93 -69.51 -5.19
N ILE D 557 -60.04 -70.50 -5.40
CA ILE D 557 -60.11 -71.76 -4.67
C ILE D 557 -59.77 -71.61 -3.19
N THR D 558 -59.27 -70.45 -2.76
CA THR D 558 -59.02 -70.25 -1.34
C THR D 558 -60.23 -69.65 -0.64
N PHE D 559 -60.76 -68.53 -1.16
CA PHE D 559 -61.89 -67.89 -0.51
C PHE D 559 -63.16 -68.73 -0.65
N VAL D 560 -63.40 -69.32 -1.82
CA VAL D 560 -64.57 -70.18 -1.94
C VAL D 560 -64.41 -71.42 -1.06
N GLY D 561 -63.17 -71.93 -0.95
CA GLY D 561 -62.88 -73.08 -0.13
C GLY D 561 -62.67 -72.80 1.35
N HIS D 562 -62.73 -71.54 1.77
CA HIS D 562 -62.57 -71.19 3.17
C HIS D 562 -63.91 -70.96 3.86
N VAL D 563 -64.71 -70.02 3.35
CA VAL D 563 -65.95 -69.66 4.01
C VAL D 563 -67.04 -70.67 3.70
N SER D 564 -67.38 -70.85 2.43
CA SER D 564 -68.49 -71.70 2.03
C SER D 564 -68.12 -73.19 2.02
N PHE D 565 -66.95 -73.56 2.50
CA PHE D 565 -66.56 -74.96 2.56
C PHE D 565 -66.30 -75.47 3.96
N PHE D 566 -65.43 -74.81 4.73
CA PHE D 566 -64.82 -75.44 5.89
C PHE D 566 -65.50 -75.07 7.21
N LEU D 571 -65.14 -63.63 7.47
CA LEU D 571 -63.88 -63.20 6.87
C LEU D 571 -63.84 -61.67 6.88
N SER D 572 -63.18 -61.11 7.89
CA SER D 572 -63.02 -59.67 7.96
C SER D 572 -62.24 -59.17 6.75
N PRO D 573 -62.45 -57.91 6.34
CA PRO D 573 -61.71 -57.39 5.17
C PRO D 573 -60.21 -57.53 5.32
N SER D 574 -59.70 -57.42 6.55
CA SER D 574 -58.27 -57.51 6.79
C SER D 574 -57.71 -58.85 6.31
N VAL D 575 -58.41 -59.95 6.64
CA VAL D 575 -57.91 -61.27 6.27
C VAL D 575 -57.79 -61.39 4.75
N ALA D 576 -58.86 -61.06 4.04
CA ALA D 576 -58.88 -61.20 2.58
C ALA D 576 -57.83 -60.32 1.93
N PHE D 577 -57.73 -59.06 2.37
CA PHE D 577 -56.79 -58.17 1.70
C PHE D 577 -55.34 -58.49 2.05
N ALA D 578 -55.07 -58.95 3.27
CA ALA D 578 -53.73 -59.41 3.60
C ALA D 578 -53.36 -60.63 2.76
N SER D 579 -54.32 -61.55 2.55
CA SER D 579 -54.07 -62.70 1.69
C SER D 579 -53.77 -62.25 0.27
N LEU D 580 -54.49 -61.25 -0.23
CA LEU D 580 -54.23 -60.71 -1.56
C LEU D 580 -52.82 -60.17 -1.67
N SER D 581 -52.44 -59.31 -0.72
CA SER D 581 -51.08 -58.75 -0.72
C SER D 581 -50.03 -59.86 -0.70
N LEU D 582 -50.18 -60.82 0.22
CA LEU D 582 -49.21 -61.91 0.29
C LEU D 582 -49.18 -62.73 -0.99
N PHE D 583 -50.33 -62.91 -1.65
CA PHE D 583 -50.36 -63.62 -2.91
C PHE D 583 -49.50 -62.93 -3.96
N HIS D 584 -49.58 -61.60 -4.04
CA HIS D 584 -48.74 -60.92 -5.02
C HIS D 584 -47.27 -60.97 -4.60
N ILE D 585 -47.00 -60.74 -3.32
CA ILE D 585 -45.63 -60.72 -2.81
C ILE D 585 -44.98 -62.09 -2.91
N LEU D 586 -45.77 -63.15 -3.06
CA LEU D 586 -45.24 -64.49 -3.28
C LEU D 586 -45.20 -64.89 -4.75
N VAL D 587 -46.10 -64.32 -5.58
CA VAL D 587 -46.07 -64.59 -7.01
C VAL D 587 -44.83 -63.98 -7.63
N THR D 588 -44.44 -62.78 -7.19
CA THR D 588 -43.26 -62.15 -7.77
C THR D 588 -42.00 -62.99 -7.66
N PRO D 589 -41.64 -63.56 -6.50
CA PRO D 589 -40.41 -64.36 -6.45
C PRO D 589 -40.52 -65.71 -7.14
N LEU D 590 -41.73 -66.28 -7.27
CA LEU D 590 -41.86 -67.66 -7.74
C LEU D 590 -41.30 -67.84 -9.15
N PHE D 591 -41.57 -66.88 -10.05
CA PHE D 591 -41.05 -67.00 -11.41
C PHE D 591 -39.55 -67.08 -11.45
N LEU D 592 -38.87 -66.39 -10.53
CA LEU D 592 -37.42 -66.30 -10.60
C LEU D 592 -36.73 -67.60 -10.24
N LEU D 593 -37.38 -68.47 -9.46
CA LEU D 593 -36.76 -69.74 -9.07
C LEU D 593 -36.49 -70.62 -10.28
N SER D 594 -37.40 -70.64 -11.24
CA SER D 594 -37.22 -71.47 -12.44
C SER D 594 -35.98 -71.03 -13.23
N SER D 595 -35.93 -69.74 -13.56
CA SER D 595 -34.75 -69.20 -14.25
C SER D 595 -33.49 -69.40 -13.42
N VAL D 596 -33.59 -69.32 -12.10
CA VAL D 596 -32.42 -69.55 -11.25
C VAL D 596 -31.92 -70.98 -11.38
N VAL D 597 -32.84 -71.95 -11.37
CA VAL D 597 -32.43 -73.34 -11.51
C VAL D 597 -31.78 -73.57 -12.87
N ARG D 598 -32.40 -73.04 -13.93
CA ARG D 598 -31.81 -73.22 -15.26
C ARG D 598 -30.42 -72.58 -15.31
N SER D 599 -30.30 -71.36 -14.80
CA SER D 599 -29.03 -70.66 -14.82
C SER D 599 -27.98 -71.42 -14.02
N THR D 600 -28.36 -72.01 -12.90
CA THR D 600 -27.40 -72.71 -12.05
C THR D 600 -26.87 -73.97 -12.73
N VAL D 601 -27.76 -74.77 -13.32
CA VAL D 601 -27.28 -75.98 -13.99
C VAL D 601 -26.42 -75.62 -15.20
N LYS D 602 -26.83 -74.59 -15.95
CA LYS D 602 -26.03 -74.18 -17.10
C LYS D 602 -24.67 -73.66 -16.66
N ALA D 603 -24.61 -72.94 -15.54
CA ALA D 603 -23.34 -72.44 -15.04
C ALA D 603 -22.44 -73.57 -14.56
N LEU D 604 -23.03 -74.59 -13.93
CA LEU D 604 -22.25 -75.76 -13.53
C LEU D 604 -21.61 -76.41 -14.74
N VAL D 605 -22.39 -76.60 -15.81
CA VAL D 605 -21.85 -77.20 -17.03
C VAL D 605 -20.75 -76.31 -17.62
N SER D 606 -20.96 -74.99 -17.61
CA SER D 606 -19.98 -74.08 -18.20
C SER D 606 -18.68 -74.05 -17.39
N VAL D 607 -18.76 -74.19 -16.06
CA VAL D 607 -17.54 -74.21 -15.27
C VAL D 607 -16.83 -75.55 -15.43
N GLN D 608 -17.56 -76.66 -15.60
CA GLN D 608 -16.89 -77.90 -15.97
C GLN D 608 -16.14 -77.73 -17.29
N LYS D 609 -16.76 -77.07 -18.25
CA LYS D 609 -16.10 -76.81 -19.53
C LYS D 609 -14.86 -75.94 -19.35
N LEU D 610 -14.98 -74.87 -18.56
CA LEU D 610 -13.85 -73.98 -18.32
C LEU D 610 -12.70 -74.71 -17.65
N SER D 611 -13.02 -75.64 -16.74
CA SER D 611 -11.98 -76.42 -16.08
C SER D 611 -11.31 -77.38 -17.05
N GLU D 612 -12.10 -78.04 -17.90
CA GLU D 612 -11.53 -78.92 -18.91
C GLU D 612 -10.60 -78.16 -19.84
N PHE D 613 -10.97 -76.93 -20.21
CA PHE D 613 -10.11 -76.14 -21.09
C PHE D 613 -8.88 -75.63 -20.35
N LEU D 614 -9.09 -74.89 -19.27
CA LEU D 614 -8.01 -74.25 -18.53
C LEU D 614 -6.94 -75.22 -18.06
N SER D 615 -7.21 -76.52 -18.07
CA SER D 615 -6.27 -77.51 -17.56
C SER D 615 -5.87 -78.51 -18.64
N SER D 616 -5.54 -78.03 -19.83
CA SER D 616 -5.09 -78.91 -20.91
C SER D 616 -3.59 -78.75 -21.17
N CYS D 678 24.96 -67.44 -32.52
CA CYS D 678 24.42 -68.45 -33.42
C CYS D 678 23.29 -69.23 -32.75
N VAL D 679 22.52 -69.97 -33.55
CA VAL D 679 21.46 -70.82 -33.06
C VAL D 679 21.96 -72.26 -33.11
N GLN D 680 22.19 -72.85 -31.94
CA GLN D 680 22.79 -74.18 -31.82
C GLN D 680 21.72 -75.19 -31.45
N ILE D 681 21.73 -76.34 -32.14
CA ILE D 681 20.84 -77.45 -31.83
C ILE D 681 21.67 -78.73 -31.87
N ILE D 682 21.57 -79.53 -30.81
CA ILE D 682 22.26 -80.81 -30.73
C ILE D 682 21.29 -81.85 -30.18
N GLY D 683 21.07 -82.93 -30.94
CA GLY D 683 20.22 -84.02 -30.54
C GLY D 683 18.73 -83.72 -30.56
N GLY D 684 18.20 -83.36 -31.72
CA GLY D 684 16.79 -82.98 -31.81
C GLY D 684 15.89 -84.19 -31.59
N PHE D 685 14.90 -84.03 -30.71
CA PHE D 685 13.99 -85.14 -30.40
C PHE D 685 12.72 -84.56 -29.77
N PHE D 686 11.61 -84.59 -30.52
CA PHE D 686 10.31 -84.19 -29.99
C PHE D 686 9.22 -84.65 -30.95
N THR D 687 7.97 -84.55 -30.48
CA THR D 687 6.81 -84.91 -31.26
C THR D 687 5.62 -84.09 -30.79
N TRP D 688 4.50 -84.23 -31.48
CA TRP D 688 3.29 -83.46 -31.20
C TRP D 688 2.34 -84.20 -30.27
N THR D 689 2.84 -84.69 -29.13
CA THR D 689 2.02 -85.37 -28.13
C THR D 689 2.82 -85.53 -26.84
N PRO D 690 2.16 -85.63 -25.69
CA PRO D 690 2.87 -86.02 -24.46
C PRO D 690 3.45 -87.43 -24.55
N ASP D 691 2.94 -88.27 -25.44
CA ASP D 691 3.46 -89.60 -25.64
C ASP D 691 3.09 -90.07 -27.04
N GLY D 692 4.06 -90.62 -27.76
CA GLY D 692 3.82 -91.08 -29.11
C GLY D 692 5.10 -91.20 -29.88
N ILE D 693 4.98 -91.73 -31.09
CA ILE D 693 6.15 -91.91 -31.95
C ILE D 693 6.68 -90.53 -32.34
N PRO D 694 8.00 -90.32 -32.33
CA PRO D 694 8.55 -88.99 -32.58
C PRO D 694 8.76 -88.68 -34.06
N THR D 695 8.53 -87.41 -34.40
CA THR D 695 8.81 -86.91 -35.74
C THR D 695 10.12 -86.13 -35.81
N LEU D 696 10.61 -85.61 -34.68
CA LEU D 696 11.90 -84.96 -34.60
C LEU D 696 12.92 -85.97 -34.09
N SER D 697 13.96 -86.21 -34.89
CA SER D 697 14.92 -87.27 -34.56
C SER D 697 16.31 -86.86 -35.01
N ASN D 698 17.21 -86.67 -34.04
CA ASN D 698 18.65 -86.53 -34.27
C ASN D 698 18.94 -85.36 -35.21
N ILE D 699 18.62 -84.15 -34.75
CA ILE D 699 18.87 -82.92 -35.50
C ILE D 699 19.93 -82.12 -34.77
N THR D 700 20.98 -81.74 -35.49
CA THR D 700 22.06 -80.92 -34.97
C THR D 700 22.41 -79.89 -36.03
N ILE D 701 22.21 -78.61 -35.72
CA ILE D 701 22.32 -77.55 -36.72
C ILE D 701 22.85 -76.29 -36.04
N ARG D 702 23.77 -75.62 -36.73
CA ARG D 702 24.32 -74.34 -36.28
C ARG D 702 23.91 -73.24 -37.26
N ILE D 703 23.32 -72.18 -36.74
CA ILE D 703 22.87 -71.05 -37.54
C ILE D 703 23.66 -69.81 -37.12
N PRO D 704 24.82 -69.55 -37.72
CA PRO D 704 25.61 -68.39 -37.33
C PRO D 704 24.96 -67.09 -37.76
N ARG D 705 25.49 -66.00 -37.22
CA ARG D 705 24.98 -64.65 -37.50
C ARG D 705 25.32 -64.23 -38.93
N GLY D 706 24.42 -63.44 -39.52
CA GLY D 706 24.64 -62.87 -40.83
C GLY D 706 24.84 -63.91 -41.91
N GLN D 707 23.80 -64.69 -42.19
CA GLN D 707 23.93 -65.84 -43.08
C GLN D 707 22.56 -66.27 -43.55
N LEU D 708 22.39 -66.38 -44.86
CA LEU D 708 21.15 -66.89 -45.44
C LEU D 708 21.15 -68.41 -45.38
N THR D 709 20.11 -68.99 -44.78
CA THR D 709 20.02 -70.43 -44.59
C THR D 709 18.71 -70.93 -45.18
N MET D 710 18.79 -71.62 -46.31
CA MET D 710 17.61 -72.24 -46.89
C MET D 710 17.43 -73.63 -46.30
N ILE D 711 16.18 -74.07 -46.27
CA ILE D 711 15.82 -75.43 -45.91
C ILE D 711 15.00 -76.00 -47.05
N VAL D 712 15.47 -77.11 -47.64
CA VAL D 712 14.84 -77.71 -48.79
C VAL D 712 14.60 -79.19 -48.52
N GLY D 713 13.61 -79.74 -49.22
CA GLY D 713 13.26 -81.13 -49.04
C GLY D 713 11.93 -81.42 -49.70
N GLN D 714 11.39 -82.60 -49.36
CA GLN D 714 10.11 -83.03 -49.89
C GLN D 714 8.97 -82.52 -49.01
N VAL D 715 7.74 -82.89 -49.37
CA VAL D 715 6.56 -82.47 -48.61
C VAL D 715 6.43 -83.42 -47.41
N GLY D 716 6.59 -82.87 -46.21
CA GLY D 716 6.49 -83.66 -45.00
C GLY D 716 7.83 -84.13 -44.46
N CYS D 717 8.79 -83.22 -44.37
CA CYS D 717 10.13 -83.54 -43.90
C CYS D 717 10.53 -82.74 -42.68
N GLY D 718 9.56 -82.18 -41.95
CA GLY D 718 9.86 -81.42 -40.76
C GLY D 718 10.58 -80.11 -41.01
N LYS D 719 10.18 -79.37 -42.04
CA LYS D 719 10.76 -78.05 -42.27
C LYS D 719 10.18 -77.03 -41.32
N SER D 720 8.87 -76.80 -41.39
CA SER D 720 8.22 -75.87 -40.48
C SER D 720 8.23 -76.41 -39.05
N SER D 721 8.25 -77.73 -38.88
CA SER D 721 8.39 -78.31 -37.56
C SER D 721 9.73 -77.93 -36.96
N LEU D 722 10.81 -78.06 -37.73
CA LEU D 722 12.12 -77.59 -37.29
C LEU D 722 12.12 -76.09 -37.06
N LEU D 723 11.35 -75.35 -37.87
CA LEU D 723 11.25 -73.91 -37.66
C LEU D 723 10.67 -73.60 -36.29
N LEU D 724 9.55 -74.24 -35.95
CA LEU D 724 8.91 -73.98 -34.66
C LEU D 724 9.72 -74.53 -33.50
N ALA D 725 10.52 -75.58 -33.75
CA ALA D 725 11.36 -76.12 -32.68
C ALA D 725 12.55 -75.20 -32.41
N THR D 726 13.14 -74.63 -33.46
CA THR D 726 14.18 -73.61 -33.28
C THR D 726 13.63 -72.41 -32.53
N LEU D 727 12.32 -72.17 -32.61
CA LEU D 727 11.68 -71.05 -31.96
C LEU D 727 11.56 -71.26 -30.46
N GLY D 728 11.67 -72.50 -29.99
CA GLY D 728 11.29 -72.85 -28.65
C GLY D 728 9.82 -73.17 -28.49
N GLU D 729 9.05 -73.12 -29.58
CA GLU D 729 7.62 -73.38 -29.51
C GLU D 729 7.33 -74.80 -29.05
N MET D 730 8.18 -75.76 -29.41
CA MET D 730 8.00 -77.16 -29.05
C MET D 730 9.20 -77.60 -28.21
N GLN D 731 8.99 -77.71 -26.90
CA GLN D 731 10.04 -78.12 -25.96
C GLN D 731 10.43 -79.56 -26.24
N LYS D 732 11.62 -79.77 -26.79
CA LYS D 732 12.05 -81.09 -27.21
C LYS D 732 12.24 -82.03 -26.01
N VAL D 733 12.07 -83.33 -26.27
CA VAL D 733 12.14 -84.33 -25.21
C VAL D 733 13.58 -84.45 -24.70
N SER D 734 14.50 -84.84 -25.57
CA SER D 734 15.90 -85.06 -25.20
C SER D 734 16.77 -84.37 -26.23
N GLY D 735 17.23 -83.16 -25.91
CA GLY D 735 18.10 -82.41 -26.80
C GLY D 735 18.38 -81.04 -26.23
N ALA D 736 19.36 -80.38 -26.84
CA ALA D 736 19.79 -79.06 -26.40
C ALA D 736 19.64 -78.06 -27.53
N VAL D 737 19.13 -76.87 -27.18
CA VAL D 737 18.91 -75.81 -28.16
C VAL D 737 19.17 -74.46 -27.49
N PHE D 738 20.07 -73.67 -28.07
CA PHE D 738 20.42 -72.36 -27.56
C PHE D 738 20.41 -71.35 -28.69
N TRP D 739 20.24 -70.08 -28.32
CA TRP D 739 20.41 -68.98 -29.27
C TRP D 739 20.71 -67.68 -28.54
N GLY D 768 14.61 -65.31 -26.87
CA GLY D 768 14.74 -63.99 -27.44
C GLY D 768 13.59 -63.61 -28.37
N PRO D 769 13.43 -62.30 -28.64
CA PRO D 769 12.35 -61.83 -29.52
C PRO D 769 12.74 -61.99 -30.98
N VAL D 770 12.07 -62.92 -31.67
CA VAL D 770 12.43 -63.32 -33.01
C VAL D 770 11.24 -63.07 -33.94
N ALA D 771 11.49 -62.40 -35.06
CA ALA D 771 10.44 -62.13 -36.02
C ALA D 771 10.13 -63.39 -36.81
N TYR D 772 8.84 -63.61 -37.09
CA TYR D 772 8.42 -64.86 -37.70
C TYR D 772 7.13 -64.66 -38.46
N ALA D 773 7.12 -65.04 -39.73
CA ALA D 773 5.92 -65.11 -40.53
C ALA D 773 5.61 -66.57 -40.80
N SER D 774 4.41 -67.01 -40.40
CA SER D 774 4.03 -68.41 -40.49
C SER D 774 3.65 -68.77 -41.93
N GLN D 775 3.42 -70.07 -42.14
CA GLN D 775 3.02 -70.54 -43.46
C GLN D 775 1.63 -70.02 -43.82
N LYS D 776 0.67 -70.18 -42.91
CA LYS D 776 -0.66 -69.64 -43.12
C LYS D 776 -0.69 -68.20 -42.65
N PRO D 777 -0.99 -67.23 -43.51
CA PRO D 777 -0.89 -65.83 -43.08
C PRO D 777 -2.06 -65.43 -42.18
N TRP D 778 -1.77 -64.57 -41.22
CA TRP D 778 -2.78 -64.08 -40.30
C TRP D 778 -2.70 -62.57 -40.23
N LEU D 779 -3.85 -61.95 -39.93
CA LEU D 779 -3.99 -60.51 -39.85
C LEU D 779 -4.72 -60.14 -38.58
N LEU D 780 -4.78 -58.84 -38.30
CA LEU D 780 -5.52 -58.30 -37.17
C LEU D 780 -6.79 -57.62 -37.66
N ASN D 781 -7.56 -57.10 -36.71
CA ASN D 781 -8.75 -56.32 -37.01
C ASN D 781 -8.40 -54.84 -36.96
N ALA D 782 -7.58 -54.42 -37.92
CA ALA D 782 -7.01 -53.09 -37.92
C ALA D 782 -6.63 -52.72 -39.35
N THR D 783 -5.82 -51.67 -39.50
CA THR D 783 -5.43 -51.16 -40.80
C THR D 783 -4.17 -51.84 -41.32
N VAL D 784 -3.79 -51.49 -42.55
CA VAL D 784 -2.60 -52.08 -43.16
C VAL D 784 -1.34 -51.54 -42.48
N GLU D 785 -1.26 -50.22 -42.32
CA GLU D 785 -0.13 -49.60 -41.64
C GLU D 785 0.03 -50.20 -40.24
N GLU D 786 -1.08 -50.49 -39.57
CA GLU D 786 -1.03 -51.04 -38.23
C GLU D 786 -0.47 -52.46 -38.23
N ASN D 787 -0.99 -53.31 -39.11
CA ASN D 787 -0.50 -54.68 -39.19
C ASN D 787 0.98 -54.72 -39.56
N ILE D 788 1.44 -53.78 -40.39
CA ILE D 788 2.84 -53.81 -40.79
C ILE D 788 3.73 -53.19 -39.71
N THR D 789 3.21 -52.23 -38.94
CA THR D 789 3.99 -51.67 -37.84
C THR D 789 3.99 -52.59 -36.63
N PHE D 790 2.83 -53.12 -36.27
CA PHE D 790 2.67 -54.12 -35.21
C PHE D 790 3.23 -53.58 -33.87
N GLU D 791 2.56 -52.54 -33.39
CA GLU D 791 2.89 -51.91 -32.11
C GLU D 791 4.34 -51.43 -32.07
N SER D 792 4.78 -50.82 -33.18
CA SER D 792 6.09 -50.24 -33.28
C SER D 792 5.99 -48.76 -33.65
N PRO D 793 6.86 -47.91 -33.10
CA PRO D 793 6.82 -46.50 -33.48
C PRO D 793 7.04 -46.33 -34.97
N PHE D 794 6.21 -45.50 -35.59
CA PHE D 794 6.22 -45.38 -37.04
C PHE D 794 7.50 -44.71 -37.52
N ASN D 795 7.90 -45.05 -38.74
CA ASN D 795 9.05 -44.45 -39.40
C ASN D 795 8.64 -44.00 -40.79
N LYS D 796 9.32 -42.96 -41.28
CA LYS D 796 9.10 -42.49 -42.64
C LYS D 796 9.90 -43.32 -43.64
N GLN D 797 11.23 -43.23 -43.55
CA GLN D 797 12.07 -43.93 -44.52
C GLN D 797 12.00 -45.43 -44.34
N ARG D 798 12.01 -45.92 -43.10
CA ARG D 798 11.99 -47.36 -42.88
C ARG D 798 10.70 -47.97 -43.40
N TYR D 799 9.55 -47.40 -43.01
CA TYR D 799 8.28 -47.95 -43.45
C TYR D 799 8.08 -47.83 -44.95
N LYS D 800 8.48 -46.69 -45.53
CA LYS D 800 8.35 -46.56 -46.98
C LYS D 800 9.25 -47.55 -47.71
N MET D 801 10.44 -47.80 -47.16
CA MET D 801 11.34 -48.80 -47.73
C MET D 801 10.71 -50.19 -47.70
N VAL D 802 10.11 -50.54 -46.56
CA VAL D 802 9.50 -51.87 -46.46
C VAL D 802 8.30 -51.98 -47.40
N ILE D 803 7.53 -50.89 -47.54
CA ILE D 803 6.37 -50.91 -48.42
C ILE D 803 6.81 -51.11 -49.87
N GLU D 804 7.82 -50.36 -50.30
CA GLU D 804 8.26 -50.44 -51.69
C GLU D 804 8.98 -51.75 -51.98
N ALA D 805 9.73 -52.27 -51.00
CA ALA D 805 10.50 -53.49 -51.21
C ALA D 805 9.65 -54.74 -51.22
N CYS D 806 8.38 -54.65 -50.81
CA CYS D 806 7.48 -55.79 -50.80
C CYS D 806 6.54 -55.81 -52.00
N SER D 807 6.75 -54.91 -52.96
CA SER D 807 5.88 -54.81 -54.13
C SER D 807 4.42 -54.67 -53.73
N LEU D 808 4.18 -53.83 -52.72
CA LEU D 808 2.87 -53.74 -52.11
C LEU D 808 2.20 -52.39 -52.25
N GLN D 809 2.94 -51.32 -52.54
CA GLN D 809 2.33 -50.00 -52.61
C GLN D 809 1.28 -49.86 -53.70
N PRO D 810 1.49 -50.33 -54.94
CA PRO D 810 0.43 -50.18 -55.96
C PRO D 810 -0.87 -50.88 -55.58
N ASP D 811 -0.80 -52.15 -55.19
CA ASP D 811 -2.01 -52.86 -54.79
C ASP D 811 -2.62 -52.27 -53.53
N ILE D 812 -1.80 -51.68 -52.65
CA ILE D 812 -2.32 -50.98 -51.49
C ILE D 812 -3.14 -49.76 -51.93
N ASP D 813 -2.68 -49.06 -52.96
CA ASP D 813 -3.42 -47.94 -53.52
C ASP D 813 -4.61 -48.38 -54.37
N ILE D 814 -4.68 -49.66 -54.76
CA ILE D 814 -5.83 -50.15 -55.51
C ILE D 814 -7.07 -50.25 -54.63
N LEU D 815 -6.88 -50.45 -53.32
CA LEU D 815 -7.98 -50.65 -52.38
C LEU D 815 -8.92 -49.43 -52.38
N PRO D 816 -10.18 -49.62 -51.95
CA PRO D 816 -11.11 -48.49 -51.89
C PRO D 816 -10.61 -47.34 -51.03
N HIS D 817 -9.93 -47.63 -49.94
CA HIS D 817 -9.24 -46.63 -49.14
C HIS D 817 -7.75 -46.75 -49.42
N GLY D 818 -7.14 -45.66 -49.90
CA GLY D 818 -5.74 -45.70 -50.30
C GLY D 818 -4.83 -46.25 -49.21
N ASP D 819 -5.03 -45.79 -47.98
CA ASP D 819 -4.33 -46.36 -46.85
C ASP D 819 -5.24 -46.29 -45.63
N GLN D 820 -4.77 -46.88 -44.53
CA GLN D 820 -5.57 -46.99 -43.32
C GLN D 820 -6.90 -47.69 -43.58
N THR D 821 -6.92 -48.56 -44.58
CA THR D 821 -8.12 -49.33 -44.89
C THR D 821 -8.33 -50.39 -43.83
N GLN D 822 -9.57 -50.50 -43.36
CA GLN D 822 -9.91 -51.45 -42.29
C GLN D 822 -9.88 -52.86 -42.87
N ILE D 823 -8.76 -53.56 -42.67
CA ILE D 823 -8.65 -54.94 -43.14
C ILE D 823 -9.72 -55.77 -42.47
N GLY D 824 -10.53 -56.45 -43.27
CA GLY D 824 -11.63 -57.25 -42.75
C GLY D 824 -11.19 -58.39 -41.86
N GLU D 825 -12.15 -59.11 -41.30
CA GLU D 825 -11.87 -60.26 -40.45
C GLU D 825 -11.20 -61.35 -41.30
N ARG D 826 -9.93 -61.63 -40.99
CA ARG D 826 -9.09 -62.63 -41.65
C ARG D 826 -8.65 -62.20 -43.04
N GLY D 827 -9.15 -61.07 -43.53
CA GLY D 827 -8.80 -60.59 -44.85
C GLY D 827 -9.71 -61.09 -45.95
N ILE D 828 -11.03 -60.89 -45.79
CA ILE D 828 -11.98 -61.31 -46.81
C ILE D 828 -11.92 -60.39 -48.03
N ASN D 829 -11.75 -59.08 -47.79
CA ASN D 829 -11.60 -58.12 -48.87
C ASN D 829 -10.16 -58.00 -49.37
N LEU D 830 -9.33 -59.02 -49.11
CA LEU D 830 -7.99 -59.11 -49.65
C LEU D 830 -7.78 -60.52 -50.21
N SER D 831 -6.76 -60.65 -51.05
CA SER D 831 -6.40 -61.94 -51.64
C SER D 831 -5.28 -62.59 -50.83
N GLY D 832 -4.98 -63.84 -51.18
CA GLY D 832 -3.94 -64.57 -50.48
C GLY D 832 -2.57 -63.96 -50.65
N GLY D 833 -2.24 -63.55 -51.88
CA GLY D 833 -0.94 -62.94 -52.12
C GLY D 833 -0.75 -61.65 -51.36
N GLN D 834 -1.81 -60.85 -51.24
CA GLN D 834 -1.73 -59.61 -50.47
C GLN D 834 -1.50 -59.90 -48.99
N ARG D 835 -2.22 -60.89 -48.44
CA ARG D 835 -2.01 -61.28 -47.06
C ARG D 835 -0.58 -61.75 -46.83
N GLN D 836 -0.05 -62.54 -47.77
CA GLN D 836 1.32 -63.02 -47.64
C GLN D 836 2.32 -61.87 -47.69
N ARG D 837 2.12 -60.93 -48.62
CA ARG D 837 3.03 -59.79 -48.71
C ARG D 837 2.95 -58.93 -47.45
N ILE D 838 1.76 -58.77 -46.89
CA ILE D 838 1.62 -58.00 -45.66
C ILE D 838 2.33 -58.71 -44.51
N SER D 839 2.23 -60.05 -44.45
CA SER D 839 2.91 -60.79 -43.41
C SER D 839 4.44 -60.67 -43.55
N VAL D 840 4.94 -60.77 -44.79
CA VAL D 840 6.37 -60.65 -45.01
C VAL D 840 6.85 -59.24 -44.67
N ALA D 841 6.02 -58.24 -44.98
CA ALA D 841 6.37 -56.86 -44.62
C ALA D 841 6.39 -56.69 -43.11
N ARG D 842 5.45 -57.31 -42.40
CA ARG D 842 5.48 -57.27 -40.94
C ARG D 842 6.75 -57.90 -40.41
N ALA D 843 7.13 -59.05 -40.98
CA ALA D 843 8.33 -59.73 -40.52
C ALA D 843 9.58 -58.91 -40.80
N LEU D 844 9.64 -58.26 -41.96
CA LEU D 844 10.82 -57.50 -42.35
C LEU D 844 10.92 -56.16 -41.65
N TYR D 845 9.78 -55.57 -41.29
CA TYR D 845 9.77 -54.22 -40.74
C TYR D 845 10.22 -54.19 -39.29
N GLN D 846 10.09 -55.30 -38.57
CA GLN D 846 10.44 -55.33 -37.16
C GLN D 846 11.95 -55.36 -36.96
N GLN D 847 12.41 -54.63 -35.95
CA GLN D 847 13.84 -54.52 -35.63
C GLN D 847 14.21 -55.67 -34.69
N THR D 848 14.97 -56.63 -35.19
CA THR D 848 15.37 -57.78 -34.39
C THR D 848 16.55 -58.48 -35.08
N ASN D 849 17.06 -59.53 -34.45
CA ASN D 849 18.19 -60.26 -35.00
C ASN D 849 17.73 -61.31 -36.00
N VAL D 850 16.78 -62.16 -35.60
CA VAL D 850 16.43 -63.37 -36.34
C VAL D 850 15.07 -63.19 -36.98
N VAL D 851 14.94 -63.65 -38.22
CA VAL D 851 13.68 -63.63 -38.95
C VAL D 851 13.46 -65.01 -39.57
N PHE D 852 12.26 -65.54 -39.41
CA PHE D 852 11.83 -66.76 -40.08
C PHE D 852 10.67 -66.44 -41.02
N LEU D 853 10.70 -67.04 -42.20
CA LEU D 853 9.64 -66.86 -43.19
C LEU D 853 9.24 -68.24 -43.72
N ASP D 854 8.05 -68.70 -43.36
CA ASP D 854 7.61 -70.06 -43.69
C ASP D 854 7.02 -70.05 -45.09
N ASP D 855 7.88 -70.22 -46.10
CA ASP D 855 7.54 -70.23 -47.52
C ASP D 855 6.74 -68.99 -47.90
N PRO D 856 7.38 -67.81 -47.95
CA PRO D 856 6.69 -66.59 -48.36
C PRO D 856 6.54 -66.42 -49.87
N PHE D 857 6.82 -67.45 -50.67
CA PHE D 857 6.75 -67.36 -52.12
C PHE D 857 5.79 -68.38 -52.71
N SER D 858 4.75 -68.74 -51.95
CA SER D 858 3.80 -69.75 -52.41
C SER D 858 2.65 -69.14 -53.21
N ALA D 859 2.21 -67.93 -52.83
CA ALA D 859 1.14 -67.24 -53.53
C ALA D 859 1.64 -65.97 -54.22
N LEU D 860 2.86 -66.04 -54.78
CA LEU D 860 3.43 -64.93 -55.51
C LEU D 860 3.88 -65.42 -56.89
N ASP D 861 3.95 -64.48 -57.83
CA ASP D 861 4.37 -64.79 -59.19
C ASP D 861 5.89 -64.95 -59.23
N VAL D 862 6.44 -65.08 -60.44
CA VAL D 862 7.89 -65.14 -60.57
C VAL D 862 8.49 -63.74 -60.42
N HIS D 863 7.85 -62.72 -61.01
CA HIS D 863 8.41 -61.37 -60.98
C HIS D 863 8.40 -60.81 -59.57
N LEU D 864 7.27 -60.92 -58.86
CA LEU D 864 7.19 -60.40 -57.50
C LEU D 864 8.13 -61.15 -56.56
N SER D 865 8.24 -62.47 -56.72
CA SER D 865 9.15 -63.24 -55.88
C SER D 865 10.60 -62.84 -56.12
N ASP D 866 10.97 -62.65 -57.40
CA ASP D 866 12.33 -62.20 -57.70
C ASP D 866 12.61 -60.83 -57.10
N HIS D 867 11.69 -59.89 -57.30
CA HIS D 867 11.89 -58.55 -56.76
C HIS D 867 11.93 -58.57 -55.24
N LEU D 868 11.17 -59.46 -54.60
CA LEU D 868 11.17 -59.54 -53.15
C LEU D 868 12.48 -60.11 -52.63
N MET D 869 12.92 -61.23 -53.22
CA MET D 869 14.19 -61.82 -52.80
C MET D 869 15.37 -60.92 -53.11
N GLN D 870 15.25 -60.05 -54.11
CA GLN D 870 16.35 -59.16 -54.45
C GLN D 870 16.36 -57.91 -53.55
N ALA D 871 15.25 -57.19 -53.48
CA ALA D 871 15.22 -55.92 -52.77
C ALA D 871 15.05 -56.10 -51.27
N GLY D 872 14.10 -56.94 -50.87
CA GLY D 872 13.81 -57.08 -49.44
C GLY D 872 14.70 -58.07 -48.72
N ILE D 873 15.20 -59.08 -49.42
CA ILE D 873 15.93 -60.16 -48.76
C ILE D 873 17.44 -59.95 -48.92
N LEU D 874 17.91 -59.94 -50.17
CA LEU D 874 19.34 -59.82 -50.42
C LEU D 874 19.86 -58.39 -50.29
N GLU D 875 18.98 -57.38 -50.31
CA GLU D 875 19.40 -56.00 -50.20
C GLU D 875 19.01 -55.32 -48.90
N LEU D 876 17.89 -55.71 -48.30
CA LEU D 876 17.42 -55.08 -47.07
C LEU D 876 17.72 -55.92 -45.84
N LEU D 877 17.40 -57.21 -45.87
CA LEU D 877 17.76 -58.10 -44.78
C LEU D 877 19.27 -58.26 -44.69
N ARG D 878 19.92 -58.55 -45.82
CA ARG D 878 21.37 -58.66 -45.88
C ARG D 878 22.05 -57.33 -45.58
N ASP D 879 21.31 -56.22 -45.59
CA ASP D 879 21.90 -54.91 -45.29
C ASP D 879 22.31 -54.84 -43.81
N ASP D 880 21.35 -54.99 -42.91
CA ASP D 880 21.60 -54.83 -41.48
C ASP D 880 22.26 -56.06 -40.85
N LYS D 881 22.65 -57.05 -41.66
CA LYS D 881 23.29 -58.26 -41.18
C LYS D 881 22.42 -58.98 -40.15
N ARG D 882 21.21 -59.33 -40.58
CA ARG D 882 20.31 -60.15 -39.78
C ARG D 882 20.60 -61.64 -40.04
N THR D 883 20.04 -62.48 -39.17
CA THR D 883 20.14 -63.94 -39.33
C THR D 883 18.85 -64.40 -39.99
N VAL D 884 18.83 -64.38 -41.32
CA VAL D 884 17.65 -64.76 -42.09
C VAL D 884 17.65 -66.27 -42.27
N VAL D 885 16.56 -66.90 -41.86
CA VAL D 885 16.35 -68.33 -42.09
C VAL D 885 15.05 -68.44 -42.88
N LEU D 886 15.16 -68.71 -44.17
CA LEU D 886 14.01 -68.81 -45.04
C LEU D 886 13.90 -70.23 -45.57
N VAL D 887 12.70 -70.78 -45.57
CA VAL D 887 12.43 -72.13 -46.03
C VAL D 887 11.52 -72.04 -47.25
N THR D 888 11.95 -72.62 -48.36
CA THR D 888 11.19 -72.61 -49.60
C THR D 888 11.82 -73.65 -50.53
N HIS D 889 11.39 -73.64 -51.80
CA HIS D 889 11.92 -74.57 -52.79
C HIS D 889 11.89 -73.88 -54.15
N LYS D 890 13.01 -73.30 -54.55
CA LYS D 890 13.15 -72.65 -55.84
C LYS D 890 14.57 -72.88 -56.35
N LEU D 891 14.89 -72.26 -57.49
CA LEU D 891 16.21 -72.36 -58.10
C LEU D 891 17.08 -71.15 -57.81
N GLN D 892 16.52 -69.94 -57.93
CA GLN D 892 17.29 -68.71 -57.79
C GLN D 892 17.87 -68.54 -56.39
N TYR D 893 17.28 -69.18 -55.38
CA TYR D 893 17.66 -68.96 -54.00
C TYR D 893 18.76 -69.91 -53.53
N LEU D 894 18.95 -71.02 -54.21
CA LEU D 894 19.97 -71.98 -53.80
C LEU D 894 21.38 -71.39 -53.81
N PRO D 895 21.84 -70.73 -54.87
CA PRO D 895 23.20 -70.16 -54.85
C PRO D 895 23.31 -68.86 -54.06
N HIS D 896 22.21 -68.34 -53.52
CA HIS D 896 22.23 -67.08 -52.78
C HIS D 896 22.39 -67.28 -51.28
N ALA D 897 22.26 -68.50 -50.78
CA ALA D 897 22.37 -68.77 -49.35
C ALA D 897 23.76 -69.29 -49.01
N ASP D 898 23.98 -69.53 -47.72
CA ASP D 898 25.25 -70.04 -47.22
C ASP D 898 25.17 -71.49 -46.78
N TRP D 899 24.15 -71.86 -46.02
CA TRP D 899 23.99 -73.22 -45.52
C TRP D 899 22.76 -73.85 -46.14
N ILE D 900 22.93 -75.06 -46.69
CA ILE D 900 21.84 -75.83 -47.26
C ILE D 900 21.48 -76.92 -46.26
N ILE D 901 20.19 -77.11 -46.03
CA ILE D 901 19.69 -78.09 -45.07
C ILE D 901 18.68 -78.97 -45.80
N ALA D 902 19.02 -80.26 -45.94
CA ALA D 902 18.17 -81.22 -46.61
C ALA D 902 17.51 -82.12 -45.57
N MET D 903 16.18 -82.23 -45.64
CA MET D 903 15.40 -82.99 -44.69
C MET D 903 14.69 -84.14 -45.41
N LYS D 904 14.64 -85.30 -44.75
CA LYS D 904 13.94 -86.45 -45.29
C LYS D 904 13.40 -87.28 -44.14
N ASP D 905 12.07 -87.44 -44.10
CA ASP D 905 11.40 -88.23 -43.07
C ASP D 905 11.75 -87.72 -41.67
N GLY D 906 11.80 -86.41 -41.51
CA GLY D 906 12.12 -85.82 -40.22
C GLY D 906 13.56 -85.97 -39.79
N THR D 907 14.47 -86.20 -40.73
CA THR D 907 15.89 -86.37 -40.42
C THR D 907 16.72 -85.56 -41.41
N ILE D 908 17.82 -85.00 -40.90
CA ILE D 908 18.74 -84.22 -41.74
C ILE D 908 19.57 -85.20 -42.55
N GLN D 909 19.31 -85.28 -43.85
CA GLN D 909 20.03 -86.22 -44.70
C GLN D 909 21.50 -85.82 -44.81
N ARG D 910 21.76 -84.61 -45.33
CA ARG D 910 23.09 -84.04 -45.39
C ARG D 910 23.03 -82.63 -44.82
N GLU D 911 24.22 -82.05 -44.59
CA GLU D 911 24.31 -80.73 -44.00
C GLU D 911 25.63 -80.09 -44.41
N GLY D 912 25.62 -78.78 -44.48
CA GLY D 912 26.80 -78.00 -44.77
C GLY D 912 26.45 -76.81 -45.65
N THR D 913 27.46 -76.35 -46.38
CA THR D 913 27.31 -75.25 -47.32
C THR D 913 27.00 -75.78 -48.72
N LEU D 914 27.09 -74.91 -49.72
CA LEU D 914 26.83 -75.33 -51.09
C LEU D 914 27.93 -76.26 -51.61
N LYS D 915 29.19 -75.89 -51.38
CA LYS D 915 30.29 -76.69 -51.87
C LYS D 915 30.41 -78.01 -51.11
N ASP D 916 30.20 -77.98 -49.80
CA ASP D 916 30.20 -79.21 -49.01
C ASP D 916 29.03 -80.11 -49.35
N PHE D 917 27.96 -79.54 -49.93
CA PHE D 917 26.83 -80.36 -50.38
C PHE D 917 27.07 -80.94 -51.77
N GLN D 918 27.76 -80.20 -52.63
CA GLN D 918 28.03 -80.71 -53.98
C GLN D 918 29.25 -81.62 -54.02
N ARG D 919 30.09 -81.60 -52.98
CA ARG D 919 31.22 -82.51 -52.88
C ARG D 919 30.90 -83.76 -52.07
N SER D 920 29.66 -83.95 -51.66
CA SER D 920 29.23 -85.11 -50.90
C SER D 920 28.19 -85.91 -51.67
N GLU D 921 27.81 -87.04 -51.11
CA GLU D 921 26.84 -87.93 -51.75
C GLU D 921 25.45 -87.31 -51.76
N ILE D 996 -37.96 -43.20 -31.06
CA ILE D 996 -38.62 -43.79 -32.21
C ILE D 996 -40.07 -43.31 -32.23
N PRO D 997 -40.53 -42.83 -33.40
CA PRO D 997 -41.88 -42.27 -33.47
C PRO D 997 -42.97 -43.32 -33.43
N TRP D 998 -44.21 -42.87 -33.39
CA TRP D 998 -45.34 -43.78 -33.45
C TRP D 998 -45.57 -44.36 -34.84
N ARG D 999 -44.80 -43.93 -35.85
CA ARG D 999 -45.04 -44.39 -37.21
C ARG D 999 -44.58 -45.83 -37.40
N ALA D 1000 -43.45 -46.20 -36.82
CA ALA D 1000 -42.97 -47.57 -36.95
C ALA D 1000 -43.95 -48.55 -36.32
N CYS D 1001 -44.40 -48.26 -35.09
CA CYS D 1001 -45.42 -49.10 -34.45
C CYS D 1001 -46.75 -49.05 -35.21
N THR D 1002 -47.10 -47.90 -35.77
CA THR D 1002 -48.33 -47.79 -36.55
C THR D 1002 -48.29 -48.73 -37.75
N LYS D 1003 -47.19 -48.73 -38.49
CA LYS D 1003 -47.06 -49.65 -39.62
C LYS D 1003 -47.03 -51.10 -39.15
N TYR D 1004 -46.35 -51.36 -38.02
CA TYR D 1004 -46.27 -52.71 -37.50
C TYR D 1004 -47.66 -53.26 -37.18
N LEU D 1005 -48.51 -52.44 -36.56
CA LEU D 1005 -49.83 -52.91 -36.17
C LEU D 1005 -50.82 -52.85 -37.32
N SER D 1006 -50.60 -51.96 -38.29
CA SER D 1006 -51.45 -51.93 -39.48
C SER D 1006 -51.15 -53.07 -40.43
N SER D 1007 -49.95 -53.66 -40.37
CA SER D 1007 -49.71 -54.90 -41.08
C SER D 1007 -50.57 -56.03 -40.54
N ALA D 1008 -50.96 -55.96 -39.26
CA ALA D 1008 -51.87 -56.95 -38.71
C ALA D 1008 -53.28 -56.76 -39.25
N GLY D 1009 -53.71 -55.52 -39.40
CA GLY D 1009 -55.03 -55.20 -39.90
C GLY D 1009 -55.97 -54.77 -38.80
N ILE D 1010 -57.12 -54.23 -39.23
CA ILE D 1010 -58.15 -53.80 -38.28
C ILE D 1010 -58.82 -54.98 -37.61
N LEU D 1011 -58.65 -56.20 -38.14
CA LEU D 1011 -59.36 -57.35 -37.61
C LEU D 1011 -58.90 -57.68 -36.19
N LEU D 1012 -57.60 -57.61 -35.92
CA LEU D 1012 -57.05 -58.06 -34.66
C LEU D 1012 -56.64 -56.92 -33.72
N LEU D 1013 -56.46 -55.71 -34.25
CA LEU D 1013 -56.07 -54.58 -33.41
C LEU D 1013 -57.06 -54.34 -32.28
N SER D 1014 -58.33 -54.13 -32.64
CA SER D 1014 -59.35 -53.91 -31.62
C SER D 1014 -59.59 -55.16 -30.78
N LEU D 1015 -59.56 -56.33 -31.42
CA LEU D 1015 -59.73 -57.58 -30.70
C LEU D 1015 -58.69 -57.73 -29.60
N LEU D 1016 -57.50 -57.17 -29.79
CA LEU D 1016 -56.48 -57.18 -28.75
C LEU D 1016 -56.74 -56.08 -27.72
N VAL D 1017 -56.95 -54.84 -28.18
CA VAL D 1017 -56.96 -53.70 -27.27
C VAL D 1017 -58.17 -53.77 -26.33
N PHE D 1018 -59.36 -54.00 -26.89
CA PHE D 1018 -60.55 -54.04 -26.04
C PHE D 1018 -60.52 -55.25 -25.11
N SER D 1019 -59.98 -56.37 -25.56
CA SER D 1019 -59.87 -57.53 -24.67
C SER D 1019 -58.93 -57.24 -23.51
N GLN D 1020 -57.82 -56.53 -23.76
CA GLN D 1020 -56.93 -56.15 -22.66
C GLN D 1020 -57.64 -55.21 -21.69
N LEU D 1021 -58.32 -54.19 -22.22
CA LEU D 1021 -59.06 -53.28 -21.36
C LEU D 1021 -60.06 -54.02 -20.50
N LEU D 1022 -60.77 -54.98 -21.09
CA LEU D 1022 -61.80 -55.71 -20.35
C LEU D 1022 -61.18 -56.64 -19.30
N LYS D 1023 -60.03 -57.25 -19.62
CA LYS D 1023 -59.37 -58.09 -18.62
C LYS D 1023 -58.94 -57.27 -17.42
N HIS D 1024 -58.37 -56.09 -17.66
CA HIS D 1024 -57.96 -55.26 -16.53
C HIS D 1024 -59.16 -54.74 -15.75
N MET D 1025 -60.26 -54.42 -16.45
CA MET D 1025 -61.47 -54.00 -15.76
C MET D 1025 -62.02 -55.11 -14.88
N VAL D 1026 -61.95 -56.36 -15.34
CA VAL D 1026 -62.40 -57.47 -14.51
C VAL D 1026 -61.46 -57.65 -13.32
N LEU D 1027 -60.15 -57.51 -13.54
CA LEU D 1027 -59.18 -57.69 -12.47
C LEU D 1027 -59.33 -56.63 -11.38
N VAL D 1028 -59.82 -55.43 -11.73
CA VAL D 1028 -60.08 -54.45 -10.67
C VAL D 1028 -61.46 -54.67 -10.07
N ALA D 1029 -62.46 -55.03 -10.89
CA ALA D 1029 -63.83 -55.17 -10.39
C ALA D 1029 -63.96 -56.32 -9.41
N ILE D 1030 -63.17 -57.38 -9.56
CA ILE D 1030 -63.24 -58.49 -8.61
C ILE D 1030 -62.89 -57.99 -7.21
N ASP D 1031 -61.82 -57.19 -7.09
CA ASP D 1031 -61.46 -56.63 -5.80
C ASP D 1031 -62.44 -55.58 -5.33
N TYR D 1032 -62.99 -54.79 -6.26
CA TYR D 1032 -64.01 -53.82 -5.89
C TYR D 1032 -65.22 -54.49 -5.25
N TRP D 1033 -65.64 -55.64 -5.80
CA TRP D 1033 -66.75 -56.38 -5.22
C TRP D 1033 -66.34 -57.09 -3.94
N LEU D 1034 -65.08 -57.53 -3.84
CA LEU D 1034 -64.61 -58.11 -2.59
C LEU D 1034 -64.65 -57.09 -1.46
N ALA D 1035 -64.40 -55.83 -1.78
CA ALA D 1035 -64.49 -54.77 -0.77
C ALA D 1035 -65.86 -54.73 -0.12
N LYS D 1036 -66.92 -54.84 -0.92
CA LYS D 1036 -68.27 -54.90 -0.35
C LYS D 1036 -68.55 -56.27 0.27
N TRP D 1037 -67.90 -57.32 -0.23
CA TRP D 1037 -68.01 -58.64 0.37
C TRP D 1037 -67.60 -58.60 1.83
N THR D 1038 -66.54 -57.85 2.15
CA THR D 1038 -65.90 -57.94 3.46
C THR D 1038 -66.90 -57.68 4.59
N ASP D 1039 -67.44 -56.47 4.65
CA ASP D 1039 -68.26 -56.07 5.79
C ASP D 1039 -69.55 -56.89 5.86
N SER D 1040 -69.85 -57.41 7.04
CA SER D 1040 -71.05 -58.21 7.24
C SER D 1040 -71.46 -58.24 8.71
N ASP D 1060 -76.05 -61.71 3.35
CA ASP D 1060 -76.05 -62.45 2.10
C ASP D 1060 -74.63 -62.85 1.71
N GLN D 1061 -73.95 -63.59 2.60
CA GLN D 1061 -72.56 -63.96 2.35
C GLN D 1061 -72.45 -64.97 1.22
N SER D 1062 -73.43 -65.87 1.09
CA SER D 1062 -73.38 -66.90 0.07
C SER D 1062 -73.48 -66.31 -1.33
N VAL D 1063 -74.44 -65.40 -1.54
CA VAL D 1063 -74.57 -64.72 -2.82
C VAL D 1063 -73.31 -63.93 -3.13
N TYR D 1064 -72.73 -63.30 -2.12
CA TYR D 1064 -71.47 -62.58 -2.28
C TYR D 1064 -70.38 -63.49 -2.81
N ALA D 1065 -70.21 -64.66 -2.19
CA ALA D 1065 -69.17 -65.59 -2.62
C ALA D 1065 -69.43 -66.11 -4.02
N MET D 1066 -70.71 -66.33 -4.36
CA MET D 1066 -71.03 -66.78 -5.72
C MET D 1066 -70.67 -65.72 -6.76
N VAL D 1067 -70.93 -64.45 -6.46
CA VAL D 1067 -70.54 -63.38 -7.38
C VAL D 1067 -69.03 -63.34 -7.51
N PHE D 1068 -68.33 -63.52 -6.39
CA PHE D 1068 -66.87 -63.59 -6.44
C PHE D 1068 -66.39 -64.70 -7.36
N THR D 1069 -67.03 -65.86 -7.31
CA THR D 1069 -66.67 -66.98 -8.18
C THR D 1069 -66.89 -66.63 -9.65
N LEU D 1070 -68.02 -65.98 -9.95
CA LEU D 1070 -68.30 -65.57 -11.33
C LEU D 1070 -67.22 -64.65 -11.85
N LEU D 1071 -66.84 -63.65 -11.05
CA LEU D 1071 -65.78 -62.74 -11.49
C LEU D 1071 -64.46 -63.49 -11.72
N CYS D 1072 -64.12 -64.41 -10.80
CA CYS D 1072 -62.88 -65.18 -10.93
C CYS D 1072 -62.85 -65.98 -12.23
N SER D 1073 -64.00 -66.54 -12.63
CA SER D 1073 -64.04 -67.29 -13.89
C SER D 1073 -63.88 -66.37 -15.10
N LEU D 1074 -64.60 -65.24 -15.09
CA LEU D 1074 -64.48 -64.28 -16.19
C LEU D 1074 -63.03 -63.86 -16.40
N GLY D 1075 -62.31 -63.63 -15.30
CA GLY D 1075 -60.93 -63.18 -15.41
C GLY D 1075 -60.06 -64.14 -16.20
N ILE D 1076 -60.10 -65.43 -15.84
CA ILE D 1076 -59.21 -66.39 -16.46
C ILE D 1076 -59.59 -66.63 -17.91
N VAL D 1077 -60.90 -66.68 -18.21
CA VAL D 1077 -61.31 -66.86 -19.61
C VAL D 1077 -60.79 -65.72 -20.47
N LEU D 1078 -60.96 -64.49 -19.98
CA LEU D 1078 -60.53 -63.33 -20.76
C LEU D 1078 -59.02 -63.30 -20.93
N CYS D 1079 -58.28 -63.73 -19.90
CA CYS D 1079 -56.82 -63.76 -20.00
C CYS D 1079 -56.36 -64.73 -21.08
N LEU D 1080 -56.95 -65.93 -21.10
CA LEU D 1080 -56.60 -66.88 -22.16
C LEU D 1080 -56.90 -66.30 -23.54
N VAL D 1081 -58.06 -65.64 -23.68
CA VAL D 1081 -58.42 -65.05 -24.98
C VAL D 1081 -57.36 -64.03 -25.41
N THR D 1082 -56.97 -63.15 -24.48
CA THR D 1082 -55.99 -62.10 -24.82
C THR D 1082 -54.66 -62.70 -25.25
N SER D 1083 -54.21 -63.73 -24.52
CA SER D 1083 -52.92 -64.33 -24.85
C SER D 1083 -52.94 -64.96 -26.24
N VAL D 1084 -53.99 -65.71 -26.55
CA VAL D 1084 -54.10 -66.32 -27.88
C VAL D 1084 -54.14 -65.24 -28.96
N THR D 1085 -54.82 -64.11 -28.67
CA THR D 1085 -54.88 -63.02 -29.64
C THR D 1085 -53.49 -62.48 -29.93
N VAL D 1086 -52.71 -62.19 -28.89
CA VAL D 1086 -51.36 -61.67 -29.10
C VAL D 1086 -50.52 -62.63 -29.92
N GLU D 1087 -50.60 -63.93 -29.60
CA GLU D 1087 -49.84 -64.93 -30.35
C GLU D 1087 -50.19 -64.90 -31.84
N TRP D 1088 -51.49 -65.06 -32.14
CA TRP D 1088 -51.91 -65.15 -33.54
C TRP D 1088 -51.53 -63.89 -34.31
N THR D 1089 -51.72 -62.73 -33.69
CA THR D 1089 -51.40 -61.46 -34.36
C THR D 1089 -49.91 -61.35 -34.65
N GLY D 1090 -49.07 -61.66 -33.66
CA GLY D 1090 -47.64 -61.58 -33.88
C GLY D 1090 -47.18 -62.48 -35.02
N LEU D 1091 -47.70 -63.71 -35.06
CA LEU D 1091 -47.29 -64.63 -36.12
C LEU D 1091 -47.71 -64.13 -37.49
N LYS D 1092 -48.96 -63.65 -37.61
CA LYS D 1092 -49.40 -63.12 -38.90
C LYS D 1092 -48.56 -61.93 -39.34
N VAL D 1093 -48.22 -61.04 -38.41
CA VAL D 1093 -47.42 -59.87 -38.75
C VAL D 1093 -46.04 -60.28 -39.23
N ALA D 1094 -45.41 -61.24 -38.55
CA ALA D 1094 -44.11 -61.72 -38.98
C ALA D 1094 -44.18 -62.28 -40.39
N LYS D 1095 -45.18 -63.12 -40.66
CA LYS D 1095 -45.37 -63.67 -42.00
C LYS D 1095 -45.43 -62.58 -43.05
N ARG D 1096 -46.37 -61.65 -42.89
CA ARG D 1096 -46.59 -60.63 -43.92
C ARG D 1096 -45.37 -59.76 -44.10
N LEU D 1097 -44.70 -59.41 -42.99
CA LEU D 1097 -43.53 -58.54 -43.09
C LEU D 1097 -42.40 -59.23 -43.85
N HIS D 1098 -42.16 -60.51 -43.55
CA HIS D 1098 -41.11 -61.22 -44.27
C HIS D 1098 -41.42 -61.33 -45.76
N ARG D 1099 -42.67 -61.67 -46.09
CA ARG D 1099 -43.02 -61.82 -47.50
C ARG D 1099 -42.87 -60.50 -48.24
N SER D 1100 -43.34 -59.40 -47.64
CA SER D 1100 -43.23 -58.09 -48.28
C SER D 1100 -41.78 -57.68 -48.44
N LEU D 1101 -40.93 -57.95 -47.44
CA LEU D 1101 -39.53 -57.61 -47.55
C LEU D 1101 -38.87 -58.36 -48.69
N LEU D 1102 -39.14 -59.67 -48.80
CA LEU D 1102 -38.58 -60.46 -49.89
C LEU D 1102 -39.03 -59.91 -51.25
N ASN D 1103 -40.33 -59.66 -51.39
CA ASN D 1103 -40.84 -59.18 -52.68
C ASN D 1103 -40.24 -57.83 -53.05
N ARG D 1104 -40.11 -56.92 -52.08
CA ARG D 1104 -39.56 -55.60 -52.40
C ARG D 1104 -38.07 -55.68 -52.69
N ILE D 1105 -37.36 -56.63 -52.10
CA ILE D 1105 -35.93 -56.77 -52.42
C ILE D 1105 -35.76 -57.42 -53.80
N ILE D 1106 -36.73 -58.21 -54.24
CA ILE D 1106 -36.58 -58.89 -55.52
C ILE D 1106 -36.56 -57.90 -56.68
N LEU D 1107 -37.42 -56.88 -56.66
CA LEU D 1107 -37.63 -55.99 -57.79
C LEU D 1107 -36.67 -54.80 -57.80
N ALA D 1108 -35.48 -54.93 -57.20
CA ALA D 1108 -34.58 -53.80 -57.15
C ALA D 1108 -33.64 -53.80 -58.36
N PRO D 1109 -33.16 -52.62 -58.77
CA PRO D 1109 -32.21 -52.57 -59.89
C PRO D 1109 -30.85 -53.13 -59.48
N MET D 1110 -30.07 -53.48 -60.50
CA MET D 1110 -28.77 -54.10 -60.27
C MET D 1110 -27.80 -53.12 -59.60
N ARG D 1111 -27.80 -51.86 -60.04
CA ARG D 1111 -26.87 -50.88 -59.48
C ARG D 1111 -27.14 -50.65 -58.01
N PHE D 1112 -28.40 -50.80 -57.57
CA PHE D 1112 -28.70 -50.73 -56.15
C PHE D 1112 -28.00 -51.85 -55.38
N PHE D 1113 -28.10 -53.08 -55.89
CA PHE D 1113 -27.45 -54.21 -55.23
C PHE D 1113 -25.94 -54.04 -55.21
N GLU D 1114 -25.37 -53.50 -56.29
CA GLU D 1114 -23.92 -53.29 -56.32
C GLU D 1114 -23.48 -52.16 -55.40
N THR D 1115 -24.34 -51.17 -55.18
CA THR D 1115 -23.97 -50.02 -54.36
C THR D 1115 -23.96 -50.38 -52.88
N THR D 1116 -25.01 -51.05 -52.40
CA THR D 1116 -25.14 -51.35 -50.98
C THR D 1116 -24.29 -52.55 -50.62
N PRO D 1117 -23.51 -52.49 -49.53
CA PRO D 1117 -22.75 -53.66 -49.09
C PRO D 1117 -23.67 -54.83 -48.78
N LEU D 1118 -23.08 -56.03 -48.80
CA LEU D 1118 -23.87 -57.23 -48.56
C LEU D 1118 -24.25 -57.37 -47.09
N GLY D 1119 -23.42 -56.86 -46.17
CA GLY D 1119 -23.67 -57.03 -44.76
C GLY D 1119 -25.01 -56.46 -44.33
N SER D 1120 -25.34 -55.26 -44.78
CA SER D 1120 -26.57 -54.62 -44.36
C SER D 1120 -27.80 -55.32 -44.94
N ILE D 1121 -27.77 -55.64 -46.23
CA ILE D 1121 -28.89 -56.33 -46.87
C ILE D 1121 -29.11 -57.70 -46.24
N LEU D 1122 -28.05 -58.46 -46.04
CA LEU D 1122 -28.18 -59.79 -45.42
C LEU D 1122 -28.54 -59.76 -43.95
N ASN D 1123 -27.96 -58.77 -43.26
CA ASN D 1123 -28.12 -58.65 -41.83
C ASN D 1123 -29.55 -58.41 -41.41
N ARG D 1124 -30.31 -57.63 -42.15
CA ARG D 1124 -31.69 -57.38 -41.72
C ARG D 1124 -32.45 -58.71 -41.64
N PHE D 1125 -32.36 -59.52 -42.69
CA PHE D 1125 -33.03 -60.80 -42.69
C PHE D 1125 -32.48 -61.74 -41.63
N SER D 1126 -31.17 -61.72 -41.44
CA SER D 1126 -30.55 -62.57 -40.44
C SER D 1126 -30.97 -62.28 -39.02
N SER D 1127 -31.10 -61.01 -38.67
CA SER D 1127 -31.43 -60.67 -37.29
C SER D 1127 -32.77 -60.01 -37.13
N ASP D 1128 -32.92 -58.82 -37.69
CA ASP D 1128 -34.19 -58.13 -37.59
C ASP D 1128 -35.37 -59.09 -37.61
N CYS D 1129 -35.38 -60.04 -38.55
CA CYS D 1129 -36.49 -60.96 -38.62
C CYS D 1129 -36.53 -61.86 -37.40
N ASN D 1130 -35.36 -62.39 -37.09
CA ASN D 1130 -35.21 -63.30 -35.97
C ASN D 1130 -35.51 -62.57 -34.66
N THR D 1131 -34.97 -61.38 -34.53
CA THR D 1131 -35.15 -60.63 -33.31
C THR D 1131 -36.61 -60.35 -33.09
N ILE D 1132 -37.29 -59.91 -34.13
CA ILE D 1132 -38.69 -59.58 -33.99
C ILE D 1132 -39.48 -60.80 -33.60
N ASP D 1133 -39.26 -61.91 -34.30
CA ASP D 1133 -40.06 -63.09 -33.99
C ASP D 1133 -39.82 -63.58 -32.57
N GLN D 1134 -38.57 -63.57 -32.13
CA GLN D 1134 -38.26 -64.01 -30.79
C GLN D 1134 -38.74 -63.11 -29.66
N HIS D 1135 -38.62 -61.80 -29.83
CA HIS D 1135 -38.92 -60.91 -28.71
C HIS D 1135 -40.02 -59.86 -28.81
N ILE D 1136 -40.47 -59.52 -30.00
CA ILE D 1136 -41.47 -58.44 -30.06
C ILE D 1136 -42.79 -58.86 -29.42
N PRO D 1137 -43.36 -60.05 -29.69
CA PRO D 1137 -44.68 -60.35 -29.10
C PRO D 1137 -44.67 -60.39 -27.57
N SER D 1138 -43.71 -61.09 -26.97
CA SER D 1138 -43.66 -61.19 -25.51
C SER D 1138 -43.47 -59.83 -24.86
N THR D 1139 -42.52 -59.04 -25.38
CA THR D 1139 -42.26 -57.72 -24.80
C THR D 1139 -43.45 -56.79 -24.99
N LEU D 1140 -44.13 -56.86 -26.14
CA LEU D 1140 -45.32 -56.05 -26.35
C LEU D 1140 -46.42 -56.42 -25.36
N GLU D 1141 -46.65 -57.72 -25.17
CA GLU D 1141 -47.63 -58.18 -24.19
C GLU D 1141 -47.28 -57.69 -22.80
N CYS D 1142 -46.01 -57.78 -22.41
CA CYS D 1142 -45.61 -57.34 -21.08
C CYS D 1142 -45.79 -55.84 -20.91
N LEU D 1143 -45.41 -55.05 -21.91
CA LEU D 1143 -45.60 -53.61 -21.85
C LEU D 1143 -47.07 -53.26 -21.69
N SER D 1144 -47.94 -53.89 -22.48
CA SER D 1144 -49.37 -53.60 -22.39
C SER D 1144 -49.92 -53.96 -21.01
N ARG D 1145 -49.58 -55.16 -20.52
CA ARG D 1145 -50.06 -55.54 -19.20
C ARG D 1145 -49.57 -54.58 -18.13
N SER D 1146 -48.31 -54.16 -18.20
CA SER D 1146 -47.75 -53.28 -17.20
C SER D 1146 -48.45 -51.92 -17.21
N THR D 1147 -48.59 -51.32 -18.40
CA THR D 1147 -49.18 -49.99 -18.46
C THR D 1147 -50.64 -50.01 -18.02
N LEU D 1148 -51.39 -51.06 -18.40
CA LEU D 1148 -52.78 -51.10 -18.01
C LEU D 1148 -52.94 -51.40 -16.52
N LEU D 1149 -52.07 -52.24 -15.96
CA LEU D 1149 -52.11 -52.48 -14.52
C LEU D 1149 -51.79 -51.21 -13.74
N CYS D 1150 -50.84 -50.41 -14.23
CA CYS D 1150 -50.50 -49.17 -13.55
C CYS D 1150 -51.66 -48.18 -13.60
N VAL D 1151 -52.27 -48.02 -14.79
CA VAL D 1151 -53.41 -47.12 -14.90
C VAL D 1151 -54.56 -47.58 -14.00
N SER D 1152 -54.80 -48.89 -13.97
CA SER D 1152 -55.86 -49.43 -13.12
C SER D 1152 -55.58 -49.16 -11.65
N ALA D 1153 -54.33 -49.34 -11.22
CA ALA D 1153 -54.00 -49.09 -9.82
C ALA D 1153 -54.17 -47.63 -9.45
N LEU D 1154 -53.76 -46.72 -10.35
CA LEU D 1154 -53.96 -45.30 -10.10
C LEU D 1154 -55.45 -44.98 -9.97
N THR D 1155 -56.26 -45.53 -10.87
CA THR D 1155 -57.70 -45.30 -10.80
C THR D 1155 -58.30 -45.85 -9.52
N VAL D 1156 -57.80 -46.99 -9.06
CA VAL D 1156 -58.30 -47.58 -7.81
C VAL D 1156 -57.99 -46.66 -6.63
N ILE D 1157 -56.72 -46.28 -6.48
CA ILE D 1157 -56.35 -45.44 -5.35
C ILE D 1157 -56.97 -44.05 -5.46
N SER D 1158 -57.42 -43.66 -6.65
CA SER D 1158 -58.16 -42.41 -6.79
C SER D 1158 -59.61 -42.57 -6.33
N TYR D 1159 -60.28 -43.63 -6.79
CA TYR D 1159 -61.67 -43.86 -6.43
C TYR D 1159 -61.82 -44.10 -4.93
N VAL D 1160 -60.88 -44.84 -4.36
CA VAL D 1160 -60.92 -45.17 -2.94
C VAL D 1160 -60.83 -43.89 -2.13
N THR D 1161 -59.94 -43.00 -2.56
CA THR D 1161 -59.80 -41.71 -1.89
C THR D 1161 -60.07 -40.64 -2.92
N PRO D 1162 -61.12 -39.85 -2.66
CA PRO D 1162 -61.49 -38.76 -3.56
C PRO D 1162 -60.40 -37.70 -3.57
N VAL D 1163 -59.83 -37.48 -2.38
CA VAL D 1163 -58.81 -36.45 -2.17
C VAL D 1163 -57.42 -36.98 -2.50
N PHE D 1164 -57.16 -38.27 -2.21
CA PHE D 1164 -55.87 -38.86 -2.53
C PHE D 1164 -55.52 -38.69 -4.00
N LEU D 1165 -56.53 -38.77 -4.88
CA LEU D 1165 -56.32 -38.51 -6.30
C LEU D 1165 -55.59 -37.20 -6.51
N VAL D 1166 -56.12 -36.12 -5.93
CA VAL D 1166 -55.54 -34.79 -6.16
C VAL D 1166 -54.13 -34.70 -5.61
N ALA D 1167 -53.75 -35.59 -4.70
CA ALA D 1167 -52.39 -35.57 -4.18
C ALA D 1167 -51.43 -36.37 -5.05
N LEU D 1168 -51.93 -37.30 -5.87
CA LEU D 1168 -51.06 -38.20 -6.62
C LEU D 1168 -50.63 -37.63 -7.97
N LEU D 1169 -51.36 -36.66 -8.52
CA LEU D 1169 -51.01 -36.08 -9.81
C LEU D 1169 -49.72 -35.26 -9.74
N PRO D 1170 -49.44 -34.52 -8.65
CA PRO D 1170 -48.11 -33.91 -8.51
C PRO D 1170 -46.97 -34.91 -8.65
N LEU D 1171 -46.98 -35.94 -7.79
CA LEU D 1171 -45.88 -36.91 -7.79
C LEU D 1171 -45.68 -37.54 -9.15
N ALA D 1172 -46.78 -37.92 -9.82
CA ALA D 1172 -46.66 -38.53 -11.15
C ALA D 1172 -45.96 -37.60 -12.12
N VAL D 1173 -46.25 -36.30 -12.05
CA VAL D 1173 -45.57 -35.34 -12.91
C VAL D 1173 -44.07 -35.36 -12.64
N VAL D 1174 -43.69 -35.54 -11.37
CA VAL D 1174 -42.29 -35.74 -11.02
C VAL D 1174 -41.68 -36.84 -11.88
N CYS D 1175 -42.38 -37.98 -11.98
CA CYS D 1175 -41.88 -39.10 -12.77
C CYS D 1175 -41.58 -38.69 -14.21
N TYR D 1176 -42.36 -37.77 -14.77
CA TYR D 1176 -42.07 -37.30 -16.12
C TYR D 1176 -40.64 -36.79 -16.22
N PHE D 1177 -40.24 -35.92 -15.29
CA PHE D 1177 -38.87 -35.43 -15.30
C PHE D 1177 -37.87 -36.56 -15.09
N ILE D 1178 -38.24 -37.58 -14.33
CA ILE D 1178 -37.36 -38.72 -14.14
C ILE D 1178 -37.28 -39.58 -15.40
N GLN D 1179 -38.28 -39.46 -16.28
CA GLN D 1179 -38.27 -40.27 -17.49
C GLN D 1179 -37.24 -39.79 -18.48
N LYS D 1180 -37.37 -38.54 -18.93
CA LYS D 1180 -36.48 -37.97 -19.94
C LYS D 1180 -35.02 -38.23 -19.60
N TYR D 1181 -34.56 -37.64 -18.49
CA TYR D 1181 -33.16 -37.74 -18.10
C TYR D 1181 -32.68 -39.19 -18.08
N PHE D 1182 -33.57 -40.14 -17.84
CA PHE D 1182 -33.15 -41.53 -17.88
C PHE D 1182 -32.86 -41.99 -19.30
N ARG D 1183 -33.87 -41.89 -20.18
CA ARG D 1183 -33.76 -42.52 -21.50
C ARG D 1183 -32.56 -41.98 -22.27
N VAL D 1184 -32.43 -40.66 -22.34
CA VAL D 1184 -31.35 -40.01 -23.10
C VAL D 1184 -29.98 -40.44 -22.61
N ALA D 1185 -29.88 -41.09 -21.46
CA ALA D 1185 -28.65 -41.74 -21.02
C ALA D 1185 -28.70 -43.25 -21.13
N SER D 1186 -29.84 -43.85 -20.75
CA SER D 1186 -29.93 -45.31 -20.72
C SER D 1186 -29.73 -45.90 -22.12
N ARG D 1187 -30.30 -45.26 -23.13
CA ARG D 1187 -29.98 -45.63 -24.50
C ARG D 1187 -28.48 -45.53 -24.75
N ASP D 1188 -27.91 -44.36 -24.45
CA ASP D 1188 -26.52 -44.08 -24.78
C ASP D 1188 -25.59 -45.14 -24.21
N LEU D 1189 -25.53 -45.23 -22.87
CA LEU D 1189 -24.72 -46.27 -22.24
C LEU D 1189 -24.92 -47.63 -22.90
N GLN D 1190 -26.18 -47.96 -23.19
CA GLN D 1190 -26.50 -49.26 -23.82
C GLN D 1190 -25.61 -49.50 -25.03
N GLN D 1191 -25.68 -48.60 -26.00
CA GLN D 1191 -24.91 -48.79 -27.23
C GLN D 1191 -23.41 -48.87 -26.92
N LEU D 1192 -22.93 -48.04 -25.99
CA LEU D 1192 -21.52 -48.10 -25.62
C LEU D 1192 -21.13 -49.51 -25.21
N ASP D 1193 -21.96 -50.16 -24.38
CA ASP D 1193 -21.71 -51.56 -24.02
C ASP D 1193 -21.46 -52.41 -25.25
N ASP D 1194 -22.39 -52.35 -26.21
CA ASP D 1194 -22.25 -53.13 -27.43
C ASP D 1194 -20.88 -52.89 -28.05
N THR D 1195 -20.47 -51.63 -28.15
CA THR D 1195 -19.20 -51.35 -28.80
C THR D 1195 -18.04 -51.99 -28.03
N THR D 1196 -18.04 -51.89 -26.69
CA THR D 1196 -16.91 -52.46 -25.98
C THR D 1196 -16.93 -53.98 -26.00
N GLN D 1197 -18.04 -54.59 -26.44
CA GLN D 1197 -18.07 -56.03 -26.58
C GLN D 1197 -17.52 -56.49 -27.91
N LEU D 1198 -17.49 -55.61 -28.93
CA LEU D 1198 -17.17 -56.10 -30.27
C LEU D 1198 -15.66 -56.29 -30.49
N PRO D 1199 -14.81 -55.27 -30.28
CA PRO D 1199 -13.37 -55.52 -30.48
C PRO D 1199 -12.76 -56.46 -29.47
N LEU D 1200 -13.35 -56.63 -28.29
CA LEU D 1200 -12.79 -57.55 -27.32
C LEU D 1200 -12.76 -58.97 -27.87
N LEU D 1201 -13.95 -59.54 -28.14
CA LEU D 1201 -14.04 -60.89 -28.68
C LEU D 1201 -13.18 -61.07 -29.91
N SER D 1202 -13.32 -60.16 -30.88
CA SER D 1202 -12.50 -60.24 -32.09
C SER D 1202 -11.02 -60.35 -31.73
N HIS D 1203 -10.56 -59.51 -30.80
CA HIS D 1203 -9.17 -59.56 -30.38
C HIS D 1203 -8.77 -60.98 -29.97
N PHE D 1204 -9.59 -61.60 -29.11
CA PHE D 1204 -9.36 -62.98 -28.72
C PHE D 1204 -9.04 -63.85 -29.93
N ALA D 1205 -9.92 -63.81 -30.94
CA ALA D 1205 -9.74 -64.67 -32.11
C ALA D 1205 -8.40 -64.40 -32.80
N GLU D 1206 -8.02 -63.12 -32.91
CA GLU D 1206 -6.75 -62.79 -33.56
C GLU D 1206 -5.58 -63.44 -32.84
N THR D 1207 -5.65 -63.54 -31.51
CA THR D 1207 -4.56 -64.17 -30.78
C THR D 1207 -4.50 -65.66 -31.05
N VAL D 1208 -5.65 -66.29 -31.28
CA VAL D 1208 -5.68 -67.75 -31.38
C VAL D 1208 -5.03 -68.22 -32.69
N GLU D 1209 -5.40 -67.58 -33.80
CA GLU D 1209 -4.88 -68.02 -35.09
C GLU D 1209 -3.38 -67.77 -35.21
N GLY D 1210 -2.96 -66.51 -35.12
CA GLY D 1210 -1.56 -66.17 -35.20
C GLY D 1210 -0.81 -66.37 -33.90
N LEU D 1211 -1.08 -67.49 -33.22
CA LEU D 1211 -0.50 -67.72 -31.91
C LEU D 1211 1.00 -67.94 -32.01
N THR D 1212 1.45 -68.69 -33.03
CA THR D 1212 2.88 -68.96 -33.17
C THR D 1212 3.66 -67.68 -33.43
N THR D 1213 3.13 -66.80 -34.28
CA THR D 1213 3.81 -65.54 -34.55
C THR D 1213 3.93 -64.70 -33.29
N ILE D 1214 2.89 -64.68 -32.46
CA ILE D 1214 2.90 -63.84 -31.27
C ILE D 1214 3.81 -64.41 -30.20
N ARG D 1215 3.83 -65.74 -30.04
CA ARG D 1215 4.79 -66.33 -29.12
C ARG D 1215 6.22 -66.24 -29.63
N ALA D 1216 6.40 -66.12 -30.95
CA ALA D 1216 7.73 -65.97 -31.51
C ALA D 1216 8.28 -64.57 -31.31
N PHE D 1217 7.48 -63.55 -31.65
CA PHE D 1217 7.92 -62.18 -31.46
C PHE D 1217 8.12 -61.82 -29.99
N ARG D 1218 7.72 -62.69 -29.07
CA ARG D 1218 7.75 -62.41 -27.63
C ARG D 1218 6.93 -61.18 -27.28
N TYR D 1219 5.89 -60.90 -28.06
CA TYR D 1219 5.02 -59.74 -27.85
C TYR D 1219 3.87 -60.03 -26.89
N GLU D 1220 4.03 -61.04 -26.01
CA GLU D 1220 2.93 -61.44 -25.15
C GLU D 1220 2.56 -60.35 -24.16
N ALA D 1221 3.55 -59.60 -23.67
CA ALA D 1221 3.30 -58.58 -22.66
C ALA D 1221 2.41 -57.47 -23.20
N ARG D 1222 2.75 -56.93 -24.37
CA ARG D 1222 1.96 -55.85 -24.93
C ARG D 1222 0.54 -56.29 -25.25
N PHE D 1223 0.37 -57.53 -25.71
CA PHE D 1223 -0.97 -58.00 -26.01
C PHE D 1223 -1.79 -58.20 -24.74
N GLN D 1224 -1.16 -58.71 -23.68
CA GLN D 1224 -1.85 -58.82 -22.41
C GLN D 1224 -2.26 -57.45 -21.89
N GLN D 1225 -1.39 -56.45 -22.08
CA GLN D 1225 -1.74 -55.07 -21.74
C GLN D 1225 -2.98 -54.61 -22.52
N LYS D 1226 -3.00 -54.90 -23.82
CA LYS D 1226 -4.15 -54.52 -24.65
C LYS D 1226 -5.42 -55.19 -24.16
N LEU D 1227 -5.33 -56.46 -23.75
CA LEU D 1227 -6.54 -57.16 -23.32
C LEU D 1227 -7.02 -56.66 -21.97
N LEU D 1228 -6.10 -56.31 -21.06
CA LEU D 1228 -6.52 -55.66 -19.82
C LEU D 1228 -7.21 -54.33 -20.11
N GLU D 1229 -6.68 -53.56 -21.06
CA GLU D 1229 -7.32 -52.32 -21.46
C GLU D 1229 -8.73 -52.57 -21.98
N TYR D 1230 -8.89 -53.56 -22.85
CA TYR D 1230 -10.20 -53.83 -23.44
C TYR D 1230 -11.21 -54.32 -22.39
N THR D 1231 -10.78 -55.20 -21.49
CA THR D 1231 -11.71 -55.68 -20.48
C THR D 1231 -12.08 -54.58 -19.49
N ASP D 1232 -11.16 -53.64 -19.24
CA ASP D 1232 -11.52 -52.49 -18.42
C ASP D 1232 -12.54 -51.61 -19.12
N SER D 1233 -12.36 -51.38 -20.43
CA SER D 1233 -13.31 -50.57 -21.18
C SER D 1233 -14.67 -51.25 -21.27
N ASN D 1234 -14.70 -52.58 -21.25
CA ASN D 1234 -15.98 -53.29 -21.20
C ASN D 1234 -16.63 -53.17 -19.83
N ASN D 1235 -15.84 -53.33 -18.76
CA ASN D 1235 -16.40 -53.34 -17.42
C ASN D 1235 -16.92 -51.96 -17.01
N ILE D 1236 -16.22 -50.89 -17.41
CA ILE D 1236 -16.70 -49.56 -17.03
C ILE D 1236 -18.08 -49.31 -17.62
N ALA D 1237 -18.31 -49.75 -18.86
CA ALA D 1237 -19.62 -49.56 -19.49
C ALA D 1237 -20.68 -50.44 -18.83
N SER D 1238 -20.40 -51.74 -18.72
CA SER D 1238 -21.36 -52.64 -18.11
C SER D 1238 -21.61 -52.33 -16.64
N LEU D 1239 -20.78 -51.47 -16.04
CA LEU D 1239 -20.93 -51.06 -14.65
C LEU D 1239 -21.74 -49.77 -14.52
N PHE D 1240 -21.43 -48.78 -15.37
CA PHE D 1240 -22.25 -47.58 -15.38
C PHE D 1240 -23.69 -47.89 -15.76
N LEU D 1241 -23.90 -48.90 -16.62
CA LEU D 1241 -25.26 -49.25 -17.01
C LEU D 1241 -26.06 -49.77 -15.80
N THR D 1242 -25.45 -50.66 -15.01
CA THR D 1242 -26.15 -51.17 -13.84
C THR D 1242 -26.29 -50.09 -12.77
N ALA D 1243 -25.34 -49.17 -12.68
CA ALA D 1243 -25.48 -48.06 -11.75
C ALA D 1243 -26.68 -47.18 -12.12
N ALA D 1244 -26.84 -46.89 -13.41
CA ALA D 1244 -27.97 -46.06 -13.84
C ALA D 1244 -29.30 -46.77 -13.64
N ASN D 1245 -29.34 -48.07 -13.92
CA ASN D 1245 -30.55 -48.83 -13.65
C ASN D 1245 -30.92 -48.80 -12.17
N ARG D 1246 -29.92 -48.96 -11.29
CA ARG D 1246 -30.16 -48.85 -9.86
C ARG D 1246 -30.68 -47.46 -9.49
N TRP D 1247 -30.12 -46.42 -10.11
CA TRP D 1247 -30.57 -45.06 -9.82
C TRP D 1247 -32.06 -44.91 -10.13
N LEU D 1248 -32.44 -45.21 -11.36
CA LEU D 1248 -33.86 -45.10 -11.73
C LEU D 1248 -34.73 -45.95 -10.84
N GLU D 1249 -34.30 -47.18 -10.55
CA GLU D 1249 -35.06 -48.07 -9.68
C GLU D 1249 -35.33 -47.42 -8.33
N VAL D 1250 -34.26 -46.98 -7.65
CA VAL D 1250 -34.40 -46.49 -6.28
C VAL D 1250 -35.28 -45.24 -6.25
N ARG D 1251 -35.12 -44.34 -7.21
CA ARG D 1251 -35.90 -43.11 -7.14
C ARG D 1251 -37.37 -43.37 -7.44
N MET D 1252 -37.67 -44.17 -8.47
CA MET D 1252 -39.05 -44.54 -8.73
C MET D 1252 -39.66 -45.26 -7.53
N GLU D 1253 -38.86 -46.06 -6.83
CA GLU D 1253 -39.38 -46.77 -5.66
C GLU D 1253 -39.66 -45.81 -4.50
N TYR D 1254 -38.78 -44.85 -4.28
CA TYR D 1254 -39.02 -43.84 -3.24
C TYR D 1254 -40.34 -43.12 -3.50
N ILE D 1255 -40.61 -42.80 -4.77
CA ILE D 1255 -41.89 -42.13 -5.07
C ILE D 1255 -43.05 -43.10 -4.89
N GLY D 1256 -42.87 -44.37 -5.27
CA GLY D 1256 -43.91 -45.37 -5.06
C GLY D 1256 -44.21 -45.64 -3.60
N ALA D 1257 -43.28 -45.30 -2.71
CA ALA D 1257 -43.52 -45.39 -1.28
C ALA D 1257 -44.15 -44.11 -0.74
N CYS D 1258 -43.75 -42.95 -1.27
CA CYS D 1258 -44.43 -41.71 -0.93
C CYS D 1258 -45.92 -41.80 -1.23
N VAL D 1259 -46.28 -42.41 -2.37
CA VAL D 1259 -47.69 -42.44 -2.74
C VAL D 1259 -48.50 -43.32 -1.80
N VAL D 1260 -47.94 -44.45 -1.35
CA VAL D 1260 -48.68 -45.29 -0.41
C VAL D 1260 -48.74 -44.64 0.96
N LEU D 1261 -47.68 -43.93 1.37
CA LEU D 1261 -47.75 -43.16 2.61
C LEU D 1261 -48.90 -42.18 2.58
N ILE D 1262 -48.96 -41.35 1.53
CA ILE D 1262 -50.01 -40.33 1.44
C ILE D 1262 -51.39 -40.99 1.34
N ALA D 1263 -51.48 -42.10 0.59
CA ALA D 1263 -52.76 -42.78 0.44
C ALA D 1263 -53.27 -43.30 1.78
N ALA D 1264 -52.40 -43.95 2.56
CA ALA D 1264 -52.81 -44.48 3.86
C ALA D 1264 -53.14 -43.35 4.83
N ALA D 1265 -52.37 -42.26 4.79
CA ALA D 1265 -52.63 -41.14 5.69
C ALA D 1265 -53.97 -40.48 5.38
N THR D 1266 -54.35 -40.41 4.11
CA THR D 1266 -55.68 -39.89 3.78
C THR D 1266 -56.78 -40.90 4.08
N SER D 1267 -56.50 -42.20 3.92
CA SER D 1267 -57.52 -43.21 4.11
C SER D 1267 -57.89 -43.36 5.58
N ILE D 1268 -56.90 -43.29 6.47
CA ILE D 1268 -57.18 -43.50 7.89
C ILE D 1268 -58.12 -42.42 8.43
N SER D 1269 -58.02 -41.20 7.90
CA SER D 1269 -58.84 -40.10 8.41
C SER D 1269 -60.13 -39.96 7.62
N ASN D 1270 -60.02 -39.81 6.30
CA ASN D 1270 -61.20 -39.50 5.48
C ASN D 1270 -62.19 -40.66 5.49
N SER D 1271 -61.70 -41.89 5.34
CA SER D 1271 -62.58 -43.04 5.20
C SER D 1271 -63.03 -43.62 6.54
N LEU D 1272 -62.51 -43.13 7.66
CA LEU D 1272 -62.92 -43.59 8.97
C LEU D 1272 -63.63 -42.52 9.79
N HIS D 1273 -63.01 -41.35 9.94
CA HIS D 1273 -63.60 -40.29 10.76
C HIS D 1273 -64.91 -39.79 10.16
N ARG D 1274 -64.82 -39.23 8.96
CA ARG D 1274 -66.00 -38.64 8.31
C ARG D 1274 -66.67 -39.51 7.27
N GLU D 1275 -65.85 -40.15 6.45
CA GLU D 1275 -66.36 -41.04 5.40
C GLU D 1275 -67.11 -42.22 6.00
N LEU D 1276 -66.56 -42.74 7.10
CA LEU D 1276 -67.09 -43.90 7.85
C LEU D 1276 -67.24 -45.15 7.00
N SER D 1277 -66.29 -45.35 6.10
CA SER D 1277 -66.25 -46.49 5.22
C SER D 1277 -64.93 -47.21 5.43
N ALA D 1278 -65.03 -48.51 5.68
CA ALA D 1278 -63.85 -49.34 5.89
C ALA D 1278 -63.45 -50.16 4.67
N GLY D 1279 -64.40 -50.48 3.78
CA GLY D 1279 -64.07 -51.23 2.60
C GLY D 1279 -63.17 -50.47 1.64
N LEU D 1280 -63.03 -49.17 1.81
CA LEU D 1280 -62.22 -48.35 0.92
C LEU D 1280 -60.73 -48.54 1.20
N VAL D 1281 -60.31 -48.32 2.44
CA VAL D 1281 -58.89 -48.29 2.78
C VAL D 1281 -58.19 -49.57 2.37
N GLY D 1282 -58.90 -50.70 2.38
CA GLY D 1282 -58.31 -51.96 1.98
C GLY D 1282 -57.78 -51.94 0.57
N LEU D 1283 -58.64 -51.60 -0.39
CA LEU D 1283 -58.24 -51.55 -1.78
C LEU D 1283 -57.10 -50.55 -1.99
N GLY D 1284 -57.23 -49.36 -1.42
CA GLY D 1284 -56.21 -48.34 -1.60
C GLY D 1284 -54.85 -48.79 -1.08
N LEU D 1285 -54.81 -49.29 0.14
CA LEU D 1285 -53.55 -49.76 0.71
C LEU D 1285 -52.97 -50.91 -0.09
N THR D 1286 -53.82 -51.88 -0.46
CA THR D 1286 -53.31 -53.06 -1.17
C THR D 1286 -52.76 -52.70 -2.55
N TYR D 1287 -53.35 -51.71 -3.22
CA TYR D 1287 -52.84 -51.34 -4.54
C TYR D 1287 -51.65 -50.39 -4.44
N ALA D 1288 -51.61 -49.53 -3.42
CA ALA D 1288 -50.48 -48.61 -3.26
C ALA D 1288 -49.26 -49.30 -2.69
N LEU D 1289 -49.42 -50.44 -2.01
CA LEU D 1289 -48.27 -51.21 -1.57
C LEU D 1289 -47.50 -51.82 -2.73
N MET D 1290 -48.13 -51.93 -3.90
CA MET D 1290 -47.54 -52.64 -5.03
C MET D 1290 -47.44 -51.82 -6.31
N VAL D 1291 -48.03 -50.62 -6.36
CA VAL D 1291 -48.00 -49.81 -7.59
C VAL D 1291 -46.57 -49.60 -8.10
N SER D 1292 -45.58 -49.60 -7.21
CA SER D 1292 -44.23 -49.27 -7.62
C SER D 1292 -43.63 -50.33 -8.54
N ASN D 1293 -43.89 -51.61 -8.24
CA ASN D 1293 -43.35 -52.67 -9.07
C ASN D 1293 -43.96 -52.66 -10.47
N TYR D 1294 -45.26 -52.37 -10.56
CA TYR D 1294 -45.90 -52.21 -11.85
C TYR D 1294 -45.31 -51.02 -12.61
N LEU D 1295 -45.03 -49.92 -11.89
CA LEU D 1295 -44.37 -48.78 -12.52
C LEU D 1295 -43.02 -49.17 -13.11
N ASN D 1296 -42.23 -49.94 -12.36
CA ASN D 1296 -40.90 -50.31 -12.84
C ASN D 1296 -40.97 -51.24 -14.04
N TRP D 1297 -41.85 -52.25 -13.97
CA TRP D 1297 -42.11 -53.08 -15.15
C TRP D 1297 -42.44 -52.21 -16.36
N MET D 1298 -43.34 -51.24 -16.17
CA MET D 1298 -43.73 -50.35 -17.25
C MET D 1298 -42.51 -49.66 -17.87
N VAL D 1299 -41.70 -49.00 -17.05
CA VAL D 1299 -40.65 -48.17 -17.63
C VAL D 1299 -39.58 -49.03 -18.31
N ARG D 1300 -39.21 -50.15 -17.70
CA ARG D 1300 -38.17 -50.99 -18.30
C ARG D 1300 -38.65 -51.60 -19.61
N ASN D 1301 -39.87 -52.16 -19.61
CA ASN D 1301 -40.41 -52.71 -20.85
C ASN D 1301 -40.57 -51.64 -21.91
N LEU D 1302 -40.85 -50.40 -21.51
CA LEU D 1302 -40.94 -49.31 -22.48
C LEU D 1302 -39.59 -49.07 -23.16
N ALA D 1303 -38.51 -49.04 -22.37
CA ALA D 1303 -37.18 -48.87 -22.95
C ALA D 1303 -36.86 -49.99 -23.94
N ASP D 1304 -37.14 -51.24 -23.54
CA ASP D 1304 -36.87 -52.37 -24.43
C ASP D 1304 -37.71 -52.29 -25.70
N MET D 1305 -38.99 -51.96 -25.57
CA MET D 1305 -39.85 -51.85 -26.75
C MET D 1305 -39.35 -50.76 -27.69
N GLU D 1306 -38.82 -49.67 -27.13
CA GLU D 1306 -38.31 -48.60 -27.97
C GLU D 1306 -37.08 -49.05 -28.76
N ILE D 1307 -36.14 -49.75 -28.11
CA ILE D 1307 -34.95 -50.19 -28.86
C ILE D 1307 -35.35 -51.22 -29.92
N GLN D 1308 -36.33 -52.08 -29.62
CA GLN D 1308 -36.74 -53.07 -30.60
C GLN D 1308 -37.49 -52.44 -31.77
N LEU D 1309 -38.29 -51.40 -31.50
CA LEU D 1309 -38.97 -50.69 -32.59
C LEU D 1309 -37.98 -49.93 -33.45
N GLY D 1310 -36.94 -49.36 -32.83
CA GLY D 1310 -35.86 -48.76 -33.62
C GLY D 1310 -35.14 -49.77 -34.48
N ALA D 1311 -35.02 -51.01 -33.99
CA ALA D 1311 -34.48 -52.08 -34.83
C ALA D 1311 -35.42 -52.40 -35.99
N VAL D 1312 -36.73 -52.36 -35.74
CA VAL D 1312 -37.70 -52.68 -36.78
C VAL D 1312 -37.70 -51.63 -37.88
N LYS D 1313 -37.53 -50.36 -37.52
CA LYS D 1313 -37.64 -49.28 -38.50
C LYS D 1313 -36.75 -49.48 -39.72
N ARG D 1314 -35.59 -50.13 -39.56
CA ARG D 1314 -34.72 -50.34 -40.71
C ARG D 1314 -35.31 -51.32 -41.71
N ILE D 1315 -36.20 -52.21 -41.27
CA ILE D 1315 -36.89 -53.08 -42.21
C ILE D 1315 -37.75 -52.25 -43.17
N HIS D 1316 -38.49 -51.27 -42.62
CA HIS D 1316 -39.26 -50.38 -43.49
C HIS D 1316 -38.35 -49.51 -44.34
N ALA D 1317 -37.20 -49.10 -43.78
CA ALA D 1317 -36.23 -48.37 -44.58
C ALA D 1317 -35.79 -49.18 -45.80
N LEU D 1318 -35.66 -50.50 -45.64
CA LEU D 1318 -35.38 -51.39 -46.76
C LEU D 1318 -36.61 -51.63 -47.63
N LEU D 1319 -37.82 -51.45 -47.08
CA LEU D 1319 -39.03 -51.76 -47.84
C LEU D 1319 -39.25 -50.78 -48.99
N LYS D 1320 -38.76 -49.55 -48.88
CA LYS D 1320 -39.04 -48.51 -49.86
C LYS D 1320 -37.96 -48.41 -50.94
N THR D 1321 -37.32 -49.52 -51.28
CA THR D 1321 -36.29 -49.51 -52.32
C THR D 1321 -36.90 -49.76 -53.70
N PRO D 1332 -48.41 -53.95 -74.75
CA PRO D 1332 -47.90 -55.24 -75.26
C PRO D 1332 -48.20 -55.47 -76.73
N SER D 1333 -47.49 -54.75 -77.61
CA SER D 1333 -47.59 -54.93 -79.05
C SER D 1333 -46.45 -55.77 -79.61
N LEU D 1334 -45.25 -55.63 -79.05
CA LEU D 1334 -44.11 -56.43 -79.44
C LEU D 1334 -43.97 -57.69 -78.61
N ILE D 1335 -44.67 -57.76 -77.47
CA ILE D 1335 -44.70 -58.99 -76.69
C ILE D 1335 -45.35 -60.14 -77.44
N PRO D 1336 -46.54 -60.01 -78.03
CA PRO D 1336 -47.17 -61.16 -78.69
C PRO D 1336 -46.40 -61.68 -79.88
N LYS D 1337 -45.55 -60.87 -80.50
CA LYS D 1337 -44.67 -61.33 -81.56
C LYS D 1337 -43.40 -61.90 -80.93
N ASN D 1338 -43.14 -63.18 -81.18
CA ASN D 1338 -42.01 -63.87 -80.57
C ASN D 1338 -40.73 -63.09 -80.84
N TRP D 1339 -39.81 -63.14 -79.88
CA TRP D 1339 -38.58 -62.38 -80.01
C TRP D 1339 -37.78 -62.90 -81.19
N PRO D 1340 -37.32 -62.03 -82.08
CA PRO D 1340 -36.69 -62.50 -83.32
C PRO D 1340 -35.29 -63.05 -83.08
N ASP D 1341 -34.93 -64.03 -83.90
CA ASP D 1341 -33.57 -64.58 -83.88
C ASP D 1341 -32.57 -63.66 -84.58
N GLN D 1342 -33.04 -62.74 -85.40
CA GLN D 1342 -32.17 -61.77 -86.07
C GLN D 1342 -31.54 -60.86 -85.02
N GLY D 1343 -30.24 -61.04 -84.78
CA GLY D 1343 -29.55 -60.30 -83.75
C GLY D 1343 -29.06 -58.93 -84.17
N LYS D 1344 -29.59 -58.42 -85.29
CA LYS D 1344 -29.22 -57.09 -85.75
C LYS D 1344 -29.70 -56.04 -84.75
N ILE D 1345 -28.76 -55.26 -84.21
CA ILE D 1345 -29.08 -54.24 -83.23
C ILE D 1345 -28.38 -52.95 -83.64
N GLN D 1346 -28.77 -51.85 -83.01
CA GLN D 1346 -28.14 -50.56 -83.27
C GLN D 1346 -28.36 -49.65 -82.08
N ILE D 1347 -27.27 -49.15 -81.51
CA ILE D 1347 -27.32 -48.22 -80.39
C ILE D 1347 -26.80 -46.89 -80.88
N GLN D 1348 -27.70 -45.92 -81.01
CA GLN D 1348 -27.42 -44.64 -81.67
C GLN D 1348 -27.26 -43.55 -80.62
N ASN D 1349 -26.07 -42.94 -80.58
CA ASN D 1349 -25.75 -41.83 -79.68
C ASN D 1349 -26.10 -42.19 -78.24
N LEU D 1350 -25.41 -43.22 -77.73
CA LEU D 1350 -25.69 -43.74 -76.40
C LEU D 1350 -24.75 -43.10 -75.38
N SER D 1351 -25.29 -42.84 -74.20
CA SER D 1351 -24.51 -42.42 -73.04
C SER D 1351 -25.08 -43.11 -71.81
N VAL D 1352 -24.30 -43.12 -70.73
CA VAL D 1352 -24.72 -43.79 -69.52
C VAL D 1352 -24.02 -43.15 -68.33
N ARG D 1353 -24.75 -43.04 -67.23
CA ARG D 1353 -24.21 -42.55 -65.97
C ARG D 1353 -24.63 -43.50 -64.86
N TYR D 1354 -23.81 -43.59 -63.82
CA TYR D 1354 -24.11 -44.51 -62.71
C TYR D 1354 -25.12 -43.91 -61.75
N ASP D 1355 -24.76 -42.79 -61.11
CA ASP D 1355 -25.63 -42.11 -60.17
C ASP D 1355 -26.27 -40.90 -60.85
N SER D 1356 -27.38 -40.45 -60.27
CA SER D 1356 -28.10 -39.30 -60.80
C SER D 1356 -27.21 -38.06 -60.77
N SER D 1357 -26.95 -37.51 -61.95
CA SER D 1357 -26.14 -36.30 -62.11
C SER D 1357 -24.74 -36.48 -61.54
N LEU D 1358 -24.01 -37.42 -62.14
CA LEU D 1358 -22.59 -37.60 -61.85
C LEU D 1358 -21.79 -37.62 -63.15
N LYS D 1359 -20.52 -37.98 -63.07
CA LYS D 1359 -19.68 -38.01 -64.26
C LYS D 1359 -20.17 -39.08 -65.23
N PRO D 1360 -20.31 -38.77 -66.51
CA PRO D 1360 -20.81 -39.76 -67.46
C PRO D 1360 -19.78 -40.86 -67.71
N VAL D 1361 -20.28 -42.05 -67.99
CA VAL D 1361 -19.43 -43.21 -68.25
C VAL D 1361 -19.11 -43.34 -69.73
N LEU D 1362 -20.12 -43.20 -70.58
CA LEU D 1362 -19.95 -43.22 -72.03
C LEU D 1362 -20.27 -41.84 -72.61
N LYS D 1363 -19.85 -41.64 -73.85
CA LYS D 1363 -20.00 -40.34 -74.50
C LYS D 1363 -20.13 -40.57 -76.00
N HIS D 1364 -21.34 -40.36 -76.52
CA HIS D 1364 -21.62 -40.47 -77.96
C HIS D 1364 -21.25 -41.85 -78.48
N VAL D 1365 -21.95 -42.86 -77.98
CA VAL D 1365 -21.74 -44.24 -78.38
C VAL D 1365 -22.70 -44.57 -79.52
N ASN D 1366 -22.16 -44.81 -80.71
CA ASN D 1366 -22.94 -45.18 -81.88
C ASN D 1366 -22.36 -46.46 -82.47
N ALA D 1367 -23.21 -47.46 -82.65
CA ALA D 1367 -22.75 -48.75 -83.16
C ALA D 1367 -23.92 -49.52 -83.73
N LEU D 1368 -23.62 -50.49 -84.58
CA LEU D 1368 -24.62 -51.37 -85.15
C LEU D 1368 -24.01 -52.75 -85.32
N ILE D 1369 -24.85 -53.78 -85.21
CA ILE D 1369 -24.42 -55.17 -85.23
C ILE D 1369 -25.33 -55.94 -86.18
N SER D 1370 -24.71 -56.66 -87.13
CA SER D 1370 -25.41 -57.41 -88.15
C SER D 1370 -25.92 -58.73 -87.61
N PRO D 1371 -26.93 -59.33 -88.26
CA PRO D 1371 -27.49 -60.59 -87.77
C PRO D 1371 -26.49 -61.74 -87.88
N GLY D 1372 -26.49 -62.58 -86.84
CA GLY D 1372 -25.67 -63.79 -86.85
C GLY D 1372 -24.19 -63.53 -86.96
N GLN D 1373 -23.70 -62.41 -86.44
CA GLN D 1373 -22.30 -62.04 -86.53
C GLN D 1373 -21.72 -61.88 -85.13
N LYS D 1374 -20.60 -62.56 -84.88
CA LYS D 1374 -19.97 -62.50 -83.58
C LYS D 1374 -19.29 -61.14 -83.39
N ILE D 1375 -19.50 -60.53 -82.23
CA ILE D 1375 -19.04 -59.18 -81.94
C ILE D 1375 -18.14 -59.22 -80.71
N GLY D 1376 -16.98 -58.57 -80.79
CA GLY D 1376 -16.08 -58.45 -79.68
C GLY D 1376 -15.97 -56.99 -79.26
N ILE D 1377 -15.62 -56.77 -78.00
CA ILE D 1377 -15.43 -55.42 -77.46
C ILE D 1377 -14.19 -55.45 -76.58
N CYS D 1378 -13.35 -54.44 -76.71
CA CYS D 1378 -12.09 -54.35 -75.99
C CYS D 1378 -12.07 -53.07 -75.16
N GLY D 1379 -10.91 -52.82 -74.53
CA GLY D 1379 -10.74 -51.68 -73.65
C GLY D 1379 -10.04 -52.08 -72.36
N ARG D 1380 -9.41 -51.13 -71.69
CA ARG D 1380 -8.69 -51.43 -70.45
C ARG D 1380 -9.68 -51.49 -69.29
N THR D 1381 -9.15 -51.54 -68.07
CA THR D 1381 -10.00 -51.56 -66.89
C THR D 1381 -10.68 -50.21 -66.71
N GLY D 1382 -11.97 -50.25 -66.36
CA GLY D 1382 -12.74 -49.02 -66.25
C GLY D 1382 -13.04 -48.34 -67.56
N SER D 1383 -12.76 -48.99 -68.69
CA SER D 1383 -13.05 -48.38 -69.99
C SER D 1383 -14.55 -48.26 -70.23
N GLY D 1384 -15.33 -49.20 -69.72
CA GLY D 1384 -16.77 -49.11 -69.82
C GLY D 1384 -17.42 -50.31 -70.47
N LYS D 1385 -16.73 -51.45 -70.52
CA LYS D 1385 -17.30 -52.63 -71.15
C LYS D 1385 -18.31 -53.32 -70.24
N SER D 1386 -17.98 -53.45 -68.95
CA SER D 1386 -18.96 -53.95 -67.99
C SER D 1386 -20.17 -53.01 -67.92
N SER D 1387 -19.91 -51.71 -67.96
CA SER D 1387 -21.00 -50.74 -67.99
C SER D 1387 -21.82 -50.90 -69.27
N PHE D 1388 -21.17 -51.18 -70.39
CA PHE D 1388 -21.91 -51.37 -71.64
C PHE D 1388 -22.79 -52.61 -71.56
N SER D 1389 -22.28 -53.70 -70.97
CA SER D 1389 -23.10 -54.89 -70.81
C SER D 1389 -24.30 -54.61 -69.89
N LEU D 1390 -24.06 -53.96 -68.76
CA LEU D 1390 -25.13 -53.65 -67.83
C LEU D 1390 -26.17 -52.72 -68.46
N ALA D 1391 -25.73 -51.80 -69.32
CA ALA D 1391 -26.67 -50.94 -70.02
C ALA D 1391 -27.42 -51.70 -71.11
N PHE D 1392 -26.77 -52.68 -71.73
CA PHE D 1392 -27.46 -53.55 -72.67
C PHE D 1392 -28.54 -54.35 -71.96
N PHE D 1393 -28.35 -54.64 -70.68
CA PHE D 1393 -29.41 -55.15 -69.82
C PHE D 1393 -30.06 -54.04 -68.98
N ARG D 1394 -29.88 -52.78 -69.39
CA ARG D 1394 -30.41 -51.59 -68.71
C ARG D 1394 -30.33 -51.71 -67.18
N MET D 1395 -29.16 -52.13 -66.71
CA MET D 1395 -28.93 -52.21 -65.27
C MET D 1395 -28.51 -50.89 -64.67
N VAL D 1396 -28.07 -49.94 -65.47
CA VAL D 1396 -27.71 -48.60 -65.01
C VAL D 1396 -28.90 -47.69 -65.26
N ASP D 1397 -29.26 -46.91 -64.25
CA ASP D 1397 -30.51 -46.14 -64.25
C ASP D 1397 -30.32 -44.68 -64.64
N MET D 1398 -29.20 -44.34 -65.27
CA MET D 1398 -28.96 -42.96 -65.72
C MET D 1398 -28.33 -42.96 -67.11
N PHE D 1399 -28.85 -43.78 -68.01
CA PHE D 1399 -28.38 -43.80 -69.39
C PHE D 1399 -29.19 -42.85 -70.25
N GLU D 1400 -28.56 -42.33 -71.29
CA GLU D 1400 -29.20 -41.41 -72.23
C GLU D 1400 -29.05 -41.93 -73.64
N GLY D 1401 -29.83 -41.36 -74.56
CA GLY D 1401 -29.89 -41.88 -75.92
C GLY D 1401 -30.99 -42.96 -76.00
N ARG D 1402 -31.08 -43.66 -77.13
CA ARG D 1402 -32.06 -44.73 -77.29
C ARG D 1402 -31.24 -45.99 -77.62
N ILE D 1403 -31.49 -47.12 -76.95
CA ILE D 1403 -30.76 -48.36 -77.26
C ILE D 1403 -31.74 -49.41 -77.79
N ILE D 1404 -31.46 -50.07 -78.91
CA ILE D 1404 -32.45 -51.03 -79.45
C ILE D 1404 -32.01 -52.44 -79.89
N ILE D 1405 -32.98 -53.35 -79.87
CA ILE D 1405 -32.82 -54.71 -80.35
C ILE D 1405 -34.00 -55.01 -81.27
N ASP D 1406 -33.73 -55.03 -82.58
CA ASP D 1406 -34.75 -55.27 -83.59
C ASP D 1406 -35.86 -54.22 -83.51
N GLY D 1407 -35.46 -52.96 -83.52
CA GLY D 1407 -36.41 -51.86 -83.43
C GLY D 1407 -37.16 -51.79 -82.12
N ILE D 1408 -36.68 -52.46 -81.08
CA ILE D 1408 -37.37 -52.55 -79.80
C ILE D 1408 -36.42 -52.08 -78.70
N ASP D 1409 -36.95 -51.38 -77.72
CA ASP D 1409 -36.16 -50.80 -76.65
C ASP D 1409 -36.91 -50.99 -75.34
N ILE D 1410 -36.50 -50.26 -74.31
CA ILE D 1410 -36.96 -50.49 -72.95
C ILE D 1410 -38.05 -49.50 -72.55
N ALA D 1411 -38.79 -48.96 -73.52
CA ALA D 1411 -39.79 -47.93 -73.22
C ALA D 1411 -41.15 -48.49 -72.84
N LYS D 1412 -41.47 -49.73 -73.22
CA LYS D 1412 -42.80 -50.28 -72.98
C LYS D 1412 -42.78 -51.72 -72.45
N LEU D 1413 -41.62 -52.23 -72.03
CA LEU D 1413 -41.51 -53.61 -71.58
C LEU D 1413 -41.17 -53.69 -70.10
N PRO D 1414 -41.82 -54.55 -69.34
CA PRO D 1414 -41.43 -54.78 -67.95
C PRO D 1414 -40.17 -55.64 -67.87
N LEU D 1415 -39.64 -55.72 -66.65
CA LEU D 1415 -38.35 -56.39 -66.45
C LEU D 1415 -38.41 -57.86 -66.82
N HIS D 1416 -39.55 -58.51 -66.58
CA HIS D 1416 -39.67 -59.95 -66.82
C HIS D 1416 -39.45 -60.28 -68.29
N THR D 1417 -40.06 -59.51 -69.19
CA THR D 1417 -39.82 -59.71 -70.62
C THR D 1417 -38.40 -59.31 -70.99
N LEU D 1418 -37.83 -58.31 -70.31
CA LEU D 1418 -36.48 -57.86 -70.60
C LEU D 1418 -35.43 -58.89 -70.19
N ARG D 1419 -35.78 -59.84 -69.32
CA ARG D 1419 -34.84 -60.87 -68.92
C ARG D 1419 -35.10 -62.22 -69.59
N SER D 1420 -36.23 -62.37 -70.28
CA SER D 1420 -36.49 -63.54 -71.09
C SER D 1420 -36.12 -63.32 -72.55
N ARG D 1421 -35.23 -62.38 -72.83
CA ARG D 1421 -34.87 -62.03 -74.19
C ARG D 1421 -33.37 -62.11 -74.49
N LEU D 1422 -32.51 -62.01 -73.47
CA LEU D 1422 -31.06 -62.06 -73.67
C LEU D 1422 -30.43 -63.01 -72.65
N SER D 1423 -29.28 -63.54 -73.02
CA SER D 1423 -28.47 -64.39 -72.16
C SER D 1423 -27.17 -63.68 -71.79
N ILE D 1424 -26.56 -64.13 -70.70
CA ILE D 1424 -25.38 -63.47 -70.17
C ILE D 1424 -24.65 -64.45 -69.26
N ILE D 1425 -23.32 -64.46 -69.38
CA ILE D 1425 -22.44 -65.22 -68.50
C ILE D 1425 -21.47 -64.24 -67.87
N LEU D 1426 -21.51 -64.13 -66.55
CA LEU D 1426 -20.72 -63.13 -65.84
C LEU D 1426 -19.31 -63.63 -65.55
N GLN D 1427 -18.43 -62.69 -65.24
CA GLN D 1427 -17.06 -63.02 -64.82
C GLN D 1427 -17.04 -63.68 -63.46
N ASP D 1428 -18.08 -63.50 -62.65
CA ASP D 1428 -18.15 -64.06 -61.30
C ASP D 1428 -19.15 -65.21 -61.30
N PRO D 1429 -18.71 -66.45 -61.48
CA PRO D 1429 -19.64 -67.58 -61.50
C PRO D 1429 -19.92 -68.10 -60.10
N VAL D 1430 -21.11 -68.69 -59.96
CA VAL D 1430 -21.51 -69.29 -58.69
C VAL D 1430 -22.42 -70.48 -58.99
N LEU D 1431 -22.43 -71.43 -58.06
CA LEU D 1431 -23.29 -72.61 -58.12
C LEU D 1431 -24.03 -72.68 -56.80
N PHE D 1432 -25.24 -72.12 -56.77
CA PHE D 1432 -26.05 -72.13 -55.57
C PHE D 1432 -26.47 -73.55 -55.22
N SER D 1433 -26.79 -73.74 -53.94
CA SER D 1433 -27.05 -75.08 -53.42
C SER D 1433 -28.28 -75.70 -54.07
N GLY D 1434 -28.37 -77.02 -53.98
CA GLY D 1434 -29.45 -77.78 -54.57
C GLY D 1434 -28.95 -78.93 -55.42
N THR D 1435 -29.73 -79.31 -56.42
CA THR D 1435 -29.35 -80.38 -57.34
C THR D 1435 -28.85 -79.77 -58.63
N ILE D 1436 -28.55 -80.65 -59.60
CA ILE D 1436 -28.14 -80.17 -60.91
C ILE D 1436 -29.34 -79.60 -61.67
N ARG D 1437 -30.53 -80.14 -61.43
CA ARG D 1437 -31.73 -79.58 -62.05
C ARG D 1437 -32.02 -78.17 -61.52
N PHE D 1438 -31.63 -77.89 -60.28
CA PHE D 1438 -31.85 -76.58 -59.69
C PHE D 1438 -30.83 -75.55 -60.15
N ASN D 1439 -29.67 -75.99 -60.65
CA ASN D 1439 -28.66 -75.08 -61.19
C ASN D 1439 -28.81 -74.88 -62.69
N LEU D 1440 -29.14 -75.94 -63.43
CA LEU D 1440 -29.33 -75.81 -64.87
C LEU D 1440 -30.60 -75.03 -65.19
N ASP D 1441 -31.74 -75.48 -64.67
CA ASP D 1441 -33.03 -74.85 -64.90
C ASP D 1441 -33.73 -74.68 -63.57
N PRO D 1442 -33.47 -73.58 -62.85
CA PRO D 1442 -34.13 -73.37 -61.56
C PRO D 1442 -35.63 -73.21 -61.68
N GLU D 1443 -36.07 -72.68 -62.82
CA GLU D 1443 -37.49 -72.55 -63.13
C GLU D 1443 -38.08 -73.97 -63.24
N LYS D 1444 -37.26 -74.89 -63.78
CA LYS D 1444 -37.53 -76.32 -64.00
C LYS D 1444 -38.49 -76.67 -65.14
N LYS D 1445 -38.74 -75.70 -66.01
CA LYS D 1445 -39.62 -75.92 -67.16
C LYS D 1445 -39.04 -76.95 -68.13
N CYS D 1446 -37.73 -76.90 -68.33
CA CYS D 1446 -37.04 -77.81 -69.26
C CYS D 1446 -37.07 -79.28 -68.85
N SER D 1447 -37.28 -80.15 -69.84
CA SER D 1447 -37.32 -81.60 -69.65
C SER D 1447 -35.94 -82.24 -69.51
N ASP D 1448 -35.91 -83.41 -68.88
CA ASP D 1448 -34.66 -84.19 -68.69
C ASP D 1448 -33.73 -84.43 -69.90
N SER D 1449 -34.26 -84.83 -71.06
CA SER D 1449 -33.43 -84.97 -72.24
C SER D 1449 -32.83 -83.64 -72.67
N THR D 1450 -33.56 -82.54 -72.45
CA THR D 1450 -33.02 -81.22 -72.75
C THR D 1450 -31.80 -80.92 -71.90
N LEU D 1451 -31.89 -81.17 -70.59
CA LEU D 1451 -30.75 -80.93 -69.72
C LEU D 1451 -29.60 -81.88 -70.03
N TRP D 1452 -29.91 -83.13 -70.38
CA TRP D 1452 -28.85 -84.07 -70.75
C TRP D 1452 -28.13 -83.63 -72.02
N GLU D 1453 -28.88 -83.13 -73.00
CA GLU D 1453 -28.26 -82.63 -74.22
C GLU D 1453 -27.44 -81.38 -73.95
N ALA D 1454 -27.94 -80.50 -73.09
CA ALA D 1454 -27.18 -79.29 -72.74
C ALA D 1454 -25.89 -79.64 -72.01
N LEU D 1455 -25.90 -80.70 -71.20
CA LEU D 1455 -24.68 -81.13 -70.53
C LEU D 1455 -23.73 -81.82 -71.51
N GLU D 1456 -24.27 -82.59 -72.46
CA GLU D 1456 -23.42 -83.27 -73.44
C GLU D 1456 -22.76 -82.26 -74.38
N ILE D 1457 -23.49 -81.22 -74.78
CA ILE D 1457 -22.91 -80.19 -75.65
C ILE D 1457 -21.89 -79.38 -74.86
N ALA D 1458 -22.17 -79.11 -73.59
CA ALA D 1458 -21.27 -78.33 -72.75
C ALA D 1458 -20.11 -79.15 -72.20
N GLN D 1459 -19.89 -80.36 -72.71
CA GLN D 1459 -18.77 -81.21 -72.29
C GLN D 1459 -18.81 -81.46 -70.78
N LEU D 1460 -19.99 -81.82 -70.29
CA LEU D 1460 -20.19 -82.03 -68.86
C LEU D 1460 -21.00 -83.28 -68.54
N LYS D 1461 -21.43 -84.05 -69.55
CA LYS D 1461 -22.30 -85.19 -69.29
C LYS D 1461 -21.58 -86.32 -68.59
N LEU D 1462 -20.28 -86.52 -68.88
CA LEU D 1462 -19.55 -87.64 -68.32
C LEU D 1462 -19.37 -87.49 -66.81
N VAL D 1463 -18.97 -86.31 -66.36
CA VAL D 1463 -18.80 -86.08 -64.92
C VAL D 1463 -20.16 -86.00 -64.21
N VAL D 1464 -21.23 -85.68 -64.94
CA VAL D 1464 -22.55 -85.66 -64.32
C VAL D 1464 -23.06 -87.08 -64.11
N LYS D 1465 -22.80 -87.98 -65.07
CA LYS D 1465 -23.19 -89.37 -64.91
C LYS D 1465 -22.42 -90.07 -63.80
N ALA D 1466 -21.30 -89.49 -63.34
CA ALA D 1466 -20.47 -90.09 -62.29
C ALA D 1466 -20.84 -89.58 -60.91
N LEU D 1467 -22.10 -89.19 -60.69
CA LEU D 1467 -22.56 -88.68 -59.41
C LEU D 1467 -23.79 -89.47 -58.97
N PRO D 1468 -24.07 -89.53 -57.67
CA PRO D 1468 -25.19 -90.35 -57.19
C PRO D 1468 -26.52 -89.85 -57.74
N GLY D 1469 -27.26 -90.77 -58.36
CA GLY D 1469 -28.58 -90.45 -58.86
C GLY D 1469 -28.57 -89.84 -60.24
N GLY D 1470 -27.66 -88.91 -60.49
CA GLY D 1470 -27.61 -88.23 -61.77
C GLY D 1470 -28.60 -87.08 -61.81
N LEU D 1471 -28.13 -85.89 -62.20
CA LEU D 1471 -28.90 -84.66 -62.21
C LEU D 1471 -29.49 -84.30 -60.86
N ASP D 1472 -29.02 -84.94 -59.78
CA ASP D 1472 -29.60 -84.71 -58.46
C ASP D 1472 -28.54 -84.60 -57.36
N ALA D 1473 -27.28 -84.38 -57.74
CA ALA D 1473 -26.23 -84.24 -56.74
C ALA D 1473 -26.47 -83.02 -55.87
N ILE D 1474 -26.39 -83.21 -54.56
CA ILE D 1474 -26.62 -82.13 -53.61
C ILE D 1474 -25.41 -81.21 -53.59
N ILE D 1475 -25.55 -80.04 -54.23
CA ILE D 1475 -24.45 -79.08 -54.31
C ILE D 1475 -24.56 -78.09 -53.15
N THR D 1476 -23.43 -77.47 -52.81
CA THR D 1476 -23.38 -76.43 -51.81
C THR D 1476 -22.97 -75.11 -52.45
N GLU D 1477 -23.30 -74.01 -51.78
CA GLU D 1477 -22.98 -72.67 -52.30
C GLU D 1477 -21.48 -72.50 -52.46
N GLY D 1478 -21.02 -72.34 -53.70
CA GLY D 1478 -19.60 -72.34 -53.96
C GLY D 1478 -19.00 -73.71 -53.68
N GLY D 1479 -18.24 -73.82 -52.60
CA GLY D 1479 -17.75 -75.10 -52.18
C GLY D 1479 -16.62 -75.63 -53.06
N GLU D 1480 -16.41 -76.94 -52.96
CA GLU D 1480 -15.35 -77.64 -53.69
C GLU D 1480 -15.89 -78.90 -54.33
N ASN D 1481 -17.12 -78.83 -54.86
CA ASN D 1481 -17.75 -79.98 -55.51
C ASN D 1481 -17.47 -80.06 -56.99
N PHE D 1482 -17.04 -78.95 -57.61
CA PHE D 1482 -16.75 -78.93 -59.04
C PHE D 1482 -15.58 -78.00 -59.30
N SER D 1483 -14.96 -78.17 -60.47
CA SER D 1483 -13.83 -77.34 -60.85
C SER D 1483 -14.30 -76.02 -61.47
N GLN D 1484 -13.39 -75.06 -61.53
CA GLN D 1484 -13.71 -73.76 -62.11
C GLN D 1484 -14.17 -73.90 -63.54
N GLY D 1485 -13.48 -74.72 -64.34
CA GLY D 1485 -13.93 -75.00 -65.69
C GLY D 1485 -15.31 -75.63 -65.71
N GLN D 1486 -15.59 -76.51 -64.74
CA GLN D 1486 -16.91 -77.11 -64.67
C GLN D 1486 -17.97 -76.10 -64.23
N ARG D 1487 -17.60 -75.13 -63.39
CA ARG D 1487 -18.53 -74.06 -63.06
C ARG D 1487 -18.86 -73.22 -64.29
N GLN D 1488 -17.84 -72.91 -65.10
CA GLN D 1488 -18.11 -72.20 -66.35
C GLN D 1488 -18.91 -73.06 -67.33
N LEU D 1489 -18.73 -74.38 -67.28
CA LEU D 1489 -19.54 -75.27 -68.10
C LEU D 1489 -20.99 -75.26 -67.65
N PHE D 1490 -21.22 -75.18 -66.34
CA PHE D 1490 -22.59 -75.02 -65.84
C PHE D 1490 -23.18 -73.68 -66.25
N CYS D 1491 -22.36 -72.62 -66.26
CA CYS D 1491 -22.83 -71.33 -66.74
C CYS D 1491 -23.22 -71.40 -68.21
N LEU D 1492 -22.39 -72.09 -69.02
CA LEU D 1492 -22.72 -72.26 -70.42
C LEU D 1492 -23.94 -73.16 -70.61
N ALA D 1493 -24.19 -74.08 -69.69
CA ALA D 1493 -25.41 -74.88 -69.76
C ALA D 1493 -26.64 -74.03 -69.43
N ARG D 1494 -26.51 -73.12 -68.45
CA ARG D 1494 -27.56 -72.12 -68.24
C ARG D 1494 -27.81 -71.34 -69.51
N ALA D 1495 -26.74 -70.92 -70.18
CA ALA D 1495 -26.87 -70.16 -71.42
C ALA D 1495 -27.54 -71.00 -72.51
N PHE D 1496 -27.24 -72.30 -72.54
CA PHE D 1496 -27.87 -73.19 -73.51
C PHE D 1496 -29.37 -73.31 -73.25
N VAL D 1497 -29.75 -73.53 -71.99
CA VAL D 1497 -31.16 -73.74 -71.68
C VAL D 1497 -31.96 -72.44 -71.68
N ARG D 1498 -31.29 -71.30 -71.59
CA ARG D 1498 -31.99 -70.02 -71.59
C ARG D 1498 -32.74 -69.79 -72.90
N LYS D 1499 -32.10 -70.14 -74.01
CA LYS D 1499 -32.65 -70.00 -75.37
C LYS D 1499 -33.04 -68.57 -75.75
N THR D 1500 -32.27 -67.61 -75.26
CA THR D 1500 -32.49 -66.19 -75.53
C THR D 1500 -32.29 -65.85 -77.01
N SER D 1501 -31.29 -66.53 -77.60
CA SER D 1501 -30.78 -66.44 -78.98
C SER D 1501 -29.80 -65.28 -79.20
N ILE D 1502 -29.53 -64.55 -78.12
CA ILE D 1502 -28.58 -63.46 -78.10
C ILE D 1502 -27.69 -63.81 -76.90
N PHE D 1503 -26.38 -63.77 -77.07
CA PHE D 1503 -25.53 -64.14 -75.94
C PHE D 1503 -24.59 -63.01 -75.60
N ILE D 1504 -24.36 -62.81 -74.30
CA ILE D 1504 -23.37 -61.86 -73.80
C ILE D 1504 -22.36 -62.65 -72.97
N MET D 1505 -21.08 -62.51 -73.30
CA MET D 1505 -20.02 -63.24 -72.64
C MET D 1505 -19.11 -62.23 -71.94
N ASP D 1506 -19.39 -62.00 -70.66
CA ASP D 1506 -18.68 -61.00 -69.87
C ASP D 1506 -17.51 -61.67 -69.16
N GLU D 1507 -16.37 -61.74 -69.85
CA GLU D 1507 -15.12 -62.27 -69.30
C GLU D 1507 -15.28 -63.71 -68.79
N ALA D 1508 -15.55 -64.61 -69.73
CA ALA D 1508 -15.55 -66.05 -69.46
C ALA D 1508 -14.15 -66.62 -69.44
N THR D 1509 -13.14 -65.75 -69.36
CA THR D 1509 -11.74 -66.13 -69.43
C THR D 1509 -10.99 -65.96 -68.12
N ALA D 1510 -11.33 -64.94 -67.32
CA ALA D 1510 -10.55 -64.63 -66.12
C ALA D 1510 -10.57 -65.80 -65.14
N SER D 1511 -9.40 -66.04 -64.52
CA SER D 1511 -9.24 -67.07 -63.49
C SER D 1511 -9.56 -68.47 -64.01
N ILE D 1512 -9.14 -68.75 -65.24
CA ILE D 1512 -9.30 -70.07 -65.85
C ILE D 1512 -8.00 -70.43 -66.55
N ASP D 1513 -7.54 -71.67 -66.37
CA ASP D 1513 -6.32 -72.13 -67.01
C ASP D 1513 -6.43 -72.00 -68.53
N MET D 1514 -5.31 -71.63 -69.16
CA MET D 1514 -5.32 -71.44 -70.61
C MET D 1514 -5.60 -72.73 -71.34
N ALA D 1515 -5.04 -73.84 -70.85
CA ALA D 1515 -5.27 -75.14 -71.49
C ALA D 1515 -6.74 -75.53 -71.47
N THR D 1516 -7.48 -75.05 -70.46
CA THR D 1516 -8.93 -75.28 -70.42
C THR D 1516 -9.72 -74.16 -71.05
N GLU D 1517 -9.25 -72.91 -70.94
CA GLU D 1517 -9.97 -71.79 -71.53
C GLU D 1517 -9.97 -71.87 -73.06
N ASN D 1518 -8.88 -72.34 -73.66
CA ASN D 1518 -8.83 -72.44 -75.11
C ASN D 1518 -9.83 -73.46 -75.63
N ILE D 1519 -9.89 -74.64 -75.01
CA ILE D 1519 -10.88 -75.63 -75.45
C ILE D 1519 -12.29 -75.17 -75.09
N LEU D 1520 -12.44 -74.38 -74.03
CA LEU D 1520 -13.74 -73.82 -73.69
C LEU D 1520 -14.22 -72.87 -74.79
N GLN D 1521 -13.34 -71.98 -75.25
CA GLN D 1521 -13.69 -71.08 -76.33
C GLN D 1521 -13.93 -71.84 -77.63
N LYS D 1522 -13.17 -72.91 -77.86
CA LYS D 1522 -13.39 -73.72 -79.06
C LYS D 1522 -14.75 -74.38 -79.03
N VAL D 1523 -15.18 -74.90 -77.87
CA VAL D 1523 -16.49 -75.50 -77.76
C VAL D 1523 -17.58 -74.44 -77.89
N VAL D 1524 -17.37 -73.25 -77.32
CA VAL D 1524 -18.38 -72.20 -77.40
C VAL D 1524 -18.46 -71.63 -78.81
N MET D 1525 -17.40 -71.79 -79.62
CA MET D 1525 -17.46 -71.37 -81.01
C MET D 1525 -18.13 -72.44 -81.88
N THR D 1526 -17.73 -73.70 -81.71
CA THR D 1526 -18.35 -74.78 -82.47
C THR D 1526 -19.82 -74.97 -82.13
N ALA D 1527 -20.23 -74.55 -80.93
CA ALA D 1527 -21.63 -74.64 -80.55
C ALA D 1527 -22.43 -73.41 -80.94
N PHE D 1528 -21.80 -72.24 -80.94
CA PHE D 1528 -22.47 -70.98 -81.30
C PHE D 1528 -22.05 -70.60 -82.72
N ALA D 1529 -22.74 -71.18 -83.70
CA ALA D 1529 -22.65 -70.72 -85.08
C ALA D 1529 -23.67 -69.65 -85.42
N ASP D 1530 -24.76 -69.58 -84.64
CA ASP D 1530 -25.78 -68.56 -84.80
C ASP D 1530 -25.98 -67.90 -83.44
N ARG D 1531 -27.02 -67.07 -83.33
CA ARG D 1531 -27.46 -66.48 -82.07
C ARG D 1531 -26.36 -65.58 -81.49
N THR D 1532 -26.26 -64.41 -82.14
CA THR D 1532 -25.14 -63.48 -82.08
C THR D 1532 -24.59 -63.34 -80.67
N VAL D 1533 -23.28 -63.48 -80.52
CA VAL D 1533 -22.65 -63.37 -79.21
C VAL D 1533 -21.78 -62.12 -79.19
N VAL D 1534 -21.93 -61.33 -78.14
CA VAL D 1534 -21.09 -60.17 -77.87
C VAL D 1534 -20.24 -60.47 -76.65
N THR D 1535 -18.93 -60.41 -76.82
CA THR D 1535 -18.00 -60.82 -75.78
C THR D 1535 -17.16 -59.65 -75.32
N ILE D 1536 -16.59 -59.80 -74.12
CA ILE D 1536 -15.69 -58.81 -73.55
C ILE D 1536 -14.65 -59.52 -72.70
N ALA D 1537 -13.38 -59.21 -72.95
CA ALA D 1537 -12.27 -59.83 -72.23
C ALA D 1537 -11.02 -59.02 -72.50
N HIS D 1538 -9.90 -59.43 -71.88
CA HIS D 1538 -8.60 -58.83 -72.09
C HIS D 1538 -7.62 -59.80 -72.74
N ARG D 1539 -8.12 -60.89 -73.33
CA ARG D 1539 -7.29 -61.85 -74.04
C ARG D 1539 -7.06 -61.38 -75.48
N VAL D 1540 -5.93 -61.80 -76.05
CA VAL D 1540 -5.59 -61.39 -77.41
C VAL D 1540 -6.40 -62.19 -78.43
N HIS D 1541 -6.36 -63.53 -78.34
CA HIS D 1541 -6.97 -64.37 -79.35
C HIS D 1541 -8.50 -64.25 -79.34
N THR D 1542 -9.09 -64.02 -78.17
CA THR D 1542 -10.55 -63.87 -78.10
C THR D 1542 -11.00 -62.64 -78.88
N ILE D 1543 -10.31 -61.52 -78.68
CA ILE D 1543 -10.63 -60.31 -79.45
C ILE D 1543 -10.28 -60.50 -80.92
N LEU D 1544 -9.24 -61.30 -81.20
CA LEU D 1544 -8.82 -61.53 -82.59
C LEU D 1544 -9.86 -62.33 -83.37
N SER D 1545 -10.54 -63.27 -82.72
CA SER D 1545 -11.49 -64.13 -83.41
C SER D 1545 -12.82 -63.44 -83.70
N ALA D 1546 -13.09 -62.28 -83.11
CA ALA D 1546 -14.36 -61.59 -83.31
C ALA D 1546 -14.30 -60.72 -84.56
N ASP D 1547 -15.48 -60.50 -85.15
CA ASP D 1547 -15.55 -59.74 -86.41
C ASP D 1547 -15.58 -58.23 -86.16
N LEU D 1548 -16.63 -57.73 -85.52
CA LEU D 1548 -16.80 -56.30 -85.27
C LEU D 1548 -16.30 -55.99 -83.87
N VAL D 1549 -15.35 -55.07 -83.76
CA VAL D 1549 -14.76 -54.73 -82.47
C VAL D 1549 -14.67 -53.21 -82.34
N MET D 1550 -14.90 -52.70 -81.13
CA MET D 1550 -14.88 -51.27 -80.87
C MET D 1550 -13.92 -50.99 -79.73
N VAL D 1551 -12.86 -50.25 -80.02
CA VAL D 1551 -11.88 -49.88 -79.00
C VAL D 1551 -12.49 -48.80 -78.10
N LEU D 1552 -12.57 -49.10 -76.81
CA LEU D 1552 -13.09 -48.14 -75.84
C LEU D 1552 -12.00 -47.12 -75.54
N LYS D 1553 -12.26 -45.87 -75.90
CA LYS D 1553 -11.31 -44.79 -75.64
C LYS D 1553 -11.46 -44.34 -74.19
N ARG D 1554 -10.88 -43.18 -73.87
CA ARG D 1554 -10.90 -42.71 -72.48
C ARG D 1554 -12.33 -42.49 -71.98
N GLY D 1555 -13.19 -41.89 -72.81
CA GLY D 1555 -14.59 -41.73 -72.43
C GLY D 1555 -15.57 -42.24 -73.47
N ALA D 1556 -15.12 -42.42 -74.70
CA ALA D 1556 -15.97 -42.81 -75.82
C ALA D 1556 -15.45 -44.12 -76.43
N ILE D 1557 -16.05 -44.52 -77.55
CA ILE D 1557 -15.64 -45.72 -78.26
C ILE D 1557 -15.37 -45.36 -79.72
N LEU D 1558 -14.59 -46.22 -80.37
CA LEU D 1558 -14.32 -46.11 -81.80
C LEU D 1558 -14.50 -47.50 -82.40
N GLU D 1559 -15.52 -47.67 -83.24
CA GLU D 1559 -15.89 -48.98 -83.73
C GLU D 1559 -15.22 -49.29 -85.06
N PHE D 1560 -15.04 -50.58 -85.33
CA PHE D 1560 -14.43 -51.06 -86.56
C PHE D 1560 -15.11 -52.36 -86.97
N ASP D 1561 -15.46 -52.44 -88.25
CA ASP D 1561 -16.26 -53.56 -88.75
C ASP D 1561 -15.41 -54.77 -89.09
N LYS D 1562 -14.48 -54.63 -90.04
CA LYS D 1562 -13.72 -55.78 -90.49
C LYS D 1562 -12.53 -56.02 -89.56
N PRO D 1563 -12.35 -57.23 -89.03
CA PRO D 1563 -11.29 -57.43 -88.03
C PRO D 1563 -9.90 -57.41 -88.62
N GLU D 1564 -9.68 -58.03 -89.78
CA GLU D 1564 -8.35 -58.06 -90.38
C GLU D 1564 -7.93 -56.72 -90.95
N THR D 1565 -8.87 -55.78 -91.10
CA THR D 1565 -8.55 -54.46 -91.66
C THR D 1565 -8.09 -53.48 -90.59
N LEU D 1566 -8.72 -53.46 -89.41
CA LEU D 1566 -8.36 -52.52 -88.37
C LEU D 1566 -7.13 -52.94 -87.57
N LEU D 1567 -6.68 -54.19 -87.69
CA LEU D 1567 -5.50 -54.66 -86.99
C LEU D 1567 -4.21 -54.42 -87.76
N SER D 1568 -4.30 -53.82 -88.95
CA SER D 1568 -3.12 -53.39 -89.70
C SER D 1568 -3.27 -51.99 -90.28
N GLN D 1569 -4.45 -51.36 -90.20
CA GLN D 1569 -4.63 -50.02 -90.70
C GLN D 1569 -3.97 -48.99 -89.80
N LYS D 1570 -4.14 -49.13 -88.48
CA LYS D 1570 -3.44 -48.30 -87.51
C LYS D 1570 -1.96 -48.65 -87.43
N ASP D 1571 -1.49 -49.55 -88.29
CA ASP D 1571 -0.10 -50.01 -88.33
C ASP D 1571 0.31 -50.69 -87.03
N SER D 1572 -0.63 -51.42 -86.42
CA SER D 1572 -0.39 -52.18 -85.19
C SER D 1572 0.16 -51.27 -84.08
N VAL D 1573 -0.65 -50.26 -83.73
CA VAL D 1573 -0.31 -49.31 -82.69
C VAL D 1573 -1.35 -49.26 -81.59
N PHE D 1574 -2.64 -49.24 -81.94
CA PHE D 1574 -3.70 -49.06 -80.97
C PHE D 1574 -4.68 -50.23 -80.88
N ALA D 1575 -4.64 -51.19 -81.79
CA ALA D 1575 -5.58 -52.30 -81.79
C ALA D 1575 -4.95 -53.69 -81.80
N SER D 1576 -3.71 -53.83 -82.26
CA SER D 1576 -3.05 -55.13 -82.30
C SER D 1576 -2.12 -55.33 -81.11
N PHE D 1577 -1.16 -54.41 -80.90
CA PHE D 1577 -0.30 -54.50 -79.74
C PHE D 1577 -1.07 -54.29 -78.44
N VAL D 1578 -2.16 -53.53 -78.49
CA VAL D 1578 -3.01 -53.37 -77.32
C VAL D 1578 -3.77 -54.65 -77.02
N ARG D 1579 -4.25 -55.33 -78.06
CA ARG D 1579 -4.95 -56.60 -77.90
C ARG D 1579 -3.99 -57.69 -77.46
N ARG E 32 20.45 -30.55 10.25
CA ARG E 32 21.09 -29.29 10.55
C ARG E 32 20.04 -28.19 10.78
N ALA E 33 20.51 -27.00 11.12
CA ALA E 33 19.61 -25.89 11.47
C ALA E 33 19.05 -25.25 10.21
N ARG E 34 17.76 -24.93 10.24
CA ARG E 34 17.07 -24.27 9.12
C ARG E 34 16.87 -22.79 9.42
N PHE E 35 16.82 -22.00 8.35
CA PHE E 35 16.72 -20.55 8.51
C PHE E 35 15.30 -20.13 8.84
N VAL E 36 14.35 -20.38 7.93
CA VAL E 36 12.94 -20.19 8.19
C VAL E 36 12.19 -21.46 7.82
N SER E 37 11.25 -21.85 8.65
CA SER E 37 10.62 -23.14 8.52
C SER E 37 9.68 -23.17 7.31
N LYS E 38 9.31 -24.39 6.92
CA LYS E 38 8.46 -24.55 5.75
C LYS E 38 7.13 -23.83 5.92
N LYS E 39 6.53 -23.92 7.11
CA LYS E 39 5.23 -23.30 7.34
C LYS E 39 5.25 -21.78 7.15
N GLY E 40 6.43 -21.18 7.03
CA GLY E 40 6.54 -19.75 6.88
C GLY E 40 6.94 -19.01 8.14
N ASN E 41 6.93 -19.69 9.29
CA ASN E 41 7.39 -19.07 10.53
C ASN E 41 8.91 -18.99 10.56
N CYS E 42 9.40 -18.02 11.34
CA CYS E 42 10.84 -17.78 11.43
C CYS E 42 11.46 -18.67 12.50
N ASN E 43 12.63 -19.21 12.19
CA ASN E 43 13.28 -20.17 13.08
C ASN E 43 14.22 -19.49 14.08
N VAL E 44 14.98 -18.49 13.63
CA VAL E 44 16.05 -17.92 14.42
C VAL E 44 15.51 -17.38 15.74
N ALA E 45 15.97 -17.96 16.85
CA ALA E 45 15.56 -17.52 18.17
C ALA E 45 16.47 -16.38 18.63
N HIS E 46 15.86 -15.29 19.10
CA HIS E 46 16.61 -14.11 19.48
C HIS E 46 17.07 -14.20 20.92
N LYS E 47 18.26 -13.70 21.18
CA LYS E 47 18.85 -13.74 22.50
C LYS E 47 19.40 -12.37 22.85
N ASN E 48 19.29 -12.03 24.14
CA ASN E 48 19.86 -10.80 24.68
C ASN E 48 19.27 -9.56 24.00
N ILE E 49 17.95 -9.42 24.13
CA ILE E 49 17.25 -8.23 23.66
C ILE E 49 17.25 -7.19 24.77
N ARG E 50 17.88 -6.04 24.53
CA ARG E 50 17.87 -4.95 25.51
C ARG E 50 16.47 -4.35 25.52
N GLU E 51 15.58 -5.00 26.26
CA GLU E 51 14.21 -4.53 26.34
C GLU E 51 14.20 -3.16 27.00
N GLN E 52 13.80 -2.13 26.26
CA GLN E 52 13.57 -0.83 26.86
C GLN E 52 12.09 -0.58 27.08
N GLY E 53 11.27 -1.63 26.95
CA GLY E 53 9.86 -1.57 27.25
C GLY E 53 8.97 -1.36 26.05
N ARG E 54 9.55 -1.13 24.85
CA ARG E 54 8.71 -0.94 23.68
C ARG E 54 7.83 -2.15 23.39
N PHE E 55 8.18 -3.32 23.94
CA PHE E 55 7.36 -4.53 23.76
C PHE E 55 5.97 -4.37 24.33
N LEU E 56 5.85 -3.67 25.46
CA LEU E 56 4.52 -3.34 25.94
C LEU E 56 4.08 -1.95 25.50
N GLN E 57 5.01 -1.07 25.11
CA GLN E 57 4.63 0.29 24.72
C GLN E 57 3.73 0.32 23.48
N ASP E 58 3.61 -0.81 22.79
CA ASP E 58 2.79 -1.02 21.61
C ASP E 58 1.45 -1.59 22.00
N VAL E 59 0.91 -1.05 23.09
CA VAL E 59 -0.09 -1.66 23.95
C VAL E 59 -1.14 -2.45 23.17
N PHE E 60 -1.77 -1.82 22.19
CA PHE E 60 -2.79 -2.57 21.46
C PHE E 60 -2.24 -3.25 20.21
N THR E 61 -1.18 -2.71 19.61
CA THR E 61 -0.55 -3.45 18.52
C THR E 61 0.23 -4.67 19.02
N THR E 62 0.31 -4.82 20.35
CA THR E 62 0.82 -6.07 20.90
C THR E 62 -0.29 -7.12 20.98
N LEU E 63 -1.41 -6.76 21.62
CA LEU E 63 -2.45 -7.75 21.87
C LEU E 63 -3.28 -8.05 20.64
N VAL E 64 -3.33 -7.16 19.65
CA VAL E 64 -3.99 -7.52 18.38
C VAL E 64 -3.20 -8.57 17.62
N ASP E 65 -1.97 -8.85 18.04
CA ASP E 65 -1.23 -9.96 17.47
C ASP E 65 -1.65 -11.30 18.05
N LEU E 66 -2.23 -11.31 19.25
CA LEU E 66 -2.40 -12.54 20.03
C LEU E 66 -3.38 -13.50 19.34
N LYS E 67 -3.51 -14.67 19.94
CA LYS E 67 -4.53 -15.60 19.47
C LYS E 67 -5.90 -15.08 19.85
N TRP E 68 -6.90 -15.88 19.53
CA TRP E 68 -8.28 -15.54 19.87
C TRP E 68 -8.63 -15.84 21.32
N PRO E 69 -8.25 -16.98 21.88
CA PRO E 69 -8.59 -17.21 23.29
C PRO E 69 -7.95 -16.19 24.22
N HIS E 70 -6.68 -15.84 24.02
CA HIS E 70 -6.06 -14.86 24.89
C HIS E 70 -6.71 -13.50 24.75
N THR E 71 -6.99 -13.08 23.52
CA THR E 71 -7.58 -11.77 23.34
C THR E 71 -9.00 -11.73 23.92
N LEU E 72 -9.77 -12.80 23.76
CA LEU E 72 -11.09 -12.83 24.35
C LEU E 72 -10.99 -12.84 25.88
N LEU E 73 -10.02 -13.57 26.42
CA LEU E 73 -9.81 -13.57 27.87
C LEU E 73 -9.52 -12.16 28.38
N ILE E 74 -8.61 -11.46 27.70
CA ILE E 74 -8.21 -10.16 28.23
C ILE E 74 -9.32 -9.14 28.02
N PHE E 75 -10.19 -9.33 27.03
CA PHE E 75 -11.33 -8.43 26.88
C PHE E 75 -12.38 -8.66 27.94
N THR E 76 -12.71 -9.92 28.21
CA THR E 76 -13.64 -10.13 29.30
C THR E 76 -13.06 -9.66 30.62
N MET E 77 -11.73 -9.76 30.79
CA MET E 77 -11.12 -9.30 32.04
C MET E 77 -11.12 -7.79 32.15
N SER E 78 -10.92 -7.08 31.03
CA SER E 78 -11.12 -5.63 31.03
C SER E 78 -12.53 -5.27 31.46
N PHE E 79 -13.53 -5.88 30.83
CA PHE E 79 -14.90 -5.51 31.13
C PHE E 79 -15.25 -5.83 32.59
N LEU E 80 -14.94 -7.05 33.04
CA LEU E 80 -15.27 -7.42 34.42
C LEU E 80 -14.50 -6.57 35.42
N CYS E 81 -13.24 -6.25 35.13
CA CYS E 81 -12.49 -5.37 36.01
C CYS E 81 -13.22 -4.04 36.19
N SER E 82 -13.57 -3.39 35.09
CA SER E 82 -14.21 -2.08 35.23
C SER E 82 -15.55 -2.20 35.96
N TRP E 83 -16.34 -3.22 35.62
CA TRP E 83 -17.65 -3.37 36.26
C TRP E 83 -17.52 -3.55 37.75
N LEU E 84 -16.59 -4.41 38.19
CA LEU E 84 -16.44 -4.66 39.62
C LEU E 84 -15.91 -3.42 40.33
N LEU E 85 -15.00 -2.69 39.71
CA LEU E 85 -14.51 -1.46 40.32
C LEU E 85 -15.68 -0.52 40.63
N PHE E 86 -16.49 -0.21 39.63
CA PHE E 86 -17.56 0.75 39.89
C PHE E 86 -18.67 0.17 40.76
N ALA E 87 -18.89 -1.15 40.72
CA ALA E 87 -19.87 -1.72 41.63
C ALA E 87 -19.42 -1.55 43.08
N MET E 88 -18.13 -1.72 43.34
CA MET E 88 -17.62 -1.49 44.69
C MET E 88 -17.80 -0.03 45.10
N VAL E 89 -17.44 0.90 44.23
CA VAL E 89 -17.55 2.30 44.64
C VAL E 89 -19.00 2.68 44.87
N TRP E 90 -19.93 2.11 44.11
CA TRP E 90 -21.34 2.42 44.32
C TRP E 90 -21.86 1.80 45.60
N TRP E 91 -21.53 0.53 45.84
CA TRP E 91 -21.88 -0.06 47.11
C TRP E 91 -21.43 0.85 48.24
N LEU E 92 -20.19 1.34 48.16
CA LEU E 92 -19.65 2.16 49.24
C LEU E 92 -20.38 3.48 49.36
N ILE E 93 -20.74 4.09 48.23
CA ILE E 93 -21.36 5.41 48.34
C ILE E 93 -22.76 5.27 48.93
N ALA E 94 -23.52 4.24 48.54
CA ALA E 94 -24.83 4.00 49.13
C ALA E 94 -24.71 3.63 50.60
N PHE E 95 -23.64 2.93 50.99
CA PHE E 95 -23.41 2.65 52.40
C PHE E 95 -23.14 3.94 53.15
N ALA E 96 -22.31 4.79 52.59
CA ALA E 96 -21.85 6.00 53.27
C ALA E 96 -22.96 7.03 53.42
N HIS E 97 -23.78 7.22 52.37
CA HIS E 97 -24.86 8.17 52.53
C HIS E 97 -25.80 7.75 53.66
N GLY E 98 -25.81 6.47 54.02
CA GLY E 98 -26.75 5.96 54.97
C GLY E 98 -28.03 5.49 54.35
N ASP E 99 -28.23 5.74 53.05
CA ASP E 99 -29.38 5.16 52.34
C ASP E 99 -29.34 3.64 52.35
N LEU E 100 -28.18 3.05 52.66
CA LEU E 100 -28.11 1.60 52.71
C LEU E 100 -28.78 1.06 53.97
N ALA E 101 -28.77 1.83 55.05
CA ALA E 101 -29.46 1.48 56.28
C ALA E 101 -30.96 1.47 56.03
N PRO E 102 -31.59 0.29 56.07
CA PRO E 102 -33.01 0.21 55.73
C PRO E 102 -33.85 1.04 56.70
N GLY E 103 -34.49 2.07 56.15
CA GLY E 103 -35.30 2.96 56.96
C GLY E 103 -36.42 3.54 56.13
N GLU E 104 -37.57 3.74 56.78
CA GLU E 104 -38.76 4.25 56.12
C GLU E 104 -38.92 5.72 56.51
N GLY E 105 -38.80 6.61 55.53
CA GLY E 105 -39.01 8.02 55.75
C GLY E 105 -37.74 8.76 56.13
N THR E 106 -37.87 10.09 56.24
CA THR E 106 -36.80 11.01 56.60
C THR E 106 -35.62 10.95 55.63
N ASN E 107 -35.76 10.24 54.51
CA ASN E 107 -34.70 10.16 53.53
C ASN E 107 -35.30 9.69 52.21
N VAL E 108 -34.52 9.89 51.15
CA VAL E 108 -34.76 9.22 49.88
C VAL E 108 -33.39 8.71 49.44
N PRO E 109 -33.25 7.44 49.12
CA PRO E 109 -31.93 6.93 48.74
C PRO E 109 -31.44 7.64 47.50
N CYS E 110 -30.12 7.85 47.43
CA CYS E 110 -29.54 8.41 46.22
C CYS E 110 -29.85 7.52 45.02
N VAL E 111 -29.88 6.21 45.24
CA VAL E 111 -30.33 5.24 44.26
C VAL E 111 -31.51 4.49 44.87
N THR E 112 -32.70 4.71 44.30
CA THR E 112 -33.89 4.11 44.88
C THR E 112 -33.79 2.59 44.82
N SER E 113 -34.33 1.93 45.85
CA SER E 113 -34.40 0.47 45.90
C SER E 113 -33.03 -0.17 45.75
N ILE E 114 -32.13 0.16 46.68
CA ILE E 114 -30.85 -0.53 46.79
C ILE E 114 -30.78 -1.16 48.17
N HIS E 115 -30.42 -2.44 48.22
CA HIS E 115 -30.42 -3.15 49.48
C HIS E 115 -29.07 -3.72 49.85
N SER E 116 -28.42 -4.42 48.94
CA SER E 116 -27.22 -5.15 49.30
C SER E 116 -26.19 -4.98 48.20
N PHE E 117 -25.06 -5.65 48.37
CA PHE E 117 -24.01 -5.60 47.38
C PHE E 117 -24.49 -6.16 46.05
N SER E 118 -25.27 -7.24 46.09
CA SER E 118 -25.72 -7.85 44.85
C SER E 118 -26.53 -6.87 44.02
N SER E 119 -27.53 -6.22 44.62
CA SER E 119 -28.31 -5.27 43.85
C SER E 119 -27.45 -4.10 43.40
N ALA E 120 -26.39 -3.78 44.14
CA ALA E 120 -25.52 -2.70 43.71
C ALA E 120 -24.73 -3.09 42.47
N PHE E 121 -24.19 -4.31 42.44
CA PHE E 121 -23.51 -4.79 41.23
C PHE E 121 -24.48 -4.89 40.06
N LEU E 122 -25.73 -5.23 40.35
CA LEU E 122 -26.74 -5.20 39.30
C LEU E 122 -26.97 -3.79 38.78
N PHE E 123 -26.90 -2.79 39.67
CA PHE E 123 -27.02 -1.41 39.20
C PHE E 123 -25.82 -1.01 38.37
N SER E 124 -24.63 -1.46 38.77
CA SER E 124 -23.42 -1.12 38.03
C SER E 124 -23.48 -1.69 36.62
N ILE E 125 -23.84 -2.96 36.49
CA ILE E 125 -23.94 -3.50 35.15
C ILE E 125 -25.16 -2.94 34.40
N GLU E 126 -26.14 -2.41 35.13
CA GLU E 126 -27.30 -1.83 34.46
C GLU E 126 -26.97 -0.49 33.82
N VAL E 127 -26.16 0.31 34.49
CA VAL E 127 -25.83 1.61 33.92
C VAL E 127 -24.60 1.55 33.03
N GLN E 128 -23.63 0.69 33.36
CA GLN E 128 -22.40 0.68 32.57
C GLN E 128 -22.68 0.26 31.13
N VAL E 129 -23.16 -0.95 30.93
CA VAL E 129 -23.21 -1.52 29.60
C VAL E 129 -24.47 -1.03 28.88
N THR E 130 -25.13 -0.04 29.48
CA THR E 130 -26.20 0.72 28.84
C THR E 130 -27.40 -0.15 28.46
N ILE E 131 -27.81 -1.01 29.39
CA ILE E 131 -29.12 -1.66 29.32
C ILE E 131 -30.18 -0.79 29.98
N GLY E 132 -29.86 -0.17 31.11
CA GLY E 132 -30.76 0.74 31.80
C GLY E 132 -32.10 0.17 32.24
N PHE E 133 -32.08 -0.72 33.23
CA PHE E 133 -33.30 -1.42 33.63
C PHE E 133 -34.28 -0.48 34.31
N GLY E 134 -33.78 0.42 35.15
CA GLY E 134 -34.63 1.41 35.76
C GLY E 134 -35.46 0.96 36.94
N GLY E 135 -35.23 -0.25 37.45
CA GLY E 135 -35.88 -0.64 38.69
C GLY E 135 -35.32 0.12 39.87
N ARG E 136 -34.02 0.37 39.85
CA ARG E 136 -33.37 1.22 40.84
C ARG E 136 -33.03 2.53 40.16
N MET E 137 -33.53 3.62 40.73
CA MET E 137 -33.44 4.94 40.13
C MET E 137 -32.42 5.75 40.91
N VAL E 138 -31.46 6.32 40.18
CA VAL E 138 -30.59 7.33 40.75
C VAL E 138 -31.34 8.66 40.76
N THR E 139 -31.27 9.38 41.87
CA THR E 139 -32.14 10.51 42.15
C THR E 139 -31.36 11.82 42.14
N GLU E 140 -32.10 12.92 42.12
CA GLU E 140 -31.54 14.27 42.05
C GLU E 140 -31.27 14.87 43.42
N GLU E 141 -31.20 14.03 44.46
CA GLU E 141 -30.90 14.51 45.80
C GLU E 141 -29.41 14.58 46.08
N CYS E 142 -28.61 13.71 45.47
CA CYS E 142 -27.18 13.60 45.75
C CYS E 142 -26.36 13.88 44.51
N PRO E 143 -25.65 15.01 44.43
CA PRO E 143 -24.80 15.28 43.25
C PRO E 143 -23.56 14.40 43.17
N LEU E 144 -23.15 13.78 44.27
CA LEU E 144 -22.01 12.88 44.22
C LEU E 144 -22.31 11.67 43.33
N ALA E 145 -23.53 11.14 43.41
CA ALA E 145 -23.93 10.06 42.52
C ALA E 145 -23.97 10.52 41.07
N ILE E 146 -24.32 11.79 40.85
CA ILE E 146 -24.27 12.32 39.49
C ILE E 146 -22.85 12.30 38.96
N LEU E 147 -21.88 12.69 39.80
CA LEU E 147 -20.49 12.65 39.37
C LEU E 147 -20.04 11.23 39.06
N ILE E 148 -20.38 10.28 39.95
CA ILE E 148 -19.92 8.92 39.69
C ILE E 148 -20.54 8.37 38.42
N LEU E 149 -21.79 8.76 38.12
CA LEU E 149 -22.38 8.32 36.87
C LEU E 149 -21.71 8.95 35.67
N ILE E 150 -21.39 10.25 35.76
CA ILE E 150 -20.86 10.98 34.62
C ILE E 150 -19.42 10.61 34.32
N VAL E 151 -18.74 9.96 35.27
CA VAL E 151 -17.45 9.37 34.92
C VAL E 151 -17.59 7.90 34.54
N GLN E 152 -18.50 7.18 35.18
CA GLN E 152 -18.73 5.80 34.83
C GLN E 152 -19.04 5.68 33.35
N ASN E 153 -19.98 6.49 32.87
CA ASN E 153 -20.41 6.32 31.50
C ASN E 153 -19.32 6.67 30.50
N ILE E 154 -18.58 7.75 30.72
CA ILE E 154 -17.55 8.10 29.76
C ILE E 154 -16.44 7.05 29.77
N VAL E 155 -16.04 6.54 30.93
CA VAL E 155 -14.99 5.51 30.88
C VAL E 155 -15.53 4.26 30.21
N GLY E 156 -16.79 3.94 30.45
CA GLY E 156 -17.39 2.81 29.77
C GLY E 156 -17.36 2.99 28.28
N LEU E 157 -17.68 4.19 27.81
CA LEU E 157 -17.73 4.41 26.38
C LEU E 157 -16.34 4.37 25.77
N MET E 158 -15.34 4.88 26.48
CA MET E 158 -14.01 4.86 25.91
C MET E 158 -13.49 3.43 25.80
N ILE E 159 -13.68 2.63 26.84
CA ILE E 159 -13.15 1.26 26.82
C ILE E 159 -13.94 0.39 25.85
N ASN E 160 -15.22 0.70 25.64
CA ASN E 160 -15.97 0.05 24.59
C ASN E 160 -15.43 0.43 23.21
N ALA E 161 -15.07 1.69 23.03
CA ALA E 161 -14.57 2.13 21.72
C ALA E 161 -13.25 1.44 21.38
N ILE E 162 -12.33 1.40 22.33
CA ILE E 162 -11.06 0.72 22.05
C ILE E 162 -11.29 -0.78 21.87
N MET E 163 -12.13 -1.41 22.69
CA MET E 163 -12.33 -2.85 22.57
C MET E 163 -13.14 -3.23 21.36
N LEU E 164 -13.68 -2.25 20.64
CA LEU E 164 -14.19 -2.59 19.32
C LEU E 164 -13.16 -2.33 18.23
N GLY E 165 -12.49 -1.17 18.28
CA GLY E 165 -11.49 -0.90 17.26
C GLY E 165 -10.40 -1.95 17.21
N CYS E 166 -9.92 -2.39 18.36
CA CYS E 166 -8.84 -3.37 18.30
C CYS E 166 -9.32 -4.72 17.81
N ILE E 167 -10.52 -5.19 18.18
CA ILE E 167 -10.98 -6.45 17.61
C ILE E 167 -11.18 -6.30 16.11
N PHE E 168 -11.61 -5.12 15.63
CA PHE E 168 -11.73 -5.03 14.18
C PHE E 168 -10.37 -5.02 13.52
N MET E 169 -9.42 -4.26 14.09
CA MET E 169 -8.06 -4.27 13.58
C MET E 169 -7.49 -5.67 13.57
N LYS E 170 -8.00 -6.53 14.43
CA LYS E 170 -7.62 -7.93 14.42
C LYS E 170 -8.26 -8.66 13.24
N THR E 171 -9.56 -8.52 13.04
CA THR E 171 -10.18 -9.29 11.98
C THR E 171 -9.63 -8.95 10.58
N ALA E 172 -8.71 -7.99 10.50
CA ALA E 172 -7.87 -7.84 9.31
C ALA E 172 -6.58 -8.65 9.42
N GLN E 173 -6.56 -9.68 10.26
CA GLN E 173 -5.51 -10.68 10.16
C GLN E 173 -5.79 -11.48 8.90
N ALA E 174 -4.94 -11.30 7.89
CA ALA E 174 -5.06 -12.08 6.67
C ALA E 174 -3.88 -13.02 6.48
N HIS E 175 -3.04 -13.21 7.50
CA HIS E 175 -2.03 -14.25 7.43
C HIS E 175 -2.66 -15.59 7.09
N ARG E 176 -3.90 -15.86 7.53
CA ARG E 176 -4.56 -17.08 7.09
C ARG E 176 -4.53 -17.18 5.56
N ARG E 177 -4.82 -16.07 4.86
CA ARG E 177 -4.57 -16.02 3.43
C ARG E 177 -3.11 -16.23 3.09
N ALA E 178 -2.20 -15.93 4.00
CA ALA E 178 -0.85 -16.42 3.74
C ALA E 178 -0.75 -17.92 3.94
N GLU E 179 -1.72 -18.52 4.64
CA GLU E 179 -1.69 -19.97 4.80
C GLU E 179 -2.15 -20.64 3.52
N THR E 180 -3.15 -20.07 2.84
CA THR E 180 -3.73 -20.82 1.72
C THR E 180 -2.74 -20.96 0.56
N LEU E 181 -1.76 -20.07 0.42
CA LEU E 181 -0.81 -20.26 -0.66
C LEU E 181 0.00 -21.54 -0.42
N ILE E 182 0.48 -22.13 -1.53
CA ILE E 182 1.27 -23.35 -1.45
C ILE E 182 2.41 -23.33 -2.45
N PHE E 183 3.52 -23.92 -2.06
CA PHE E 183 4.67 -24.13 -2.91
C PHE E 183 4.95 -25.62 -3.00
N SER E 184 5.56 -26.06 -4.09
CA SER E 184 5.89 -27.48 -4.18
C SER E 184 6.97 -27.82 -3.17
N LYS E 185 6.98 -29.09 -2.73
CA LYS E 185 7.81 -29.49 -1.59
C LYS E 185 9.29 -29.37 -1.91
N HIS E 186 9.68 -29.78 -3.11
CA HIS E 186 11.07 -29.68 -3.56
C HIS E 186 11.12 -29.03 -4.94
N ALA E 187 12.24 -28.39 -5.23
CA ALA E 187 12.45 -27.67 -6.48
C ALA E 187 13.50 -28.37 -7.33
N VAL E 188 13.27 -28.40 -8.64
CA VAL E 188 14.17 -29.05 -9.59
C VAL E 188 14.82 -28.00 -10.49
N ILE E 189 15.95 -28.38 -11.08
CA ILE E 189 16.63 -27.57 -12.07
C ILE E 189 16.61 -28.32 -13.40
N THR E 190 16.73 -27.57 -14.50
CA THR E 190 16.66 -28.18 -15.82
C THR E 190 17.58 -27.42 -16.76
N LEU E 191 17.50 -27.76 -18.05
CA LEU E 191 18.24 -27.08 -19.11
C LEU E 191 17.22 -26.51 -20.09
N ARG E 192 17.07 -25.19 -20.07
CA ARG E 192 16.15 -24.51 -20.98
C ARG E 192 16.90 -23.52 -21.87
N HIS E 193 16.67 -23.61 -23.18
CA HIS E 193 17.27 -22.71 -24.13
C HIS E 193 18.77 -22.78 -24.12
N GLY E 194 19.31 -23.96 -23.84
CA GLY E 194 20.75 -24.16 -23.88
C GLY E 194 21.47 -23.66 -22.64
N ARG E 195 20.70 -23.23 -21.64
CA ARG E 195 21.27 -22.72 -20.40
C ARG E 195 20.61 -23.39 -19.20
N LEU E 196 21.37 -23.59 -18.13
CA LEU E 196 20.83 -24.22 -16.94
C LEU E 196 19.73 -23.36 -16.31
N CYS E 197 18.66 -24.01 -15.85
CA CYS E 197 17.54 -23.30 -15.25
C CYS E 197 16.99 -24.02 -14.02
N PHE E 198 16.39 -23.26 -13.11
CA PHE E 198 15.76 -23.83 -11.92
C PHE E 198 14.26 -23.52 -11.92
N MET E 199 13.45 -24.54 -11.70
CA MET E 199 12.00 -24.37 -11.72
C MET E 199 11.33 -24.72 -10.39
N LEU E 200 10.48 -23.80 -9.92
CA LEU E 200 9.71 -24.02 -8.70
C LEU E 200 8.25 -23.64 -8.96
N ARG E 201 7.32 -24.33 -8.30
CA ARG E 201 5.91 -24.05 -8.52
C ARG E 201 5.31 -23.19 -7.41
N VAL E 202 4.28 -22.45 -7.76
CA VAL E 202 3.44 -21.73 -6.82
C VAL E 202 1.99 -21.90 -7.26
N GLY E 203 1.07 -21.29 -6.52
CA GLY E 203 -0.32 -21.45 -6.89
C GLY E 203 -1.22 -20.81 -5.87
N ASP E 204 -2.48 -20.66 -6.29
CA ASP E 204 -3.52 -20.08 -5.46
C ASP E 204 -4.49 -21.18 -5.04
N LEU E 205 -5.15 -20.96 -3.91
CA LEU E 205 -6.07 -21.96 -3.40
C LEU E 205 -7.50 -21.45 -3.25
N ARG E 206 -7.80 -20.24 -3.68
CA ARG E 206 -9.17 -19.76 -3.61
C ARG E 206 -9.50 -18.98 -4.87
N LYS E 207 -10.76 -18.57 -4.97
CA LYS E 207 -11.19 -17.71 -6.06
C LYS E 207 -10.55 -16.33 -5.94
N SER E 208 -10.39 -15.84 -4.71
CA SER E 208 -9.93 -14.48 -4.47
C SER E 208 -8.48 -14.32 -4.91
N MET E 209 -8.23 -13.30 -5.72
CA MET E 209 -6.90 -13.02 -6.24
C MET E 209 -6.05 -12.29 -5.21
N ILE E 210 -4.77 -12.15 -5.53
CA ILE E 210 -3.82 -11.41 -4.70
C ILE E 210 -3.19 -10.37 -5.62
N ILE E 211 -3.31 -9.09 -5.23
CA ILE E 211 -2.99 -7.99 -6.11
C ILE E 211 -1.49 -7.71 -6.10
N SER E 212 -0.88 -7.71 -7.28
CA SER E 212 0.48 -7.19 -7.51
C SER E 212 1.53 -7.96 -6.73
N ALA E 213 1.36 -9.28 -6.63
CA ALA E 213 2.33 -10.11 -5.93
C ALA E 213 3.71 -9.98 -6.56
N THR E 214 4.73 -9.88 -5.71
CA THR E 214 6.10 -9.75 -6.19
C THR E 214 6.97 -10.81 -5.52
N ILE E 215 8.02 -11.21 -6.22
CA ILE E 215 8.90 -12.29 -5.77
C ILE E 215 10.26 -11.71 -5.42
N HIS E 216 10.68 -11.95 -4.18
CA HIS E 216 12.04 -11.67 -3.73
C HIS E 216 12.67 -13.01 -3.41
N MET E 217 13.62 -13.41 -4.23
CA MET E 217 14.20 -14.75 -4.18
C MET E 217 15.63 -14.65 -3.70
N GLN E 218 15.93 -15.26 -2.54
CA GLN E 218 17.19 -15.02 -1.87
C GLN E 218 17.89 -16.32 -1.52
N VAL E 219 19.23 -16.25 -1.45
CA VAL E 219 20.08 -17.40 -1.17
C VAL E 219 20.96 -17.05 0.03
N VAL E 220 21.15 -17.99 0.95
CA VAL E 220 21.99 -17.73 2.10
C VAL E 220 23.11 -18.76 2.18
N ARG E 221 24.27 -18.34 2.69
CA ARG E 221 25.45 -19.18 2.75
C ARG E 221 26.50 -18.55 3.67
N LYS E 222 27.16 -19.38 4.47
CA LYS E 222 28.30 -18.92 5.26
C LYS E 222 29.43 -18.58 4.31
N THR E 223 29.81 -17.30 4.25
CA THR E 223 30.73 -16.82 3.24
C THR E 223 31.96 -16.22 3.87
N THR E 224 33.11 -16.42 3.23
CA THR E 224 34.38 -15.82 3.62
C THR E 224 34.88 -14.92 2.51
N SER E 225 35.05 -13.64 2.81
CA SER E 225 35.51 -12.69 1.82
C SER E 225 37.00 -12.88 1.54
N PRO E 226 37.49 -12.37 0.41
CA PRO E 226 38.94 -12.38 0.17
C PRO E 226 39.71 -11.56 1.19
N GLU E 227 39.05 -10.69 1.94
CA GLU E 227 39.68 -9.89 2.98
C GLU E 227 39.80 -10.63 4.31
N GLY E 228 39.53 -11.94 4.32
CA GLY E 228 39.56 -12.68 5.56
C GLY E 228 38.32 -12.54 6.41
N GLU E 229 37.31 -11.82 5.94
CA GLU E 229 36.07 -11.65 6.69
C GLU E 229 35.16 -12.84 6.44
N VAL E 230 34.71 -13.47 7.52
CA VAL E 230 33.79 -14.61 7.47
C VAL E 230 32.45 -14.15 8.00
N VAL E 231 31.38 -14.37 7.22
CA VAL E 231 30.04 -14.08 7.67
C VAL E 231 29.33 -15.40 7.97
N PRO E 232 28.55 -15.47 9.06
CA PRO E 232 27.86 -16.73 9.36
C PRO E 232 26.71 -17.02 8.41
N LEU E 233 26.19 -16.00 7.73
CA LEU E 233 25.03 -16.13 6.87
C LEU E 233 24.97 -14.90 5.97
N HIS E 234 24.74 -15.10 4.68
CA HIS E 234 24.91 -14.04 3.69
C HIS E 234 23.78 -14.06 2.67
N GLN E 235 22.76 -13.22 2.87
CA GLN E 235 21.64 -13.12 1.95
C GLN E 235 22.05 -12.38 0.69
N VAL E 236 21.72 -12.94 -0.47
CA VAL E 236 22.00 -12.31 -1.75
C VAL E 236 20.81 -12.53 -2.67
N ASP E 237 20.45 -11.51 -3.42
CA ASP E 237 19.30 -11.61 -4.31
C ASP E 237 19.69 -12.38 -5.56
N ILE E 238 18.87 -13.36 -5.92
CA ILE E 238 18.93 -14.01 -7.21
C ILE E 238 17.70 -13.54 -8.01
N PRO E 239 17.87 -13.07 -9.23
CA PRO E 239 16.75 -12.41 -9.91
C PRO E 239 15.67 -13.40 -10.30
N MET E 240 14.44 -12.93 -10.35
CA MET E 240 13.38 -13.67 -11.03
C MET E 240 13.30 -13.14 -12.45
N GLU E 241 13.31 -14.05 -13.42
CA GLU E 241 13.48 -13.67 -14.81
C GLU E 241 12.12 -13.70 -15.51
N ASN E 242 11.59 -12.50 -15.75
CA ASN E 242 10.32 -12.21 -16.37
C ASN E 242 10.64 -11.49 -17.68
N GLY E 243 9.65 -10.83 -18.28
CA GLY E 243 9.88 -10.01 -19.47
C GLY E 243 10.82 -8.87 -19.15
N VAL E 244 10.84 -7.80 -19.95
CA VAL E 244 11.91 -6.79 -19.98
C VAL E 244 12.53 -6.48 -18.62
N GLY E 245 11.82 -6.76 -17.53
CA GLY E 245 12.33 -6.50 -16.21
C GLY E 245 11.33 -6.94 -15.18
N GLY E 246 11.08 -6.12 -14.17
CA GLY E 246 10.01 -6.43 -13.26
C GLY E 246 10.34 -7.44 -12.18
N ASN E 247 9.88 -7.12 -10.98
CA ASN E 247 10.09 -7.97 -9.81
C ASN E 247 8.89 -8.84 -9.48
N GLY E 248 7.74 -8.59 -10.12
CA GLY E 248 6.48 -9.17 -9.71
C GLY E 248 5.85 -9.99 -10.82
N ILE E 249 4.81 -10.75 -10.43
CA ILE E 249 4.19 -11.76 -11.27
C ILE E 249 2.67 -11.68 -11.14
N PHE E 250 1.99 -12.53 -11.89
CA PHE E 250 0.53 -12.57 -11.93
C PHE E 250 0.09 -14.01 -11.72
N LEU E 251 -0.72 -14.23 -10.69
CA LEU E 251 -1.07 -15.57 -10.21
C LEU E 251 -2.53 -15.87 -10.53
N VAL E 252 -2.75 -16.75 -11.49
CA VAL E 252 -4.10 -17.26 -11.74
C VAL E 252 -4.05 -18.77 -11.59
N ALA E 253 -3.26 -19.41 -12.43
CA ALA E 253 -2.97 -20.83 -12.40
C ALA E 253 -1.58 -21.07 -11.84
N PRO E 254 -1.25 -22.31 -11.42
CA PRO E 254 0.11 -22.59 -10.98
C PRO E 254 1.17 -22.27 -12.02
N LEU E 255 1.98 -21.27 -11.72
CA LEU E 255 3.02 -20.76 -12.63
C LEU E 255 4.38 -21.15 -12.09
N ILE E 256 5.12 -21.96 -12.84
CA ILE E 256 6.51 -22.25 -12.50
C ILE E 256 7.34 -20.99 -12.70
N ILE E 257 8.03 -20.58 -11.63
CA ILE E 257 8.91 -19.42 -11.68
C ILE E 257 10.22 -19.82 -12.34
N TYR E 258 10.70 -18.96 -13.22
CA TYR E 258 11.72 -19.30 -14.20
C TYR E 258 12.89 -18.35 -14.05
N HIS E 259 13.98 -18.84 -13.47
CA HIS E 259 15.21 -18.07 -13.41
C HIS E 259 16.27 -18.80 -14.21
N VAL E 260 17.22 -18.04 -14.79
CA VAL E 260 18.36 -18.64 -15.47
C VAL E 260 19.63 -18.21 -14.76
N ILE E 261 20.35 -19.17 -14.18
CA ILE E 261 21.62 -18.88 -13.53
C ILE E 261 22.67 -18.68 -14.61
N ASP E 262 23.40 -17.57 -14.52
CA ASP E 262 24.48 -17.26 -15.44
C ASP E 262 25.76 -17.05 -14.65
N SER E 263 26.86 -16.81 -15.38
CA SER E 263 28.16 -16.65 -14.74
C SER E 263 28.14 -15.52 -13.72
N ASN E 264 27.29 -14.51 -13.92
CA ASN E 264 27.18 -13.41 -12.96
C ASN E 264 26.40 -13.81 -11.71
N SER E 265 25.54 -14.83 -11.80
CA SER E 265 24.70 -15.20 -10.68
C SER E 265 25.53 -15.77 -9.53
N PRO E 266 25.08 -15.61 -8.28
CA PRO E 266 25.86 -16.10 -7.14
C PRO E 266 25.82 -17.60 -6.97
N LEU E 267 24.75 -18.25 -7.43
CA LEU E 267 24.61 -19.70 -7.30
C LEU E 267 25.38 -20.46 -8.36
N TYR E 268 26.00 -19.75 -9.31
CA TYR E 268 26.56 -20.33 -10.51
C TYR E 268 27.76 -21.25 -10.27
N ASP E 269 28.35 -21.24 -9.06
CA ASP E 269 29.62 -21.92 -8.86
C ASP E 269 29.51 -23.35 -8.32
N LEU E 270 28.34 -23.76 -7.82
CA LEU E 270 28.24 -25.02 -7.10
C LEU E 270 28.33 -26.22 -8.06
N ALA E 271 28.42 -27.42 -7.47
CA ALA E 271 28.54 -28.71 -8.15
C ALA E 271 27.31 -29.57 -7.90
N PRO E 272 26.91 -30.40 -8.88
CA PRO E 272 25.68 -31.17 -8.73
C PRO E 272 25.79 -32.35 -7.79
N SER E 273 26.99 -32.86 -7.52
CA SER E 273 27.14 -33.99 -6.61
C SER E 273 27.40 -33.56 -5.17
N ASP E 274 27.76 -32.31 -4.94
CA ASP E 274 28.05 -31.84 -3.60
C ASP E 274 26.86 -31.21 -2.91
N LEU E 275 25.75 -31.03 -3.62
CA LEU E 275 24.59 -30.37 -3.03
C LEU E 275 23.74 -31.31 -2.19
N HIS E 276 23.65 -32.58 -2.57
CA HIS E 276 22.65 -33.46 -1.96
C HIS E 276 22.90 -33.68 -0.48
N HIS E 277 24.17 -33.75 -0.06
CA HIS E 277 24.45 -34.19 1.30
C HIS E 277 25.17 -33.14 2.14
N HIS E 278 26.29 -32.62 1.66
CA HIS E 278 27.25 -31.92 2.52
C HIS E 278 26.93 -30.43 2.63
N GLN E 279 26.87 -29.74 1.50
CA GLN E 279 26.78 -28.29 1.49
C GLN E 279 25.54 -27.82 2.25
N ASP E 280 25.61 -26.57 2.74
CA ASP E 280 24.53 -25.95 3.49
C ASP E 280 24.07 -24.70 2.72
N LEU E 281 23.06 -24.86 1.88
CA LEU E 281 22.55 -23.77 1.03
C LEU E 281 21.03 -23.72 1.16
N GLU E 282 20.52 -22.66 1.77
CA GLU E 282 19.09 -22.43 1.85
C GLU E 282 18.71 -21.40 0.80
N ILE E 283 17.76 -21.77 -0.06
CA ILE E 283 17.19 -20.85 -1.04
C ILE E 283 15.77 -20.57 -0.61
N ILE E 284 15.50 -19.34 -0.19
CA ILE E 284 14.18 -18.96 0.28
C ILE E 284 13.52 -18.10 -0.78
N VAL E 285 12.21 -18.18 -0.82
CA VAL E 285 11.42 -17.28 -1.65
C VAL E 285 10.40 -16.56 -0.77
N ILE E 286 10.23 -15.27 -1.03
CA ILE E 286 9.29 -14.43 -0.32
C ILE E 286 8.37 -13.85 -1.37
N LEU E 287 7.12 -14.29 -1.36
CA LEU E 287 6.12 -13.73 -2.25
C LEU E 287 5.23 -12.78 -1.46
N GLU E 288 5.12 -11.54 -1.94
CA GLU E 288 4.34 -10.51 -1.30
C GLU E 288 3.14 -10.18 -2.19
N GLY E 289 2.09 -9.67 -1.59
CA GLY E 289 0.96 -9.23 -2.37
C GLY E 289 -0.15 -8.79 -1.46
N VAL E 290 -1.03 -7.94 -1.93
CA VAL E 290 -2.14 -7.46 -1.11
C VAL E 290 -3.40 -8.19 -1.53
N VAL E 291 -4.12 -8.75 -0.55
CA VAL E 291 -5.37 -9.45 -0.85
C VAL E 291 -6.44 -8.44 -1.22
N GLU E 292 -7.43 -8.90 -2.00
CA GLU E 292 -8.40 -7.99 -2.60
C GLU E 292 -9.29 -7.35 -1.53
N THR E 293 -10.01 -8.19 -0.78
CA THR E 293 -11.16 -7.71 0.00
C THR E 293 -10.75 -6.91 1.23
N THR E 294 -9.72 -7.35 1.94
CA THR E 294 -9.30 -6.59 3.11
C THR E 294 -8.41 -5.42 2.71
N GLY E 295 -7.56 -5.61 1.71
CA GLY E 295 -6.62 -4.59 1.29
C GLY E 295 -5.27 -4.65 1.98
N ILE E 296 -5.11 -5.53 2.98
CA ILE E 296 -3.84 -5.65 3.67
C ILE E 296 -2.81 -6.29 2.75
N THR E 297 -1.53 -6.12 3.08
CA THR E 297 -0.43 -6.71 2.31
C THR E 297 0.13 -7.89 3.07
N THR E 298 -0.07 -9.09 2.55
CA THR E 298 0.43 -10.31 3.14
C THR E 298 1.61 -10.81 2.33
N GLN E 299 2.30 -11.81 2.88
CA GLN E 299 3.39 -12.44 2.16
C GLN E 299 3.53 -13.87 2.64
N ALA E 300 4.37 -14.63 1.96
CA ALA E 300 4.67 -15.99 2.35
C ALA E 300 6.13 -16.27 2.10
N ARG E 301 6.72 -17.07 2.98
CA ARG E 301 8.15 -17.33 3.00
C ARG E 301 8.38 -18.82 3.06
N THR E 302 9.25 -19.33 2.19
CA THR E 302 9.60 -20.74 2.32
C THR E 302 11.07 -20.95 2.00
N SER E 303 11.63 -22.02 2.56
CA SER E 303 13.03 -22.40 2.41
C SER E 303 13.16 -23.71 1.66
N TYR E 304 14.23 -23.83 0.89
CA TYR E 304 14.62 -25.09 0.27
C TYR E 304 16.07 -25.37 0.65
N LEU E 305 16.31 -26.51 1.27
CA LEU E 305 17.63 -26.87 1.75
C LEU E 305 18.43 -27.55 0.65
N ALA E 306 19.71 -27.80 0.93
CA ALA E 306 20.55 -28.50 -0.02
C ALA E 306 20.13 -29.96 -0.17
N ASP E 307 19.51 -30.53 0.86
CA ASP E 307 19.02 -31.90 0.77
C ASP E 307 17.61 -31.99 0.17
N GLU E 308 16.87 -30.87 0.09
CA GLU E 308 15.53 -30.88 -0.47
C GLU E 308 15.56 -30.78 -1.99
N ILE E 309 16.46 -29.96 -2.53
CA ILE E 309 16.52 -29.74 -3.97
C ILE E 309 17.17 -30.94 -4.64
N LEU E 310 16.77 -31.19 -5.90
CA LEU E 310 17.32 -32.28 -6.69
C LEU E 310 17.63 -31.79 -8.09
N TRP E 311 18.21 -32.67 -8.91
CA TRP E 311 18.84 -32.30 -10.16
C TRP E 311 18.23 -33.04 -11.35
N GLY E 312 18.12 -32.34 -12.48
CA GLY E 312 17.77 -32.95 -13.75
C GLY E 312 16.44 -33.68 -13.81
N GLN E 313 15.33 -32.94 -13.75
CA GLN E 313 13.98 -33.52 -13.80
C GLN E 313 13.06 -32.55 -14.53
N ARG E 314 11.78 -32.89 -14.61
CA ARG E 314 10.81 -31.96 -15.16
C ARG E 314 9.44 -32.23 -14.55
N PHE E 315 8.72 -31.15 -14.23
CA PHE E 315 7.38 -31.29 -13.69
C PHE E 315 6.42 -31.78 -14.77
N VAL E 316 5.29 -32.33 -14.32
CA VAL E 316 4.27 -32.81 -15.24
C VAL E 316 3.32 -31.66 -15.54
N PRO E 317 2.88 -31.49 -16.79
CA PRO E 317 1.93 -30.40 -17.10
C PRO E 317 0.62 -30.56 -16.37
N ILE E 318 0.26 -29.52 -15.61
CA ILE E 318 -0.97 -29.52 -14.82
C ILE E 318 -2.16 -29.13 -15.69
N VAL E 319 -2.10 -27.92 -16.28
CA VAL E 319 -3.22 -27.39 -17.04
C VAL E 319 -3.55 -28.29 -18.21
N ALA E 320 -4.84 -28.50 -18.44
CA ALA E 320 -5.29 -29.33 -19.54
C ALA E 320 -6.56 -28.74 -20.13
N GLU E 321 -6.66 -28.80 -21.45
CA GLU E 321 -7.84 -28.28 -22.12
C GLU E 321 -9.00 -29.22 -21.84
N GLU E 322 -9.84 -28.86 -20.88
CA GLU E 322 -11.07 -29.59 -20.65
C GLU E 322 -12.21 -28.92 -21.41
N ASP E 323 -13.41 -29.47 -21.19
CA ASP E 323 -14.56 -29.48 -22.08
C ASP E 323 -14.70 -28.16 -22.81
N GLY E 324 -14.72 -27.09 -22.05
CA GLY E 324 -14.69 -25.76 -22.64
C GLY E 324 -13.80 -24.83 -21.85
N ARG E 325 -13.00 -25.37 -20.94
CA ARG E 325 -12.21 -24.53 -20.04
C ARG E 325 -10.81 -25.12 -19.88
N TYR E 326 -10.10 -24.63 -18.88
CA TYR E 326 -8.80 -25.19 -18.50
C TYR E 326 -8.97 -25.83 -17.14
N SER E 327 -8.76 -27.14 -17.08
CA SER E 327 -8.79 -27.86 -15.82
C SER E 327 -7.38 -27.94 -15.28
N VAL E 328 -7.24 -27.66 -13.99
CA VAL E 328 -5.96 -27.80 -13.29
C VAL E 328 -6.10 -28.95 -12.30
N ASP E 329 -5.17 -29.91 -12.38
CA ASP E 329 -5.17 -31.07 -11.50
C ASP E 329 -4.02 -30.92 -10.50
N TYR E 330 -4.36 -30.79 -9.23
CA TYR E 330 -3.36 -30.60 -8.19
C TYR E 330 -2.80 -31.91 -7.66
N SER E 331 -3.24 -33.05 -8.20
CA SER E 331 -2.63 -34.32 -7.83
C SER E 331 -1.22 -34.43 -8.38
N LYS E 332 -1.01 -34.00 -9.61
CA LYS E 332 0.31 -33.98 -10.22
C LYS E 332 1.11 -32.75 -9.85
N PHE E 333 0.61 -31.93 -8.92
CA PHE E 333 1.32 -30.71 -8.54
C PHE E 333 2.76 -31.02 -8.18
N GLY E 334 2.97 -31.94 -7.25
CA GLY E 334 4.30 -32.35 -6.85
C GLY E 334 4.88 -33.50 -7.63
N ASN E 335 4.27 -33.90 -8.75
CA ASN E 335 4.81 -35.01 -9.51
C ASN E 335 5.95 -34.55 -10.42
N THR E 336 6.80 -35.51 -10.79
CA THR E 336 8.07 -35.24 -11.44
C THR E 336 8.45 -36.40 -12.34
N ILE E 337 9.00 -36.10 -13.51
CA ILE E 337 9.43 -37.11 -14.47
C ILE E 337 10.91 -36.94 -14.75
N LYS E 338 11.54 -38.06 -15.10
CA LYS E 338 12.95 -38.07 -15.44
C LYS E 338 13.18 -37.48 -16.82
N VAL E 339 14.29 -36.77 -16.97
CA VAL E 339 14.64 -36.17 -18.25
C VAL E 339 16.12 -36.40 -18.53
N PRO E 340 16.49 -36.93 -19.70
CA PRO E 340 17.91 -37.15 -19.99
C PRO E 340 18.66 -35.85 -20.28
N THR E 341 19.08 -35.15 -19.22
CA THR E 341 19.87 -33.93 -19.35
C THR E 341 21.27 -34.13 -18.78
N PRO E 342 22.29 -33.50 -19.36
CA PRO E 342 23.65 -33.68 -18.86
C PRO E 342 23.82 -33.14 -17.45
N LEU E 343 24.58 -33.87 -16.64
CA LEU E 343 24.81 -33.55 -15.23
C LEU E 343 26.24 -33.04 -15.08
N CYS E 344 26.38 -31.75 -14.75
CA CYS E 344 27.68 -31.12 -14.57
C CYS E 344 27.50 -29.81 -13.81
N THR E 345 28.62 -29.24 -13.39
CA THR E 345 28.59 -28.00 -12.61
C THR E 345 28.36 -26.81 -13.53
N ALA E 346 27.65 -25.80 -13.00
CA ALA E 346 27.31 -24.64 -13.81
C ALA E 346 28.54 -23.89 -14.29
N ARG E 347 29.60 -23.85 -13.48
CA ARG E 347 30.86 -23.30 -13.95
C ARG E 347 31.44 -24.16 -15.08
N GLN E 348 31.52 -25.46 -14.85
CA GLN E 348 31.99 -26.36 -15.90
C GLN E 348 31.03 -26.40 -17.08
N LEU E 349 29.73 -26.23 -16.84
CA LEU E 349 28.79 -26.17 -17.95
C LEU E 349 28.98 -24.90 -18.77
N ASP E 350 29.33 -23.80 -18.11
CA ASP E 350 29.61 -22.57 -18.85
C ASP E 350 30.91 -22.70 -19.63
N GLU E 351 31.90 -23.39 -19.07
CA GLU E 351 33.13 -23.66 -19.81
C GLU E 351 32.88 -24.56 -21.01
N ASP E 352 32.00 -25.55 -20.85
CA ASP E 352 31.63 -26.40 -21.98
C ASP E 352 30.83 -25.64 -23.03
N ARG E 353 30.00 -24.68 -22.60
CA ARG E 353 29.30 -23.82 -23.55
C ARG E 353 30.29 -22.95 -24.31
N SER E 354 31.33 -22.48 -23.63
CA SER E 354 32.44 -21.82 -24.32
C SER E 354 33.12 -22.78 -25.30
N LEU E 355 33.13 -24.07 -24.97
CA LEU E 355 33.63 -25.10 -25.88
C LEU E 355 32.53 -25.65 -26.79
N LEU E 356 31.27 -25.38 -26.50
CA LEU E 356 30.16 -25.87 -27.32
C LEU E 356 28.89 -25.05 -27.10
N ASN F 24 -18.37 3.73 63.00
CA ASN F 24 -18.56 3.21 61.65
C ASN F 24 -17.45 2.24 61.27
N GLY F 25 -17.32 1.15 62.03
CA GLY F 25 -16.23 0.21 61.79
C GLY F 25 -16.31 -0.44 60.42
N CYS F 26 -17.50 -0.93 60.05
CA CYS F 26 -17.66 -1.54 58.74
C CYS F 26 -17.36 -0.54 57.63
N PHE F 27 -17.67 0.74 57.84
CA PHE F 27 -17.36 1.75 56.83
C PHE F 27 -15.86 1.84 56.59
N VAL F 28 -15.07 1.84 57.66
CA VAL F 28 -13.63 1.92 57.50
C VAL F 28 -13.07 0.62 56.92
N ASP F 29 -13.67 -0.51 57.27
CA ASP F 29 -13.26 -1.78 56.65
C ASP F 29 -13.44 -1.72 55.14
N ALA F 30 -14.60 -1.24 54.69
CA ALA F 30 -14.84 -1.11 53.26
C ALA F 30 -13.86 -0.13 52.62
N LEU F 31 -13.64 1.01 53.27
CA LEU F 31 -12.72 1.99 52.76
C LEU F 31 -11.32 1.40 52.60
N ASN F 32 -10.96 0.44 53.45
CA ASN F 32 -9.69 -0.25 53.26
C ASN F 32 -9.76 -1.24 52.11
N VAL F 33 -10.91 -1.90 51.94
CA VAL F 33 -11.01 -2.90 50.87
C VAL F 33 -10.86 -2.25 49.51
N VAL F 34 -11.26 -0.98 49.38
CA VAL F 34 -11.29 -0.35 48.06
C VAL F 34 -9.94 -0.33 47.35
N PRO F 35 -8.84 0.18 47.95
CA PRO F 35 -7.61 0.34 47.17
C PRO F 35 -6.98 -0.97 46.71
N HIS F 36 -7.07 -2.02 47.53
CA HIS F 36 -6.64 -3.34 47.08
C HIS F 36 -7.37 -3.73 45.80
N VAL F 37 -8.67 -3.45 45.76
CA VAL F 37 -9.47 -3.76 44.59
C VAL F 37 -8.98 -2.96 43.38
N PHE F 38 -8.69 -1.67 43.59
CA PHE F 38 -8.20 -0.82 42.51
C PHE F 38 -6.92 -1.41 41.89
N LEU F 39 -5.99 -1.82 42.75
CA LEU F 39 -4.72 -2.34 42.25
C LEU F 39 -4.89 -3.70 41.60
N LEU F 40 -5.65 -4.60 42.22
CA LEU F 40 -5.93 -5.90 41.61
C LEU F 40 -6.65 -5.77 40.28
N PHE F 41 -7.33 -4.66 40.06
CA PHE F 41 -8.01 -4.51 38.79
C PHE F 41 -7.12 -3.91 37.72
N ILE F 42 -6.24 -2.98 38.10
CA ILE F 42 -5.29 -2.49 37.09
C ILE F 42 -4.21 -3.52 36.78
N THR F 43 -3.92 -4.44 37.68
CA THR F 43 -2.82 -5.37 37.41
C THR F 43 -3.17 -6.39 36.35
N PHE F 44 -4.46 -6.66 36.15
CA PHE F 44 -4.82 -7.84 35.37
C PHE F 44 -4.64 -7.65 33.86
N PRO F 45 -4.96 -6.50 33.29
CA PRO F 45 -4.61 -6.28 31.87
C PRO F 45 -3.13 -6.44 31.61
N ILE F 46 -2.30 -5.73 32.36
CA ILE F 46 -0.87 -5.78 32.11
C ILE F 46 -0.34 -7.18 32.38
N LEU F 47 -0.79 -7.80 33.46
CA LEU F 47 -0.34 -9.16 33.75
C LEU F 47 -0.77 -10.13 32.67
N PHE F 48 -1.92 -9.90 32.04
CA PHE F 48 -2.39 -10.83 31.03
C PHE F 48 -1.73 -10.61 29.67
N ILE F 49 -1.36 -9.36 29.38
CA ILE F 49 -0.54 -9.11 28.20
C ILE F 49 0.85 -9.70 28.38
N GLY F 50 1.45 -9.52 29.56
CA GLY F 50 2.77 -10.07 29.81
C GLY F 50 2.78 -11.57 29.89
N TRP F 51 1.67 -12.18 30.32
CA TRP F 51 1.61 -13.64 30.38
C TRP F 51 1.23 -14.26 29.03
N GLY F 52 0.49 -13.53 28.21
CA GLY F 52 0.10 -14.03 26.90
C GLY F 52 1.24 -14.07 25.89
N SER F 63 16.71 -10.89 27.13
CA SER F 63 17.18 -11.50 28.37
C SER F 63 18.14 -10.59 29.13
N THR F 64 17.62 -9.43 29.54
CA THR F 64 18.39 -8.45 30.32
C THR F 64 17.63 -8.13 31.61
N TRP F 65 18.31 -8.31 32.75
CA TRP F 65 17.73 -8.07 34.06
C TRP F 65 18.22 -6.72 34.58
N LEU F 66 17.27 -5.81 34.83
CA LEU F 66 17.55 -4.49 35.38
C LEU F 66 17.08 -4.48 36.83
N HIS F 67 17.99 -4.14 37.75
CA HIS F 67 17.66 -4.09 39.17
C HIS F 67 17.61 -2.65 39.64
N PHE F 68 16.74 -2.40 40.61
CA PHE F 68 16.56 -1.07 41.15
C PHE F 68 16.97 -1.03 42.61
N PRO F 69 17.43 0.12 43.11
CA PRO F 69 17.78 0.21 44.53
C PRO F 69 16.56 -0.07 45.40
N GLY F 70 16.80 -0.81 46.48
CA GLY F 70 15.73 -1.22 47.37
C GLY F 70 15.04 -2.49 46.98
N HIS F 71 15.50 -3.15 45.93
CA HIS F 71 14.88 -4.40 45.48
C HIS F 71 14.83 -5.42 46.61
N ASN F 72 15.98 -5.73 47.19
CA ASN F 72 16.03 -6.70 48.29
C ASN F 72 15.24 -6.21 49.50
N LEU F 73 15.35 -4.92 49.80
CA LEU F 73 14.52 -4.36 50.85
C LEU F 73 13.05 -4.50 50.52
N ARG F 74 12.69 -4.31 49.24
CA ARG F 74 11.29 -4.45 48.85
C ARG F 74 10.79 -5.86 49.10
N TRP F 75 11.58 -6.86 48.71
CA TRP F 75 11.14 -8.24 48.88
C TRP F 75 11.09 -8.63 50.35
N ILE F 76 12.07 -8.19 51.14
CA ILE F 76 12.03 -8.45 52.57
C ILE F 76 10.76 -7.87 53.18
N LEU F 77 10.49 -6.60 52.88
CA LEU F 77 9.28 -5.98 53.40
C LEU F 77 8.04 -6.69 52.90
N THR F 78 8.05 -7.21 51.68
CA THR F 78 6.88 -7.91 51.17
C THR F 78 6.65 -9.21 51.93
N PHE F 79 7.71 -9.91 52.30
CA PHE F 79 7.53 -11.10 53.11
C PHE F 79 7.03 -10.75 54.50
N ILE F 80 7.50 -9.63 55.05
CA ILE F 80 6.97 -9.21 56.35
C ILE F 80 5.49 -8.86 56.24
N LEU F 81 5.09 -8.26 55.11
CA LEU F 81 3.67 -8.01 54.87
C LEU F 81 2.88 -9.30 54.81
N LEU F 82 3.41 -10.30 54.10
CA LEU F 82 2.78 -11.61 54.06
C LEU F 82 2.52 -12.13 55.46
N PHE F 83 3.53 -12.05 56.33
CA PHE F 83 3.40 -12.53 57.70
C PHE F 83 2.30 -11.76 58.45
N VAL F 84 2.36 -10.43 58.42
CA VAL F 84 1.37 -9.64 59.14
C VAL F 84 -0.04 -9.89 58.60
N LEU F 85 -0.16 -10.18 57.31
CA LEU F 85 -1.47 -10.46 56.75
C LEU F 85 -2.00 -11.80 57.25
N VAL F 86 -1.11 -12.78 57.39
CA VAL F 86 -1.52 -14.03 58.03
C VAL F 86 -2.05 -13.76 59.43
N CYS F 87 -1.38 -12.88 60.16
CA CYS F 87 -1.84 -12.56 61.52
C CYS F 87 -3.21 -11.89 61.49
N GLU F 88 -3.43 -11.00 60.51
CA GLU F 88 -4.73 -10.35 60.39
C GLU F 88 -5.84 -11.35 60.09
N ILE F 89 -5.55 -12.33 59.23
CA ILE F 89 -6.53 -13.38 58.95
C ILE F 89 -6.83 -14.15 60.22
N ALA F 90 -5.80 -14.41 61.05
CA ALA F 90 -6.03 -15.06 62.33
C ALA F 90 -6.98 -14.24 63.20
N GLU F 91 -6.77 -12.92 63.26
CA GLU F 91 -7.67 -12.06 64.02
C GLU F 91 -9.10 -12.15 63.49
N GLY F 92 -9.25 -12.13 62.16
CA GLY F 92 -10.57 -12.20 61.57
C GLY F 92 -11.27 -13.52 61.86
N ILE F 93 -10.51 -14.60 61.95
CA ILE F 93 -11.10 -15.88 62.34
C ILE F 93 -11.52 -15.83 63.80
N LEU F 94 -10.69 -15.24 64.66
CA LEU F 94 -11.03 -15.18 66.09
C LEU F 94 -12.29 -14.36 66.32
N SER F 95 -12.46 -13.27 65.57
CA SER F 95 -13.60 -12.40 65.81
C SER F 95 -14.91 -13.06 65.36
N ASP F 96 -14.96 -13.54 64.12
CA ASP F 96 -16.17 -14.10 63.56
C ASP F 96 -16.64 -15.34 64.31
N HIS F 103 -19.66 -12.15 60.01
CA HIS F 103 -19.12 -10.84 59.69
C HIS F 103 -18.00 -10.88 58.65
N LEU F 104 -18.38 -11.04 57.37
CA LEU F 104 -17.38 -11.12 56.30
C LEU F 104 -16.64 -9.81 56.14
N HIS F 105 -17.37 -8.70 56.06
CA HIS F 105 -16.82 -7.38 55.82
C HIS F 105 -15.80 -6.95 56.88
N LEU F 106 -15.70 -7.67 57.98
CA LEU F 106 -14.78 -7.31 59.04
C LEU F 106 -13.40 -7.92 58.87
N TYR F 107 -13.28 -9.06 58.17
CA TYR F 107 -11.97 -9.63 57.89
C TYR F 107 -11.64 -9.65 56.41
N MET F 108 -12.47 -9.06 55.55
CA MET F 108 -12.06 -8.99 54.15
C MET F 108 -10.80 -8.18 53.87
N PRO F 109 -10.51 -7.07 54.59
CA PRO F 109 -9.31 -6.29 54.25
C PRO F 109 -8.02 -7.10 54.19
N ALA F 110 -7.85 -8.09 55.08
CA ALA F 110 -6.64 -8.91 55.05
C ALA F 110 -6.60 -9.76 53.79
N GLY F 111 -7.71 -10.44 53.48
CA GLY F 111 -7.78 -11.24 52.27
C GLY F 111 -7.57 -10.45 51.01
N MET F 112 -7.86 -9.15 51.04
CA MET F 112 -7.61 -8.34 49.85
C MET F 112 -6.17 -7.84 49.79
N ALA F 113 -5.63 -7.39 50.92
CA ALA F 113 -4.22 -6.98 50.93
C ALA F 113 -3.32 -8.14 50.57
N PHE F 114 -3.74 -9.37 50.85
CA PHE F 114 -2.94 -10.53 50.48
C PHE F 114 -2.74 -10.59 48.96
N MET F 115 -3.84 -10.58 48.22
CA MET F 115 -3.76 -10.57 46.77
C MET F 115 -3.12 -9.28 46.26
N ALA F 116 -3.31 -8.16 46.95
CA ALA F 116 -2.69 -6.93 46.51
C ALA F 116 -1.17 -6.98 46.63
N ALA F 117 -0.65 -7.56 47.71
CA ALA F 117 0.80 -7.70 47.86
C ALA F 117 1.35 -8.72 46.87
N ILE F 118 0.63 -9.82 46.66
CA ILE F 118 1.08 -10.77 45.65
C ILE F 118 1.10 -10.13 44.27
N THR F 119 0.10 -9.29 43.96
CA THR F 119 0.09 -8.63 42.68
C THR F 119 1.14 -7.52 42.60
N SER F 120 1.49 -6.92 43.74
CA SER F 120 2.62 -6.01 43.75
C SER F 120 3.92 -6.75 43.44
N VAL F 121 4.05 -7.97 43.96
CA VAL F 121 5.19 -8.80 43.59
C VAL F 121 5.16 -9.10 42.10
N VAL F 122 4.00 -9.40 41.56
CA VAL F 122 3.91 -9.70 40.12
C VAL F 122 4.28 -8.48 39.30
N TYR F 123 3.83 -7.31 39.73
CA TYR F 123 4.22 -6.07 39.06
C TYR F 123 5.73 -5.89 39.12
N TYR F 124 6.33 -6.10 40.29
CA TYR F 124 7.75 -5.85 40.38
C TYR F 124 8.54 -6.86 39.58
N HIS F 125 8.04 -8.08 39.45
CA HIS F 125 8.70 -9.02 38.54
C HIS F 125 8.58 -8.55 37.10
N ASN F 126 7.41 -8.05 36.72
CA ASN F 126 7.21 -7.54 35.36
C ASN F 126 8.02 -6.30 35.07
N ILE F 127 8.38 -5.54 36.10
CA ILE F 127 9.23 -4.37 35.91
C ILE F 127 10.70 -4.74 35.93
N GLU F 128 11.11 -5.69 36.77
CA GLU F 128 12.49 -6.16 36.71
C GLU F 128 12.78 -6.77 35.35
N THR F 129 11.80 -7.43 34.75
CA THR F 129 12.07 -8.04 33.45
C THR F 129 12.09 -6.99 32.34
N SER F 130 11.27 -5.95 32.43
CA SER F 130 11.29 -4.87 31.44
C SER F 130 10.97 -3.57 32.16
N ASN F 131 11.85 -2.59 32.03
CA ASN F 131 11.73 -1.39 32.84
C ASN F 131 10.72 -0.42 32.24
N PHE F 132 10.06 0.33 33.13
CA PHE F 132 9.11 1.35 32.74
C PHE F 132 9.12 2.46 33.79
N PRO F 133 8.77 3.67 33.41
CA PRO F 133 8.57 4.71 34.42
C PRO F 133 7.14 4.75 34.92
N LYS F 134 6.23 4.11 34.20
CA LYS F 134 4.82 4.29 34.51
C LYS F 134 4.32 3.24 35.49
N LEU F 135 4.73 1.98 35.32
CA LEU F 135 4.26 0.95 36.23
C LEU F 135 4.63 1.28 37.67
N LEU F 136 5.80 1.89 37.88
CA LEU F 136 6.22 2.30 39.22
C LEU F 136 5.27 3.32 39.82
N ILE F 137 4.91 4.35 39.06
CA ILE F 137 3.89 5.29 39.53
C ILE F 137 2.60 4.55 39.83
N ALA F 138 2.26 3.57 39.00
CA ALA F 138 1.09 2.76 39.29
C ALA F 138 1.19 2.07 40.65
N LEU F 139 2.39 1.69 41.06
CA LEU F 139 2.48 1.16 42.41
C LEU F 139 2.37 2.27 43.44
N LEU F 140 2.98 3.43 43.14
CA LEU F 140 3.08 4.47 44.16
C LEU F 140 1.70 4.99 44.55
N ILE F 141 0.79 5.07 43.57
CA ILE F 141 -0.56 5.53 43.87
C ILE F 141 -1.20 4.62 44.92
N TYR F 142 -1.12 3.31 44.69
CA TYR F 142 -1.72 2.36 45.61
C TYR F 142 -1.10 2.46 47.00
N TRP F 143 0.23 2.60 47.07
CA TRP F 143 0.86 2.70 48.37
C TRP F 143 0.31 3.92 49.14
N THR F 144 0.22 5.07 48.47
CA THR F 144 -0.28 6.26 49.16
C THR F 144 -1.70 6.05 49.67
N LEU F 145 -2.57 5.48 48.84
CA LEU F 145 -3.96 5.32 49.26
C LEU F 145 -4.08 4.32 50.42
N ALA F 146 -3.30 3.24 50.39
CA ALA F 146 -3.36 2.29 51.48
C ALA F 146 -2.86 2.91 52.78
N PHE F 147 -1.83 3.76 52.68
CA PHE F 147 -1.35 4.47 53.86
C PHE F 147 -2.43 5.36 54.45
N ILE F 148 -3.16 6.06 53.59
CA ILE F 148 -4.24 6.92 54.07
C ILE F 148 -5.29 6.12 54.82
N THR F 149 -5.74 5.00 54.23
CA THR F 149 -6.77 4.20 54.88
C THR F 149 -6.29 3.66 56.23
N LYS F 150 -5.04 3.20 56.29
CA LYS F 150 -4.52 2.68 57.55
C LYS F 150 -4.43 3.79 58.60
N THR F 151 -4.08 5.01 58.19
CA THR F 151 -4.04 6.13 59.12
C THR F 151 -5.42 6.40 59.70
N ILE F 152 -6.46 6.38 58.85
CA ILE F 152 -7.81 6.61 59.37
C ILE F 152 -8.18 5.52 60.37
N LYS F 153 -7.84 4.27 60.06
CA LYS F 153 -8.10 3.19 61.02
C LYS F 153 -7.43 3.46 62.35
N PHE F 154 -6.16 3.87 62.31
CA PHE F 154 -5.40 4.10 63.54
C PHE F 154 -6.02 5.21 64.37
N VAL F 155 -6.42 6.30 63.74
CA VAL F 155 -7.03 7.41 64.47
C VAL F 155 -8.31 6.96 65.15
N LYS F 156 -9.20 6.33 64.38
CA LYS F 156 -10.48 5.91 64.96
C LYS F 156 -10.29 4.88 66.06
N PHE F 157 -9.20 4.10 66.00
CA PHE F 157 -8.93 3.18 67.10
C PHE F 157 -8.41 3.93 68.32
N TYR F 158 -7.53 4.91 68.11
CA TYR F 158 -6.98 5.67 69.24
C TYR F 158 -8.08 6.38 70.00
N ASP F 159 -9.09 6.89 69.30
CA ASP F 159 -10.18 7.56 70.00
C ASP F 159 -10.92 6.62 70.94
N HIS F 160 -10.88 5.32 70.68
CA HIS F 160 -11.51 4.35 71.56
C HIS F 160 -10.49 3.71 72.50
N LEU F 167 -5.29 -6.41 70.50
CA LEU F 167 -4.51 -7.13 69.49
C LEU F 167 -4.51 -6.38 68.17
N ARG F 168 -5.65 -5.78 67.83
CA ARG F 168 -5.78 -5.07 66.55
C ARG F 168 -4.74 -3.96 66.44
N PHE F 169 -4.46 -3.30 67.56
CA PHE F 169 -3.60 -2.12 67.55
C PHE F 169 -2.21 -2.43 66.99
N CYS F 170 -1.60 -3.52 67.49
CA CYS F 170 -0.24 -3.85 67.08
C CYS F 170 -0.16 -4.23 65.61
N LEU F 171 -1.10 -5.04 65.13
CA LEU F 171 -1.09 -5.45 63.72
C LEU F 171 -1.27 -4.24 62.81
N THR F 172 -2.24 -3.38 63.13
CA THR F 172 -2.45 -2.20 62.29
C THR F 172 -1.21 -1.32 62.27
N GLY F 173 -0.55 -1.14 63.43
CA GLY F 173 0.66 -0.33 63.45
C GLY F 173 1.78 -0.93 62.61
N LEU F 174 1.98 -2.25 62.71
CA LEU F 174 3.02 -2.88 61.91
C LEU F 174 2.76 -2.71 60.42
N LEU F 175 1.50 -2.87 60.01
CA LEU F 175 1.16 -2.64 58.60
C LEU F 175 1.45 -1.21 58.18
N VAL F 176 1.13 -0.25 59.06
CA VAL F 176 1.40 1.15 58.74
C VAL F 176 2.88 1.36 58.50
N ILE F 177 3.72 0.84 59.40
CA ILE F 177 5.15 1.03 59.27
C ILE F 177 5.68 0.40 57.98
N LEU F 178 5.22 -0.81 57.67
CA LEU F 178 5.71 -1.48 56.47
C LEU F 178 5.30 -0.73 55.20
N TYR F 179 4.04 -0.31 55.12
CA TYR F 179 3.61 0.45 53.94
C TYR F 179 4.38 1.75 53.81
N GLY F 180 4.66 2.41 54.94
CA GLY F 180 5.45 3.64 54.88
C GLY F 180 6.85 3.39 54.36
N MET F 181 7.49 2.33 54.82
CA MET F 181 8.85 2.05 54.35
C MET F 181 8.84 1.69 52.87
N LEU F 182 7.82 0.97 52.40
CA LEU F 182 7.74 0.68 50.96
C LEU F 182 7.50 1.95 50.15
N LEU F 183 6.71 2.88 50.70
CA LEU F 183 6.54 4.19 50.07
C LEU F 183 7.88 4.91 49.94
N LEU F 184 8.66 4.91 51.01
CA LEU F 184 9.98 5.55 50.95
C LEU F 184 10.87 4.88 49.92
N VAL F 185 10.75 3.56 49.77
CA VAL F 185 11.50 2.86 48.75
C VAL F 185 11.11 3.35 47.36
N GLU F 186 9.80 3.49 47.12
CA GLU F 186 9.34 4.00 45.83
C GLU F 186 9.83 5.42 45.58
N VAL F 187 9.83 6.25 46.63
CA VAL F 187 10.32 7.61 46.47
C VAL F 187 11.81 7.58 46.14
N ASN F 188 12.56 6.67 46.76
CA ASN F 188 13.97 6.52 46.41
C ASN F 188 14.12 6.14 44.94
N VAL F 189 13.26 5.24 44.46
CA VAL F 189 13.36 4.77 43.09
C VAL F 189 13.09 5.91 42.10
N ILE F 190 12.09 6.74 42.37
CA ILE F 190 11.87 7.87 41.47
C ILE F 190 13.00 8.89 41.61
N ARG F 191 13.57 9.03 42.81
CA ARG F 191 14.69 9.94 43.00
C ARG F 191 15.91 9.48 42.22
N VAL F 192 16.03 8.18 41.98
CA VAL F 192 17.23 7.64 41.35
C VAL F 192 17.27 7.97 39.86
N ARG F 193 16.31 7.44 39.09
CA ARG F 193 16.46 7.45 37.64
C ARG F 193 15.43 8.27 36.90
N ARG F 194 14.19 7.81 36.72
CA ARG F 194 13.26 8.69 35.99
C ARG F 194 11.75 8.58 36.21
N TYR F 195 11.26 8.73 37.44
CA TYR F 195 9.81 8.67 37.63
C TYR F 195 9.14 9.85 36.94
N ILE F 196 9.69 11.04 37.17
CA ILE F 196 9.21 12.29 36.57
C ILE F 196 10.41 13.22 36.39
N PHE F 197 11.37 13.02 37.28
CA PHE F 197 12.62 13.80 37.38
C PHE F 197 12.98 14.32 35.98
N PHE F 198 13.97 15.21 35.93
CA PHE F 198 14.34 15.86 34.67
C PHE F 198 14.64 14.90 33.53
N LYS F 199 14.14 15.29 32.36
CA LYS F 199 14.21 14.57 31.08
C LYS F 199 14.73 13.13 31.02
N THR F 200 16.04 12.96 30.91
CA THR F 200 16.60 11.62 30.76
C THR F 200 17.07 10.92 32.03
N PRO F 201 16.65 9.66 32.18
CA PRO F 201 17.05 8.85 33.33
C PRO F 201 18.55 8.81 33.61
N ARG F 202 19.37 8.81 32.56
CA ARG F 202 20.77 8.46 32.74
C ARG F 202 20.76 7.04 33.29
N GLU F 203 19.89 6.23 32.70
CA GLU F 203 19.63 4.86 33.13
C GLU F 203 20.88 3.99 33.00
N VAL F 204 20.97 2.98 33.84
CA VAL F 204 22.20 2.25 34.08
C VAL F 204 22.80 1.54 32.87
N LYS F 205 21.99 0.92 32.02
CA LYS F 205 22.58 0.14 30.94
C LYS F 205 22.82 -1.28 31.43
N PRO F 206 21.76 -2.11 31.42
CA PRO F 206 21.70 -3.33 32.26
C PRO F 206 23.01 -4.06 32.38
N PRO F 207 23.30 -4.60 33.57
CA PRO F 207 24.65 -5.09 33.89
C PRO F 207 25.12 -6.18 32.94
N GLU F 208 26.26 -5.94 32.29
CA GLU F 208 26.84 -6.91 31.37
C GLU F 208 27.64 -7.99 32.08
N ASP F 209 27.97 -7.79 33.36
CA ASP F 209 28.74 -8.79 34.08
C ASP F 209 28.03 -10.14 34.06
N LEU F 210 26.77 -10.17 34.45
CA LEU F 210 26.01 -11.41 34.55
C LEU F 210 25.00 -11.58 33.42
N GLN F 211 24.89 -10.62 32.51
CA GLN F 211 23.91 -10.70 31.44
C GLN F 211 24.51 -10.68 30.04
N ASP F 212 25.73 -10.18 29.86
CA ASP F 212 26.29 -10.26 28.52
C ASP F 212 26.57 -11.73 28.16
N LEU F 213 27.49 -11.89 27.19
CA LEU F 213 27.57 -13.02 26.28
C LEU F 213 27.67 -14.39 26.96
N GLY F 214 26.93 -15.39 26.46
CA GLY F 214 26.56 -16.63 27.15
C GLY F 214 27.20 -16.98 28.48
N VAL F 215 26.38 -16.93 29.55
CA VAL F 215 26.67 -17.40 30.89
C VAL F 215 25.46 -18.18 31.39
N ARG F 216 25.71 -19.23 32.17
CA ARG F 216 24.66 -20.14 32.63
C ARG F 216 24.43 -20.14 34.13
N PHE F 217 25.37 -19.92 34.95
CA PHE F 217 25.26 -19.82 36.40
C PHE F 217 25.04 -18.36 36.77
N LEU F 218 23.77 -17.97 36.80
CA LEU F 218 23.35 -16.63 37.21
C LEU F 218 22.79 -16.72 38.63
N GLN F 219 23.68 -16.73 39.60
CA GLN F 219 23.20 -16.63 40.97
C GLN F 219 23.03 -15.18 41.42
N PRO F 220 24.01 -14.30 41.22
CA PRO F 220 23.88 -12.92 41.73
C PRO F 220 22.86 -12.07 40.98
N PHE F 221 22.29 -12.57 39.87
CA PHE F 221 21.47 -11.73 39.01
C PHE F 221 20.04 -12.23 38.87
N VAL F 222 19.38 -12.57 39.98
CA VAL F 222 18.00 -13.07 39.93
C VAL F 222 17.20 -12.44 41.07
N ASN F 223 15.90 -12.72 41.08
CA ASN F 223 14.97 -12.16 42.07
C ASN F 223 15.28 -12.71 43.45
N LEU F 224 15.28 -11.83 44.45
CA LEU F 224 15.75 -12.19 45.79
C LEU F 224 14.93 -13.33 46.40
N LEU F 225 13.78 -13.66 45.82
CA LEU F 225 13.09 -14.88 46.21
C LEU F 225 13.79 -16.11 45.64
N SER F 226 14.16 -16.04 44.35
CA SER F 226 14.85 -17.17 43.75
C SER F 226 16.27 -17.30 44.28
N LYS F 227 16.91 -16.19 44.68
CA LYS F 227 18.19 -16.28 45.38
C LYS F 227 18.09 -17.18 46.61
N GLY F 228 16.88 -17.37 47.15
CA GLY F 228 16.66 -18.25 48.27
C GLY F 228 16.17 -19.62 47.87
N THR F 229 15.21 -19.69 46.95
CA THR F 229 14.58 -20.97 46.59
C THR F 229 15.15 -21.59 45.32
N TYR F 230 16.17 -20.98 44.72
CA TYR F 230 16.90 -21.57 43.60
C TYR F 230 15.98 -21.93 42.44
N TRP F 231 15.02 -21.04 42.16
CA TRP F 231 14.05 -21.33 41.11
C TRP F 231 14.69 -21.32 39.72
N TRP F 232 15.77 -20.57 39.54
CA TRP F 232 16.44 -20.50 38.26
C TRP F 232 17.03 -21.83 37.82
N MET F 233 17.14 -22.80 38.73
CA MET F 233 17.67 -24.12 38.39
C MET F 233 16.65 -25.03 37.72
N ASN F 234 15.36 -24.64 37.70
CA ASN F 234 14.36 -25.47 37.06
C ASN F 234 14.69 -25.67 35.58
N ALA F 235 15.01 -24.58 34.89
CA ALA F 235 15.31 -24.69 33.46
C ALA F 235 16.54 -25.55 33.23
N PHE F 236 17.62 -25.29 33.99
CA PHE F 236 18.84 -26.06 33.82
C PHE F 236 18.57 -27.55 34.03
N ILE F 237 17.90 -27.90 35.12
CA ILE F 237 17.73 -29.32 35.43
C ILE F 237 16.79 -29.99 34.42
N LYS F 238 15.77 -29.26 33.93
CA LYS F 238 14.89 -29.86 32.94
C LYS F 238 15.64 -30.09 31.63
N THR F 239 16.43 -29.12 31.18
CA THR F 239 17.23 -29.34 29.98
C THR F 239 18.25 -30.45 30.19
N ALA F 240 18.79 -30.55 31.41
CA ALA F 240 19.79 -31.56 31.71
C ALA F 240 19.21 -32.96 31.65
N HIS F 241 17.92 -33.12 31.98
CA HIS F 241 17.30 -34.43 31.90
C HIS F 241 17.43 -35.03 30.50
N LYS F 242 17.28 -34.20 29.47
CA LYS F 242 17.28 -34.70 28.08
C LYS F 242 18.69 -34.76 27.50
N LYS F 243 19.39 -33.63 27.46
CA LYS F 243 20.68 -33.53 26.79
C LYS F 243 21.80 -33.65 27.81
N PRO F 244 22.83 -34.46 27.53
CA PRO F 244 23.92 -34.64 28.52
C PRO F 244 24.73 -33.36 28.69
N ILE F 245 24.94 -32.98 29.96
CA ILE F 245 25.65 -31.75 30.27
C ILE F 245 27.12 -31.87 29.92
N ASP F 246 27.72 -30.76 29.53
CA ASP F 246 29.16 -30.71 29.31
C ASP F 246 29.61 -29.26 29.48
N LEU F 247 30.91 -29.04 29.32
CA LEU F 247 31.47 -27.70 29.50
C LEU F 247 30.97 -26.73 28.43
N ARG F 248 30.59 -27.24 27.26
CA ARG F 248 29.94 -26.39 26.25
C ARG F 248 28.50 -26.10 26.63
N ALA F 249 27.83 -27.04 27.30
CA ALA F 249 26.47 -26.83 27.79
C ALA F 249 26.45 -26.13 29.14
N ILE F 250 27.60 -25.96 29.78
CA ILE F 250 27.70 -25.29 31.06
C ILE F 250 28.03 -23.82 30.81
N GLY F 251 27.81 -23.00 31.83
CA GLY F 251 28.07 -21.57 31.73
C GLY F 251 29.52 -21.23 31.94
N LYS F 252 29.76 -19.95 32.21
CA LYS F 252 31.07 -19.45 32.58
C LYS F 252 30.91 -18.57 33.81
N LEU F 253 31.91 -18.61 34.69
CA LEU F 253 31.73 -17.98 36.00
C LEU F 253 31.59 -16.47 35.87
N PRO F 254 30.72 -15.85 36.68
CA PRO F 254 30.57 -14.39 36.62
C PRO F 254 31.85 -13.68 37.04
N ILE F 255 31.89 -12.39 36.72
CA ILE F 255 33.01 -11.54 37.13
C ILE F 255 33.08 -11.44 38.65
N ALA F 256 31.99 -11.76 39.35
CA ALA F 256 31.98 -11.68 40.81
C ALA F 256 32.82 -12.77 41.46
N MET F 257 33.17 -13.82 40.73
CA MET F 257 33.91 -14.94 41.31
C MET F 257 34.73 -15.60 40.22
N ARG F 258 36.02 -15.27 40.19
CA ARG F 258 36.96 -15.86 39.25
C ARG F 258 38.24 -16.15 40.03
N ALA F 259 39.27 -16.57 39.29
CA ALA F 259 40.61 -16.57 39.86
C ALA F 259 41.11 -15.15 40.07
N LEU F 260 40.87 -14.28 39.08
CA LEU F 260 41.40 -12.92 39.14
C LEU F 260 40.75 -12.11 40.25
N THR F 261 39.42 -12.20 40.41
CA THR F 261 38.73 -11.39 41.41
C THR F 261 39.16 -11.75 42.82
N ASN F 262 39.09 -13.03 43.16
CA ASN F 262 39.47 -13.48 44.50
C ASN F 262 40.95 -13.27 44.74
N TYR F 263 41.78 -13.52 43.73
CA TYR F 263 43.21 -13.23 43.87
C TYR F 263 43.45 -11.76 44.12
N GLN F 264 42.68 -10.89 43.46
CA GLN F 264 42.84 -9.46 43.63
C GLN F 264 42.49 -9.04 45.05
N ARG F 265 41.34 -9.48 45.55
CA ARG F 265 40.95 -9.13 46.90
C ARG F 265 41.94 -9.67 47.93
N LEU F 266 42.37 -10.92 47.76
CA LEU F 266 43.30 -11.51 48.71
C LEU F 266 44.66 -10.81 48.68
N CYS F 267 45.16 -10.46 47.49
CA CYS F 267 46.45 -9.79 47.43
C CYS F 267 46.35 -8.37 47.95
N VAL F 268 45.20 -7.70 47.78
CA VAL F 268 45.02 -6.38 48.36
C VAL F 268 45.06 -6.46 49.87
N ALA F 269 44.37 -7.44 50.46
CA ALA F 269 44.41 -7.59 51.91
C ALA F 269 45.81 -7.96 52.40
N PHE F 270 46.48 -8.88 51.70
CA PHE F 270 47.85 -9.26 52.06
C PHE F 270 48.78 -8.07 51.96
N ASP F 271 48.58 -7.21 50.97
CA ASP F 271 49.41 -6.02 50.80
C ASP F 271 49.18 -5.03 51.94
N ALA F 272 47.91 -4.75 52.25
CA ALA F 272 47.60 -3.81 53.31
C ALA F 272 48.06 -4.32 54.67
N GLN F 273 48.17 -5.65 54.83
CA GLN F 273 48.66 -6.20 56.09
C GLN F 273 50.18 -6.30 56.16
N ALA F 274 50.84 -6.55 55.02
CA ALA F 274 52.30 -6.68 55.01
C ALA F 274 53.00 -5.33 54.94
N ARG F 275 52.33 -4.29 54.44
CA ARG F 275 52.91 -2.95 54.47
C ARG F 275 53.01 -2.41 55.89
N LYS F 276 52.28 -3.01 56.85
CA LYS F 276 52.32 -2.61 58.24
C LYS F 276 53.26 -3.48 59.07
N ASP F 277 54.04 -4.34 58.44
CA ASP F 277 54.99 -5.19 59.15
C ASP F 277 56.12 -4.36 59.76
N GLY F 283 54.14 -14.48 57.74
CA GLY F 283 53.65 -14.90 59.04
C GLY F 283 52.33 -15.61 59.00
N ALA F 284 52.08 -16.49 59.99
CA ALA F 284 50.85 -17.26 60.01
C ALA F 284 49.66 -16.40 60.40
N ARG F 285 49.76 -15.71 61.54
CA ARG F 285 48.68 -14.83 61.97
C ARG F 285 48.40 -13.75 60.94
N ALA F 286 49.44 -13.27 60.25
CA ALA F 286 49.25 -12.23 59.23
C ALA F 286 48.41 -12.74 58.07
N ILE F 287 48.77 -13.90 57.52
CA ILE F 287 48.00 -14.48 56.42
C ILE F 287 46.58 -14.79 56.88
N TRP F 288 46.43 -15.24 58.13
CA TRP F 288 45.10 -15.53 58.65
C TRP F 288 44.23 -14.28 58.64
N ARG F 289 44.69 -13.23 59.33
CA ARG F 289 43.94 -11.97 59.36
C ARG F 289 43.72 -11.41 57.96
N ALA F 290 44.66 -11.63 57.06
CA ALA F 290 44.49 -11.17 55.68
C ALA F 290 43.29 -11.87 55.03
N LEU F 291 43.24 -13.20 55.13
CA LEU F 291 42.08 -13.95 54.63
C LEU F 291 40.79 -13.46 55.28
N CYS F 292 40.85 -13.23 56.59
CA CYS F 292 39.66 -12.82 57.33
C CYS F 292 39.12 -11.49 56.79
N HIS F 293 39.98 -10.47 56.75
CA HIS F 293 39.57 -9.16 56.26
C HIS F 293 39.25 -9.18 54.77
N ALA F 294 39.78 -10.15 54.03
CA ALA F 294 39.53 -10.21 52.60
C ALA F 294 38.17 -10.82 52.29
N PHE F 295 37.74 -11.81 53.07
CA PHE F 295 36.47 -12.48 52.79
C PHE F 295 35.33 -11.98 53.65
N GLY F 296 35.60 -11.24 54.72
CA GLY F 296 34.67 -10.28 55.29
C GLY F 296 33.19 -10.61 55.36
N ARG F 297 32.40 -9.80 54.66
CA ARG F 297 30.97 -9.67 54.97
C ARG F 297 30.21 -10.95 54.66
N ARG F 298 30.60 -11.69 53.62
CA ARG F 298 29.84 -12.86 53.19
C ARG F 298 29.78 -13.91 54.30
N LEU F 299 30.92 -14.15 54.96
CA LEU F 299 30.98 -15.20 55.97
C LEU F 299 30.10 -14.87 57.17
N ILE F 300 30.15 -13.62 57.65
CA ILE F 300 29.34 -13.24 58.80
C ILE F 300 27.87 -13.20 58.42
N LEU F 301 27.55 -12.83 57.18
CA LEU F 301 26.18 -12.87 56.70
C LEU F 301 25.64 -14.31 56.75
N SER F 302 26.41 -15.25 56.25
CA SER F 302 26.03 -16.65 56.34
C SER F 302 25.84 -17.07 57.79
N SER F 303 26.76 -16.66 58.67
CA SER F 303 26.68 -17.06 60.06
C SER F 303 25.42 -16.53 60.74
N THR F 304 25.01 -15.30 60.40
CA THR F 304 23.83 -14.75 61.07
C THR F 304 22.54 -15.33 60.50
N PHE F 305 22.49 -15.58 59.18
CA PHE F 305 21.42 -16.42 58.63
C PHE F 305 21.31 -17.70 59.45
N ARG F 306 22.44 -18.33 59.71
CA ARG F 306 22.48 -19.63 60.38
C ARG F 306 21.94 -19.53 61.81
N ILE F 307 22.35 -18.50 62.55
CA ILE F 307 21.90 -18.41 63.94
C ILE F 307 20.40 -18.10 64.01
N LEU F 308 19.89 -17.27 63.10
CA LEU F 308 18.45 -17.01 63.11
C LEU F 308 17.67 -18.28 62.79
N ALA F 309 18.16 -19.06 61.83
CA ALA F 309 17.52 -20.34 61.54
C ALA F 309 17.54 -21.26 62.75
N ASP F 310 18.67 -21.30 63.47
CA ASP F 310 18.76 -22.13 64.66
C ASP F 310 17.74 -21.71 65.72
N LEU F 311 17.56 -20.40 65.88
CA LEU F 311 16.56 -19.91 66.83
C LEU F 311 15.17 -20.39 66.46
N LEU F 312 14.77 -20.21 65.21
CA LEU F 312 13.42 -20.62 64.81
C LEU F 312 13.24 -22.13 64.93
N GLY F 313 14.32 -22.90 64.68
CA GLY F 313 14.24 -24.34 64.83
C GLY F 313 14.04 -24.76 66.28
N PHE F 314 14.74 -24.09 67.20
CA PHE F 314 14.44 -24.30 68.61
C PHE F 314 13.04 -23.83 68.97
N ALA F 315 12.46 -22.91 68.19
CA ALA F 315 11.14 -22.39 68.50
C ALA F 315 10.01 -23.34 68.10
N GLY F 316 10.16 -24.08 67.01
CA GLY F 316 9.09 -24.96 66.54
C GLY F 316 8.41 -25.85 67.57
N PRO F 317 9.20 -26.68 68.26
CA PRO F 317 8.62 -27.60 69.25
C PRO F 317 7.82 -26.91 70.35
N LEU F 318 8.11 -25.65 70.67
CA LEU F 318 7.34 -24.99 71.73
C LEU F 318 5.91 -24.71 71.28
N CYS F 319 5.72 -24.33 70.01
CA CYS F 319 4.37 -24.15 69.52
C CYS F 319 3.67 -25.50 69.36
N ILE F 320 4.43 -26.56 69.05
CA ILE F 320 3.86 -27.90 69.14
C ILE F 320 3.30 -28.13 70.55
N PHE F 321 4.12 -27.84 71.57
CA PHE F 321 3.73 -27.99 72.96
C PHE F 321 2.46 -27.21 73.27
N GLY F 322 2.41 -25.96 72.81
CA GLY F 322 1.23 -25.13 73.05
C GLY F 322 -0.03 -25.72 72.43
N ILE F 323 0.07 -26.20 71.19
CA ILE F 323 -1.08 -26.86 70.56
C ILE F 323 -1.53 -28.05 71.39
N VAL F 324 -0.57 -28.90 71.79
CA VAL F 324 -0.94 -30.09 72.55
C VAL F 324 -1.63 -29.72 73.85
N ASP F 325 -1.18 -28.63 74.49
CA ASP F 325 -1.83 -28.17 75.71
C ASP F 325 -3.25 -27.71 75.44
N HIS F 326 -3.43 -26.90 74.39
CA HIS F 326 -4.73 -26.27 74.16
C HIS F 326 -5.83 -27.30 73.93
N LEU F 327 -5.53 -28.35 73.18
CA LEU F 327 -6.57 -29.33 72.84
C LEU F 327 -6.93 -30.20 74.04
N GLY F 328 -5.96 -30.50 74.90
CA GLY F 328 -6.25 -31.30 76.09
C GLY F 328 -7.14 -30.61 77.09
N LYS F 329 -7.18 -29.29 77.06
CA LYS F 329 -7.95 -28.53 78.03
C LYS F 329 -9.04 -27.71 77.34
N ASN F 354 -7.43 -21.30 69.49
CA ASN F 354 -6.10 -20.72 69.63
C ASN F 354 -5.05 -21.70 69.12
N ALA F 355 -5.50 -22.71 68.36
CA ALA F 355 -4.61 -23.75 67.88
C ALA F 355 -4.39 -23.74 66.37
N TYR F 356 -5.42 -23.38 65.58
CA TYR F 356 -5.21 -23.23 64.15
C TYR F 356 -4.14 -22.18 63.86
N VAL F 357 -4.17 -21.08 64.63
CA VAL F 357 -3.17 -20.04 64.50
C VAL F 357 -1.78 -20.60 64.75
N LEU F 358 -1.64 -21.41 65.79
CA LEU F 358 -0.35 -22.01 66.10
C LEU F 358 0.08 -22.98 64.99
N ALA F 359 -0.88 -23.67 64.36
CA ALA F 359 -0.53 -24.58 63.28
C ALA F 359 0.01 -23.83 62.07
N VAL F 360 -0.68 -22.77 61.64
CA VAL F 360 -0.19 -22.03 60.49
C VAL F 360 1.12 -21.31 60.83
N LEU F 361 1.28 -20.86 62.07
CA LEU F 361 2.54 -20.28 62.49
C LEU F 361 3.67 -21.31 62.43
N LEU F 362 3.37 -22.55 62.83
CA LEU F 362 4.35 -23.62 62.74
C LEU F 362 4.76 -23.86 61.28
N PHE F 363 3.78 -23.88 60.39
CA PHE F 363 4.07 -24.02 58.95
C PHE F 363 5.02 -22.92 58.48
N LEU F 364 4.66 -21.66 58.77
CA LEU F 364 5.47 -20.53 58.34
C LEU F 364 6.88 -20.60 58.92
N ALA F 365 6.98 -20.90 60.22
CA ALA F 365 8.28 -20.93 60.88
C ALA F 365 9.15 -22.05 60.33
N LEU F 366 8.56 -23.21 60.06
CA LEU F 366 9.33 -24.30 59.46
C LEU F 366 9.91 -23.86 58.11
N LEU F 367 9.04 -23.36 57.22
CA LEU F 367 9.53 -23.01 55.89
C LEU F 367 10.60 -21.93 55.96
N LEU F 368 10.39 -20.91 56.81
CA LEU F 368 11.36 -19.81 56.90
C LEU F 368 12.69 -20.27 57.49
N GLN F 369 12.63 -21.04 58.58
CA GLN F 369 13.84 -21.55 59.21
C GLN F 369 14.67 -22.36 58.22
N ARG F 370 14.01 -23.29 57.51
CA ARG F 370 14.76 -24.15 56.60
C ARG F 370 15.31 -23.35 55.42
N THR F 371 14.53 -22.38 54.92
CA THR F 371 15.04 -21.54 53.83
C THR F 371 16.28 -20.77 54.26
N PHE F 372 16.26 -20.20 55.47
CA PHE F 372 17.42 -19.46 55.96
C PHE F 372 18.62 -20.38 56.16
N LEU F 373 18.37 -21.58 56.68
CA LEU F 373 19.44 -22.57 56.83
C LEU F 373 20.12 -22.85 55.49
N GLN F 374 19.30 -23.05 54.45
CA GLN F 374 19.87 -23.40 53.14
C GLN F 374 20.63 -22.23 52.52
N ALA F 375 20.07 -21.03 52.61
CA ALA F 375 20.80 -19.86 52.14
C ALA F 375 22.13 -19.72 52.86
N SER F 376 22.15 -20.01 54.17
CA SER F 376 23.39 -19.97 54.93
C SER F 376 24.41 -20.96 54.37
N TYR F 377 23.98 -22.22 54.20
CA TYR F 377 24.87 -23.23 53.62
C TYR F 377 25.47 -22.72 52.31
N TYR F 378 24.63 -22.22 51.41
CA TYR F 378 25.11 -21.85 50.08
C TYR F 378 26.11 -20.71 50.15
N VAL F 379 25.80 -19.67 50.94
CA VAL F 379 26.70 -18.53 51.02
C VAL F 379 28.05 -18.95 51.57
N ALA F 380 28.04 -19.82 52.59
CA ALA F 380 29.30 -20.33 53.13
C ALA F 380 30.07 -21.13 52.08
N ILE F 381 29.39 -21.99 51.33
CA ILE F 381 30.06 -22.80 50.32
C ILE F 381 30.69 -21.91 49.26
N GLU F 382 29.99 -20.85 48.88
CA GLU F 382 30.52 -19.99 47.83
C GLU F 382 31.73 -19.21 48.31
N THR F 383 31.68 -18.71 49.56
CA THR F 383 32.87 -18.08 50.13
C THR F 383 34.04 -19.04 50.16
N GLY F 384 33.78 -20.31 50.51
CA GLY F 384 34.86 -21.28 50.52
C GLY F 384 35.44 -21.54 49.14
N ILE F 385 34.58 -21.62 48.12
CA ILE F 385 35.08 -21.85 46.77
C ILE F 385 35.91 -20.66 46.29
N ASN F 386 35.45 -19.45 46.59
CA ASN F 386 36.26 -18.27 46.33
C ASN F 386 37.63 -18.40 46.97
N LEU F 387 37.66 -18.76 48.26
CA LEU F 387 38.93 -18.85 48.98
C LEU F 387 39.85 -19.89 48.36
N ARG F 388 39.29 -21.04 47.95
CA ARG F 388 40.11 -22.07 47.33
C ARG F 388 40.74 -21.56 46.05
N GLY F 389 39.93 -20.99 45.15
CA GLY F 389 40.48 -20.44 43.93
C GLY F 389 41.56 -19.40 44.20
N ALA F 390 41.31 -18.52 45.18
CA ALA F 390 42.24 -17.45 45.48
C ALA F 390 43.58 -17.99 45.95
N ILE F 391 43.57 -18.81 47.01
CA ILE F 391 44.84 -19.27 47.55
C ILE F 391 45.54 -20.23 46.58
N GLN F 392 44.77 -20.91 45.72
CA GLN F 392 45.41 -21.77 44.72
C GLN F 392 46.18 -20.94 43.70
N THR F 393 45.54 -19.93 43.11
CA THR F 393 46.28 -19.10 42.16
C THR F 393 47.39 -18.33 42.85
N LYS F 394 47.25 -18.03 44.15
CA LYS F 394 48.31 -17.34 44.86
C LYS F 394 49.54 -18.22 45.02
N ILE F 395 49.35 -19.46 45.50
CA ILE F 395 50.48 -20.36 45.65
C ILE F 395 51.04 -20.79 44.29
N TYR F 396 50.25 -20.66 43.22
CA TYR F 396 50.85 -20.85 41.91
C TYR F 396 51.69 -19.66 41.48
N ASN F 397 51.25 -18.44 41.84
CA ASN F 397 52.05 -17.26 41.59
C ASN F 397 53.38 -17.34 42.34
N LYS F 398 53.35 -17.90 43.55
CA LYS F 398 54.57 -18.10 44.32
C LYS F 398 55.46 -19.15 43.69
N ILE F 399 54.88 -20.12 42.98
CA ILE F 399 55.66 -21.18 42.35
C ILE F 399 56.58 -20.63 41.27
N MET F 400 56.32 -19.42 40.79
CA MET F 400 57.13 -18.85 39.72
C MET F 400 58.43 -18.24 40.24
N HIS F 401 58.41 -17.68 41.46
CA HIS F 401 59.55 -16.93 41.97
C HIS F 401 60.45 -17.75 42.88
N LEU F 402 60.13 -19.03 43.12
CA LEU F 402 60.92 -19.82 44.05
C LEU F 402 62.24 -20.23 43.42
N SER F 403 63.18 -20.62 44.29
CA SER F 403 64.53 -20.97 43.87
C SER F 403 64.64 -22.47 43.63
N THR F 404 65.65 -22.85 42.85
CA THR F 404 65.81 -24.24 42.43
C THR F 404 66.35 -25.14 43.54
N SER F 405 67.06 -24.57 44.52
CA SER F 405 67.63 -25.39 45.59
C SER F 405 66.57 -25.99 46.50
N ASN F 406 65.38 -25.40 46.56
CA ASN F 406 64.33 -25.89 47.44
C ASN F 406 63.41 -26.87 46.72
N GLU F 411 62.10 -32.97 44.30
CA GLU F 411 61.48 -34.29 44.43
C GLU F 411 60.53 -34.33 45.62
N MET F 412 61.08 -34.20 46.82
CA MET F 412 60.25 -34.18 48.02
C MET F 412 59.46 -32.88 48.11
N THR F 413 60.08 -31.76 47.73
CA THR F 413 59.36 -30.49 47.73
C THR F 413 58.25 -30.48 46.69
N ALA F 414 58.42 -31.18 45.57
CA ALA F 414 57.36 -31.24 44.57
C ALA F 414 56.17 -32.04 45.08
N GLY F 415 56.41 -33.19 45.70
CA GLY F 415 55.34 -33.95 46.31
C GLY F 415 54.65 -33.18 47.42
N GLN F 416 55.44 -32.44 48.23
CA GLN F 416 54.85 -31.61 49.27
C GLN F 416 54.02 -30.48 48.68
N ILE F 417 54.44 -29.93 47.53
CA ILE F 417 53.67 -28.88 46.88
C ILE F 417 52.35 -29.43 46.38
N CYS F 418 52.37 -30.58 45.71
CA CYS F 418 51.15 -31.13 45.15
C CYS F 418 50.22 -31.71 46.22
N ASN F 419 50.76 -32.10 47.38
CA ASN F 419 49.89 -32.37 48.52
C ASN F 419 49.36 -31.08 49.11
N LEU F 420 50.15 -30.00 49.04
CA LEU F 420 49.69 -28.71 49.51
C LEU F 420 48.53 -28.18 48.69
N VAL F 421 48.28 -28.75 47.52
CA VAL F 421 47.14 -28.38 46.70
C VAL F 421 46.04 -29.43 46.74
N ALA F 422 46.37 -30.70 46.98
CA ALA F 422 45.39 -31.78 46.91
C ALA F 422 44.71 -32.06 48.24
N ILE F 423 45.41 -31.89 49.36
CA ILE F 423 44.82 -32.16 50.68
C ILE F 423 44.79 -30.91 51.55
N ASP F 424 45.84 -30.10 51.53
CA ASP F 424 45.87 -28.92 52.40
C ASP F 424 44.83 -27.89 51.99
N THR F 425 44.72 -27.61 50.68
CA THR F 425 43.75 -26.64 50.20
C THR F 425 42.33 -27.14 50.40
N ASN F 426 42.10 -28.43 50.18
CA ASN F 426 40.77 -28.99 50.44
C ASN F 426 40.42 -28.90 51.92
N GLN F 427 41.40 -29.13 52.80
CA GLN F 427 41.16 -28.96 54.22
C GLN F 427 40.78 -27.52 54.55
N LEU F 428 41.55 -26.57 54.02
CA LEU F 428 41.24 -25.16 54.22
C LEU F 428 39.81 -24.85 53.78
N MET F 429 39.44 -25.29 52.57
CA MET F 429 38.13 -24.93 52.03
C MET F 429 37.00 -25.60 52.79
N TRP F 430 37.17 -26.86 53.20
CA TRP F 430 36.11 -27.51 53.96
C TRP F 430 36.00 -26.93 55.37
N PHE F 431 37.11 -26.49 55.95
CA PHE F 431 37.05 -25.75 57.19
C PHE F 431 36.30 -24.44 57.01
N PHE F 432 36.47 -23.79 55.86
CA PHE F 432 35.70 -22.57 55.63
C PHE F 432 34.23 -22.87 55.39
N PHE F 433 33.92 -24.06 54.84
CA PHE F 433 32.54 -24.53 54.84
C PHE F 433 31.99 -24.57 56.27
N LEU F 434 32.72 -25.22 57.17
CA LEU F 434 32.23 -25.48 58.52
C LEU F 434 32.42 -24.31 59.49
N CYS F 435 33.05 -23.22 59.05
CA CYS F 435 33.25 -22.06 59.93
C CYS F 435 31.97 -21.55 60.59
N PRO F 436 30.89 -21.23 59.86
CA PRO F 436 29.69 -20.70 60.54
C PRO F 436 29.03 -21.70 61.47
N ASN F 437 29.16 -23.00 61.19
CA ASN F 437 28.65 -24.00 62.10
C ASN F 437 29.33 -23.92 63.47
N LEU F 438 30.62 -23.58 63.49
CA LEU F 438 31.35 -23.47 64.76
C LEU F 438 30.83 -22.31 65.60
N TRP F 439 30.33 -21.25 64.96
CA TRP F 439 29.73 -20.15 65.71
C TRP F 439 28.30 -20.46 66.11
N ALA F 440 27.56 -21.20 65.29
CA ALA F 440 26.15 -21.44 65.55
C ALA F 440 25.88 -22.65 66.45
N MET F 441 26.86 -23.52 66.67
CA MET F 441 26.63 -24.68 67.52
C MET F 441 26.44 -24.31 68.99
N PRO F 442 27.29 -23.48 69.61
CA PRO F 442 27.11 -23.21 71.05
C PRO F 442 25.76 -22.59 71.39
N VAL F 443 25.31 -21.61 70.61
CA VAL F 443 24.02 -21.00 70.88
C VAL F 443 22.91 -22.02 70.74
N GLN F 444 23.07 -22.98 69.82
CA GLN F 444 22.06 -24.01 69.65
C GLN F 444 21.96 -24.90 70.88
N ILE F 445 23.10 -25.40 71.38
CA ILE F 445 23.04 -26.27 72.55
C ILE F 445 22.58 -25.51 73.79
N ILE F 446 22.95 -24.23 73.90
CA ILE F 446 22.54 -23.43 75.05
C ILE F 446 21.03 -23.21 75.05
N VAL F 447 20.48 -22.77 73.93
CA VAL F 447 19.03 -22.59 73.82
C VAL F 447 18.31 -23.91 74.06
N GLY F 448 18.86 -25.01 73.54
CA GLY F 448 18.25 -26.31 73.75
C GLY F 448 18.17 -26.67 75.23
N VAL F 449 19.28 -26.53 75.95
CA VAL F 449 19.28 -26.93 77.35
C VAL F 449 18.38 -26.03 78.18
N ILE F 450 18.41 -24.71 77.93
CA ILE F 450 17.58 -23.81 78.74
C ILE F 450 16.11 -24.03 78.43
N LEU F 451 15.77 -24.37 77.18
CA LEU F 451 14.38 -24.61 76.86
C LEU F 451 13.88 -25.90 77.48
N LEU F 452 14.67 -26.97 77.40
CA LEU F 452 14.22 -28.24 77.97
C LEU F 452 14.16 -28.17 79.49
N TYR F 453 15.00 -27.33 80.12
CA TYR F 453 14.90 -27.19 81.58
C TYR F 453 13.55 -26.62 82.00
N TYR F 454 13.05 -25.62 81.27
CA TYR F 454 11.79 -24.99 81.66
C TYR F 454 10.57 -25.82 81.31
N ILE F 455 10.74 -26.93 80.59
CA ILE F 455 9.64 -27.81 80.25
C ILE F 455 9.59 -29.02 81.16
N LEU F 456 10.74 -29.55 81.57
CA LEU F 456 10.81 -30.74 82.40
C LEU F 456 11.37 -30.49 83.80
N GLY F 457 11.84 -29.28 84.09
CA GLY F 457 12.36 -29.00 85.41
C GLY F 457 13.75 -29.59 85.64
N VAL F 458 14.05 -29.84 86.92
CA VAL F 458 15.38 -30.30 87.33
C VAL F 458 15.76 -31.58 86.58
N SER F 459 14.81 -32.51 86.46
CA SER F 459 15.07 -33.76 85.74
C SER F 459 15.64 -33.50 84.35
N ALA F 460 15.12 -32.49 83.67
CA ALA F 460 15.60 -32.13 82.34
C ALA F 460 17.13 -32.01 82.34
N LEU F 461 17.67 -31.28 83.33
CA LEU F 461 19.11 -31.11 83.44
C LEU F 461 19.84 -32.44 83.32
N ILE F 462 19.39 -33.44 84.08
CA ILE F 462 20.04 -34.76 84.03
C ILE F 462 20.07 -35.26 82.59
N GLY F 463 18.91 -35.27 81.93
CA GLY F 463 18.87 -35.68 80.54
C GLY F 463 19.78 -34.83 79.67
N ALA F 464 19.76 -33.51 79.91
CA ALA F 464 20.60 -32.59 79.13
C ALA F 464 22.07 -32.93 79.27
N ALA F 465 22.47 -33.62 80.34
CA ALA F 465 23.85 -34.05 80.45
C ALA F 465 24.13 -35.20 79.50
N VAL F 466 23.27 -36.23 79.52
CA VAL F 466 23.57 -37.48 78.82
C VAL F 466 23.84 -37.23 77.34
N ILE F 467 22.90 -36.56 76.67
CA ILE F 467 23.08 -36.25 75.25
C ILE F 467 24.38 -35.50 75.03
N ILE F 468 24.65 -34.48 75.85
CA ILE F 468 25.87 -33.70 75.67
C ILE F 468 27.10 -34.61 75.82
N LEU F 469 27.02 -35.58 76.72
CA LEU F 469 28.14 -36.48 76.95
C LEU F 469 28.48 -37.31 75.71
N LEU F 470 27.56 -37.42 74.76
CA LEU F 470 27.87 -38.15 73.53
C LEU F 470 28.82 -37.38 72.63
N ALA F 471 28.83 -36.04 72.74
CA ALA F 471 29.62 -35.25 71.80
C ALA F 471 31.12 -35.45 71.99
N PRO F 472 31.69 -35.35 73.20
CA PRO F 472 33.13 -35.65 73.32
C PRO F 472 33.47 -37.09 72.98
N VAL F 473 32.67 -38.05 73.49
CA VAL F 473 32.92 -39.47 73.21
C VAL F 473 33.03 -39.70 71.72
N GLN F 474 32.06 -39.21 70.96
CA GLN F 474 32.12 -39.28 69.50
C GLN F 474 33.49 -38.90 68.98
N TYR F 475 33.98 -37.72 69.37
CA TYR F 475 35.29 -37.26 68.94
C TYR F 475 36.34 -38.34 69.19
N PHE F 476 36.40 -38.84 70.42
CA PHE F 476 37.35 -39.91 70.74
C PHE F 476 37.22 -41.05 69.73
N VAL F 477 36.01 -41.55 69.54
CA VAL F 477 35.78 -42.62 68.58
C VAL F 477 36.40 -42.26 67.23
N ALA F 478 36.07 -41.05 66.73
CA ALA F 478 36.60 -40.62 65.44
C ALA F 478 38.11 -40.76 65.40
N THR F 479 38.79 -40.26 66.43
CA THR F 479 40.25 -40.33 66.45
C THR F 479 40.74 -41.75 66.26
N LYS F 480 40.14 -42.70 66.99
CA LYS F 480 40.52 -44.10 66.85
C LYS F 480 40.43 -44.53 65.40
N LEU F 481 39.29 -44.24 64.76
CA LEU F 481 39.11 -44.51 63.34
C LEU F 481 40.34 -44.07 62.56
N SER F 482 40.69 -42.78 62.69
CA SER F 482 41.83 -42.23 61.96
C SER F 482 43.05 -43.10 62.13
N GLN F 483 43.41 -43.39 63.39
CA GLN F 483 44.56 -44.24 63.65
C GLN F 483 44.47 -45.53 62.84
N ALA F 484 43.36 -46.25 63.02
CA ALA F 484 43.16 -47.49 62.27
C ALA F 484 43.38 -47.26 60.79
N GLN F 485 42.73 -46.22 60.25
CA GLN F 485 42.87 -45.91 58.83
C GLN F 485 44.33 -45.91 58.41
N ARG F 486 45.16 -45.13 59.13
CA ARG F 486 46.58 -45.04 58.81
C ARG F 486 47.17 -46.43 58.62
N SER F 487 47.07 -47.26 59.67
CA SER F 487 47.64 -48.60 59.62
C SER F 487 47.16 -49.33 58.36
N THR F 488 45.85 -49.37 58.16
CA THR F 488 45.30 -50.09 57.01
C THR F 488 45.93 -49.59 55.73
N LEU F 489 45.98 -48.27 55.55
CA LEU F 489 46.51 -47.71 54.32
C LEU F 489 47.89 -48.29 54.02
N GLU F 490 48.75 -48.33 55.04
CA GLU F 490 50.08 -48.89 54.87
C GLU F 490 50.02 -50.25 54.19
N HIS F 491 49.32 -51.19 54.82
CA HIS F 491 49.21 -52.54 54.25
C HIS F 491 48.72 -52.47 52.81
N SER F 492 47.66 -51.69 52.57
CA SER F 492 47.09 -51.61 51.23
C SER F 492 48.17 -51.26 50.22
N ASN F 493 48.96 -50.22 50.53
CA ASN F 493 49.99 -49.79 49.59
C ASN F 493 50.90 -50.94 49.22
N GLU F 494 51.39 -51.67 50.23
CA GLU F 494 52.29 -52.78 49.96
C GLU F 494 51.65 -53.78 49.01
N ARG F 495 50.38 -54.11 49.25
CA ARG F 495 49.69 -55.05 48.38
C ARG F 495 49.78 -54.60 46.92
N LEU F 496 49.50 -53.32 46.67
CA LEU F 496 49.54 -52.81 45.31
C LEU F 496 50.89 -53.10 44.66
N LYS F 497 51.98 -52.89 45.41
CA LYS F 497 53.30 -53.19 44.87
C LYS F 497 53.38 -54.64 44.41
N GLN F 498 53.01 -55.57 45.29
CA GLN F 498 53.08 -56.99 44.96
C GLN F 498 52.14 -57.37 43.82
N THR F 499 51.24 -56.47 43.42
CA THR F 499 50.41 -56.71 42.25
C THR F 499 51.06 -56.17 40.98
N ASN F 500 51.71 -54.99 41.07
CA ASN F 500 52.22 -54.33 39.88
C ASN F 500 53.22 -55.21 39.13
N GLU F 501 53.93 -56.07 39.85
CA GLU F 501 54.84 -57.00 39.20
C GLU F 501 54.08 -58.04 38.39
N MET F 502 53.08 -58.68 39.01
CA MET F 502 52.38 -59.78 38.36
C MET F 502 51.69 -59.32 37.08
N LEU F 503 51.08 -58.13 37.11
CA LEU F 503 50.40 -57.60 35.95
C LEU F 503 51.35 -56.96 34.94
N ARG F 504 52.66 -57.16 35.08
CA ARG F 504 53.61 -56.75 34.05
C ARG F 504 54.42 -57.90 33.49
N GLY F 505 54.87 -58.82 34.33
CA GLY F 505 55.55 -60.01 33.85
C GLY F 505 54.56 -61.10 33.50
N MET F 506 53.48 -60.70 32.82
CA MET F 506 52.38 -61.62 32.53
C MET F 506 52.86 -62.83 31.73
N LYS F 507 53.48 -62.59 30.57
CA LYS F 507 53.95 -63.70 29.76
C LYS F 507 55.04 -64.47 30.49
N LEU F 508 55.98 -63.75 31.12
CA LEU F 508 56.98 -64.42 31.95
C LEU F 508 56.32 -65.29 33.01
N LEU F 509 55.33 -64.73 33.71
CA LEU F 509 54.68 -65.46 34.80
C LEU F 509 54.03 -66.74 34.28
N LYS F 510 53.22 -66.63 33.24
CA LYS F 510 52.48 -67.78 32.75
C LYS F 510 53.32 -68.72 31.89
N LEU F 511 54.54 -68.34 31.52
CA LEU F 511 55.36 -69.21 30.69
C LEU F 511 55.87 -70.43 31.46
N TYR F 512 55.88 -70.37 32.79
CA TYR F 512 56.25 -71.52 33.61
C TYR F 512 55.25 -71.78 34.72
N ALA F 513 54.13 -71.05 34.75
CA ALA F 513 53.04 -71.27 35.71
C ALA F 513 53.52 -71.16 37.16
N TRP F 514 54.35 -70.16 37.43
CA TRP F 514 54.66 -69.80 38.81
C TRP F 514 53.63 -68.84 39.38
N GLU F 515 52.48 -68.68 38.71
CA GLU F 515 51.51 -67.66 39.09
C GLU F 515 50.85 -67.99 40.42
N SER F 516 50.50 -69.26 40.66
CA SER F 516 49.89 -69.63 41.93
C SER F 516 50.83 -69.35 43.10
N ILE F 517 52.14 -69.50 42.87
CA ILE F 517 53.12 -69.27 43.92
C ILE F 517 53.09 -67.80 44.37
N PHE F 518 52.92 -66.88 43.41
CA PHE F 518 52.81 -65.46 43.77
C PHE F 518 51.43 -65.12 44.30
N CYS F 519 50.38 -65.82 43.83
CA CYS F 519 49.04 -65.57 44.36
C CYS F 519 48.94 -65.95 45.83
N SER F 520 49.68 -66.98 46.24
CA SER F 520 49.74 -67.32 47.66
C SER F 520 50.27 -66.15 48.48
N ARG F 521 51.34 -65.51 48.00
CA ARG F 521 51.90 -64.35 48.69
C ARG F 521 50.92 -63.18 48.70
N VAL F 522 50.24 -62.95 47.58
CA VAL F 522 49.25 -61.87 47.50
C VAL F 522 48.13 -62.11 48.51
N GLU F 523 47.69 -63.37 48.65
CA GLU F 523 46.65 -63.67 49.64
C GLU F 523 47.19 -63.52 51.06
N VAL F 524 48.45 -63.86 51.29
CA VAL F 524 49.08 -63.61 52.58
C VAL F 524 48.96 -62.14 52.94
N THR F 525 49.22 -61.21 52.02
CA THR F 525 49.08 -59.78 52.38
C THR F 525 47.63 -59.38 52.74
N ARG F 526 46.71 -59.98 51.98
CA ARG F 526 45.29 -59.69 52.10
C ARG F 526 44.74 -60.00 53.48
N ARG F 527 45.20 -61.08 54.10
CA ARG F 527 44.73 -61.43 55.42
C ARG F 527 45.08 -60.35 56.46
N LYS F 528 46.30 -59.79 56.36
CA LYS F 528 46.73 -58.72 57.25
C LYS F 528 45.83 -57.50 57.05
N GLU F 529 45.54 -57.22 55.77
CA GLU F 529 44.67 -56.10 55.46
C GLU F 529 43.28 -56.32 56.09
N MET F 530 42.77 -57.55 56.00
CA MET F 530 41.47 -57.91 56.56
C MET F 530 41.46 -57.74 58.07
N THR F 531 42.57 -58.11 58.70
CA THR F 531 42.70 -58.00 60.14
C THR F 531 42.58 -56.54 60.57
N SER F 532 43.18 -55.62 59.84
CA SER F 532 43.05 -54.21 60.27
C SER F 532 41.59 -53.66 60.27
N LEU F 533 40.88 -54.03 59.22
CA LEU F 533 39.52 -53.70 58.81
C LEU F 533 38.51 -54.12 59.87
N ARG F 534 38.79 -55.21 60.60
CA ARG F 534 37.90 -55.64 61.67
C ARG F 534 37.78 -54.57 62.74
N ALA F 535 38.93 -54.06 63.23
CA ALA F 535 38.89 -53.02 64.25
C ALA F 535 38.25 -51.74 63.73
N PHE F 536 38.57 -51.36 62.49
CA PHE F 536 37.97 -50.17 61.89
C PHE F 536 36.45 -50.29 61.86
N ALA F 537 35.94 -51.44 61.41
CA ALA F 537 34.50 -51.62 61.33
C ALA F 537 33.87 -51.76 62.71
N VAL F 538 34.63 -52.25 63.69
CA VAL F 538 34.13 -52.26 65.07
C VAL F 538 33.92 -50.84 65.56
N TYR F 539 34.86 -49.94 65.26
CA TYR F 539 34.67 -48.55 65.65
C TYR F 539 33.51 -47.90 64.90
N THR F 540 33.37 -48.22 63.61
CA THR F 540 32.22 -47.73 62.86
C THR F 540 30.91 -48.21 63.48
N SER F 541 30.87 -49.47 63.90
CA SER F 541 29.70 -50.04 64.55
C SER F 541 29.40 -49.33 65.86
N ILE F 542 30.44 -49.03 66.64
CA ILE F 542 30.24 -48.31 67.90
C ILE F 542 29.66 -46.92 67.63
N SER F 543 30.15 -46.25 66.58
CA SER F 543 29.62 -44.94 66.23
C SER F 543 28.14 -45.02 65.86
N ILE F 544 27.79 -45.91 64.94
CA ILE F 544 26.40 -46.05 64.52
C ILE F 544 25.53 -46.45 65.70
N PHE F 545 26.07 -47.26 66.61
CA PHE F 545 25.30 -47.70 67.78
C PHE F 545 24.99 -46.55 68.71
N MET F 546 26.01 -45.76 69.07
CA MET F 546 25.78 -44.59 69.92
C MET F 546 24.80 -43.63 69.26
N ASN F 547 24.88 -43.48 67.94
CA ASN F 547 24.04 -42.53 67.21
C ASN F 547 22.57 -42.67 67.57
N THR F 548 22.05 -43.89 67.58
CA THR F 548 20.65 -44.12 67.92
C THR F 548 20.45 -44.63 69.34
N ALA F 549 21.53 -44.91 70.07
CA ALA F 549 21.38 -45.32 71.46
C ALA F 549 21.19 -44.13 72.39
N ILE F 550 21.92 -43.03 72.16
CA ILE F 550 21.78 -41.87 73.04
C ILE F 550 20.39 -41.25 72.97
N PRO F 551 19.73 -41.15 71.81
CA PRO F 551 18.33 -40.69 71.82
C PRO F 551 17.42 -41.54 72.69
N ILE F 552 17.59 -42.87 72.67
CA ILE F 552 16.76 -43.72 73.50
C ILE F 552 17.13 -43.55 74.97
N ALA F 553 18.43 -43.50 75.27
CA ALA F 553 18.88 -43.43 76.67
C ALA F 553 18.47 -42.12 77.31
N ALA F 554 18.49 -41.02 76.56
CA ALA F 554 18.05 -39.74 77.10
C ALA F 554 16.62 -39.83 77.61
N VAL F 555 15.70 -40.30 76.76
CA VAL F 555 14.30 -40.38 77.15
C VAL F 555 14.13 -41.37 78.29
N LEU F 556 14.83 -42.51 78.22
CA LEU F 556 14.74 -43.51 79.29
C LEU F 556 15.10 -42.89 80.65
N ILE F 557 16.37 -42.49 80.82
CA ILE F 557 16.85 -41.97 82.09
C ILE F 557 16.24 -40.61 82.45
N THR F 558 15.54 -39.96 81.52
CA THR F 558 14.88 -38.71 81.86
C THR F 558 13.46 -38.94 82.36
N PHE F 559 12.65 -39.67 81.58
CA PHE F 559 11.27 -39.89 81.99
C PHE F 559 11.18 -40.81 83.21
N VAL F 560 11.99 -41.87 83.25
CA VAL F 560 11.97 -42.70 84.44
C VAL F 560 12.49 -41.93 85.65
N GLY F 561 13.49 -41.07 85.43
CA GLY F 561 14.05 -40.23 86.48
C GLY F 561 13.29 -38.96 86.80
N HIS F 562 12.20 -38.67 86.09
CA HIS F 562 11.40 -37.49 86.36
C HIS F 562 10.16 -37.81 87.19
N VAL F 563 9.31 -38.72 86.69
CA VAL F 563 8.05 -39.00 87.36
C VAL F 563 8.27 -39.93 88.54
N SER F 564 8.79 -41.13 88.30
CA SER F 564 8.93 -42.15 89.33
C SER F 564 10.15 -41.92 90.23
N PHE F 565 10.84 -40.80 90.09
CA PHE F 565 11.98 -40.51 90.95
C PHE F 565 11.82 -39.26 91.79
N PHE F 566 11.50 -38.12 91.18
CA PHE F 566 11.73 -36.83 91.83
C PHE F 566 10.48 -36.26 92.49
N LEU F 571 2.80 -35.81 84.01
CA LEU F 571 3.50 -35.47 82.77
C LEU F 571 2.48 -35.44 81.64
N SER F 572 2.00 -34.24 81.31
CA SER F 572 1.08 -34.08 80.20
C SER F 572 1.75 -34.51 78.91
N PRO F 573 0.97 -34.97 77.91
CA PRO F 573 1.58 -35.39 76.64
C PRO F 573 2.46 -34.32 76.02
N SER F 574 2.10 -33.05 76.21
CA SER F 574 2.86 -31.95 75.63
C SER F 574 4.30 -31.97 76.11
N VAL F 575 4.51 -32.15 77.43
CA VAL F 575 5.86 -32.13 77.97
C VAL F 575 6.72 -33.22 77.34
N ALA F 576 6.22 -34.46 77.36
CA ALA F 576 6.98 -35.59 76.84
C ALA F 576 7.29 -35.42 75.35
N PHE F 577 6.29 -35.01 74.57
CA PHE F 577 6.52 -34.93 73.13
C PHE F 577 7.40 -33.74 72.76
N ALA F 578 7.29 -32.63 73.49
CA ALA F 578 8.21 -31.52 73.27
C ALA F 578 9.64 -31.94 73.61
N SER F 579 9.82 -32.70 74.70
CA SER F 579 11.14 -33.21 75.03
C SER F 579 11.68 -34.11 73.94
N LEU F 580 10.82 -34.95 73.36
CA LEU F 580 11.22 -35.82 72.26
C LEU F 580 11.70 -35.00 71.07
N SER F 581 10.90 -34.02 70.65
CA SER F 581 11.28 -33.16 69.53
C SER F 581 12.62 -32.48 69.81
N LEU F 582 12.76 -31.86 70.99
CA LEU F 582 14.01 -31.19 71.31
C LEU F 582 15.18 -32.16 71.34
N PHE F 583 14.96 -33.40 71.79
CA PHE F 583 16.02 -34.39 71.79
C PHE F 583 16.53 -34.64 70.37
N HIS F 584 15.61 -34.77 69.41
CA HIS F 584 16.10 -34.98 68.04
C HIS F 584 16.76 -33.72 67.49
N ILE F 585 16.16 -32.56 67.73
CA ILE F 585 16.68 -31.29 67.23
C ILE F 585 18.03 -30.96 67.85
N LEU F 586 18.37 -31.58 68.97
CA LEU F 586 19.68 -31.41 69.58
C LEU F 586 20.66 -32.52 69.22
N VAL F 587 20.15 -33.73 68.92
CA VAL F 587 21.02 -34.81 68.48
C VAL F 587 21.60 -34.50 67.11
N THR F 588 20.80 -33.92 66.22
CA THR F 588 21.31 -33.61 64.89
C THR F 588 22.55 -32.72 64.90
N PRO F 589 22.59 -31.60 65.63
CA PRO F 589 23.81 -30.77 65.59
C PRO F 589 24.99 -31.38 66.34
N LEU F 590 24.75 -32.24 67.34
CA LEU F 590 25.83 -32.70 68.21
C LEU F 590 26.93 -33.42 67.45
N PHE F 591 26.55 -34.29 66.50
CA PHE F 591 27.56 -35.01 65.72
C PHE F 591 28.49 -34.08 64.98
N LEU F 592 27.97 -32.94 64.52
CA LEU F 592 28.76 -32.06 63.66
C LEU F 592 29.87 -31.35 64.41
N LEU F 593 29.73 -31.17 65.73
CA LEU F 593 30.76 -30.47 66.50
C LEU F 593 32.07 -31.23 66.49
N SER F 594 32.02 -32.56 66.56
CA SER F 594 33.24 -33.36 66.56
C SER F 594 34.02 -33.18 65.25
N SER F 595 33.33 -33.39 64.12
CA SER F 595 33.95 -33.19 62.82
C SER F 595 34.41 -31.74 62.66
N VAL F 596 33.68 -30.78 63.23
CA VAL F 596 34.10 -29.38 63.15
C VAL F 596 35.41 -29.17 63.89
N VAL F 597 35.55 -29.75 65.08
CA VAL F 597 36.79 -29.59 65.83
C VAL F 597 37.95 -30.23 65.07
N ARG F 598 37.74 -31.44 64.55
CA ARG F 598 38.82 -32.09 63.79
C ARG F 598 39.19 -31.25 62.58
N SER F 599 38.19 -30.77 61.84
CA SER F 599 38.45 -29.97 60.65
C SER F 599 39.18 -28.69 61.00
N THR F 600 38.84 -28.07 62.12
CA THR F 600 39.47 -26.81 62.51
C THR F 600 40.94 -26.99 62.86
N VAL F 601 41.25 -28.01 63.66
CA VAL F 601 42.66 -28.23 64.00
C VAL F 601 43.47 -28.61 62.77
N LYS F 602 42.89 -29.45 61.90
CA LYS F 602 43.59 -29.82 60.68
C LYS F 602 43.81 -28.62 59.77
N ALA F 603 42.83 -27.71 59.70
CA ALA F 603 42.98 -26.52 58.89
C ALA F 603 44.03 -25.58 59.46
N LEU F 604 44.09 -25.46 60.78
CA LEU F 604 45.14 -24.67 61.41
C LEU F 604 46.51 -25.19 61.03
N VAL F 605 46.70 -26.52 61.12
CA VAL F 605 47.98 -27.10 60.74
C VAL F 605 48.28 -26.86 59.26
N SER F 606 47.26 -26.99 58.40
CA SER F 606 47.48 -26.81 56.97
C SER F 606 47.81 -25.36 56.62
N VAL F 607 47.24 -24.39 57.34
CA VAL F 607 47.57 -23.00 57.06
C VAL F 607 48.96 -22.67 57.60
N GLN F 608 49.38 -23.27 58.73
CA GLN F 608 50.77 -23.13 59.13
C GLN F 608 51.70 -23.66 58.04
N LYS F 609 51.35 -24.80 57.46
CA LYS F 609 52.15 -25.37 56.37
C LYS F 609 52.17 -24.44 55.16
N LEU F 610 51.01 -23.91 54.78
CA LEU F 610 50.93 -22.99 53.64
C LEU F 610 51.77 -21.75 53.87
N SER F 611 51.79 -21.25 55.11
CA SER F 611 52.60 -20.08 55.42
C SER F 611 54.08 -20.40 55.36
N GLU F 612 54.48 -21.57 55.89
CA GLU F 612 55.88 -21.98 55.80
C GLU F 612 56.32 -22.10 54.36
N PHE F 613 55.45 -22.62 53.49
CA PHE F 613 55.81 -22.75 52.08
C PHE F 613 55.82 -21.40 51.38
N LEU F 614 54.69 -20.69 51.41
CA LEU F 614 54.52 -19.43 50.69
C LEU F 614 55.57 -18.39 51.06
N SER F 615 56.30 -18.58 52.15
CA SER F 615 57.26 -17.59 52.60
C SER F 615 58.67 -18.16 52.66
N SER F 616 59.09 -18.87 51.62
CA SER F 616 60.45 -19.41 51.57
C SER F 616 61.30 -18.66 50.55
N CYS F 678 75.11 -9.20 22.41
CA CYS F 678 75.91 -10.24 23.05
C CYS F 678 75.49 -10.44 24.50
N VAL F 679 75.93 -11.54 25.09
CA VAL F 679 75.68 -11.85 26.49
C VAL F 679 76.96 -11.56 27.26
N GLN F 680 76.95 -10.52 28.08
CA GLN F 680 78.13 -10.05 28.79
C GLN F 680 78.04 -10.45 30.26
N ILE F 681 79.14 -10.98 30.80
CA ILE F 681 79.25 -11.30 32.21
C ILE F 681 80.60 -10.80 32.70
N ILE F 682 80.59 -10.05 33.80
CA ILE F 682 81.82 -9.55 34.42
C ILE F 682 81.72 -9.75 35.92
N GLY F 683 82.68 -10.47 36.50
CA GLY F 683 82.75 -10.70 37.92
C GLY F 683 81.72 -11.67 38.47
N GLY F 684 81.71 -12.90 37.98
CA GLY F 684 80.70 -13.87 38.40
C GLY F 684 80.91 -14.27 39.86
N PHE F 685 79.83 -14.23 40.64
CA PHE F 685 79.92 -14.57 42.06
C PHE F 685 78.52 -14.90 42.57
N PHE F 686 78.26 -16.18 42.84
CA PHE F 686 77.00 -16.60 43.46
C PHE F 686 77.14 -18.03 43.96
N THR F 687 76.15 -18.46 44.73
CA THR F 687 76.10 -19.81 45.27
C THR F 687 74.65 -20.20 45.49
N TRP F 688 74.44 -21.45 45.88
CA TRP F 688 73.09 -22.01 46.07
C TRP F 688 72.62 -21.89 47.52
N THR F 689 72.71 -20.70 48.10
CA THR F 689 72.24 -20.45 49.47
C THR F 689 72.20 -18.95 49.72
N PRO F 690 71.35 -18.48 50.64
CA PRO F 690 71.44 -17.09 51.09
C PRO F 690 72.76 -16.78 51.78
N ASP F 691 73.47 -17.79 52.28
CA ASP F 691 74.76 -17.61 52.90
C ASP F 691 75.52 -18.93 52.83
N GLY F 692 76.78 -18.87 52.42
CA GLY F 692 77.59 -20.07 52.30
C GLY F 692 78.76 -19.84 51.38
N ILE F 693 79.62 -20.85 51.31
CA ILE F 693 80.80 -20.77 50.45
C ILE F 693 80.35 -20.73 48.99
N PRO F 694 80.95 -19.88 48.16
CA PRO F 694 80.47 -19.72 46.78
C PRO F 694 81.07 -20.73 45.81
N THR F 695 80.24 -21.13 44.85
CA THR F 695 80.69 -21.99 43.75
C THR F 695 80.93 -21.21 42.47
N LEU F 696 80.33 -20.03 42.32
CA LEU F 696 80.58 -19.14 41.20
C LEU F 696 81.61 -18.11 41.63
N SER F 697 82.74 -18.05 40.92
CA SER F 697 83.84 -17.19 41.34
C SER F 697 84.56 -16.64 40.11
N ASN F 698 84.48 -15.32 39.93
CA ASN F 698 85.31 -14.59 38.97
C ASN F 698 85.12 -15.13 37.55
N ILE F 699 83.91 -14.97 37.03
CA ILE F 699 83.57 -15.39 35.67
C ILE F 699 83.28 -14.15 34.84
N THR F 700 83.96 -14.04 33.71
CA THR F 700 83.77 -12.94 32.76
C THR F 700 83.76 -13.54 31.37
N ILE F 701 82.63 -13.42 30.67
CA ILE F 701 82.44 -14.12 29.40
C ILE F 701 81.57 -13.26 28.49
N ARG F 702 81.96 -13.21 27.21
CA ARG F 702 81.19 -12.51 26.19
C ARG F 702 80.68 -13.53 25.17
N ILE F 703 79.37 -13.49 24.92
CA ILE F 703 78.73 -14.40 23.98
C ILE F 703 78.14 -13.57 22.84
N PRO F 704 78.90 -13.29 21.79
CA PRO F 704 78.38 -12.49 20.68
C PRO F 704 77.33 -13.24 19.88
N ARG F 705 76.63 -12.48 19.04
CA ARG F 705 75.57 -13.02 18.19
C ARG F 705 76.14 -13.90 17.09
N GLY F 706 75.37 -14.93 16.72
CA GLY F 706 75.72 -15.81 15.62
C GLY F 706 77.04 -16.51 15.82
N GLN F 707 77.11 -17.39 16.81
CA GLN F 707 78.38 -17.99 17.20
C GLN F 707 78.12 -19.23 18.03
N LEU F 708 78.72 -20.35 17.63
CA LEU F 708 78.63 -21.58 18.40
C LEU F 708 79.63 -21.54 19.55
N THR F 709 79.15 -21.74 20.77
CA THR F 709 79.99 -21.65 21.96
C THR F 709 79.86 -22.94 22.76
N MET F 710 80.90 -23.76 22.73
CA MET F 710 80.94 -24.96 23.55
C MET F 710 81.50 -24.62 24.92
N ILE F 711 81.07 -25.40 25.91
CA ILE F 711 81.63 -25.34 27.26
C ILE F 711 82.08 -26.75 27.61
N VAL F 712 83.38 -26.90 27.93
CA VAL F 712 83.96 -28.20 28.19
C VAL F 712 84.70 -28.14 29.53
N GLY F 713 84.84 -29.31 30.14
CA GLY F 713 85.50 -29.40 31.42
C GLY F 713 85.26 -30.75 32.05
N GLN F 714 85.59 -30.84 33.34
CA GLN F 714 85.41 -32.06 34.10
C GLN F 714 84.00 -32.11 34.70
N VAL F 715 83.73 -33.16 35.46
CA VAL F 715 82.42 -33.32 36.10
C VAL F 715 82.43 -32.49 37.38
N GLY F 716 81.58 -31.47 37.42
CA GLY F 716 81.50 -30.60 38.58
C GLY F 716 82.32 -29.33 38.45
N CYS F 717 82.21 -28.65 37.32
CA CYS F 717 82.96 -27.43 37.05
C CYS F 717 82.07 -26.23 36.79
N GLY F 718 80.81 -26.30 37.20
CA GLY F 718 79.90 -25.18 37.00
C GLY F 718 79.54 -24.91 35.56
N LYS F 719 79.30 -25.96 34.77
CA LYS F 719 78.83 -25.77 33.40
C LYS F 719 77.37 -25.41 33.36
N SER F 720 76.50 -26.30 33.86
CA SER F 720 75.08 -26.01 33.90
C SER F 720 74.78 -24.90 34.91
N SER F 721 75.61 -24.76 35.95
CA SER F 721 75.46 -23.65 36.87
C SER F 721 75.68 -22.33 36.15
N LEU F 722 76.75 -22.24 35.35
CA LEU F 722 76.96 -21.07 34.51
C LEU F 722 75.84 -20.89 33.51
N LEU F 723 75.28 -22.00 33.02
CA LEU F 723 74.14 -21.91 32.10
C LEU F 723 72.96 -21.22 32.77
N LEU F 724 72.60 -21.67 33.98
CA LEU F 724 71.46 -21.08 34.67
C LEU F 724 71.76 -19.67 35.16
N ALA F 725 73.03 -19.35 35.40
CA ALA F 725 73.38 -18.00 35.82
C ALA F 725 73.30 -17.02 34.64
N THR F 726 73.74 -17.47 33.46
CA THR F 726 73.54 -16.66 32.25
C THR F 726 72.07 -16.43 31.98
N LEU F 727 71.21 -17.33 32.45
CA LEU F 727 69.78 -17.24 32.25
C LEU F 727 69.15 -16.16 33.11
N GLY F 728 69.84 -15.72 34.17
CA GLY F 728 69.23 -14.93 35.20
C GLY F 728 68.54 -15.75 36.28
N GLU F 729 68.59 -17.08 36.17
CA GLU F 729 67.92 -17.94 37.14
C GLU F 729 68.50 -17.77 38.53
N MET F 730 69.80 -17.51 38.64
CA MET F 730 70.48 -17.34 39.91
C MET F 730 71.06 -15.92 39.97
N GLN F 731 70.41 -15.05 40.74
CA GLN F 731 70.85 -13.67 40.89
C GLN F 731 72.17 -13.63 41.63
N LYS F 732 73.25 -13.29 40.92
CA LYS F 732 74.58 -13.34 41.49
C LYS F 732 74.77 -12.30 42.60
N VAL F 733 75.67 -12.61 43.52
CA VAL F 733 75.89 -11.75 44.68
C VAL F 733 76.55 -10.44 44.24
N SER F 734 77.75 -10.52 43.66
CA SER F 734 78.51 -9.35 43.26
C SER F 734 79.02 -9.58 41.85
N GLY F 735 78.31 -9.04 40.86
CA GLY F 735 78.71 -9.18 39.47
C GLY F 735 77.67 -8.56 38.56
N ALA F 736 78.07 -8.40 37.30
CA ALA F 736 77.21 -7.78 36.30
C ALA F 736 76.97 -8.76 35.15
N VAL F 737 75.72 -8.81 34.69
CA VAL F 737 75.32 -9.70 33.61
C VAL F 737 74.24 -9.02 32.77
N PHE F 738 74.49 -8.89 31.47
CA PHE F 738 73.56 -8.27 30.54
C PHE F 738 73.40 -9.15 29.32
N TRP F 739 72.27 -8.97 28.63
CA TRP F 739 72.07 -9.60 27.33
C TRP F 739 71.01 -8.84 26.53
N GLY F 768 65.16 -11.44 28.71
CA GLY F 768 64.61 -11.79 27.41
C GLY F 768 64.14 -13.24 27.34
N PRO F 769 63.28 -13.55 26.34
CA PRO F 769 62.76 -14.92 26.18
C PRO F 769 63.78 -15.79 25.46
N VAL F 770 64.34 -16.75 26.20
CA VAL F 770 65.45 -17.56 25.72
C VAL F 770 65.04 -19.02 25.75
N ALA F 771 65.25 -19.74 24.65
CA ALA F 771 64.92 -21.15 24.58
C ALA F 771 65.97 -21.96 25.33
N TYR F 772 65.52 -22.99 26.04
CA TYR F 772 66.42 -23.73 26.92
C TYR F 772 65.91 -25.14 27.12
N ALA F 773 66.75 -26.12 26.85
CA ALA F 773 66.50 -27.51 27.18
C ALA F 773 67.44 -27.91 28.30
N SER F 774 66.87 -28.37 29.42
CA SER F 774 67.65 -28.68 30.61
C SER F 774 68.35 -30.03 30.45
N GLN F 775 69.20 -30.34 31.43
CA GLN F 775 69.91 -31.61 31.41
C GLN F 775 68.94 -32.78 31.60
N LYS F 776 68.08 -32.69 32.62
CA LYS F 776 67.06 -33.70 32.83
C LYS F 776 65.84 -33.35 31.99
N PRO F 777 65.41 -34.21 31.06
CA PRO F 777 64.32 -33.82 30.16
C PRO F 777 62.97 -33.86 30.87
N TRP F 778 62.10 -32.94 30.50
CA TRP F 778 60.76 -32.87 31.07
C TRP F 778 59.75 -32.77 29.95
N LEU F 779 58.54 -33.27 30.23
CA LEU F 779 57.45 -33.30 29.27
C LEU F 779 56.18 -32.77 29.93
N LEU F 780 55.14 -32.60 29.13
CA LEU F 780 53.82 -32.20 29.61
C LEU F 780 52.87 -33.39 29.56
N ASN F 781 51.64 -33.15 29.99
CA ASN F 781 50.58 -34.14 29.92
C ASN F 781 49.75 -33.87 28.66
N ALA F 782 50.38 -34.09 27.51
CA ALA F 782 49.79 -33.72 26.24
C ALA F 782 50.43 -34.58 25.15
N THR F 783 50.25 -34.18 23.89
CA THR F 783 50.73 -34.94 22.75
C THR F 783 52.15 -34.53 22.36
N VAL F 784 52.70 -35.24 21.37
CA VAL F 784 54.06 -34.95 20.92
C VAL F 784 54.09 -33.63 20.16
N GLU F 785 53.16 -33.45 19.21
CA GLU F 785 53.07 -32.20 18.47
C GLU F 785 52.91 -31.02 19.43
N GLU F 786 52.16 -31.22 20.51
CA GLU F 786 51.94 -30.15 21.47
C GLU F 786 53.22 -29.80 22.22
N ASN F 787 53.91 -30.81 22.74
CA ASN F 787 55.16 -30.55 23.45
C ASN F 787 56.20 -29.90 22.55
N ILE F 788 56.20 -30.24 21.26
CA ILE F 788 57.20 -29.66 20.38
C ILE F 788 56.78 -28.26 19.93
N THR F 789 55.48 -27.99 19.82
CA THR F 789 55.03 -26.65 19.48
C THR F 789 55.09 -25.72 20.68
N PHE F 790 54.62 -26.18 21.83
CA PHE F 790 54.71 -25.45 23.11
C PHE F 790 54.04 -24.08 23.00
N GLU F 791 52.72 -24.13 22.80
CA GLU F 791 51.88 -22.94 22.72
C GLU F 791 52.36 -21.99 21.62
N SER F 792 52.72 -22.56 20.47
CA SER F 792 53.11 -21.79 19.31
C SER F 792 52.22 -22.15 18.12
N PRO F 793 51.88 -21.18 17.28
CA PRO F 793 51.08 -21.49 16.09
C PRO F 793 51.79 -22.49 15.21
N PHE F 794 51.04 -23.50 14.76
CA PHE F 794 51.65 -24.61 14.04
C PHE F 794 52.14 -24.16 12.67
N ASN F 795 53.17 -24.85 12.19
CA ASN F 795 53.72 -24.63 10.86
C ASN F 795 53.84 -25.96 10.14
N LYS F 796 53.74 -25.90 8.81
CA LYS F 796 53.94 -27.09 7.99
C LYS F 796 55.42 -27.34 7.75
N GLN F 797 56.07 -26.44 7.03
CA GLN F 797 57.47 -26.64 6.68
C GLN F 797 58.37 -26.56 7.90
N ARG F 798 58.13 -25.59 8.79
CA ARG F 798 58.98 -25.43 9.95
C ARG F 798 58.91 -26.66 10.85
N TYR F 799 57.70 -27.09 11.20
CA TYR F 799 57.55 -28.24 12.08
C TYR F 799 58.06 -29.52 11.44
N LYS F 800 57.79 -29.72 10.15
CA LYS F 800 58.30 -30.92 9.50
C LYS F 800 59.82 -30.90 9.44
N MET F 801 60.41 -29.72 9.23
CA MET F 801 61.87 -29.58 9.25
C MET F 801 62.44 -29.96 10.61
N VAL F 802 61.81 -29.47 11.68
CA VAL F 802 62.31 -29.78 13.01
C VAL F 802 62.15 -31.27 13.31
N ILE F 803 61.04 -31.87 12.86
CA ILE F 803 60.80 -33.29 13.09
C ILE F 803 61.87 -34.12 12.39
N GLU F 804 62.13 -33.81 11.12
CA GLU F 804 63.09 -34.60 10.35
C GLU F 804 64.52 -34.36 10.81
N ALA F 805 64.83 -33.13 11.22
CA ALA F 805 66.20 -32.80 11.63
C ALA F 805 66.57 -33.36 12.99
N CYS F 806 65.60 -33.85 13.76
CA CYS F 806 65.86 -34.41 15.08
C CYS F 806 65.91 -35.94 15.06
N SER F 807 65.86 -36.55 13.88
CA SER F 807 65.85 -38.00 13.74
C SER F 807 64.74 -38.62 14.58
N LEU F 808 63.56 -38.00 14.53
CA LEU F 808 62.47 -38.36 15.41
C LEU F 808 61.24 -38.89 14.71
N GLN F 809 61.07 -38.64 13.41
CA GLN F 809 59.86 -39.09 12.73
C GLN F 809 59.68 -40.60 12.71
N PRO F 810 60.70 -41.42 12.40
CA PRO F 810 60.47 -42.88 12.40
C PRO F 810 60.03 -43.42 13.76
N ASP F 811 60.75 -43.08 14.82
CA ASP F 811 60.36 -43.54 16.15
C ASP F 811 59.02 -42.96 16.58
N ILE F 812 58.68 -41.76 16.10
CA ILE F 812 57.37 -41.20 16.36
C ILE F 812 56.28 -42.06 15.71
N ASP F 813 56.55 -42.55 14.50
CA ASP F 813 55.64 -43.45 13.82
C ASP F 813 55.65 -44.87 14.40
N ILE F 814 56.66 -45.22 15.21
CA ILE F 814 56.69 -46.54 15.85
C ILE F 814 55.65 -46.64 16.95
N LEU F 815 55.29 -45.50 17.57
CA LEU F 815 54.35 -45.49 18.69
C LEU F 815 53.00 -46.09 18.29
N PRO F 816 52.21 -46.55 19.27
CA PRO F 816 50.89 -47.10 18.95
C PRO F 816 49.99 -46.12 18.22
N HIS F 817 50.06 -44.84 18.55
CA HIS F 817 49.40 -43.79 17.80
C HIS F 817 50.46 -43.04 16.99
N GLY F 818 50.28 -43.04 15.66
CA GLY F 818 51.29 -42.45 14.79
C GLY F 818 51.67 -41.03 15.19
N ASP F 819 50.67 -40.21 15.49
CA ASP F 819 50.93 -38.89 16.03
C ASP F 819 49.79 -38.54 16.98
N GLN F 820 49.94 -37.39 17.64
CA GLN F 820 49.00 -36.96 18.67
C GLN F 820 48.84 -38.01 19.76
N THR F 821 49.89 -38.80 19.98
CA THR F 821 49.88 -39.81 21.04
C THR F 821 49.98 -39.12 22.39
N GLN F 822 49.13 -39.55 23.32
CA GLN F 822 49.09 -38.94 24.66
C GLN F 822 50.33 -39.37 25.43
N ILE F 823 51.34 -38.50 25.44
CA ILE F 823 52.56 -38.80 26.19
C ILE F 823 52.21 -38.96 27.65
N GLY F 824 52.59 -40.09 28.23
CA GLY F 824 52.26 -40.40 29.61
C GLY F 824 52.87 -39.43 30.61
N GLU F 825 52.55 -39.62 31.88
CA GLU F 825 53.10 -38.78 32.95
C GLU F 825 54.61 -39.01 33.03
N ARG F 826 55.38 -37.96 32.71
CA ARG F 826 56.84 -37.93 32.72
C ARG F 826 57.45 -38.72 31.57
N GLY F 827 56.63 -39.42 30.79
CA GLY F 827 57.12 -40.21 29.68
C GLY F 827 57.45 -41.64 30.05
N ILE F 828 56.49 -42.36 30.66
CA ILE F 828 56.72 -43.75 31.02
C ILE F 828 56.70 -44.65 29.78
N ASN F 829 55.79 -44.36 28.84
CA ASN F 829 55.73 -45.10 27.59
C ASN F 829 56.70 -44.54 26.53
N LEU F 830 57.74 -43.83 26.96
CA LEU F 830 58.82 -43.39 26.09
C LEU F 830 60.15 -43.69 26.78
N SER F 831 61.22 -43.69 25.97
CA SER F 831 62.57 -43.91 26.48
C SER F 831 63.26 -42.58 26.72
N GLY F 832 64.45 -42.66 27.33
CA GLY F 832 65.20 -41.46 27.63
C GLY F 832 65.65 -40.71 26.39
N GLY F 833 66.13 -41.45 25.39
CA GLY F 833 66.56 -40.80 24.15
C GLY F 833 65.44 -40.09 23.44
N GLN F 834 64.23 -40.68 23.45
CA GLN F 834 63.08 -40.04 22.83
C GLN F 834 62.72 -38.75 23.57
N ARG F 835 62.72 -38.78 24.91
CA ARG F 835 62.46 -37.58 25.68
C ARG F 835 63.48 -36.50 25.38
N GLN F 836 64.76 -36.89 25.27
CA GLN F 836 65.80 -35.91 24.97
C GLN F 836 65.61 -35.32 23.58
N ARG F 837 65.30 -36.15 22.59
CA ARG F 837 65.08 -35.64 21.24
C ARG F 837 63.86 -34.73 21.19
N ILE F 838 62.81 -35.05 21.94
CA ILE F 838 61.64 -34.18 21.99
C ILE F 838 61.98 -32.85 22.63
N SER F 839 62.80 -32.88 23.69
CA SER F 839 63.21 -31.63 24.33
C SER F 839 64.06 -30.78 23.38
N VAL F 840 64.98 -31.41 22.66
CA VAL F 840 65.82 -30.67 21.73
C VAL F 840 64.98 -30.10 20.59
N ALA F 841 63.97 -30.87 20.16
CA ALA F 841 63.07 -30.36 19.12
C ALA F 841 62.26 -29.18 19.63
N ARG F 842 61.81 -29.24 20.88
CA ARG F 842 61.12 -28.09 21.47
C ARG F 842 62.02 -26.88 21.51
N ALA F 843 63.28 -27.07 21.90
CA ALA F 843 64.21 -25.96 21.97
C ALA F 843 64.49 -25.37 20.60
N LEU F 844 64.63 -26.23 19.59
CA LEU F 844 64.96 -25.78 18.24
C LEU F 844 63.78 -25.17 17.51
N TYR F 845 62.56 -25.62 17.83
CA TYR F 845 61.38 -25.21 17.08
C TYR F 845 60.94 -23.80 17.45
N GLN F 846 61.29 -23.33 18.64
CA GLN F 846 60.84 -22.02 19.09
C GLN F 846 61.62 -20.90 18.41
N GLN F 847 60.92 -19.83 18.07
CA GLN F 847 61.50 -18.68 17.39
C GLN F 847 62.05 -17.71 18.44
N THR F 848 63.37 -17.61 18.54
CA THR F 848 64.01 -16.74 19.52
C THR F 848 65.47 -16.53 19.11
N ASN F 849 66.17 -15.71 19.90
CA ASN F 849 67.57 -15.42 19.60
C ASN F 849 68.49 -16.49 20.18
N VAL F 850 68.34 -16.78 21.47
CA VAL F 850 69.30 -17.57 22.22
C VAL F 850 68.71 -18.94 22.53
N VAL F 851 69.53 -19.97 22.40
CA VAL F 851 69.15 -21.34 22.72
C VAL F 851 70.25 -21.96 23.58
N PHE F 852 69.85 -22.60 24.67
CA PHE F 852 70.75 -23.39 25.50
C PHE F 852 70.32 -24.85 25.46
N LEU F 853 71.29 -25.75 25.38
CA LEU F 853 71.03 -27.19 25.37
C LEU F 853 71.99 -27.85 26.36
N ASP F 854 71.46 -28.33 27.48
CA ASP F 854 72.29 -28.87 28.56
C ASP F 854 72.60 -30.33 28.26
N ASP F 855 73.68 -30.55 27.50
CA ASP F 855 74.15 -31.86 27.07
C ASP F 855 73.04 -32.66 26.41
N PRO F 856 72.63 -32.29 25.19
CA PRO F 856 71.60 -33.06 24.48
C PRO F 856 72.10 -34.31 23.78
N PHE F 857 73.34 -34.74 24.04
CA PHE F 857 73.91 -35.91 23.38
C PHE F 857 74.34 -36.96 24.38
N SER F 858 73.64 -37.05 25.52
CA SER F 858 74.00 -38.02 26.55
C SER F 858 73.31 -39.36 26.36
N ALA F 859 72.07 -39.35 25.86
CA ALA F 859 71.31 -40.57 25.61
C ALA F 859 71.06 -40.78 24.12
N LEU F 860 72.06 -40.44 23.30
CA LEU F 860 71.98 -40.63 21.86
C LEU F 860 73.20 -41.41 21.39
N ASP F 861 73.04 -42.09 20.26
CA ASP F 861 74.13 -42.87 19.68
C ASP F 861 75.11 -41.93 18.98
N VAL F 862 76.08 -42.51 18.26
CA VAL F 862 77.01 -41.69 17.49
C VAL F 862 76.32 -41.19 16.22
N HIS F 863 75.55 -42.05 15.55
CA HIS F 863 74.93 -41.67 14.28
C HIS F 863 73.88 -40.59 14.48
N LEU F 864 72.99 -40.76 15.46
CA LEU F 864 71.96 -39.77 15.71
C LEU F 864 72.56 -38.45 16.18
N SER F 865 73.60 -38.50 17.02
CA SER F 865 74.24 -37.27 17.47
C SER F 865 74.90 -36.53 16.31
N ASP F 866 75.57 -37.28 15.43
CA ASP F 866 76.19 -36.65 14.26
C ASP F 866 75.14 -36.00 13.37
N HIS F 867 74.06 -36.75 13.07
CA HIS F 867 73.02 -36.20 12.22
C HIS F 867 72.34 -35.00 12.87
N LEU F 868 72.21 -35.00 14.19
CA LEU F 868 71.59 -33.88 14.88
C LEU F 868 72.48 -32.65 14.84
N MET F 869 73.76 -32.80 15.17
CA MET F 869 74.68 -31.68 15.13
C MET F 869 74.89 -31.17 13.72
N GLN F 870 74.70 -32.02 12.71
CA GLN F 870 74.87 -31.58 11.33
C GLN F 870 73.62 -30.88 10.80
N ALA F 871 72.46 -31.53 10.88
CA ALA F 871 71.25 -31.00 10.27
C ALA F 871 70.58 -29.95 11.14
N GLY F 872 70.42 -30.24 12.43
CA GLY F 872 69.69 -29.33 13.30
C GLY F 872 70.52 -28.21 13.87
N ILE F 873 71.82 -28.43 14.06
CA ILE F 873 72.65 -27.45 14.75
C ILE F 873 73.45 -26.62 13.74
N LEU F 874 74.28 -27.29 12.94
CA LEU F 874 75.13 -26.56 12.00
C LEU F 874 74.39 -26.13 10.73
N GLU F 875 73.22 -26.71 10.45
CA GLU F 875 72.48 -26.36 9.26
C GLU F 875 71.19 -25.60 9.53
N LEU F 876 70.53 -25.85 10.66
CA LEU F 876 69.26 -25.21 10.97
C LEU F 876 69.43 -24.07 11.96
N LEU F 877 70.13 -24.31 13.07
CA LEU F 877 70.43 -23.22 14.01
C LEU F 877 71.35 -22.19 13.37
N ARG F 878 72.45 -22.65 12.76
CA ARG F 878 73.37 -21.78 12.05
C ARG F 878 72.71 -21.11 10.84
N ASP F 879 71.55 -21.59 10.41
CA ASP F 879 70.85 -20.98 9.28
C ASP F 879 70.34 -19.58 9.65
N ASP F 880 69.48 -19.49 10.65
CA ASP F 880 68.85 -18.24 11.03
C ASP F 880 69.76 -17.33 11.85
N LYS F 881 71.03 -17.71 12.03
CA LYS F 881 71.99 -16.92 12.79
C LYS F 881 71.50 -16.69 14.22
N ARG F 882 71.26 -17.79 14.92
CA ARG F 882 70.93 -17.75 16.34
C ARG F 882 72.22 -17.77 17.17
N THR F 883 72.08 -17.45 18.46
CA THR F 883 73.19 -17.51 19.40
C THR F 883 73.08 -18.85 20.14
N VAL F 884 73.68 -19.88 19.56
CA VAL F 884 73.63 -21.23 20.12
C VAL F 884 74.74 -21.37 21.15
N VAL F 885 74.36 -21.75 22.36
CA VAL F 885 75.32 -22.07 23.42
C VAL F 885 75.02 -23.50 23.84
N LEU F 886 75.87 -24.42 23.42
CA LEU F 886 75.70 -25.83 23.72
C LEU F 886 76.85 -26.29 24.59
N VAL F 887 76.54 -27.07 25.62
CA VAL F 887 77.52 -27.60 26.55
C VAL F 887 77.51 -29.12 26.44
N THR F 888 78.67 -29.70 26.16
CA THR F 888 78.82 -31.14 26.01
C THR F 888 80.31 -31.46 26.04
N HIS F 889 80.65 -32.71 25.71
CA HIS F 889 82.05 -33.13 25.69
C HIS F 889 82.20 -34.20 24.61
N LYS F 890 82.63 -33.79 23.42
CA LYS F 890 82.87 -34.70 22.31
C LYS F 890 84.07 -34.19 21.52
N LEU F 891 84.36 -34.86 20.40
CA LEU F 891 85.46 -34.49 19.52
C LEU F 891 85.00 -33.71 18.30
N GLN F 892 83.92 -34.16 17.66
CA GLN F 892 83.46 -33.55 16.41
C GLN F 892 83.01 -32.11 16.58
N TYR F 893 82.64 -31.71 17.81
CA TYR F 893 82.06 -30.41 18.04
C TYR F 893 83.10 -29.34 18.37
N LEU F 894 84.29 -29.75 18.79
CA LEU F 894 85.32 -28.78 19.14
C LEU F 894 85.72 -27.88 17.97
N PRO F 895 86.04 -28.41 16.78
CA PRO F 895 86.40 -27.52 15.66
C PRO F 895 85.22 -26.85 14.99
N HIS F 896 83.99 -27.13 15.41
CA HIS F 896 82.80 -26.55 14.80
C HIS F 896 82.32 -25.29 15.51
N ALA F 897 82.84 -24.99 16.69
CA ALA F 897 82.42 -23.82 17.45
C ALA F 897 83.40 -22.67 17.25
N ASP F 898 83.08 -21.53 17.87
CA ASP F 898 83.91 -20.34 17.80
C ASP F 898 84.65 -20.05 19.10
N TRP F 899 83.96 -20.12 20.23
CA TRP F 899 84.57 -19.84 21.53
C TRP F 899 84.59 -21.11 22.37
N ILE F 900 85.76 -21.41 22.93
CA ILE F 900 85.94 -22.55 23.82
C ILE F 900 86.01 -22.01 25.25
N ILE F 901 85.29 -22.66 26.16
CA ILE F 901 85.22 -22.24 27.55
C ILE F 901 85.60 -23.44 28.41
N ALA F 902 86.72 -23.34 29.12
CA ALA F 902 87.21 -24.40 29.98
C ALA F 902 86.96 -24.02 31.44
N MET F 903 86.31 -24.92 32.18
CA MET F 903 85.95 -24.68 33.56
C MET F 903 86.66 -25.69 34.46
N LYS F 904 87.11 -25.22 35.62
CA LYS F 904 87.75 -26.08 36.60
C LYS F 904 87.47 -25.54 37.99
N ASP F 905 86.80 -26.35 38.82
CA ASP F 905 86.47 -25.98 40.20
C ASP F 905 85.67 -24.69 40.25
N GLY F 906 84.74 -24.53 39.33
CA GLY F 906 83.92 -23.33 39.28
C GLY F 906 84.63 -22.08 38.83
N THR F 907 85.75 -22.22 38.12
CA THR F 907 86.52 -21.08 37.63
C THR F 907 86.90 -21.31 36.18
N ILE F 908 86.90 -20.22 35.41
CA ILE F 908 87.29 -20.28 34.00
C ILE F 908 88.80 -20.37 33.93
N GLN F 909 89.32 -21.55 33.56
CA GLN F 909 90.76 -21.74 33.50
C GLN F 909 91.38 -20.89 32.39
N ARG F 910 90.95 -21.12 31.15
CA ARG F 910 91.33 -20.32 30.01
C ARG F 910 90.08 -19.92 29.24
N GLU F 911 90.25 -18.98 28.31
CA GLU F 911 89.13 -18.47 27.54
C GLU F 911 89.64 -17.95 26.21
N GLY F 912 88.77 -18.00 25.22
CA GLY F 912 89.05 -17.47 23.90
C GLY F 912 88.45 -18.37 22.83
N THR F 913 89.05 -18.29 21.65
CA THR F 913 88.67 -19.10 20.51
C THR F 913 89.51 -20.38 20.46
N LEU F 914 89.43 -21.10 19.34
CA LEU F 914 90.21 -22.33 19.18
C LEU F 914 91.70 -22.02 19.07
N LYS F 915 92.06 -21.04 18.24
CA LYS F 915 93.47 -20.72 18.04
C LYS F 915 94.07 -20.06 19.28
N ASP F 916 93.31 -19.18 19.93
CA ASP F 916 93.78 -18.57 21.17
C ASP F 916 93.89 -19.59 22.30
N PHE F 917 93.17 -20.71 22.19
CA PHE F 917 93.29 -21.78 23.19
C PHE F 917 94.47 -22.69 22.89
N GLN F 918 94.77 -22.92 21.61
CA GLN F 918 95.89 -23.78 21.26
C GLN F 918 97.22 -23.04 21.28
N ARG F 919 97.20 -21.71 21.27
CA ARG F 919 98.41 -20.91 21.39
C ARG F 919 98.70 -20.48 22.83
N SER F 920 97.93 -20.98 23.80
CA SER F 920 98.12 -20.65 25.20
C SER F 920 98.44 -21.91 25.99
N GLU F 921 98.72 -21.72 27.27
CA GLU F 921 99.08 -22.82 28.15
C GLU F 921 97.87 -23.72 28.42
N ILE F 996 22.35 -48.16 38.11
CA ILE F 996 22.92 -49.47 38.40
C ILE F 996 21.77 -50.41 38.79
N PRO F 997 21.74 -51.60 38.18
CA PRO F 997 20.63 -52.52 38.43
C PRO F 997 20.71 -53.18 39.80
N TRP F 998 19.68 -53.95 40.13
CA TRP F 998 19.68 -54.71 41.36
C TRP F 998 20.60 -55.92 41.31
N ARG F 999 21.21 -56.21 40.15
CA ARG F 999 22.02 -57.42 40.02
C ARG F 999 23.35 -57.27 40.76
N ALA F 1000 23.97 -56.10 40.69
CA ALA F 1000 25.23 -55.89 41.39
C ALA F 1000 25.05 -56.04 42.90
N CYS F 1001 24.02 -55.38 43.45
CA CYS F 1001 23.72 -55.53 44.88
C CYS F 1001 23.28 -56.96 45.21
N THR F 1002 22.57 -57.62 44.31
CA THR F 1002 22.16 -59.01 44.53
C THR F 1002 23.38 -59.91 44.68
N LYS F 1003 24.35 -59.77 43.79
CA LYS F 1003 25.58 -60.56 43.90
C LYS F 1003 26.36 -60.18 45.15
N TYR F 1004 26.39 -58.88 45.48
CA TYR F 1004 27.11 -58.44 46.66
C TYR F 1004 26.55 -59.06 47.93
N LEU F 1005 25.22 -59.12 48.03
CA LEU F 1005 24.60 -59.67 49.24
C LEU F 1005 24.55 -61.19 49.22
N SER F 1006 24.52 -61.80 48.03
CA SER F 1006 24.57 -63.26 47.94
C SER F 1006 25.97 -63.80 48.20
N SER F 1007 27.01 -62.97 48.04
CA SER F 1007 28.32 -63.38 48.51
C SER F 1007 28.36 -63.51 50.03
N ALA F 1008 27.48 -62.77 50.73
CA ALA F 1008 27.39 -62.93 52.17
C ALA F 1008 26.71 -64.24 52.53
N GLY F 1009 25.69 -64.64 51.78
CA GLY F 1009 24.97 -65.86 52.02
C GLY F 1009 23.62 -65.61 52.67
N ILE F 1010 22.81 -66.67 52.69
CA ILE F 1010 21.49 -66.60 53.32
C ILE F 1010 21.60 -66.52 54.83
N LEU F 1011 22.76 -66.81 55.41
CA LEU F 1011 22.90 -66.85 56.85
C LEU F 1011 22.72 -65.47 57.48
N LEU F 1012 23.28 -64.44 56.86
CA LEU F 1012 23.30 -63.11 57.45
C LEU F 1012 22.33 -62.13 56.80
N LEU F 1013 21.85 -62.42 55.60
CA LEU F 1013 20.92 -61.51 54.92
C LEU F 1013 19.66 -61.29 55.75
N SER F 1014 18.97 -62.37 56.11
CA SER F 1014 17.76 -62.23 56.92
C SER F 1014 18.08 -61.74 58.33
N LEU F 1015 19.20 -62.22 58.89
CA LEU F 1015 19.61 -61.77 60.21
C LEU F 1015 19.79 -60.26 60.26
N LEU F 1016 20.17 -59.65 59.14
CA LEU F 1016 20.27 -58.19 59.06
C LEU F 1016 18.90 -57.57 58.84
N VAL F 1017 18.15 -58.05 57.84
CA VAL F 1017 16.94 -57.37 57.40
C VAL F 1017 15.87 -57.41 58.49
N PHE F 1018 15.61 -58.60 59.04
CA PHE F 1018 14.57 -58.70 60.06
C PHE F 1018 14.97 -57.97 61.33
N SER F 1019 16.25 -57.97 61.67
CA SER F 1019 16.68 -57.21 62.85
C SER F 1019 16.47 -55.72 62.66
N GLN F 1020 16.73 -55.20 61.45
CA GLN F 1020 16.47 -53.79 61.18
C GLN F 1020 14.98 -53.49 61.28
N LEU F 1021 14.15 -54.33 60.66
CA LEU F 1021 12.70 -54.14 60.74
C LEU F 1021 12.24 -54.12 62.19
N LEU F 1022 12.76 -55.03 63.01
CA LEU F 1022 12.33 -55.11 64.40
C LEU F 1022 12.82 -53.92 65.21
N LYS F 1023 14.03 -53.43 64.93
CA LYS F 1023 14.52 -52.23 65.63
C LYS F 1023 13.64 -51.03 65.32
N HIS F 1024 13.27 -50.86 64.05
CA HIS F 1024 12.41 -49.71 63.72
C HIS F 1024 11.01 -49.89 64.30
N MET F 1025 10.50 -51.13 64.33
CA MET F 1025 9.21 -51.37 64.96
C MET F 1025 9.24 -51.04 66.44
N VAL F 1026 10.34 -51.36 67.12
CA VAL F 1026 10.46 -51.00 68.53
C VAL F 1026 10.55 -49.48 68.69
N LEU F 1027 11.30 -48.82 67.81
CA LEU F 1027 11.47 -47.38 67.90
C LEU F 1027 10.16 -46.63 67.67
N VAL F 1028 9.23 -47.21 66.89
CA VAL F 1028 7.92 -46.56 66.77
C VAL F 1028 7.01 -46.98 67.92
N ALA F 1029 7.07 -48.24 68.34
CA ALA F 1029 6.16 -48.73 69.37
C ALA F 1029 6.40 -48.06 70.72
N ILE F 1030 7.64 -47.68 71.01
CA ILE F 1030 7.91 -46.98 72.27
C ILE F 1030 7.12 -45.68 72.33
N ASP F 1031 7.12 -44.92 71.24
CA ASP F 1031 6.34 -43.68 71.20
C ASP F 1031 4.85 -43.95 71.14
N TYR F 1032 4.44 -45.02 70.45
CA TYR F 1032 3.03 -45.38 70.43
C TYR F 1032 2.51 -45.66 71.83
N TRP F 1033 3.31 -46.35 72.66
CA TRP F 1033 2.91 -46.62 74.03
C TRP F 1033 3.02 -45.36 74.89
N LEU F 1034 3.99 -44.49 74.60
CA LEU F 1034 4.06 -43.23 75.32
C LEU F 1034 2.82 -42.38 75.09
N ALA F 1035 2.25 -42.46 73.88
CA ALA F 1035 1.01 -41.74 73.59
C ALA F 1035 -0.09 -42.12 74.56
N LYS F 1036 -0.25 -43.40 74.85
CA LYS F 1036 -1.24 -43.82 75.85
C LYS F 1036 -0.75 -43.52 77.27
N TRP F 1037 0.56 -43.50 77.48
CA TRP F 1037 1.11 -43.11 78.77
C TRP F 1037 0.63 -41.72 79.16
N THR F 1038 0.58 -40.80 78.19
CA THR F 1038 0.39 -39.38 78.49
C THR F 1038 -0.89 -39.15 79.31
N ASP F 1039 -2.04 -39.44 78.73
CA ASP F 1039 -3.31 -39.09 79.36
C ASP F 1039 -3.51 -39.86 80.66
N SER F 1040 -3.89 -39.14 81.71
CA SER F 1040 -4.11 -39.75 83.02
C SER F 1040 -5.02 -38.88 83.88
N ASP F 1060 -2.75 -45.94 86.51
CA ASP F 1060 -1.66 -46.90 86.52
C ASP F 1060 -0.41 -46.30 85.90
N GLN F 1061 0.06 -45.18 86.47
CA GLN F 1061 1.22 -44.49 85.92
C GLN F 1061 2.50 -45.29 86.10
N SER F 1062 2.61 -46.01 87.22
CA SER F 1062 3.82 -46.77 87.51
C SER F 1062 4.01 -47.91 86.52
N VAL F 1063 2.95 -48.69 86.27
CA VAL F 1063 3.01 -49.75 85.28
C VAL F 1063 3.34 -49.19 83.90
N TYR F 1064 2.76 -48.04 83.58
CA TYR F 1064 3.06 -47.36 82.32
C TYR F 1064 4.55 -47.07 82.19
N ALA F 1065 5.15 -46.49 83.23
CA ALA F 1065 6.57 -46.16 83.19
C ALA F 1065 7.43 -47.41 83.09
N MET F 1066 7.01 -48.48 83.78
CA MET F 1066 7.77 -49.73 83.69
C MET F 1066 7.74 -50.30 82.27
N VAL F 1067 6.59 -50.24 81.61
CA VAL F 1067 6.52 -50.70 80.22
C VAL F 1067 7.40 -49.84 79.34
N PHE F 1068 7.41 -48.53 79.59
CA PHE F 1068 8.30 -47.62 78.86
C PHE F 1068 9.76 -48.05 79.02
N THR F 1069 10.16 -48.41 80.24
CA THR F 1069 11.53 -48.85 80.49
C THR F 1069 11.85 -50.12 79.71
N LEU F 1070 10.92 -51.08 79.70
CA LEU F 1070 11.12 -52.31 78.95
C LEU F 1070 11.36 -52.03 77.48
N LEU F 1071 10.52 -51.16 76.89
CA LEU F 1071 10.70 -50.82 75.48
C LEU F 1071 12.06 -50.17 75.24
N CYS F 1072 12.45 -49.24 76.14
CA CYS F 1072 13.74 -48.55 76.00
C CYS F 1072 14.91 -49.54 76.01
N SER F 1073 14.82 -50.58 76.85
CA SER F 1073 15.90 -51.57 76.88
C SER F 1073 15.93 -52.40 75.59
N LEU F 1074 14.75 -52.85 75.14
CA LEU F 1074 14.68 -53.63 73.90
C LEU F 1074 15.32 -52.86 72.74
N GLY F 1075 15.05 -51.56 72.67
CA GLY F 1075 15.58 -50.76 71.57
C GLY F 1075 17.09 -50.81 71.48
N ILE F 1076 17.78 -50.57 72.60
CA ILE F 1076 19.23 -50.48 72.58
C ILE F 1076 19.85 -51.83 72.32
N VAL F 1077 19.28 -52.90 72.91
CA VAL F 1077 19.83 -54.24 72.66
C VAL F 1077 19.75 -54.57 71.17
N LEU F 1078 18.59 -54.30 70.57
CA LEU F 1078 18.41 -54.62 69.16
C LEU F 1078 19.33 -53.79 68.27
N CYS F 1079 19.55 -52.53 68.65
CA CYS F 1079 20.45 -51.68 67.86
C CYS F 1079 21.87 -52.22 67.87
N LEU F 1080 22.37 -52.61 69.05
CA LEU F 1080 23.70 -53.21 69.10
C LEU F 1080 23.78 -54.46 68.23
N VAL F 1081 22.75 -55.31 68.30
CA VAL F 1081 22.75 -56.52 67.48
C VAL F 1081 22.86 -56.19 66.00
N THR F 1082 22.05 -55.23 65.55
CA THR F 1082 22.05 -54.87 64.13
C THR F 1082 23.41 -54.34 63.68
N SER F 1083 24.02 -53.50 64.51
CA SER F 1083 25.31 -52.92 64.14
C SER F 1083 26.38 -54.01 64.01
N VAL F 1084 26.44 -54.93 64.98
CA VAL F 1084 27.41 -56.02 64.91
C VAL F 1084 27.16 -56.87 63.67
N THR F 1085 25.88 -57.09 63.32
CA THR F 1085 25.56 -57.85 62.13
C THR F 1085 26.12 -57.20 60.88
N VAL F 1086 25.87 -55.91 60.71
CA VAL F 1086 26.38 -55.19 59.53
C VAL F 1086 27.90 -55.31 59.45
N GLU F 1087 28.58 -55.10 60.58
CA GLU F 1087 30.04 -55.20 60.60
C GLU F 1087 30.52 -56.57 60.11
N TRP F 1088 30.03 -57.63 60.77
CA TRP F 1088 30.50 -58.98 60.45
C TRP F 1088 30.22 -59.32 58.99
N THR F 1089 29.04 -58.97 58.51
CA THR F 1089 28.67 -59.28 57.13
C THR F 1089 29.58 -58.56 56.14
N GLY F 1090 29.80 -57.26 56.36
CA GLY F 1090 30.66 -56.52 55.46
C GLY F 1090 32.07 -57.10 55.38
N LEU F 1091 32.62 -57.47 56.54
CA LEU F 1091 33.98 -58.02 56.55
C LEU F 1091 34.04 -59.34 55.81
N LYS F 1092 33.06 -60.23 56.05
CA LYS F 1092 33.05 -61.51 55.33
C LYS F 1092 32.93 -61.32 53.83
N VAL F 1093 32.09 -60.37 53.40
CA VAL F 1093 31.90 -60.13 51.98
C VAL F 1093 33.19 -59.62 51.35
N ALA F 1094 33.87 -58.69 52.02
CA ALA F 1094 35.14 -58.19 51.50
C ALA F 1094 36.14 -59.33 51.34
N LYS F 1095 36.27 -60.18 52.36
CA LYS F 1095 37.17 -61.32 52.29
C LYS F 1095 36.89 -62.18 51.06
N ARG F 1096 35.65 -62.65 50.94
CA ARG F 1096 35.31 -63.58 49.86
C ARG F 1096 35.49 -62.94 48.50
N LEU F 1097 35.11 -61.66 48.37
CA LEU F 1097 35.24 -60.99 47.09
C LEU F 1097 36.70 -60.86 46.67
N HIS F 1098 37.56 -60.48 47.61
CA HIS F 1098 38.98 -60.36 47.28
C HIS F 1098 39.57 -61.70 46.88
N ARG F 1099 39.25 -62.75 47.64
CA ARG F 1099 39.81 -64.07 47.31
C ARG F 1099 39.35 -64.54 45.95
N SER F 1100 38.05 -64.38 45.65
CA SER F 1100 37.53 -64.80 44.35
C SER F 1100 38.15 -64.00 43.22
N LEU F 1101 38.34 -62.69 43.41
CA LEU F 1101 38.95 -61.87 42.38
C LEU F 1101 40.38 -62.34 42.10
N LEU F 1102 41.16 -62.59 43.15
CA LEU F 1102 42.52 -63.07 42.97
C LEU F 1102 42.53 -64.41 42.21
N ASN F 1103 41.69 -65.35 42.64
CA ASN F 1103 41.68 -66.67 42.00
C ASN F 1103 41.27 -66.57 40.53
N ARG F 1104 40.28 -65.74 40.21
CA ARG F 1104 39.84 -65.63 38.83
C ARG F 1104 40.88 -64.90 37.97
N ILE F 1105 41.64 -63.99 38.55
CA ILE F 1105 42.70 -63.34 37.77
C ILE F 1105 43.88 -64.29 37.57
N ILE F 1106 44.08 -65.25 38.46
CA ILE F 1106 45.22 -66.14 38.33
C ILE F 1106 45.10 -67.02 37.09
N LEU F 1107 43.92 -67.55 36.80
CA LEU F 1107 43.73 -68.56 35.76
C LEU F 1107 43.46 -67.95 34.38
N ALA F 1108 43.94 -66.73 34.12
CA ALA F 1108 43.66 -66.12 32.83
C ALA F 1108 44.76 -66.45 31.82
N PRO F 1109 44.42 -66.46 30.53
CA PRO F 1109 45.45 -66.71 29.51
C PRO F 1109 46.41 -65.54 29.39
N MET F 1110 47.57 -65.82 28.79
CA MET F 1110 48.61 -64.81 28.67
C MET F 1110 48.18 -63.68 27.74
N ARG F 1111 47.54 -64.02 26.62
CA ARG F 1111 47.14 -63.00 25.66
C ARG F 1111 46.13 -62.04 26.27
N PHE F 1112 45.32 -62.49 27.22
CA PHE F 1112 44.44 -61.59 27.94
C PHE F 1112 45.24 -60.56 28.74
N PHE F 1113 46.26 -61.01 29.47
CA PHE F 1113 47.08 -60.09 30.24
C PHE F 1113 47.81 -59.11 29.34
N GLU F 1114 48.27 -59.58 28.18
CA GLU F 1114 48.96 -58.70 27.25
C GLU F 1114 48.02 -57.69 26.60
N THR F 1115 46.75 -58.07 26.41
CA THR F 1115 45.80 -57.20 25.73
C THR F 1115 45.35 -56.05 26.63
N THR F 1116 45.00 -56.36 27.88
CA THR F 1116 44.46 -55.35 28.78
C THR F 1116 45.59 -54.52 29.37
N PRO F 1117 45.48 -53.19 29.39
CA PRO F 1117 46.49 -52.37 30.04
C PRO F 1117 46.62 -52.71 31.52
N LEU F 1118 47.78 -52.35 32.08
CA LEU F 1118 48.04 -52.67 33.48
C LEU F 1118 47.23 -51.79 34.42
N GLY F 1119 46.93 -50.55 34.01
CA GLY F 1119 46.24 -49.62 34.88
C GLY F 1119 44.89 -50.14 35.35
N SER F 1120 44.10 -50.69 34.44
CA SER F 1120 42.77 -51.16 34.79
C SER F 1120 42.83 -52.39 35.70
N ILE F 1121 43.66 -53.37 35.36
CA ILE F 1121 43.79 -54.57 36.18
C ILE F 1121 44.30 -54.23 37.57
N LEU F 1122 45.33 -53.39 37.66
CA LEU F 1122 45.86 -53.00 38.97
C LEU F 1122 44.95 -52.10 39.77
N ASN F 1123 44.29 -51.20 39.04
CA ASN F 1123 43.45 -50.19 39.66
C ASN F 1123 42.28 -50.78 40.42
N ARG F 1124 41.66 -51.84 39.92
CA ARG F 1124 40.51 -52.39 40.64
C ARG F 1124 40.94 -52.81 42.04
N PHE F 1125 42.03 -53.57 42.14
CA PHE F 1125 42.53 -53.99 43.44
C PHE F 1125 42.98 -52.83 44.30
N SER F 1126 43.62 -51.84 43.68
CA SER F 1126 44.08 -50.68 44.41
C SER F 1126 42.98 -49.85 45.04
N SER F 1127 41.88 -49.66 44.32
CA SER F 1127 40.82 -48.81 44.84
C SER F 1127 39.53 -49.54 45.13
N ASP F 1128 38.91 -50.07 44.08
CA ASP F 1128 37.67 -50.80 44.29
C ASP F 1128 37.67 -51.57 45.60
N CYS F 1129 38.74 -52.30 45.89
CA CYS F 1129 38.77 -53.06 47.12
C CYS F 1129 38.79 -52.15 48.33
N ASN F 1130 39.66 -51.16 48.25
CA ASN F 1130 39.84 -50.21 49.32
C ASN F 1130 38.57 -49.39 49.51
N THR F 1131 38.01 -48.95 48.40
CA THR F 1131 36.82 -48.12 48.48
C THR F 1131 35.70 -48.88 49.13
N ILE F 1132 35.51 -50.11 48.71
CA ILE F 1132 34.42 -50.89 49.27
C ILE F 1132 34.62 -51.09 50.74
N ASP F 1133 35.83 -51.50 51.14
CA ASP F 1133 36.03 -51.77 52.56
C ASP F 1133 35.84 -50.52 53.40
N GLN F 1134 36.33 -49.39 52.93
CA GLN F 1134 36.17 -48.16 53.68
C GLN F 1134 34.76 -47.59 53.76
N HIS F 1135 34.02 -47.65 52.65
CA HIS F 1135 32.72 -46.97 52.64
C HIS F 1135 31.43 -47.75 52.40
N ILE F 1136 31.51 -48.96 51.87
CA ILE F 1136 30.23 -49.64 51.58
C ILE F 1136 29.47 -49.99 52.85
N PRO F 1137 30.09 -50.56 53.91
CA PRO F 1137 29.27 -50.95 55.07
C PRO F 1137 28.58 -49.76 55.76
N SER F 1138 29.32 -48.69 56.03
CA SER F 1138 28.74 -47.53 56.71
C SER F 1138 27.62 -46.91 55.89
N THR F 1139 27.86 -46.70 54.59
CA THR F 1139 26.84 -46.09 53.74
C THR F 1139 25.62 -46.99 53.60
N LEU F 1140 25.83 -48.32 53.50
CA LEU F 1140 24.70 -49.23 53.44
C LEU F 1140 23.86 -49.17 54.72
N GLU F 1141 24.53 -49.17 55.88
CA GLU F 1141 23.83 -49.05 57.15
C GLU F 1141 23.04 -47.75 57.21
N CYS F 1142 23.65 -46.64 56.78
CA CYS F 1142 22.95 -45.36 56.82
C CYS F 1142 21.75 -45.34 55.89
N LEU F 1143 21.89 -45.87 54.68
CA LEU F 1143 20.78 -45.94 53.74
C LEU F 1143 19.63 -46.76 54.32
N SER F 1144 19.94 -47.92 54.90
CA SER F 1144 18.89 -48.76 55.47
C SER F 1144 18.18 -48.05 56.62
N ARG F 1145 18.95 -47.46 57.54
CA ARG F 1145 18.32 -46.74 58.64
C ARG F 1145 17.45 -45.61 58.14
N SER F 1146 17.92 -44.86 57.14
CA SER F 1146 17.16 -43.73 56.64
C SER F 1146 15.85 -44.18 56.00
N THR F 1147 15.92 -45.18 55.11
CA THR F 1147 14.71 -45.61 54.42
C THR F 1147 13.69 -46.20 55.39
N LEU F 1148 14.16 -46.97 56.38
CA LEU F 1148 13.22 -47.56 57.32
C LEU F 1148 12.63 -46.52 58.26
N LEU F 1149 13.43 -45.52 58.67
CA LEU F 1149 12.90 -44.44 59.49
C LEU F 1149 11.86 -43.64 58.73
N CYS F 1150 12.08 -43.41 57.43
CA CYS F 1150 11.11 -42.66 56.63
C CYS F 1150 9.81 -43.44 56.49
N VAL F 1151 9.90 -44.75 56.18
CA VAL F 1151 8.70 -45.56 56.07
C VAL F 1151 7.94 -45.60 57.39
N SER F 1152 8.68 -45.73 58.50
CA SER F 1152 8.05 -45.76 59.82
C SER F 1152 7.34 -44.44 60.11
N ALA F 1153 7.96 -43.31 59.77
CA ALA F 1153 7.33 -42.02 60.03
C ALA F 1153 6.07 -41.84 59.20
N LEU F 1154 6.11 -42.28 57.92
CA LEU F 1154 4.91 -42.21 57.10
C LEU F 1154 3.79 -43.06 57.69
N THR F 1155 4.12 -44.27 58.13
CA THR F 1155 3.12 -45.14 58.74
C THR F 1155 2.56 -44.53 60.02
N VAL F 1156 3.40 -43.85 60.80
CA VAL F 1156 2.93 -43.22 62.03
C VAL F 1156 1.93 -42.11 61.71
N ILE F 1157 2.32 -41.19 60.82
CA ILE F 1157 1.43 -40.07 60.50
C ILE F 1157 0.19 -40.55 59.76
N SER F 1158 0.22 -41.75 59.19
CA SER F 1158 -0.98 -42.33 58.60
C SER F 1158 -1.91 -42.90 59.68
N TYR F 1159 -1.35 -43.69 60.61
CA TYR F 1159 -2.15 -44.30 61.66
C TYR F 1159 -2.77 -43.24 62.56
N VAL F 1160 -2.00 -42.20 62.86
CA VAL F 1160 -2.47 -41.13 63.73
C VAL F 1160 -3.66 -40.45 63.10
N THR F 1161 -3.56 -40.21 61.79
CA THR F 1161 -4.67 -39.60 61.07
C THR F 1161 -5.07 -40.57 59.97
N PRO F 1162 -6.32 -41.04 60.06
CA PRO F 1162 -6.85 -41.96 59.06
C PRO F 1162 -6.95 -41.28 57.71
N VAL F 1163 -7.33 -40.00 57.76
CA VAL F 1163 -7.55 -39.19 56.56
C VAL F 1163 -6.25 -38.55 56.08
N PHE F 1164 -5.36 -38.18 57.02
CA PHE F 1164 -4.08 -37.59 56.64
C PHE F 1164 -3.31 -38.50 55.70
N LEU F 1165 -3.41 -39.82 55.90
CA LEU F 1165 -2.81 -40.78 54.99
C LEU F 1165 -3.19 -40.48 53.55
N VAL F 1166 -4.49 -40.37 53.29
CA VAL F 1166 -4.96 -40.18 51.91
C VAL F 1166 -4.48 -38.85 51.34
N ALA F 1167 -4.09 -37.90 52.19
CA ALA F 1167 -3.57 -36.64 51.70
C ALA F 1167 -2.07 -36.70 51.40
N LEU F 1168 -1.34 -37.65 51.99
CA LEU F 1168 0.10 -37.68 51.87
C LEU F 1168 0.60 -38.44 50.64
N LEU F 1169 -0.22 -39.33 50.07
CA LEU F 1169 0.19 -40.10 48.91
C LEU F 1169 0.33 -39.22 47.66
N PRO F 1170 -0.53 -38.20 47.44
CA PRO F 1170 -0.25 -37.25 46.35
C PRO F 1170 1.14 -36.63 46.44
N LEU F 1171 1.43 -35.98 47.57
CA LEU F 1171 2.71 -35.27 47.72
C LEU F 1171 3.90 -36.20 47.48
N ALA F 1172 3.84 -37.41 48.05
CA ALA F 1172 4.94 -38.36 47.86
C ALA F 1172 5.16 -38.66 46.38
N VAL F 1173 4.08 -38.79 45.61
CA VAL F 1173 4.21 -39.02 44.18
C VAL F 1173 4.95 -37.85 43.53
N VAL F 1174 4.70 -36.63 44.01
CA VAL F 1174 5.46 -35.47 43.57
C VAL F 1174 6.96 -35.75 43.70
N CYS F 1175 7.38 -36.27 44.86
CA CYS F 1175 8.79 -36.57 45.07
C CYS F 1175 9.36 -37.48 44.00
N TYR F 1176 8.55 -38.41 43.48
CA TYR F 1176 9.03 -39.27 42.40
C TYR F 1176 9.54 -38.43 41.24
N PHE F 1177 8.74 -37.46 40.79
CA PHE F 1177 9.19 -36.59 39.71
C PHE F 1177 10.43 -35.79 40.11
N ILE F 1178 10.55 -35.44 41.38
CA ILE F 1178 11.74 -34.73 41.84
C ILE F 1178 12.95 -35.66 41.89
N GLN F 1179 12.72 -36.97 41.94
CA GLN F 1179 13.84 -37.90 42.01
C GLN F 1179 14.56 -38.00 40.68
N LYS F 1180 13.85 -38.44 39.64
CA LYS F 1180 14.44 -38.65 38.32
C LYS F 1180 15.28 -37.46 37.89
N TYR F 1181 14.62 -36.30 37.70
CA TYR F 1181 15.30 -35.11 37.21
C TYR F 1181 16.55 -34.79 38.03
N PHE F 1182 16.58 -35.18 39.30
CA PHE F 1182 17.78 -34.94 40.08
C PHE F 1182 18.91 -35.85 39.66
N ARG F 1183 18.69 -37.17 39.73
CA ARG F 1183 19.80 -38.12 39.56
C ARG F 1183 20.47 -37.94 38.21
N VAL F 1184 19.68 -37.92 37.14
CA VAL F 1184 20.20 -37.81 35.77
C VAL F 1184 21.05 -36.56 35.58
N ALA F 1185 21.01 -35.62 36.51
CA ALA F 1185 21.94 -34.49 36.52
C ALA F 1185 22.98 -34.61 37.62
N SER F 1186 22.57 -35.04 38.82
CA SER F 1186 23.49 -35.09 39.95
C SER F 1186 24.66 -36.02 39.67
N ARG F 1187 24.38 -37.17 39.06
CA ARG F 1187 25.45 -38.02 38.57
C ARG F 1187 26.34 -37.27 37.60
N ASP F 1188 25.74 -36.66 36.58
CA ASP F 1188 26.49 -36.03 35.50
C ASP F 1188 27.47 -35.00 36.05
N LEU F 1189 26.94 -33.93 36.66
CA LEU F 1189 27.81 -32.92 37.27
C LEU F 1189 28.92 -33.58 38.09
N GLN F 1190 28.57 -34.59 38.87
CA GLN F 1190 29.56 -35.28 39.71
C GLN F 1190 30.79 -35.64 38.90
N GLN F 1191 30.61 -36.44 37.86
CA GLN F 1191 31.74 -36.89 37.06
C GLN F 1191 32.50 -35.70 36.46
N LEU F 1192 31.77 -34.67 36.01
CA LEU F 1192 32.44 -33.49 35.48
C LEU F 1192 33.42 -32.93 36.49
N ASP F 1193 33.01 -32.82 37.76
CA ASP F 1193 33.93 -32.38 38.81
C ASP F 1193 35.22 -33.18 38.77
N ASP F 1194 35.11 -34.51 38.81
CA ASP F 1194 36.29 -35.36 38.78
C ASP F 1194 37.19 -34.96 37.62
N THR F 1195 36.61 -34.78 36.43
CA THR F 1195 37.45 -34.47 35.28
C THR F 1195 38.17 -33.13 35.47
N THR F 1196 37.48 -32.11 35.98
CA THR F 1196 38.18 -30.83 36.12
C THR F 1196 39.21 -30.86 37.23
N GLN F 1197 39.20 -31.91 38.07
CA GLN F 1197 40.23 -32.04 39.08
C GLN F 1197 41.47 -32.72 38.56
N LEU F 1198 41.37 -33.48 37.46
CA LEU F 1198 42.50 -34.31 37.07
C LEU F 1198 43.59 -33.52 36.33
N PRO F 1199 43.29 -32.81 35.22
CA PRO F 1199 44.36 -32.05 34.56
C PRO F 1199 44.88 -30.88 35.37
N LEU F 1200 44.10 -30.35 36.32
CA LEU F 1200 44.60 -29.25 37.13
C LEU F 1200 45.83 -29.66 37.92
N LEU F 1201 45.67 -30.62 38.84
CA LEU F 1201 46.79 -31.09 39.65
C LEU F 1201 47.97 -31.49 38.79
N SER F 1202 47.73 -32.33 37.77
CA SER F 1202 48.81 -32.74 36.88
C SER F 1202 49.56 -31.52 36.34
N HIS F 1203 48.81 -30.51 35.89
CA HIS F 1203 49.44 -29.29 35.39
C HIS F 1203 50.44 -28.73 36.40
N PHE F 1204 50.00 -28.59 37.65
CA PHE F 1204 50.88 -28.14 38.72
C PHE F 1204 52.21 -28.87 38.66
N ALA F 1205 52.16 -30.21 38.65
CA ALA F 1205 53.39 -31.00 38.68
C ALA F 1205 54.29 -30.68 37.49
N GLU F 1206 53.69 -30.52 36.30
CA GLU F 1206 54.49 -30.21 35.12
C GLU F 1206 55.25 -28.91 35.29
N THR F 1207 54.66 -27.93 35.98
CA THR F 1207 55.36 -26.67 36.19
C THR F 1207 56.53 -26.84 37.13
N VAL F 1208 56.42 -27.75 38.10
CA VAL F 1208 57.44 -27.85 39.14
C VAL F 1208 58.73 -28.45 38.58
N GLU F 1209 58.62 -29.53 37.82
CA GLU F 1209 59.81 -30.20 37.31
C GLU F 1209 60.55 -29.33 36.30
N GLY F 1210 59.89 -29.00 35.19
CA GLY F 1210 60.49 -28.16 34.18
C GLY F 1210 60.44 -26.69 34.50
N LEU F 1211 60.73 -26.34 35.76
CA LEU F 1211 60.60 -24.96 36.18
C LEU F 1211 61.65 -24.08 35.52
N THR F 1212 62.88 -24.57 35.40
CA THR F 1212 63.95 -23.77 34.79
C THR F 1212 63.64 -23.48 33.33
N THR F 1213 63.14 -24.47 32.58
CA THR F 1213 62.80 -24.25 31.18
C THR F 1213 61.71 -23.19 31.05
N ILE F 1214 60.72 -23.22 31.94
CA ILE F 1214 59.60 -22.30 31.83
C ILE F 1214 59.99 -20.89 32.24
N ARG F 1215 60.84 -20.76 33.28
CA ARG F 1215 61.35 -19.43 33.61
C ARG F 1215 62.33 -18.92 32.58
N ALA F 1216 62.97 -19.81 31.82
CA ALA F 1216 63.89 -19.40 30.77
C ALA F 1216 63.16 -18.90 29.55
N PHE F 1217 62.17 -19.67 29.06
CA PHE F 1217 61.39 -19.24 27.91
C PHE F 1217 60.58 -17.98 28.18
N ARG F 1218 60.51 -17.53 29.43
CA ARG F 1218 59.67 -16.39 29.83
C ARG F 1218 58.20 -16.65 29.50
N TYR F 1219 57.79 -17.91 29.51
CA TYR F 1219 56.41 -18.31 29.20
C TYR F 1219 55.51 -18.29 30.43
N GLU F 1220 55.87 -17.52 31.46
CA GLU F 1220 55.12 -17.56 32.71
C GLU F 1220 53.71 -17.03 32.53
N ALA F 1221 53.53 -16.02 31.67
CA ALA F 1221 52.22 -15.40 31.49
C ALA F 1221 51.22 -16.38 30.91
N ARG F 1222 51.59 -17.07 29.83
CA ARG F 1222 50.67 -18.00 29.20
C ARG F 1222 50.32 -19.15 30.13
N PHE F 1223 51.28 -19.62 30.93
CA PHE F 1223 50.98 -20.71 31.85
C PHE F 1223 50.06 -20.25 32.97
N GLN F 1224 50.26 -19.03 33.47
CA GLN F 1224 49.35 -18.49 34.47
C GLN F 1224 47.95 -18.35 33.90
N GLN F 1225 47.85 -17.95 32.63
CA GLN F 1225 46.55 -17.90 31.95
C GLN F 1225 45.91 -19.29 31.92
N LYS F 1226 46.70 -20.31 31.58
CA LYS F 1226 46.18 -21.68 31.54
C LYS F 1226 45.68 -22.12 32.91
N LEU F 1227 46.41 -21.74 33.97
CA LEU F 1227 46.00 -22.18 35.30
C LEU F 1227 44.75 -21.44 35.78
N LEU F 1228 44.61 -20.16 35.43
CA LEU F 1228 43.35 -19.47 35.71
C LEU F 1228 42.19 -20.13 34.97
N GLU F 1229 42.42 -20.52 33.71
CA GLU F 1229 41.40 -21.24 32.96
C GLU F 1229 41.01 -22.54 33.66
N TYR F 1230 42.00 -23.31 34.10
CA TYR F 1230 41.72 -24.60 34.72
C TYR F 1230 40.99 -24.44 36.06
N THR F 1231 41.41 -23.47 36.87
CA THR F 1231 40.74 -23.29 38.15
C THR F 1231 39.32 -22.75 37.96
N ASP F 1232 39.08 -21.98 36.90
CA ASP F 1232 37.72 -21.58 36.60
C ASP F 1232 36.87 -22.77 36.18
N SER F 1233 37.43 -23.65 35.35
CA SER F 1233 36.70 -24.84 34.93
C SER F 1233 36.42 -25.78 36.10
N ASN F 1234 37.30 -25.78 37.10
CA ASN F 1234 37.04 -26.56 38.31
C ASN F 1234 35.94 -25.92 39.15
N ASN F 1235 36.00 -24.59 39.32
CA ASN F 1235 35.06 -23.92 40.21
C ASN F 1235 33.64 -23.93 39.64
N ILE F 1236 33.49 -23.79 38.32
CA ILE F 1236 32.14 -23.80 37.75
C ILE F 1236 31.47 -25.14 38.04
N ALA F 1237 32.21 -26.24 37.94
CA ALA F 1237 31.64 -27.56 38.21
C ALA F 1237 31.33 -27.73 39.70
N SER F 1238 32.32 -27.47 40.56
CA SER F 1238 32.10 -27.61 41.99
C SER F 1238 31.06 -26.63 42.52
N LEU F 1239 30.66 -25.64 41.72
CA LEU F 1239 29.65 -24.67 42.09
C LEU F 1239 28.26 -25.08 41.63
N PHE F 1240 28.16 -25.54 40.38
CA PHE F 1240 26.88 -26.07 39.91
C PHE F 1240 26.46 -27.28 40.72
N LEU F 1241 27.43 -28.08 41.21
CA LEU F 1241 27.07 -29.24 42.01
C LEU F 1241 26.41 -28.83 43.33
N THR F 1242 26.99 -27.83 44.01
CA THR F 1242 26.39 -27.38 45.26
C THR F 1242 25.08 -26.65 45.00
N ALA F 1243 24.95 -25.96 43.87
CA ALA F 1243 23.68 -25.34 43.53
C ALA F 1243 22.58 -26.38 43.35
N ALA F 1244 22.89 -27.48 42.66
CA ALA F 1244 21.89 -28.53 42.45
C ALA F 1244 21.53 -29.22 43.75
N ASN F 1245 22.52 -29.46 44.61
CA ASN F 1245 22.23 -30.03 45.92
C ASN F 1245 21.30 -29.13 46.73
N ARG F 1246 21.57 -27.81 46.70
CA ARG F 1246 20.68 -26.86 47.37
C ARG F 1246 19.28 -26.90 46.78
N TRP F 1247 19.18 -27.02 45.45
CA TRP F 1247 17.86 -27.09 44.82
C TRP F 1247 17.06 -28.27 45.35
N LEU F 1248 17.63 -29.47 45.24
CA LEU F 1248 16.92 -30.66 45.73
C LEU F 1248 16.58 -30.52 47.21
N GLU F 1249 17.53 -30.03 48.01
CA GLU F 1249 17.29 -29.85 49.43
C GLU F 1249 16.07 -28.97 49.69
N VAL F 1250 16.06 -27.77 49.09
CA VAL F 1250 15.01 -26.80 49.40
C VAL F 1250 13.65 -27.33 48.96
N ARG F 1251 13.58 -27.98 47.80
CA ARG F 1251 12.27 -28.42 47.33
C ARG F 1251 11.75 -29.59 48.17
N MET F 1252 12.61 -30.57 48.46
CA MET F 1252 12.20 -31.65 49.34
C MET F 1252 11.78 -31.12 50.70
N GLU F 1253 12.45 -30.07 51.18
CA GLU F 1253 12.09 -29.50 52.48
C GLU F 1253 10.74 -28.78 52.43
N TYR F 1254 10.48 -28.05 51.35
CA TYR F 1254 9.17 -27.40 51.19
C TYR F 1254 8.06 -28.44 51.23
N ILE F 1255 8.28 -29.59 50.59
CA ILE F 1255 7.25 -30.63 50.64
C ILE F 1255 7.16 -31.24 52.04
N GLY F 1256 8.30 -31.42 52.71
CA GLY F 1256 8.29 -31.92 54.08
C GLY F 1256 7.62 -30.99 55.06
N ALA F 1257 7.51 -29.71 54.71
CA ALA F 1257 6.76 -28.76 55.53
C ALA F 1257 5.28 -28.75 55.15
N CYS F 1258 4.97 -28.90 53.86
CA CYS F 1258 3.58 -29.07 53.45
C CYS F 1258 2.94 -30.25 54.16
N VAL F 1259 3.68 -31.36 54.31
CA VAL F 1259 3.08 -32.56 54.90
C VAL F 1259 2.77 -32.33 56.38
N VAL F 1260 3.65 -31.63 57.11
CA VAL F 1260 3.36 -31.38 58.52
C VAL F 1260 2.24 -30.36 58.67
N LEU F 1261 2.17 -29.37 57.77
CA LEU F 1261 1.03 -28.46 57.78
C LEU F 1261 -0.27 -29.22 57.65
N ILE F 1262 -0.38 -30.07 56.62
CA ILE F 1262 -1.62 -30.80 56.38
C ILE F 1262 -1.91 -31.75 57.54
N ALA F 1263 -0.86 -32.39 58.08
CA ALA F 1263 -1.05 -33.32 59.18
C ALA F 1263 -1.61 -32.61 60.41
N ALA F 1264 -1.04 -31.46 60.77
CA ALA F 1264 -1.53 -30.72 61.93
C ALA F 1264 -2.94 -30.19 61.70
N ALA F 1265 -3.22 -29.73 60.47
CA ALA F 1265 -4.54 -29.19 60.18
C ALA F 1265 -5.61 -30.28 60.27
N THR F 1266 -5.28 -31.51 59.87
CA THR F 1266 -6.22 -32.61 60.03
C THR F 1266 -6.30 -33.08 61.48
N SER F 1267 -5.19 -33.02 62.22
CA SER F 1267 -5.17 -33.53 63.58
C SER F 1267 -5.97 -32.63 64.52
N ILE F 1268 -5.87 -31.32 64.33
CA ILE F 1268 -6.55 -30.40 65.25
C ILE F 1268 -8.06 -30.58 65.18
N SER F 1269 -8.59 -30.93 64.00
CA SER F 1269 -10.03 -31.06 63.84
C SER F 1269 -10.50 -32.48 64.07
N ASN F 1270 -9.92 -33.43 63.33
CA ASN F 1270 -10.41 -34.81 63.37
C ASN F 1270 -10.19 -35.44 64.74
N SER F 1271 -9.01 -35.24 65.32
CA SER F 1271 -8.66 -35.91 66.57
C SER F 1271 -9.15 -35.17 67.81
N LEU F 1272 -9.72 -33.97 67.66
CA LEU F 1272 -10.25 -33.22 68.78
C LEU F 1272 -11.76 -33.05 68.72
N HIS F 1273 -12.27 -32.54 67.60
CA HIS F 1273 -13.71 -32.28 67.49
C HIS F 1273 -14.50 -33.57 67.54
N ARG F 1274 -14.27 -34.45 66.57
CA ARG F 1274 -15.04 -35.69 66.46
C ARG F 1274 -14.34 -36.93 67.00
N GLU F 1275 -13.06 -37.04 66.70
CA GLU F 1275 -12.26 -38.17 67.16
C GLU F 1275 -12.16 -38.19 68.67
N LEU F 1276 -12.01 -36.99 69.25
CA LEU F 1276 -11.87 -36.75 70.70
C LEU F 1276 -10.71 -37.50 71.33
N SER F 1277 -9.61 -37.59 70.59
CA SER F 1277 -8.41 -38.24 71.03
C SER F 1277 -7.27 -37.25 70.96
N ALA F 1278 -6.56 -37.11 72.07
CA ALA F 1278 -5.43 -36.19 72.15
C ALA F 1278 -4.08 -36.89 72.02
N GLY F 1279 -3.98 -38.17 72.37
CA GLY F 1279 -2.73 -38.88 72.23
C GLY F 1279 -2.28 -39.04 70.79
N LEU F 1280 -3.18 -38.82 69.83
CA LEU F 1280 -2.85 -38.99 68.42
C LEU F 1280 -2.01 -37.83 67.91
N VAL F 1281 -2.50 -36.60 68.06
CA VAL F 1281 -1.88 -35.43 67.44
C VAL F 1281 -0.42 -35.30 67.84
N GLY F 1282 -0.06 -35.74 69.04
CA GLY F 1282 1.31 -35.68 69.49
C GLY F 1282 2.26 -36.43 68.59
N LEU F 1283 1.99 -37.72 68.38
CA LEU F 1283 2.84 -38.54 67.52
C LEU F 1283 2.91 -37.97 66.10
N GLY F 1284 1.76 -37.61 65.55
CA GLY F 1284 1.72 -37.10 64.18
C GLY F 1284 2.55 -35.83 64.03
N LEU F 1285 2.35 -34.86 64.91
CA LEU F 1285 3.11 -33.62 64.83
C LEU F 1285 4.59 -33.87 65.04
N THR F 1286 4.95 -34.70 66.02
CA THR F 1286 6.37 -34.92 66.32
C THR F 1286 7.08 -35.63 65.17
N TYR F 1287 6.39 -36.53 64.46
CA TYR F 1287 7.04 -37.22 63.35
C TYR F 1287 7.03 -36.38 62.08
N ALA F 1288 5.99 -35.57 61.87
CA ALA F 1288 5.93 -34.73 60.67
C ALA F 1288 6.82 -33.50 60.79
N LEU F 1289 7.18 -33.09 62.00
CA LEU F 1289 8.15 -32.01 62.15
C LEU F 1289 9.54 -32.42 61.70
N MET F 1290 9.81 -33.72 61.60
CA MET F 1290 11.15 -34.21 61.32
C MET F 1290 11.25 -35.14 60.12
N VAL F 1291 10.13 -35.55 59.52
CA VAL F 1291 10.17 -36.48 58.38
C VAL F 1291 11.08 -35.97 57.26
N SER F 1292 11.22 -34.65 57.13
CA SER F 1292 11.95 -34.09 56.00
C SER F 1292 13.44 -34.43 56.07
N ASN F 1293 14.02 -34.36 57.27
CA ASN F 1293 15.44 -34.65 57.41
C ASN F 1293 15.74 -36.13 57.12
N TYR F 1294 14.84 -37.02 57.54
CA TYR F 1294 14.98 -38.43 57.20
C TYR F 1294 14.87 -38.63 55.69
N LEU F 1295 13.95 -37.90 55.05
CA LEU F 1295 13.84 -37.96 53.59
C LEU F 1295 15.14 -37.56 52.92
N ASN F 1296 15.76 -36.48 53.40
CA ASN F 1296 16.99 -36.00 52.76
C ASN F 1296 18.14 -36.98 52.97
N TRP F 1297 18.29 -37.48 54.20
CA TRP F 1297 19.26 -38.56 54.43
C TRP F 1297 19.05 -39.69 53.44
N MET F 1298 17.79 -40.12 53.28
CA MET F 1298 17.47 -41.20 52.36
C MET F 1298 17.99 -40.91 50.95
N VAL F 1299 17.62 -39.76 50.40
CA VAL F 1299 17.92 -39.53 48.99
C VAL F 1299 19.43 -39.38 48.76
N ARG F 1300 20.11 -38.67 49.67
CA ARG F 1300 21.55 -38.47 49.48
C ARG F 1300 22.31 -39.79 49.61
N ASN F 1301 22.00 -40.56 50.66
CA ASN F 1301 22.64 -41.86 50.81
C ASN F 1301 22.32 -42.78 49.64
N LEU F 1302 21.13 -42.65 49.05
CA LEU F 1302 20.80 -43.46 47.88
C LEU F 1302 21.71 -43.11 46.70
N ALA F 1303 21.93 -41.82 46.46
CA ALA F 1303 22.84 -41.42 45.39
C ALA F 1303 24.25 -41.98 45.62
N ASP F 1304 24.75 -41.85 46.86
CA ASP F 1304 26.09 -42.36 47.16
C ASP F 1304 26.16 -43.88 46.98
N MET F 1305 25.15 -44.60 47.47
CA MET F 1305 25.14 -46.05 47.32
C MET F 1305 25.12 -46.45 45.86
N GLU F 1306 24.42 -45.68 45.02
CA GLU F 1306 24.37 -46.01 43.60
C GLU F 1306 25.75 -45.83 42.95
N ILE F 1307 26.44 -44.73 43.25
CA ILE F 1307 27.77 -44.55 42.63
C ILE F 1307 28.74 -45.62 43.14
N GLN F 1308 28.63 -46.02 44.41
CA GLN F 1308 29.53 -47.04 44.93
C GLN F 1308 29.22 -48.42 44.35
N LEU F 1309 27.93 -48.72 44.12
CA LEU F 1309 27.58 -49.98 43.48
C LEU F 1309 28.02 -50.02 42.03
N GLY F 1310 27.94 -48.88 41.34
CA GLY F 1310 28.51 -48.80 39.99
C GLY F 1310 30.01 -49.00 39.99
N ALA F 1311 30.69 -48.55 41.05
CA ALA F 1311 32.11 -48.86 41.19
C ALA F 1311 32.33 -50.35 41.41
N VAL F 1312 31.45 -50.99 42.18
CA VAL F 1312 31.60 -52.41 42.47
C VAL F 1312 31.41 -53.26 41.22
N LYS F 1313 30.48 -52.87 40.35
CA LYS F 1313 30.14 -53.70 39.19
C LYS F 1313 31.35 -54.07 38.35
N ARG F 1314 32.37 -53.20 38.29
CA ARG F 1314 33.55 -53.53 37.49
C ARG F 1314 34.34 -54.69 38.08
N ILE F 1315 34.24 -54.91 39.39
CA ILE F 1315 34.88 -56.08 39.99
C ILE F 1315 34.28 -57.37 39.41
N HIS F 1316 32.94 -57.41 39.31
CA HIS F 1316 32.30 -58.57 38.69
C HIS F 1316 32.62 -58.65 37.21
N ALA F 1317 32.74 -57.48 36.55
CA ALA F 1317 33.17 -57.48 35.16
C ALA F 1317 34.53 -58.14 34.99
N LEU F 1318 35.42 -57.92 35.96
CA LEU F 1318 36.71 -58.62 35.99
C LEU F 1318 36.59 -60.07 36.42
N LEU F 1319 35.53 -60.42 37.17
CA LEU F 1319 35.41 -61.78 37.70
C LEU F 1319 35.15 -62.81 36.60
N LYS F 1320 34.54 -62.41 35.49
CA LYS F 1320 34.14 -63.34 34.44
C LYS F 1320 35.19 -63.48 33.34
N THR F 1321 36.46 -63.34 33.67
CA THR F 1321 37.52 -63.48 32.68
C THR F 1321 37.99 -64.93 32.58
N PRO F 1332 44.17 -88.49 32.56
CA PRO F 1332 45.57 -88.56 33.02
C PRO F 1332 46.24 -89.89 32.70
N SER F 1333 46.56 -90.11 31.42
CA SER F 1333 47.31 -91.29 30.98
C SER F 1333 48.79 -90.99 30.76
N LEU F 1334 49.11 -89.80 30.27
CA LEU F 1334 50.48 -89.37 30.10
C LEU F 1334 51.03 -88.64 31.31
N ILE F 1335 50.15 -88.22 32.22
CA ILE F 1335 50.60 -87.62 33.48
C ILE F 1335 51.36 -88.62 34.34
N PRO F 1336 50.87 -89.84 34.61
CA PRO F 1336 51.60 -90.74 35.50
C PRO F 1336 52.96 -91.17 34.96
N LYS F 1337 53.17 -91.10 33.66
CA LYS F 1337 54.47 -91.36 33.07
C LYS F 1337 55.29 -90.08 33.10
N ASN F 1338 56.42 -90.10 33.80
CA ASN F 1338 57.24 -88.90 33.98
C ASN F 1338 57.57 -88.30 32.62
N TRP F 1339 57.67 -86.97 32.59
CA TRP F 1339 57.91 -86.29 31.33
C TRP F 1339 59.27 -86.69 30.78
N PRO F 1340 59.36 -87.08 29.52
CA PRO F 1340 60.61 -87.63 29.00
C PRO F 1340 61.67 -86.56 28.78
N ASP F 1341 62.92 -86.96 28.95
CA ASP F 1341 64.05 -86.08 28.66
C ASP F 1341 64.33 -85.98 27.16
N GLN F 1342 63.81 -86.91 26.37
CA GLN F 1342 63.96 -86.87 24.91
C GLN F 1342 63.22 -85.66 24.37
N GLY F 1343 63.95 -84.65 23.93
CA GLY F 1343 63.36 -83.41 23.47
C GLY F 1343 62.91 -83.43 22.03
N LYS F 1344 62.78 -84.62 21.44
CA LYS F 1344 62.31 -84.73 20.07
C LYS F 1344 60.85 -84.27 19.99
N ILE F 1345 60.60 -83.26 19.16
CA ILE F 1345 59.27 -82.70 18.99
C ILE F 1345 58.99 -82.58 17.50
N GLN F 1346 57.72 -82.34 17.18
CA GLN F 1346 57.33 -82.14 15.79
C GLN F 1346 56.03 -81.36 15.75
N ILE F 1347 56.04 -80.22 15.06
CA ILE F 1347 54.86 -79.39 14.89
C ILE F 1347 54.48 -79.44 13.42
N GLN F 1348 53.37 -80.11 13.12
CA GLN F 1348 52.97 -80.43 11.75
C GLN F 1348 51.83 -79.53 11.32
N ASN F 1349 52.07 -78.74 10.28
CA ASN F 1349 51.08 -77.85 9.68
C ASN F 1349 50.45 -76.95 10.74
N LEU F 1350 51.30 -76.13 11.36
CA LEU F 1350 50.87 -75.27 12.47
C LEU F 1350 50.50 -73.89 11.95
N SER F 1351 49.46 -73.32 12.55
CA SER F 1351 49.08 -71.93 12.34
C SER F 1351 48.65 -71.35 13.68
N VAL F 1352 48.59 -70.02 13.74
CA VAL F 1352 48.24 -69.36 14.98
C VAL F 1352 47.65 -67.99 14.66
N ARG F 1353 46.64 -67.61 15.43
CA ARG F 1353 46.02 -66.29 15.34
C ARG F 1353 45.92 -65.71 16.74
N TYR F 1354 45.95 -64.38 16.82
CA TYR F 1354 45.89 -63.73 18.14
C TYR F 1354 44.46 -63.62 18.64
N ASP F 1355 43.60 -62.90 17.91
CA ASP F 1355 42.21 -62.72 18.27
C ASP F 1355 41.35 -63.66 17.43
N SER F 1356 40.14 -63.92 17.92
CA SER F 1356 39.20 -64.79 17.22
C SER F 1356 38.85 -64.20 15.87
N SER F 1357 39.17 -64.94 14.81
CA SER F 1357 38.88 -64.55 13.43
C SER F 1357 39.53 -63.22 13.07
N LEU F 1358 40.87 -63.21 13.12
CA LEU F 1358 41.66 -62.08 12.64
C LEU F 1358 42.73 -62.58 11.67
N LYS F 1359 43.66 -61.71 11.31
CA LYS F 1359 44.71 -62.09 10.37
C LYS F 1359 45.61 -63.15 11.00
N PRO F 1360 45.92 -64.23 10.29
CA PRO F 1360 46.76 -65.28 10.87
C PRO F 1360 48.20 -64.81 11.03
N VAL F 1361 48.86 -65.35 12.05
CA VAL F 1361 50.25 -65.01 12.34
C VAL F 1361 51.21 -65.95 11.62
N LEU F 1362 50.94 -67.24 11.68
CA LEU F 1362 51.73 -68.24 10.98
C LEU F 1362 50.88 -68.90 9.89
N LYS F 1363 51.56 -69.59 8.98
CA LYS F 1363 50.90 -70.18 7.82
C LYS F 1363 51.68 -71.42 7.41
N HIS F 1364 51.10 -72.59 7.66
CA HIS F 1364 51.69 -73.88 7.27
C HIS F 1364 53.08 -74.05 7.86
N VAL F 1365 53.13 -74.11 9.18
CA VAL F 1365 54.38 -74.28 9.92
C VAL F 1365 54.59 -75.77 10.17
N ASN F 1366 55.61 -76.34 9.54
CA ASN F 1366 55.97 -77.75 9.72
C ASN F 1366 57.44 -77.83 10.10
N ALA F 1367 57.73 -78.51 11.20
CA ALA F 1367 59.10 -78.62 11.68
C ALA F 1367 59.23 -79.79 12.62
N LEU F 1368 60.46 -80.27 12.80
CA LEU F 1368 60.75 -81.34 13.73
C LEU F 1368 62.11 -81.09 14.35
N ILE F 1369 62.28 -81.54 15.59
CA ILE F 1369 63.48 -81.28 16.38
C ILE F 1369 63.93 -82.59 17.01
N SER F 1370 65.22 -82.92 16.80
CA SER F 1370 65.81 -84.16 17.27
C SER F 1370 66.16 -84.07 18.75
N PRO F 1371 66.30 -85.22 19.43
CA PRO F 1371 66.61 -85.20 20.87
C PRO F 1371 68.01 -84.63 21.14
N GLY F 1372 68.09 -83.85 22.21
CA GLY F 1372 69.38 -83.33 22.66
C GLY F 1372 70.10 -82.47 21.65
N GLN F 1373 69.37 -81.76 20.80
CA GLN F 1373 69.95 -80.93 19.75
C GLN F 1373 69.52 -79.49 19.94
N LYS F 1374 70.49 -78.58 19.96
CA LYS F 1374 70.20 -77.17 20.15
C LYS F 1374 69.57 -76.60 18.88
N ILE F 1375 68.50 -75.83 19.05
CA ILE F 1375 67.71 -75.31 17.94
C ILE F 1375 67.67 -73.79 18.03
N GLY F 1376 67.93 -73.12 16.91
CA GLY F 1376 67.83 -71.69 16.83
C GLY F 1376 66.71 -71.29 15.88
N ILE F 1377 66.16 -70.10 16.09
CA ILE F 1377 65.11 -69.56 15.23
C ILE F 1377 65.41 -68.10 14.98
N CYS F 1378 65.26 -67.66 13.74
CA CYS F 1378 65.58 -66.30 13.33
C CYS F 1378 64.34 -65.64 12.74
N GLY F 1379 64.53 -64.43 12.22
CA GLY F 1379 63.45 -63.63 11.68
C GLY F 1379 63.51 -62.19 12.17
N ARG F 1380 62.90 -61.27 11.43
CA ARG F 1380 62.94 -59.86 11.81
C ARG F 1380 61.88 -59.60 12.88
N THR F 1381 61.64 -58.32 13.16
CA THR F 1381 60.62 -57.96 14.13
C THR F 1381 59.23 -58.24 13.58
N GLY F 1382 58.37 -58.80 14.42
CA GLY F 1382 57.05 -59.21 13.98
C GLY F 1382 57.02 -60.40 13.06
N SER F 1383 58.15 -61.10 12.91
CA SER F 1383 58.18 -62.28 12.05
C SER F 1383 57.37 -63.42 12.64
N GLY F 1384 57.32 -63.53 13.95
CA GLY F 1384 56.50 -64.52 14.60
C GLY F 1384 57.24 -65.45 15.54
N LYS F 1385 58.43 -65.04 16.00
CA LYS F 1385 59.20 -65.89 16.89
C LYS F 1385 58.67 -65.83 18.32
N SER F 1386 58.34 -64.63 18.81
CA SER F 1386 57.68 -64.53 20.10
C SER F 1386 56.33 -65.23 20.07
N SER F 1387 55.60 -65.09 18.96
CA SER F 1387 54.34 -65.81 18.81
C SER F 1387 54.58 -67.32 18.79
N PHE F 1388 55.67 -67.77 18.17
CA PHE F 1388 55.97 -69.20 18.16
C PHE F 1388 56.27 -69.71 19.56
N SER F 1389 57.02 -68.92 20.36
CA SER F 1389 57.29 -69.33 21.73
C SER F 1389 56.00 -69.38 22.55
N LEU F 1390 55.16 -68.36 22.43
CA LEU F 1390 53.91 -68.32 23.17
C LEU F 1390 52.99 -69.47 22.76
N ALA F 1391 53.01 -69.85 21.48
CA ALA F 1391 52.22 -70.99 21.03
C ALA F 1391 52.82 -72.31 21.51
N PHE F 1392 54.15 -72.37 21.62
CA PHE F 1392 54.78 -73.54 22.22
C PHE F 1392 54.38 -73.68 23.68
N PHE F 1393 54.09 -72.57 24.34
CA PHE F 1393 53.43 -72.59 25.64
C PHE F 1393 51.92 -72.35 25.53
N ARG F 1394 51.36 -72.55 24.34
CA ARG F 1394 49.93 -72.37 24.04
C ARG F 1394 49.34 -71.14 24.74
N MET F 1395 50.07 -70.03 24.64
CA MET F 1395 49.58 -68.78 25.20
C MET F 1395 48.64 -68.04 24.27
N VAL F 1396 48.62 -68.38 23.00
CA VAL F 1396 47.70 -67.79 22.02
C VAL F 1396 46.52 -68.74 21.87
N ASP F 1397 45.31 -68.19 21.92
CA ASP F 1397 44.09 -68.99 22.02
C ASP F 1397 43.39 -69.16 20.67
N MET F 1398 44.09 -68.93 19.56
CA MET F 1398 43.50 -69.12 18.23
C MET F 1398 44.50 -69.80 17.30
N PHE F 1399 45.19 -70.82 17.79
CA PHE F 1399 46.11 -71.59 16.96
C PHE F 1399 45.41 -72.77 16.31
N GLU F 1400 45.91 -73.17 15.15
CA GLU F 1400 45.35 -74.29 14.40
C GLU F 1400 46.45 -75.29 14.10
N GLY F 1401 46.06 -76.49 13.68
CA GLY F 1401 47.01 -77.58 13.51
C GLY F 1401 47.16 -78.34 14.83
N ARG F 1402 48.11 -79.27 14.91
CA ARG F 1402 48.36 -80.02 16.14
C ARG F 1402 49.82 -79.75 16.50
N ILE F 1403 50.14 -79.40 17.75
CA ILE F 1403 51.54 -79.17 18.14
C ILE F 1403 51.94 -80.21 19.20
N ILE F 1404 53.08 -80.89 19.05
CA ILE F 1404 53.42 -81.94 20.04
C ILE F 1404 54.83 -82.00 20.65
N ILE F 1405 54.89 -82.61 21.83
CA ILE F 1405 56.13 -82.87 22.55
C ILE F 1405 56.10 -84.34 22.98
N ASP F 1406 56.87 -85.17 22.29
CA ASP F 1406 56.94 -86.60 22.56
C ASP F 1406 55.55 -87.25 22.40
N GLY F 1407 54.93 -86.99 21.27
CA GLY F 1407 53.60 -87.53 20.99
C GLY F 1407 52.52 -87.00 21.90
N ILE F 1408 52.76 -85.88 22.59
CA ILE F 1408 51.83 -85.35 23.57
C ILE F 1408 51.54 -83.89 23.21
N ASP F 1409 50.30 -83.48 23.40
CA ASP F 1409 49.85 -82.15 23.01
C ASP F 1409 48.94 -81.62 24.12
N ILE F 1410 48.20 -80.56 23.81
CA ILE F 1410 47.45 -79.81 24.81
C ILE F 1410 45.98 -80.19 24.83
N ALA F 1411 45.65 -81.41 24.40
CA ALA F 1411 44.25 -81.81 24.29
C ALA F 1411 43.67 -82.39 25.58
N LYS F 1412 44.52 -82.89 26.49
CA LYS F 1412 44.02 -83.55 27.70
C LYS F 1412 44.76 -83.13 28.97
N LEU F 1413 45.57 -82.07 28.92
CA LEU F 1413 46.36 -81.65 30.08
C LEU F 1413 45.91 -80.30 30.59
N PRO F 1414 45.77 -80.13 31.90
CA PRO F 1414 45.50 -78.80 32.47
C PRO F 1414 46.76 -77.94 32.47
N LEU F 1415 46.55 -76.66 32.78
CA LEU F 1415 47.64 -75.68 32.69
C LEU F 1415 48.78 -76.01 33.64
N HIS F 1416 48.46 -76.55 34.82
CA HIS F 1416 49.48 -76.81 35.83
C HIS F 1416 50.51 -77.81 35.32
N THR F 1417 50.07 -78.89 34.69
CA THR F 1417 51.00 -79.83 34.08
C THR F 1417 51.71 -79.22 32.89
N LEU F 1418 51.03 -78.33 32.15
CA LEU F 1418 51.64 -77.69 30.99
C LEU F 1418 52.73 -76.71 31.37
N ARG F 1419 52.77 -76.26 32.63
CA ARG F 1419 53.82 -75.36 33.07
C ARG F 1419 54.90 -76.04 33.91
N SER F 1420 54.68 -77.28 34.31
CA SER F 1420 55.71 -78.08 34.96
C SER F 1420 56.45 -78.98 33.97
N ARG F 1421 56.45 -78.62 32.69
CA ARG F 1421 57.06 -79.44 31.66
C ARG F 1421 58.09 -78.71 30.80
N LEU F 1422 58.04 -77.38 30.72
CA LEU F 1422 58.99 -76.61 29.92
C LEU F 1422 59.51 -75.43 30.73
N SER F 1423 60.70 -74.97 30.35
CA SER F 1423 61.33 -73.80 30.92
C SER F 1423 61.41 -72.68 29.88
N ILE F 1424 61.55 -71.45 30.37
CA ILE F 1424 61.52 -70.29 29.50
C ILE F 1424 62.18 -69.12 30.23
N ILE F 1425 62.99 -68.37 29.49
CA ILE F 1425 63.60 -67.13 29.98
C ILE F 1425 63.18 -66.03 29.02
N LEU F 1426 62.47 -65.03 29.53
CA LEU F 1426 61.91 -63.99 28.69
C LEU F 1426 62.91 -62.86 28.45
N GLN F 1427 62.63 -62.07 27.42
CA GLN F 1427 63.43 -60.88 27.14
C GLN F 1427 63.25 -59.80 28.20
N ASP F 1428 62.16 -59.85 28.96
CA ASP F 1428 61.87 -58.85 29.99
C ASP F 1428 62.08 -59.49 31.36
N PRO F 1429 63.26 -59.35 31.96
CA PRO F 1429 63.51 -59.96 33.27
C PRO F 1429 63.05 -59.06 34.41
N VAL F 1430 62.71 -59.70 35.52
CA VAL F 1430 62.30 -58.99 36.72
C VAL F 1430 62.73 -59.80 37.93
N LEU F 1431 62.93 -59.09 39.04
CA LEU F 1431 63.28 -59.68 40.34
C LEU F 1431 62.28 -59.14 41.35
N PHE F 1432 61.20 -59.89 41.57
CA PHE F 1432 60.20 -59.48 42.53
C PHE F 1432 60.76 -59.48 43.95
N SER F 1433 60.10 -58.69 44.81
CA SER F 1433 60.62 -58.46 46.15
C SER F 1433 60.65 -59.75 46.97
N GLY F 1434 61.45 -59.73 48.02
CA GLY F 1434 61.63 -60.88 48.88
C GLY F 1434 63.09 -61.21 49.10
N THR F 1435 63.38 -62.48 49.36
CA THR F 1435 64.74 -62.95 49.55
C THR F 1435 65.23 -63.63 48.28
N ILE F 1436 66.44 -64.18 48.35
CA ILE F 1436 66.96 -64.93 47.21
C ILE F 1436 66.25 -66.28 47.09
N ARG F 1437 65.83 -66.85 48.22
CA ARG F 1437 65.06 -68.10 48.16
C ARG F 1437 63.70 -67.87 47.51
N PHE F 1438 63.15 -66.66 47.63
CA PHE F 1438 61.86 -66.35 47.04
C PHE F 1438 61.95 -66.05 45.55
N ASN F 1439 63.13 -65.71 45.06
CA ASN F 1439 63.34 -65.48 43.63
C ASN F 1439 63.83 -66.73 42.91
N LEU F 1440 64.71 -67.51 43.54
CA LEU F 1440 65.18 -68.74 42.92
C LEU F 1440 64.09 -69.79 42.87
N ASP F 1441 63.51 -70.12 44.02
CA ASP F 1441 62.45 -71.12 44.13
C ASP F 1441 61.32 -70.54 44.95
N PRO F 1442 60.39 -69.82 44.32
CA PRO F 1442 59.26 -69.24 45.07
C PRO F 1442 58.36 -70.29 45.69
N GLU F 1443 58.28 -71.45 45.03
CA GLU F 1443 57.54 -72.60 45.54
C GLU F 1443 58.21 -73.05 46.85
N LYS F 1444 59.56 -72.95 46.86
CA LYS F 1444 60.48 -73.29 47.96
C LYS F 1444 60.71 -74.78 48.22
N LYS F 1445 60.32 -75.62 47.26
CA LYS F 1445 60.50 -77.06 47.38
C LYS F 1445 61.99 -77.43 47.42
N CYS F 1446 62.79 -76.76 46.61
CA CYS F 1446 64.22 -77.03 46.52
C CYS F 1446 65.02 -76.74 47.79
N SER F 1447 65.95 -77.64 48.11
CA SER F 1447 66.82 -77.52 49.28
C SER F 1447 67.98 -76.53 49.09
N ASP F 1448 68.49 -76.02 50.20
CA ASP F 1448 69.64 -75.09 50.21
C ASP F 1448 70.90 -75.42 49.37
N SER F 1449 71.41 -76.65 49.44
CA SER F 1449 72.53 -77.03 48.60
C SER F 1449 72.16 -76.98 47.12
N THR F 1450 70.90 -77.27 46.79
CA THR F 1450 70.45 -77.17 45.41
C THR F 1450 70.54 -75.73 44.91
N LEU F 1451 70.05 -74.78 45.71
CA LEU F 1451 70.12 -73.38 45.33
C LEU F 1451 71.56 -72.89 45.29
N TRP F 1452 72.40 -73.36 46.21
CA TRP F 1452 73.81 -72.97 46.19
C TRP F 1452 74.51 -73.49 44.94
N GLU F 1453 74.21 -74.72 44.54
CA GLU F 1453 74.79 -75.26 43.31
C GLU F 1453 74.28 -74.54 42.09
N ALA F 1454 72.99 -74.18 42.08
CA ALA F 1454 72.44 -73.43 40.95
C ALA F 1454 73.07 -72.05 40.84
N LEU F 1455 73.41 -71.43 41.98
CA LEU F 1455 74.08 -70.14 41.95
C LEU F 1455 75.54 -70.28 41.53
N GLU F 1456 76.20 -71.36 41.97
CA GLU F 1456 77.60 -71.58 41.60
C GLU F 1456 77.73 -71.87 40.11
N ILE F 1457 76.80 -72.66 39.55
CA ILE F 1457 76.83 -72.95 38.12
C ILE F 1457 76.49 -71.70 37.33
N ALA F 1458 75.56 -70.90 37.82
CA ALA F 1458 75.14 -69.67 37.14
C ALA F 1458 76.09 -68.51 37.38
N GLN F 1459 77.28 -68.76 37.93
CA GLN F 1459 78.30 -67.72 38.15
C GLN F 1459 77.74 -66.58 39.01
N LEU F 1460 77.09 -66.97 40.11
CA LEU F 1460 76.45 -65.99 40.98
C LEU F 1460 76.69 -66.26 42.46
N LYS F 1461 77.44 -67.31 42.82
CA LYS F 1461 77.60 -67.68 44.22
C LYS F 1461 78.45 -66.67 44.98
N LEU F 1462 79.45 -66.07 44.32
CA LEU F 1462 80.36 -65.17 45.01
C LEU F 1462 79.65 -63.89 45.45
N VAL F 1463 78.87 -63.29 44.57
CA VAL F 1463 78.14 -62.07 44.94
C VAL F 1463 76.98 -62.39 45.89
N VAL F 1464 76.50 -63.63 45.91
CA VAL F 1464 75.45 -64.01 46.85
C VAL F 1464 76.03 -64.17 48.25
N LYS F 1465 77.23 -64.73 48.36
CA LYS F 1465 77.88 -64.86 49.65
C LYS F 1465 78.28 -63.52 50.24
N ALA F 1466 78.30 -62.45 49.44
CA ALA F 1466 78.68 -61.12 49.89
C ALA F 1466 77.48 -60.28 50.31
N LEU F 1467 76.41 -60.92 50.78
CA LEU F 1467 75.20 -60.22 51.21
C LEU F 1467 74.83 -60.67 52.62
N PRO F 1468 74.11 -59.84 53.37
CA PRO F 1468 73.80 -60.20 54.76
C PRO F 1468 72.97 -61.46 54.85
N GLY F 1469 73.46 -62.41 55.64
CA GLY F 1469 72.73 -63.63 55.88
C GLY F 1469 72.97 -64.69 54.83
N GLY F 1470 72.98 -64.31 53.56
CA GLY F 1470 73.13 -65.26 52.49
C GLY F 1470 71.81 -65.92 52.14
N LEU F 1471 71.45 -65.92 50.85
CA LEU F 1471 70.19 -66.42 50.34
C LEU F 1471 68.97 -65.75 50.98
N ASP F 1472 69.17 -64.62 51.67
CA ASP F 1472 68.07 -63.98 52.37
C ASP F 1472 68.09 -62.45 52.21
N ALA F 1473 68.82 -61.94 51.23
CA ALA F 1473 68.86 -60.50 51.01
C ALA F 1473 67.49 -59.99 50.62
N ILE F 1474 67.05 -58.92 51.28
CA ILE F 1474 65.74 -58.34 51.02
C ILE F 1474 65.79 -57.55 49.72
N ILE F 1475 65.22 -58.13 48.66
CA ILE F 1475 65.22 -57.50 47.35
C ILE F 1475 63.95 -56.67 47.18
N THR F 1476 64.01 -55.69 46.28
CA THR F 1476 62.86 -54.88 45.92
C THR F 1476 62.50 -55.11 44.46
N GLU F 1477 61.26 -54.80 44.11
CA GLU F 1477 60.77 -55.00 42.74
C GLU F 1477 61.58 -54.16 41.76
N GLY F 1478 62.31 -54.83 40.87
CA GLY F 1478 63.24 -54.12 40.01
C GLY F 1478 64.37 -53.53 40.83
N GLY F 1479 64.38 -52.21 40.97
CA GLY F 1479 65.33 -51.58 41.84
C GLY F 1479 66.73 -51.53 41.26
N GLU F 1480 67.70 -51.32 42.15
CA GLU F 1480 69.11 -51.21 41.80
C GLU F 1480 69.96 -52.05 42.73
N ASN F 1481 69.47 -53.24 43.09
CA ASN F 1481 70.19 -54.14 43.98
C ASN F 1481 71.10 -55.11 43.25
N PHE F 1482 70.88 -55.31 41.95
CA PHE F 1482 71.70 -56.23 41.16
C PHE F 1482 71.85 -55.68 39.76
N SER F 1483 72.86 -56.19 39.05
CA SER F 1483 73.11 -55.76 37.68
C SER F 1483 72.25 -56.53 36.69
N GLN F 1484 72.14 -56.00 35.48
CA GLN F 1484 71.34 -56.65 34.45
C GLN F 1484 71.85 -58.05 34.17
N GLY F 1485 73.17 -58.22 34.06
CA GLY F 1485 73.73 -59.55 33.93
C GLY F 1485 73.40 -60.44 35.10
N GLN F 1486 73.38 -59.88 36.30
CA GLN F 1486 73.01 -60.67 37.47
C GLN F 1486 71.52 -61.00 37.47
N ARG F 1487 70.67 -60.12 36.93
CA ARG F 1487 69.27 -60.46 36.78
C ARG F 1487 69.09 -61.61 35.80
N GLN F 1488 69.83 -61.59 34.69
CA GLN F 1488 69.78 -62.72 33.76
C GLN F 1488 70.36 -63.99 34.39
N LEU F 1489 71.34 -63.83 35.29
CA LEU F 1489 71.87 -64.99 36.01
C LEU F 1489 70.83 -65.57 36.95
N PHE F 1490 70.03 -64.70 37.58
CA PHE F 1490 68.92 -65.18 38.40
C PHE F 1490 67.87 -65.87 37.54
N CYS F 1491 67.61 -65.36 36.33
CA CYS F 1491 66.70 -66.03 35.42
C CYS F 1491 67.21 -67.41 35.04
N LEU F 1492 68.53 -67.51 34.76
CA LEU F 1492 69.11 -68.80 34.45
C LEU F 1492 69.12 -69.72 35.67
N ALA F 1493 69.17 -69.17 36.88
CA ALA F 1493 69.06 -70.00 38.07
C ALA F 1493 67.64 -70.54 38.23
N ARG F 1494 66.63 -69.70 37.93
CA ARG F 1494 65.26 -70.20 37.82
C ARG F 1494 65.18 -71.34 36.84
N ALA F 1495 65.81 -71.17 35.67
CA ALA F 1495 65.81 -72.21 34.65
C ALA F 1495 66.51 -73.48 35.15
N PHE F 1496 67.57 -73.31 35.93
CA PHE F 1496 68.27 -74.46 36.50
C PHE F 1496 67.39 -75.21 37.47
N VAL F 1497 66.73 -74.49 38.38
CA VAL F 1497 65.93 -75.15 39.40
C VAL F 1497 64.59 -75.66 38.87
N ARG F 1498 64.16 -75.17 37.72
CA ARG F 1498 62.89 -75.61 37.15
C ARG F 1498 62.92 -77.09 36.80
N LYS F 1499 64.04 -77.54 36.25
CA LYS F 1499 64.27 -78.93 35.84
C LYS F 1499 63.26 -79.48 34.83
N THR F 1500 62.81 -78.60 33.93
CA THR F 1500 61.85 -78.96 32.88
C THR F 1500 62.43 -79.96 31.89
N SER F 1501 63.73 -79.78 31.61
CA SER F 1501 64.61 -80.53 30.69
C SER F 1501 64.48 -80.07 29.23
N ILE F 1502 63.63 -79.07 29.02
CA ILE F 1502 63.41 -78.43 27.73
C ILE F 1502 63.59 -76.95 28.04
N PHE F 1503 64.39 -76.24 27.25
CA PHE F 1503 64.59 -74.83 27.57
C PHE F 1503 64.20 -73.97 26.39
N ILE F 1504 63.59 -72.83 26.69
CA ILE F 1504 63.27 -71.81 25.70
C ILE F 1504 63.98 -70.52 26.11
N MET F 1505 64.77 -69.97 25.19
CA MET F 1505 65.57 -68.78 25.46
C MET F 1505 65.06 -67.66 24.55
N ASP F 1506 64.15 -66.85 25.08
CA ASP F 1506 63.50 -65.78 24.31
C ASP F 1506 64.29 -64.50 24.50
N GLU F 1507 65.30 -64.30 23.66
CA GLU F 1507 66.11 -63.08 23.63
C GLU F 1507 66.76 -62.80 24.99
N ALA F 1508 67.66 -63.69 25.39
CA ALA F 1508 68.50 -63.48 26.56
C ALA F 1508 69.68 -62.58 26.26
N THR F 1509 69.62 -61.87 25.13
CA THR F 1509 70.70 -61.03 24.64
C THR F 1509 70.41 -59.54 24.70
N ALA F 1510 69.15 -59.14 24.47
CA ALA F 1510 68.82 -57.72 24.36
C ALA F 1510 69.14 -56.97 25.65
N SER F 1511 69.68 -55.76 25.48
CA SER F 1511 69.98 -54.86 26.60
C SER F 1511 70.99 -55.47 27.57
N ILE F 1512 72.00 -56.14 27.03
CA ILE F 1512 73.09 -56.72 27.81
C ILE F 1512 74.40 -56.43 27.09
N ASP F 1513 75.41 -56.00 27.84
CA ASP F 1513 76.71 -55.71 27.27
C ASP F 1513 77.28 -56.96 26.57
N MET F 1514 77.95 -56.73 25.44
CA MET F 1514 78.49 -57.85 24.68
C MET F 1514 79.56 -58.60 25.46
N ALA F 1515 80.40 -57.86 26.19
CA ALA F 1515 81.45 -58.50 26.99
C ALA F 1515 80.87 -59.42 28.05
N THR F 1516 79.66 -59.12 28.53
CA THR F 1516 78.97 -60.00 29.47
C THR F 1516 78.06 -61.00 28.79
N GLU F 1517 77.43 -60.61 27.67
CA GLU F 1517 76.53 -61.53 26.97
C GLU F 1517 77.30 -62.70 26.36
N ASN F 1518 78.52 -62.47 25.88
CA ASN F 1518 79.29 -63.56 25.30
C ASN F 1518 79.66 -64.60 26.35
N ILE F 1519 80.14 -64.16 27.51
CA ILE F 1519 80.46 -65.12 28.56
C ILE F 1519 79.18 -65.75 29.12
N LEU F 1520 78.07 -65.02 29.08
CA LEU F 1520 76.78 -65.59 29.49
C LEU F 1520 76.39 -66.75 28.57
N GLN F 1521 76.50 -66.53 27.26
CA GLN F 1521 76.19 -67.60 26.31
C GLN F 1521 77.18 -68.75 26.43
N LYS F 1522 78.45 -68.44 26.72
CA LYS F 1522 79.43 -69.51 26.91
C LYS F 1522 79.09 -70.36 28.12
N VAL F 1523 78.66 -69.73 29.22
CA VAL F 1523 78.27 -70.48 30.41
C VAL F 1523 77.00 -71.28 30.14
N VAL F 1524 76.04 -70.70 29.40
CA VAL F 1524 74.80 -71.41 29.12
C VAL F 1524 75.02 -72.54 28.13
N MET F 1525 76.10 -72.49 27.35
CA MET F 1525 76.44 -73.61 26.47
C MET F 1525 77.19 -74.70 27.22
N THR F 1526 78.19 -74.31 28.02
CA THR F 1526 78.94 -75.30 28.80
C THR F 1526 78.07 -75.97 29.86
N ALA F 1527 76.99 -75.31 30.28
CA ALA F 1527 76.08 -75.91 31.25
C ALA F 1527 74.98 -76.72 30.60
N PHE F 1528 74.54 -76.32 29.40
CA PHE F 1528 73.48 -77.02 28.68
C PHE F 1528 74.12 -77.85 27.56
N ALA F 1529 74.58 -79.04 27.92
CA ALA F 1529 74.97 -80.04 26.94
C ALA F 1529 73.82 -80.96 26.54
N ASP F 1530 72.79 -81.06 27.39
CA ASP F 1530 71.60 -81.82 27.11
C ASP F 1530 70.40 -80.90 27.31
N ARG F 1531 69.20 -81.48 27.30
CA ARG F 1531 67.96 -80.79 27.65
C ARG F 1531 67.70 -79.65 26.66
N THR F 1532 67.26 -80.08 25.46
CA THR F 1532 67.24 -79.32 24.22
C THR F 1532 66.79 -77.88 24.44
N VAL F 1533 67.56 -76.93 23.93
CA VAL F 1533 67.23 -75.52 24.08
C VAL F 1533 66.87 -74.95 22.72
N VAL F 1534 65.75 -74.23 22.68
CA VAL F 1534 65.32 -73.49 21.50
C VAL F 1534 65.43 -72.01 21.80
N THR F 1535 66.21 -71.30 21.00
CA THR F 1535 66.54 -69.91 21.26
C THR F 1535 65.99 -69.02 20.17
N ILE F 1536 65.86 -67.73 20.49
CA ILE F 1536 65.43 -66.71 19.54
C ILE F 1536 66.10 -65.40 19.89
N ALA F 1537 66.73 -64.78 18.90
CA ALA F 1537 67.44 -63.52 19.09
C ALA F 1537 67.73 -62.93 17.72
N HIS F 1538 68.35 -61.74 17.71
CA HIS F 1538 68.78 -61.07 16.48
C HIS F 1538 70.30 -60.95 16.41
N ARG F 1539 71.02 -61.72 17.21
CA ARG F 1539 72.48 -61.74 17.17
C ARG F 1539 72.96 -62.71 16.09
N VAL F 1540 74.16 -62.42 15.56
CA VAL F 1540 74.71 -63.26 14.50
C VAL F 1540 75.27 -64.56 15.06
N HIS F 1541 76.16 -64.46 16.07
CA HIS F 1541 76.86 -65.63 16.57
C HIS F 1541 75.90 -66.60 17.28
N THR F 1542 74.87 -66.08 17.93
CA THR F 1542 73.90 -66.95 18.61
C THR F 1542 73.18 -67.83 17.60
N ILE F 1543 72.71 -67.25 16.50
CA ILE F 1543 72.07 -68.04 15.45
C ILE F 1543 73.09 -68.95 14.77
N LEU F 1544 74.36 -68.50 14.69
CA LEU F 1544 75.39 -69.31 14.04
C LEU F 1544 75.72 -70.57 14.84
N SER F 1545 75.66 -70.50 16.16
CA SER F 1545 76.03 -71.64 16.99
C SER F 1545 74.94 -72.71 17.06
N ALA F 1546 73.73 -72.43 16.60
CA ALA F 1546 72.64 -73.39 16.67
C ALA F 1546 72.66 -74.31 15.46
N ASP F 1547 72.12 -75.53 15.65
CA ASP F 1547 72.15 -76.54 14.59
C ASP F 1547 71.00 -76.36 13.60
N LEU F 1548 69.76 -76.54 14.06
CA LEU F 1548 68.58 -76.45 13.21
C LEU F 1548 67.99 -75.06 13.33
N VAL F 1549 67.86 -74.36 12.20
CA VAL F 1549 67.36 -72.99 12.20
C VAL F 1549 66.32 -72.84 11.10
N MET F 1550 65.28 -72.05 11.36
CA MET F 1550 64.20 -71.84 10.42
C MET F 1550 64.01 -70.34 10.21
N VAL F 1551 64.25 -69.89 8.98
CA VAL F 1551 64.08 -68.48 8.64
C VAL F 1551 62.58 -68.17 8.56
N LEU F 1552 62.13 -67.23 9.37
CA LEU F 1552 60.73 -66.82 9.37
C LEU F 1552 60.51 -65.89 8.17
N LYS F 1553 59.70 -66.33 7.23
CA LYS F 1553 59.38 -65.53 6.06
C LYS F 1553 58.30 -64.50 6.43
N ARG F 1554 57.69 -63.88 5.42
CA ARG F 1554 56.71 -62.82 5.68
C ARG F 1554 55.53 -63.36 6.49
N GLY F 1555 55.01 -64.54 6.13
CA GLY F 1555 53.94 -65.14 6.91
C GLY F 1555 54.21 -66.57 7.35
N ALA F 1556 55.17 -67.23 6.71
CA ALA F 1556 55.48 -68.63 6.96
C ALA F 1556 56.94 -68.77 7.39
N ILE F 1557 57.40 -70.02 7.51
CA ILE F 1557 58.78 -70.31 7.87
C ILE F 1557 59.37 -71.26 6.83
N LEU F 1558 60.70 -71.26 6.77
CA LEU F 1558 61.44 -72.19 5.93
C LEU F 1558 62.57 -72.77 6.78
N GLU F 1559 62.50 -74.07 7.08
CA GLU F 1559 63.41 -74.69 8.03
C GLU F 1559 64.62 -75.28 7.32
N PHE F 1560 65.73 -75.37 8.06
CA PHE F 1560 66.97 -75.93 7.57
C PHE F 1560 67.66 -76.68 8.70
N ASP F 1561 68.12 -77.89 8.39
CA ASP F 1561 68.65 -78.79 9.41
C ASP F 1561 70.12 -78.51 9.70
N LYS F 1562 70.99 -78.65 8.70
CA LYS F 1562 72.42 -78.51 8.96
C LYS F 1562 72.82 -77.04 8.91
N PRO F 1563 73.49 -76.51 9.94
CA PRO F 1563 73.76 -75.07 9.97
C PRO F 1563 74.81 -74.63 8.96
N GLU F 1564 75.90 -75.39 8.81
CA GLU F 1564 76.95 -75.01 7.87
C GLU F 1564 76.54 -75.18 6.42
N THR F 1565 75.44 -75.89 6.16
CA THR F 1565 74.99 -76.12 4.78
C THR F 1565 74.09 -75.00 4.28
N LEU F 1566 73.17 -74.49 5.11
CA LEU F 1566 72.25 -73.46 4.68
C LEU F 1566 72.86 -72.06 4.69
N LEU F 1567 74.01 -71.87 5.33
CA LEU F 1567 74.67 -70.57 5.35
C LEU F 1567 75.60 -70.35 4.17
N SER F 1568 75.70 -71.32 3.26
CA SER F 1568 76.42 -71.15 2.00
C SER F 1568 75.66 -71.69 0.80
N GLN F 1569 74.53 -72.37 1.00
CA GLN F 1569 73.75 -72.88 -0.12
C GLN F 1569 73.00 -71.76 -0.82
N LYS F 1570 72.38 -70.85 -0.06
CA LYS F 1570 71.77 -69.66 -0.62
C LYS F 1570 72.80 -68.65 -1.10
N ASP F 1571 74.08 -69.01 -1.05
CA ASP F 1571 75.20 -68.16 -1.47
C ASP F 1571 75.29 -66.90 -0.61
N SER F 1572 74.97 -67.03 0.68
CA SER F 1572 75.04 -65.93 1.64
C SER F 1572 74.21 -64.74 1.17
N VAL F 1573 72.90 -64.97 1.00
CA VAL F 1573 71.97 -63.95 0.57
C VAL F 1573 70.83 -63.77 1.56
N PHE F 1574 70.25 -64.86 2.07
CA PHE F 1574 69.08 -64.79 2.91
C PHE F 1574 69.27 -65.34 4.32
N ALA F 1575 70.37 -66.02 4.61
CA ALA F 1575 70.59 -66.62 5.91
C ALA F 1575 71.89 -66.23 6.60
N SER F 1576 72.91 -65.79 5.86
CA SER F 1576 74.18 -65.39 6.45
C SER F 1576 74.29 -63.89 6.63
N PHE F 1577 74.11 -63.12 5.54
CA PHE F 1577 74.12 -61.67 5.66
C PHE F 1577 72.93 -61.16 6.47
N VAL F 1578 71.82 -61.90 6.46
CA VAL F 1578 70.68 -61.54 7.30
C VAL F 1578 70.98 -61.79 8.76
N ARG F 1579 71.66 -62.90 9.06
CA ARG F 1579 72.04 -63.22 10.43
C ARG F 1579 73.13 -62.27 10.92
N ARG G 32 27.52 20.92 16.19
CA ARG G 32 26.88 21.56 15.06
C ARG G 32 25.44 21.07 14.90
N ALA G 33 24.73 21.62 13.93
CA ALA G 33 23.31 21.32 13.73
C ALA G 33 23.15 19.99 13.01
N ARG G 34 22.19 19.19 13.47
CA ARG G 34 21.87 17.90 12.85
C ARG G 34 20.61 17.99 12.00
N PHE G 35 20.55 17.14 10.98
CA PHE G 35 19.44 17.20 10.04
C PHE G 35 18.19 16.55 10.62
N VAL G 36 18.25 15.25 10.91
CA VAL G 36 17.19 14.55 11.61
C VAL G 36 17.81 13.78 12.78
N SER G 37 17.15 13.82 13.92
CA SER G 37 17.74 13.31 15.14
C SER G 37 17.79 11.79 15.12
N LYS G 38 18.58 11.25 16.04
CA LYS G 38 18.76 9.80 16.11
C LYS G 38 17.44 9.09 16.34
N LYS G 39 16.61 9.62 17.24
CA LYS G 39 15.33 8.97 17.56
C LYS G 39 14.41 8.84 16.35
N GLY G 40 14.73 9.50 15.25
CA GLY G 40 13.88 9.46 14.07
C GLY G 40 13.03 10.68 13.86
N ASN G 41 12.94 11.56 14.86
CA ASN G 41 12.20 12.81 14.71
C ASN G 41 12.99 13.80 13.87
N CYS G 42 12.25 14.71 13.23
CA CYS G 42 12.86 15.70 12.35
C CYS G 42 13.31 16.93 13.13
N ASN G 43 14.49 17.43 12.79
CA ASN G 43 15.09 18.53 13.54
C ASN G 43 14.69 19.90 12.98
N VAL G 44 14.65 20.04 11.65
CA VAL G 44 14.51 21.33 11.02
C VAL G 44 13.22 22.01 11.48
N ALA G 45 13.35 23.15 12.14
CA ALA G 45 12.20 23.90 12.61
C ALA G 45 11.73 24.84 11.50
N HIS G 46 10.43 24.81 11.21
CA HIS G 46 9.87 25.59 10.12
C HIS G 46 9.52 26.98 10.57
N LYS G 47 9.73 27.95 9.69
CA LYS G 47 9.48 29.34 9.98
C LYS G 47 8.69 29.97 8.85
N ASN G 48 7.79 30.88 9.21
CA ASN G 48 7.03 31.67 8.24
C ASN G 48 6.17 30.77 7.35
N ILE G 49 5.27 30.02 7.99
CA ILE G 49 4.29 29.22 7.27
C ILE G 49 3.06 30.08 6.99
N ARG G 50 2.75 30.29 5.71
CA ARG G 50 1.55 31.04 5.34
C ARG G 50 0.34 30.15 5.64
N GLU G 51 -0.07 30.16 6.90
CA GLU G 51 -1.21 29.36 7.31
C GLU G 51 -2.45 29.85 6.59
N GLN G 52 -3.02 29.03 5.73
CA GLN G 52 -4.32 29.34 5.15
C GLN G 52 -5.43 28.57 5.84
N GLY G 53 -5.12 27.95 6.98
CA GLY G 53 -6.10 27.28 7.80
C GLY G 53 -6.18 25.79 7.59
N ARG G 54 -5.45 25.24 6.61
CA ARG G 54 -5.50 23.80 6.39
C ARG G 54 -5.05 23.02 7.62
N PHE G 55 -4.32 23.67 8.53
CA PHE G 55 -3.87 23.00 9.77
C PHE G 55 -5.04 22.55 10.62
N LEU G 56 -6.10 23.34 10.66
CA LEU G 56 -7.30 22.86 11.32
C LEU G 56 -8.30 22.25 10.34
N GLN G 57 -8.19 22.54 9.04
CA GLN G 57 -9.14 21.99 8.07
C GLN G 57 -9.08 20.47 7.98
N ASP G 58 -8.07 19.87 8.57
CA ASP G 58 -7.83 18.43 8.65
C ASP G 58 -8.39 17.87 9.93
N VAL G 59 -9.58 18.37 10.29
CA VAL G 59 -10.12 18.39 11.64
C VAL G 59 -9.82 17.13 12.43
N PHE G 60 -10.14 15.97 11.87
CA PHE G 60 -9.87 14.77 12.64
C PHE G 60 -8.52 14.14 12.31
N THR G 61 -8.00 14.35 11.10
CA THR G 61 -6.63 13.92 10.85
C THR G 61 -5.60 14.80 11.55
N THR G 62 -6.07 15.87 12.19
CA THR G 62 -5.19 16.63 13.08
C THR G 62 -5.15 15.98 14.47
N LEU G 63 -6.32 15.75 15.06
CA LEU G 63 -6.36 15.28 16.44
C LEU G 63 -6.05 13.80 16.57
N VAL G 64 -6.22 13.01 15.51
CA VAL G 64 -5.75 11.62 15.57
C VAL G 64 -4.24 11.53 15.60
N ASP G 65 -3.55 12.63 15.34
CA ASP G 65 -2.11 12.67 15.52
C ASP G 65 -1.71 12.85 16.98
N LEU G 66 -2.59 13.40 17.81
CA LEU G 66 -2.22 13.89 19.13
C LEU G 66 -1.80 12.74 20.05
N LYS G 67 -1.36 13.11 21.25
CA LYS G 67 -1.08 12.10 22.25
C LYS G 67 -2.39 11.52 22.76
N TRP G 68 -2.27 10.63 23.73
CA TRP G 68 -3.44 10.03 24.34
C TRP G 68 -4.11 10.91 25.38
N PRO G 69 -3.39 11.59 26.25
CA PRO G 69 -4.08 12.46 27.21
C PRO G 69 -4.85 13.58 26.53
N HIS G 70 -4.27 14.24 25.53
CA HIS G 70 -4.99 15.31 24.86
C HIS G 70 -6.22 14.78 24.14
N THR G 71 -6.09 13.66 23.44
CA THR G 71 -7.22 13.14 22.71
C THR G 71 -8.32 12.69 23.68
N LEU G 72 -7.95 12.07 24.79
CA LEU G 72 -8.96 11.68 25.77
C LEU G 72 -9.62 12.92 26.38
N LEU G 73 -8.83 13.96 26.65
CA LEU G 73 -9.38 15.21 27.16
C LEU G 73 -10.41 15.79 26.19
N ILE G 74 -10.06 15.85 24.91
CA ILE G 74 -10.96 16.51 23.98
C ILE G 74 -12.18 15.64 23.71
N PHE G 75 -12.08 14.32 23.88
CA PHE G 75 -13.27 13.48 23.75
C PHE G 75 -14.20 13.63 24.92
N THR G 76 -13.66 13.63 26.14
CA THR G 76 -14.56 13.87 27.26
C THR G 76 -15.16 15.26 27.17
N MET G 77 -14.42 16.24 26.63
CA MET G 77 -14.97 17.59 26.51
C MET G 77 -16.05 17.68 25.45
N SER G 78 -15.90 16.94 24.34
CA SER G 78 -16.99 16.81 23.38
C SER G 78 -18.24 16.25 24.04
N PHE G 79 -18.09 15.13 24.74
CA PHE G 79 -19.26 14.49 25.32
C PHE G 79 -19.92 15.38 26.36
N LEU G 80 -19.13 15.94 27.29
CA LEU G 80 -19.72 16.78 28.33
C LEU G 80 -20.32 18.04 27.74
N CYS G 81 -19.69 18.62 26.72
CA CYS G 81 -20.27 19.78 26.07
C CYS G 81 -21.67 19.46 25.55
N SER G 82 -21.80 18.38 24.78
CA SER G 82 -23.11 18.08 24.21
C SER G 82 -24.13 17.79 25.31
N TRP G 83 -23.73 17.03 26.33
CA TRP G 83 -24.67 16.68 27.40
C TRP G 83 -25.17 17.92 28.11
N LEU G 84 -24.26 18.85 28.45
CA LEU G 84 -24.68 20.05 29.16
C LEU G 84 -25.56 20.93 28.29
N LEU G 85 -25.24 21.03 27.01
CA LEU G 85 -26.09 21.81 26.11
C LEU G 85 -27.53 21.31 26.17
N PHE G 86 -27.73 20.02 25.93
CA PHE G 86 -29.11 19.55 25.89
C PHE G 86 -29.75 19.50 27.27
N ALA G 87 -28.97 19.33 28.35
CA ALA G 87 -29.56 19.41 29.67
C ALA G 87 -30.10 20.81 29.94
N MET G 88 -29.37 21.84 29.50
CA MET G 88 -29.87 23.20 29.65
C MET G 88 -31.15 23.41 28.85
N VAL G 89 -31.17 22.96 27.60
CA VAL G 89 -32.37 23.21 26.81
C VAL G 89 -33.57 22.46 27.39
N TRP G 90 -33.35 21.28 27.97
CA TRP G 90 -34.46 20.55 28.57
C TRP G 90 -34.94 21.20 29.85
N TRP G 91 -34.00 21.59 30.71
CA TRP G 91 -34.38 22.36 31.87
C TRP G 91 -35.27 23.51 31.46
N LEU G 92 -34.87 24.24 30.42
CA LEU G 92 -35.63 25.42 30.01
C LEU G 92 -36.99 25.03 29.46
N ILE G 93 -37.08 23.95 28.72
CA ILE G 93 -38.38 23.64 28.12
C ILE G 93 -39.36 23.20 29.21
N ALA G 94 -38.90 22.41 30.19
CA ALA G 94 -39.75 22.04 31.31
C ALA G 94 -40.12 23.24 32.16
N PHE G 95 -39.22 24.22 32.28
CA PHE G 95 -39.56 25.45 32.98
C PHE G 95 -40.64 26.21 32.22
N ALA G 96 -40.48 26.30 30.91
CA ALA G 96 -41.36 27.12 30.08
C ALA G 96 -42.76 26.53 29.97
N HIS G 97 -42.86 25.20 29.80
CA HIS G 97 -44.19 24.64 29.74
C HIS G 97 -44.97 24.91 31.02
N GLY G 98 -44.27 25.18 32.12
CA GLY G 98 -44.90 25.31 33.40
C GLY G 98 -45.02 24.01 34.15
N ASP G 99 -44.70 22.88 33.51
CA ASP G 99 -44.62 21.61 34.22
C ASP G 99 -43.58 21.64 35.33
N LEU G 100 -42.66 22.61 35.29
CA LEU G 100 -41.66 22.70 36.34
C LEU G 100 -42.26 23.24 37.63
N ALA G 101 -43.28 24.08 37.52
CA ALA G 101 -44.01 24.59 38.67
C ALA G 101 -44.73 23.43 39.36
N PRO G 102 -44.32 23.07 40.57
CA PRO G 102 -44.90 21.90 41.23
C PRO G 102 -46.39 22.11 41.48
N GLY G 103 -47.20 21.29 40.82
CA GLY G 103 -48.64 21.39 40.94
C GLY G 103 -49.28 20.04 40.74
N GLU G 104 -50.37 19.80 41.46
CA GLU G 104 -51.09 18.54 41.43
C GLU G 104 -52.36 18.74 40.60
N GLY G 105 -52.43 18.06 39.47
CA GLY G 105 -53.61 18.10 38.63
C GLY G 105 -53.58 19.20 37.59
N THR G 106 -54.60 19.20 36.73
CA THR G 106 -54.79 20.16 35.65
C THR G 106 -53.62 20.17 34.66
N ASN G 107 -52.70 19.22 34.77
CA ASN G 107 -51.58 19.13 33.85
C ASN G 107 -50.99 17.74 33.93
N VAL G 108 -50.19 17.42 32.92
CA VAL G 108 -49.27 16.29 32.99
C VAL G 108 -47.95 16.82 32.46
N PRO G 109 -46.85 16.66 33.18
CA PRO G 109 -45.58 17.21 32.70
C PRO G 109 -45.20 16.56 31.38
N CYS G 110 -44.57 17.35 30.51
CA CYS G 110 -44.05 16.79 29.27
C CYS G 110 -43.06 15.67 29.57
N VAL G 111 -42.30 15.82 30.65
CA VAL G 111 -41.43 14.77 31.16
C VAL G 111 -41.88 14.49 32.60
N THR G 112 -42.43 13.29 32.81
CA THR G 112 -42.97 12.98 34.13
C THR G 112 -41.86 13.00 35.16
N SER G 113 -42.20 13.45 36.38
CA SER G 113 -41.27 13.44 37.50
C SER G 113 -39.99 14.20 37.19
N ILE G 114 -40.14 15.49 36.89
CA ILE G 114 -39.00 16.39 36.77
C ILE G 114 -39.17 17.49 37.80
N HIS G 115 -38.13 17.76 38.56
CA HIS G 115 -38.24 18.73 39.64
C HIS G 115 -37.26 19.88 39.51
N SER G 116 -35.99 19.59 39.29
CA SER G 116 -34.98 20.63 39.35
C SER G 116 -34.00 20.44 38.21
N PHE G 117 -32.98 21.29 38.19
CA PHE G 117 -31.96 21.19 37.17
C PHE G 117 -31.23 19.86 37.26
N SER G 118 -30.95 19.39 38.47
CA SER G 118 -30.22 18.15 38.62
C SER G 118 -30.95 17.00 37.97
N SER G 119 -32.24 16.83 38.28
CA SER G 119 -32.96 15.74 37.65
C SER G 119 -33.06 15.94 36.14
N ALA G 120 -33.02 17.19 35.68
CA ALA G 120 -33.06 17.41 34.24
C ALA G 120 -31.77 16.96 33.58
N PHE G 121 -30.62 17.27 34.18
CA PHE G 121 -29.35 16.79 33.65
C PHE G 121 -29.29 15.26 33.73
N LEU G 122 -29.90 14.68 34.76
CA LEU G 122 -30.00 13.23 34.81
C LEU G 122 -30.84 12.69 33.67
N PHE G 123 -31.89 13.41 33.29
CA PHE G 123 -32.68 12.98 32.13
C PHE G 123 -31.88 13.11 30.85
N SER G 124 -31.10 14.17 30.73
CA SER G 124 -30.29 14.37 29.53
C SER G 124 -29.28 13.25 29.37
N ILE G 125 -28.56 12.92 30.43
CA ILE G 125 -27.62 11.82 30.30
C ILE G 125 -28.35 10.47 30.20
N GLU G 126 -29.60 10.40 30.64
CA GLU G 126 -30.34 9.14 30.53
C GLU G 126 -30.76 8.87 29.10
N VAL G 127 -31.16 9.90 28.37
CA VAL G 127 -31.59 9.67 27.00
C VAL G 127 -30.44 9.77 26.02
N GLN G 128 -29.46 10.64 26.28
CA GLN G 128 -28.38 10.82 25.31
C GLN G 128 -27.59 9.53 25.14
N VAL G 129 -26.94 9.07 26.20
CA VAL G 129 -25.96 8.01 26.06
C VAL G 129 -26.67 6.66 26.05
N THR G 130 -27.99 6.70 25.93
CA THR G 130 -28.81 5.52 25.65
C THR G 130 -28.72 4.46 26.75
N ILE G 131 -28.81 4.92 28.00
CA ILE G 131 -29.08 4.03 29.13
C ILE G 131 -30.58 3.86 29.34
N GLY G 132 -31.35 4.94 29.20
CA GLY G 132 -32.79 4.89 29.30
C GLY G 132 -33.37 4.38 30.61
N PHE G 133 -33.22 5.16 31.68
CA PHE G 133 -33.62 4.68 33.01
C PHE G 133 -35.13 4.59 33.13
N GLY G 134 -35.85 5.56 32.57
CA GLY G 134 -37.30 5.48 32.54
C GLY G 134 -38.01 5.86 33.82
N GLY G 135 -37.30 6.40 34.81
CA GLY G 135 -37.98 6.94 35.97
C GLY G 135 -38.73 8.21 35.64
N ARG G 136 -38.15 9.02 34.76
CA ARG G 136 -38.83 10.19 34.23
C ARG G 136 -39.21 9.90 32.79
N MET G 137 -40.50 10.01 32.49
CA MET G 137 -41.06 9.61 31.22
C MET G 137 -41.39 10.86 30.43
N VAL G 138 -40.90 10.91 29.20
CA VAL G 138 -41.36 11.91 28.24
C VAL G 138 -42.69 11.44 27.66
N THR G 139 -43.66 12.34 27.58
CA THR G 139 -45.05 11.99 27.33
C THR G 139 -45.49 12.49 25.95
N GLU G 140 -46.65 12.00 25.52
CA GLU G 140 -47.21 12.30 24.21
C GLU G 140 -48.11 13.54 24.22
N GLU G 141 -47.99 14.38 25.25
CA GLU G 141 -48.77 15.60 25.32
C GLU G 141 -48.10 16.77 24.61
N CYS G 142 -46.77 16.81 24.56
CA CYS G 142 -46.02 17.93 24.02
C CYS G 142 -45.16 17.50 22.85
N PRO G 143 -45.50 17.89 21.62
CA PRO G 143 -44.64 17.52 20.46
C PRO G 143 -43.31 18.25 20.43
N LEU G 144 -43.17 19.37 21.14
CA LEU G 144 -41.89 20.05 21.18
C LEU G 144 -40.82 19.18 21.85
N ALA G 145 -41.19 18.46 22.91
CA ALA G 145 -40.26 17.51 23.53
C ALA G 145 -39.92 16.38 22.58
N ILE G 146 -40.88 15.98 21.73
CA ILE G 146 -40.58 14.97 20.73
C ILE G 146 -39.51 15.47 19.78
N LEU G 147 -39.62 16.73 19.35
CA LEU G 147 -38.60 17.28 18.46
C LEU G 147 -37.24 17.33 19.14
N ILE G 148 -37.20 17.80 20.40
CA ILE G 148 -35.90 17.89 21.05
C ILE G 148 -35.29 16.51 21.22
N LEU G 149 -36.11 15.49 21.46
CA LEU G 149 -35.56 14.13 21.55
C LEU G 149 -35.05 13.65 20.21
N ILE G 150 -35.80 13.92 19.13
CA ILE G 150 -35.46 13.38 17.83
C ILE G 150 -34.25 14.07 17.22
N VAL G 151 -33.86 15.23 17.75
CA VAL G 151 -32.58 15.79 17.36
C VAL G 151 -31.48 15.41 18.34
N GLN G 152 -31.81 15.32 19.63
CA GLN G 152 -30.83 14.90 20.61
C GLN G 152 -30.24 13.56 20.22
N ASN G 153 -31.09 12.60 19.91
CA ASN G 153 -30.58 11.26 19.67
C ASN G 153 -29.74 11.19 18.40
N ILE G 154 -30.15 11.84 17.32
CA ILE G 154 -29.35 11.75 16.11
C ILE G 154 -28.02 12.47 16.30
N VAL G 155 -27.99 13.62 16.97
CA VAL G 155 -26.68 14.24 17.15
C VAL G 155 -25.82 13.38 18.06
N GLY G 156 -26.43 12.76 19.06
CA GLY G 156 -25.68 11.86 19.91
C GLY G 156 -25.09 10.73 19.12
N LEU G 157 -25.87 10.17 18.20
CA LEU G 157 -25.37 9.03 17.45
C LEU G 157 -24.27 9.45 16.49
N MET G 158 -24.38 10.63 15.90
CA MET G 158 -23.35 11.04 14.97
C MET G 158 -22.03 11.29 15.70
N ILE G 159 -22.09 11.97 16.84
CA ILE G 159 -20.85 12.28 17.56
C ILE G 159 -20.25 11.04 18.19
N ASN G 160 -21.09 10.06 18.53
CA ASN G 160 -20.58 8.76 18.96
C ASN G 160 -19.89 8.05 17.80
N ALA G 161 -20.46 8.14 16.60
CA ALA G 161 -19.86 7.45 15.46
C ALA G 161 -18.49 8.03 15.12
N ILE G 162 -18.38 9.35 15.08
CA ILE G 162 -17.06 9.94 14.80
C ILE G 162 -16.09 9.65 15.94
N MET G 163 -16.53 9.75 17.20
CA MET G 163 -15.61 9.53 18.30
C MET G 163 -15.25 8.08 18.49
N LEU G 164 -15.87 7.18 17.74
CA LEU G 164 -15.32 5.84 17.68
C LEU G 164 -14.41 5.66 16.48
N GLY G 165 -14.82 6.12 15.30
CA GLY G 165 -13.97 5.97 14.14
C GLY G 165 -12.62 6.63 14.32
N CYS G 166 -12.58 7.83 14.89
CA CYS G 166 -11.28 8.47 15.01
C CYS G 166 -10.40 7.78 16.05
N ILE G 167 -10.94 7.30 17.18
CA ILE G 167 -10.08 6.57 18.10
C ILE G 167 -9.59 5.28 17.45
N PHE G 168 -10.41 4.63 16.60
CA PHE G 168 -9.86 3.44 15.97
C PHE G 168 -8.79 3.81 14.96
N MET G 169 -9.03 4.85 14.15
CA MET G 169 -8.02 5.32 13.22
C MET G 169 -6.74 5.68 13.95
N LYS G 170 -6.85 6.02 15.22
CA LYS G 170 -5.68 6.25 16.05
C LYS G 170 -5.00 4.93 16.41
N THR G 171 -5.73 3.95 16.90
CA THR G 171 -5.07 2.73 17.33
C THR G 171 -4.34 2.01 16.19
N ALA G 172 -4.42 2.53 14.96
CA ALA G 172 -3.49 2.15 13.90
C ALA G 172 -2.26 3.06 13.87
N GLN G 173 -1.94 3.70 14.98
CA GLN G 173 -0.63 4.31 15.12
C GLN G 173 0.35 3.16 15.31
N ALA G 174 1.18 2.92 14.30
CA ALA G 174 2.21 1.90 14.40
C ALA G 174 3.61 2.51 14.40
N HIS G 175 3.73 3.83 14.54
CA HIS G 175 5.04 4.42 14.75
C HIS G 175 5.76 3.75 15.91
N ARG G 176 5.04 3.30 16.94
CA ARG G 176 5.69 2.55 18.00
C ARG G 176 6.49 1.38 17.40
N ARG G 177 5.90 0.66 16.43
CA ARG G 177 6.68 -0.29 15.64
C ARG G 177 7.81 0.39 14.89
N ALA G 178 7.69 1.67 14.58
CA ALA G 178 8.91 2.33 14.12
C ALA G 178 9.89 2.55 15.26
N GLU G 179 9.43 2.47 16.51
CA GLU G 179 10.35 2.61 17.62
C GLU G 179 11.14 1.32 17.81
N THR G 180 10.51 0.16 17.62
CA THR G 180 11.21 -1.07 17.99
C THR G 180 12.41 -1.33 17.07
N LEU G 181 12.43 -0.81 15.84
CA LEU G 181 13.60 -1.03 15.02
C LEU G 181 14.82 -0.34 15.64
N ILE G 182 16.00 -0.89 15.34
CA ILE G 182 17.24 -0.32 15.86
C ILE G 182 18.35 -0.37 14.81
N PHE G 183 19.19 0.64 14.84
CA PHE G 183 20.38 0.72 14.02
C PHE G 183 21.60 0.83 14.94
N SER G 184 22.74 0.38 14.46
CA SER G 184 23.94 0.51 15.29
C SER G 184 24.30 1.98 15.42
N LYS G 185 24.97 2.32 16.54
CA LYS G 185 25.18 3.73 16.89
C LYS G 185 26.09 4.43 15.89
N HIS G 186 27.15 3.76 15.46
CA HIS G 186 28.08 4.29 14.47
C HIS G 186 28.31 3.26 13.38
N ALA G 187 28.64 3.75 12.19
CA ALA G 187 28.86 2.92 11.01
C ALA G 187 30.33 2.94 10.61
N VAL G 188 30.83 1.78 10.19
CA VAL G 188 32.22 1.62 9.78
C VAL G 188 32.30 1.34 8.28
N ILE G 189 33.47 1.61 7.71
CA ILE G 189 33.77 1.28 6.33
C ILE G 189 34.89 0.24 6.32
N THR G 190 34.96 -0.53 5.23
CA THR G 190 35.96 -1.60 5.14
C THR G 190 36.40 -1.73 3.70
N LEU G 191 37.19 -2.78 3.43
CA LEU G 191 37.65 -3.12 2.09
C LEU G 191 37.14 -4.52 1.78
N ARG G 192 36.15 -4.60 0.89
CA ARG G 192 35.59 -5.89 0.48
C ARG G 192 35.76 -6.10 -1.02
N HIS G 193 36.31 -7.25 -1.40
CA HIS G 193 36.48 -7.60 -2.79
C HIS G 193 37.37 -6.64 -3.52
N GLY G 194 38.35 -6.08 -2.82
CA GLY G 194 39.32 -5.19 -3.44
C GLY G 194 38.80 -3.78 -3.64
N ARG G 195 37.61 -3.50 -3.12
CA ARG G 195 37.00 -2.18 -3.26
C ARG G 195 36.52 -1.68 -1.90
N LEU G 196 36.59 -0.37 -1.69
CA LEU G 196 36.15 0.21 -0.43
C LEU G 196 34.66 -0.01 -0.21
N CYS G 197 34.27 -0.34 1.02
CA CYS G 197 32.88 -0.59 1.35
C CYS G 197 32.48 0.01 2.69
N PHE G 198 31.20 0.33 2.84
CA PHE G 198 30.67 0.84 4.10
C PHE G 198 29.61 -0.11 4.66
N MET G 199 29.74 -0.46 5.93
CA MET G 199 28.82 -1.40 6.55
C MET G 199 28.05 -0.81 7.73
N LEU G 200 26.73 -0.98 7.71
CA LEU G 200 25.87 -0.53 8.80
C LEU G 200 24.90 -1.66 9.17
N ARG G 201 24.54 -1.75 10.44
CA ARG G 201 23.65 -2.82 10.89
C ARG G 201 22.21 -2.34 11.05
N VAL G 202 21.29 -3.27 10.90
CA VAL G 202 19.88 -3.08 11.21
C VAL G 202 19.38 -4.34 11.90
N GLY G 203 18.10 -4.36 12.25
CA GLY G 203 17.59 -5.53 12.94
C GLY G 203 16.17 -5.32 13.38
N ASP G 204 15.56 -6.44 13.75
CA ASP G 204 14.18 -6.47 14.22
C ASP G 204 14.19 -6.76 15.72
N LEU G 205 13.14 -6.32 16.40
CA LEU G 205 13.06 -6.51 17.83
C LEU G 205 11.83 -7.30 18.27
N ARG G 206 11.04 -7.82 17.34
CA ARG G 206 9.91 -8.65 17.74
C ARG G 206 9.78 -9.82 16.79
N LYS G 207 8.84 -10.70 17.11
CA LYS G 207 8.51 -11.81 16.23
C LYS G 207 7.89 -11.31 14.93
N SER G 208 7.07 -10.26 15.02
CA SER G 208 6.30 -9.79 13.89
C SER G 208 7.21 -9.20 12.82
N MET G 209 7.05 -9.66 11.59
CA MET G 209 7.85 -9.22 10.47
C MET G 209 7.35 -7.88 9.93
N ILE G 210 8.13 -7.31 9.02
CA ILE G 210 7.78 -6.08 8.34
C ILE G 210 7.86 -6.37 6.85
N ILE G 211 6.74 -6.14 6.14
CA ILE G 211 6.59 -6.63 4.78
C ILE G 211 7.24 -5.65 3.81
N SER G 212 8.14 -6.17 2.97
CA SER G 212 8.67 -5.49 1.78
C SER G 212 9.42 -4.21 2.13
N ALA G 213 10.17 -4.25 3.23
CA ALA G 213 10.95 -3.09 3.64
C ALA G 213 11.94 -2.69 2.55
N THR G 214 12.06 -1.40 2.31
CA THR G 214 12.97 -0.89 1.30
C THR G 214 13.86 0.18 1.91
N ILE G 215 15.06 0.31 1.34
CA ILE G 215 16.08 1.21 1.88
C ILE G 215 16.30 2.35 0.89
N HIS G 216 16.12 3.58 1.38
CA HIS G 216 16.48 4.79 0.67
C HIS G 216 17.59 5.44 1.46
N MET G 217 18.79 5.41 0.90
CA MET G 217 20.00 5.81 1.60
C MET G 217 20.53 7.10 0.99
N GLN G 218 20.57 8.19 1.78
CA GLN G 218 20.80 9.51 1.23
C GLN G 218 21.92 10.22 1.98
N VAL G 219 22.60 11.12 1.26
CA VAL G 219 23.73 11.89 1.78
C VAL G 219 23.42 13.37 1.58
N VAL G 220 23.74 14.20 2.58
CA VAL G 220 23.50 15.62 2.44
C VAL G 220 24.80 16.40 2.65
N ARG G 221 24.92 17.53 1.95
CA ARG G 221 26.14 18.33 1.98
C ARG G 221 25.88 19.71 1.37
N LYS G 222 26.45 20.73 1.98
CA LYS G 222 26.41 22.07 1.39
C LYS G 222 27.26 22.07 0.13
N THR G 223 26.64 22.26 -1.03
CA THR G 223 27.30 22.07 -2.30
C THR G 223 27.30 23.35 -3.11
N THR G 224 28.38 23.58 -3.85
CA THR G 224 28.51 24.70 -4.78
C THR G 224 28.70 24.15 -6.18
N SER G 225 27.79 24.50 -7.08
CA SER G 225 27.87 24.03 -8.45
C SER G 225 28.97 24.76 -9.20
N PRO G 226 29.43 24.20 -10.33
CA PRO G 226 30.37 24.95 -11.18
C PRO G 226 29.78 26.22 -11.75
N GLU G 227 28.46 26.38 -11.71
CA GLU G 227 27.79 27.58 -12.18
C GLU G 227 27.73 28.68 -11.12
N GLY G 228 28.46 28.52 -10.02
CA GLY G 228 28.41 29.49 -8.95
C GLY G 228 27.21 29.36 -8.03
N GLU G 229 26.37 28.35 -8.24
CA GLU G 229 25.20 28.14 -7.39
C GLU G 229 25.61 27.36 -6.15
N VAL G 230 25.28 27.91 -4.99
CA VAL G 230 25.55 27.28 -3.69
C VAL G 230 24.24 26.84 -3.10
N VAL G 231 24.15 25.56 -2.72
CA VAL G 231 22.98 25.05 -2.03
C VAL G 231 23.33 24.82 -0.57
N PRO G 232 22.43 25.17 0.37
CA PRO G 232 22.75 24.96 1.79
C PRO G 232 22.74 23.49 2.19
N LEU G 233 22.07 22.64 1.41
CA LEU G 233 21.90 21.24 1.75
C LEU G 233 21.46 20.51 0.48
N HIS G 234 22.07 19.36 0.19
CA HIS G 234 21.91 18.71 -1.10
C HIS G 234 21.76 17.20 -0.94
N GLN G 235 20.51 16.71 -0.94
CA GLN G 235 20.25 15.29 -0.82
C GLN G 235 20.56 14.58 -2.13
N VAL G 236 21.30 13.48 -2.05
CA VAL G 236 21.64 12.66 -3.21
C VAL G 236 21.54 11.19 -2.83
N ASP G 237 20.99 10.39 -3.71
CA ASP G 237 20.83 8.97 -3.42
C ASP G 237 22.15 8.26 -3.60
N ILE G 238 22.52 7.46 -2.61
CA ILE G 238 23.60 6.50 -2.72
C ILE G 238 22.96 5.11 -2.77
N PRO G 239 23.31 4.27 -3.73
CA PRO G 239 22.55 3.03 -3.93
C PRO G 239 22.79 2.04 -2.81
N MET G 240 21.79 1.22 -2.53
CA MET G 240 22.02 0.02 -1.72
C MET G 240 22.27 -1.13 -2.69
N GLU G 241 23.35 -1.86 -2.45
CA GLU G 241 23.83 -2.83 -3.42
C GLU G 241 23.41 -4.23 -2.99
N ASN G 242 22.42 -4.75 -3.70
CA ASN G 242 21.79 -6.06 -3.51
C ASN G 242 22.09 -6.85 -4.77
N GLY G 243 21.37 -7.94 -5.00
CA GLY G 243 21.50 -8.71 -6.24
C GLY G 243 21.11 -7.86 -7.44
N VAL G 244 20.76 -8.47 -8.58
CA VAL G 244 20.70 -7.81 -9.89
C VAL G 244 20.20 -6.36 -9.85
N GLY G 245 19.49 -5.98 -8.80
CA GLY G 245 18.97 -4.64 -8.69
C GLY G 245 18.23 -4.48 -7.39
N GLY G 246 17.06 -3.85 -7.43
CA GLY G 246 16.23 -3.84 -6.24
C GLY G 246 16.60 -2.80 -5.22
N ASN G 247 15.56 -2.17 -4.68
CA ASN G 247 15.72 -1.13 -3.67
C ASN G 247 15.47 -1.65 -2.26
N GLY G 248 14.95 -2.87 -2.12
CA GLY G 248 14.44 -3.36 -0.86
C GLY G 248 15.15 -4.62 -0.40
N ILE G 249 14.90 -4.98 0.86
CA ILE G 249 15.63 -6.02 1.57
C ILE G 249 14.65 -6.89 2.36
N PHE G 250 15.19 -7.90 3.02
CA PHE G 250 14.41 -8.86 3.79
C PHE G 250 15.04 -8.98 5.17
N LEU G 251 14.25 -8.70 6.20
CA LEU G 251 14.74 -8.56 7.57
C LEU G 251 14.26 -9.74 8.42
N VAL G 252 15.18 -10.62 8.76
CA VAL G 252 14.88 -11.67 9.74
C VAL G 252 15.86 -11.53 10.89
N ALA G 253 17.14 -11.67 10.58
CA ALA G 253 18.25 -11.46 11.49
C ALA G 253 18.94 -10.15 11.17
N PRO G 254 19.77 -9.61 12.10
CA PRO G 254 20.53 -8.40 11.78
C PRO G 254 21.40 -8.54 10.54
N LEU G 255 21.04 -7.78 9.51
CA LEU G 255 21.71 -7.83 8.21
C LEU G 255 22.49 -6.54 8.01
N ILE G 256 23.82 -6.65 7.89
CA ILE G 256 24.63 -5.50 7.53
C ILE G 256 24.34 -5.11 6.09
N ILE G 257 23.96 -3.86 5.89
CA ILE G 257 23.69 -3.34 4.56
C ILE G 257 25.01 -3.01 3.88
N TYR G 258 25.11 -3.38 2.61
CA TYR G 258 26.38 -3.48 1.90
C TYR G 258 26.33 -2.63 0.66
N HIS G 259 27.00 -1.48 0.70
CA HIS G 259 27.15 -0.65 -0.48
C HIS G 259 28.62 -0.59 -0.85
N VAL G 260 28.91 -0.43 -2.15
CA VAL G 260 30.29 -0.23 -2.60
C VAL G 260 30.37 1.13 -3.27
N ILE G 261 31.17 2.03 -2.69
CA ILE G 261 31.39 3.34 -3.29
C ILE G 261 32.35 3.18 -4.46
N ASP G 262 31.97 3.71 -5.60
CA ASP G 262 32.80 3.69 -6.80
C ASP G 262 33.01 5.12 -7.28
N SER G 263 33.81 5.26 -8.35
CA SER G 263 34.13 6.58 -8.87
C SER G 263 32.88 7.36 -9.25
N ASN G 264 31.81 6.66 -9.63
CA ASN G 264 30.56 7.33 -9.96
C ASN G 264 29.80 7.80 -8.72
N SER G 265 30.04 7.18 -7.57
CA SER G 265 29.30 7.50 -6.37
C SER G 265 29.62 8.92 -5.88
N PRO G 266 28.67 9.59 -5.23
CA PRO G 266 28.91 10.97 -4.78
C PRO G 266 29.83 11.07 -3.58
N LEU G 267 29.87 10.04 -2.75
CA LEU G 267 30.71 10.04 -1.55
C LEU G 267 32.17 9.73 -1.85
N TYR G 268 32.48 9.40 -3.11
CA TYR G 268 33.75 8.82 -3.50
C TYR G 268 34.94 9.78 -3.35
N ASP G 269 34.71 11.07 -3.14
CA ASP G 269 35.79 12.04 -3.21
C ASP G 269 36.45 12.38 -1.87
N LEU G 270 35.83 12.02 -0.74
CA LEU G 270 36.30 12.51 0.55
C LEU G 270 37.61 11.82 0.96
N ALA G 271 38.19 12.34 2.06
CA ALA G 271 39.46 11.89 2.64
C ALA G 271 39.23 11.30 4.03
N PRO G 272 40.02 10.29 4.42
CA PRO G 272 39.77 9.62 5.69
C PRO G 272 40.20 10.41 6.91
N SER G 273 41.10 11.38 6.77
CA SER G 273 41.52 12.18 7.92
C SER G 273 40.71 13.46 8.10
N ASP G 274 39.95 13.86 7.09
CA ASP G 274 39.18 15.09 7.17
C ASP G 274 37.75 14.85 7.63
N LEU G 275 37.33 13.60 7.77
CA LEU G 275 35.95 13.31 8.14
C LEU G 275 35.71 13.42 9.65
N HIS G 276 36.70 13.08 10.46
CA HIS G 276 36.45 12.90 11.89
C HIS G 276 36.05 14.21 12.56
N HIS G 277 36.62 15.33 12.14
CA HIS G 277 36.44 16.56 12.90
C HIS G 277 35.74 17.67 12.12
N HIS G 278 36.25 18.01 10.93
CA HIS G 278 35.91 19.28 10.29
C HIS G 278 34.67 19.17 9.42
N GLN G 279 34.70 18.26 8.45
CA GLN G 279 33.66 18.20 7.43
C GLN G 279 32.29 18.00 8.06
N ASP G 280 31.26 18.42 7.32
CA ASP G 280 29.86 18.30 7.75
C ASP G 280 29.12 17.43 6.74
N LEU G 281 29.05 16.13 7.02
CA LEU G 281 28.42 15.15 6.12
C LEU G 281 27.46 14.28 6.93
N GLU G 282 26.17 14.43 6.69
CA GLU G 282 25.17 13.57 7.30
C GLU G 282 24.74 12.52 6.29
N ILE G 283 24.86 11.26 6.68
CA ILE G 283 24.37 10.14 5.88
C ILE G 283 23.17 9.56 6.60
N ILE G 284 21.99 9.72 6.02
CA ILE G 284 20.76 9.24 6.64
C ILE G 284 20.30 8.01 5.90
N VAL G 285 19.63 7.14 6.62
CA VAL G 285 18.96 6.00 6.01
C VAL G 285 17.49 6.02 6.39
N ILE G 286 16.64 5.72 5.42
CA ILE G 286 15.20 5.67 5.60
C ILE G 286 14.78 4.27 5.20
N LEU G 287 14.36 3.48 6.19
CA LEU G 287 13.83 2.16 5.91
C LEU G 287 12.31 2.20 6.03
N GLU G 288 11.64 1.76 4.97
CA GLU G 288 10.20 1.75 4.89
C GLU G 288 9.71 0.31 4.89
N GLY G 289 8.49 0.10 5.33
CA GLY G 289 7.91 -1.22 5.26
C GLY G 289 6.57 -1.23 5.90
N VAL G 290 5.71 -2.15 5.54
CA VAL G 290 4.38 -2.22 6.11
C VAL G 290 4.35 -3.35 7.13
N VAL G 291 3.86 -3.06 8.34
CA VAL G 291 3.77 -4.08 9.38
C VAL G 291 2.65 -5.05 9.03
N GLU G 292 2.77 -6.28 9.56
CA GLU G 292 1.89 -7.36 9.13
C GLU G 292 0.45 -7.10 9.59
N THR G 293 0.25 -6.99 10.91
CA THR G 293 -1.09 -7.12 11.50
C THR G 293 -1.98 -5.90 11.22
N THR G 294 -1.43 -4.70 11.32
CA THR G 294 -2.25 -3.54 11.04
C THR G 294 -2.35 -3.28 9.55
N GLY G 295 -1.27 -3.50 8.81
CA GLY G 295 -1.23 -3.23 7.39
C GLY G 295 -0.76 -1.84 7.02
N ILE G 296 -0.53 -0.96 8.02
CA ILE G 296 -0.05 0.38 7.75
C ILE G 296 1.40 0.31 7.28
N THR G 297 1.85 1.39 6.63
CA THR G 297 3.23 1.50 6.15
C THR G 297 3.99 2.44 7.06
N THR G 298 4.94 1.90 7.82
CA THR G 298 5.77 2.68 8.70
C THR G 298 7.16 2.82 8.11
N GLN G 299 7.97 3.68 8.72
CA GLN G 299 9.35 3.82 8.30
C GLN G 299 10.18 4.27 9.48
N ALA G 300 11.48 4.29 9.31
CA ALA G 300 12.39 4.78 10.32
C ALA G 300 13.53 5.51 9.65
N ARG G 301 13.99 6.57 10.32
CA ARG G 301 14.97 7.50 9.77
C ARG G 301 16.09 7.69 10.77
N THR G 302 17.33 7.57 10.31
CA THR G 302 18.43 7.89 11.22
C THR G 302 19.55 8.58 10.47
N SER G 303 20.33 9.37 11.21
CA SER G 303 21.45 10.15 10.69
C SER G 303 22.77 9.65 11.26
N TYR G 304 23.82 9.74 10.45
CA TYR G 304 25.18 9.52 10.91
C TYR G 304 26.01 10.72 10.52
N LEU G 305 26.63 11.36 11.50
CA LEU G 305 27.40 12.57 11.28
C LEU G 305 28.83 12.23 10.88
N ALA G 306 29.59 13.26 10.52
CA ALA G 306 30.99 13.06 10.18
C ALA G 306 31.81 12.68 11.41
N ASP G 307 31.36 13.07 12.60
CA ASP G 307 32.06 12.69 13.82
C ASP G 307 31.61 11.33 14.37
N GLU G 308 30.46 10.80 13.90
CA GLU G 308 29.97 9.51 14.36
C GLU G 308 30.63 8.36 13.62
N ILE G 309 30.84 8.52 12.31
CA ILE G 309 31.39 7.45 11.49
C ILE G 309 32.89 7.34 11.75
N LEU G 310 33.42 6.12 11.59
CA LEU G 310 34.84 5.86 11.76
C LEU G 310 35.34 4.98 10.63
N TRP G 311 36.65 4.72 10.62
CA TRP G 311 37.34 4.15 9.48
C TRP G 311 38.05 2.85 9.82
N GLY G 312 38.04 1.91 8.88
CA GLY G 312 38.85 0.70 8.96
C GLY G 312 38.63 -0.19 10.17
N GLN G 313 37.46 -0.85 10.24
CA GLN G 313 37.12 -1.74 11.34
C GLN G 313 36.28 -2.89 10.79
N ARG G 314 35.83 -3.77 11.68
CA ARG G 314 34.90 -4.82 11.26
C ARG G 314 34.02 -5.22 12.44
N PHE G 315 32.73 -5.43 12.16
CA PHE G 315 31.82 -5.87 13.20
C PHE G 315 32.11 -7.32 13.59
N VAL G 316 31.63 -7.69 14.78
CA VAL G 316 31.81 -9.05 15.27
C VAL G 316 30.64 -9.89 14.79
N PRO G 317 30.85 -11.13 14.35
CA PRO G 317 29.72 -11.97 13.91
C PRO G 317 28.74 -12.24 15.03
N ILE G 318 27.48 -11.88 14.79
CA ILE G 318 26.42 -12.06 15.78
C ILE G 318 25.89 -13.49 15.73
N VAL G 319 25.38 -13.90 14.56
CA VAL G 319 24.74 -15.20 14.42
C VAL G 319 25.71 -16.32 14.74
N ALA G 320 25.23 -17.31 15.48
CA ALA G 320 26.05 -18.45 15.85
C ALA G 320 25.21 -19.72 15.82
N GLU G 321 25.80 -20.80 15.35
CA GLU G 321 25.10 -22.07 15.29
C GLU G 321 24.95 -22.59 16.71
N GLU G 322 23.78 -22.38 17.30
CA GLU G 322 23.47 -22.99 18.57
C GLU G 322 22.73 -24.30 18.35
N ASP G 323 22.32 -24.90 19.48
CA ASP G 323 22.09 -26.31 19.70
C ASP G 323 21.46 -26.96 18.49
N GLY G 324 20.36 -26.39 18.04
CA GLY G 324 19.76 -26.83 16.79
C GLY G 324 19.25 -25.65 15.99
N ARG G 325 19.65 -24.44 16.36
CA ARG G 325 19.10 -23.24 15.72
C ARG G 325 20.23 -22.23 15.48
N TYR G 326 19.83 -21.00 15.19
CA TYR G 326 20.76 -19.88 15.09
C TYR G 326 20.47 -18.94 16.24
N SER G 327 21.44 -18.77 17.11
CA SER G 327 21.33 -17.82 18.21
C SER G 327 21.93 -16.50 17.76
N VAL G 328 21.22 -15.41 18.03
CA VAL G 328 21.71 -14.06 17.78
C VAL G 328 21.95 -13.39 19.12
N ASP G 329 23.16 -12.86 19.31
CA ASP G 329 23.54 -12.18 20.54
C ASP G 329 23.62 -10.68 20.26
N TYR G 330 22.74 -9.91 20.90
CA TYR G 330 22.70 -8.48 20.69
C TYR G 330 23.65 -7.71 21.58
N SER G 331 24.43 -8.41 22.42
CA SER G 331 25.46 -7.73 23.20
C SER G 331 26.59 -7.26 22.30
N LYS G 332 26.99 -8.07 21.34
CA LYS G 332 28.02 -7.70 20.37
C LYS G 332 27.46 -6.90 19.21
N PHE G 333 26.18 -6.51 19.27
CA PHE G 333 25.58 -5.76 18.17
C PHE G 333 26.44 -4.57 17.80
N GLY G 334 26.75 -3.72 18.77
CA GLY G 334 27.59 -2.56 18.54
C GLY G 334 29.07 -2.80 18.75
N ASN G 335 29.52 -4.04 18.88
CA ASN G 335 30.93 -4.29 19.08
C ASN G 335 31.69 -4.26 17.76
N THR G 336 33.00 -4.00 17.86
CA THR G 336 33.84 -3.70 16.71
C THR G 336 35.26 -4.15 16.98
N ILE G 337 35.91 -4.71 15.96
CA ILE G 337 37.29 -5.17 16.06
C ILE G 337 38.15 -4.44 15.04
N LYS G 338 39.43 -4.30 15.39
CA LYS G 338 40.40 -3.67 14.51
C LYS G 338 40.76 -4.59 13.36
N VAL G 339 40.99 -3.99 12.19
CA VAL G 339 41.38 -4.76 11.01
C VAL G 339 42.49 -4.03 10.29
N PRO G 340 43.61 -4.69 9.98
CA PRO G 340 44.70 -4.02 9.27
C PRO G 340 44.39 -3.76 7.80
N THR G 341 43.65 -2.67 7.52
CA THR G 341 43.33 -2.27 6.16
C THR G 341 43.99 -0.94 5.82
N PRO G 342 44.41 -0.74 4.57
CA PRO G 342 45.07 0.52 4.21
C PRO G 342 44.14 1.71 4.34
N LEU G 343 44.69 2.82 4.83
CA LEU G 343 43.94 4.06 5.08
C LEU G 343 44.33 5.09 4.03
N CYS G 344 43.38 5.43 3.15
CA CYS G 344 43.61 6.39 2.09
C CYS G 344 42.27 6.87 1.55
N THR G 345 42.31 7.90 0.72
CA THR G 345 41.09 8.48 0.17
C THR G 345 40.58 7.63 -0.99
N ALA G 346 39.25 7.59 -1.13
CA ALA G 346 38.64 6.74 -2.15
C ALA G 346 39.05 7.16 -3.55
N ARG G 347 39.25 8.46 -3.79
CA ARG G 347 39.81 8.90 -5.05
C ARG G 347 41.25 8.40 -5.21
N GLN G 348 42.08 8.63 -4.20
CA GLN G 348 43.45 8.12 -4.24
C GLN G 348 43.47 6.59 -4.22
N LEU G 349 42.51 5.96 -3.56
CA LEU G 349 42.46 4.50 -3.59
C LEU G 349 42.09 4.00 -4.98
N ASP G 350 41.23 4.72 -5.69
CA ASP G 350 40.90 4.33 -7.06
C ASP G 350 42.09 4.56 -7.98
N GLU G 351 42.86 5.62 -7.74
CA GLU G 351 44.08 5.84 -8.51
C GLU G 351 45.12 4.76 -8.24
N ASP G 352 45.21 4.31 -6.99
CA ASP G 352 46.11 3.20 -6.65
C ASP G 352 45.63 1.89 -7.25
N ARG G 353 44.30 1.69 -7.34
CA ARG G 353 43.78 0.51 -8.01
C ARG G 353 44.10 0.56 -9.50
N SER G 354 44.05 1.75 -10.09
CA SER G 354 44.55 1.92 -11.45
C SER G 354 46.05 1.60 -11.52
N LEU G 355 46.78 1.86 -10.44
CA LEU G 355 48.18 1.48 -10.34
C LEU G 355 48.36 0.08 -9.76
N LEU G 356 47.33 -0.51 -9.17
CA LEU G 356 47.42 -1.85 -8.58
C LEU G 356 46.03 -2.48 -8.44
N ASN H 24 -42.40 36.83 34.14
CA ASN H 24 -41.53 35.67 34.03
C ASN H 24 -40.06 36.09 34.00
N GLY H 25 -39.60 36.76 35.06
CA GLY H 25 -38.24 37.26 35.08
C GLY H 25 -37.20 36.16 35.01
N CYS H 26 -37.37 35.12 35.83
CA CYS H 26 -36.44 34.00 35.79
C CYS H 26 -36.42 33.34 34.42
N PHE H 27 -37.57 33.31 33.74
CA PHE H 27 -37.60 32.72 32.40
C PHE H 27 -36.70 33.49 31.44
N VAL H 28 -36.75 34.83 31.49
CA VAL H 28 -35.91 35.62 30.61
C VAL H 28 -34.45 35.53 31.02
N ASP H 29 -34.18 35.41 32.32
CA ASP H 29 -32.80 35.19 32.77
C ASP H 29 -32.23 33.91 32.17
N ALA H 30 -33.01 32.83 32.22
CA ALA H 30 -32.56 31.57 31.63
C ALA H 30 -32.37 31.71 30.12
N LEU H 31 -33.33 32.35 29.45
CA LEU H 31 -33.23 32.55 28.03
C LEU H 31 -31.97 33.31 27.66
N ASN H 32 -31.51 34.20 28.54
CA ASN H 32 -30.23 34.86 28.31
C ASN H 32 -29.06 33.93 28.58
N VAL H 33 -29.18 33.07 29.58
CA VAL H 33 -28.06 32.17 29.91
C VAL H 33 -27.79 31.22 28.76
N VAL H 34 -28.81 30.87 27.99
CA VAL H 34 -28.64 29.83 26.97
C VAL H 34 -27.56 30.15 25.94
N PRO H 35 -27.56 31.31 25.25
CA PRO H 35 -26.60 31.50 24.15
C PRO H 35 -25.14 31.54 24.59
N HIS H 36 -24.86 32.11 25.76
CA HIS H 36 -23.51 32.04 26.30
C HIS H 36 -23.06 30.60 26.42
N VAL H 37 -23.97 29.73 26.88
CA VAL H 37 -23.67 28.32 27.01
C VAL H 37 -23.37 27.71 25.65
N PHE H 38 -24.18 28.04 24.64
CA PHE H 38 -23.97 27.53 23.30
C PHE H 38 -22.56 27.87 22.79
N LEU H 39 -22.16 29.12 22.98
CA LEU H 39 -20.85 29.55 22.48
C LEU H 39 -19.72 28.94 23.28
N LEU H 40 -19.83 28.92 24.61
CA LEU H 40 -18.82 28.28 25.45
C LEU H 40 -18.69 26.80 25.15
N PHE H 41 -19.73 26.19 24.60
CA PHE H 41 -19.62 24.78 24.29
C PHE H 41 -19.02 24.53 22.92
N ILE H 42 -19.33 25.38 21.95
CA ILE H 42 -18.66 25.20 20.65
C ILE H 42 -17.20 25.65 20.71
N THR H 43 -16.83 26.53 21.62
CA THR H 43 -15.45 27.02 21.61
C THR H 43 -14.46 25.98 22.09
N PHE H 44 -14.91 25.01 22.88
CA PHE H 44 -13.95 24.17 23.59
C PHE H 44 -13.27 23.13 22.71
N PRO H 45 -13.97 22.49 21.78
CA PRO H 45 -13.26 21.61 20.83
C PRO H 45 -12.19 22.35 20.05
N ILE H 46 -12.56 23.46 19.42
CA ILE H 46 -11.59 24.18 18.61
C ILE H 46 -10.47 24.73 19.47
N LEU H 47 -10.80 25.27 20.63
CA LEU H 47 -9.76 25.78 21.52
C LEU H 47 -8.84 24.67 21.99
N PHE H 48 -9.36 23.46 22.15
CA PHE H 48 -8.52 22.38 22.64
C PHE H 48 -7.66 21.75 21.55
N ILE H 49 -8.16 21.77 20.30
CA ILE H 49 -7.32 21.38 19.18
C ILE H 49 -6.21 22.40 18.97
N GLY H 50 -6.55 23.69 19.03
CA GLY H 50 -5.55 24.73 18.86
C GLY H 50 -4.55 24.80 19.99
N TRP H 51 -4.97 24.42 21.20
CA TRP H 51 -4.04 24.42 22.33
C TRP H 51 -3.21 23.14 22.41
N GLY H 52 -3.73 22.04 21.90
CA GLY H 52 -3.00 20.78 21.90
C GLY H 52 -1.86 20.73 20.90
N SER H 63 4.16 31.55 11.02
CA SER H 63 4.27 32.80 11.75
C SER H 63 3.83 34.00 10.91
N THR H 64 2.56 33.99 10.51
CA THR H 64 1.97 35.08 9.73
C THR H 64 0.72 35.59 10.45
N TRP H 65 0.69 36.90 10.71
CA TRP H 65 -0.42 37.54 11.41
C TRP H 65 -1.30 38.25 10.39
N LEU H 66 -2.57 37.84 10.32
CA LEU H 66 -3.56 38.44 9.45
C LEU H 66 -4.52 39.26 10.31
N HIS H 67 -4.66 40.55 9.99
CA HIS H 67 -5.54 41.43 10.74
C HIS H 67 -6.77 41.77 9.91
N PHE H 68 -7.89 41.96 10.60
CA PHE H 68 -9.15 42.26 9.95
C PHE H 68 -9.62 43.65 10.34
N PRO H 69 -10.37 44.33 9.47
CA PRO H 69 -10.91 45.64 9.84
C PRO H 69 -11.81 45.54 11.05
N GLY H 70 -11.68 46.53 11.94
CA GLY H 70 -12.43 46.52 13.19
C GLY H 70 -11.77 45.78 14.32
N HIS H 71 -10.57 45.27 14.10
CA HIS H 71 -9.86 44.52 15.15
C HIS H 71 -9.73 45.36 16.41
N ASN H 72 -9.14 46.55 16.29
CA ASN H 72 -8.96 47.42 17.46
C ASN H 72 -10.31 47.85 18.03
N LEU H 73 -11.26 48.16 17.15
CA LEU H 73 -12.61 48.44 17.63
C LEU H 73 -13.19 47.24 18.36
N ARG H 74 -12.93 46.03 17.86
CA ARG H 74 -13.44 44.84 18.52
C ARG H 74 -12.88 44.70 19.93
N TRP H 75 -11.58 44.90 20.08
CA TRP H 75 -10.97 44.76 21.40
C TRP H 75 -11.42 45.86 22.34
N ILE H 76 -11.52 47.09 21.85
CA ILE H 76 -12.05 48.17 22.68
C ILE H 76 -13.45 47.83 23.18
N LEU H 77 -14.32 47.43 22.26
CA LEU H 77 -15.67 47.06 22.66
C LEU H 77 -15.65 45.88 23.62
N THR H 78 -14.73 44.95 23.46
CA THR H 78 -14.68 43.81 24.37
C THR H 78 -14.28 44.23 25.78
N PHE H 79 -13.37 45.21 25.89
CA PHE H 79 -13.05 45.71 27.22
C PHE H 79 -14.22 46.47 27.82
N ILE H 80 -14.97 47.19 26.99
CA ILE H 80 -16.16 47.86 27.52
C ILE H 80 -17.18 46.82 27.99
N LEU H 81 -17.29 45.70 27.27
CA LEU H 81 -18.15 44.61 27.72
C LEU H 81 -17.70 44.06 29.05
N LEU H 82 -16.39 43.85 29.20
CA LEU H 82 -15.84 43.41 30.48
C LEU H 82 -16.29 44.33 31.61
N PHE H 83 -16.18 45.64 31.39
CA PHE H 83 -16.57 46.62 32.41
C PHE H 83 -18.06 46.49 32.75
N VAL H 84 -18.91 46.51 31.72
CA VAL H 84 -20.35 46.44 31.97
C VAL H 84 -20.72 45.14 32.66
N LEU H 85 -19.99 44.05 32.37
CA LEU H 85 -20.28 42.78 33.02
C LEU H 85 -19.90 42.83 34.50
N VAL H 86 -18.80 43.50 34.82
CA VAL H 86 -18.48 43.73 36.22
C VAL H 86 -19.62 44.47 36.91
N CYS H 87 -20.18 45.47 36.23
CA CYS H 87 -21.29 46.22 36.82
C CYS H 87 -22.51 45.32 37.04
N GLU H 88 -22.79 44.43 36.07
CA GLU H 88 -23.91 43.51 36.22
C GLU H 88 -23.71 42.57 37.41
N ILE H 89 -22.48 42.08 37.60
CA ILE H 89 -22.19 41.25 38.77
C ILE H 89 -22.43 42.04 40.04
N ALA H 90 -22.06 43.33 40.04
CA ALA H 90 -22.35 44.17 41.20
C ALA H 90 -23.85 44.24 41.47
N GLU H 91 -24.66 44.42 40.42
CA GLU H 91 -26.11 44.43 40.59
C GLU H 91 -26.60 43.11 41.17
N GLY H 92 -26.08 41.99 40.66
CA GLY H 92 -26.51 40.70 41.15
C GLY H 92 -26.15 40.47 42.61
N ILE H 93 -25.02 41.03 43.04
CA ILE H 93 -24.67 40.95 44.46
C ILE H 93 -25.62 41.81 45.28
N LEU H 94 -25.96 43.00 44.78
CA LEU H 94 -26.86 43.88 45.53
C LEU H 94 -28.24 43.26 45.69
N SER H 95 -28.72 42.58 44.65
CA SER H 95 -30.07 42.03 44.71
C SER H 95 -30.16 40.85 45.68
N ASP H 96 -29.28 39.87 45.53
CA ASP H 96 -29.32 38.66 46.33
C ASP H 96 -29.09 38.93 47.81
N HIS H 103 -30.96 33.70 45.18
CA HIS H 103 -31.39 33.80 43.80
C HIS H 103 -30.24 33.70 42.80
N LEU H 104 -29.75 32.49 42.55
CA LEU H 104 -28.63 32.29 41.63
C LEU H 104 -29.02 32.64 40.21
N HIS H 105 -30.16 32.12 39.74
CA HIS H 105 -30.62 32.28 38.37
C HIS H 105 -30.84 33.74 37.99
N LEU H 106 -30.81 34.66 38.94
CA LEU H 106 -31.03 36.06 38.65
C LEU H 106 -29.75 36.81 38.31
N TYR H 107 -28.58 36.35 38.78
CA TYR H 107 -27.33 36.97 38.39
C TYR H 107 -26.43 36.04 37.59
N MET H 108 -26.90 34.85 37.23
CA MET H 108 -26.06 34.03 36.35
C MET H 108 -25.77 34.62 34.97
N PRO H 109 -26.69 35.36 34.32
CA PRO H 109 -26.38 35.87 32.98
C PRO H 109 -25.07 36.64 32.87
N ALA H 110 -24.72 37.43 33.89
CA ALA H 110 -23.47 38.18 33.85
C ALA H 110 -22.27 37.23 33.91
N GLY H 111 -22.29 36.28 34.85
CA GLY H 111 -21.23 35.31 34.96
C GLY H 111 -21.05 34.47 33.72
N MET H 112 -22.11 34.30 32.93
CA MET H 112 -21.97 33.55 31.68
C MET H 112 -21.47 34.43 30.54
N ALA H 113 -21.99 35.65 30.41
CA ALA H 113 -21.48 36.55 29.39
C ALA H 113 -20.01 36.84 29.61
N PHE H 114 -19.54 36.79 30.86
CA PHE H 114 -18.13 37.01 31.13
C PHE H 114 -17.27 35.97 30.41
N MET H 115 -17.55 34.70 30.65
CA MET H 115 -16.83 33.63 29.98
C MET H 115 -17.11 33.65 28.47
N ALA H 116 -18.30 34.06 28.05
CA ALA H 116 -18.58 34.12 26.63
C ALA H 116 -17.73 35.17 25.93
N ALA H 117 -17.56 36.34 26.55
CA ALA H 117 -16.71 37.38 25.96
C ALA H 117 -15.24 36.97 26.00
N ILE H 118 -14.81 36.34 27.09
CA ILE H 118 -13.43 35.85 27.11
C ILE H 118 -13.22 34.80 26.04
N THR H 119 -14.20 33.93 25.81
CA THR H 119 -14.06 32.93 24.77
C THR H 119 -14.18 33.55 23.38
N SER H 120 -14.92 34.65 23.24
CA SER H 120 -14.90 35.37 21.99
C SER H 120 -13.52 35.96 21.72
N VAL H 121 -12.86 36.44 22.77
CA VAL H 121 -11.48 36.90 22.63
C VAL H 121 -10.60 35.73 22.22
N VAL H 122 -10.79 34.56 22.81
CA VAL H 122 -9.97 33.40 22.45
C VAL H 122 -10.21 33.01 21.01
N TYR H 123 -11.46 33.05 20.57
CA TYR H 123 -11.76 32.79 19.16
C TYR H 123 -11.06 33.79 18.27
N TYR H 124 -11.12 35.07 18.62
CA TYR H 124 -10.53 36.05 17.73
C TYR H 124 -9.02 35.94 17.71
N HIS H 125 -8.42 35.52 18.82
CA HIS H 125 -6.98 35.24 18.77
C HIS H 125 -6.69 34.06 17.86
N ASN H 126 -7.52 33.01 17.94
CA ASN H 126 -7.34 31.84 17.09
C ASN H 126 -7.59 32.13 15.62
N ILE H 127 -8.38 33.16 15.33
CA ILE H 127 -8.61 33.55 13.94
C ILE H 127 -7.53 34.50 13.45
N GLU H 128 -7.05 35.41 14.29
CA GLU H 128 -5.92 36.24 13.89
C GLU H 128 -4.71 35.38 13.60
N THR H 129 -4.53 34.29 14.34
CA THR H 129 -3.36 33.46 14.08
C THR H 129 -3.54 32.62 12.82
N SER H 130 -4.75 32.17 12.52
CA SER H 130 -5.01 31.42 11.29
C SER H 130 -6.41 31.77 10.81
N ASN H 131 -6.52 32.23 9.58
CA ASN H 131 -7.78 32.78 9.11
C ASN H 131 -8.73 31.68 8.67
N PHE H 132 -10.02 31.93 8.85
CA PHE H 132 -11.08 31.04 8.42
C PHE H 132 -12.31 31.85 8.06
N PRO H 133 -13.15 31.34 7.19
CA PRO H 133 -14.45 31.99 6.96
C PRO H 133 -15.51 31.46 7.89
N LYS H 134 -15.26 30.33 8.53
CA LYS H 134 -16.33 29.67 9.27
C LYS H 134 -16.35 30.10 10.73
N LEU H 135 -15.19 30.23 11.37
CA LEU H 135 -15.18 30.63 12.76
C LEU H 135 -15.87 31.97 12.95
N LEU H 136 -15.71 32.89 11.98
CA LEU H 136 -16.38 34.19 12.04
C LEU H 136 -17.90 34.04 12.05
N ILE H 137 -18.45 33.23 11.15
CA ILE H 137 -19.88 32.95 11.20
C ILE H 137 -20.25 32.35 12.55
N ALA H 138 -19.38 31.49 13.09
CA ALA H 138 -19.63 30.97 14.42
C ALA H 138 -19.75 32.08 15.46
N LEU H 139 -19.01 33.16 15.29
CA LEU H 139 -19.22 34.26 16.22
C LEU H 139 -20.52 34.99 15.90
N LEU H 140 -20.82 35.14 14.60
CA LEU H 140 -21.95 35.99 14.22
C LEU H 140 -23.26 35.42 14.73
N ILE H 141 -23.37 34.08 14.72
CA ILE H 141 -24.59 33.44 15.23
C ILE H 141 -24.83 33.85 16.69
N TYR H 142 -23.79 33.73 17.50
CA TYR H 142 -23.91 34.05 18.91
C TYR H 142 -24.27 35.52 19.12
N TRP H 143 -23.65 36.41 18.35
CA TRP H 143 -23.98 37.82 18.51
C TRP H 143 -25.47 38.07 18.24
N THR H 144 -25.99 37.49 17.15
CA THR H 144 -27.40 37.71 16.83
C THR H 144 -28.31 37.19 17.95
N LEU H 145 -28.02 36.00 18.47
CA LEU H 145 -28.90 35.44 19.49
C LEU H 145 -28.83 36.25 20.79
N ALA H 146 -27.64 36.72 21.17
CA ALA H 146 -27.54 37.53 22.37
C ALA H 146 -28.28 38.84 22.21
N PHE H 147 -28.22 39.43 21.00
CA PHE H 147 -28.99 40.64 20.75
C PHE H 147 -30.48 40.41 20.91
N ILE H 148 -30.97 39.28 20.40
CA ILE H 148 -32.39 38.95 20.54
C ILE H 148 -32.79 38.87 22.01
N THR H 149 -32.01 38.13 22.80
CA THR H 149 -32.36 37.98 24.21
C THR H 149 -32.35 39.32 24.94
N LYS H 150 -31.35 40.16 24.66
CA LYS H 150 -31.30 41.46 25.31
C LYS H 150 -32.49 42.33 24.91
N THR H 151 -32.93 42.24 23.65
CA THR H 151 -34.10 42.98 23.21
C THR H 151 -35.34 42.55 23.98
N ILE H 152 -35.52 41.24 24.17
CA ILE H 152 -36.68 40.77 24.93
C ILE H 152 -36.62 41.31 26.35
N LYS H 153 -35.43 41.29 26.97
CA LYS H 153 -35.29 41.85 28.30
C LYS H 153 -35.72 43.31 28.34
N PHE H 154 -35.26 44.09 27.36
CA PHE H 154 -35.56 45.52 27.33
C PHE H 154 -37.06 45.77 27.19
N VAL H 155 -37.72 45.02 26.32
CA VAL H 155 -39.16 45.20 26.14
C VAL H 155 -39.90 44.91 27.44
N LYS H 156 -39.62 43.75 28.03
CA LYS H 156 -40.33 43.38 29.26
C LYS H 156 -40.03 44.34 30.39
N PHE H 157 -38.86 44.99 30.37
CA PHE H 157 -38.61 46.01 31.38
C PHE H 157 -39.39 47.28 31.09
N TYR H 158 -39.46 47.69 29.82
CA TYR H 158 -40.19 48.90 29.46
C TYR H 158 -41.65 48.79 29.85
N ASP H 159 -42.24 47.61 29.70
CA ASP H 159 -43.64 47.45 30.07
C ASP H 159 -43.86 47.71 31.56
N HIS H 160 -42.83 47.53 32.38
CA HIS H 160 -42.95 47.81 33.81
C HIS H 160 -42.37 49.18 34.14
N LEU H 167 -31.63 50.94 38.00
CA LEU H 167 -30.23 50.66 37.69
C LEU H 167 -30.12 49.65 36.56
N ARG H 168 -31.01 48.66 36.57
CA ARG H 168 -30.96 47.60 35.56
C ARG H 168 -31.08 48.17 34.16
N PHE H 169 -31.89 49.21 34.01
CA PHE H 169 -32.20 49.76 32.68
C PHE H 169 -30.94 50.21 31.95
N CYS H 170 -30.09 50.98 32.65
CA CYS H 170 -28.91 51.53 32.00
C CYS H 170 -27.92 50.44 31.60
N LEU H 171 -27.67 49.48 32.48
CA LEU H 171 -26.73 48.40 32.16
C LEU H 171 -27.22 47.58 30.97
N THR H 172 -28.50 47.21 30.98
CA THR H 172 -29.03 46.43 29.86
C THR H 172 -28.92 47.21 28.56
N GLY H 173 -29.21 48.52 28.59
CA GLY H 173 -29.08 49.31 27.37
C GLY H 173 -27.65 49.38 26.86
N LEU H 174 -26.69 49.58 27.77
CA LEU H 174 -25.29 49.63 27.34
C LEU H 174 -24.87 48.31 26.71
N LEU H 175 -25.27 47.19 27.31
CA LEU H 175 -24.96 45.89 26.71
C LEU H 175 -25.57 45.75 25.32
N VAL H 176 -26.81 46.23 25.16
CA VAL H 176 -27.47 46.15 23.86
C VAL H 176 -26.65 46.91 22.82
N ILE H 177 -26.25 48.14 23.16
CA ILE H 177 -25.51 48.96 22.21
C ILE H 177 -24.18 48.31 21.84
N LEU H 178 -23.47 47.76 22.84
CA LEU H 178 -22.18 47.15 22.56
C LEU H 178 -22.33 45.91 21.67
N TYR H 179 -23.29 45.05 21.98
CA TYR H 179 -23.49 43.86 21.14
C TYR H 179 -23.88 44.26 19.73
N GLY H 180 -24.70 45.31 19.58
CA GLY H 180 -25.05 45.76 18.24
C GLY H 180 -23.85 46.25 17.47
N MET H 181 -22.98 47.02 18.11
CA MET H 181 -21.80 47.52 17.41
C MET H 181 -20.87 46.37 17.03
N LEU H 182 -20.74 45.36 17.89
CA LEU H 182 -19.92 44.20 17.52
C LEU H 182 -20.54 43.43 16.36
N LEU H 183 -21.87 43.34 16.33
CA LEU H 183 -22.56 42.75 15.18
C LEU H 183 -22.24 43.49 13.90
N LEU H 184 -22.29 44.83 13.95
CA LEU H 184 -21.95 45.62 12.77
C LEU H 184 -20.51 45.39 12.35
N VAL H 185 -19.61 45.21 13.32
CA VAL H 185 -18.23 44.90 13.00
C VAL H 185 -18.14 43.57 12.24
N GLU H 186 -18.87 42.56 12.72
CA GLU H 186 -18.86 41.27 12.03
C GLU H 186 -19.43 41.39 10.63
N VAL H 187 -20.49 42.20 10.47
CA VAL H 187 -21.06 42.40 9.14
C VAL H 187 -20.04 43.09 8.24
N ASN H 188 -19.29 44.05 8.78
CA ASN H 188 -18.23 44.67 8.01
C ASN H 188 -17.20 43.63 7.57
N VAL H 189 -16.84 42.72 8.47
CA VAL H 189 -15.82 41.72 8.18
C VAL H 189 -16.29 40.79 7.05
N ILE H 190 -17.55 40.36 7.08
CA ILE H 190 -18.02 39.52 5.97
C ILE H 190 -18.13 40.36 4.69
N ARG H 191 -18.47 41.64 4.81
CA ARG H 191 -18.54 42.50 3.64
C ARG H 191 -17.17 42.68 3.01
N VAL H 192 -16.11 42.57 3.79
CA VAL H 192 -14.77 42.85 3.29
C VAL H 192 -14.28 41.72 2.38
N ARG H 193 -14.10 40.52 2.94
CA ARG H 193 -13.34 39.50 2.22
C ARG H 193 -14.14 38.27 1.84
N ARG H 194 -14.45 37.34 2.75
CA ARG H 194 -15.22 36.19 2.27
C ARG H 194 -16.10 35.39 3.24
N TYR H 195 -17.06 36.03 3.92
CA TYR H 195 -17.93 35.26 4.80
C TYR H 195 -18.79 34.29 3.99
N ILE H 196 -19.39 34.83 2.92
CA ILE H 196 -20.23 34.06 1.99
C ILE H 196 -20.10 34.68 0.61
N PHE H 197 -19.84 35.99 0.64
CA PHE H 197 -19.70 36.84 -0.54
C PHE H 197 -19.20 36.02 -1.72
N PHE H 198 -19.22 36.60 -2.91
CA PHE H 198 -18.86 35.87 -4.13
C PHE H 198 -17.50 35.18 -4.08
N LYS H 199 -17.50 33.96 -4.61
CA LYS H 199 -16.38 33.02 -4.67
C LYS H 199 -15.08 33.30 -3.90
N THR H 200 -14.17 34.05 -4.51
CA THR H 200 -12.87 34.29 -3.89
C THR H 200 -12.73 35.58 -3.07
N PRO H 201 -12.18 35.42 -1.86
CA PRO H 201 -11.94 36.56 -0.98
C PRO H 201 -11.20 37.72 -1.61
N ARG H 202 -10.24 37.45 -2.50
CA ARG H 202 -9.30 38.47 -2.88
C ARG H 202 -8.60 38.89 -1.60
N GLU H 203 -8.26 37.87 -0.81
CA GLU H 203 -7.68 38.05 0.52
C GLU H 203 -6.32 38.73 0.44
N VAL H 204 -5.98 39.45 1.51
CA VAL H 204 -4.90 40.41 1.50
C VAL H 204 -3.51 39.86 1.18
N LYS H 205 -3.15 38.69 1.70
CA LYS H 205 -1.78 38.24 1.49
C LYS H 205 -0.91 38.76 2.62
N PRO H 206 -0.94 38.08 3.78
CA PRO H 206 -0.55 38.69 5.07
C PRO H 206 0.64 39.62 4.98
N PRO H 207 0.62 40.70 5.74
CA PRO H 207 1.56 41.82 5.53
C PRO H 207 3.01 41.38 5.67
N GLU H 208 3.80 41.61 4.62
CA GLU H 208 5.21 41.27 4.63
C GLU H 208 6.07 42.33 5.31
N ASP H 209 5.52 43.53 5.55
CA ASP H 209 6.29 44.57 6.19
C ASP H 209 6.82 44.10 7.55
N LEU H 210 5.94 43.60 8.40
CA LEU H 210 6.31 43.19 9.75
C LEU H 210 6.39 41.68 9.91
N GLN H 211 6.09 40.91 8.87
CA GLN H 211 6.10 39.46 8.98
C GLN H 211 7.08 38.76 8.04
N ASP H 212 7.51 39.40 6.97
CA ASP H 212 8.51 38.72 6.15
C ASP H 212 9.84 38.63 6.92
N LEU H 213 10.91 38.46 6.14
CA LEU H 213 12.15 37.81 6.54
C LEU H 213 12.82 38.40 7.78
N GLY H 214 13.31 37.54 8.69
CA GLY H 214 13.63 37.83 10.09
C GLY H 214 13.60 39.27 10.59
N VAL H 215 12.60 39.57 11.44
CA VAL H 215 12.46 40.79 12.22
C VAL H 215 12.07 40.40 13.64
N ARG H 216 12.56 41.16 14.62
CA ARG H 216 12.37 40.84 16.03
C ARG H 216 11.54 41.86 16.80
N PHE H 217 11.54 43.08 16.51
CA PHE H 217 10.73 44.14 17.12
C PHE H 217 9.44 44.27 16.33
N LEU H 218 8.44 43.50 16.71
CA LEU H 218 7.10 43.55 16.12
C LEU H 218 6.18 44.28 17.09
N GLN H 219 6.24 45.60 17.06
CA GLN H 219 5.25 46.35 17.83
C GLN H 219 3.97 46.59 17.05
N PRO H 220 4.02 47.05 15.80
CA PRO H 220 2.77 47.37 15.08
C PRO H 220 1.97 46.14 14.67
N PHE H 221 2.50 44.92 14.85
CA PHE H 221 1.87 43.73 14.28
C PHE H 221 1.47 42.71 15.34
N VAL H 222 0.80 43.14 16.42
CA VAL H 222 0.38 42.23 17.48
C VAL H 222 -1.03 42.60 17.93
N ASN H 223 -1.58 41.78 18.82
CA ASN H 223 -2.95 41.95 19.32
C ASN H 223 -3.05 43.21 20.17
N LEU H 224 -4.11 43.98 19.95
CA LEU H 224 -4.22 45.31 20.55
C LEU H 224 -4.20 45.26 22.08
N LEU H 225 -4.36 44.08 22.67
CA LEU H 225 -4.11 43.94 24.10
C LEU H 225 -2.62 43.94 24.39
N SER H 226 -1.84 43.20 23.59
CA SER H 226 -0.40 43.16 23.79
C SER H 226 0.24 44.48 23.38
N LYS H 227 -0.34 45.20 22.40
CA LYS H 227 0.12 46.55 22.11
C LYS H 227 0.09 47.42 23.35
N GLY H 228 -0.71 47.07 24.35
CA GLY H 228 -0.76 47.80 25.60
C GLY H 228 0.08 47.18 26.69
N THR H 229 0.02 45.85 26.85
CA THR H 229 0.69 45.18 27.95
C THR H 229 2.03 44.55 27.56
N TYR H 230 2.48 44.75 26.32
CA TYR H 230 3.81 44.35 25.89
C TYR H 230 4.08 42.87 26.13
N TRP H 231 3.07 42.05 25.86
CA TRP H 231 3.20 40.61 26.12
C TRP H 231 4.20 39.95 25.18
N TRP H 232 4.39 40.52 23.99
CA TRP H 232 5.33 39.94 23.03
C TRP H 232 6.77 39.98 23.51
N MET H 233 7.06 40.75 24.56
CA MET H 233 8.42 40.82 25.10
C MET H 233 8.76 39.66 26.02
N ASN H 234 7.78 38.82 26.39
CA ASN H 234 8.08 37.69 27.25
C ASN H 234 9.09 36.76 26.58
N ALA H 235 8.86 36.43 25.32
CA ALA H 235 9.78 35.53 24.62
C ALA H 235 11.16 36.13 24.51
N PHE H 236 11.24 37.40 24.08
CA PHE H 236 12.54 38.05 23.94
C PHE H 236 13.29 38.04 25.26
N ILE H 237 12.64 38.45 26.35
CA ILE H 237 13.36 38.58 27.61
C ILE H 237 13.76 37.20 28.15
N LYS H 238 12.92 36.18 27.94
CA LYS H 238 13.29 34.84 28.41
C LYS H 238 14.48 34.31 27.63
N THR H 239 14.49 34.48 26.30
CA THR H 239 15.64 34.06 25.53
C THR H 239 16.88 34.87 25.90
N ALA H 240 16.68 36.15 26.22
CA ALA H 240 17.79 37.02 26.57
C ALA H 240 18.44 36.61 27.87
N HIS H 241 17.66 36.04 28.80
CA HIS H 241 18.24 35.58 30.06
C HIS H 241 19.38 34.58 29.83
N LYS H 242 19.21 33.69 28.85
CA LYS H 242 20.19 32.63 28.62
C LYS H 242 21.31 33.08 27.67
N LYS H 243 20.95 33.49 26.46
CA LYS H 243 21.93 33.80 25.42
C LYS H 243 22.17 35.30 25.36
N PRO H 244 23.43 35.74 25.30
CA PRO H 244 23.71 37.19 25.29
C PRO H 244 23.22 37.85 24.01
N ILE H 245 22.49 38.95 24.16
CA ILE H 245 21.91 39.65 23.03
C ILE H 245 22.99 40.32 22.20
N ASP H 246 22.76 40.40 20.90
CA ASP H 246 23.64 41.15 20.00
C ASP H 246 22.83 41.57 18.79
N LEU H 247 23.49 42.27 17.87
CA LEU H 247 22.82 42.77 16.67
C LEU H 247 22.38 41.62 15.76
N ARG H 248 23.06 40.48 15.83
CA ARG H 248 22.59 39.30 15.11
C ARG H 248 21.39 38.66 15.81
N ALA H 249 21.34 38.75 17.14
CA ALA H 249 20.20 38.27 17.90
C ALA H 249 19.08 39.29 17.98
N ILE H 250 19.32 40.52 17.53
CA ILE H 250 18.32 41.57 17.55
C ILE H 250 17.63 41.59 16.19
N GLY H 251 16.46 42.24 16.14
CA GLY H 251 15.69 42.33 14.92
C GLY H 251 16.18 43.41 13.99
N LYS H 252 15.33 43.78 13.05
CA LYS H 252 15.56 44.89 12.16
C LYS H 252 14.29 45.75 12.13
N LEU H 253 14.47 47.06 12.02
CA LEU H 253 13.33 47.96 12.22
C LEU H 253 12.29 47.76 11.12
N PRO H 254 10.99 47.84 11.46
CA PRO H 254 9.94 47.69 10.45
C PRO H 254 9.99 48.84 9.44
N ILE H 255 9.28 48.61 8.34
CA ILE H 255 9.15 49.64 7.31
C ILE H 255 8.41 50.86 7.85
N ALA H 256 7.68 50.70 8.96
CA ALA H 256 6.94 51.82 9.54
C ALA H 256 7.85 52.86 10.18
N MET H 257 9.11 52.52 10.45
CA MET H 257 10.01 53.43 11.14
C MET H 257 11.44 53.11 10.72
N ARG H 258 11.96 53.92 9.79
CA ARG H 258 13.33 53.80 9.33
C ARG H 258 13.89 55.20 9.21
N ALA H 259 15.10 55.29 8.66
CA ALA H 259 15.59 56.59 8.21
C ALA H 259 14.81 57.07 7.00
N LEU H 260 14.55 56.16 6.05
CA LEU H 260 13.90 56.54 4.81
C LEU H 260 12.46 56.97 5.03
N THR H 261 11.70 56.25 5.86
CA THR H 261 10.29 56.58 6.05
C THR H 261 10.12 57.95 6.71
N ASN H 262 10.79 58.16 7.84
CA ASN H 262 10.68 59.43 8.54
C ASN H 262 11.26 60.57 7.72
N TYR H 263 12.38 60.32 7.03
CA TYR H 263 12.93 61.33 6.14
C TYR H 263 11.95 61.68 5.03
N GLN H 264 11.23 60.68 4.51
CA GLN H 264 10.27 60.92 3.45
C GLN H 264 9.12 61.80 3.94
N ARG H 265 8.54 61.44 5.08
CA ARG H 265 7.44 62.23 5.62
C ARG H 265 7.89 63.66 5.94
N LEU H 266 9.07 63.80 6.56
CA LEU H 266 9.55 65.13 6.92
C LEU H 266 9.85 65.96 5.68
N CYS H 267 10.45 65.36 4.65
CA CYS H 267 10.76 66.14 3.46
C CYS H 267 9.50 66.48 2.68
N VAL H 268 8.47 65.62 2.72
CA VAL H 268 7.20 65.95 2.10
C VAL H 268 6.57 67.15 2.79
N ALA H 269 6.57 67.16 4.13
CA ALA H 269 6.02 68.30 4.84
C ALA H 269 6.83 69.57 4.59
N PHE H 270 8.16 69.45 4.62
CA PHE H 270 9.02 70.60 4.34
C PHE H 270 8.79 71.13 2.93
N ASP H 271 8.56 70.23 1.98
CA ASP H 271 8.30 70.64 0.60
C ASP H 271 6.97 71.36 0.49
N ALA H 272 5.91 70.80 1.08
CA ALA H 272 4.60 71.41 1.01
C ALA H 272 4.58 72.75 1.73
N GLN H 273 5.46 72.95 2.72
CA GLN H 273 5.52 74.23 3.41
C GLN H 273 6.42 75.25 2.72
N ALA H 274 7.50 74.80 2.07
CA ALA H 274 8.42 75.72 1.40
C ALA H 274 7.93 76.11 0.00
N ARG H 275 7.08 75.30 -0.62
CA ARG H 275 6.48 75.69 -1.89
C ARG H 275 5.51 76.85 -1.73
N LYS H 276 5.06 77.13 -0.50
CA LYS H 276 4.16 78.23 -0.20
C LYS H 276 4.88 79.46 0.30
N ASP H 277 6.21 79.47 0.26
CA ASP H 277 6.99 80.63 0.69
C ASP H 277 6.78 81.81 -0.25
N GLY H 283 13.48 78.98 7.35
CA GLY H 283 12.87 79.68 8.47
C GLY H 283 12.63 78.81 9.67
N ALA H 284 12.62 79.41 10.87
CA ALA H 284 12.44 78.63 12.09
C ALA H 284 10.99 78.18 12.25
N ARG H 285 10.05 79.13 12.18
CA ARG H 285 8.64 78.76 12.29
C ARG H 285 8.23 77.80 11.19
N ALA H 286 8.82 77.93 10.00
CA ALA H 286 8.48 77.03 8.89
C ALA H 286 8.89 75.59 9.21
N ILE H 287 10.14 75.40 9.63
CA ILE H 287 10.62 74.06 9.99
C ILE H 287 9.81 73.51 11.15
N TRP H 288 9.45 74.38 12.10
CA TRP H 288 8.64 73.92 13.24
C TRP H 288 7.31 73.38 12.76
N ARG H 289 6.53 74.20 12.05
CA ARG H 289 5.24 73.74 11.53
C ARG H 289 5.38 72.53 10.63
N ALA H 290 6.49 72.43 9.91
CA ALA H 290 6.72 71.25 9.07
C ALA H 290 6.82 69.99 9.92
N LEU H 291 7.65 70.03 10.98
CA LEU H 291 7.74 68.90 11.91
C LEU H 291 6.37 68.59 12.51
N CYS H 292 5.63 69.63 12.88
CA CYS H 292 4.34 69.44 13.51
C CYS H 292 3.38 68.69 12.59
N HIS H 293 3.20 69.20 11.37
CA HIS H 293 2.31 68.57 10.41
C HIS H 293 2.84 67.21 9.94
N ALA H 294 4.14 66.98 10.06
CA ALA H 294 4.71 65.71 9.62
C ALA H 294 4.50 64.61 10.65
N PHE H 295 4.56 64.94 11.94
CA PHE H 295 4.43 63.91 12.97
C PHE H 295 3.04 63.84 13.57
N GLY H 296 2.19 64.84 13.35
CA GLY H 296 0.75 64.69 13.37
C GLY H 296 0.10 63.80 14.42
N ARG H 297 -0.57 62.76 13.94
CA ARG H 297 -1.61 62.09 14.72
C ARG H 297 -1.03 61.36 15.93
N ARG H 298 0.17 60.81 15.81
CA ARG H 298 0.74 60.01 16.88
C ARG H 298 0.90 60.82 18.16
N LEU H 299 1.40 62.04 18.03
CA LEU H 299 1.68 62.86 19.21
C LEU H 299 0.39 63.22 19.94
N ILE H 300 -0.65 63.63 19.21
CA ILE H 300 -1.91 64.00 19.85
C ILE H 300 -2.59 62.77 20.43
N LEU H 301 -2.44 61.61 19.78
CA LEU H 301 -2.97 60.36 20.33
C LEU H 301 -2.32 60.06 21.68
N SER H 302 -1.00 60.16 21.76
CA SER H 302 -0.32 59.98 23.02
C SER H 302 -0.82 60.99 24.06
N SER H 303 -0.99 62.25 23.65
CA SER H 303 -1.42 63.27 24.59
C SER H 303 -2.81 62.99 25.16
N THR H 304 -3.71 62.47 24.32
CA THR H 304 -5.07 62.23 24.82
C THR H 304 -5.13 60.98 25.68
N PHE H 305 -4.38 59.93 25.31
CA PHE H 305 -4.15 58.82 26.25
C PHE H 305 -3.73 59.37 27.61
N ARG H 306 -2.78 60.30 27.59
CA ARG H 306 -2.20 60.83 28.81
C ARG H 306 -3.24 61.59 29.65
N ILE H 307 -4.05 62.43 29.00
CA ILE H 307 -5.02 63.21 29.76
C ILE H 307 -6.10 62.31 30.35
N LEU H 308 -6.54 61.28 29.61
CA LEU H 308 -7.53 60.37 30.18
C LEU H 308 -6.96 59.63 31.38
N ALA H 309 -5.70 59.20 31.29
CA ALA H 309 -5.06 58.57 32.43
C ALA H 309 -4.99 59.51 33.62
N ASP H 310 -4.66 60.79 33.37
CA ASP H 310 -4.60 61.76 34.44
C ASP H 310 -5.96 61.93 35.13
N LEU H 311 -7.03 61.95 34.33
CA LEU H 311 -8.38 62.04 34.90
C LEU H 311 -8.66 60.86 35.83
N LEU H 312 -8.43 59.64 35.36
CA LEU H 312 -8.72 58.48 36.20
C LEU H 312 -7.85 58.45 37.45
N GLY H 313 -6.61 58.94 37.34
CA GLY H 313 -5.74 59.01 38.51
C GLY H 313 -6.25 60.00 39.55
N PHE H 314 -6.74 61.15 39.09
CA PHE H 314 -7.43 62.05 40.02
C PHE H 314 -8.71 61.44 40.55
N ALA H 315 -9.29 60.47 39.84
CA ALA H 315 -10.54 59.86 40.29
C ALA H 315 -10.35 58.83 41.40
N GLY H 316 -9.25 58.09 41.39
CA GLY H 316 -9.04 57.04 42.39
C GLY H 316 -9.30 57.41 43.86
N PRO H 317 -8.61 58.44 44.34
CA PRO H 317 -8.79 58.83 45.76
C PRO H 317 -10.22 59.17 46.14
N LEU H 318 -11.06 59.60 45.20
CA LEU H 318 -12.44 59.93 45.57
C LEU H 318 -13.23 58.67 45.92
N CYS H 319 -13.00 57.58 45.19
CA CYS H 319 -13.66 56.33 45.56
C CYS H 319 -13.06 55.76 46.84
N ILE H 320 -11.77 56.01 47.09
CA ILE H 320 -11.23 55.72 48.41
C ILE H 320 -12.05 56.44 49.48
N PHE H 321 -12.25 57.75 49.28
CA PHE H 321 -13.02 58.57 50.21
C PHE H 321 -14.42 58.01 50.43
N GLY H 322 -15.08 57.62 49.33
CA GLY H 322 -16.42 57.05 49.44
C GLY H 322 -16.45 55.77 50.27
N ILE H 323 -15.48 54.88 50.03
CA ILE H 323 -15.39 53.66 50.85
C ILE H 323 -15.23 54.02 52.31
N VAL H 324 -14.29 54.93 52.61
CA VAL H 324 -14.05 55.28 54.00
C VAL H 324 -15.30 55.85 54.66
N ASP H 325 -16.08 56.62 53.90
CA ASP H 325 -17.34 57.15 54.43
C ASP H 325 -18.32 56.03 54.72
N HIS H 326 -18.49 55.11 53.76
CA HIS H 326 -19.54 54.10 53.88
C HIS H 326 -19.36 53.23 55.11
N LEU H 327 -18.13 52.83 55.40
CA LEU H 327 -17.89 51.91 56.51
C LEU H 327 -18.07 52.61 57.86
N GLY H 328 -17.72 53.89 57.95
CA GLY H 328 -17.89 54.62 59.20
C GLY H 328 -19.33 54.82 59.59
N LYS H 329 -20.24 54.78 58.63
CA LYS H 329 -21.65 55.04 58.90
C LYS H 329 -22.50 53.81 58.56
N ASN H 354 -22.25 48.79 49.61
CA ASN H 354 -21.96 49.75 48.56
C ASN H 354 -20.47 50.02 48.51
N ALA H 355 -19.68 49.15 49.15
CA ALA H 355 -18.25 49.35 49.25
C ALA H 355 -17.43 48.32 48.47
N TYR H 356 -17.88 47.06 48.40
CA TYR H 356 -17.19 46.09 47.55
C TYR H 356 -17.17 46.54 46.11
N VAL H 357 -18.29 47.13 45.65
CA VAL H 357 -18.37 47.67 44.30
C VAL H 357 -17.31 48.74 44.10
N LEU H 358 -17.18 49.63 45.07
CA LEU H 358 -16.18 50.69 44.97
C LEU H 358 -14.76 50.11 44.98
N ALA H 359 -14.54 49.01 45.71
CA ALA H 359 -13.22 48.40 45.74
C ALA H 359 -12.86 47.82 44.37
N VAL H 360 -13.77 47.05 43.77
CA VAL H 360 -13.45 46.47 42.47
C VAL H 360 -13.36 47.57 41.41
N LEU H 361 -14.15 48.63 41.53
CA LEU H 361 -14.03 49.75 40.62
C LEU H 361 -12.67 50.43 40.77
N LEU H 362 -12.18 50.54 42.01
CA LEU H 362 -10.86 51.10 42.24
C LEU H 362 -9.78 50.24 41.57
N PHE H 363 -9.90 48.92 41.71
CA PHE H 363 -8.97 48.00 41.04
C PHE H 363 -8.96 48.24 39.53
N LEU H 364 -10.15 48.24 38.92
CA LEU H 364 -10.26 48.42 37.48
C LEU H 364 -9.69 49.77 37.05
N ALA H 365 -10.03 50.84 37.78
CA ALA H 365 -9.59 52.17 37.41
C ALA H 365 -8.08 52.31 37.53
N LEU H 366 -7.49 51.72 38.58
CA LEU H 366 -6.04 51.74 38.72
C LEU H 366 -5.38 51.07 37.51
N LEU H 367 -5.79 49.83 37.21
CA LEU H 367 -5.14 49.12 36.12
C LEU H 367 -5.30 49.86 34.80
N LEU H 368 -6.50 50.39 34.53
CA LEU H 368 -6.74 51.07 33.25
C LEU H 368 -5.95 52.37 33.15
N GLN H 369 -5.97 53.17 34.22
CA GLN H 369 -5.24 54.42 34.24
C GLN H 369 -3.75 54.19 33.97
N ARG H 370 -3.16 53.23 34.68
CA ARG H 370 -1.73 53.00 34.53
C ARG H 370 -1.41 52.44 33.15
N THR H 371 -2.27 51.57 32.62
CA THR H 371 -2.05 51.05 31.27
C THR H 371 -2.06 52.17 30.24
N PHE H 372 -3.03 53.09 30.36
CA PHE H 372 -3.11 54.21 29.42
C PHE H 372 -1.90 55.13 29.56
N LEU H 373 -1.46 55.37 30.79
CA LEU H 373 -0.26 56.17 31.03
C LEU H 373 0.94 55.56 30.29
N GLN H 374 1.10 54.24 30.41
CA GLN H 374 2.27 53.59 29.82
C GLN H 374 2.20 53.60 28.29
N ALA H 375 1.02 53.32 27.74
CA ALA H 375 0.87 53.42 26.29
C ALA H 375 1.19 54.82 25.81
N SER H 376 0.78 55.84 26.58
CA SER H 376 1.10 57.22 26.23
C SER H 376 2.61 57.44 26.19
N TYR H 377 3.31 57.03 27.26
CA TYR H 377 4.76 57.15 27.28
C TYR H 377 5.37 56.53 26.03
N TYR H 378 4.97 55.29 25.71
CA TYR H 378 5.62 54.59 24.61
C TYR H 378 5.37 55.28 23.28
N VAL H 379 4.12 55.68 23.02
CA VAL H 379 3.83 56.31 21.75
C VAL H 379 4.62 57.60 21.59
N ALA H 380 4.73 58.38 22.68
CA ALA H 380 5.54 59.60 22.62
C ALA H 380 7.01 59.28 22.35
N ILE H 381 7.56 58.27 23.02
CA ILE H 381 8.95 57.92 22.83
C ILE H 381 9.21 57.50 21.39
N GLU H 382 8.27 56.76 20.81
CA GLU H 382 8.47 56.29 19.44
C GLU H 382 8.40 57.44 18.45
N THR H 383 7.46 58.37 18.65
CA THR H 383 7.43 59.57 17.81
C THR H 383 8.73 60.34 17.92
N GLY H 384 9.28 60.44 19.13
CA GLY H 384 10.55 61.13 19.29
C GLY H 384 11.70 60.44 18.58
N ILE H 385 11.75 59.10 18.65
CA ILE H 385 12.82 58.38 17.97
C ILE H 385 12.70 58.54 16.45
N ASN H 386 11.48 58.48 15.94
CA ASN H 386 11.26 58.79 14.53
C ASN H 386 11.82 60.16 14.19
N LEU H 387 11.48 61.17 14.99
CA LEU H 387 11.92 62.54 14.71
C LEU H 387 13.44 62.64 14.73
N ARG H 388 14.09 61.97 15.68
CA ARG H 388 15.55 62.02 15.75
C ARG H 388 16.16 61.44 14.49
N GLY H 389 15.73 60.23 14.10
CA GLY H 389 16.24 59.64 12.88
C GLY H 389 16.02 60.53 11.67
N ALA H 390 14.83 61.13 11.58
CA ALA H 390 14.49 61.96 10.43
C ALA H 390 15.39 63.17 10.33
N ILE H 391 15.45 63.98 11.40
CA ILE H 391 16.23 65.20 11.31
C ILE H 391 17.72 64.90 11.23
N GLN H 392 18.16 63.75 11.76
CA GLN H 392 19.57 63.38 11.62
C GLN H 392 19.92 63.09 10.17
N THR H 393 19.15 62.23 9.50
CA THR H 393 19.45 61.97 8.10
C THR H 393 19.23 63.21 7.25
N LYS H 394 18.34 64.12 7.67
CA LYS H 394 18.14 65.35 6.92
C LYS H 394 19.36 66.26 6.99
N ILE H 395 19.87 66.49 8.21
CA ILE H 395 21.05 67.34 8.34
C ILE H 395 22.29 66.65 7.78
N TYR H 396 22.26 65.32 7.63
CA TYR H 396 23.34 64.68 6.89
C TYR H 396 23.21 64.89 5.39
N ASN H 397 21.96 64.89 4.88
CA ASN H 397 21.73 65.21 3.48
C ASN H 397 22.18 66.63 3.17
N LYS H 398 21.98 67.55 4.12
CA LYS H 398 22.45 68.92 3.97
C LYS H 398 23.97 69.01 4.00
N ILE H 399 24.63 68.09 4.71
CA ILE H 399 26.09 68.10 4.81
C ILE H 399 26.74 67.85 3.46
N MET H 400 25.99 67.32 2.50
CA MET H 400 26.56 67.01 1.19
C MET H 400 26.64 68.23 0.29
N HIS H 401 25.68 69.16 0.42
CA HIS H 401 25.58 70.28 -0.51
C HIS H 401 26.22 71.56 0.02
N LEU H 402 26.79 71.54 1.22
CA LEU H 402 27.34 72.75 1.80
C LEU H 402 28.66 73.12 1.14
N SER H 403 29.06 74.38 1.31
CA SER H 403 30.25 74.92 0.68
C SER H 403 31.44 74.81 1.61
N THR H 404 32.64 74.85 1.03
CA THR H 404 33.86 74.62 1.79
C THR H 404 34.27 75.82 2.65
N SER H 405 33.82 77.03 2.28
CA SER H 405 34.20 78.22 3.04
C SER H 405 33.58 78.25 4.44
N ASN H 406 32.48 77.53 4.65
CA ASN H 406 31.80 77.54 5.94
C ASN H 406 32.29 76.40 6.83
N GLU H 411 36.81 73.70 10.95
CA GLU H 411 37.30 73.40 12.29
C GLU H 411 36.23 73.70 13.34
N MET H 412 35.90 74.99 13.48
CA MET H 412 34.85 75.38 14.41
C MET H 412 33.48 74.94 13.91
N THR H 413 33.24 75.05 12.60
CA THR H 413 31.98 74.59 12.04
C THR H 413 31.82 73.08 12.17
N ALA H 414 32.92 72.33 12.10
CA ALA H 414 32.83 70.88 12.27
C ALA H 414 32.46 70.51 13.70
N GLY H 415 33.09 71.15 14.69
CA GLY H 415 32.71 70.93 16.07
C GLY H 415 31.28 71.35 16.34
N GLN H 416 30.85 72.47 15.74
CA GLN H 416 29.47 72.90 15.89
C GLN H 416 28.50 71.92 15.24
N ILE H 417 28.91 71.30 14.12
CA ILE H 417 28.06 70.31 13.47
C ILE H 417 27.92 69.08 14.34
N CYS H 418 29.02 68.58 14.88
CA CYS H 418 28.97 67.36 15.69
C CYS H 418 28.34 67.60 17.06
N ASN H 419 28.37 68.84 17.57
CA ASN H 419 27.52 69.16 18.71
C ASN H 419 26.07 69.29 18.30
N LEU H 420 25.82 69.73 17.06
CA LEU H 420 24.46 69.80 16.56
C LEU H 420 23.82 68.43 16.42
N VAL H 421 24.62 67.37 16.46
CA VAL H 421 24.11 66.01 16.43
C VAL H 421 24.17 65.34 17.80
N ALA H 422 25.11 65.73 18.66
CA ALA H 422 25.32 65.05 19.93
C ALA H 422 24.51 65.64 21.07
N ILE H 423 24.26 66.96 21.07
CA ILE H 423 23.49 67.59 22.14
C ILE H 423 22.23 68.25 21.62
N ASP H 424 22.28 68.91 20.47
CA ASP H 424 21.09 69.60 19.96
C ASP H 424 19.99 68.61 19.57
N THR H 425 20.35 67.54 18.85
CA THR H 425 19.37 66.55 18.44
C THR H 425 18.81 65.79 19.64
N ASN H 426 19.66 65.48 20.61
CA ASN H 426 19.16 64.83 21.83
C ASN H 426 18.21 65.75 22.59
N GLN H 427 18.52 67.05 22.62
CA GLN H 427 17.60 67.99 23.24
C GLN H 427 16.26 68.01 22.52
N LEU H 428 16.29 68.09 21.19
CA LEU H 428 15.06 68.05 20.41
C LEU H 428 14.25 66.80 20.74
N MET H 429 14.91 65.63 20.73
CA MET H 429 14.17 64.38 20.91
C MET H 429 13.64 64.24 22.33
N TRP H 430 14.39 64.67 23.34
CA TRP H 430 13.88 64.58 24.70
C TRP H 430 12.75 65.58 24.94
N PHE H 431 12.82 66.74 24.29
CA PHE H 431 11.70 67.66 24.32
C PHE H 431 10.47 67.05 23.67
N PHE H 432 10.67 66.27 22.61
CA PHE H 432 9.51 65.60 22.01
C PHE H 432 9.00 64.48 22.90
N PHE H 433 9.88 63.86 23.69
CA PHE H 433 9.42 62.98 24.76
C PHE H 433 8.47 63.73 25.69
N LEU H 434 8.90 64.89 26.19
CA LEU H 434 8.16 65.61 27.21
C LEU H 434 7.03 66.48 26.67
N CYS H 435 6.85 66.55 25.35
CA CYS H 435 5.76 67.36 24.78
C CYS H 435 4.39 67.05 25.36
N PRO H 436 3.90 65.79 25.37
CA PRO H 436 2.54 65.56 25.91
C PRO H 436 2.41 65.85 27.38
N ASN H 437 3.50 65.72 28.15
CA ASN H 437 3.46 66.10 29.55
C ASN H 437 3.15 67.58 29.73
N LEU H 438 3.64 68.43 28.81
CA LEU H 438 3.39 69.86 28.90
C LEU H 438 1.92 70.18 28.68
N TRP H 439 1.21 69.37 27.89
CA TRP H 439 -0.22 69.57 27.72
C TRP H 439 -1.02 68.97 28.87
N ALA H 440 -0.54 67.86 29.44
CA ALA H 440 -1.31 67.16 30.47
C ALA H 440 -1.06 67.68 31.88
N MET H 441 -0.01 68.47 32.11
CA MET H 441 0.24 68.98 33.45
C MET H 441 -0.81 69.99 33.91
N PRO H 442 -1.17 71.01 33.13
CA PRO H 442 -2.14 72.01 33.65
C PRO H 442 -3.48 71.41 34.04
N VAL H 443 -4.03 70.52 33.21
CA VAL H 443 -5.31 69.91 33.56
C VAL H 443 -5.17 69.09 34.83
N GLN H 444 -4.00 68.48 35.05
CA GLN H 444 -3.79 67.70 36.27
C GLN H 444 -3.82 68.59 37.50
N ILE H 445 -3.07 69.70 37.49
CA ILE H 445 -3.06 70.56 38.67
C ILE H 445 -4.42 71.23 38.88
N ILE H 446 -5.13 71.55 37.80
CA ILE H 446 -6.45 72.18 37.92
C ILE H 446 -7.45 71.22 38.55
N VAL H 447 -7.53 70.00 38.03
CA VAL H 447 -8.43 68.99 38.61
C VAL H 447 -8.05 68.72 40.06
N GLY H 448 -6.74 68.67 40.36
CA GLY H 448 -6.32 68.44 41.72
C GLY H 448 -6.80 69.53 42.67
N VAL H 449 -6.61 70.80 42.29
CA VAL H 449 -6.99 71.88 43.20
C VAL H 449 -8.50 71.94 43.36
N ILE H 450 -9.26 71.77 42.27
CA ILE H 450 -10.72 71.85 42.39
C ILE H 450 -11.26 70.68 43.20
N LEU H 451 -10.64 69.51 43.07
CA LEU H 451 -11.11 68.36 43.84
C LEU H 451 -10.81 68.53 45.32
N LEU H 452 -9.59 68.97 45.66
CA LEU H 452 -9.26 69.13 47.07
C LEU H 452 -10.05 70.25 47.71
N TYR H 453 -10.44 71.27 46.93
CA TYR H 453 -11.27 72.34 47.50
C TYR H 453 -12.62 71.80 47.97
N TYR H 454 -13.25 70.92 47.19
CA TYR H 454 -14.57 70.42 47.55
C TYR H 454 -14.53 69.37 48.65
N ILE H 455 -13.34 68.93 49.06
CA ILE H 455 -13.21 67.96 50.13
C ILE H 455 -12.84 68.63 51.44
N LEU H 456 -12.02 69.68 51.41
CA LEU H 456 -11.56 70.36 52.61
C LEU H 456 -12.07 71.79 52.73
N GLY H 457 -12.76 72.32 51.73
CA GLY H 457 -13.28 73.67 51.83
C GLY H 457 -12.20 74.73 51.63
N VAL H 458 -12.45 75.91 52.22
CA VAL H 458 -11.58 77.07 52.03
C VAL H 458 -10.15 76.74 52.45
N SER H 459 -9.99 76.02 53.58
CA SER H 459 -8.67 75.65 54.05
C SER H 459 -7.87 74.94 52.96
N ALA H 460 -8.53 74.08 52.19
CA ALA H 460 -7.88 73.37 51.10
C ALA H 460 -7.10 74.34 50.21
N LEU H 461 -7.75 75.44 49.82
CA LEU H 461 -7.10 76.45 48.99
C LEU H 461 -5.73 76.82 49.54
N ILE H 462 -5.66 77.12 50.84
CA ILE H 462 -4.37 77.49 51.44
C ILE H 462 -3.34 76.40 51.18
N GLY H 463 -3.68 75.16 51.50
CA GLY H 463 -2.78 74.05 51.22
C GLY H 463 -2.44 73.97 49.74
N ALA H 464 -3.45 74.14 48.88
CA ALA H 464 -3.24 74.08 47.44
C ALA H 464 -2.24 75.12 46.97
N ALA H 465 -2.05 76.20 47.74
CA ALA H 465 -1.02 77.16 47.38
C ALA H 465 0.36 76.61 47.67
N VAL H 466 0.57 76.08 48.88
CA VAL H 466 1.92 75.73 49.34
C VAL H 466 2.59 74.76 48.37
N ILE H 467 1.91 73.65 48.09
CA ILE H 467 2.47 72.66 47.15
C ILE H 467 2.80 73.32 45.82
N ILE H 468 1.88 74.13 45.29
CA ILE H 468 2.13 74.77 44.00
C ILE H 468 3.37 75.67 44.09
N LEU H 469 3.56 76.31 45.24
CA LEU H 469 4.70 77.20 45.41
C LEU H 469 6.03 76.46 45.31
N LEU H 470 6.03 75.14 45.45
CA LEU H 470 7.28 74.39 45.30
C LEU H 470 7.71 74.30 43.84
N ALA H 471 6.76 74.40 42.90
CA ALA H 471 7.11 74.18 41.50
C ALA H 471 8.00 75.28 40.94
N PRO H 472 7.70 76.58 41.10
CA PRO H 472 8.66 77.59 40.62
C PRO H 472 9.99 77.54 41.35
N VAL H 473 9.94 77.43 42.69
CA VAL H 473 11.18 77.37 43.48
C VAL H 473 12.10 76.29 42.96
N GLN H 474 11.57 75.08 42.77
CA GLN H 474 12.33 74.00 42.16
C GLN H 474 13.10 74.47 40.93
N TYR H 475 12.38 75.08 39.99
CA TYR H 475 13.02 75.59 38.78
C TYR H 475 14.23 76.44 39.13
N PHE H 476 14.03 77.44 40.00
CA PHE H 476 15.14 78.28 40.43
C PHE H 476 16.31 77.43 40.89
N VAL H 477 16.06 76.50 41.81
CA VAL H 477 17.11 75.62 42.30
C VAL H 477 17.84 74.97 41.13
N ALA H 478 17.07 74.38 40.20
CA ALA H 478 17.68 73.73 39.05
C ALA H 478 18.65 74.65 38.34
N THR H 479 18.21 75.89 38.07
CA THR H 479 19.08 76.83 37.36
C THR H 479 20.41 76.98 38.07
N LYS H 480 20.37 77.17 39.40
CA LYS H 480 21.60 77.31 40.17
C LYS H 480 22.52 76.13 39.90
N LEU H 481 21.98 74.91 40.01
CA LEU H 481 22.72 73.70 39.68
C LEU H 481 23.49 73.88 38.37
N SER H 482 22.75 74.20 37.30
CA SER H 482 23.36 74.37 35.99
C SER H 482 24.56 75.28 36.07
N GLN H 483 24.37 76.48 36.63
CA GLN H 483 25.48 77.42 36.77
C GLN H 483 26.68 76.74 37.41
N ALA H 484 26.46 76.16 38.60
CA ALA H 484 27.54 75.46 39.29
C ALA H 484 28.20 74.46 38.36
N GLN H 485 27.39 73.62 37.71
CA GLN H 485 27.91 72.61 36.79
C GLN H 485 28.93 73.23 35.85
N ARG H 486 28.54 74.31 35.15
CA ARG H 486 29.43 74.97 34.20
C ARG H 486 30.80 75.20 34.84
N SER H 487 30.81 75.95 35.95
CA SER H 487 32.07 76.26 36.62
C SER H 487 32.88 74.99 36.86
N THR H 488 32.26 74.00 37.49
CA THR H 488 32.97 72.77 37.81
C THR H 488 33.60 72.18 36.56
N LEU H 489 32.81 72.07 35.48
CA LEU H 489 33.30 71.47 34.26
C LEU H 489 34.62 72.11 33.84
N GLU H 490 34.66 73.45 33.86
CA GLU H 490 35.87 74.16 33.49
C GLU H 490 37.08 73.60 34.23
N HIS H 491 37.02 73.64 35.57
CA HIS H 491 38.14 73.13 36.36
C HIS H 491 38.49 71.71 35.94
N SER H 492 37.48 70.85 35.82
CA SER H 492 37.72 69.46 35.48
C SER H 492 38.57 69.36 34.23
N ASN H 493 38.17 70.10 33.18
CA ASN H 493 38.90 70.04 31.92
C ASN H 493 40.37 70.33 32.13
N GLU H 494 40.66 71.42 32.85
CA GLU H 494 42.06 71.79 33.07
C GLU H 494 42.82 70.65 33.73
N ARG H 495 42.21 70.01 34.75
CA ARG H 495 42.86 68.91 35.42
C ARG H 495 43.30 67.85 34.41
N LEU H 496 42.39 67.47 33.51
CA LEU H 496 42.70 66.45 32.52
C LEU H 496 43.96 66.81 31.75
N LYS H 497 44.08 68.08 31.35
CA LYS H 497 45.29 68.51 30.64
C LYS H 497 46.53 68.20 31.47
N GLN H 498 46.54 68.65 32.73
CA GLN H 498 47.70 68.43 33.59
C GLN H 498 47.96 66.95 33.86
N THR H 499 47.02 66.08 33.50
CA THR H 499 47.27 64.64 33.60
C THR H 499 47.86 64.08 32.31
N ASN H 500 47.39 64.56 31.16
CA ASN H 500 47.78 63.97 29.89
C ASN H 500 49.30 64.03 29.69
N GLU H 501 49.95 65.04 30.25
CA GLU H 501 51.40 65.12 30.19
C GLU H 501 52.05 64.00 30.99
N MET H 502 51.63 63.85 32.26
CA MET H 502 52.29 62.89 33.15
C MET H 502 52.18 61.47 32.61
N LEU H 503 51.02 61.11 32.08
CA LEU H 503 50.81 59.78 31.53
C LEU H 503 51.39 59.61 30.13
N ARG H 504 52.20 60.55 29.66
CA ARG H 504 52.94 60.37 28.41
C ARG H 504 54.44 60.45 28.59
N GLY H 505 54.93 61.39 29.39
CA GLY H 505 56.34 61.45 29.70
C GLY H 505 56.69 60.54 30.87
N MET H 506 56.13 59.34 30.85
CA MET H 506 56.26 58.41 31.97
C MET H 506 57.73 58.09 32.26
N LYS H 507 58.46 57.58 31.27
CA LYS H 507 59.86 57.28 31.48
C LYS H 507 60.65 58.53 31.79
N LEU H 508 60.40 59.62 31.05
CA LEU H 508 61.04 60.89 31.38
C LEU H 508 60.76 61.29 32.82
N LEU H 509 59.49 61.20 33.23
CA LEU H 509 59.10 61.61 34.57
C LEU H 509 59.85 60.81 35.63
N LYS H 510 59.80 59.48 35.52
CA LYS H 510 60.40 58.63 36.54
C LYS H 510 61.91 58.51 36.42
N LEU H 511 62.51 59.00 35.34
CA LEU H 511 63.96 58.88 35.19
C LEU H 511 64.71 59.80 36.15
N TYR H 512 64.06 60.83 36.68
CA TYR H 512 64.66 61.69 37.69
C TYR H 512 63.76 61.92 38.89
N ALA H 513 62.61 61.22 38.95
CA ALA H 513 61.70 61.27 40.09
C ALA H 513 61.21 62.69 40.39
N TRP H 514 60.88 63.43 39.34
CA TRP H 514 60.17 64.69 39.50
C TRP H 514 58.66 64.47 39.59
N GLU H 515 58.22 63.22 39.78
CA GLU H 515 56.80 62.91 39.71
C GLU H 515 56.03 63.51 40.87
N SER H 516 56.57 63.46 42.09
CA SER H 516 55.89 64.06 43.22
C SER H 516 55.69 65.55 43.04
N ILE H 517 56.64 66.21 42.36
CA ILE H 517 56.54 67.65 42.13
C ILE H 517 55.32 67.97 41.27
N PHE H 518 55.05 67.13 40.26
CA PHE H 518 53.85 67.33 39.44
C PHE H 518 52.59 66.87 40.14
N CYS H 519 52.69 65.84 40.99
CA CYS H 519 51.52 65.39 41.74
C CYS H 519 51.04 66.46 42.71
N SER H 520 51.96 67.25 43.26
CA SER H 520 51.55 68.38 44.09
C SER H 520 50.68 69.35 43.31
N ARG H 521 51.08 69.66 42.08
CA ARG H 521 50.28 70.55 41.23
C ARG H 521 48.93 69.94 40.88
N VAL H 522 48.91 68.63 40.59
CA VAL H 522 47.66 67.95 40.28
C VAL H 522 46.71 68.01 41.47
N GLU H 523 47.25 67.83 42.69
CA GLU H 523 46.41 67.94 43.88
C GLU H 523 45.94 69.37 44.10
N VAL H 524 46.78 70.35 43.80
CA VAL H 524 46.36 71.75 43.85
C VAL H 524 45.13 71.96 42.98
N THR H 525 45.07 71.41 41.76
CA THR H 525 43.86 71.60 40.95
C THR H 525 42.60 70.95 41.57
N ARG H 526 42.84 69.77 42.15
CA ARG H 526 41.78 68.97 42.74
C ARG H 526 41.04 69.69 43.85
N ARG H 527 41.74 70.45 44.67
CA ARG H 527 41.09 71.17 45.75
C ARG H 527 40.08 72.19 45.21
N LYS H 528 40.43 72.89 44.13
CA LYS H 528 39.53 73.86 43.50
C LYS H 528 38.28 73.12 42.99
N GLU H 529 38.53 71.96 42.38
CA GLU H 529 37.42 71.17 41.88
C GLU H 529 36.49 70.76 43.04
N MET H 530 37.08 70.37 44.17
CA MET H 530 36.33 69.97 45.35
C MET H 530 35.50 71.13 45.89
N THR H 531 36.08 72.32 45.85
CA THR H 531 35.41 73.52 46.33
C THR H 531 34.15 73.77 45.51
N SER H 532 34.20 73.58 44.20
CA SER H 532 32.97 73.84 43.41
C SER H 532 31.77 72.91 43.77
N LEU H 533 32.12 71.65 43.96
CA LEU H 533 31.31 70.47 44.26
C LEU H 533 30.53 70.64 45.56
N ARG H 534 31.09 71.38 46.52
CA ARG H 534 30.38 71.63 47.76
C ARG H 534 29.08 72.39 47.50
N ALA H 535 29.15 73.49 46.74
CA ALA H 535 27.95 74.26 46.44
C ALA H 535 26.96 73.45 45.62
N PHE H 536 27.46 72.70 44.63
CA PHE H 536 26.60 71.85 43.81
C PHE H 536 25.83 70.86 44.67
N ALA H 537 26.54 70.19 45.59
CA ALA H 537 25.88 69.21 46.44
C ALA H 537 24.97 69.87 47.47
N VAL H 538 25.27 71.11 47.86
CA VAL H 538 24.35 71.85 48.72
C VAL H 538 23.04 72.10 48.00
N TYR H 539 23.11 72.47 46.72
CA TYR H 539 21.87 72.65 45.97
C TYR H 539 21.12 71.33 45.78
N THR H 540 21.86 70.25 45.53
CA THR H 540 21.23 68.93 45.44
C THR H 540 20.52 68.57 46.74
N SER H 541 21.17 68.88 47.87
CA SER H 541 20.58 68.62 49.18
C SER H 541 19.32 69.45 49.38
N ILE H 542 19.34 70.71 48.96
CA ILE H 542 18.14 71.56 49.08
C ILE H 542 17.00 70.98 48.25
N SER H 543 17.31 70.49 47.05
CA SER H 543 16.29 69.88 46.21
C SER H 543 15.68 68.65 46.88
N ILE H 544 16.52 67.72 47.32
CA ILE H 544 16.02 66.51 47.97
C ILE H 544 15.24 66.86 49.22
N PHE H 545 15.68 67.91 49.93
CA PHE H 545 15.00 68.32 51.16
C PHE H 545 13.60 68.84 50.88
N MET H 546 13.47 69.76 49.92
CA MET H 546 12.15 70.27 49.56
C MET H 546 11.25 69.14 49.07
N ASN H 547 11.82 68.18 48.35
CA ASN H 547 11.03 67.08 47.78
C ASN H 547 10.13 66.41 48.80
N THR H 548 10.66 66.09 49.97
CA THR H 548 9.87 65.46 51.02
C THR H 548 9.43 66.43 52.12
N ALA H 549 9.89 67.69 52.08
CA ALA H 549 9.44 68.66 53.05
C ALA H 549 8.08 69.25 52.68
N ILE H 550 7.86 69.53 51.40
CA ILE H 550 6.58 70.13 50.99
C ILE H 550 5.41 69.19 51.24
N PRO H 551 5.51 67.87 51.01
CA PRO H 551 4.40 66.99 51.41
C PRO H 551 4.05 67.08 52.88
N ILE H 552 5.06 67.17 53.76
CA ILE H 552 4.78 67.28 55.18
C ILE H 552 4.19 68.66 55.50
N ALA H 553 4.75 69.71 54.91
CA ALA H 553 4.30 71.08 55.23
C ALA H 553 2.88 71.31 54.76
N ALA H 554 2.49 70.75 53.62
CA ALA H 554 1.13 70.88 53.14
C ALA H 554 0.14 70.36 54.17
N VAL H 555 0.33 69.12 54.63
CA VAL H 555 -0.59 68.52 55.59
C VAL H 555 -0.54 69.29 56.90
N LEU H 556 0.66 69.69 57.35
CA LEU H 556 0.78 70.46 58.58
C LEU H 556 -0.07 71.73 58.53
N ILE H 557 0.29 72.67 57.65
CA ILE H 557 -0.38 73.96 57.56
C ILE H 557 -1.81 73.85 57.04
N THR H 558 -2.21 72.69 56.52
CA THR H 558 -3.60 72.53 56.10
C THR H 558 -4.48 72.00 57.23
N PHE H 559 -4.08 70.89 57.85
CA PHE H 559 -4.90 70.32 58.92
C PHE H 559 -4.90 71.21 60.16
N VAL H 560 -3.74 71.76 60.53
CA VAL H 560 -3.75 72.67 61.67
C VAL H 560 -4.54 73.93 61.35
N GLY H 561 -4.46 74.39 60.10
CA GLY H 561 -5.20 75.56 59.65
C GLY H 561 -6.64 75.32 59.26
N HIS H 562 -7.12 74.08 59.31
CA HIS H 562 -8.50 73.78 58.97
C HIS H 562 -9.37 73.63 60.22
N VAL H 563 -9.01 72.71 61.11
CA VAL H 563 -9.84 72.41 62.27
C VAL H 563 -9.64 73.46 63.35
N SER H 564 -8.41 73.61 63.85
CA SER H 564 -8.13 74.49 64.97
C SER H 564 -8.01 75.96 64.56
N PHE H 565 -8.32 76.30 63.31
CA PHE H 565 -8.27 77.68 62.87
C PHE H 565 -9.60 78.23 62.40
N PHE H 566 -10.27 77.55 61.47
CA PHE H 566 -11.32 78.21 60.69
C PHE H 566 -12.73 77.92 61.20
N LEU H 571 -13.41 66.49 61.21
CA LEU H 571 -12.67 65.99 60.06
C LEU H 571 -12.73 64.46 60.08
N SER H 572 -13.67 63.91 59.31
CA SER H 572 -13.78 62.46 59.19
C SER H 572 -12.50 61.89 58.60
N PRO H 573 -12.17 60.64 58.91
CA PRO H 573 -10.94 60.03 58.35
C PRO H 573 -10.87 60.11 56.84
N SER H 574 -12.03 60.03 56.18
CA SER H 574 -12.08 60.07 54.72
C SER H 574 -11.47 61.36 54.19
N VAL H 575 -11.85 62.51 54.79
CA VAL H 575 -11.35 63.79 54.30
C VAL H 575 -9.83 63.85 54.38
N ALA H 576 -9.28 63.54 55.55
CA ALA H 576 -7.84 63.63 55.76
C ALA H 576 -7.09 62.68 54.83
N PHE H 577 -7.56 61.44 54.72
CA PHE H 577 -6.82 60.48 53.91
C PHE H 577 -6.95 60.76 52.42
N ALA H 578 -8.11 61.25 51.98
CA ALA H 578 -8.23 61.67 50.58
C ALA H 578 -7.30 62.84 50.29
N SER H 579 -7.19 63.79 51.23
CA SER H 579 -6.25 64.89 51.06
C SER H 579 -4.82 64.39 50.97
N LEU H 580 -4.47 63.40 51.79
CA LEU H 580 -3.14 62.80 51.73
C LEU H 580 -2.87 62.19 50.36
N SER H 581 -3.79 61.36 49.89
CA SER H 581 -3.64 60.74 48.57
C SER H 581 -3.47 61.81 47.49
N LEU H 582 -4.36 62.81 47.47
CA LEU H 582 -4.26 63.85 46.47
C LEU H 582 -2.95 64.62 46.58
N PHE H 583 -2.45 64.83 47.80
CA PHE H 583 -1.17 65.50 47.97
C PHE H 583 -0.05 64.74 47.28
N HIS H 584 -0.03 63.40 47.43
CA HIS H 584 1.03 62.66 46.74
C HIS H 584 0.81 62.66 45.23
N ILE H 585 -0.44 62.46 44.80
CA ILE H 585 -0.77 62.41 43.38
C ILE H 585 -0.52 63.74 42.70
N LEU H 586 -0.43 64.83 43.46
CA LEU H 586 -0.09 66.14 42.92
C LEU H 586 1.39 66.48 43.06
N VAL H 587 2.06 65.92 44.08
CA VAL H 587 3.49 66.14 44.23
C VAL H 587 4.25 65.45 43.11
N THR H 588 3.82 64.26 42.71
CA THR H 588 4.53 63.55 41.65
C THR H 588 4.62 64.35 40.35
N PRO H 589 3.54 64.95 39.82
CA PRO H 589 3.68 65.70 38.56
C PRO H 589 4.41 67.03 38.71
N LEU H 590 4.39 67.64 39.90
CA LEU H 590 4.91 69.00 40.05
C LEU H 590 6.38 69.11 39.68
N PHE H 591 7.20 68.14 40.10
CA PHE H 591 8.62 68.18 39.77
C PHE H 591 8.86 68.20 38.28
N LEU H 592 8.01 67.52 37.51
CA LEU H 592 8.27 67.36 36.09
C LEU H 592 8.06 68.65 35.31
N LEU H 593 7.24 69.57 35.82
CA LEU H 593 6.99 70.82 35.11
C LEU H 593 8.25 71.65 34.96
N SER H 594 9.09 71.67 36.00
CA SER H 594 10.33 72.45 35.95
C SER H 594 11.26 71.93 34.85
N SER H 595 11.54 70.63 34.88
CA SER H 595 12.36 70.01 33.83
C SER H 595 11.71 70.19 32.47
N VAL H 596 10.38 70.16 32.39
CA VAL H 596 9.71 70.37 31.11
C VAL H 596 9.97 71.78 30.58
N VAL H 597 9.87 72.79 31.45
CA VAL H 597 10.12 74.15 31.01
C VAL H 597 11.57 74.31 30.54
N ARG H 598 12.51 73.77 31.32
CA ARG H 598 13.91 73.87 30.91
C ARG H 598 14.13 73.18 29.57
N SER H 599 13.58 71.97 29.42
CA SER H 599 13.74 71.22 28.19
C SER H 599 13.12 71.96 27.01
N THR H 600 11.98 72.61 27.22
CA THR H 600 11.30 73.30 26.13
C THR H 600 12.09 74.51 25.65
N VAL H 601 12.59 75.32 26.58
CA VAL H 601 13.37 76.49 26.15
C VAL H 601 14.67 76.05 25.48
N LYS H 602 15.31 75.01 26.02
CA LYS H 602 16.54 74.52 25.40
C LYS H 602 16.27 73.96 24.01
N ALA H 603 15.13 73.28 23.83
CA ALA H 603 14.79 72.75 22.52
C ALA H 603 14.48 73.86 21.52
N LEU H 604 13.82 74.92 21.98
CA LEU H 604 13.57 76.07 21.12
C LEU H 604 14.88 76.66 20.63
N VAL H 605 15.85 76.84 21.54
CA VAL H 605 17.15 77.37 21.13
C VAL H 605 17.84 76.41 20.16
N SER H 606 17.75 75.11 20.42
CA SER H 606 18.43 74.14 19.55
C SER H 606 17.79 74.08 18.16
N VAL H 607 16.48 74.28 18.06
CA VAL H 607 15.85 74.27 16.74
C VAL H 607 16.16 75.57 16.01
N GLN H 608 16.28 76.71 16.72
CA GLN H 608 16.79 77.91 16.06
C GLN H 608 18.18 77.66 15.50
N LYS H 609 19.03 76.99 16.26
CA LYS H 609 20.37 76.66 15.79
C LYS H 609 20.32 75.74 14.57
N LEU H 610 19.48 74.70 14.63
CA LEU H 610 19.35 73.78 13.50
C LEU H 610 18.87 74.49 12.25
N SER H 611 17.97 75.46 12.41
CA SER H 611 17.48 76.22 11.26
C SER H 611 18.58 77.11 10.69
N GLU H 612 19.34 77.77 11.57
CA GLU H 612 20.45 78.60 11.10
C GLU H 612 21.47 77.77 10.34
N PHE H 613 21.73 76.54 10.80
CA PHE H 613 22.68 75.68 10.10
C PHE H 613 22.10 75.15 8.80
N LEU H 614 20.96 74.46 8.88
CA LEU H 614 20.35 73.80 7.74
C LEU H 614 20.06 74.75 6.58
N SER H 615 20.10 76.05 6.81
CA SER H 615 19.76 77.02 5.77
C SER H 615 20.92 77.96 5.48
N SER H 616 22.12 77.42 5.33
CA SER H 616 23.28 78.25 5.00
C SER H 616 23.73 78.01 3.56
N CYS H 678 38.29 65.13 -22.79
CA CYS H 678 39.15 66.14 -22.17
C CYS H 678 38.37 66.99 -21.17
N VAL H 679 39.09 67.73 -20.33
CA VAL H 679 38.50 68.64 -19.37
C VAL H 679 38.67 70.05 -19.92
N GLN H 680 37.57 70.67 -20.32
CA GLN H 680 37.59 71.98 -20.98
C GLN H 680 37.12 73.05 -20.00
N ILE H 681 37.86 74.16 -19.96
CA ILE H 681 37.48 75.33 -19.17
C ILE H 681 37.68 76.57 -20.02
N ILE H 682 36.64 77.41 -20.10
CA ILE H 682 36.71 78.66 -20.84
C ILE H 682 36.08 79.76 -19.98
N GLY H 683 36.85 80.82 -19.71
CA GLY H 683 36.38 81.96 -18.96
C GLY H 683 36.20 81.72 -17.47
N GLY H 684 37.26 81.34 -16.78
CA GLY H 684 37.15 81.02 -15.36
C GLY H 684 36.86 82.27 -14.54
N PHE H 685 35.85 82.19 -13.67
CA PHE H 685 35.47 83.34 -12.85
C PHE H 685 34.66 82.84 -11.65
N PHE H 686 35.25 82.88 -10.46
CA PHE H 686 34.53 82.56 -9.23
C PHE H 686 35.36 83.03 -8.03
N THR H 687 34.72 82.99 -6.86
CA THR H 687 35.36 83.37 -5.61
C THR H 687 34.70 82.62 -4.47
N TRP H 688 35.25 82.78 -3.27
CA TRP H 688 34.78 82.08 -2.08
C TRP H 688 33.75 82.88 -1.29
N THR H 689 32.72 83.40 -1.96
CA THR H 689 31.64 84.15 -1.31
C THR H 689 30.48 84.32 -2.28
N PRO H 690 29.25 84.48 -1.78
CA PRO H 690 28.15 84.90 -2.66
C PRO H 690 28.37 86.27 -3.27
N ASP H 691 29.22 87.10 -2.68
CA ASP H 691 29.54 88.40 -3.22
C ASP H 691 30.90 88.83 -2.68
N GLY H 692 31.76 89.31 -3.56
CA GLY H 692 33.09 89.74 -3.16
C GLY H 692 34.03 89.77 -4.33
N ILE H 693 35.23 90.27 -4.07
CA ILE H 693 36.25 90.36 -5.12
C ILE H 693 36.65 88.95 -5.55
N PRO H 694 36.80 88.69 -6.85
CA PRO H 694 37.07 87.33 -7.31
C PRO H 694 38.54 86.96 -7.31
N THR H 695 38.80 85.69 -6.99
CA THR H 695 40.14 85.13 -7.07
C THR H 695 40.36 84.29 -8.33
N LEU H 696 39.28 83.80 -8.94
CA LEU H 696 39.35 83.08 -10.21
C LEU H 696 39.02 84.08 -11.32
N SER H 697 39.96 84.25 -12.26
CA SER H 697 39.80 85.28 -13.29
C SER H 697 40.41 84.79 -14.59
N ASN H 698 39.56 84.61 -15.60
CA ASN H 698 39.97 84.39 -16.99
C ASN H 698 40.90 83.18 -17.11
N ILE H 699 40.35 82.01 -16.82
CA ILE H 699 41.07 80.74 -16.92
C ILE H 699 40.46 79.92 -18.04
N THR H 700 41.30 79.48 -18.96
CA THR H 700 40.89 78.63 -20.08
C THR H 700 41.95 77.55 -20.24
N ILE H 701 41.56 76.29 -20.04
CA ILE H 701 42.52 75.20 -19.98
C ILE H 701 41.86 73.94 -20.55
N ARG H 702 42.64 73.20 -21.34
CA ARG H 702 42.22 71.92 -21.90
C ARG H 702 43.09 70.81 -21.33
N ILE H 703 42.45 69.79 -20.78
CA ILE H 703 43.14 68.65 -20.18
C ILE H 703 42.77 67.39 -20.97
N PRO H 704 43.51 67.07 -22.03
CA PRO H 704 43.18 65.88 -22.83
C PRO H 704 43.47 64.60 -22.08
N ARG H 705 42.96 63.51 -22.64
CA ARG H 705 43.12 62.19 -22.05
C ARG H 705 44.56 61.69 -22.17
N GLY H 706 44.99 60.91 -21.18
CA GLY H 706 46.29 60.29 -21.19
C GLY H 706 47.43 61.28 -21.29
N GLN H 707 47.60 62.09 -20.24
CA GLN H 707 48.55 63.20 -20.30
C GLN H 707 48.85 63.67 -18.89
N LEU H 708 50.13 63.74 -18.56
CA LEU H 708 50.56 64.28 -17.27
C LEU H 708 50.57 65.80 -17.33
N THR H 709 49.86 66.44 -16.40
CA THR H 709 49.71 67.89 -16.39
C THR H 709 50.15 68.42 -15.03
N MET H 710 51.30 69.06 -14.98
CA MET H 710 51.75 69.72 -13.76
C MET H 710 51.20 71.13 -13.71
N ILE H 711 51.02 71.62 -12.49
CA ILE H 711 50.67 73.02 -12.23
C ILE H 711 51.72 73.57 -11.29
N VAL H 712 52.41 74.64 -11.71
CA VAL H 712 53.49 75.22 -10.96
C VAL H 712 53.25 76.72 -10.81
N GLY H 713 53.83 77.28 -9.76
CA GLY H 713 53.67 78.69 -9.48
C GLY H 713 54.16 79.02 -8.09
N GLN H 714 53.80 80.22 -7.64
CA GLN H 714 54.17 80.69 -6.31
C GLN H 714 53.13 80.26 -5.29
N VAL H 715 53.33 80.67 -4.04
CA VAL H 715 52.40 80.33 -2.96
C VAL H 715 51.24 81.32 -3.02
N GLY H 716 50.05 80.81 -3.32
CA GLY H 716 48.87 81.65 -3.41
C GLY H 716 48.54 82.08 -4.82
N CYS H 717 48.54 81.13 -5.75
CA CYS H 717 48.26 81.41 -7.16
C CYS H 717 47.07 80.64 -7.69
N GLY H 718 46.20 80.15 -6.80
CA GLY H 718 45.02 79.42 -7.24
C GLY H 718 45.31 78.08 -7.87
N LYS H 719 46.25 77.32 -7.31
CA LYS H 719 46.51 75.97 -7.80
C LYS H 719 45.45 75.00 -7.32
N SER H 720 45.33 74.83 -6.00
CA SER H 720 44.30 73.96 -5.45
C SER H 720 42.91 74.54 -5.67
N SER H 721 42.80 75.87 -5.76
CA SER H 721 41.53 76.49 -6.09
C SER H 721 41.10 76.08 -7.50
N LEU H 722 42.02 76.14 -8.46
CA LEU H 722 41.73 75.63 -9.80
C LEU H 722 41.45 74.15 -9.77
N LEU H 723 42.11 73.41 -8.88
CA LEU H 723 41.84 71.98 -8.75
C LEU H 723 40.38 71.74 -8.35
N LEU H 724 39.92 72.44 -7.31
CA LEU H 724 38.56 72.25 -6.85
C LEU H 724 37.54 72.82 -7.82
N ALA H 725 37.93 73.81 -8.62
CA ALA H 725 37.01 74.36 -9.62
C ALA H 725 36.86 73.40 -10.80
N THR H 726 37.96 72.77 -11.22
CA THR H 726 37.87 71.71 -12.23
C THR H 726 37.00 70.56 -11.75
N LEU H 727 36.91 70.38 -10.43
CA LEU H 727 36.12 69.31 -9.84
C LEU H 727 34.63 69.58 -9.93
N GLY H 728 34.23 70.83 -10.15
CA GLY H 728 32.87 71.24 -9.96
C GLY H 728 32.53 71.63 -8.54
N GLU H 729 33.51 71.57 -7.64
CA GLU H 729 33.26 71.89 -6.23
C GLU H 729 32.83 73.34 -6.06
N MET H 730 33.33 74.24 -6.89
CA MET H 730 33.01 75.67 -6.81
C MET H 730 32.35 76.09 -8.13
N GLN H 731 31.03 76.26 -8.10
CA GLN H 731 30.27 76.65 -9.27
C GLN H 731 30.64 78.07 -9.68
N LYS H 732 31.36 78.21 -10.80
CA LYS H 732 31.88 79.50 -11.21
C LYS H 732 30.76 80.47 -11.59
N VAL H 733 31.05 81.76 -11.43
CA VAL H 733 30.05 82.79 -11.68
C VAL H 733 29.74 82.87 -13.18
N SER H 734 30.74 83.19 -13.99
CA SER H 734 30.56 83.37 -15.43
C SER H 734 31.67 82.61 -16.14
N GLY H 735 31.37 81.39 -16.59
CA GLY H 735 32.34 80.58 -17.30
C GLY H 735 31.75 79.21 -17.60
N ALA H 736 32.45 78.50 -18.48
CA ALA H 736 32.02 77.17 -18.91
C ALA H 736 33.08 76.14 -18.57
N VAL H 737 32.62 74.99 -18.08
CA VAL H 737 33.51 73.90 -17.68
C VAL H 737 32.83 72.56 -17.98
N PHE H 738 33.49 71.72 -18.77
CA PHE H 738 32.98 70.41 -19.14
C PHE H 738 34.06 69.37 -18.94
N TRP H 739 33.62 68.12 -18.78
CA TRP H 739 34.54 66.98 -18.78
C TRP H 739 33.80 65.69 -19.12
N GLY H 768 31.24 63.65 -13.22
CA GLY H 768 31.76 62.29 -13.23
C GLY H 768 32.52 61.94 -11.95
N PRO H 769 32.71 60.62 -11.71
CA PRO H 769 33.42 60.17 -10.50
C PRO H 769 34.92 60.26 -10.70
N VAL H 770 35.55 61.19 -9.97
CA VAL H 770 36.95 61.53 -10.17
C VAL H 770 37.69 61.29 -8.86
N ALA H 771 38.81 60.57 -8.93
CA ALA H 771 39.62 60.31 -7.75
C ALA H 771 40.41 61.55 -7.38
N TYR H 772 40.53 61.81 -6.07
CA TYR H 772 41.12 63.06 -5.63
C TYR H 772 41.70 62.89 -4.23
N ALA H 773 42.97 63.22 -4.07
CA ALA H 773 43.61 63.31 -2.78
C ALA H 773 43.89 64.77 -2.49
N SER H 774 43.36 65.27 -1.37
CA SER H 774 43.45 66.68 -1.03
C SER H 774 44.84 67.01 -0.47
N GLN H 775 45.07 68.30 -0.27
CA GLN H 775 46.35 68.74 0.29
C GLN H 775 46.50 68.27 1.73
N LYS H 776 45.47 68.50 2.56
CA LYS H 776 45.48 68.01 3.93
C LYS H 776 44.95 66.59 3.94
N PRO H 777 45.72 65.60 4.39
CA PRO H 777 45.26 64.21 4.29
C PRO H 777 44.20 63.91 5.33
N TRP H 778 43.25 63.06 4.95
CA TRP H 778 42.18 62.64 5.84
C TRP H 778 42.06 61.14 5.81
N LEU H 779 41.58 60.58 6.93
CA LEU H 779 41.43 59.14 7.11
C LEU H 779 40.05 58.85 7.67
N LEU H 780 39.72 57.56 7.74
CA LEU H 780 38.48 57.10 8.35
C LEU H 780 38.77 56.45 9.69
N ASN H 781 37.71 56.00 10.35
CA ASN H 781 37.81 55.27 11.60
C ASN H 781 37.75 53.77 11.29
N ALA H 782 38.79 53.29 10.62
CA ALA H 782 38.81 51.93 10.11
C ALA H 782 40.26 51.50 9.94
N THR H 783 40.48 50.41 9.19
CA THR H 783 41.79 49.84 9.01
C THR H 783 42.50 50.44 7.80
N VAL H 784 43.76 50.04 7.60
CA VAL H 784 44.54 50.55 6.48
C VAL H 784 44.02 49.99 5.16
N GLU H 785 43.82 48.67 5.11
CA GLU H 785 43.26 48.03 3.92
C GLU H 785 41.93 48.67 3.55
N GLU H 786 41.13 49.03 4.55
CA GLU H 786 39.82 49.62 4.30
C GLU H 786 39.96 51.01 3.70
N ASN H 787 40.80 51.86 4.30
CA ASN H 787 41.00 53.20 3.77
C ASN H 787 41.56 53.17 2.36
N ILE H 788 42.40 52.19 2.05
CA ILE H 788 42.99 52.14 0.72
C ILE H 788 42.01 51.53 -0.29
N THR H 789 41.14 50.62 0.15
CA THR H 789 40.13 50.06 -0.74
C THR H 789 38.97 51.03 -0.94
N PHE H 790 38.48 51.62 0.14
CA PHE H 790 37.44 52.66 0.11
C PHE H 790 36.18 52.15 -0.59
N GLU H 791 35.57 51.16 0.05
CA GLU H 791 34.32 50.55 -0.43
C GLU H 791 34.46 50.02 -1.85
N SER H 792 35.59 49.36 -2.12
CA SER H 792 35.83 48.71 -3.39
C SER H 792 36.12 47.23 -3.18
N PRO H 793 35.67 46.37 -4.07
CA PRO H 793 35.98 44.94 -3.94
C PRO H 793 37.48 44.71 -3.96
N PHE H 794 37.95 43.89 -3.02
CA PHE H 794 39.38 43.72 -2.83
C PHE H 794 39.99 42.98 -4.01
N ASN H 795 41.27 43.27 -4.25
CA ASN H 795 42.05 42.59 -5.28
C ASN H 795 43.36 42.11 -4.68
N LYS H 796 43.88 41.02 -5.24
CA LYS H 796 45.19 40.52 -4.83
C LYS H 796 46.31 41.28 -5.52
N GLN H 797 46.40 41.14 -6.84
CA GLN H 797 47.50 41.76 -7.57
C GLN H 797 47.38 43.27 -7.57
N ARG H 798 46.17 43.80 -7.77
CA ARG H 798 46.00 45.25 -7.83
C ARG H 798 46.37 45.90 -6.51
N TYR H 799 45.82 45.39 -5.40
CA TYR H 799 46.10 45.97 -4.10
C TYR H 799 47.56 45.80 -3.70
N LYS H 800 48.14 44.63 -3.98
CA LYS H 800 49.56 44.46 -3.64
C LYS H 800 50.43 45.38 -4.48
N MET H 801 50.06 45.60 -5.74
CA MET H 801 50.78 46.54 -6.59
C MET H 801 50.72 47.95 -6.02
N VAL H 802 49.53 48.37 -5.59
CA VAL H 802 49.41 49.72 -5.05
C VAL H 802 50.18 49.85 -3.74
N ILE H 803 50.17 48.79 -2.92
CA ILE H 803 50.90 48.82 -1.65
C ILE H 803 52.40 48.96 -1.90
N GLU H 804 52.93 48.14 -2.81
CA GLU H 804 54.37 48.16 -3.07
C GLU H 804 54.80 49.43 -3.80
N ALA H 805 53.95 49.95 -4.68
CA ALA H 805 54.31 51.13 -5.46
C ALA H 805 54.26 52.41 -4.66
N CYS H 806 53.68 52.39 -3.46
CA CYS H 806 53.59 53.57 -2.61
C CYS H 806 54.66 53.59 -1.52
N SER H 807 55.61 52.64 -1.56
CA SER H 807 56.65 52.54 -0.55
C SER H 807 56.05 52.47 0.85
N LEU H 808 54.98 51.68 0.99
CA LEU H 808 54.20 51.66 2.20
C LEU H 808 54.19 50.34 2.94
N GLN H 809 54.53 49.23 2.28
CA GLN H 809 54.47 47.93 2.94
C GLN H 809 55.40 47.80 4.14
N PRO H 810 56.68 48.22 4.07
CA PRO H 810 57.54 48.07 5.26
C PRO H 810 57.02 48.84 6.48
N ASP H 811 56.70 50.12 6.31
CA ASP H 811 56.17 50.89 7.43
C ASP H 811 54.82 50.37 7.89
N ILE H 812 54.04 49.78 6.97
CA ILE H 812 52.79 49.13 7.37
C ILE H 812 53.06 47.95 8.28
N ASP H 813 54.12 47.19 7.98
CA ASP H 813 54.53 46.08 8.83
C ASP H 813 55.22 46.54 10.11
N ILE H 814 55.66 47.80 10.19
CA ILE H 814 56.27 48.31 11.42
C ILE H 814 55.23 48.49 12.52
N LEU H 815 53.97 48.74 12.14
CA LEU H 815 52.91 49.01 13.10
C LEU H 815 52.73 47.84 14.07
N PRO H 816 52.14 48.10 15.25
CA PRO H 816 51.91 47.00 16.21
C PRO H 816 51.08 45.86 15.64
N HIS H 817 50.10 46.17 14.81
CA HIS H 817 49.36 45.17 14.05
C HIS H 817 49.84 45.22 12.60
N GLY H 818 50.35 44.09 12.12
CA GLY H 818 50.94 44.06 10.78
C GLY H 818 50.00 44.61 9.72
N ASP H 819 48.74 44.20 9.76
CA ASP H 819 47.73 44.77 8.89
C ASP H 819 46.41 44.79 9.64
N GLN H 820 45.40 45.40 9.00
CA GLN H 820 44.10 45.59 9.62
C GLN H 820 44.21 46.33 10.95
N THR H 821 45.23 47.18 11.07
CA THR H 821 45.42 47.97 12.28
C THR H 821 44.38 49.08 12.31
N GLN H 822 43.75 49.26 13.47
CA GLN H 822 42.69 50.26 13.63
C GLN H 822 43.32 51.65 13.63
N ILE H 823 43.30 52.30 12.47
CA ILE H 823 43.84 53.66 12.37
C ILE H 823 43.07 54.56 13.30
N GLY H 824 43.78 55.24 14.19
CA GLY H 824 43.16 56.10 15.18
C GLY H 824 42.38 57.25 14.59
N GLU H 825 41.73 58.03 15.44
CA GLU H 825 40.97 59.21 15.00
C GLU H 825 41.95 60.23 14.42
N ARG H 826 41.82 60.47 13.11
CA ARG H 826 42.62 61.41 12.32
C ARG H 826 44.04 60.91 12.09
N GLY H 827 44.41 59.79 12.69
CA GLY H 827 45.75 59.25 12.54
C GLY H 827 46.74 59.74 13.58
N ILE H 828 46.39 59.60 14.86
CA ILE H 828 47.30 60.02 15.93
C ILE H 828 48.47 59.06 16.06
N ASN H 829 48.20 57.76 15.92
CA ASN H 829 49.26 56.75 15.95
C ASN H 829 49.93 56.55 14.58
N LEU H 830 49.83 57.54 13.69
CA LEU H 830 50.55 57.57 12.43
C LEU H 830 51.18 58.94 12.25
N SER H 831 52.16 59.00 11.35
CA SER H 831 52.84 60.25 11.03
C SER H 831 52.22 60.88 9.78
N GLY H 832 52.66 62.11 9.49
CA GLY H 832 52.13 62.82 8.34
C GLY H 832 52.46 62.15 7.03
N GLY H 833 53.70 61.68 6.88
CA GLY H 833 54.08 61.01 5.65
C GLY H 833 53.30 59.73 5.40
N GLN H 834 53.01 58.98 6.47
CA GLN H 834 52.21 57.77 6.33
C GLN H 834 50.79 58.11 5.89
N ARG H 835 50.18 59.14 6.50
CA ARG H 835 48.86 59.57 6.09
C ARG H 835 48.84 60.00 4.62
N GLN H 836 49.88 60.73 4.20
CA GLN H 836 49.95 61.15 2.80
C GLN H 836 50.09 59.96 1.87
N ARG H 837 50.94 59.00 2.22
CA ARG H 837 51.10 57.82 1.37
C ARG H 837 49.81 57.01 1.31
N ILE H 838 49.09 56.92 2.42
CA ILE H 838 47.81 56.21 2.42
C ILE H 838 46.80 56.92 1.54
N SER H 839 46.79 58.26 1.59
CA SER H 839 45.88 59.02 0.74
C SER H 839 46.22 58.82 -0.74
N VAL H 840 47.51 58.86 -1.08
CA VAL H 840 47.92 58.68 -2.46
C VAL H 840 47.59 57.26 -2.93
N ALA H 841 47.74 56.28 -2.03
CA ALA H 841 47.38 54.91 -2.38
C ALA H 841 45.88 54.79 -2.60
N ARG H 842 45.07 55.47 -1.78
CA ARG H 842 43.63 55.48 -2.00
C ARG H 842 43.30 56.08 -3.35
N ALA H 843 43.96 57.19 -3.70
CA ALA H 843 43.69 57.84 -4.97
C ALA H 843 44.10 56.96 -6.15
N LEU H 844 45.23 56.27 -6.03
CA LEU H 844 45.75 55.44 -7.11
C LEU H 844 45.01 54.12 -7.26
N TYR H 845 44.47 53.60 -6.15
CA TYR H 845 43.87 52.27 -6.16
C TYR H 845 42.50 52.27 -6.81
N GLN H 846 41.82 53.41 -6.82
CA GLN H 846 40.46 53.47 -7.35
C GLN H 846 40.47 53.45 -8.88
N GLN H 847 39.50 52.74 -9.44
CA GLN H 847 39.37 52.59 -10.89
C GLN H 847 38.53 53.75 -11.43
N THR H 848 39.17 54.66 -12.15
CA THR H 848 38.48 55.83 -12.70
C THR H 848 39.35 56.44 -13.80
N ASN H 849 38.83 57.50 -14.42
CA ASN H 849 39.56 58.16 -15.49
C ASN H 849 40.53 59.20 -14.94
N VAL H 850 40.05 60.09 -14.09
CA VAL H 850 40.77 61.28 -13.69
C VAL H 850 41.22 61.14 -12.24
N VAL H 851 42.45 61.56 -11.97
CA VAL H 851 43.01 61.57 -10.62
C VAL H 851 43.65 62.93 -10.37
N PHE H 852 43.35 63.52 -9.22
CA PHE H 852 44.01 64.73 -8.75
C PHE H 852 44.77 64.42 -7.47
N LEU H 853 45.97 64.98 -7.35
CA LEU H 853 46.80 64.81 -6.16
C LEU H 853 47.33 66.18 -5.75
N ASP H 854 46.84 66.70 -4.64
CA ASP H 854 47.16 68.06 -4.20
C ASP H 854 48.48 68.03 -3.42
N ASP H 855 49.59 68.13 -4.16
CA ASP H 855 50.95 68.10 -3.62
C ASP H 855 51.17 66.87 -2.74
N PRO H 856 51.26 65.68 -3.32
CA PRO H 856 51.53 64.48 -2.54
C PRO H 856 52.99 64.25 -2.18
N PHE H 857 53.86 65.24 -2.40
CA PHE H 857 55.29 65.10 -2.13
C PHE H 857 55.77 66.14 -1.14
N SER H 858 54.91 66.57 -0.22
CA SER H 858 55.29 67.60 0.75
C SER H 858 55.89 67.01 2.01
N ALA H 859 55.41 65.83 2.44
CA ALA H 859 55.93 65.16 3.62
C ALA H 859 56.63 63.86 3.26
N LEU H 860 57.35 63.85 2.13
CA LEU H 860 58.11 62.70 1.70
C LEU H 860 59.54 63.11 1.43
N ASP H 861 60.45 62.13 1.52
CA ASP H 861 61.86 62.38 1.27
C ASP H 861 62.11 62.48 -0.23
N VAL H 862 63.39 62.54 -0.63
CA VAL H 862 63.71 62.53 -2.05
C VAL H 862 63.58 61.12 -2.61
N HIS H 863 64.04 60.10 -1.86
CA HIS H 863 64.03 58.74 -2.36
C HIS H 863 62.61 58.22 -2.53
N LEU H 864 61.76 58.41 -1.51
CA LEU H 864 60.38 57.94 -1.59
C LEU H 864 59.61 58.69 -2.67
N SER H 865 59.84 59.99 -2.81
CA SER H 865 59.16 60.75 -3.85
C SER H 865 59.57 60.29 -5.24
N ASP H 866 60.88 60.03 -5.43
CA ASP H 866 61.34 59.52 -6.72
C ASP H 866 60.73 58.17 -7.03
N HIS H 867 60.77 57.25 -6.05
CA HIS H 867 60.20 55.93 -6.28
C HIS H 867 58.70 56.00 -6.53
N LEU H 868 58.01 56.94 -5.88
CA LEU H 868 56.57 57.07 -6.09
C LEU H 868 56.25 57.61 -7.47
N MET H 869 56.93 58.68 -7.88
CA MET H 869 56.71 59.24 -9.20
C MET H 869 57.14 58.28 -10.30
N GLN H 870 58.08 57.38 -10.01
CA GLN H 870 58.52 56.43 -11.03
C GLN H 870 57.59 55.23 -11.12
N ALA H 871 57.34 54.55 -9.99
CA ALA H 871 56.58 53.31 -10.02
C ALA H 871 55.08 53.55 -10.06
N GLY H 872 54.58 54.45 -9.21
CA GLY H 872 53.15 54.65 -9.11
C GLY H 872 52.59 55.62 -10.12
N ILE H 873 53.39 56.59 -10.56
CA ILE H 873 52.87 57.65 -11.41
C ILE H 873 53.23 57.38 -12.88
N LEU H 874 54.53 57.30 -13.17
CA LEU H 874 54.96 57.12 -14.56
C LEU H 874 54.84 55.67 -15.03
N GLU H 875 54.70 54.71 -14.12
CA GLU H 875 54.60 53.31 -14.51
C GLU H 875 53.23 52.69 -14.27
N LEU H 876 52.50 53.15 -13.25
CA LEU H 876 51.20 52.58 -12.92
C LEU H 876 50.05 53.45 -13.42
N LEU H 877 50.09 54.76 -13.13
CA LEU H 877 49.09 55.67 -13.68
C LEU H 877 49.21 55.77 -15.19
N ARG H 878 50.43 55.99 -15.69
CA ARG H 878 50.69 56.03 -17.13
C ARG H 878 50.43 54.69 -17.80
N ASP H 879 50.29 53.62 -17.02
CA ASP H 879 50.01 52.30 -17.59
C ASP H 879 48.61 52.25 -18.20
N ASP H 880 47.59 52.48 -17.38
CA ASP H 880 46.20 52.37 -17.80
C ASP H 880 45.72 53.59 -18.59
N LYS H 881 46.61 54.53 -18.90
CA LYS H 881 46.27 55.73 -19.65
C LYS H 881 45.16 56.52 -18.94
N ARG H 882 45.44 56.91 -17.71
CA ARG H 882 44.57 57.79 -16.95
C ARG H 882 44.92 59.25 -17.25
N THR H 883 44.02 60.15 -16.85
CA THR H 883 44.26 61.59 -16.98
C THR H 883 44.76 62.09 -15.62
N VAL H 884 46.06 62.02 -15.43
CA VAL H 884 46.69 62.42 -14.17
C VAL H 884 46.93 63.92 -14.20
N VAL H 885 46.41 64.61 -13.20
CA VAL H 885 46.67 66.04 -13.01
C VAL H 885 47.28 66.17 -11.62
N LEU H 886 48.58 66.39 -11.57
CA LEU H 886 49.29 66.51 -10.31
C LEU H 886 49.86 67.91 -10.20
N VAL H 887 49.73 68.51 -9.02
CA VAL H 887 50.21 69.85 -8.74
C VAL H 887 51.29 69.76 -7.67
N THR H 888 52.46 70.28 -7.97
CA THR H 888 53.60 70.25 -7.06
C THR H 888 54.65 71.23 -7.58
N HIS H 889 55.84 71.19 -6.99
CA HIS H 889 56.93 72.07 -7.42
C HIS H 889 58.25 71.33 -7.18
N LYS H 890 58.76 70.69 -8.22
CA LYS H 890 60.04 69.98 -8.15
C LYS H 890 60.74 70.14 -9.50
N LEU H 891 61.88 69.46 -9.64
CA LEU H 891 62.67 69.49 -10.87
C LEU H 891 62.45 68.25 -11.73
N GLN H 892 62.45 67.07 -11.12
CA GLN H 892 62.35 65.82 -11.86
C GLN H 892 61.04 65.67 -12.61
N TYR H 893 59.99 66.37 -12.18
CA TYR H 893 58.66 66.18 -12.73
C TYR H 893 58.37 67.10 -13.92
N LEU H 894 59.13 68.18 -14.06
CA LEU H 894 58.89 69.11 -15.16
C LEU H 894 59.06 68.46 -16.54
N PRO H 895 60.15 67.75 -16.83
CA PRO H 895 60.28 67.12 -18.16
C PRO H 895 59.47 65.85 -18.32
N HIS H 896 58.76 65.39 -17.28
CA HIS H 896 57.98 64.16 -17.36
C HIS H 896 56.52 64.41 -17.72
N ALA H 897 56.06 65.65 -17.71
CA ALA H 897 54.67 65.97 -18.01
C ALA H 897 54.54 66.44 -19.46
N ASP H 898 53.30 66.71 -19.86
CA ASP H 898 52.99 67.19 -21.20
C ASP H 898 52.61 68.66 -21.24
N TRP H 899 51.74 69.09 -20.33
CA TRP H 899 51.28 70.48 -20.29
C TRP H 899 51.76 71.14 -19.01
N ILE H 900 52.37 72.31 -19.16
CA ILE H 900 52.82 73.11 -18.03
C ILE H 900 51.83 74.26 -17.84
N ILE H 901 51.44 74.50 -16.60
CA ILE H 901 50.46 75.54 -16.27
C ILE H 901 51.09 76.43 -15.21
N ALA H 902 51.33 77.70 -15.57
CA ALA H 902 51.92 78.67 -14.67
C ALA H 902 50.84 79.63 -14.19
N MET H 903 50.73 79.79 -12.87
CA MET H 903 49.72 80.62 -12.25
C MET H 903 50.38 81.77 -11.50
N LYS H 904 49.78 82.95 -11.57
CA LYS H 904 50.26 84.12 -10.85
C LYS H 904 49.09 85.01 -10.50
N ASP H 905 48.88 85.22 -9.20
CA ASP H 905 47.80 86.07 -8.69
C ASP H 905 46.44 85.61 -9.21
N GLY H 906 46.23 84.30 -9.24
CA GLY H 906 44.98 83.74 -9.71
C GLY H 906 44.74 83.86 -11.20
N THR H 907 45.80 84.01 -11.98
CA THR H 907 45.70 84.13 -13.43
C THR H 907 46.75 83.25 -14.09
N ILE H 908 46.37 82.66 -15.23
CA ILE H 908 47.29 81.82 -16.00
C ILE H 908 48.24 82.73 -16.75
N GLN H 909 49.50 82.78 -16.32
CA GLN H 909 50.48 83.65 -16.96
C GLN H 909 50.77 83.19 -18.38
N ARG H 910 51.26 81.96 -18.52
CA ARG H 910 51.47 81.32 -19.81
C ARG H 910 50.85 79.94 -19.78
N GLU H 911 50.75 79.33 -20.96
CA GLU H 911 50.13 78.02 -21.09
C GLU H 911 50.68 77.32 -22.31
N GLY H 912 50.69 76.00 -22.25
CA GLY H 912 51.10 75.16 -23.35
C GLY H 912 51.87 73.96 -22.84
N THR H 913 52.71 73.43 -23.73
CA THR H 913 53.58 72.31 -23.42
C THR H 913 54.95 72.80 -22.94
N LEU H 914 55.91 71.89 -22.86
CA LEU H 914 57.26 72.27 -22.43
C LEU H 914 57.95 73.13 -23.49
N LYS H 915 57.88 72.72 -24.75
CA LYS H 915 58.55 73.46 -25.81
C LYS H 915 57.86 74.80 -26.08
N ASP H 916 56.53 74.82 -26.05
CA ASP H 916 55.81 76.08 -26.20
C ASP H 916 56.02 77.01 -25.02
N PHE H 917 56.43 76.47 -23.86
CA PHE H 917 56.76 77.32 -22.71
C PHE H 917 58.19 77.84 -22.79
N GLN H 918 59.11 77.04 -23.33
CA GLN H 918 60.49 77.48 -23.43
C GLN H 918 60.73 78.35 -24.67
N ARG H 919 59.82 78.33 -25.64
CA ARG H 919 59.91 79.20 -26.80
C ARG H 919 59.11 80.48 -26.64
N SER H 920 58.56 80.74 -25.46
CA SER H 920 57.79 81.95 -25.20
C SER H 920 58.45 82.76 -24.09
N GLU H 921 57.89 83.93 -23.83
CA GLU H 921 58.43 84.83 -22.82
C GLU H 921 58.23 84.27 -21.41
N ILE H 996 27.51 43.58 40.20
CA ILE H 996 28.59 44.16 40.99
C ILE H 996 28.40 43.73 42.45
N PRO H 997 29.47 43.24 43.07
CA PRO H 997 29.34 42.72 44.44
C PRO H 997 29.20 43.82 45.47
N TRP H 998 28.98 43.42 46.72
CA TRP H 998 28.92 44.38 47.81
C TRP H 998 30.29 44.91 48.20
N ARG H 999 31.37 44.42 47.59
CA ARG H 999 32.72 44.83 48.00
C ARG H 999 33.02 46.25 47.51
N ALA H 1000 32.61 46.59 46.30
CA ALA H 1000 32.86 47.94 45.79
C ALA H 1000 32.14 48.98 46.65
N CYS H 1001 30.86 48.75 46.94
CA CYS H 1001 30.12 49.66 47.82
C CYS H 1001 30.69 49.65 49.25
N THR H 1002 31.16 48.48 49.71
CA THR H 1002 31.76 48.40 51.04
C THR H 1002 33.00 49.28 51.14
N LYS H 1003 33.87 49.22 50.14
CA LYS H 1003 35.05 50.08 50.12
C LYS H 1003 34.64 51.55 49.98
N TYR H 1004 33.63 51.82 49.14
CA TYR H 1004 33.19 53.19 48.96
C TYR H 1004 32.70 53.80 50.26
N LEU H 1005 31.94 53.04 51.05
CA LEU H 1005 31.39 53.58 52.29
C LEU H 1005 32.40 53.52 53.42
N SER H 1006 33.36 52.59 53.37
CA SER H 1006 34.42 52.55 54.38
C SER H 1006 35.45 53.64 54.16
N SER H 1007 35.56 54.18 52.94
CA SER H 1007 36.36 55.38 52.76
C SER H 1007 35.76 56.57 53.49
N ALA H 1008 34.43 56.56 53.71
CA ALA H 1008 33.81 57.61 54.50
C ALA H 1008 34.15 57.46 55.97
N GLY H 1009 34.19 56.23 56.47
CA GLY H 1009 34.50 55.96 57.85
C GLY H 1009 33.26 55.59 58.66
N ILE H 1010 33.52 55.09 59.87
CA ILE H 1010 32.42 54.73 60.78
C ILE H 1010 31.72 55.97 61.31
N LEU H 1011 32.31 57.15 61.17
CA LEU H 1011 31.74 58.35 61.75
C LEU H 1011 30.41 58.72 61.10
N LEU H 1012 30.32 58.60 59.78
CA LEU H 1012 29.15 59.07 59.06
C LEU H 1012 28.24 57.96 58.56
N LEU H 1013 28.73 56.72 58.50
CA LEU H 1013 27.90 55.61 58.03
C LEU H 1013 26.65 55.45 58.88
N SER H 1014 26.82 55.28 60.19
CA SER H 1014 25.67 55.13 61.07
C SER H 1014 24.86 56.42 61.15
N LEU H 1015 25.55 57.57 61.16
CA LEU H 1015 24.86 58.85 61.19
C LEU H 1015 23.91 58.99 60.01
N LEU H 1016 24.24 58.38 58.88
CA LEU H 1016 23.34 58.38 57.72
C LEU H 1016 22.24 57.34 57.88
N VAL H 1017 22.62 56.09 58.20
CA VAL H 1017 21.67 54.98 58.14
C VAL H 1017 20.59 55.14 59.20
N PHE H 1018 20.99 55.39 60.45
CA PHE H 1018 19.99 55.52 61.51
C PHE H 1018 19.12 56.74 61.31
N SER H 1019 19.69 57.83 60.79
CA SER H 1019 18.87 59.02 60.52
C SER H 1019 17.83 58.73 59.45
N GLN H 1020 18.19 57.97 58.41
CA GLN H 1020 17.21 57.60 57.39
C GLN H 1020 16.11 56.72 58.00
N LEU H 1021 16.51 55.71 58.78
CA LEU H 1021 15.52 54.86 59.43
C LEU H 1021 14.57 55.68 60.28
N LEU H 1022 15.10 56.64 61.03
CA LEU H 1022 14.26 57.44 61.92
C LEU H 1022 13.34 58.38 61.14
N LYS H 1023 13.83 58.93 60.02
CA LYS H 1023 12.97 59.78 59.20
C LYS H 1023 11.80 58.98 58.64
N HIS H 1024 12.06 57.77 58.15
CA HIS H 1024 10.96 56.97 57.62
C HIS H 1024 10.01 56.52 58.73
N MET H 1025 10.55 56.23 59.92
CA MET H 1025 9.69 55.88 61.04
C MET H 1025 8.79 57.05 61.43
N VAL H 1026 9.31 58.27 61.38
CA VAL H 1026 8.47 59.44 61.67
C VAL H 1026 7.42 59.62 60.57
N LEU H 1027 7.81 59.41 59.32
CA LEU H 1027 6.89 59.60 58.20
C LEU H 1027 5.74 58.58 58.24
N VAL H 1028 5.97 57.39 58.81
CA VAL H 1028 4.85 56.46 58.97
C VAL H 1028 4.08 56.76 60.25
N ALA H 1029 4.77 57.13 61.33
CA ALA H 1029 4.11 57.34 62.61
C ALA H 1029 3.16 58.53 62.58
N ILE H 1030 3.46 59.56 61.77
CA ILE H 1030 2.55 60.69 61.67
C ILE H 1030 1.20 60.24 61.15
N ASP H 1031 1.19 59.40 60.12
CA ASP H 1031 -0.07 58.87 59.60
C ASP H 1031 -0.71 57.88 60.55
N TYR H 1032 0.11 57.08 61.25
CA TYR H 1032 -0.43 56.16 62.24
C TYR H 1032 -1.20 56.91 63.33
N TRP H 1033 -0.66 58.06 63.77
CA TRP H 1033 -1.35 58.86 64.77
C TRP H 1033 -2.54 59.59 64.17
N LEU H 1034 -2.45 59.99 62.89
CA LEU H 1034 -3.60 60.59 62.24
C LEU H 1034 -4.77 59.62 62.17
N ALA H 1035 -4.47 58.33 62.00
CA ALA H 1035 -5.53 57.31 61.99
C ALA H 1035 -6.35 57.36 63.27
N LYS H 1036 -5.70 57.48 64.42
CA LYS H 1036 -6.44 57.62 65.67
C LYS H 1036 -7.04 59.02 65.82
N TRP H 1037 -6.41 60.03 65.20
CA TRP H 1037 -6.97 61.37 65.19
C TRP H 1037 -8.36 61.37 64.59
N THR H 1038 -8.56 60.59 63.52
CA THR H 1038 -9.77 60.70 62.71
C THR H 1038 -11.03 60.51 63.56
N ASP H 1039 -11.22 59.33 64.13
CA ASP H 1039 -12.47 59.01 64.80
C ASP H 1039 -12.67 59.88 66.04
N SER H 1040 -13.86 60.46 66.16
CA SER H 1040 -14.18 61.32 67.29
C SER H 1040 -15.70 61.41 67.50
N ASP H 1060 -10.85 64.87 72.64
CA ASP H 1060 -9.59 65.57 72.78
C ASP H 1060 -8.99 65.89 71.41
N GLN H 1061 -9.76 66.63 70.60
CA GLN H 1061 -9.31 66.94 69.24
C GLN H 1061 -8.13 67.91 69.24
N SER H 1062 -8.10 68.84 70.20
CA SER H 1062 -7.04 69.83 70.25
C SER H 1062 -5.68 69.19 70.56
N VAL H 1063 -5.64 68.31 71.57
CA VAL H 1063 -4.42 67.59 71.90
C VAL H 1063 -3.98 66.74 70.71
N TYR H 1064 -4.93 66.12 70.03
CA TYR H 1064 -4.64 65.35 68.83
C TYR H 1064 -3.93 66.19 67.78
N ALA H 1065 -4.47 67.37 67.49
CA ALA H 1065 -3.87 68.25 66.49
C ALA H 1065 -2.49 68.72 66.92
N MET H 1066 -2.32 68.98 68.22
CA MET H 1066 -1.00 69.40 68.71
C MET H 1066 0.04 68.29 68.52
N VAL H 1067 -0.34 67.04 68.79
CA VAL H 1067 0.57 65.93 68.56
C VAL H 1067 0.90 65.81 67.09
N PHE H 1068 -0.11 66.01 66.23
CA PHE H 1068 0.13 66.01 64.79
C PHE H 1068 1.17 67.07 64.41
N THR H 1069 1.07 68.26 64.99
CA THR H 1069 2.03 69.33 64.71
C THR H 1069 3.44 68.94 65.13
N LEU H 1070 3.56 68.33 66.32
CA LEU H 1070 4.87 67.88 66.80
C LEU H 1070 5.50 66.90 65.83
N LEU H 1071 4.71 65.92 65.38
CA LEU H 1071 5.24 64.94 64.42
C LEU H 1071 5.68 65.62 63.12
N CYS H 1072 4.85 66.56 62.62
CA CYS H 1072 5.18 67.28 61.39
C CYS H 1072 6.51 68.03 61.51
N SER H 1073 6.77 68.63 62.68
CA SER H 1073 8.04 69.33 62.86
C SER H 1073 9.22 68.36 62.90
N LEU H 1074 9.07 67.26 63.65
CA LEU H 1074 10.14 66.26 63.71
C LEU H 1074 10.52 65.77 62.32
N GLY H 1075 9.52 65.55 61.47
CA GLY H 1075 9.79 65.04 60.13
C GLY H 1075 10.72 65.93 59.34
N ILE H 1076 10.42 67.24 59.29
CA ILE H 1076 11.19 68.15 58.45
C ILE H 1076 12.59 68.34 59.01
N VAL H 1077 12.71 68.43 60.35
CA VAL H 1077 14.05 68.58 60.93
C VAL H 1077 14.92 67.39 60.58
N LEU H 1078 14.37 66.18 60.73
CA LEU H 1078 15.14 64.98 60.45
C LEU H 1078 15.51 64.89 58.97
N CYS H 1079 14.61 65.32 58.09
CA CYS H 1079 14.91 65.29 56.65
C CYS H 1079 16.07 66.19 56.31
N LEU H 1080 16.07 67.42 56.85
CA LEU H 1080 17.20 68.31 56.62
C LEU H 1080 18.50 67.70 57.11
N VAL H 1081 18.46 67.08 58.31
CA VAL H 1081 19.67 66.47 58.85
C VAL H 1081 20.20 65.38 57.90
N THR H 1082 19.30 64.51 57.43
CA THR H 1082 19.73 63.42 56.55
C THR H 1082 20.34 63.95 55.25
N SER H 1083 19.73 64.98 54.67
CA SER H 1083 20.24 65.52 53.42
C SER H 1083 21.65 66.10 53.60
N VAL H 1084 21.85 66.88 54.66
CA VAL H 1084 23.18 67.44 54.93
C VAL H 1084 24.19 66.33 55.15
N THR H 1085 23.77 65.25 55.82
CA THR H 1085 24.67 64.12 56.04
C THR H 1085 25.13 63.51 54.73
N VAL H 1086 24.19 63.23 53.83
CA VAL H 1086 24.55 62.64 52.53
C VAL H 1086 25.52 63.54 51.78
N GLU H 1087 25.24 64.85 51.77
CA GLU H 1087 26.12 65.80 51.09
C GLU H 1087 27.55 65.73 51.63
N TRP H 1088 27.69 65.93 52.95
CA TRP H 1088 29.02 65.98 53.55
C TRP H 1088 29.78 64.68 53.32
N THR H 1089 29.10 63.55 53.47
CA THR H 1089 29.75 62.25 53.30
C THR H 1089 30.23 62.06 51.86
N GLY H 1090 29.37 62.38 50.88
CA GLY H 1090 29.77 62.23 49.50
C GLY H 1090 31.00 63.07 49.16
N LEU H 1091 31.03 64.32 49.64
CA LEU H 1091 32.16 65.18 49.34
C LEU H 1091 33.44 64.65 49.96
N LYS H 1092 33.38 64.22 51.23
CA LYS H 1092 34.58 63.66 51.86
C LYS H 1092 35.08 62.42 51.13
N VAL H 1093 34.16 61.55 50.70
CA VAL H 1093 34.56 60.34 50.00
C VAL H 1093 35.24 60.68 48.68
N ALA H 1094 34.68 61.63 47.93
CA ALA H 1094 35.30 62.04 46.68
C ALA H 1094 36.71 62.55 46.92
N LYS H 1095 36.88 63.42 47.92
CA LYS H 1095 38.20 63.93 48.26
C LYS H 1095 39.20 62.81 48.51
N ARG H 1096 38.87 61.92 49.45
CA ARG H 1096 39.82 60.89 49.84
C ARG H 1096 40.12 59.95 48.69
N LEU H 1097 39.10 59.61 47.89
CA LEU H 1097 39.31 58.70 46.77
C LEU H 1097 40.25 59.31 45.73
N HIS H 1098 40.04 60.59 45.41
CA HIS H 1098 40.91 61.24 44.44
C HIS H 1098 42.35 61.30 44.94
N ARG H 1099 42.53 61.68 46.21
CA ARG H 1099 43.89 61.79 46.74
C ARG H 1099 44.58 60.44 46.74
N SER H 1100 43.88 59.38 47.17
CA SER H 1100 44.48 58.05 47.19
C SER H 1100 44.82 57.57 45.79
N LEU H 1101 43.94 57.84 44.81
CA LEU H 1101 44.22 57.44 43.44
C LEU H 1101 45.48 58.12 42.92
N LEU H 1102 45.60 59.44 43.15
CA LEU H 1102 46.78 60.17 42.71
C LEU H 1102 48.05 59.59 43.36
N ASN H 1103 48.01 59.38 44.68
CA ASN H 1103 49.20 58.88 45.38
C ASN H 1103 49.58 57.49 44.87
N ARG H 1104 48.61 56.61 44.65
CA ARG H 1104 48.94 55.26 44.20
C ARG H 1104 49.43 55.27 42.75
N ILE H 1105 48.97 56.20 41.94
CA ILE H 1105 49.49 56.27 40.57
C ILE H 1105 50.90 56.87 40.56
N ILE H 1106 51.25 57.68 41.54
CA ILE H 1106 52.57 58.31 41.55
C ILE H 1106 53.67 57.28 41.72
N LEU H 1107 53.49 56.30 42.60
CA LEU H 1107 54.56 55.38 42.99
C LEU H 1107 54.64 54.15 42.09
N ALA H 1108 54.20 54.25 40.82
CA ALA H 1108 54.23 53.08 39.97
C ALA H 1108 55.56 52.99 39.20
N PRO H 1109 55.97 51.79 38.82
CA PRO H 1109 57.21 51.65 38.03
C PRO H 1109 57.01 52.18 36.61
N MET H 1110 58.14 52.46 35.96
CA MET H 1110 58.10 53.03 34.62
C MET H 1110 57.53 52.03 33.61
N ARG H 1111 57.92 50.77 33.71
CA ARG H 1111 57.44 49.77 32.75
C ARG H 1111 55.94 49.60 32.83
N PHE H 1112 55.34 49.82 34.01
CA PHE H 1112 53.89 49.81 34.11
C PHE H 1112 53.27 50.93 33.28
N PHE H 1113 53.82 52.15 33.40
CA PHE H 1113 53.29 53.27 32.63
C PHE H 1113 53.46 53.04 31.14
N GLU H 1114 54.58 52.44 30.74
CA GLU H 1114 54.81 52.17 29.33
C GLU H 1114 53.90 51.06 28.80
N THR H 1115 53.53 50.10 29.66
CA THR H 1115 52.71 48.97 29.22
C THR H 1115 51.26 49.39 29.00
N THR H 1116 50.69 50.12 29.95
CA THR H 1116 49.27 50.47 29.88
C THR H 1116 49.07 51.65 28.94
N PRO H 1117 48.10 51.59 28.03
CA PRO H 1117 47.81 52.74 27.18
C PRO H 1117 47.43 53.96 28.00
N LEU H 1118 47.58 55.14 27.37
CA LEU H 1118 47.29 56.38 28.08
C LEU H 1118 45.79 56.59 28.26
N GLY H 1119 44.97 56.08 27.33
CA GLY H 1119 43.54 56.31 27.39
C GLY H 1119 42.91 55.81 28.68
N SER H 1120 43.26 54.61 29.10
CA SER H 1120 42.66 54.03 30.29
C SER H 1120 43.10 54.77 31.56
N ILE H 1121 44.40 55.04 31.69
CA ILE H 1121 44.91 55.75 32.87
C ILE H 1121 44.31 57.14 32.95
N LEU H 1122 44.29 57.87 31.84
CA LEU H 1122 43.71 59.22 31.84
C LEU H 1122 42.20 59.26 32.00
N ASN H 1123 41.56 58.28 31.37
CA ASN H 1123 40.11 58.21 31.34
C ASN H 1123 39.50 58.05 32.71
N ARG H 1124 40.10 57.27 33.59
CA ARG H 1124 39.48 57.10 34.91
C ARG H 1124 39.35 58.45 35.60
N PHE H 1125 40.44 59.22 35.63
CA PHE H 1125 40.40 60.55 36.24
C PHE H 1125 39.47 61.49 35.52
N SER H 1126 39.45 61.42 34.20
CA SER H 1126 38.58 62.28 33.42
C SER H 1126 37.10 62.06 33.66
N SER H 1127 36.69 60.81 33.78
CA SER H 1127 35.27 60.53 33.93
C SER H 1127 34.90 59.94 35.27
N ASP H 1128 35.39 58.73 35.53
CA ASP H 1128 35.09 58.09 36.81
C ASP H 1128 34.99 59.10 37.94
N CYS H 1129 35.96 60.02 38.04
CA CYS H 1129 35.92 60.98 39.12
C CYS H 1129 34.74 61.93 38.96
N ASN H 1130 34.61 62.42 37.74
CA ASN H 1130 33.56 63.36 37.41
C ASN H 1130 32.20 62.71 37.56
N THR H 1131 32.10 61.49 37.05
CA THR H 1131 30.83 60.79 37.09
C THR H 1131 30.41 60.57 38.51
N ILE H 1132 31.33 60.13 39.34
CA ILE H 1132 30.98 59.86 40.72
C ILE H 1132 30.54 61.12 41.41
N ASP H 1133 31.31 62.20 41.24
CA ASP H 1133 30.95 63.42 41.95
C ASP H 1133 29.60 63.96 41.50
N GLN H 1134 29.33 63.90 40.21
CA GLN H 1134 28.06 64.38 39.71
C GLN H 1134 26.84 63.55 40.07
N HIS H 1135 26.97 62.22 40.02
CA HIS H 1135 25.78 61.38 40.20
C HIS H 1135 25.69 60.38 41.34
N ILE H 1136 26.80 60.01 41.95
CA ILE H 1136 26.68 58.98 42.99
C ILE H 1136 25.89 59.47 44.20
N PRO H 1137 26.13 60.68 44.76
CA PRO H 1137 25.39 61.05 45.97
C PRO H 1137 23.87 61.15 45.76
N SER H 1138 23.44 61.83 44.70
CA SER H 1138 22.00 61.98 44.45
C SER H 1138 21.33 60.63 44.22
N THR H 1139 21.93 59.79 43.38
CA THR H 1139 21.34 58.48 43.10
C THR H 1139 21.33 57.59 44.33
N LEU H 1140 22.38 57.65 45.16
CA LEU H 1140 22.40 56.88 46.39
C LEU H 1140 21.29 57.33 47.34
N GLU H 1141 21.12 58.65 47.49
CA GLU H 1141 20.05 59.19 48.32
C GLU H 1141 18.69 58.73 47.80
N CYS H 1142 18.48 58.79 46.48
CA CYS H 1142 17.20 58.39 45.93
C CYS H 1142 16.94 56.89 46.14
N LEU H 1143 17.95 56.05 45.93
CA LEU H 1143 17.80 54.62 46.15
C LEU H 1143 17.44 54.34 47.60
N SER H 1144 18.13 54.98 48.55
CA SER H 1144 17.84 54.75 49.96
C SER H 1144 16.42 55.18 50.31
N ARG H 1145 16.02 56.38 49.87
CA ARG H 1145 14.67 56.83 50.15
C ARG H 1145 13.63 55.89 49.55
N SER H 1146 13.86 55.42 48.33
CA SER H 1146 12.90 54.55 47.68
C SER H 1146 12.76 53.22 48.41
N THR H 1147 13.90 52.58 48.73
CA THR H 1147 13.82 51.28 49.37
C THR H 1147 13.19 51.38 50.76
N LEU H 1148 13.52 52.44 51.51
CA LEU H 1148 12.95 52.55 52.85
C LEU H 1148 11.47 52.91 52.79
N LEU H 1149 11.05 53.74 51.82
CA LEU H 1149 9.64 54.02 51.66
C LEU H 1149 8.85 52.77 51.29
N CYS H 1150 9.44 51.92 50.44
CA CYS H 1150 8.75 50.69 50.05
C CYS H 1150 8.61 49.75 51.24
N VAL H 1151 9.69 49.57 52.02
CA VAL H 1151 9.62 48.71 53.20
C VAL H 1151 8.60 49.25 54.19
N SER H 1152 8.58 50.57 54.38
CA SER H 1152 7.63 51.19 55.30
C SER H 1152 6.20 50.96 54.83
N ALA H 1153 5.95 51.10 53.53
CA ALA H 1153 4.59 50.89 53.02
C ALA H 1153 4.14 49.45 53.19
N LEU H 1154 5.05 48.49 52.94
CA LEU H 1154 4.72 47.10 53.16
C LEU H 1154 4.38 46.84 54.62
N THR H 1155 5.18 47.39 55.54
CA THR H 1155 4.92 47.22 56.96
C THR H 1155 3.59 47.84 57.36
N VAL H 1156 3.24 48.98 56.76
CA VAL H 1156 1.97 49.63 57.07
C VAL H 1156 0.80 48.75 56.64
N ILE H 1157 0.81 48.31 55.37
CA ILE H 1157 -0.30 47.50 54.88
C ILE H 1157 -0.33 46.13 55.56
N SER H 1158 0.77 45.72 56.18
CA SER H 1158 0.76 44.50 56.98
C SER H 1158 0.12 44.74 58.35
N TYR H 1159 0.53 45.80 59.04
CA TYR H 1159 0.00 46.10 60.36
C TYR H 1159 -1.49 46.40 60.30
N VAL H 1160 -1.90 47.13 59.26
CA VAL H 1160 -3.30 47.50 59.09
C VAL H 1160 -4.14 46.25 58.94
N THR H 1161 -3.63 45.31 58.15
CA THR H 1161 -4.33 44.06 57.97
C THR H 1161 -3.40 42.95 58.42
N PRO H 1162 -3.82 42.21 59.45
CA PRO H 1162 -3.03 41.10 59.97
C PRO H 1162 -2.92 40.00 58.93
N VAL H 1163 -4.03 39.80 58.22
CA VAL H 1163 -4.14 38.74 57.22
C VAL H 1163 -3.61 39.20 55.86
N PHE H 1164 -3.80 40.49 55.53
CA PHE H 1164 -3.29 41.01 54.27
C PHE H 1164 -1.80 40.78 54.13
N LEU H 1165 -1.06 40.87 55.24
CA LEU H 1165 0.36 40.55 55.23
C LEU H 1165 0.61 39.20 54.58
N VAL H 1166 -0.08 38.16 55.07
CA VAL H 1166 0.17 36.81 54.58
C VAL H 1166 -0.19 36.67 53.11
N ALA H 1167 -1.01 37.58 52.57
CA ALA H 1167 -1.34 37.53 51.16
C ALA H 1167 -0.32 38.26 50.29
N LEU H 1168 0.47 39.18 50.87
CA LEU H 1168 1.37 40.00 50.08
C LEU H 1168 2.74 39.37 49.85
N LEU H 1169 3.14 38.41 50.69
CA LEU H 1169 4.45 37.78 50.53
C LEU H 1169 4.51 36.90 49.27
N PRO H 1170 3.43 36.19 48.88
CA PRO H 1170 3.45 35.53 47.56
C PRO H 1170 3.78 36.48 46.42
N LEU H 1171 2.97 37.54 46.27
CA LEU H 1171 3.15 38.47 45.15
C LEU H 1171 4.56 39.04 45.11
N ALA H 1172 5.09 39.44 46.27
CA ALA H 1172 6.45 40.00 46.31
C ALA H 1172 7.46 39.00 45.78
N VAL H 1173 7.30 37.72 46.11
CA VAL H 1173 8.20 36.70 45.58
C VAL H 1173 8.13 36.66 44.06
N VAL H 1174 6.93 36.88 43.51
CA VAL H 1174 6.78 37.03 42.07
C VAL H 1174 7.76 38.08 41.54
N CYS H 1175 7.81 39.24 42.21
CA CYS H 1175 8.71 40.30 41.78
C CYS H 1175 10.16 39.84 41.69
N TYR H 1176 10.57 38.92 42.56
CA TYR H 1176 11.93 38.40 42.48
C TYR H 1176 12.20 37.83 41.10
N PHE H 1177 11.29 36.97 40.61
CA PHE H 1177 11.46 36.43 39.27
C PHE H 1177 11.44 37.53 38.20
N ILE H 1178 10.67 38.60 38.44
CA ILE H 1178 10.64 39.70 37.50
C ILE H 1178 11.94 40.50 37.56
N GLN H 1179 12.68 40.39 38.67
CA GLN H 1179 13.91 41.17 38.80
C GLN H 1179 15.00 40.59 37.91
N LYS H 1180 15.38 39.34 38.16
CA LYS H 1180 16.48 38.70 37.43
C LYS H 1180 16.35 38.91 35.93
N TYR H 1181 15.28 38.34 35.35
CA TYR H 1181 15.08 38.40 33.90
C TYR H 1181 15.19 39.82 33.38
N PHE H 1182 14.88 40.82 34.19
CA PHE H 1182 15.03 42.20 33.73
C PHE H 1182 16.49 42.58 33.62
N ARG H 1183 17.22 42.50 34.73
CA ARG H 1183 18.57 43.07 34.78
C ARG H 1183 19.46 42.46 33.71
N VAL H 1184 19.51 41.13 33.65
CA VAL H 1184 20.37 40.41 32.70
C VAL H 1184 20.09 40.80 31.26
N ALA H 1185 18.99 41.49 30.99
CA ALA H 1185 18.74 42.10 29.68
C ALA H 1185 18.90 43.61 29.69
N SER H 1186 18.40 44.27 30.75
CA SER H 1186 18.43 45.73 30.79
C SER H 1186 19.85 46.26 30.75
N ARG H 1187 20.76 45.60 31.48
CA ARG H 1187 22.17 45.92 31.33
C ARG H 1187 22.62 45.74 29.89
N ASP H 1188 22.34 44.55 29.32
CA ASP H 1188 22.85 44.21 27.99
C ASP H 1188 22.45 45.26 26.96
N LEU H 1189 21.13 45.40 26.71
CA LEU H 1189 20.65 46.42 25.79
C LEU H 1189 21.35 47.76 26.04
N GLN H 1190 21.47 48.14 27.31
CA GLN H 1190 22.10 49.42 27.66
C GLN H 1190 23.43 49.58 26.93
N GLN H 1191 24.35 48.65 27.16
CA GLN H 1191 25.67 48.76 26.56
C GLN H 1191 25.57 48.79 25.03
N LEU H 1192 24.68 47.98 24.46
CA LEU H 1192 24.50 47.98 23.01
C LEU H 1192 24.20 49.40 22.52
N ASP H 1193 23.30 50.12 23.21
CA ASP H 1193 23.03 51.51 22.86
C ASP H 1193 24.32 52.30 22.75
N ASP H 1194 25.15 52.25 23.80
CA ASP H 1194 26.40 52.98 23.80
C ASP H 1194 27.19 52.66 22.54
N THR H 1195 27.29 51.38 22.19
CA THR H 1195 28.09 51.03 21.02
C THR H 1195 27.51 51.64 19.75
N THR H 1196 26.19 51.59 19.58
CA THR H 1196 25.65 52.15 18.33
C THR H 1196 25.73 53.66 18.30
N GLN H 1197 26.04 54.29 19.44
CA GLN H 1197 26.24 55.73 19.44
C GLN H 1197 27.65 56.12 19.06
N LEU H 1198 28.62 55.21 19.19
CA LEU H 1198 30.01 55.63 19.04
C LEU H 1198 30.44 55.75 17.57
N PRO H 1199 30.31 54.71 16.73
CA PRO H 1199 30.71 54.88 15.32
C PRO H 1199 29.82 55.83 14.55
N LEU H 1200 28.58 56.08 14.97
CA LEU H 1200 27.73 57.01 14.25
C LEU H 1200 28.34 58.41 14.25
N LEU H 1201 28.47 59.01 15.44
CA LEU H 1201 29.05 60.35 15.56
C LEU H 1201 30.39 60.44 14.86
N SER H 1202 31.30 59.51 15.16
CA SER H 1202 32.60 59.50 14.51
C SER H 1202 32.45 59.57 12.99
N HIS H 1203 31.55 58.75 12.44
CA HIS H 1203 31.32 58.76 11.00
C HIS H 1203 31.03 60.17 10.51
N PHE H 1204 30.10 60.86 11.17
CA PHE H 1204 29.80 62.24 10.85
C PHE H 1204 31.07 63.05 10.66
N ALA H 1205 31.96 63.01 11.68
CA ALA H 1205 33.17 63.81 11.62
C ALA H 1205 34.02 63.47 10.40
N GLU H 1206 34.13 62.17 10.08
CA GLU H 1206 34.93 61.77 8.92
C GLU H 1206 34.40 62.39 7.64
N THR H 1207 33.08 62.54 7.53
CA THR H 1207 32.52 63.15 6.33
C THR H 1207 32.86 64.63 6.25
N VAL H 1208 32.96 65.30 7.39
CA VAL H 1208 33.11 66.75 7.39
C VAL H 1208 34.52 67.14 6.91
N GLU H 1209 35.54 66.48 7.44
CA GLU H 1209 36.91 66.85 7.09
C GLU H 1209 37.21 66.54 5.62
N GLY H 1210 37.13 65.27 5.25
CA GLY H 1210 37.38 64.87 3.88
C GLY H 1210 36.20 65.08 2.96
N LEU H 1211 35.53 66.24 3.09
CA LEU H 1211 34.33 66.49 2.33
C LEU H 1211 34.63 66.65 0.85
N THR H 1212 35.72 67.34 0.51
CA THR H 1212 36.07 67.55 -0.89
C THR H 1212 36.38 66.22 -1.58
N THR H 1213 37.12 65.33 -0.91
CA THR H 1213 37.43 64.04 -1.50
C THR H 1213 36.16 63.24 -1.77
N ILE H 1214 35.20 63.30 -0.85
CA ILE H 1214 33.99 62.50 -0.98
C ILE H 1214 33.06 63.07 -2.05
N ARG H 1215 32.97 64.40 -2.13
CA ARG H 1215 32.20 64.98 -3.23
C ARG H 1215 32.90 64.82 -4.57
N ALA H 1216 34.22 64.64 -4.57
CA ALA H 1216 34.95 64.42 -5.81
C ALA H 1216 34.77 63.01 -6.33
N PHE H 1217 34.96 62.01 -5.46
CA PHE H 1217 34.77 60.62 -5.86
C PHE H 1217 33.33 60.31 -6.25
N ARG H 1218 32.39 61.23 -6.01
CA ARG H 1218 30.96 61.00 -6.22
C ARG H 1218 30.46 59.81 -5.41
N TYR H 1219 31.08 59.56 -4.26
CA TYR H 1219 30.71 58.44 -3.39
C TYR H 1219 29.61 58.82 -2.40
N GLU H 1220 28.81 59.84 -2.70
CA GLU H 1220 27.83 60.32 -1.75
C GLU H 1220 26.75 59.28 -1.47
N ALA H 1221 26.37 58.52 -2.49
CA ALA H 1221 25.29 57.54 -2.34
C ALA H 1221 25.66 56.45 -1.35
N ARG H 1222 26.84 55.86 -1.51
CA ARG H 1222 27.25 54.78 -0.61
C ARG H 1222 27.39 55.27 0.82
N PHE H 1223 27.88 56.50 1.01
CA PHE H 1223 28.02 57.02 2.36
C PHE H 1223 26.67 57.30 2.99
N GLN H 1224 25.72 57.82 2.20
CA GLN H 1224 24.37 58.00 2.72
C GLN H 1224 23.75 56.67 3.10
N GLN H 1225 24.01 55.63 2.30
CA GLN H 1225 23.57 54.28 2.66
C GLN H 1225 24.16 53.84 4.00
N LYS H 1226 25.46 54.08 4.19
CA LYS H 1226 26.11 53.72 5.45
C LYS H 1226 25.49 54.46 6.62
N LEU H 1227 25.14 55.74 6.43
CA LEU H 1227 24.58 56.51 7.54
C LEU H 1227 23.16 56.07 7.86
N LEU H 1228 22.37 55.72 6.83
CA LEU H 1228 21.06 55.13 7.11
C LEU H 1228 21.20 53.83 7.88
N GLU H 1229 22.18 53.00 7.50
CA GLU H 1229 22.44 51.77 8.24
C GLU H 1229 22.78 52.06 9.70
N TYR H 1230 23.66 53.03 9.94
CA TYR H 1230 24.08 53.33 11.30
C TYR H 1230 22.93 53.89 12.14
N THR H 1231 22.13 54.79 11.57
CA THR H 1231 21.03 55.35 12.34
C THR H 1231 19.95 54.30 12.60
N ASP H 1232 19.78 53.33 11.70
CA ASP H 1232 18.88 52.23 11.99
C ASP H 1232 19.40 51.36 13.12
N SER H 1233 20.71 51.08 13.12
CA SER H 1233 21.30 50.28 14.19
C SER H 1233 21.23 51.01 15.53
N ASN H 1234 21.26 52.34 15.51
CA ASN H 1234 21.08 53.11 16.74
C ASN H 1234 19.62 53.06 17.21
N ASN H 1235 18.68 53.22 16.28
CA ASN H 1235 17.28 53.31 16.66
C ASN H 1235 16.75 51.97 17.16
N ILE H 1236 17.19 50.85 16.57
CA ILE H 1236 16.70 49.56 17.03
C ILE H 1236 17.09 49.35 18.49
N ALA H 1237 18.30 49.76 18.87
CA ALA H 1237 18.75 49.59 20.26
C ALA H 1237 17.99 50.54 21.19
N SER H 1238 17.97 51.83 20.85
CA SER H 1238 17.27 52.79 21.69
C SER H 1238 15.77 52.54 21.74
N LEU H 1239 15.25 51.67 20.88
CA LEU H 1239 13.84 51.32 20.85
C LEU H 1239 13.55 50.07 21.68
N PHE H 1240 14.39 49.04 21.53
CA PHE H 1240 14.24 47.87 22.38
C PHE H 1240 14.44 48.22 23.84
N LEU H 1241 15.31 49.22 24.13
CA LEU H 1241 15.52 49.60 25.52
C LEU H 1241 14.25 50.20 26.14
N THR H 1242 13.58 51.10 25.39
CA THR H 1242 12.35 51.67 25.91
C THR H 1242 11.24 50.64 25.95
N ALA H 1243 11.22 49.68 25.02
CA ALA H 1243 10.24 48.61 25.08
C ALA H 1243 10.41 47.77 26.34
N ALA H 1244 11.66 47.44 26.69
CA ALA H 1244 11.90 46.65 27.90
C ALA H 1244 11.55 47.41 29.16
N ASN H 1245 11.88 48.71 29.19
CA ASN H 1245 11.48 49.53 30.33
C ASN H 1245 9.97 49.56 30.49
N ARG H 1246 9.24 49.71 29.38
CA ARG H 1246 7.78 49.66 29.43
C ARG H 1246 7.29 48.31 29.94
N TRP H 1247 7.94 47.23 29.51
CA TRP H 1247 7.53 45.89 29.97
C TRP H 1247 7.63 45.80 31.49
N LEU H 1248 8.82 46.07 32.02
CA LEU H 1248 8.99 46.00 33.48
C LEU H 1248 8.02 46.92 34.19
N GLU H 1249 7.84 48.15 33.68
CA GLU H 1249 6.92 49.09 34.29
C GLU H 1249 5.52 48.50 34.40
N VAL H 1250 4.97 48.04 33.26
CA VAL H 1250 3.58 47.61 33.23
C VAL H 1250 3.37 46.41 34.14
N ARG H 1251 4.31 45.46 34.15
CA ARG H 1251 4.09 44.27 34.95
C ARG H 1251 4.20 44.58 36.44
N MET H 1252 5.22 45.35 36.84
CA MET H 1252 5.31 45.76 38.24
C MET H 1252 4.07 46.55 38.66
N GLU H 1253 3.51 47.35 37.74
CA GLU H 1253 2.31 48.12 38.07
C GLU H 1253 1.09 47.22 38.23
N TYR H 1254 0.94 46.22 37.36
CA TYR H 1254 -0.15 45.28 37.50
C TYR H 1254 -0.10 44.59 38.86
N ILE H 1255 1.10 44.23 39.31
CA ILE H 1255 1.20 43.61 40.64
C ILE H 1255 0.91 44.63 41.74
N GLY H 1256 1.37 45.88 41.57
CA GLY H 1256 1.06 46.93 42.53
C GLY H 1256 -0.41 47.26 42.62
N ALA H 1257 -1.18 46.92 41.59
CA ALA H 1257 -2.63 47.07 41.64
C ALA H 1257 -3.30 45.84 42.24
N CYS H 1258 -2.77 44.65 41.95
CA CYS H 1258 -3.25 43.45 42.63
C CYS H 1258 -3.14 43.58 44.14
N VAL H 1259 -2.04 44.17 44.63
CA VAL H 1259 -1.85 44.24 46.08
C VAL H 1259 -2.86 45.19 46.71
N VAL H 1260 -3.18 46.31 46.06
CA VAL H 1260 -4.18 47.21 46.63
C VAL H 1260 -5.57 46.62 46.54
N LEU H 1261 -5.86 45.87 45.46
CA LEU H 1261 -7.14 45.16 45.38
C LEU H 1261 -7.29 44.22 46.56
N ILE H 1262 -6.29 43.36 46.80
CA ILE H 1262 -6.39 42.39 47.88
C ILE H 1262 -6.45 43.10 49.23
N ALA H 1263 -5.68 44.18 49.39
CA ALA H 1263 -5.66 44.91 50.65
C ALA H 1263 -7.04 45.50 50.95
N ALA H 1264 -7.67 46.14 49.96
CA ALA H 1264 -8.99 46.72 50.18
C ALA H 1264 -10.04 45.64 50.42
N ALA H 1265 -9.94 44.52 49.70
CA ALA H 1265 -10.91 43.45 49.87
C ALA H 1265 -10.82 42.84 51.27
N THR H 1266 -9.61 42.74 51.82
CA THR H 1266 -9.47 42.27 53.20
C THR H 1266 -9.88 43.33 54.21
N SER H 1267 -9.63 44.61 53.90
CA SER H 1267 -9.92 45.67 54.86
C SER H 1267 -11.41 45.88 55.02
N ILE H 1268 -12.16 45.80 53.93
CA ILE H 1268 -13.60 46.08 54.00
C ILE H 1268 -14.30 45.06 54.90
N SER H 1269 -13.81 43.82 54.92
CA SER H 1269 -14.47 42.77 55.70
C SER H 1269 -13.87 42.65 57.09
N ASN H 1270 -12.55 42.45 57.16
CA ASN H 1270 -11.92 42.16 58.44
C ASN H 1270 -12.01 43.36 59.39
N SER H 1271 -11.74 44.56 58.88
CA SER H 1271 -11.67 45.74 59.73
C SER H 1271 -13.03 46.39 59.97
N LEU H 1272 -14.10 45.91 59.32
CA LEU H 1272 -15.43 46.44 59.54
C LEU H 1272 -16.37 45.43 60.17
N HIS H 1273 -16.49 44.24 59.58
CA HIS H 1273 -17.43 43.24 60.09
C HIS H 1273 -17.02 42.77 61.48
N ARG H 1274 -15.84 42.17 61.58
CA ARG H 1274 -15.38 41.60 62.85
C ARG H 1274 -14.41 42.46 63.63
N GLU H 1275 -13.46 43.05 62.90
CA GLU H 1275 -12.45 43.91 63.52
C GLU H 1275 -13.09 45.14 64.13
N LEU H 1276 -14.09 45.68 63.43
CA LEU H 1276 -14.86 46.88 63.81
C LEU H 1276 -13.98 48.11 64.03
N SER H 1277 -12.95 48.23 63.19
CA SER H 1277 -12.04 49.34 63.24
C SER H 1277 -12.03 50.01 61.88
N ALA H 1278 -12.24 51.32 61.89
CA ALA H 1278 -12.26 52.11 60.66
C ALA H 1278 -10.97 52.86 60.41
N GLY H 1279 -10.20 53.19 61.45
CA GLY H 1279 -8.95 53.88 61.26
C GLY H 1279 -7.91 53.06 60.52
N LEU H 1280 -8.12 51.76 60.41
CA LEU H 1280 -7.16 50.87 59.75
C LEU H 1280 -7.23 51.03 58.24
N VAL H 1281 -8.42 50.82 57.66
CA VAL H 1281 -8.57 50.74 56.21
C VAL H 1281 -8.02 51.98 55.52
N GLY H 1282 -8.08 53.14 56.18
CA GLY H 1282 -7.55 54.35 55.61
C GLY H 1282 -6.08 54.26 55.27
N LEU H 1283 -5.26 53.93 56.27
CA LEU H 1283 -3.83 53.80 56.06
C LEU H 1283 -3.51 52.76 54.99
N GLY H 1284 -4.14 51.60 55.09
CA GLY H 1284 -3.87 50.53 54.14
C GLY H 1284 -4.19 50.93 52.71
N LEU H 1285 -5.37 51.48 52.49
CA LEU H 1285 -5.75 51.92 51.14
C LEU H 1285 -4.83 53.01 50.64
N THR H 1286 -4.53 54.01 51.49
CA THR H 1286 -3.72 55.13 51.03
C THR H 1286 -2.30 54.70 50.69
N TYR H 1287 -1.75 53.72 51.40
CA TYR H 1287 -0.39 53.28 51.09
C TYR H 1287 -0.37 52.29 49.93
N ALA H 1288 -1.41 51.46 49.78
CA ALA H 1288 -1.46 50.50 48.68
C ALA H 1288 -1.84 51.16 47.36
N LEU H 1289 -2.49 52.33 47.40
CA LEU H 1289 -2.74 53.06 46.17
C LEU H 1289 -1.46 53.60 45.54
N MET H 1290 -0.37 53.70 46.32
CA MET H 1290 0.85 54.33 45.85
C MET H 1290 2.09 53.47 45.96
N VAL H 1291 2.02 52.30 46.59
CA VAL H 1291 3.21 51.44 46.76
C VAL H 1291 3.90 51.16 45.43
N SER H 1292 3.14 51.14 44.32
CA SER H 1292 3.71 50.74 43.04
C SER H 1292 4.74 51.74 42.54
N ASN H 1293 4.47 53.04 42.71
CA ASN H 1293 5.40 54.05 42.24
C ASN H 1293 6.71 54.02 43.04
N TYR H 1294 6.61 53.77 44.35
CA TYR H 1294 7.81 53.59 45.16
C TYR H 1294 8.58 52.36 44.72
N LEU H 1295 7.87 51.28 44.39
CA LEU H 1295 8.53 50.08 43.86
C LEU H 1295 9.31 50.40 42.59
N ASN H 1296 8.70 51.16 41.68
CA ASN H 1296 9.37 51.45 40.41
C ASN H 1296 10.59 52.35 40.61
N TRP H 1297 10.44 53.39 41.44
CA TRP H 1297 11.61 54.19 41.82
C TRP H 1297 12.73 53.29 42.34
N MET H 1298 12.38 52.36 43.24
CA MET H 1298 13.36 51.45 43.81
C MET H 1298 14.11 50.69 42.71
N VAL H 1299 13.38 50.03 41.82
CA VAL H 1299 14.05 49.13 40.88
C VAL H 1299 14.91 49.93 39.88
N ARG H 1300 14.40 51.06 39.40
CA ARG H 1300 15.16 51.83 38.42
C ARG H 1300 16.42 52.42 39.05
N ASN H 1301 16.29 53.02 40.23
CA ASN H 1301 17.46 53.55 40.92
C ASN H 1301 18.45 52.45 41.25
N LEU H 1302 17.96 51.23 41.52
CA LEU H 1302 18.87 50.12 41.78
C LEU H 1302 19.71 49.79 40.54
N ALA H 1303 19.07 49.75 39.37
CA ALA H 1303 19.82 49.50 38.14
C ALA H 1303 20.88 50.57 37.91
N ASP H 1304 20.50 51.85 38.09
CA ASP H 1304 21.46 52.93 37.90
C ASP H 1304 22.61 52.84 38.90
N MET H 1305 22.30 52.57 40.17
CA MET H 1305 23.35 52.45 41.18
C MET H 1305 24.30 51.31 40.85
N GLU H 1306 23.77 50.22 40.29
CA GLU H 1306 24.63 49.10 39.94
C GLU H 1306 25.59 49.47 38.80
N ILE H 1307 25.10 50.15 37.77
CA ILE H 1307 26.01 50.52 36.68
C ILE H 1307 27.05 51.52 37.17
N GLN H 1308 26.67 52.43 38.07
CA GLN H 1308 27.62 53.41 38.57
C GLN H 1308 28.66 52.76 39.50
N LEU H 1309 28.24 51.76 40.29
CA LEU H 1309 29.20 51.05 41.13
C LEU H 1309 30.15 50.21 40.30
N GLY H 1310 29.65 49.63 39.20
CA GLY H 1310 30.55 48.95 38.26
C GLY H 1310 31.54 49.90 37.63
N ALA H 1311 31.12 51.15 37.39
CA ALA H 1311 32.08 52.16 36.94
C ALA H 1311 33.10 52.48 38.01
N VAL H 1312 32.68 52.51 39.28
CA VAL H 1312 33.59 52.83 40.37
C VAL H 1312 34.65 51.74 40.55
N LYS H 1313 34.26 50.48 40.38
CA LYS H 1313 35.17 49.37 40.66
C LYS H 1313 36.51 49.49 39.93
N ARG H 1314 36.52 50.10 38.74
CA ARG H 1314 37.79 50.23 38.02
C ARG H 1314 38.74 51.19 38.71
N ILE H 1315 38.23 52.14 39.50
CA ILE H 1315 39.10 52.99 40.28
C ILE H 1315 39.90 52.17 41.29
N HIS H 1316 39.22 51.24 41.98
CA HIS H 1316 39.94 50.36 42.90
C HIS H 1316 40.87 49.42 42.14
N ALA H 1317 40.45 48.98 40.94
CA ALA H 1317 41.34 48.19 40.11
C ALA H 1317 42.64 48.93 39.81
N LEU H 1318 42.55 50.25 39.60
CA LEU H 1318 43.73 51.08 39.45
C LEU H 1318 44.45 51.34 40.77
N LEU H 1319 43.73 51.24 41.91
CA LEU H 1319 44.34 51.57 43.20
C LEU H 1319 45.41 50.57 43.61
N LYS H 1320 45.31 49.31 43.15
CA LYS H 1320 46.20 48.25 43.60
C LYS H 1320 47.41 48.07 42.67
N THR H 1321 47.88 49.14 42.04
CA THR H 1321 49.04 49.04 41.17
C THR H 1321 50.34 49.27 41.95
N PRO H 1332 69.84 53.18 56.01
CA PRO H 1332 70.46 54.42 55.53
C PRO H 1332 71.89 54.60 56.02
N SER H 1333 72.82 53.83 55.46
CA SER H 1333 74.24 53.96 55.74
C SER H 1333 74.98 54.73 54.66
N LEU H 1334 74.58 54.56 53.40
CA LEU H 1334 75.15 55.30 52.29
C LEU H 1334 74.40 56.59 52.00
N ILE H 1335 73.19 56.73 52.54
CA ILE H 1335 72.45 57.98 52.42
C ILE H 1335 73.16 59.13 53.12
N PRO H 1336 73.58 59.01 54.39
CA PRO H 1336 74.20 60.18 55.05
C PRO H 1336 75.50 60.62 54.43
N LYS H 1337 76.19 59.76 53.70
CA LYS H 1337 77.38 60.14 52.96
C LYS H 1337 76.95 60.68 51.60
N ASN H 1338 77.28 61.94 51.33
CA ASN H 1338 76.85 62.60 50.10
C ASN H 1338 77.26 61.76 48.90
N TRP H 1339 76.43 61.81 47.86
CA TRP H 1339 76.69 60.99 46.69
C TRP H 1339 77.99 61.44 46.03
N PRO H 1340 78.90 60.51 45.72
CA PRO H 1340 80.23 60.91 45.25
C PRO H 1340 80.20 61.42 43.81
N ASP H 1341 81.10 62.35 43.53
CA ASP H 1341 81.28 62.84 42.16
C ASP H 1341 82.07 61.86 41.29
N GLN H 1342 82.78 60.93 41.91
CA GLN H 1342 83.52 59.90 41.16
C GLN H 1342 82.53 59.01 40.43
N GLY H 1343 82.47 59.14 39.11
CA GLY H 1343 81.50 58.41 38.32
C GLY H 1343 81.93 57.01 37.94
N LYS H 1344 82.95 56.48 38.63
CA LYS H 1344 83.40 55.12 38.37
C LYS H 1344 82.30 54.13 38.75
N ILE H 1345 81.86 53.33 37.78
CA ILE H 1345 80.80 52.36 37.99
C ILE H 1345 81.25 51.02 37.41
N GLN H 1346 80.53 49.97 37.75
CA GLN H 1346 80.82 48.64 37.21
C GLN H 1346 79.57 47.79 37.30
N ILE H 1347 79.13 47.26 36.16
CA ILE H 1347 77.98 46.38 36.09
C ILE H 1347 78.48 45.00 35.69
N GLN H 1348 78.45 44.07 36.64
CA GLN H 1348 79.08 42.76 36.49
C GLN H 1348 78.02 41.70 36.23
N ASN H 1349 78.12 41.05 35.07
CA ASN H 1349 77.23 39.96 34.68
C ASN H 1349 75.76 40.38 34.81
N LEU H 1350 75.40 41.40 34.03
CA LEU H 1350 74.06 41.98 34.10
C LEU H 1350 73.15 41.34 33.06
N SER H 1351 71.90 41.14 33.44
CA SER H 1351 70.83 40.73 32.53
C SER H 1351 69.57 41.49 32.91
N VAL H 1352 68.61 41.51 31.99
CA VAL H 1352 67.37 42.24 32.22
C VAL H 1352 66.26 41.62 31.39
N ARG H 1353 65.07 41.57 31.97
CA ARG H 1353 63.87 41.10 31.29
C ARG H 1353 62.77 42.12 31.52
N TYR H 1354 61.84 42.20 30.56
CA TYR H 1354 60.75 43.18 30.69
C TYR H 1354 59.63 42.65 31.57
N ASP H 1355 59.00 41.55 31.17
CA ASP H 1355 57.92 40.93 31.92
C ASP H 1355 58.46 39.73 32.70
N SER H 1356 57.72 39.35 33.73
CA SER H 1356 58.11 38.22 34.56
C SER H 1356 58.14 36.94 33.72
N SER H 1357 59.32 36.33 33.64
CA SER H 1357 59.54 35.08 32.91
C SER H 1357 59.17 35.22 31.43
N LEU H 1358 59.90 36.12 30.75
CA LEU H 1358 59.81 36.25 29.31
C LEU H 1358 61.20 36.19 28.69
N LYS H 1359 61.31 36.49 27.41
CA LYS H 1359 62.60 36.45 26.73
C LYS H 1359 63.53 37.50 27.31
N PRO H 1360 64.78 37.15 27.64
CA PRO H 1360 65.69 38.13 28.22
C PRO H 1360 66.12 39.17 27.19
N VAL H 1361 66.38 40.38 27.68
CA VAL H 1361 66.80 41.49 26.83
C VAL H 1361 68.31 41.55 26.71
N LEU H 1362 69.02 41.42 27.83
CA LEU H 1362 70.47 41.38 27.85
C LEU H 1362 70.94 40.00 28.30
N LYS H 1363 72.22 39.73 28.05
CA LYS H 1363 72.79 38.42 28.33
C LYS H 1363 74.27 38.60 28.66
N HIS H 1364 74.62 38.42 29.93
CA HIS H 1364 76.01 38.49 30.40
C HIS H 1364 76.63 39.84 30.05
N VAL H 1365 76.08 40.89 30.64
CA VAL H 1365 76.56 42.25 30.44
C VAL H 1365 77.57 42.57 31.53
N ASN H 1366 78.84 42.75 31.15
CA ASN H 1366 79.91 43.10 32.07
C ASN H 1366 80.62 44.34 31.52
N ALA H 1367 80.73 45.37 32.35
CA ALA H 1367 81.35 46.62 31.92
C ALA H 1367 81.79 47.41 33.12
N LEU H 1368 82.72 48.34 32.90
CA LEU H 1368 83.18 49.24 33.94
C LEU H 1368 83.49 50.59 33.31
N ILE H 1369 83.31 51.65 34.10
CA ILE H 1369 83.44 53.02 33.62
C ILE H 1369 84.29 53.79 34.62
N SER H 1370 85.34 54.45 34.10
CA SER H 1370 86.30 55.19 34.91
C SER H 1370 85.75 56.56 35.30
N PRO H 1371 86.29 57.17 36.36
CA PRO H 1371 85.78 58.47 36.80
C PRO H 1371 86.05 59.57 35.78
N GLY H 1372 85.07 60.45 35.62
CA GLY H 1372 85.24 61.62 34.76
C GLY H 1372 85.53 61.30 33.32
N GLN H 1373 85.03 60.18 32.81
CA GLN H 1373 85.30 59.75 31.44
C GLN H 1373 83.98 59.61 30.69
N LYS H 1374 83.91 60.26 29.53
CA LYS H 1374 82.70 60.21 28.72
C LYS H 1374 82.55 58.83 28.08
N ILE H 1375 81.34 58.28 28.15
CA ILE H 1375 81.06 56.92 27.70
C ILE H 1375 79.96 56.97 26.65
N GLY H 1376 80.18 56.27 25.53
CA GLY H 1376 79.18 56.15 24.50
C GLY H 1376 78.73 54.71 24.38
N ILE H 1377 77.51 54.52 23.88
CA ILE H 1377 76.95 53.20 23.66
C ILE H 1377 76.24 53.19 22.32
N CYS H 1378 76.44 52.13 21.54
CA CYS H 1378 75.89 52.03 20.20
C CYS H 1378 75.02 50.78 20.11
N GLY H 1379 74.55 50.50 18.90
CA GLY H 1379 73.64 49.39 18.64
C GLY H 1379 72.48 49.81 17.76
N ARG H 1380 71.85 48.86 17.09
CA ARG H 1380 70.74 49.17 16.19
C ARG H 1380 69.46 49.32 17.01
N THR H 1381 68.32 49.39 16.32
CA THR H 1381 67.04 49.49 17.01
C THR H 1381 66.71 48.17 17.71
N GLY H 1382 66.21 48.27 18.93
CA GLY H 1382 65.94 47.09 19.73
C GLY H 1382 67.17 46.37 20.22
N SER H 1383 68.36 46.97 20.08
CA SER H 1383 69.58 46.32 20.56
C SER H 1383 69.61 46.26 22.08
N GLY H 1384 69.04 47.24 22.75
CA GLY H 1384 68.95 47.22 24.19
C GLY H 1384 69.56 48.41 24.89
N LYS H 1385 69.74 49.52 24.17
CA LYS H 1385 70.34 50.70 24.77
C LYS H 1385 69.33 51.46 25.62
N SER H 1386 68.10 51.63 25.12
CA SER H 1386 67.05 52.20 25.95
C SER H 1386 66.78 51.32 27.17
N SER H 1387 66.79 50.00 26.96
CA SER H 1387 66.64 49.08 28.08
C SER H 1387 67.80 49.22 29.06
N PHE H 1388 69.01 49.44 28.55
CA PHE H 1388 70.16 49.61 29.44
C PHE H 1388 70.02 50.89 30.27
N SER H 1389 69.54 51.98 29.64
CA SER H 1389 69.32 53.21 30.39
C SER H 1389 68.24 53.01 31.46
N LEU H 1390 67.13 52.39 31.10
CA LEU H 1390 66.05 52.17 32.05
C LEU H 1390 66.50 51.26 33.19
N ALA H 1391 67.37 50.29 32.91
CA ALA H 1391 67.91 49.44 33.96
C ALA H 1391 68.92 50.19 34.83
N PHE H 1392 69.66 51.12 34.23
CA PHE H 1392 70.54 51.98 35.01
C PHE H 1392 69.72 52.85 35.95
N PHE H 1393 68.49 53.18 35.58
CA PHE H 1393 67.52 53.76 36.50
C PHE H 1393 66.56 52.71 37.07
N ARG H 1394 66.93 51.43 36.99
CA ARG H 1394 66.14 50.29 37.47
C ARG H 1394 64.65 50.46 37.18
N MET H 1395 64.35 50.85 35.94
CA MET H 1395 62.96 50.97 35.52
C MET H 1395 62.36 49.66 35.07
N VAL H 1396 63.18 48.65 34.77
CA VAL H 1396 62.71 47.32 34.40
C VAL H 1396 62.76 46.46 35.65
N ASP H 1397 61.68 45.73 35.90
CA ASP H 1397 61.48 45.02 37.16
C ASP H 1397 61.83 43.53 37.08
N MET H 1398 62.59 43.12 36.06
CA MET H 1398 63.01 41.72 35.93
C MET H 1398 64.48 41.64 35.50
N PHE H 1399 65.33 42.45 36.10
CA PHE H 1399 66.76 42.41 35.83
C PHE H 1399 67.47 41.46 36.78
N GLU H 1400 68.56 40.88 36.31
CA GLU H 1400 69.37 39.95 37.10
C GLU H 1400 70.80 40.41 37.13
N GLY H 1401 71.59 39.84 38.04
CA GLY H 1401 72.95 40.31 38.27
C GLY H 1401 72.93 41.43 39.32
N ARG H 1402 74.06 42.09 39.54
CA ARG H 1402 74.14 43.20 40.49
C ARG H 1402 74.62 44.41 39.69
N ILE H 1403 73.98 45.58 39.80
CA ILE H 1403 74.43 46.77 39.07
C ILE H 1403 74.86 47.84 40.08
N ILE H 1404 76.04 48.45 39.93
CA ILE H 1404 76.49 49.43 40.94
C ILE H 1404 77.04 50.80 40.51
N ILE H 1405 76.93 51.75 41.45
CA ILE H 1405 77.48 53.09 41.30
C ILE H 1405 78.25 53.40 42.58
N ASP H 1406 79.57 53.36 42.49
CA ASP H 1406 80.46 53.61 43.63
C ASP H 1406 80.18 52.61 44.75
N GLY H 1407 80.19 51.33 44.40
CA GLY H 1407 79.93 50.28 45.37
C GLY H 1407 78.53 50.29 45.94
N ILE H 1408 77.59 50.97 45.29
CA ILE H 1408 76.24 51.14 45.81
C ILE H 1408 75.26 50.67 44.74
N ASP H 1409 74.19 50.02 45.16
CA ASP H 1409 73.21 49.45 44.25
C ASP H 1409 71.82 49.72 44.82
N ILE H 1410 70.83 49.01 44.29
CA ILE H 1410 69.43 49.30 44.56
C ILE H 1410 68.84 48.38 45.62
N ALA H 1411 69.69 47.84 46.50
CA ALA H 1411 69.21 46.86 47.49
C ALA H 1411 68.68 47.49 48.77
N LYS H 1412 69.07 48.73 49.09
CA LYS H 1412 68.67 49.34 50.36
C LYS H 1412 68.21 50.79 50.21
N LEU H 1413 67.97 51.27 48.99
CA LEU H 1413 67.59 52.66 48.77
C LEU H 1413 66.18 52.78 48.23
N PRO H 1414 65.38 53.70 48.75
CA PRO H 1414 64.05 53.97 48.16
C PRO H 1414 64.19 54.76 46.87
N LEU H 1415 63.05 54.87 46.18
CA LEU H 1415 63.04 55.49 44.85
C LEU H 1415 63.47 56.95 44.91
N HIS H 1416 63.10 57.66 45.98
CA HIS H 1416 63.39 59.08 46.08
C HIS H 1416 64.88 59.36 46.05
N THR H 1417 65.66 58.58 46.80
CA THR H 1417 67.12 58.71 46.74
C THR H 1417 67.66 58.24 45.40
N LEU H 1418 67.01 57.24 44.79
CA LEU H 1418 67.47 56.74 43.50
C LEU H 1418 67.24 57.73 42.37
N ARG H 1419 66.37 58.72 42.57
CA ARG H 1419 66.14 59.73 41.55
C ARG H 1419 66.83 61.06 41.84
N SER H 1420 67.36 61.24 43.04
CA SER H 1420 68.19 62.39 43.38
C SER H 1420 69.67 62.10 43.22
N ARG H 1421 70.03 61.11 42.40
CA ARG H 1421 71.41 60.70 42.24
C ARG H 1421 71.90 60.71 40.80
N LEU H 1422 71.00 60.61 39.80
CA LEU H 1422 71.39 60.59 38.40
C LEU H 1422 70.51 61.55 37.61
N SER H 1423 71.05 62.02 36.49
CA SER H 1423 70.34 62.86 35.55
C SER H 1423 70.12 62.12 34.23
N ILE H 1424 69.14 62.58 33.47
CA ILE H 1424 68.74 61.89 32.25
C ILE H 1424 67.98 62.88 31.37
N ILE H 1425 68.28 62.83 30.07
CA ILE H 1425 67.55 63.58 29.06
C ILE H 1425 67.01 62.58 28.04
N LEU H 1426 65.70 62.52 27.91
CA LEU H 1426 65.06 61.52 27.07
C LEU H 1426 64.97 61.97 25.62
N GLN H 1427 64.75 61.00 24.74
CA GLN H 1427 64.54 61.29 23.32
C GLN H 1427 63.21 62.00 23.08
N ASP H 1428 62.27 61.89 24.01
CA ASP H 1428 60.94 62.50 23.88
C ASP H 1428 60.85 63.69 24.83
N PRO H 1429 61.15 64.91 24.37
CA PRO H 1429 61.09 66.07 25.26
C PRO H 1429 59.68 66.65 25.33
N VAL H 1430 59.41 67.29 26.46
CA VAL H 1430 58.13 67.95 26.67
C VAL H 1430 58.36 69.17 27.57
N LEU H 1431 57.47 70.15 27.42
CA LEU H 1431 57.47 71.37 28.24
C LEU H 1431 56.06 71.52 28.79
N PHE H 1432 55.85 71.00 30.01
CA PHE H 1432 54.55 71.10 30.64
C PHE H 1432 54.21 72.54 30.97
N SER H 1433 52.90 72.79 31.10
CA SER H 1433 52.41 74.16 31.24
C SER H 1433 52.92 74.81 32.53
N GLY H 1434 52.87 76.13 32.55
CA GLY H 1434 53.35 76.91 33.67
C GLY H 1434 54.30 78.00 33.25
N THR H 1435 55.21 78.38 34.14
CA THR H 1435 56.20 79.40 33.86
C THR H 1435 57.53 78.73 33.55
N ILE H 1436 58.56 79.56 33.36
CA ILE H 1436 59.90 79.01 33.14
C ILE H 1436 60.46 78.46 34.45
N ARG H 1437 60.09 79.06 35.58
CA ARG H 1437 60.52 78.53 36.88
C ARG H 1437 59.91 77.16 37.14
N PHE H 1438 58.72 76.90 36.59
CA PHE H 1438 58.05 75.63 36.78
C PHE H 1438 58.59 74.54 35.87
N ASN H 1439 59.26 74.91 34.78
CA ASN H 1439 59.89 73.94 33.88
C ASN H 1439 61.35 73.70 34.24
N LEU H 1440 62.09 74.74 34.62
CA LEU H 1440 63.48 74.57 35.01
C LEU H 1440 63.60 73.83 36.33
N ASP H 1441 62.95 74.35 37.38
CA ASP H 1441 62.98 73.76 38.71
C ASP H 1441 61.56 73.67 39.23
N PRO H 1442 60.84 72.59 38.91
CA PRO H 1442 59.46 72.45 39.41
C PRO H 1442 59.38 72.35 40.91
N GLU H 1443 60.42 71.79 41.52
CA GLU H 1443 60.55 71.71 42.97
C GLU H 1443 60.63 73.15 43.52
N LYS H 1444 61.31 74.01 42.75
CA LYS H 1444 61.55 75.45 42.99
C LYS H 1444 62.57 75.79 44.08
N LYS H 1445 63.36 74.81 44.48
CA LYS H 1445 64.39 75.02 45.50
C LYS H 1445 65.46 75.99 45.02
N CYS H 1446 65.84 75.88 43.75
CA CYS H 1446 66.88 76.72 43.16
C CYS H 1446 66.54 78.21 43.08
N SER H 1447 67.53 79.05 43.39
CA SER H 1447 67.39 80.51 43.36
C SER H 1447 67.47 81.09 41.94
N ASP H 1448 66.89 82.28 41.78
CA ASP H 1448 66.90 83.02 40.50
C ASP H 1448 68.24 83.18 39.73
N SER H 1449 69.32 83.56 40.39
CA SER H 1449 70.61 83.62 39.72
C SER H 1449 71.06 82.25 39.24
N THR H 1450 70.70 81.19 39.97
CA THR H 1450 71.02 79.84 39.52
C THR H 1450 70.33 79.51 38.21
N LEU H 1451 69.03 79.82 38.11
CA LEU H 1451 68.30 79.57 36.88
C LEU H 1451 68.80 80.46 35.75
N TRP H 1452 69.16 81.71 36.06
CA TRP H 1452 69.71 82.58 35.02
C TRP H 1452 71.04 82.07 34.50
N GLU H 1453 71.90 81.56 35.39
CA GLU H 1453 73.17 80.99 34.95
C GLU H 1453 72.95 79.72 34.16
N ALA H 1454 71.99 78.89 34.57
CA ALA H 1454 71.70 77.67 33.81
C ALA H 1454 71.16 77.99 32.42
N LEU H 1455 70.41 79.08 32.29
CA LEU H 1455 69.92 79.49 30.97
C LEU H 1455 71.04 80.10 30.13
N GLU H 1456 71.95 80.85 30.77
CA GLU H 1456 73.06 81.46 30.04
C GLU H 1456 74.03 80.39 29.54
N ILE H 1457 74.30 79.37 30.36
CA ILE H 1457 75.18 78.29 29.94
C ILE H 1457 74.51 77.46 28.86
N ALA H 1458 73.20 77.25 28.97
CA ALA H 1458 72.45 76.46 27.99
C ALA H 1458 72.09 77.26 26.74
N GLN H 1459 72.68 78.44 26.55
CA GLN H 1459 72.45 79.25 25.35
C GLN H 1459 70.96 79.56 25.18
N LEU H 1460 70.33 79.99 26.27
CA LEU H 1460 68.90 80.26 26.26
C LEU H 1460 68.52 81.55 26.98
N LYS H 1461 69.50 82.30 27.51
CA LYS H 1461 69.19 83.48 28.31
C LYS H 1461 68.62 84.61 27.45
N LEU H 1462 69.09 84.74 26.20
CA LEU H 1462 68.68 85.86 25.36
C LEU H 1462 67.20 85.75 24.99
N VAL H 1463 66.76 84.57 24.57
CA VAL H 1463 65.35 84.39 24.22
C VAL H 1463 64.46 84.38 25.47
N VAL H 1464 65.03 84.09 26.64
CA VAL H 1464 64.25 84.14 27.88
C VAL H 1464 64.03 85.59 28.29
N LYS H 1465 65.04 86.44 28.13
CA LYS H 1465 64.89 87.85 28.44
C LYS H 1465 63.93 88.56 27.51
N ALA H 1466 63.59 87.95 26.36
CA ALA H 1466 62.69 88.55 25.38
C ALA H 1466 61.25 88.11 25.57
N LEU H 1467 60.85 87.78 26.81
CA LEU H 1467 59.50 87.34 27.11
C LEU H 1467 58.93 88.20 28.24
N PRO H 1468 57.61 88.31 28.34
CA PRO H 1468 57.03 89.19 29.36
C PRO H 1468 57.37 88.73 30.76
N GLY H 1469 57.92 89.65 31.55
CA GLY H 1469 58.23 89.37 32.93
C GLY H 1469 59.57 88.72 33.13
N GLY H 1470 59.91 87.74 32.29
CA GLY H 1470 61.14 87.01 32.44
C GLY H 1470 61.01 85.90 33.47
N LEU H 1471 61.41 84.68 33.10
CA LEU H 1471 61.27 83.48 33.91
C LEU H 1471 59.83 83.19 34.33
N ASP H 1472 58.85 83.85 33.69
CA ASP H 1472 57.46 83.70 34.10
C ASP H 1472 56.51 83.58 32.90
N ALA H 1473 57.04 83.30 31.72
CA ALA H 1473 56.19 83.15 30.54
C ALA H 1473 55.25 81.97 30.71
N ILE H 1474 53.96 82.21 30.45
CA ILE H 1474 52.94 81.17 30.59
C ILE H 1474 53.05 80.20 29.42
N ILE H 1475 53.61 79.02 29.68
CA ILE H 1475 53.81 78.01 28.65
C ILE H 1475 52.60 77.07 28.64
N THR H 1476 52.39 76.42 27.49
CA THR H 1476 51.36 75.40 27.34
C THR H 1476 52.00 74.05 27.07
N GLU H 1477 51.24 72.99 27.34
CA GLU H 1477 51.74 71.63 27.15
C GLU H 1477 52.09 71.39 25.69
N GLY H 1478 53.38 71.17 25.41
CA GLY H 1478 53.82 71.09 24.03
C GLY H 1478 53.68 72.45 23.36
N GLY H 1479 52.72 72.56 22.45
CA GLY H 1479 52.42 73.84 21.86
C GLY H 1479 53.46 74.29 20.84
N GLU H 1480 53.44 75.59 20.57
CA GLU H 1480 54.33 76.22 19.60
C GLU H 1480 54.95 77.48 20.18
N ASN H 1481 55.31 77.44 21.46
CA ASN H 1481 55.91 78.59 22.13
C ASN H 1481 57.43 78.60 22.05
N PHE H 1482 58.05 77.46 21.75
CA PHE H 1482 59.51 77.38 21.66
C PHE H 1482 59.87 76.38 20.57
N SER H 1483 61.12 76.49 20.10
CA SER H 1483 61.62 75.60 19.07
C SER H 1483 62.11 74.28 19.65
N GLN H 1484 62.26 73.28 18.80
CA GLN H 1484 62.73 71.98 19.25
C GLN H 1484 64.10 72.08 19.89
N GLY H 1485 65.01 72.84 19.28
CA GLY H 1485 66.29 73.09 19.90
C GLY H 1485 66.16 73.78 21.24
N GLN H 1486 65.21 74.70 21.35
CA GLN H 1486 64.98 75.36 22.64
C GLN H 1486 64.37 74.42 23.66
N ARG H 1487 63.54 73.45 23.21
CA ARG H 1487 63.05 72.43 24.14
C ARG H 1487 64.19 71.57 24.65
N GLN H 1488 65.11 71.19 23.77
CA GLN H 1488 66.28 70.45 24.22
C GLN H 1488 67.18 71.30 25.12
N LEU H 1489 67.21 72.62 24.89
CA LEU H 1489 67.96 73.51 25.77
C LEU H 1489 67.32 73.57 27.15
N PHE H 1490 65.98 73.55 27.20
CA PHE H 1490 65.30 73.47 28.49
C PHE H 1490 65.57 72.14 29.18
N CYS H 1491 65.65 71.05 28.41
CA CYS H 1491 66.01 69.76 28.99
C CYS H 1491 67.42 69.79 29.56
N LEU H 1492 68.36 70.41 28.83
CA LEU H 1492 69.71 70.55 29.34
C LEU H 1492 69.77 71.49 30.54
N ALA H 1493 68.86 72.45 30.63
CA ALA H 1493 68.80 73.30 31.82
C ALA H 1493 68.28 72.52 33.02
N ARG H 1494 67.29 71.64 32.80
CA ARG H 1494 66.90 70.69 33.84
C ARG H 1494 68.09 69.87 34.29
N ALA H 1495 68.88 69.39 33.33
CA ALA H 1495 70.06 68.59 33.65
C ALA H 1495 71.08 69.42 34.43
N PHE H 1496 71.20 70.70 34.09
CA PHE H 1496 72.12 71.58 34.81
C PHE H 1496 71.67 71.77 36.26
N VAL H 1497 70.38 72.05 36.46
CA VAL H 1497 69.90 72.33 37.81
C VAL H 1497 69.74 71.07 38.65
N ARG H 1498 69.70 69.90 38.02
CA ARG H 1498 69.54 68.65 38.76
C ARG H 1498 70.73 68.40 39.68
N LYS H 1499 71.93 68.70 39.18
CA LYS H 1499 73.19 68.52 39.91
C LYS H 1499 73.46 67.10 40.40
N THR H 1500 73.04 66.12 39.60
CA THR H 1500 73.23 64.71 39.91
C THR H 1500 74.70 64.31 39.92
N SER H 1501 75.44 64.92 38.99
CA SER H 1501 76.88 64.76 38.67
C SER H 1501 77.17 63.56 37.77
N ILE H 1502 76.11 62.86 37.39
CA ILE H 1502 76.16 61.72 36.47
C ILE H 1502 75.11 62.08 35.43
N PHE H 1503 75.45 61.98 34.15
CA PHE H 1503 74.46 62.36 33.15
C PHE H 1503 74.21 61.20 32.21
N ILE H 1504 72.95 61.05 31.82
CA ILE H 1504 72.54 60.08 30.81
C ILE H 1504 71.88 60.85 29.67
N MET H 1505 72.37 60.64 28.45
CA MET H 1505 71.89 61.36 27.28
C MET H 1505 71.27 60.34 26.32
N ASP H 1506 69.96 60.16 26.44
CA ASP H 1506 69.23 59.15 25.66
C ASP H 1506 68.71 59.81 24.39
N GLU H 1507 69.55 59.80 23.35
CA GLU H 1507 69.20 60.30 22.02
C GLU H 1507 68.73 61.76 22.06
N ALA H 1508 69.66 62.64 22.42
CA ALA H 1508 69.45 64.08 22.33
C ALA H 1508 69.64 64.61 20.92
N THR H 1509 69.66 63.70 19.94
CA THR H 1509 69.92 64.01 18.55
C THR H 1509 68.72 63.86 17.63
N ALA H 1510 67.84 62.89 17.90
CA ALA H 1510 66.75 62.59 16.98
C ALA H 1510 65.82 63.79 16.82
N SER H 1511 65.37 64.01 15.58
CA SER H 1511 64.41 65.07 15.24
C SER H 1511 64.95 66.45 15.58
N ILE H 1512 66.23 66.68 15.32
CA ILE H 1512 66.87 67.98 15.51
C ILE H 1512 67.75 68.26 14.30
N ASP H 1513 67.68 69.48 13.78
CA ASP H 1513 68.49 69.87 12.64
C ASP H 1513 69.99 69.69 12.96
N MET H 1514 70.74 69.25 11.95
CA MET H 1514 72.16 69.00 12.16
C MET H 1514 72.91 70.29 12.49
N ALA H 1515 72.54 71.39 11.82
CA ALA H 1515 73.19 72.67 12.09
C ALA H 1515 73.00 73.12 13.54
N THR H 1516 71.88 72.71 14.15
CA THR H 1516 71.65 73.00 15.56
C THR H 1516 72.13 71.89 16.48
N GLU H 1517 72.03 70.63 16.04
CA GLU H 1517 72.48 69.52 16.88
C GLU H 1517 73.99 69.54 17.07
N ASN H 1518 74.75 69.95 16.06
CA ASN H 1518 76.20 69.99 16.20
C ASN H 1518 76.62 71.03 17.23
N ILE H 1519 76.05 72.24 17.16
CA ILE H 1519 76.39 73.24 18.16
C ILE H 1519 75.83 72.86 19.52
N LEU H 1520 74.73 72.12 19.56
CA LEU H 1520 74.20 71.62 20.83
C LEU H 1520 75.19 70.65 21.48
N GLN H 1521 75.72 69.71 20.70
CA GLN H 1521 76.71 68.79 21.23
C GLN H 1521 78.00 69.51 21.61
N LYS H 1522 78.37 70.54 20.85
CA LYS H 1522 79.56 71.32 21.20
C LYS H 1522 79.38 72.03 22.52
N VAL H 1523 78.19 72.60 22.77
CA VAL H 1523 77.93 73.26 24.03
C VAL H 1523 77.87 72.25 25.17
N VAL H 1524 77.28 71.07 24.92
CA VAL H 1524 77.19 70.06 25.97
C VAL H 1524 78.55 69.44 26.26
N MET H 1525 79.50 69.53 25.32
CA MET H 1525 80.85 69.06 25.58
C MET H 1525 81.67 70.12 26.32
N THR H 1526 81.60 71.38 25.85
CA THR H 1526 82.32 72.45 26.53
C THR H 1526 81.79 72.71 27.93
N ALA H 1527 80.54 72.35 28.20
CA ALA H 1527 79.98 72.52 29.53
C ALA H 1527 80.21 71.31 30.42
N PHE H 1528 80.24 70.11 29.84
CA PHE H 1528 80.46 68.87 30.60
C PHE H 1528 81.91 68.42 30.38
N ALA H 1529 82.81 68.99 31.18
CA ALA H 1529 84.17 68.48 31.28
C ALA H 1529 84.33 67.45 32.38
N ASP H 1530 83.41 67.44 33.36
CA ASP H 1530 83.39 66.46 34.42
C ASP H 1530 81.99 65.86 34.46
N ARG H 1531 81.71 65.08 35.51
CA ARG H 1531 80.37 64.56 35.80
C ARG H 1531 79.91 63.63 34.67
N THR H 1532 80.52 62.43 34.70
CA THR H 1532 80.57 61.46 33.61
C THR H 1532 79.24 61.35 32.88
N VAL H 1533 79.27 61.44 31.56
CA VAL H 1533 78.05 61.35 30.77
C VAL H 1533 78.10 60.07 29.95
N VAL H 1534 77.00 59.33 29.98
CA VAL H 1534 76.81 58.15 29.15
C VAL H 1534 75.72 58.45 28.14
N THR H 1535 76.06 58.34 26.86
CA THR H 1535 75.17 58.74 25.79
C THR H 1535 74.77 57.55 24.94
N ILE H 1536 73.67 57.73 24.21
CA ILE H 1536 73.18 56.71 23.27
C ILE H 1536 72.51 57.41 22.11
N ALA H 1537 72.91 57.05 20.90
CA ALA H 1537 72.37 57.65 19.68
C ALA H 1537 72.77 56.77 18.50
N HIS H 1538 72.32 57.17 17.30
CA HIS H 1538 72.68 56.50 16.05
C HIS H 1538 73.49 57.40 15.14
N ARG H 1539 74.05 58.49 15.67
CA ARG H 1539 74.91 59.39 14.91
C ARG H 1539 76.34 58.86 14.90
N VAL H 1540 77.07 59.21 13.84
CA VAL H 1540 78.45 58.74 13.70
C VAL H 1540 79.39 59.54 14.61
N HIS H 1541 79.35 60.87 14.51
CA HIS H 1541 80.31 61.71 15.22
C HIS H 1541 80.09 61.64 16.74
N THR H 1542 78.85 61.48 17.18
CA THR H 1542 78.57 61.39 18.61
C THR H 1542 79.24 60.16 19.21
N ILE H 1543 79.09 59.01 18.54
CA ILE H 1543 79.76 57.80 19.01
C ILE H 1543 81.27 57.92 18.84
N LEU H 1544 81.72 58.66 17.82
CA LEU H 1544 83.16 58.82 17.59
C LEU H 1544 83.83 59.64 18.69
N SER H 1545 83.13 60.63 19.24
CA SER H 1545 83.72 61.50 20.25
C SER H 1545 83.80 60.85 21.63
N ALA H 1546 83.14 59.73 21.86
CA ALA H 1546 83.14 59.09 23.17
C ALA H 1546 84.35 58.17 23.31
N ASP H 1547 84.77 57.98 24.56
CA ASP H 1547 85.97 57.18 24.83
C ASP H 1547 85.66 55.68 24.88
N LEU H 1548 84.87 55.25 25.85
CA LEU H 1548 84.54 53.84 26.04
C LEU H 1548 83.20 53.55 25.37
N VAL H 1549 83.18 52.60 24.44
CA VAL H 1549 81.97 52.28 23.69
C VAL H 1549 81.79 50.77 23.65
N MET H 1550 80.55 50.31 23.73
CA MET H 1550 80.23 48.89 23.73
C MET H 1550 79.21 48.62 22.64
N VAL H 1551 79.61 47.82 21.65
CA VAL H 1551 78.72 47.45 20.56
C VAL H 1551 77.70 46.43 21.07
N LEU H 1552 76.43 46.78 20.97
CA LEU H 1552 75.35 45.88 21.39
C LEU H 1552 75.15 44.82 20.31
N LYS H 1553 75.44 43.58 20.66
CA LYS H 1553 75.26 42.47 19.72
C LYS H 1553 73.78 42.07 19.69
N ARG H 1554 73.49 40.90 19.12
CA ARG H 1554 72.09 40.48 18.97
C ARG H 1554 71.40 40.34 20.33
N GLY H 1555 72.08 39.74 21.31
CA GLY H 1555 71.52 39.66 22.65
C GLY H 1555 72.43 40.17 23.75
N ALA H 1556 73.73 40.29 23.46
CA ALA H 1556 74.74 40.68 24.43
C ALA H 1556 75.46 41.93 23.96
N ILE H 1557 76.51 42.32 24.69
CA ILE H 1557 77.32 43.48 24.33
C ILE H 1557 78.78 43.05 24.27
N LEU H 1558 79.56 43.85 23.56
CA LEU H 1558 81.01 43.68 23.49
C LEU H 1558 81.64 45.06 23.69
N GLU H 1559 82.34 45.24 24.81
CA GLU H 1559 82.84 46.55 25.20
C GLU H 1559 84.25 46.77 24.69
N PHE H 1560 84.60 48.05 24.50
CA PHE H 1560 85.91 48.46 24.05
C PHE H 1560 86.28 49.77 24.73
N ASP H 1561 87.51 49.82 25.25
CA ASP H 1561 87.95 50.95 26.07
C ASP H 1561 88.45 52.12 25.23
N LYS H 1562 89.50 51.90 24.44
CA LYS H 1562 90.10 53.01 23.70
C LYS H 1562 89.35 53.22 22.39
N PRO H 1563 88.89 54.44 22.10
CA PRO H 1563 88.05 54.64 20.91
C PRO H 1563 88.82 54.53 19.61
N GLU H 1564 90.02 55.11 19.53
CA GLU H 1564 90.80 55.06 18.29
C GLU H 1564 91.36 53.68 18.00
N THR H 1565 91.34 52.78 18.98
CA THR H 1565 91.88 51.43 18.79
C THR H 1565 90.85 50.47 18.22
N LEU H 1566 89.60 50.52 18.69
CA LEU H 1566 88.57 49.60 18.23
C LEU H 1566 87.96 50.00 16.89
N LEU H 1567 88.19 51.23 16.42
CA LEU H 1567 87.67 51.67 15.13
C LEU H 1567 88.60 51.35 13.97
N SER H 1568 89.74 50.71 14.24
CA SER H 1568 90.62 50.20 13.19
C SER H 1568 91.12 48.79 13.47
N GLN H 1569 90.85 48.22 14.64
CA GLN H 1569 91.27 46.87 14.94
C GLN H 1569 90.42 45.85 14.20
N LYS H 1570 89.10 46.03 14.19
CA LYS H 1570 88.20 45.22 13.39
C LYS H 1570 88.33 45.50 11.90
N ASP H 1571 89.28 46.36 11.52
CA ASP H 1571 89.53 46.75 10.13
C ASP H 1571 88.32 47.47 9.53
N SER H 1572 87.62 48.26 10.35
CA SER H 1572 86.46 49.05 9.93
C SER H 1572 85.41 48.16 9.28
N VAL H 1573 84.90 47.19 10.06
CA VAL H 1573 83.88 46.27 9.61
C VAL H 1573 82.65 46.30 10.50
N PHE H 1574 82.83 46.32 11.82
CA PHE H 1574 81.72 46.22 12.75
C PHE H 1574 81.54 47.42 13.67
N ALA H 1575 82.49 48.36 13.71
CA ALA H 1575 82.41 49.50 14.60
C ALA H 1575 82.57 50.86 13.93
N SER H 1576 83.19 50.94 12.76
CA SER H 1576 83.37 52.21 12.06
C SER H 1576 82.32 52.41 10.98
N PHE H 1577 82.21 51.46 10.04
CA PHE H 1577 81.17 51.56 9.02
C PHE H 1577 79.78 51.43 9.61
N VAL H 1578 79.65 50.71 10.73
CA VAL H 1578 78.37 50.63 11.42
C VAL H 1578 78.03 51.95 12.09
N ARG H 1579 79.02 52.61 12.68
CA ARG H 1579 78.82 53.91 13.30
C ARG H 1579 78.56 54.98 12.25
PG AGS I . -20.35 -2.88 -26.54
S1G AGS I . -21.53 -4.16 -27.76
O2G AGS I . -20.77 -1.31 -26.82
O3G AGS I . -20.66 -3.21 -25.07
PB AGS I . -18.28 -2.50 -28.26
O1B AGS I . -17.92 -3.73 -29.06
O2B AGS I . -19.34 -1.89 -29.15
O3B AGS I . -18.86 -3.03 -26.90
PA AGS I . -16.98 -0.56 -26.96
O1A AGS I . -16.36 0.79 -27.47
O2A AGS I . -18.48 -0.36 -26.54
O3A AGS I . -17.05 -1.62 -28.05
O5' AGS I . -16.13 -1.15 -25.66
C5' AGS I . -15.87 -0.25 -24.60
C4' AGS I . -16.34 -0.94 -23.35
O4' AGS I . -16.67 0.02 -22.35
C3' AGS I . -17.58 -1.75 -23.63
O3' AGS I . -17.34 -3.10 -23.23
C2' AGS I . -18.69 -1.08 -22.83
O2' AGS I . -19.14 -1.91 -21.77
C1' AGS I . -18.08 0.16 -22.20
N9 AGS I . -18.53 1.34 -22.96
C8 AGS I . -18.78 1.38 -24.28
N7 AGS I . -19.16 2.62 -24.68
C5 AGS I . -19.16 3.40 -23.59
C6 AGS I . -19.46 4.80 -23.32
N6 AGS I . -19.85 5.63 -24.32
N1 AGS I . -19.34 5.22 -22.04
C2 AGS I . -18.94 4.40 -21.05
N3 AGS I . -18.65 3.10 -21.23
C4 AGS I . -18.74 2.55 -22.46
PG AGS J . -23.20 29.09 -81.57
S1G AGS J . -23.98 28.84 -79.66
O2G AGS J . -21.66 29.51 -81.47
O3G AGS J . -23.95 30.14 -82.29
PB AGS J . -24.31 27.52 -83.62
O1B AGS J . -23.99 28.59 -84.64
O2B AGS J . -24.10 26.15 -84.23
O3B AGS J . -23.32 27.69 -82.36
PA AGS J . -26.47 26.78 -81.96
O1A AGS J . -26.04 25.34 -82.15
O2A AGS J . -25.98 27.30 -80.64
O3A AGS J . -25.84 27.68 -83.15
O5' AGS J . -28.09 26.87 -82.01
C5' AGS J . -28.83 26.39 -83.13
C4' AGS J . -30.33 26.56 -82.87
O4' AGS J . -30.73 25.82 -81.72
C3' AGS J . -30.67 28.02 -82.61
O3' AGS J . -31.48 28.53 -83.68
C2' AGS J . -31.46 28.03 -81.32
O2' AGS J . -32.75 28.61 -81.53
C1' AGS J . -31.60 26.59 -80.90
N9 AGS J . -31.19 26.44 -79.49
C8 AGS J . -29.93 26.60 -79.03
N7 AGS J . -29.87 26.40 -77.68
C5 AGS J . -31.10 26.09 -77.26
C6 AGS J . -31.74 25.76 -75.97
N6 AGS J . -31.01 25.72 -74.82
N1 AGS J . -33.07 25.50 -75.96
C2 AGS J . -33.80 25.54 -77.09
N3 AGS J . -33.29 25.84 -78.30
C4 AGS J . -31.98 26.11 -78.45
PG AGS K . 2.85 -33.43 1.26
S1G AGS K . 3.62 -35.11 2.28
O2G AGS K . 1.67 -33.90 0.20
O3G AGS K . 2.21 -32.49 2.30
PB AGS K . 4.57 -33.43 -0.85
O1B AGS K . 5.98 -33.81 -0.48
O2B AGS K . 3.97 -34.78 -1.12
O3B AGS K . 3.96 -32.76 0.43
PA AGS K . 3.38 -31.59 -2.39
O1A AGS K . 3.05 -31.60 -3.93
O2A AGS K . 2.19 -32.23 -1.58
O3A AGS K . 4.56 -32.49 -2.05
O5' AGS K . 3.65 -30.06 -1.84
C5' AGS K . 2.69 -29.07 -2.18
C4' AGS K . 2.31 -28.41 -0.88
O4' AGS K . 1.00 -27.84 -0.98
C3' AGS K . 2.29 -29.42 0.24
O3' AGS K . 3.15 -28.97 1.28
C2' AGS K . 0.83 -29.50 0.67
O2' AGS K . 0.64 -28.98 1.98
C1' AGS K . 0.04 -28.64 -0.28
N9 AGS K . -0.66 -29.50 -1.24
C8 AGS K . -0.21 -30.68 -1.72
N7 AGS K . -1.08 -31.23 -2.60
C5 AGS K . -2.12 -30.39 -2.70
C6 AGS K . -3.37 -30.37 -3.46
N6 AGS K . -3.68 -31.39 -4.29
N1 AGS K . -4.18 -29.31 -3.27
C2 AGS K . -3.86 -28.29 -2.45
N3 AGS K . -2.73 -28.25 -1.72
C4 AGS K . -1.83 -29.25 -1.81
PG AGS L . 5.28 -77.62 -44.56
S1G AGS L . 4.11 -76.65 -43.14
O2G AGS L . 5.82 -76.55 -45.63
O3G AGS L . 4.48 -78.65 -45.26
PB AGS L . 6.68 -79.91 -43.72
O1B AGS L . 6.61 -80.47 -45.11
O2B AGS L . 8.01 -80.24 -43.08
O3B AGS L . 6.53 -78.30 -43.81
PA AGS L . 5.18 -80.01 -41.33
O1A AGS L . 6.49 -79.88 -40.58
O2A AGS L . 4.49 -78.68 -41.40
O3A AGS L . 5.48 -80.52 -42.83
O5' AGS L . 4.22 -81.06 -40.57
C5' AGS L . 4.65 -82.41 -40.31
C4' AGS L . 3.57 -83.16 -39.54
O4' AGS L . 3.30 -82.53 -38.29
C3' AGS L . 2.26 -83.18 -40.32
O3' AGS L . 1.96 -84.52 -40.73
C2' AGS L . 1.20 -82.69 -39.36
O2' AGS L . 0.18 -83.68 -39.20
C1' AGS L . 1.90 -82.46 -38.04
N9 AGS L . 1.58 -81.11 -37.54
C8 AGS L . 1.97 -79.95 -38.11
N7 AGS L . 1.51 -78.88 -37.42
C5 AGS L . 0.82 -79.34 -36.36
C6 AGS L . 0.08 -78.75 -35.23
N6 AGS L . -0.01 -77.40 -35.08
N1 AGS L . -0.50 -79.58 -34.34
C2 AGS L . -0.41 -80.93 -34.47
N3 AGS L . 0.24 -81.53 -35.48
C4 AGS L . 0.87 -80.81 -36.43
PG AGS M . 23.71 2.76 23.61
S1G AGS M . 24.81 4.04 24.89
O2G AGS M . 23.86 1.20 24.12
O3G AGS M . 22.22 3.16 23.70
PB AGS M . 25.67 2.24 21.80
O1B AGS M . 26.56 3.42 21.50
O2B AGS M . 26.38 1.64 22.99
O3B AGS M . 24.27 2.83 22.18
PA AGS M . 24.47 0.29 20.41
O1A AGS M . 25.00 -1.11 19.92
O2A AGS M . 23.85 0.16 21.84
O3A AGS M . 25.59 1.31 20.59
O5' AGS M . 23.33 0.87 19.37
C5' AGS M . 22.27 0.01 19.00
C4' AGS M . 20.99 0.77 19.28
O4' AGS M . 19.92 -0.14 19.50
C3' AGS M . 21.15 1.62 20.51
O3' AGS M . 20.84 2.98 20.18
C2' AGS M . 20.18 1.03 21.52
O2' AGS M . 19.10 1.91 21.81
C1' AGS M . 19.59 -0.21 20.89
N9 AGS M . 20.23 -1.40 21.48
C8 AGS M . 21.50 -1.48 21.90
N7 AGS M . 21.79 -2.72 22.38
C5 AGS M . 20.68 -3.44 22.26
C6 AGS M . 20.32 -4.83 22.57
N6 AGS M . 21.22 -5.68 23.12
N1 AGS M . 19.05 -5.21 22.29
C2 AGS M . 18.16 -4.37 21.74
N3 AGS M . 18.43 -3.09 21.43
C4 AGS M . 19.65 -2.58 21.66
PG AGS N . 76.51 -31.03 34.96
S1G AGS N . 74.52 -30.69 35.47
O2G AGS N . 76.59 -31.51 33.43
O3G AGS N . 77.07 -32.08 35.83
PB AGS N . 78.46 -29.49 36.27
O1B AGS N . 79.45 -30.61 36.12
O2B AGS N . 79.14 -28.15 36.10
O3B AGS N . 77.33 -29.65 35.13
PA AGS N . 76.56 -28.60 38.17
O1A AGS N . 76.86 -27.19 37.71
O2A AGS N . 75.30 -29.10 37.52
O3A AGS N . 77.78 -29.57 37.74
O5' AGS N . 76.38 -28.63 39.77
C5' AGS N . 77.41 -28.15 40.64
C4' AGS N . 76.95 -28.26 42.10
O4' AGS N . 75.79 -27.46 42.31
C3' AGS N . 76.59 -29.70 42.46
O3' AGS N . 77.52 -30.20 43.42
C2' AGS N . 75.21 -29.63 43.06
O2' AGS N . 75.22 -30.16 44.39
C1' AGS N . 74.83 -28.16 43.10
N9 AGS N . 73.50 -27.98 42.49
C8 AGS N . 73.20 -28.17 41.19
N7 AGS N . 71.89 -27.93 40.94
C5 AGS N . 71.32 -27.55 42.10
C6 AGS N . 69.97 -27.15 42.54
N6 AGS N . 68.93 -27.10 41.66
N1 AGS N . 69.79 -26.84 43.85
C2 AGS N . 70.81 -26.89 44.73
N3 AGS N . 72.06 -27.25 44.39
C4 AGS N . 72.37 -27.58 43.12
PG AGS O . 0.51 33.30 -4.20
S1G AGS O . -0.33 34.99 -5.15
O2G AGS O . 1.42 33.79 -2.90
O3G AGS O . -0.65 32.43 -3.67
PB AGS O . 2.82 33.16 -5.62
O1B AGS O . 2.66 33.50 -7.08
O2B AGS O . 3.07 34.53 -5.03
O3B AGS O . 1.45 32.56 -5.16
PA AGS O . 4.12 31.32 -4.16
O1A AGS O . 5.59 31.28 -3.63
O2A AGS O . 3.18 32.03 -3.12
O3A AGS O . 3.97 32.18 -5.42
O5' AGS O . 3.55 29.80 -4.44
C5' AGS O . 3.71 28.84 -3.42
C4' AGS O . 2.34 28.24 -3.19
O4' AGS O . 2.25 27.73 -1.86
C3' AGS O . 1.28 29.29 -3.36
O3' AGS O . 0.34 28.83 -4.34
C2' AGS O . 0.66 29.45 -1.98
O2' AGS O . -0.69 28.98 -1.94
C1' AGS O . 1.46 28.58 -1.04
N9 AGS O . 2.36 29.44 -0.24
C8 AGS O . 2.94 30.58 -0.66
N7 AGS O . 3.72 31.13 0.30
C5 AGS O . 3.63 30.33 1.36
C6 AGS O . 4.23 30.33 2.71
N6 AGS O . 5.05 31.34 3.09
N1 AGS O . 3.90 29.32 3.52
C2 AGS O . 3.08 28.32 3.13
N3 AGS O . 2.51 28.26 1.92
C4 AGS O . 2.75 29.21 1.00
PG AGS P . 48.03 75.68 -2.05
S1G AGS P . 46.43 74.81 -1.05
O2G AGS P . 49.11 74.56 -2.41
O3G AGS P . 48.65 76.71 -1.20
PB AGS P . 47.47 77.93 -3.63
O1B AGS P . 48.87 78.46 -3.40
O2B AGS P . 47.03 78.24 -5.05
O3B AGS P . 47.48 76.34 -3.42
PA AGS P . 44.91 78.19 -2.47
O1A AGS P . 44.34 78.03 -3.86
O2A AGS P . 44.83 76.88 -1.73
O3A AGS P . 46.46 78.63 -2.59
O5' AGS P . 44.07 79.31 -1.66
C5' AGS P . 43.92 80.64 -2.18
C4' AGS P . 43.06 81.47 -1.23
O4' AGS P . 41.76 80.89 -1.11
C3' AGS P . 43.66 81.51 0.17
O3' AGS P . 44.08 82.85 0.47
C2' AGS P . 42.55 81.10 1.11
O2' AGS P . 42.30 82.13 2.06
C1' AGS P . 41.32 80.88 0.24
N9 AGS P . 40.73 79.57 0.54
C8 AGS P . 41.30 78.38 0.28
N7 AGS P . 40.51 77.35 0.68
C5 AGS P . 39.39 77.88 1.20
C6 AGS P . 38.15 77.36 1.80
N6 AGS P . 37.93 76.02 1.92
N1 AGS P . 37.22 78.25 2.23
C2 AGS P . 37.42 79.58 2.11
N3 AGS P . 38.53 80.12 1.58
C4 AGS P . 39.53 79.34 1.11
#